data_8ZOA
#
_entry.id   8ZOA
#
_cell.length_a   1.00
_cell.length_b   1.00
_cell.length_c   1.00
_cell.angle_alpha   90.00
_cell.angle_beta   90.00
_cell.angle_gamma   90.00
#
_symmetry.space_group_name_H-M   'P 1'
#
loop_
_entity.id
_entity.type
_entity.pdbx_description
1 polymer VCPI-5
2 polymer VCPI-9
3 polymer VCPI-8
4 polymer VCPI-4/7
5 polymer VCPI-3
6 polymer VCPI-2
7 polymer VCPI-1
8 polymer 'Photosystem I P700 chlorophyll a apoprotein A1'
9 polymer 'Photosystem I P700 chlorophyll a apoprotein A2'
10 polymer 'Photosystem I reaction center subunit II'
11 polymer 'Photosystem I reaction center subunit IV'
12 polymer 'Photosystem I reaction center subunit III'
13 polymer PsaR
14 polymer 'Photosystem I reaction center subunit VIII'
15 polymer 'Photosystem I reaction center subunit IX'
16 polymer 'PSI subunit V'
17 polymer PsaM
18 polymer PsaS
19 polymer 'Photosystem I iron-sulfur center'
20 non-polymer "(3S,5R,6S,3'S,5'R,6'S)-5,6,5',6'-DIEPOXY-5,6,5',6'- TETRAHYDRO-BETA,BETA-CAROTENE-3,3'-DIOL"
21 non-polymer (1~{R},3~{S})-6-[(3~{E},5~{E},7~{E},9~{E},11~{E},13~{E},15~{Z},17~{E})-16-(hydroxymethyl)-3,7,12-trimethyl-18-[(1~{S},4~{S},6~{R})-2,2,6-trimethyl-4-oxidanyl-7-oxabicyclo[4.1.0]heptan-1-yl]octadeca-1,3,5,7,9,11,13,15,17-nonaenylidene]-1,5,5-trimethyl-cyclohexane-1,3-diol
22 non-polymer 'CHLOROPHYLL A'
23 non-polymer 1,2-DI-O-ACYL-3-O-[6-DEOXY-6-SULFO-ALPHA-D-GLUCOPYRANOSYL]-SN-GLYCEROL
24 non-polymer '[(2~{Z},4~{E},6~{E},8~{E},10~{E},12~{E},14~{E})-17-[(4~{S},6~{R})-4-acetyloxy-2,2,6-trimethyl-6-oxidanyl-cyclohexylidene]-6,11,15-trimethyl-2-[(~{E})-2-[(1~{S},4~{S},6~{R})-2,2,6-trimethyl-4-oxidanyl-7-oxabicyclo[4.1.0]heptan-1-yl]ethenyl]heptadeca-2,4,6,8,10,12,14,16-octaenyl] octanoate'
25 non-polymer 1,2-DIPALMITOYL-PHOSPHATIDYL-GLYCEROLE
26 non-polymer 'DIGALACTOSYL DIACYL GLYCEROL (DGDG)'
27 non-polymer 1,2-DISTEAROYL-MONOGALACTOSYL-DIGLYCERIDE
28 non-polymer PHYLLOQUINONE
29 non-polymer BETA-CAROTENE
30 non-polymer 'IRON/SULFUR CLUSTER'
#
loop_
_entity_poly.entity_id
_entity_poly.type
_entity_poly.pdbx_seq_one_letter_code
_entity_poly.pdbx_strand_id
1 'polypeptide(L)'
;MFRKLALALLCSSAVAFQVPAPLTRGSVRLHAEGKPAAPPAAAPPAAAPAAAAPAAAAPAAAAVKPPPPPPPPKVFSKSV
PFLLKPAGLDGMVGDVGFDPLGFATFIDIRWLREAELKNGRVAMLAFLGFIVQEFIRLPGDLYSEPNGVKAFFQVGPQPL
LQIFLFCGFLEFNMHKGKLTQVDMFEDGKREPGNFGFDPLGFGKDPAKRERYALAELKNGRLAMIAIGGLVHHALVTGHA
TFSS
;
5
2 'polypeptide(L)'
;MKTAAILAVLACAANAFVFPTPKVSQTVVRGTPFDTVSKDELAVENKAMAGKSVFERAMADFNGRYPAVAALGLGPSAKA
ERWNGRHAMFGWIVLLATGYAQAHGLLPEGGMDAKEWGTWVIVSTTNGEQVTIPAARAAIAIGHLHFGAVGVFAAYSKNS
VKDRLLLEPGEKDEAPAGLFPALRPGLTKEAEMLNGRVAMLGLVALVAVSAATGQDILSVIDQGLGGLLLKA
;
9
3 'polypeptide(L)'
;MKVTAVLSLLAAPLLASAFIAPAPKATRARGVMSMAQSKALPFLKAPAKLDGSLAGDFGFDPMGISDQVANLKYVRAAEL
KHCRVAMLGFLGWVVQQYVHLPGEIYAESNPLKALTSVPLLSQIQIFLFIGAIELATLDQTYTADKPWDLGFDPLNFSKG
KSEQQMKDLEVKELKNGRVAMIAIMGLIAQTLYTGVPLFS
;
8
4 'polypeptide(L)'
;MKLLSFACLLGAATAFVPSMPTTTRTRGAVRMMAEKSKAVPFLPRPAALDGSVVGDVGFDPVGFTSWLPLSYLQEAEIKH
CRIAMLATLGWIVADFVHLPGAVHEVSSLAAHDVAVKSGALAQILIWTSIAEAISVIAISQMLEGSGRQPGDFKFDPLNF
AKDEKSLKKMQLSELKNGRLAMLAFSGIVTQAALTGHAFPYM
;
4,7
5 'polypeptide(L)'
;MKISFALAALLPCAAAFVAPAIPSVTSSTGTAAARGRTVMMAERSKSLPFLMKPKNLDGSMAGDVGFDPLGLSEINDVGV
DLYWLREAELKHCRLGMMAAAGILFVEILGPAPGFPAGKSQMDVFWKVYAEKPSLIGASLAAIAILEVISGVATTQGRQN
GDRAPGDYNFDPLGFGKDPAKFKDLQLKEVKNGRLAMIAAAGMILQGVSTHQGALENLSG
;
3
6 'polypeptide(L)'
;MRSITIVLAATAALSSAFVMPSTPKAPATQLSVKSKAVPFLEAPKALDGSLPADVGFDPLGLSDIGFDFTYLMVPTKWDE
SRTGLSALKWFREAEIKHGRFAMLAVLGWVAVDMGLRLPVAKYAGYNAVQAHDVFVKSGDMTVGLLAIGFLEVVMGAAIY
EMSKGSDRAAGEFSFDPLGLGKDPSKYARYQVSEIKNGRLAMLAFGGIATQAVLTNSGFPYYQ
;
2
7 'polypeptide(L)'
;MVGIHKTLLVAAVTMASVSAFVPPAPAAPRTRGVMKMGLDGMIGSSAPFKNFDPLGFAAKADQKTLNKYRESELKHGRVA
MLAVLGWIVQEFWHPLYDGKLSSNPLKALTEVPLIGWAQIFVAINVIEYLQNKIKELPGYRPGDYLGTWEWVEQSDEGWD
SYQTKELNNGRLAMVAIAGLIVQDLITGQAALEQITAGNTGVFSGLGK
;
1
8 'polypeptide(L)'
;MSTTRKSTIVDFNPVETSFEKWAKPGQFSRTLAKGPKTTTWIWNLHADAHDFDIQTNSLQEVSRKIFSAHFGQLAVIFLW
LSGMHFHGAYFSNYSAWLTNPTSTKPSAQIVWPIVGQEVLNADVGGNFQGIQITSGFFQLWRAEGITSEVELYWTAVGGL
VASFLMLFAGWFHYHKAAPKLEWFQNVESMLNHHLAGLLGLGSLSWAGHQIHIALPINKLLDLGVSPEEIPLPYEFILNR
DLIAQLYPSFNKGLTPFFTLNWGEYSDFLTFKGGLNPVTGGLWLTDTAHHHLAIAVLFIVAGHMYKTNWFLGHSIKTILE
AHKGPFTGEGHKGLYEVLTTSWHAQLAINLALFGSLSIIVAHHMYAMPPYPYIAIDYPTQLSLFTHHVWIGGFCIVGGAA
HGAIFFVRDYNAANNYNNLIDRVIRHRDAIISHLNWVCIFLGCHSFGLYVHNDTMRALGRSQDLFSDNAIALKPIFAQFI
QNLHTLAPGSTAPNALTTVSYAFGGDVISVGSKIAMMPISLGTADFLVHHIHAFTIHVTVLILLKGVLYSRNSRLIPDKA
NLGFRFPCDGPGRGGTCQVSAWDHVFLGLFWMYNSISIVIFHFSWKMQSDVWGTVSPTGAVSHITGGNFAQSSITINGWL
RDFLWSQAAQVVQSYGSSLSAYGLIFLGAHFIWAFSLMFLFSGRGYWQELIESIVWAHNKLKVAPSIQPRALSITQGRAV
GVAHYLLGGIGTTWAFFLARIISVG
;
a
9 'polypeptide(L)'
;MVYKFPKFSKALAEDPSTRRIWYGIATAHDFESHDAMTESKLYQKIFASHFGHIAIIFLWTAGNLFHVAWQGNFEAWILN
PLKVRPIAHAIWDPHFGQAAYKAFLKTSSPANLALSGVYEWWYTIGMRTNNDLYQGSFFLILLSSLLLFAGWLHLQPSFR
PSLDWFKANEYRLNHHLSGLFGVSSLAWTGHLVHVAIPESRGIHVGWDNFLTVLPHPEGLTPFFSGNWKAYAQNPDTASH
IFGSGEGSGTAILTFLGGFHPQTKSLWLTDMAHHHLAIAVLFIVAGHMYRTNWLIGHQMKLILEAHRPPGGRLGIGHIGL
YETITNSLHFQLGLALAALGVATSLTAQHMYALPPYAFLASNFPTQAALYTHHQYIAGFLMVGAFAHGAIFFVRDYDPAV
NTRNGEKNVLARMLEHKEAIISHLSWVSLFLGFHTLGIYVHNDVVVAFGQPEKQILVEPLFAEWIQAASGKTLYNFDLLL
ASSNSPASVASSQLWLPGWLSAINDGKNSLFLPIGPGDFLVHHAIALGLHTTTLILVKGALDARGSKLMPDKKDFGYSFP
CDGPGRGGTCDISAWDAFYLAMFWMLNTIGWVTFYWHWKHLTLWQGNQVQFNESSNYIMGWLRDYLWLNSSPLINGYNPF
GMNSLSVWAWMFLFGHLVWATGFMFLISWRGYWQELIETIVWAHERTPLANLVRWKDKPVALSIVQARLVGLAHFTIGYV
LTYAAFVIASTIGKLGY
;
b
10 'polypeptide(L)'
;MNLKLKQSDFPKFEGSTGGWLSAAKNEEKYVIIWTSKDASLFEMPTGGTAKMNAGNNVAYFARKEQCLALGSQLRGFKIT
NYKIFRIYPPLDITLLHPFDGVFPEKVNQGRSPVGKRDASIGGNPNPASLKFQSNT
;
d
11 'polypeptide(L)' MIQKGSTVRILRKESYWYNESGTVVVVDQSKVRYPVLVRFTKVNYAGTNTNNFGLNEVEEVVTKKSS e
12 'polypeptide(L)'
;MTKIVKFAFLPLLTFLGLPMISNADIGGLNPCKDSEVFQKRLAKTVKKLENRLKKYEEGTPPQIAIQQQITQTKQRFTRY
ADSNLLCGNDGLPHLITDGRWSHGSEFLLPSILFLYISGWIGWVGRKYIRTVGQTSNPTEKEIIIDVPLAISIMTSGFLW
PFAAWQEFLSGDLIASDETITTSPK
;
f
13 'polypeptide(L)'
;MKTFCILLALVALFNFSNAFMPKAPVHTARPVVARGRTMKMMEESTYWEGKAPPSVVLGPFLSKIPSGVLGPASLVALIV
GSYCTHESNIFNTLTVDTIYPAYVLGSFLTPISWGLHVAAWIQKMNKA
;
h
14 'polypeptide(L)' MSLDLLPSFFVPLVGLVLPLFSIIGLFLYIEKENREVFDPTTYKF i
15 'polypeptide(L)' MKDFLKYLSTAPVLLTAWLTFTAGFVIEINRFYPDALTFPF j
16 'polypeptide(L)'
;MVSFIKPYRQDPFVGHLATPITTSAFTRAYLKVLPAYRPGLTPLSRGAEIGFTHGYFLIGPFYTYGPLRSVEFSLTSLAA
GLLAAITLLLILTVGLSIYGQVTYDVYDNALIVKLVRQMVGSERTQDLPQIKGTSELDTVLGWQKFSEGFFSGGLIGSIV
AAVGIALYSTYL
;
l
17 'polypeptide(L)' MIYDSQVYIALVIAVVASVLAIRLGATLYN m
18 'polypeptide(L)'
;(UNK)(UNK)(UNK)(UNK)(UNK)(UNK)(UNK)(UNK)(UNK)(UNK)(UNK)(UNK)(UNK)(UNK)(UNK)(UNK)
(UNK)(UNK)(UNK)(UNK)(UNK)(UNK)(UNK)(UNK)(UNK)(UNK)(UNK)(UNK)(UNK)(UNK)(UNK)(UNK)
(UNK)(UNK)(UNK)(UNK)(UNK)(UNK)(UNK)(UNK)(UNK)(UNK)(UNK)(UNK)(UNK)(UNK)(UNK)(UNK)
(UNK)(UNK)(UNK)(UNK)(UNK)(UNK)(UNK)
;
g
19 'polypeptide(L)'
;MSHTVKIYDTCIGCTQCVRACPTDVLEMVPWDGCKAGQIASAPRTEDCVGCKRCETACPTDFLSVRVYLGGETTRSLGLA
Y
;
c
#
loop_
_chem_comp.id
_chem_comp.type
_chem_comp.name
_chem_comp.formula
A1L1F non-polymer '[(2~{Z},4~{E},6~{E},8~{E},10~{E},12~{E},14~{E})-17-[(4~{S},6~{R})-4-acetyloxy-2,2,6-trimethyl-6-oxidanyl-cyclohexylidene]-6,11,15-trimethyl-2-[(~{E})-2-[(1~{S},4~{S},6~{R})-2,2,6-trimethyl-4-oxidanyl-7-oxabicyclo[4.1.0]heptan-1-yl]ethenyl]heptadeca-2,4,6,8,10,12,14,16-octaenyl] octanoate' 'C50 H72 O7'
A1L1G non-polymer (1~{R},3~{S})-6-[(3~{E},5~{E},7~{E},9~{E},11~{E},13~{E},15~{Z},17~{E})-16-(hydroxymethyl)-3,7,12-trimethyl-18-[(1~{S},4~{S},6~{R})-2,2,6-trimethyl-4-oxidanyl-7-oxabicyclo[4.1.0]heptan-1-yl]octadeca-1,3,5,7,9,11,13,15,17-nonaenylidene]-1,5,5-trimethyl-cyclohexane-1,3-diol 'C40 H56 O5'
BCR non-polymer BETA-CAROTENE 'C40 H56'
CLA non-polymer 'CHLOROPHYLL A' 'C55 H72 Mg N4 O5'
DGD saccharide 'DIGALACTOSYL DIACYL GLYCEROL (DGDG)' 'C51 H96 O15'
LHG non-polymer 1,2-DIPALMITOYL-PHOSPHATIDYL-GLYCEROLE 'C38 H75 O10 P'
LMG non-polymer 1,2-DISTEAROYL-MONOGALACTOSYL-DIGLYCERIDE 'C45 H86 O10'
PQN non-polymer PHYLLOQUINONE 'C31 H46 O2'
SF4 non-polymer 'IRON/SULFUR CLUSTER' 'Fe4 S4'
SQD non-polymer 1,2-DI-O-ACYL-3-O-[6-DEOXY-6-SULFO-ALPHA-D-GLUCOPYRANOSYL]-SN-GLYCEROL 'C41 H78 O12 S'
XAT non-polymer '(3S,5R,6S,3'S,5'R,6'S)-5,6,5',6'-DIEPOXY-5,6,5',6'- TETRAHYDRO-BETA,BETA-CAROTENE-3,3'-DIOL' 'C40 H56 O4'
#
# COMPACT_ATOMS: atom_id res chain seq x y z
N LYS A 74 12.35 -63.00 22.25
CA LYS A 74 11.57 -61.99 22.94
C LYS A 74 11.01 -62.53 24.25
N VAL A 75 10.87 -61.65 25.24
CA VAL A 75 10.48 -62.07 26.58
C VAL A 75 8.97 -62.09 26.76
N PHE A 76 8.31 -61.00 26.36
CA PHE A 76 6.87 -60.80 26.53
C PHE A 76 6.50 -60.59 28.00
N SER A 77 5.56 -59.69 28.25
CA SER A 77 5.22 -59.31 29.62
C SER A 77 4.51 -60.45 30.34
N LYS A 78 4.63 -60.43 31.68
CA LYS A 78 3.94 -61.43 32.50
C LYS A 78 2.49 -61.06 32.74
N SER A 79 2.20 -59.76 32.91
CA SER A 79 0.83 -59.32 33.09
C SER A 79 0.07 -59.38 31.77
N VAL A 80 0.53 -58.61 30.78
CA VAL A 80 -0.08 -58.61 29.45
C VAL A 80 0.72 -59.58 28.58
N PRO A 81 0.29 -60.84 28.45
CA PRO A 81 1.16 -61.86 27.86
C PRO A 81 1.38 -61.70 26.36
N PHE A 82 0.55 -60.93 25.67
CA PHE A 82 0.70 -60.73 24.23
C PHE A 82 1.50 -59.48 23.90
N LEU A 83 2.09 -58.83 24.89
CA LEU A 83 2.88 -57.62 24.69
C LEU A 83 4.31 -57.85 25.16
N LEU A 84 5.24 -57.18 24.49
CA LEU A 84 6.64 -57.27 24.88
C LEU A 84 6.86 -56.69 26.26
N LYS A 85 7.88 -57.20 26.94
CA LYS A 85 8.16 -56.76 28.31
C LYS A 85 8.55 -55.29 28.32
N PRO A 86 7.89 -54.44 29.10
CA PRO A 86 8.27 -53.03 29.14
C PRO A 86 9.62 -52.84 29.82
N ALA A 87 10.29 -51.76 29.45
CA ALA A 87 11.62 -51.44 29.96
C ALA A 87 11.54 -50.42 31.10
N GLY A 88 12.56 -50.43 31.94
CA GLY A 88 12.69 -49.48 33.02
C GLY A 88 11.99 -49.84 34.31
N LEU A 89 11.36 -51.01 34.39
CA LEU A 89 10.65 -51.43 35.59
C LEU A 89 11.41 -52.47 36.40
N ASP A 90 12.62 -52.82 35.99
CA ASP A 90 13.27 -54.04 36.48
C ASP A 90 13.36 -54.08 38.00
N GLY A 91 14.11 -53.16 38.59
CA GLY A 91 14.34 -53.19 40.02
C GLY A 91 13.30 -52.48 40.84
N MET A 92 12.06 -52.96 40.79
CA MET A 92 10.97 -52.31 41.51
C MET A 92 10.24 -53.34 42.36
N VAL A 93 9.39 -52.85 43.25
CA VAL A 93 8.72 -53.70 44.24
C VAL A 93 7.27 -53.97 43.85
N GLY A 94 6.89 -53.70 42.62
CA GLY A 94 5.56 -54.02 42.14
C GLY A 94 5.56 -54.48 40.71
N ASP A 95 6.74 -54.85 40.21
CA ASP A 95 6.90 -55.19 38.80
C ASP A 95 6.12 -56.45 38.47
N VAL A 96 5.05 -56.29 37.69
CA VAL A 96 4.40 -57.39 37.00
C VAL A 96 4.48 -57.22 35.49
N GLY A 97 5.29 -56.27 35.02
CA GLY A 97 5.42 -56.02 33.59
C GLY A 97 4.24 -55.29 33.00
N PHE A 98 3.51 -54.52 33.80
CA PHE A 98 2.31 -53.82 33.33
C PHE A 98 2.69 -52.40 32.93
N ASP A 99 2.90 -52.19 31.63
CA ASP A 99 3.07 -50.86 31.07
C ASP A 99 2.82 -50.90 29.57
N PRO A 100 1.60 -51.19 29.13
CA PRO A 100 1.34 -51.26 27.67
C PRO A 100 1.61 -49.96 26.95
N LEU A 101 1.33 -48.82 27.58
CA LEU A 101 1.53 -47.53 26.96
C LEU A 101 2.96 -47.02 27.10
N GLY A 102 3.81 -47.73 27.82
CA GLY A 102 5.20 -47.33 27.96
C GLY A 102 5.40 -46.00 28.63
N PHE A 103 4.61 -45.71 29.67
CA PHE A 103 4.75 -44.45 30.39
C PHE A 103 6.11 -44.33 31.08
N ALA A 104 6.74 -45.46 31.41
CA ALA A 104 8.05 -45.43 32.04
C ALA A 104 9.17 -45.09 31.08
N THR A 105 8.89 -45.05 29.77
CA THR A 105 9.95 -44.75 28.81
C THR A 105 10.16 -43.25 28.64
N PHE A 106 9.08 -42.48 28.63
CA PHE A 106 9.19 -41.03 28.46
C PHE A 106 8.93 -40.27 29.76
N ILE A 107 8.76 -40.96 30.88
CA ILE A 107 8.66 -40.33 32.20
C ILE A 107 9.58 -41.09 33.13
N ASP A 108 10.27 -40.37 34.03
CA ASP A 108 11.18 -41.00 34.96
C ASP A 108 10.46 -42.01 35.83
N ILE A 109 11.02 -43.21 35.94
CA ILE A 109 10.37 -44.27 36.71
C ILE A 109 10.34 -43.94 38.19
N ARG A 110 11.38 -43.27 38.70
CA ARG A 110 11.39 -42.88 40.10
C ARG A 110 10.26 -41.88 40.39
N TRP A 111 10.09 -40.89 39.52
CA TRP A 111 8.99 -39.95 39.69
C TRP A 111 7.65 -40.65 39.57
N LEU A 112 7.54 -41.61 38.65
CA LEU A 112 6.29 -42.34 38.49
C LEU A 112 5.95 -43.14 39.75
N ARG A 113 6.94 -43.78 40.36
CA ARG A 113 6.67 -44.52 41.59
C ARG A 113 6.34 -43.57 42.74
N GLU A 114 7.04 -42.44 42.83
CA GLU A 114 6.71 -41.46 43.86
C GLU A 114 5.27 -40.99 43.71
N ALA A 115 4.86 -40.68 42.48
CA ALA A 115 3.50 -40.23 42.23
C ALA A 115 2.48 -41.32 42.51
N GLU A 116 2.78 -42.56 42.12
CA GLU A 116 1.87 -43.66 42.40
C GLU A 116 1.69 -43.86 43.89
N LEU A 117 2.79 -43.84 44.65
CA LEU A 117 2.71 -44.03 46.08
C LEU A 117 1.94 -42.89 46.75
N LYS A 118 2.20 -41.65 46.34
CA LYS A 118 1.51 -40.53 46.96
C LYS A 118 0.02 -40.55 46.62
N ASN A 119 -0.32 -40.82 45.36
CA ASN A 119 -1.73 -40.93 44.98
C ASN A 119 -2.41 -42.05 45.74
N GLY A 120 -1.72 -43.18 45.89
CA GLY A 120 -2.32 -44.30 46.63
C GLY A 120 -2.55 -43.96 48.08
N ARG A 121 -1.55 -43.35 48.74
CA ARG A 121 -1.71 -43.00 50.15
C ARG A 121 -2.82 -41.98 50.35
N VAL A 122 -2.88 -40.97 49.48
CA VAL A 122 -3.94 -39.98 49.57
C VAL A 122 -5.30 -40.63 49.36
N ALA A 123 -5.39 -41.56 48.40
CA ALA A 123 -6.67 -42.24 48.15
C ALA A 123 -7.09 -43.12 49.32
N MET A 124 -6.14 -43.81 49.94
CA MET A 124 -6.45 -44.60 51.13
C MET A 124 -6.97 -43.72 52.26
N LEU A 125 -6.26 -42.62 52.54
CA LEU A 125 -6.72 -41.72 53.59
C LEU A 125 -8.08 -41.14 53.26
N ALA A 126 -8.34 -40.86 51.99
CA ALA A 126 -9.61 -40.25 51.61
C ALA A 126 -10.76 -41.26 51.67
N PHE A 127 -10.50 -42.52 51.34
CA PHE A 127 -11.51 -43.56 51.49
C PHE A 127 -11.86 -43.77 52.95
N LEU A 128 -10.84 -43.87 53.80
CA LEU A 128 -11.10 -43.95 55.24
C LEU A 128 -11.86 -42.72 55.73
N GLY A 129 -11.53 -41.56 55.16
CA GLY A 129 -12.24 -40.34 55.51
C GLY A 129 -13.72 -40.40 55.15
N PHE A 130 -14.03 -40.92 53.96
CA PHE A 130 -15.43 -41.14 53.61
C PHE A 130 -16.13 -42.00 54.64
N ILE A 131 -15.56 -43.18 54.92
CA ILE A 131 -16.26 -44.14 55.75
C ILE A 131 -16.46 -43.59 57.15
N VAL A 132 -15.45 -42.88 57.68
CA VAL A 132 -15.58 -42.30 59.02
C VAL A 132 -16.55 -41.12 59.01
N GLN A 133 -16.48 -40.27 57.97
CA GLN A 133 -17.32 -39.08 57.91
C GLN A 133 -18.79 -39.44 57.90
N GLU A 134 -19.17 -40.42 57.08
CA GLU A 134 -20.58 -40.78 57.04
C GLU A 134 -21.02 -41.42 58.35
N PHE A 135 -20.10 -42.04 59.08
CA PHE A 135 -20.42 -42.69 60.35
C PHE A 135 -20.32 -41.73 61.54
N ILE A 136 -19.14 -41.15 61.76
CA ILE A 136 -18.85 -40.47 63.02
C ILE A 136 -19.21 -38.99 62.97
N ARG A 137 -18.53 -38.24 62.09
CA ARG A 137 -18.68 -36.79 61.98
C ARG A 137 -18.25 -36.06 63.26
N LEU A 138 -18.08 -34.74 63.16
CA LEU A 138 -17.70 -33.87 64.28
C LEU A 138 -18.90 -33.09 64.79
N PRO A 139 -18.89 -32.68 66.05
CA PRO A 139 -19.95 -31.80 66.54
C PRO A 139 -19.90 -30.45 65.84
N GLY A 140 -21.08 -29.86 65.66
CA GLY A 140 -21.17 -28.58 64.99
C GLY A 140 -22.10 -28.59 63.80
N ASP A 141 -22.65 -27.42 63.45
CA ASP A 141 -23.56 -27.33 62.33
C ASP A 141 -22.84 -27.56 61.00
N LEU A 142 -21.62 -27.05 60.88
CA LEU A 142 -20.87 -27.20 59.63
C LEU A 142 -20.59 -28.67 59.34
N TYR A 143 -20.19 -29.43 60.36
CA TYR A 143 -19.78 -30.82 60.18
C TYR A 143 -20.95 -31.75 60.46
N SER A 144 -21.96 -31.68 59.58
CA SER A 144 -23.18 -32.44 59.77
C SER A 144 -23.70 -33.04 58.47
N GLU A 145 -22.81 -33.29 57.50
CA GLU A 145 -23.23 -33.87 56.23
C GLU A 145 -22.66 -35.28 56.09
N PRO A 146 -23.51 -36.32 56.10
CA PRO A 146 -22.99 -37.68 55.87
C PRO A 146 -22.41 -37.89 54.48
N ASN A 147 -22.77 -37.06 53.51
CA ASN A 147 -22.27 -37.18 52.16
C ASN A 147 -20.98 -36.39 52.02
N GLY A 148 -19.91 -37.05 51.57
CA GLY A 148 -18.63 -36.37 51.45
C GLY A 148 -18.65 -35.26 50.42
N VAL A 149 -19.30 -35.49 49.29
CA VAL A 149 -19.33 -34.47 48.23
C VAL A 149 -20.08 -33.23 48.70
N LYS A 150 -21.22 -33.41 49.38
CA LYS A 150 -21.93 -32.26 49.91
C LYS A 150 -21.22 -31.67 51.11
N ALA A 151 -20.49 -32.50 51.87
CA ALA A 151 -19.69 -31.97 52.97
C ALA A 151 -18.58 -31.06 52.46
N PHE A 152 -18.06 -31.34 51.26
CA PHE A 152 -17.04 -30.47 50.69
C PHE A 152 -17.56 -29.04 50.49
N PHE A 153 -18.86 -28.89 50.23
CA PHE A 153 -19.44 -27.58 50.03
C PHE A 153 -19.96 -26.96 51.31
N GLN A 154 -20.58 -27.77 52.19
CA GLN A 154 -21.13 -27.25 53.43
C GLN A 154 -20.05 -26.74 54.35
N VAL A 155 -18.90 -27.41 54.38
CA VAL A 155 -17.82 -27.06 55.30
C VAL A 155 -17.30 -25.65 55.03
N GLY A 156 -17.46 -25.15 53.82
CA GLY A 156 -17.00 -23.83 53.47
C GLY A 156 -15.55 -23.83 53.02
N PRO A 157 -15.09 -22.68 52.54
CA PRO A 157 -13.71 -22.61 52.02
C PRO A 157 -12.66 -22.50 53.10
N GLN A 158 -13.02 -21.91 54.24
CA GLN A 158 -12.03 -21.70 55.30
C GLN A 158 -11.43 -23.00 55.83
N PRO A 159 -12.19 -24.02 56.22
CA PRO A 159 -11.56 -25.28 56.65
C PRO A 159 -10.79 -25.97 55.54
N LEU A 160 -11.25 -25.88 54.29
CA LEU A 160 -10.57 -26.56 53.20
C LEU A 160 -9.24 -25.88 52.87
N LEU A 161 -9.21 -24.55 52.87
CA LEU A 161 -7.98 -23.83 52.55
C LEU A 161 -6.91 -24.09 53.60
N GLN A 162 -7.30 -24.28 54.87
CA GLN A 162 -6.34 -24.63 55.90
C GLN A 162 -5.74 -26.00 55.63
N ILE A 163 -6.57 -26.96 55.19
CA ILE A 163 -6.06 -28.27 54.81
C ILE A 163 -5.11 -28.14 53.62
N PHE A 164 -5.45 -27.29 52.65
CA PHE A 164 -4.59 -27.07 51.50
C PHE A 164 -3.23 -26.52 51.91
N LEU A 165 -3.23 -25.53 52.80
CA LEU A 165 -1.98 -24.92 53.24
C LEU A 165 -1.16 -25.89 54.10
N PHE A 166 -1.83 -26.68 54.94
CA PHE A 166 -1.11 -27.67 55.74
C PHE A 166 -0.48 -28.74 54.86
N CYS A 167 -1.22 -29.20 53.84
CA CYS A 167 -0.66 -30.16 52.90
C CYS A 167 0.51 -29.57 52.14
N GLY A 168 0.43 -28.28 51.80
CA GLY A 168 1.57 -27.63 51.17
C GLY A 168 2.79 -27.56 52.06
N PHE A 169 2.58 -27.19 53.33
CA PHE A 169 3.67 -27.19 54.30
C PHE A 169 4.29 -28.58 54.41
N LEU A 170 3.45 -29.61 54.50
CA LEU A 170 3.96 -30.97 54.55
C LEU A 170 4.77 -31.29 53.29
N GLU A 171 4.24 -30.96 52.11
CA GLU A 171 4.96 -31.24 50.88
C GLU A 171 6.33 -30.59 50.87
N PHE A 172 6.39 -29.31 51.27
CA PHE A 172 7.67 -28.60 51.29
C PHE A 172 8.66 -29.27 52.24
N ASN A 173 8.23 -29.56 53.47
CA ASN A 173 9.18 -30.04 54.47
C ASN A 173 9.58 -31.51 54.25
N MET A 174 8.68 -32.32 53.70
CA MET A 174 8.99 -33.73 53.49
C MET A 174 9.94 -33.95 52.32
N HIS A 175 9.82 -33.17 51.25
CA HIS A 175 10.75 -33.29 50.13
C HIS A 175 11.94 -32.35 50.24
N LYS A 176 11.97 -31.49 51.27
CA LYS A 176 13.09 -30.62 51.56
C LYS A 176 13.43 -29.73 50.36
N GLY A 177 12.42 -28.97 49.93
CA GLY A 177 12.59 -28.01 48.86
C GLY A 177 12.42 -28.52 47.44
N LYS A 178 13.11 -29.61 47.10
CA LYS A 178 13.04 -30.16 45.75
C LYS A 178 11.68 -30.84 45.58
N LEU A 179 10.75 -30.13 44.93
CA LEU A 179 9.37 -30.59 44.81
C LEU A 179 8.94 -30.91 43.40
N THR A 180 9.71 -30.56 42.38
CA THR A 180 9.27 -30.67 41.00
C THR A 180 9.85 -31.90 40.33
N GLN A 181 9.34 -32.18 39.13
CA GLN A 181 9.79 -33.36 38.40
C GLN A 181 11.25 -33.24 37.99
N VAL A 182 11.71 -32.04 37.67
CA VAL A 182 13.10 -31.86 37.26
C VAL A 182 14.01 -31.71 38.47
N ASP A 183 13.50 -31.20 39.59
CA ASP A 183 14.35 -30.99 40.77
C ASP A 183 14.49 -32.25 41.59
N MET A 184 13.39 -32.96 41.83
CA MET A 184 13.47 -34.22 42.56
C MET A 184 14.22 -35.26 41.75
N PHE A 185 14.98 -36.10 42.44
CA PHE A 185 15.79 -37.16 41.84
C PHE A 185 16.88 -36.61 40.93
N GLU A 186 17.15 -35.30 40.97
CA GLU A 186 18.25 -34.74 40.21
C GLU A 186 19.59 -35.22 40.75
N ASP A 187 19.73 -35.29 42.06
CA ASP A 187 20.93 -35.79 42.71
C ASP A 187 20.86 -37.26 43.06
N GLY A 188 19.75 -37.93 42.73
CA GLY A 188 19.60 -39.31 43.14
C GLY A 188 19.40 -39.41 44.65
N LYS A 189 20.03 -40.43 45.24
CA LYS A 189 20.03 -40.71 46.68
C LYS A 189 18.65 -40.49 47.31
N ARG A 190 17.60 -40.93 46.62
CA ARG A 190 16.23 -40.72 47.10
C ARG A 190 15.40 -41.89 46.60
N GLU A 191 15.15 -42.86 47.49
CA GLU A 191 14.29 -43.98 47.13
C GLU A 191 12.86 -43.48 46.92
N PRO A 192 12.22 -43.82 45.81
CA PRO A 192 10.87 -43.30 45.54
C PRO A 192 9.88 -43.69 46.63
N GLY A 193 9.23 -42.68 47.20
CA GLY A 193 8.27 -42.88 48.26
C GLY A 193 8.85 -43.04 49.65
N ASN A 194 10.17 -42.91 49.81
CA ASN A 194 10.85 -43.14 51.08
C ASN A 194 11.01 -41.81 51.81
N PHE A 195 10.04 -41.48 52.66
CA PHE A 195 10.14 -40.30 53.50
C PHE A 195 10.79 -40.58 54.85
N GLY A 196 11.14 -41.84 55.12
CA GLY A 196 11.68 -42.18 56.41
C GLY A 196 10.66 -42.22 57.53
N PHE A 197 9.37 -42.12 57.20
CA PHE A 197 8.32 -42.08 58.21
C PHE A 197 8.05 -43.50 58.71
N ASP A 198 8.46 -43.77 59.94
CA ASP A 198 8.25 -45.07 60.56
C ASP A 198 8.37 -44.96 62.07
N PRO A 199 7.48 -44.24 62.74
CA PRO A 199 7.62 -44.09 64.20
C PRO A 199 7.29 -45.36 64.96
N LEU A 200 6.29 -46.13 64.52
CA LEU A 200 5.90 -47.34 65.23
C LEU A 200 6.89 -48.48 65.04
N GLY A 201 7.86 -48.33 64.13
CA GLY A 201 8.91 -49.31 63.97
C GLY A 201 8.58 -50.49 63.09
N PHE A 202 7.41 -50.53 62.47
CA PHE A 202 7.09 -51.62 61.55
C PHE A 202 7.96 -51.50 60.31
N GLY A 203 8.81 -52.49 60.07
CA GLY A 203 9.69 -52.46 58.93
C GLY A 203 11.16 -52.60 59.26
N LYS A 204 11.46 -52.85 60.54
CA LYS A 204 12.84 -53.11 60.93
C LYS A 204 13.36 -54.38 60.29
N ASP A 205 12.54 -55.42 60.24
CA ASP A 205 12.94 -56.67 59.60
C ASP A 205 12.87 -56.51 58.09
N PRO A 206 13.99 -56.71 57.37
CA PRO A 206 13.95 -56.55 55.91
C PRO A 206 13.21 -57.66 55.20
N ALA A 207 12.98 -58.80 55.85
CA ALA A 207 12.29 -59.91 55.19
C ALA A 207 10.84 -59.53 54.85
N LYS A 208 10.13 -58.92 55.80
CA LYS A 208 8.76 -58.50 55.58
C LYS A 208 8.65 -57.13 54.94
N ARG A 209 9.77 -56.44 54.74
CA ARG A 209 9.73 -55.09 54.17
C ARG A 209 9.23 -55.11 52.74
N GLU A 210 9.69 -56.07 51.93
CA GLU A 210 9.24 -56.16 50.55
C GLU A 210 7.76 -56.48 50.47
N ARG A 211 7.29 -57.39 51.33
CA ARG A 211 5.88 -57.72 51.36
C ARG A 211 5.05 -56.51 51.77
N TYR A 212 5.54 -55.75 52.75
CA TYR A 212 4.83 -54.53 53.17
C TYR A 212 4.77 -53.51 52.04
N ALA A 213 5.87 -53.36 51.29
CA ALA A 213 5.87 -52.43 50.17
C ALA A 213 4.87 -52.84 49.10
N LEU A 214 4.85 -54.14 48.76
CA LEU A 214 3.90 -54.62 47.76
C LEU A 214 2.47 -54.45 48.25
N ALA A 215 2.22 -54.74 49.53
CA ALA A 215 0.88 -54.57 50.08
C ALA A 215 0.45 -53.11 50.04
N GLU A 216 1.37 -52.19 50.36
CA GLU A 216 1.05 -50.77 50.30
C GLU A 216 0.73 -50.35 48.88
N LEU A 217 1.50 -50.83 47.90
CA LEU A 217 1.23 -50.46 46.51
C LEU A 217 -0.13 -50.97 46.06
N LYS A 218 -0.44 -52.25 46.35
CA LYS A 218 -1.71 -52.82 45.92
C LYS A 218 -2.88 -52.13 46.61
N ASN A 219 -2.74 -51.85 47.91
CA ASN A 219 -3.80 -51.15 48.63
C ASN A 219 -3.98 -49.74 48.10
N GLY A 220 -2.90 -49.08 47.73
CA GLY A 220 -3.01 -47.75 47.16
C GLY A 220 -3.75 -47.75 45.84
N ARG A 221 -3.43 -48.71 44.96
CA ARG A 221 -4.13 -48.80 43.68
C ARG A 221 -5.61 -49.10 43.89
N LEU A 222 -5.91 -50.08 44.75
CA LEU A 222 -7.30 -50.41 45.05
C LEU A 222 -8.03 -49.21 45.63
N ALA A 223 -7.33 -48.40 46.44
CA ALA A 223 -7.96 -47.24 47.04
C ALA A 223 -8.16 -46.12 46.05
N MET A 224 -7.29 -46.00 45.05
CA MET A 224 -7.56 -45.05 43.96
C MET A 224 -8.84 -45.43 43.23
N ILE A 225 -8.97 -46.71 42.88
CA ILE A 225 -10.18 -47.15 42.20
C ILE A 225 -11.41 -46.91 43.09
N ALA A 226 -11.29 -47.24 44.38
CA ALA A 226 -12.42 -47.11 45.29
C ALA A 226 -12.74 -45.65 45.60
N ILE A 227 -11.74 -44.78 45.63
CA ILE A 227 -12.00 -43.37 45.88
C ILE A 227 -12.77 -42.78 44.72
N GLY A 228 -12.38 -43.13 43.49
CA GLY A 228 -13.18 -42.72 42.34
C GLY A 228 -14.60 -43.27 42.42
N GLY A 229 -14.73 -44.54 42.80
CA GLY A 229 -16.04 -45.15 42.88
C GLY A 229 -16.94 -44.46 43.88
N LEU A 230 -16.43 -44.19 45.08
CA LEU A 230 -17.23 -43.55 46.11
C LEU A 230 -17.62 -42.13 45.72
N VAL A 231 -16.66 -41.37 45.17
CA VAL A 231 -16.97 -39.99 44.77
C VAL A 231 -18.06 -39.99 43.71
N HIS A 232 -17.98 -40.91 42.74
CA HIS A 232 -18.96 -40.90 41.67
C HIS A 232 -20.30 -41.50 42.11
N HIS A 233 -20.30 -42.40 43.09
CA HIS A 233 -21.56 -42.84 43.67
C HIS A 233 -22.28 -41.69 44.35
N ALA A 234 -21.53 -40.86 45.10
CA ALA A 234 -22.16 -39.72 45.75
C ALA A 234 -22.70 -38.72 44.74
N LEU A 235 -22.09 -38.65 43.55
CA LEU A 235 -22.55 -37.69 42.54
C LEU A 235 -23.80 -38.16 41.83
N VAL A 236 -23.91 -39.47 41.56
CA VAL A 236 -25.05 -39.98 40.80
C VAL A 236 -26.26 -40.29 41.67
N THR A 237 -26.07 -40.46 42.99
CA THR A 237 -27.17 -40.74 43.90
C THR A 237 -27.43 -39.58 44.84
N GLY A 238 -26.42 -39.12 45.57
CA GLY A 238 -26.51 -37.94 46.39
C GLY A 238 -26.68 -38.18 47.87
N HIS A 239 -27.06 -39.39 48.28
CA HIS A 239 -27.33 -39.62 49.70
C HIS A 239 -26.06 -39.88 50.50
N ALA A 240 -25.40 -41.01 50.24
CA ALA A 240 -24.25 -41.45 51.03
C ALA A 240 -23.67 -42.69 50.36
N THR A 241 -22.69 -43.31 51.01
CA THR A 241 -22.13 -44.58 50.56
C THR A 241 -22.78 -45.77 51.25
N PHE A 242 -22.98 -45.69 52.57
CA PHE A 242 -23.54 -46.78 53.37
C PHE A 242 -22.72 -48.06 53.23
N GLY B 31 30.89 40.39 24.44
CA GLY B 31 30.56 41.37 25.46
C GLY B 31 31.79 42.07 26.01
N THR B 32 32.83 41.29 26.28
CA THR B 32 34.09 41.79 26.79
C THR B 32 35.21 40.75 26.62
N PRO B 33 35.02 39.49 26.99
CA PRO B 33 36.08 38.50 26.81
C PRO B 33 36.21 37.96 25.40
N PHE B 34 35.48 38.49 24.43
CA PHE B 34 35.58 38.03 23.05
C PHE B 34 35.17 39.15 22.11
N ASP B 35 35.40 38.93 20.82
CA ASP B 35 35.06 39.89 19.77
C ASP B 35 33.77 39.46 19.10
N THR B 36 32.78 40.36 19.08
CA THR B 36 31.51 40.04 18.43
C THR B 36 31.69 39.84 16.94
N VAL B 37 32.50 40.68 16.30
CA VAL B 37 32.79 40.58 14.87
C VAL B 37 34.26 40.24 14.69
N SER B 38 34.55 39.18 13.94
CA SER B 38 35.92 38.78 13.70
C SER B 38 36.65 39.81 12.86
N LYS B 39 37.96 39.93 13.09
CA LYS B 39 38.77 40.87 12.34
C LYS B 39 38.86 40.51 10.86
N ASP B 40 38.64 39.25 10.51
CA ASP B 40 38.70 38.82 9.11
C ASP B 40 37.46 39.22 8.32
N GLU B 41 36.38 39.59 8.99
CA GLU B 41 35.14 40.00 8.34
C GLU B 41 34.91 41.47 8.67
N LEU B 42 35.50 42.35 7.86
CA LEU B 42 35.36 43.78 8.02
C LEU B 42 35.08 44.42 6.67
N ALA B 43 34.29 45.49 6.68
CA ALA B 43 33.96 46.19 5.45
C ALA B 43 35.15 46.97 4.94
N VAL B 44 35.30 46.99 3.61
CA VAL B 44 36.35 47.77 2.94
C VAL B 44 35.67 48.81 2.07
N GLU B 45 36.16 50.04 2.13
CA GLU B 45 35.59 51.12 1.32
C GLU B 45 35.86 50.86 -0.15
N ASN B 46 34.81 50.96 -0.96
CA ASN B 46 34.92 50.70 -2.40
C ASN B 46 35.44 51.95 -3.09
N LYS B 47 36.75 52.00 -3.32
CA LYS B 47 37.36 53.12 -4.02
C LYS B 47 37.01 53.14 -5.51
N ALA B 48 36.46 52.05 -6.04
CA ALA B 48 36.10 51.99 -7.45
C ALA B 48 34.94 52.91 -7.80
N MET B 49 34.24 53.46 -6.82
CA MET B 49 33.13 54.37 -7.05
C MET B 49 33.46 55.81 -6.68
N ALA B 50 34.75 56.16 -6.72
CA ALA B 50 35.15 57.54 -6.46
C ALA B 50 34.58 58.46 -7.54
N GLY B 51 34.16 59.65 -7.12
CA GLY B 51 33.38 60.48 -8.03
C GLY B 51 32.07 59.77 -8.31
N LYS B 52 31.78 59.56 -9.60
CA LYS B 52 30.71 58.65 -10.02
C LYS B 52 29.37 59.04 -9.42
N SER B 53 28.86 60.18 -9.91
CA SER B 53 27.61 60.77 -9.42
C SER B 53 26.52 59.73 -9.19
N VAL B 54 25.65 60.01 -8.22
CA VAL B 54 24.72 59.03 -7.65
C VAL B 54 24.04 58.16 -8.70
N PHE B 55 23.78 58.74 -9.88
CA PHE B 55 23.16 57.96 -10.96
C PHE B 55 24.11 56.87 -11.46
N GLU B 56 25.36 57.23 -11.73
CA GLU B 56 26.35 56.24 -12.13
C GLU B 56 26.59 55.23 -11.02
N ARG B 57 26.67 55.71 -9.77
CA ARG B 57 26.87 54.80 -8.65
C ARG B 57 25.70 53.83 -8.50
N ALA B 58 24.46 54.34 -8.63
CA ALA B 58 23.30 53.46 -8.51
C ALA B 58 23.26 52.45 -9.64
N MET B 59 23.55 52.88 -10.87
CA MET B 59 23.57 51.95 -12.00
C MET B 59 24.62 50.87 -11.80
N ALA B 60 25.83 51.26 -11.37
CA ALA B 60 26.89 50.28 -11.17
C ALA B 60 26.53 49.31 -10.06
N ASP B 61 25.95 49.82 -8.97
CA ASP B 61 25.55 48.94 -7.86
C ASP B 61 24.48 47.96 -8.31
N PHE B 62 23.49 48.44 -9.07
CA PHE B 62 22.43 47.54 -9.56
C PHE B 62 23.00 46.48 -10.49
N ASN B 63 23.88 46.89 -11.41
CA ASN B 63 24.43 45.95 -12.38
C ASN B 63 25.31 44.90 -11.71
N GLY B 64 26.17 45.33 -10.78
CA GLY B 64 27.01 44.37 -10.09
C GLY B 64 26.24 43.46 -9.16
N ARG B 65 25.24 44.01 -8.47
CA ARG B 65 24.49 43.23 -7.50
C ARG B 65 23.49 42.29 -8.16
N TYR B 66 22.90 42.69 -9.29
CA TYR B 66 21.88 41.90 -9.96
C TYR B 66 22.26 41.70 -11.43
N PRO B 67 23.22 40.83 -11.70
CA PRO B 67 23.48 40.44 -13.09
C PRO B 67 22.40 39.50 -13.59
N ALA B 68 22.42 39.28 -14.91
CA ALA B 68 21.49 38.40 -15.60
C ALA B 68 20.09 38.99 -15.66
N VAL B 69 19.88 40.13 -15.00
CA VAL B 69 18.69 40.94 -15.20
C VAL B 69 19.17 42.32 -15.65
N ALA B 70 20.38 42.69 -15.23
CA ALA B 70 21.03 43.88 -15.78
C ALA B 70 21.55 43.62 -17.18
N ALA B 71 22.08 42.42 -17.42
CA ALA B 71 22.54 42.06 -18.76
C ALA B 71 21.39 41.99 -19.76
N LEU B 72 20.17 41.77 -19.28
CA LEU B 72 19.00 41.77 -20.16
C LEU B 72 18.48 43.17 -20.45
N GLY B 73 19.02 44.19 -19.80
CA GLY B 73 18.54 45.54 -19.95
C GLY B 73 17.41 45.92 -19.00
N LEU B 74 17.00 45.02 -18.11
CA LEU B 74 15.94 45.33 -17.17
C LEU B 74 16.46 46.24 -16.06
N GLY B 75 15.52 46.90 -15.39
CA GLY B 75 15.84 47.74 -14.26
C GLY B 75 16.22 49.16 -14.68
N PRO B 76 17.03 49.82 -13.85
CA PRO B 76 17.47 51.19 -14.17
C PRO B 76 18.42 51.22 -15.35
N SER B 77 17.88 51.07 -16.56
CA SER B 77 18.68 50.98 -17.76
C SER B 77 18.09 51.88 -18.84
N ALA B 78 18.96 52.28 -19.78
CA ALA B 78 18.53 53.18 -20.86
C ALA B 78 17.49 52.52 -21.75
N LYS B 79 17.64 51.21 -22.01
CA LYS B 79 16.64 50.49 -22.79
C LYS B 79 15.29 50.52 -22.09
N ALA B 80 15.26 50.19 -20.80
CA ALA B 80 14.01 50.22 -20.05
C ALA B 80 13.44 51.63 -20.00
N GLU B 81 14.31 52.63 -19.80
CA GLU B 81 13.82 54.01 -19.76
C GLU B 81 13.20 54.42 -21.09
N ARG B 82 13.84 54.06 -22.20
CA ARG B 82 13.31 54.40 -23.52
C ARG B 82 11.96 53.74 -23.75
N TRP B 83 11.85 52.44 -23.43
CA TRP B 83 10.59 51.74 -23.63
C TRP B 83 9.49 52.31 -22.77
N ASN B 84 9.80 52.59 -21.50
CA ASN B 84 8.79 53.16 -20.61
C ASN B 84 8.39 54.56 -21.03
N GLY B 85 9.33 55.34 -21.57
CA GLY B 85 8.97 56.65 -22.09
C GLY B 85 8.04 56.56 -23.28
N ARG B 86 8.32 55.64 -24.20
CA ARG B 86 7.42 55.44 -25.34
C ARG B 86 6.02 55.07 -24.86
N HIS B 87 5.94 54.16 -23.89
CA HIS B 87 4.65 53.74 -23.39
C HIS B 87 3.94 54.88 -22.65
N ALA B 88 4.69 55.72 -21.94
CA ALA B 88 4.09 56.85 -21.25
C ALA B 88 3.52 57.87 -22.22
N MET B 89 4.23 58.15 -23.32
CA MET B 89 3.68 59.06 -24.33
C MET B 89 2.42 58.48 -24.97
N PHE B 90 2.50 57.22 -25.40
CA PHE B 90 1.31 56.59 -25.96
C PHE B 90 0.15 56.59 -24.97
N GLY B 91 0.45 56.47 -23.68
CA GLY B 91 -0.60 56.45 -22.70
C GLY B 91 -1.17 57.82 -22.38
N TRP B 92 -0.36 58.87 -22.52
CA TRP B 92 -0.93 60.21 -22.47
C TRP B 92 -1.94 60.37 -23.60
N ILE B 93 -1.59 59.86 -24.79
CA ILE B 93 -2.55 59.85 -25.89
C ILE B 93 -3.79 59.06 -25.52
N VAL B 94 -3.61 57.90 -24.89
CA VAL B 94 -4.74 57.04 -24.54
C VAL B 94 -5.62 57.71 -23.50
N LEU B 95 -5.03 58.41 -22.53
CA LEU B 95 -5.81 59.13 -21.53
C LEU B 95 -6.62 60.25 -22.17
N LEU B 96 -6.01 60.97 -23.11
CA LEU B 96 -6.78 61.99 -23.83
C LEU B 96 -7.94 61.37 -24.59
N ALA B 97 -7.69 60.23 -25.25
CA ALA B 97 -8.75 59.55 -25.99
C ALA B 97 -9.85 59.08 -25.06
N THR B 98 -9.49 58.57 -23.89
CA THR B 98 -10.48 58.10 -22.93
C THR B 98 -11.33 59.25 -22.41
N GLY B 99 -10.70 60.38 -22.10
CA GLY B 99 -11.47 61.54 -21.69
C GLY B 99 -12.42 62.02 -22.78
N TYR B 100 -11.94 62.04 -24.02
CA TYR B 100 -12.81 62.43 -25.14
C TYR B 100 -13.98 61.47 -25.29
N ALA B 101 -13.73 60.17 -25.19
CA ALA B 101 -14.80 59.19 -25.33
C ALA B 101 -15.82 59.31 -24.21
N GLN B 102 -15.36 59.54 -22.98
CA GLN B 102 -16.28 59.72 -21.87
C GLN B 102 -17.11 60.98 -22.05
N ALA B 103 -16.50 62.05 -22.55
CA ALA B 103 -17.22 63.31 -22.69
C ALA B 103 -18.21 63.27 -23.85
N HIS B 104 -17.92 62.51 -24.91
CA HIS B 104 -18.68 62.60 -26.15
C HIS B 104 -19.71 61.48 -26.32
N GLY B 105 -20.19 60.90 -25.21
CA GLY B 105 -21.29 59.96 -25.29
C GLY B 105 -20.92 58.55 -25.72
N LEU B 106 -19.63 58.28 -25.95
CA LEU B 106 -19.13 56.94 -26.23
C LEU B 106 -19.00 56.19 -24.91
N LEU B 107 -18.22 55.12 -24.88
CA LEU B 107 -17.93 54.44 -23.62
C LEU B 107 -19.20 53.81 -23.04
N PRO B 108 -19.62 52.64 -23.56
CA PRO B 108 -20.95 52.09 -23.26
C PRO B 108 -21.39 52.14 -21.81
N GLU B 109 -22.71 52.15 -21.61
CA GLU B 109 -23.33 52.38 -20.32
C GLU B 109 -23.79 51.07 -19.69
N GLY B 110 -23.87 51.06 -18.36
CA GLY B 110 -24.38 49.92 -17.63
C GLY B 110 -23.30 49.03 -17.04
N GLY B 111 -23.63 47.74 -16.87
CA GLY B 111 -22.68 46.78 -16.35
C GLY B 111 -22.71 45.52 -17.16
N MET B 112 -21.69 44.67 -16.93
CA MET B 112 -21.60 43.42 -17.65
C MET B 112 -22.70 42.46 -17.19
N ASP B 113 -23.06 41.54 -18.07
CA ASP B 113 -24.13 40.58 -17.80
C ASP B 113 -23.53 39.37 -17.10
N ALA B 114 -23.88 39.21 -15.82
CA ALA B 114 -23.36 38.08 -15.05
C ALA B 114 -23.86 36.76 -15.61
N LYS B 115 -25.11 36.73 -16.09
CA LYS B 115 -25.64 35.53 -16.71
C LYS B 115 -24.85 35.16 -17.96
N GLU B 116 -24.30 36.16 -18.66
CA GLU B 116 -23.53 35.91 -19.87
C GLU B 116 -22.06 35.63 -19.61
N TRP B 117 -21.46 36.27 -18.60
CA TRP B 117 -20.02 36.20 -18.40
C TRP B 117 -19.65 35.59 -17.05
N GLY B 118 -20.55 34.85 -16.43
CA GLY B 118 -20.23 34.14 -15.20
C GLY B 118 -20.22 35.06 -13.99
N THR B 119 -19.93 34.45 -12.85
CA THR B 119 -19.94 35.17 -11.57
C THR B 119 -18.68 35.96 -11.32
N TRP B 120 -17.71 35.88 -12.21
CA TRP B 120 -16.43 36.56 -12.00
C TRP B 120 -16.51 37.99 -12.35
N VAL B 121 -17.58 38.37 -13.01
CA VAL B 121 -17.81 39.78 -13.31
C VAL B 121 -18.68 40.45 -12.26
N ILE B 122 -19.15 39.71 -11.26
CA ILE B 122 -19.95 40.29 -10.18
C ILE B 122 -19.02 40.95 -9.18
N VAL B 123 -19.31 42.20 -8.84
CA VAL B 123 -18.46 42.97 -7.94
C VAL B 123 -18.96 42.89 -6.50
N SER B 124 -20.26 43.08 -6.29
CA SER B 124 -20.84 43.01 -4.96
C SER B 124 -22.34 42.79 -5.08
N THR B 125 -22.94 42.35 -3.97
CA THR B 125 -24.38 42.16 -3.85
C THR B 125 -24.84 42.93 -2.62
N THR B 126 -25.43 44.12 -2.84
CA THR B 126 -25.74 44.98 -1.70
C THR B 126 -26.97 44.47 -0.94
N ASN B 127 -28.15 44.49 -1.58
CA ASN B 127 -29.32 43.79 -1.02
C ASN B 127 -30.16 43.24 -2.17
N GLY B 128 -29.83 42.04 -2.62
CA GLY B 128 -30.60 41.37 -3.65
C GLY B 128 -30.31 41.81 -5.08
N GLU B 129 -29.40 42.76 -5.31
CA GLU B 129 -28.96 43.12 -6.65
C GLU B 129 -27.47 42.92 -6.77
N GLN B 130 -27.03 42.41 -7.92
CA GLN B 130 -25.64 42.12 -8.18
C GLN B 130 -25.03 43.27 -8.96
N VAL B 131 -24.16 44.04 -8.30
CA VAL B 131 -23.40 45.08 -8.97
C VAL B 131 -22.24 44.41 -9.71
N THR B 132 -22.18 44.60 -11.03
CA THR B 132 -21.19 43.95 -11.87
C THR B 132 -20.15 44.95 -12.32
N ILE B 133 -19.12 44.44 -12.99
CA ILE B 133 -18.09 45.31 -13.57
C ILE B 133 -18.71 46.19 -14.63
N PRO B 134 -18.44 47.50 -14.64
CA PRO B 134 -19.03 48.37 -15.66
C PRO B 134 -18.60 47.94 -17.06
N ALA B 135 -19.54 48.04 -18.00
CA ALA B 135 -19.23 47.66 -19.39
C ALA B 135 -18.16 48.57 -19.98
N ALA B 136 -18.14 49.84 -19.57
CA ALA B 136 -17.09 50.74 -20.03
C ALA B 136 -15.72 50.26 -19.61
N ARG B 137 -15.60 49.79 -18.36
CA ARG B 137 -14.33 49.25 -17.90
C ARG B 137 -13.92 48.02 -18.71
N ALA B 138 -14.89 47.16 -19.04
CA ALA B 138 -14.59 45.99 -19.84
C ALA B 138 -14.09 46.38 -21.23
N ALA B 139 -14.75 47.37 -21.86
CA ALA B 139 -14.32 47.81 -23.18
C ALA B 139 -12.92 48.41 -23.15
N ILE B 140 -12.64 49.24 -22.15
CA ILE B 140 -11.32 49.84 -22.03
C ILE B 140 -10.26 48.77 -21.77
N ALA B 141 -10.62 47.75 -20.99
CA ALA B 141 -9.70 46.64 -20.75
C ALA B 141 -9.45 45.87 -22.05
N ILE B 142 -10.46 45.74 -22.90
CA ILE B 142 -10.26 45.06 -24.18
C ILE B 142 -9.33 45.86 -25.09
N GLY B 143 -9.49 47.18 -25.12
CA GLY B 143 -8.56 48.00 -25.90
C GLY B 143 -7.13 47.91 -25.39
N HIS B 144 -6.96 47.99 -24.07
CA HIS B 144 -5.65 47.80 -23.48
C HIS B 144 -5.11 46.41 -23.76
N LEU B 145 -5.98 45.41 -23.83
CA LEU B 145 -5.55 44.06 -24.19
C LEU B 145 -5.05 44.02 -25.62
N HIS B 146 -5.72 44.74 -26.53
CA HIS B 146 -5.22 44.83 -27.90
C HIS B 146 -3.80 45.38 -27.92
N PHE B 147 -3.59 46.51 -27.24
CA PHE B 147 -2.26 47.12 -27.26
C PHE B 147 -1.22 46.23 -26.57
N GLY B 148 -1.57 45.62 -25.44
CA GLY B 148 -0.64 44.75 -24.75
C GLY B 148 -0.32 43.50 -25.54
N ALA B 149 -1.30 42.98 -26.28
CA ALA B 149 -1.03 41.87 -27.18
C ALA B 149 -0.05 42.27 -28.27
N VAL B 150 -0.23 43.46 -28.85
CA VAL B 150 0.74 43.94 -29.83
C VAL B 150 2.13 43.96 -29.21
N GLY B 151 2.23 44.45 -27.97
CA GLY B 151 3.51 44.46 -27.29
C GLY B 151 4.10 43.08 -27.07
N VAL B 152 3.25 42.12 -26.70
CA VAL B 152 3.72 40.75 -26.45
C VAL B 152 4.20 40.11 -27.76
N PHE B 153 3.50 40.36 -28.86
CA PHE B 153 3.97 39.89 -30.16
C PHE B 153 5.33 40.48 -30.51
N ALA B 154 5.48 41.79 -30.34
CA ALA B 154 6.77 42.42 -30.61
C ALA B 154 7.86 41.87 -29.70
N ALA B 155 7.50 41.50 -28.46
CA ALA B 155 8.47 40.90 -27.55
C ALA B 155 8.92 39.53 -28.05
N TYR B 156 7.97 38.67 -28.41
CA TYR B 156 8.34 37.40 -29.04
C TYR B 156 8.38 37.51 -30.54
N SER B 157 8.97 38.59 -31.05
CA SER B 157 9.30 38.77 -32.45
C SER B 157 10.64 39.48 -32.62
N LYS B 158 11.58 39.21 -31.69
CA LYS B 158 12.82 39.97 -31.60
C LYS B 158 13.60 40.04 -32.91
N ASN B 159 13.57 38.98 -33.71
CA ASN B 159 14.39 38.95 -34.92
C ASN B 159 13.78 39.72 -36.07
N SER B 160 12.55 40.23 -35.94
CA SER B 160 11.89 40.94 -37.01
C SER B 160 11.51 42.37 -36.65
N VAL B 161 11.83 42.85 -35.46
CA VAL B 161 11.49 44.20 -35.03
C VAL B 161 12.73 45.07 -35.10
N LYS B 162 12.53 46.37 -35.32
CA LYS B 162 13.65 47.29 -35.40
C LYS B 162 14.33 47.46 -34.06
N ASP B 163 13.55 47.70 -33.01
CA ASP B 163 14.06 47.87 -31.66
C ASP B 163 13.54 46.73 -30.79
N ARG B 164 14.46 45.95 -30.22
CA ARG B 164 14.08 44.84 -29.38
C ARG B 164 13.67 45.33 -28.00
N LEU B 165 12.99 44.45 -27.26
CA LEU B 165 12.58 44.80 -25.91
C LEU B 165 13.74 44.65 -24.93
N LEU B 166 14.46 43.54 -25.00
CA LEU B 166 15.55 43.25 -24.10
C LEU B 166 16.89 43.34 -24.83
N LEU B 167 17.97 43.31 -24.04
CA LEU B 167 19.32 43.39 -24.58
C LEU B 167 19.82 41.99 -24.94
N GLU B 168 20.42 41.88 -26.12
CA GLU B 168 21.07 40.63 -26.50
C GLU B 168 22.30 40.39 -25.64
N PRO B 169 22.67 39.13 -25.40
CA PRO B 169 23.95 38.85 -24.74
C PRO B 169 25.10 39.44 -25.54
N GLY B 170 25.77 40.44 -24.98
CA GLY B 170 26.85 41.08 -25.67
C GLY B 170 26.47 42.51 -25.87
N GLU B 171 25.26 42.75 -26.33
CA GLU B 171 24.80 44.10 -26.52
C GLU B 171 25.05 44.83 -25.24
N LYS B 172 25.30 46.12 -25.34
CA LYS B 172 25.58 46.91 -24.18
C LYS B 172 24.57 47.99 -24.13
N ASP B 173 24.16 48.38 -22.93
CA ASP B 173 23.11 49.35 -22.83
C ASP B 173 23.53 50.67 -23.34
N GLU B 174 22.70 51.27 -24.17
CA GLU B 174 22.95 52.61 -24.64
C GLU B 174 23.39 53.44 -23.49
N ALA B 175 24.17 54.48 -23.75
CA ALA B 175 24.71 55.25 -22.68
C ALA B 175 23.71 56.22 -22.13
N PRO B 176 23.60 56.27 -20.82
CA PRO B 176 22.65 57.15 -20.19
C PRO B 176 22.73 58.52 -20.77
N ALA B 177 21.61 59.20 -20.87
CA ALA B 177 21.60 60.51 -21.51
C ALA B 177 22.04 61.57 -20.57
N GLY B 178 21.85 61.32 -19.31
CA GLY B 178 22.32 62.28 -18.33
C GLY B 178 21.18 63.13 -17.80
N LEU B 179 21.54 64.20 -17.09
CA LEU B 179 20.54 65.13 -16.58
C LEU B 179 19.74 65.76 -17.71
N PHE B 180 20.42 66.27 -18.71
CA PHE B 180 19.77 66.86 -19.88
C PHE B 180 20.27 66.17 -21.14
N PRO B 181 19.41 65.45 -21.86
CA PRO B 181 19.84 64.87 -23.15
C PRO B 181 20.12 65.96 -24.16
N ALA B 182 20.90 65.59 -25.17
CA ALA B 182 21.30 66.56 -26.19
C ALA B 182 20.09 67.15 -26.88
N LEU B 183 20.15 68.47 -27.13
CA LEU B 183 19.04 69.18 -27.75
C LEU B 183 19.12 69.01 -29.26
N ARG B 184 18.61 67.87 -29.74
CA ARG B 184 18.63 67.54 -31.16
C ARG B 184 17.20 67.39 -31.66
N PRO B 185 16.62 68.43 -32.24
CA PRO B 185 15.22 68.36 -32.66
C PRO B 185 15.01 67.39 -33.82
N GLY B 186 13.77 66.92 -33.92
CA GLY B 186 13.36 66.02 -34.97
C GLY B 186 13.04 64.63 -34.47
N LEU B 187 13.16 63.66 -35.37
CA LEU B 187 12.96 62.25 -35.03
C LEU B 187 14.30 61.61 -34.65
N THR B 188 14.87 62.11 -33.56
CA THR B 188 16.17 61.67 -33.08
C THR B 188 16.02 60.89 -31.79
N LYS B 189 17.05 60.10 -31.46
CA LYS B 189 17.05 59.35 -30.22
C LYS B 189 16.94 60.28 -29.01
N GLU B 190 17.65 61.41 -29.07
CA GLU B 190 17.61 62.38 -27.97
C GLU B 190 16.22 62.98 -27.83
N ALA B 191 15.55 63.27 -28.95
CA ALA B 191 14.21 63.86 -28.89
C ALA B 191 13.22 62.89 -28.26
N GLU B 192 13.23 61.64 -28.72
CA GLU B 192 12.34 60.63 -28.15
C GLU B 192 12.66 60.39 -26.68
N MET B 193 13.94 60.39 -26.34
CA MET B 193 14.36 60.22 -24.95
C MET B 193 13.80 61.33 -24.07
N LEU B 194 13.99 62.59 -24.50
CA LEU B 194 13.52 63.73 -23.72
C LEU B 194 12.01 63.70 -23.58
N ASN B 195 11.30 63.39 -24.68
CA ASN B 195 9.85 63.39 -24.62
C ASN B 195 9.32 62.25 -23.76
N GLY B 196 9.98 61.10 -23.77
CA GLY B 196 9.58 60.02 -22.89
C GLY B 196 9.79 60.36 -21.43
N ARG B 197 10.92 60.99 -21.10
CA ARG B 197 11.14 61.44 -19.73
C ARG B 197 10.08 62.45 -19.32
N VAL B 198 9.75 63.39 -20.21
CA VAL B 198 8.75 64.40 -19.91
C VAL B 198 7.39 63.75 -19.68
N ALA B 199 7.02 62.79 -20.52
CA ALA B 199 5.71 62.14 -20.38
C ALA B 199 5.63 61.32 -19.10
N MET B 200 6.71 60.61 -18.75
CA MET B 200 6.71 59.85 -17.51
C MET B 200 6.61 60.78 -16.30
N LEU B 201 7.34 61.90 -16.32
CA LEU B 201 7.22 62.88 -15.25
C LEU B 201 5.81 63.45 -15.19
N GLY B 202 5.19 63.67 -16.34
CA GLY B 202 3.83 64.16 -16.36
C GLY B 202 2.84 63.18 -15.75
N LEU B 203 3.03 61.89 -16.03
CA LEU B 203 2.18 60.88 -15.41
C LEU B 203 2.39 60.84 -13.90
N VAL B 204 3.65 60.96 -13.46
CA VAL B 204 3.94 60.98 -12.02
C VAL B 204 3.24 62.17 -11.37
N ALA B 205 3.35 63.35 -11.99
CA ALA B 205 2.72 64.55 -11.46
C ALA B 205 1.21 64.43 -11.45
N LEU B 206 0.64 63.83 -12.49
CA LEU B 206 -0.80 63.64 -12.57
C LEU B 206 -1.30 62.75 -11.44
N VAL B 207 -0.61 61.64 -11.20
CA VAL B 207 -1.00 60.74 -10.12
C VAL B 207 -0.83 61.43 -8.77
N ALA B 208 0.26 62.19 -8.61
CA ALA B 208 0.48 62.89 -7.35
C ALA B 208 -0.61 63.92 -7.08
N VAL B 209 -1.00 64.68 -8.11
CA VAL B 209 -2.05 65.68 -7.95
C VAL B 209 -3.38 65.01 -7.63
N SER B 210 -3.70 63.92 -8.32
CA SER B 210 -4.96 63.22 -8.05
C SER B 210 -4.99 62.66 -6.63
N ALA B 211 -3.87 62.12 -6.15
CA ALA B 211 -3.84 61.56 -4.81
C ALA B 211 -3.90 62.66 -3.75
N ALA B 212 -3.16 63.75 -3.95
CA ALA B 212 -3.09 64.79 -2.95
C ALA B 212 -4.42 65.55 -2.85
N THR B 213 -5.00 65.92 -3.99
CA THR B 213 -6.20 66.73 -3.98
C THR B 213 -7.46 65.87 -3.80
N GLY B 214 -7.53 64.73 -4.48
CA GLY B 214 -8.60 63.79 -4.29
C GLY B 214 -9.61 63.65 -5.42
N GLN B 215 -9.35 64.24 -6.58
CA GLN B 215 -10.27 64.11 -7.70
C GLN B 215 -9.86 62.94 -8.59
N ASP B 216 -10.73 62.66 -9.57
CA ASP B 216 -10.44 61.62 -10.54
C ASP B 216 -9.29 62.03 -11.45
N ILE B 217 -8.62 61.03 -12.03
CA ILE B 217 -7.52 61.29 -12.95
C ILE B 217 -8.01 62.12 -14.13
N LEU B 218 -9.15 61.73 -14.71
CA LEU B 218 -9.71 62.50 -15.81
C LEU B 218 -10.14 63.89 -15.36
N SER B 219 -10.60 64.03 -14.11
CA SER B 219 -10.91 65.35 -13.59
C SER B 219 -9.66 66.22 -13.52
N VAL B 220 -8.53 65.64 -13.10
CA VAL B 220 -7.28 66.39 -13.05
C VAL B 220 -6.84 66.79 -14.46
N ILE B 221 -6.96 65.88 -15.43
CA ILE B 221 -6.60 66.22 -16.80
C ILE B 221 -7.50 67.31 -17.34
N ASP B 222 -8.80 67.25 -17.01
CA ASP B 222 -9.74 68.28 -17.44
C ASP B 222 -9.37 69.63 -16.84
N GLN B 223 -9.01 69.67 -15.56
CA GLN B 223 -8.58 70.91 -14.93
C GLN B 223 -7.29 71.43 -15.58
N GLY B 224 -6.37 70.52 -15.88
CA GLY B 224 -5.11 70.88 -16.50
C GLY B 224 -5.20 71.17 -17.98
N LEU B 225 -6.37 71.00 -18.58
CA LEU B 225 -6.62 71.46 -19.95
C LEU B 225 -7.63 72.59 -20.01
N GLY B 226 -7.98 73.18 -18.86
CA GLY B 226 -8.88 74.31 -18.83
C GLY B 226 -10.35 73.91 -18.84
N GLY B 227 -10.66 72.79 -19.49
CA GLY B 227 -12.04 72.37 -19.65
C GLY B 227 -12.31 71.88 -21.06
N LEU B 228 -11.28 71.88 -21.90
CA LEU B 228 -11.43 71.55 -23.31
C LEU B 228 -11.49 70.05 -23.56
N LEU B 229 -11.32 69.21 -22.55
CA LEU B 229 -11.40 67.77 -22.71
C LEU B 229 -12.79 67.23 -22.36
N LEU B 230 -13.26 67.50 -21.14
CA LEU B 230 -14.58 67.05 -20.71
C LEU B 230 -15.62 68.15 -20.94
N LYS B 231 -15.74 68.54 -22.21
CA LYS B 231 -16.67 69.59 -22.60
C LYS B 231 -17.75 69.05 -23.53
N ALA C 36 39.95 56.21 35.38
CA ALA C 36 41.31 56.57 35.11
C ALA C 36 41.48 57.15 33.74
N GLN C 37 41.18 56.39 32.72
CA GLN C 37 41.41 56.88 31.40
C GLN C 37 40.20 57.58 30.83
N SER C 38 39.06 57.47 31.49
CA SER C 38 37.88 58.20 31.02
C SER C 38 37.91 59.61 31.57
N LYS C 39 37.53 60.58 30.76
CA LYS C 39 37.62 61.94 31.19
C LYS C 39 36.29 62.27 31.71
N ALA C 40 35.29 61.56 31.26
CA ALA C 40 33.93 61.84 31.66
C ALA C 40 33.63 61.16 32.94
N LEU C 41 34.20 60.01 33.14
CA LEU C 41 34.01 59.28 34.35
C LEU C 41 35.41 59.02 34.79
N PRO C 42 36.04 59.97 35.46
CA PRO C 42 37.46 59.95 35.81
C PRO C 42 37.89 58.72 36.59
N PHE C 43 36.94 57.91 37.00
CA PHE C 43 37.28 56.76 37.82
C PHE C 43 37.32 55.47 37.07
N LEU C 44 36.61 55.35 35.98
CA LEU C 44 36.55 54.12 35.24
C LEU C 44 37.68 54.09 34.27
N LYS C 45 38.00 52.97 33.69
CA LYS C 45 39.01 52.97 32.67
C LYS C 45 38.19 52.83 31.45
N ALA C 46 38.56 53.49 30.39
CA ALA C 46 37.73 53.42 29.24
C ALA C 46 37.90 52.11 28.59
N PRO C 47 37.04 51.80 27.65
CA PRO C 47 37.20 50.57 26.87
C PRO C 47 38.32 50.70 25.85
N ALA C 48 38.68 49.56 25.26
CA ALA C 48 39.86 49.51 24.40
C ALA C 48 39.69 50.40 23.17
N LYS C 49 38.51 50.42 22.57
CA LYS C 49 38.30 51.13 21.32
C LYS C 49 38.20 52.64 21.49
N LEU C 50 38.07 53.14 22.72
CA LEU C 50 38.02 54.58 22.97
C LEU C 50 39.43 55.06 23.24
N ASP C 51 40.07 55.64 22.23
CA ASP C 51 41.41 56.17 22.39
C ASP C 51 41.69 57.21 21.31
N GLY C 52 42.41 58.26 21.69
CA GLY C 52 43.03 59.15 20.70
C GLY C 52 42.08 59.78 19.72
N SER C 53 42.09 59.25 18.49
CA SER C 53 41.40 59.84 17.36
C SER C 53 39.89 59.74 17.56
N LEU C 54 39.13 60.13 16.52
CA LEU C 54 37.68 60.20 16.58
C LEU C 54 37.23 61.21 17.65
N ALA C 55 37.49 62.47 17.33
CA ALA C 55 37.28 63.62 18.21
C ALA C 55 35.95 63.56 18.95
N GLY C 56 35.91 64.15 20.14
CA GLY C 56 34.81 63.93 21.06
C GLY C 56 34.98 62.71 21.93
N ASP C 57 36.11 62.01 21.82
CA ASP C 57 36.39 60.81 22.60
C ASP C 57 36.76 61.22 24.01
N PHE C 58 35.80 61.13 24.93
CA PHE C 58 36.03 61.44 26.34
C PHE C 58 35.99 60.20 27.21
N GLY C 59 36.16 59.02 26.61
CA GLY C 59 36.15 57.80 27.37
C GLY C 59 34.82 57.41 27.95
N PHE C 60 33.72 57.93 27.40
CA PHE C 60 32.39 57.71 27.96
C PHE C 60 31.76 56.50 27.26
N ASP C 61 32.00 55.32 27.83
CA ASP C 61 31.30 54.10 27.43
C ASP C 61 31.28 53.14 28.62
N PRO C 62 30.57 53.52 29.69
CA PRO C 62 30.55 52.65 30.88
C PRO C 62 30.00 51.27 30.61
N MET C 63 28.97 51.16 29.75
CA MET C 63 28.37 49.86 29.48
C MET C 63 29.19 49.00 28.52
N GLY C 64 30.26 49.55 27.95
CA GLY C 64 31.08 48.78 27.03
C GLY C 64 30.39 48.41 25.74
N ILE C 65 29.57 49.30 25.22
CA ILE C 65 28.89 49.03 23.94
C ILE C 65 29.90 48.96 22.81
N SER C 66 30.97 49.76 22.88
CA SER C 66 32.00 49.75 21.84
C SER C 66 32.70 48.40 21.74
N ASP C 67 32.63 47.57 22.77
CA ASP C 67 33.28 46.27 22.75
C ASP C 67 32.63 45.30 21.76
N GLN C 68 31.37 45.52 21.40
CA GLN C 68 30.68 44.63 20.48
C GLN C 68 30.81 45.07 19.03
N VAL C 69 30.77 46.37 18.78
CA VAL C 69 30.89 46.87 17.41
C VAL C 69 32.30 46.60 16.89
N ALA C 70 32.39 46.20 15.62
CA ALA C 70 33.69 45.91 15.03
C ALA C 70 34.59 47.14 15.01
N ASN C 71 34.02 48.29 14.65
CA ASN C 71 34.73 49.56 14.64
C ASN C 71 33.82 50.62 15.23
N LEU C 72 34.33 51.85 15.31
CA LEU C 72 33.53 52.97 15.77
C LEU C 72 32.98 53.80 14.63
N LYS C 73 33.17 53.35 13.38
CA LYS C 73 32.73 54.14 12.24
C LYS C 73 31.20 54.26 12.19
N TYR C 74 30.50 53.13 12.29
CA TYR C 74 29.05 53.17 12.14
C TYR C 74 28.38 53.87 13.32
N VAL C 75 28.87 53.60 14.54
CA VAL C 75 28.26 54.24 15.71
C VAL C 75 28.53 55.73 15.70
N ARG C 76 29.70 56.16 15.22
CA ARG C 76 29.96 57.59 15.09
C ARG C 76 29.07 58.20 14.02
N ALA C 77 28.85 57.48 12.92
CA ALA C 77 27.94 57.98 11.89
C ALA C 77 26.53 58.16 12.43
N ALA C 78 26.05 57.17 13.21
CA ALA C 78 24.73 57.27 13.81
C ALA C 78 24.66 58.41 14.82
N GLU C 79 25.70 58.55 15.65
CA GLU C 79 25.71 59.63 16.63
C GLU C 79 25.70 60.99 15.96
N LEU C 80 26.46 61.15 14.88
CA LEU C 80 26.51 62.44 14.19
C LEU C 80 25.20 62.73 13.45
N LYS C 81 24.59 61.69 12.86
CA LYS C 81 23.28 61.89 12.25
C LYS C 81 22.26 62.32 13.28
N HIS C 82 22.27 61.68 14.46
CA HIS C 82 21.38 62.09 15.54
C HIS C 82 21.68 63.51 15.99
N CYS C 83 22.96 63.87 16.08
CA CYS C 83 23.34 65.21 16.51
C CYS C 83 22.80 66.25 15.54
N ARG C 84 22.98 66.02 14.24
CA ARG C 84 22.52 66.98 13.23
C ARG C 84 20.99 67.07 13.22
N VAL C 85 20.31 65.92 13.26
CA VAL C 85 18.85 65.94 13.26
C VAL C 85 18.33 66.63 14.50
N ALA C 86 19.00 66.45 15.64
CA ALA C 86 18.54 67.07 16.88
C ALA C 86 18.81 68.57 16.87
N MET C 87 19.93 69.01 16.30
CA MET C 87 20.16 70.45 16.15
C MET C 87 19.06 71.07 15.31
N LEU C 88 18.77 70.47 14.16
CA LEU C 88 17.72 70.98 13.29
C LEU C 88 16.37 70.94 13.99
N GLY C 89 16.11 69.89 14.78
CA GLY C 89 14.85 69.78 15.50
C GLY C 89 14.69 70.85 16.56
N PHE C 90 15.74 71.13 17.31
CA PHE C 90 15.67 72.20 18.31
C PHE C 90 15.46 73.56 17.65
N LEU C 91 16.20 73.82 16.57
CA LEU C 91 16.03 75.08 15.86
C LEU C 91 14.61 75.22 15.33
N GLY C 92 14.07 74.14 14.74
CA GLY C 92 12.71 74.17 14.26
C GLY C 92 11.70 74.34 15.37
N TRP C 93 11.93 73.68 16.51
CA TRP C 93 11.05 73.85 17.66
C TRP C 93 10.94 75.31 18.05
N VAL C 94 12.09 75.97 18.23
CA VAL C 94 12.06 77.37 18.68
C VAL C 94 11.43 78.26 17.61
N VAL C 95 11.84 78.06 16.34
CA VAL C 95 11.34 78.94 15.28
C VAL C 95 9.82 78.78 15.11
N GLN C 96 9.34 77.54 15.10
CA GLN C 96 7.90 77.30 15.04
C GLN C 96 7.20 77.90 16.25
N GLN C 97 7.87 77.92 17.41
CA GLN C 97 7.31 78.63 18.55
C GLN C 97 7.10 80.11 18.24
N TYR C 98 8.07 80.72 17.55
CA TYR C 98 8.01 82.16 17.32
C TYR C 98 7.61 82.56 15.91
N VAL C 99 8.01 81.82 14.88
CA VAL C 99 7.80 82.23 13.49
C VAL C 99 6.99 81.14 12.78
N HIS C 100 6.08 81.57 11.90
CA HIS C 100 5.25 80.65 11.13
C HIS C 100 5.20 81.10 9.68
N LEU C 101 4.91 80.14 8.80
CA LEU C 101 4.73 80.44 7.38
C LEU C 101 3.43 81.21 7.18
N PRO C 102 3.32 81.95 6.07
CA PRO C 102 2.11 82.76 5.86
C PRO C 102 0.81 81.97 5.83
N GLY C 103 0.85 80.70 5.40
CA GLY C 103 -0.36 79.93 5.28
C GLY C 103 -0.98 79.60 6.62
N GLU C 104 -2.26 79.22 6.56
CA GLU C 104 -3.00 78.88 7.78
C GLU C 104 -2.61 77.49 8.30
N ILE C 105 -2.33 76.54 7.41
CA ILE C 105 -2.02 75.19 7.83
C ILE C 105 -0.76 75.14 8.69
N TYR C 106 0.10 76.14 8.59
CA TYR C 106 1.31 76.23 9.39
C TYR C 106 1.16 77.18 10.58
N ALA C 107 -0.08 77.43 11.03
CA ALA C 107 -0.32 78.37 12.10
C ALA C 107 -0.28 77.73 13.48
N GLU C 108 -0.11 76.41 13.57
CA GLU C 108 -0.07 75.75 14.86
C GLU C 108 1.24 76.07 15.58
N SER C 109 1.14 76.49 16.83
CA SER C 109 2.35 76.83 17.59
C SER C 109 2.96 75.60 18.25
N ASN C 110 2.13 74.69 18.75
CA ASN C 110 2.64 73.49 19.38
C ASN C 110 3.22 72.55 18.33
N PRO C 111 4.51 72.22 18.38
CA PRO C 111 5.08 71.34 17.34
C PRO C 111 4.44 69.98 17.29
N LEU C 112 4.11 69.39 18.44
CA LEU C 112 3.47 68.09 18.44
C LEU C 112 2.05 68.16 17.91
N LYS C 113 1.35 69.27 18.15
CA LYS C 113 0.03 69.45 17.55
C LYS C 113 0.15 69.76 16.07
N ALA C 114 1.20 70.50 15.68
CA ALA C 114 1.45 70.74 14.26
C ALA C 114 1.80 69.46 13.52
N LEU C 115 2.30 68.46 14.23
CA LEU C 115 2.56 67.16 13.60
C LEU C 115 1.29 66.56 12.99
N THR C 116 0.14 66.84 13.60
CA THR C 116 -1.13 66.35 13.10
C THR C 116 -1.93 67.40 12.32
N SER C 117 -1.75 68.68 12.64
CA SER C 117 -2.49 69.73 11.94
C SER C 117 -1.95 69.93 10.53
N VAL C 118 -0.64 69.81 10.35
CA VAL C 118 -0.04 70.01 9.02
C VAL C 118 -0.55 68.94 8.07
N PRO C 119 -0.90 69.27 6.83
CA PRO C 119 -1.41 68.25 5.91
C PRO C 119 -0.38 67.18 5.63
N LEU C 120 -0.88 65.97 5.34
CA LEU C 120 0.01 64.85 5.08
C LEU C 120 0.87 65.07 3.84
N LEU C 121 0.47 65.96 2.94
CA LEU C 121 1.25 66.21 1.74
C LEU C 121 2.62 66.80 2.08
N SER C 122 2.65 67.78 2.97
CA SER C 122 3.92 68.38 3.37
C SER C 122 4.84 67.36 4.03
N GLN C 123 4.28 66.56 4.94
CA GLN C 123 5.08 65.59 5.68
C GLN C 123 5.59 64.48 4.76
N ILE C 124 4.76 64.03 3.81
CA ILE C 124 5.23 63.00 2.89
C ILE C 124 6.29 63.57 1.96
N GLN C 125 6.18 64.84 1.57
CA GLN C 125 7.24 65.44 0.76
C GLN C 125 8.54 65.52 1.54
N ILE C 126 8.48 65.91 2.81
CA ILE C 126 9.68 65.95 3.64
C ILE C 126 10.27 64.55 3.78
N PHE C 127 9.43 63.55 4.01
CA PHE C 127 9.91 62.18 4.18
C PHE C 127 10.54 61.66 2.90
N LEU C 128 9.95 61.98 1.74
CA LEU C 128 10.51 61.53 0.48
C LEU C 128 11.86 62.20 0.20
N PHE C 129 11.97 63.49 0.53
CA PHE C 129 13.26 64.18 0.39
C PHE C 129 14.31 63.52 1.28
N ILE C 130 13.94 63.24 2.53
CA ILE C 130 14.89 62.62 3.45
C ILE C 130 15.28 61.23 2.95
N GLY C 131 14.32 60.46 2.45
CA GLY C 131 14.64 59.12 1.95
C GLY C 131 15.52 59.16 0.72
N ALA C 132 15.30 60.14 -0.16
CA ALA C 132 16.19 60.30 -1.30
C ALA C 132 17.61 60.62 -0.86
N ILE C 133 17.75 61.49 0.13
CA ILE C 133 19.08 61.72 0.69
C ILE C 133 19.62 60.47 1.38
N GLU C 134 18.73 59.64 1.92
CA GLU C 134 19.14 58.55 2.79
C GLU C 134 19.55 57.29 2.03
N LEU C 135 19.04 57.08 0.82
CA LEU C 135 19.35 55.83 0.13
C LEU C 135 20.79 55.79 -0.38
N ALA C 136 21.26 56.89 -0.98
CA ALA C 136 22.66 56.96 -1.41
C ALA C 136 23.59 56.83 -0.20
N THR C 137 23.28 57.56 0.87
CA THR C 137 24.06 57.42 2.08
C THR C 137 23.90 56.06 2.73
N LEU C 138 22.82 55.34 2.44
CA LEU C 138 22.67 53.96 2.90
C LEU C 138 23.70 53.07 2.22
N ASP C 139 23.84 53.24 0.89
CA ASP C 139 24.92 52.55 0.20
C ASP C 139 26.27 52.95 0.78
N GLN C 140 26.41 54.22 1.16
CA GLN C 140 27.71 54.76 1.58
C GLN C 140 28.13 54.31 2.98
N THR C 141 27.21 54.29 3.94
CA THR C 141 27.59 54.25 5.35
C THR C 141 28.18 52.90 5.75
N TYR C 142 27.59 51.80 5.30
CA TYR C 142 27.95 50.49 5.83
C TYR C 142 29.33 50.02 5.39
N THR C 143 29.99 50.72 4.47
CA THR C 143 31.26 50.29 3.93
C THR C 143 32.39 51.29 4.07
N ALA C 144 32.10 52.59 4.18
CA ALA C 144 33.14 53.60 4.09
C ALA C 144 33.89 53.75 5.42
N ASP C 145 35.07 54.37 5.32
CA ASP C 145 35.90 54.62 6.49
C ASP C 145 35.40 55.79 7.32
N LYS C 146 34.74 56.77 6.69
CA LYS C 146 34.16 57.92 7.38
C LYS C 146 32.71 58.07 6.92
N PRO C 147 31.81 57.20 7.41
CA PRO C 147 30.42 57.25 6.93
C PRO C 147 29.72 58.57 7.22
N TRP C 148 30.15 59.30 8.24
CA TRP C 148 29.54 60.59 8.54
C TRP C 148 29.97 61.68 7.58
N ASP C 149 31.07 61.48 6.84
CA ASP C 149 31.55 62.47 5.88
C ASP C 149 30.72 62.33 4.60
N LEU C 150 29.66 63.12 4.50
CA LEU C 150 28.78 63.10 3.35
C LEU C 150 29.23 64.05 2.25
N GLY C 151 30.38 64.70 2.41
CA GLY C 151 30.83 65.66 1.43
C GLY C 151 30.02 66.93 1.40
N PHE C 152 29.33 67.26 2.49
CA PHE C 152 28.48 68.45 2.54
C PHE C 152 29.30 69.60 3.10
N ASP C 153 29.69 70.52 2.23
CA ASP C 153 30.38 71.74 2.62
C ASP C 153 30.19 72.80 1.53
N PRO C 154 28.96 73.25 1.28
CA PRO C 154 28.74 74.20 0.19
C PRO C 154 29.48 75.52 0.36
N LEU C 155 29.62 76.00 1.60
CA LEU C 155 30.30 77.26 1.87
C LEU C 155 31.80 77.11 2.04
N ASN C 156 32.32 75.89 1.99
CA ASN C 156 33.75 75.61 2.10
C ASN C 156 34.33 76.17 3.40
N PHE C 157 33.64 75.88 4.51
CA PHE C 157 34.13 76.28 5.82
C PHE C 157 35.33 75.44 6.26
N SER C 158 35.63 74.34 5.58
CA SER C 158 36.74 73.48 5.93
C SER C 158 37.91 73.57 4.96
N LYS C 159 37.75 74.26 3.84
CA LYS C 159 38.86 74.43 2.90
C LYS C 159 39.89 75.40 3.46
N GLY C 160 41.12 74.93 3.62
CA GLY C 160 42.17 75.73 4.19
C GLY C 160 42.38 75.56 5.68
N LYS C 161 41.44 74.94 6.38
CA LYS C 161 41.59 74.73 7.82
C LYS C 161 42.62 73.65 8.08
N SER C 162 43.40 73.84 9.14
CA SER C 162 44.41 72.86 9.52
C SER C 162 43.77 71.67 10.24
N GLU C 163 44.59 70.65 10.51
CA GLU C 163 44.07 69.45 11.15
C GLU C 163 43.56 69.73 12.55
N GLN C 164 44.29 70.55 13.32
CA GLN C 164 43.84 70.90 14.66
C GLN C 164 42.53 71.69 14.61
N GLN C 165 42.42 72.63 13.68
CA GLN C 165 41.18 73.39 13.53
C GLN C 165 40.03 72.50 13.10
N MET C 166 40.29 71.55 12.19
CA MET C 166 39.24 70.63 11.77
C MET C 166 38.77 69.76 12.93
N LYS C 167 39.71 69.25 13.74
CA LYS C 167 39.34 68.46 14.90
C LYS C 167 38.55 69.29 15.90
N ASP C 168 38.94 70.55 16.08
CA ASP C 168 38.19 71.44 16.97
C ASP C 168 36.76 71.66 16.46
N LEU C 169 36.61 71.81 15.14
CA LEU C 169 35.27 71.95 14.58
C LEU C 169 34.44 70.69 14.80
N GLU C 170 35.07 69.51 14.64
CA GLU C 170 34.36 68.26 14.89
C GLU C 170 33.92 68.16 16.35
N VAL C 171 34.79 68.56 17.27
CA VAL C 171 34.45 68.54 18.70
C VAL C 171 33.29 69.49 18.97
N LYS C 172 33.32 70.68 18.38
CA LYS C 172 32.22 71.63 18.54
C LYS C 172 30.91 71.02 18.06
N GLU C 173 30.94 70.40 16.87
CA GLU C 173 29.73 69.81 16.32
C GLU C 173 29.19 68.72 17.24
N LEU C 174 30.08 67.85 17.73
CA LEU C 174 29.63 66.74 18.58
C LEU C 174 29.05 67.25 19.89
N LYS C 175 29.70 68.22 20.51
CA LYS C 175 29.21 68.78 21.76
C LYS C 175 27.82 69.35 21.53
N ASN C 176 27.72 70.28 20.60
CA ASN C 176 26.45 70.93 20.33
C ASN C 176 25.36 69.92 20.02
N GLY C 177 25.71 68.87 19.28
CA GLY C 177 24.72 67.86 18.94
C GLY C 177 24.24 67.08 20.15
N ARG C 178 25.15 66.69 21.03
CA ARG C 178 24.76 65.97 22.23
C ARG C 178 23.85 66.83 23.11
N VAL C 179 24.22 68.10 23.27
CA VAL C 179 23.39 69.00 24.06
C VAL C 179 22.02 69.16 23.42
N ALA C 180 21.96 69.27 22.10
CA ALA C 180 20.68 69.41 21.41
C ALA C 180 19.83 68.15 21.58
N MET C 181 20.42 66.97 21.39
CA MET C 181 19.71 65.73 21.61
C MET C 181 19.05 65.71 22.99
N ILE C 182 19.83 66.01 24.02
CA ILE C 182 19.25 66.09 25.36
C ILE C 182 18.12 67.11 25.38
N ALA C 183 18.35 68.27 24.76
CA ALA C 183 17.37 69.35 24.76
C ALA C 183 16.12 69.00 23.97
N ILE C 184 16.27 68.38 22.79
CA ILE C 184 15.09 68.07 21.99
C ILE C 184 14.26 66.98 22.66
N MET C 185 14.92 66.00 23.30
CA MET C 185 14.17 65.01 24.05
C MET C 185 13.46 65.65 25.23
N GLY C 186 14.11 66.60 25.91
CA GLY C 186 13.44 67.30 26.99
C GLY C 186 12.24 68.10 26.52
N LEU C 187 12.36 68.76 25.37
CA LEU C 187 11.24 69.52 24.83
C LEU C 187 10.08 68.60 24.49
N ILE C 188 10.37 67.47 23.84
CA ILE C 188 9.30 66.52 23.52
C ILE C 188 8.63 66.01 24.79
N ALA C 189 9.43 65.66 25.80
CA ALA C 189 8.86 65.15 27.04
C ALA C 189 8.00 66.20 27.75
N GLN C 190 8.47 67.44 27.80
CA GLN C 190 7.72 68.48 28.50
C GLN C 190 6.46 68.87 27.73
N THR C 191 6.47 68.74 26.40
CA THR C 191 5.25 68.99 25.64
C THR C 191 4.26 67.85 25.81
N LEU C 192 4.75 66.61 25.89
CA LEU C 192 3.86 65.47 26.10
C LEU C 192 3.34 65.39 27.53
N TYR C 193 4.03 66.00 28.48
CA TYR C 193 3.68 65.88 29.89
C TYR C 193 2.94 67.09 30.44
N THR C 194 3.18 68.28 29.89
CA THR C 194 2.54 69.50 30.38
C THR C 194 1.82 70.29 29.30
N GLY C 195 2.11 70.08 28.02
CA GLY C 195 1.49 70.86 26.97
C GLY C 195 2.14 72.19 26.68
N VAL C 196 3.15 72.57 27.47
CA VAL C 196 3.89 73.81 27.24
C VAL C 196 5.08 73.48 26.35
N PRO C 197 5.11 73.94 25.09
CA PRO C 197 6.19 73.54 24.19
C PRO C 197 7.54 74.17 24.50
N LEU C 198 7.59 75.19 25.34
CA LEU C 198 8.83 75.88 25.60
C LEU C 198 8.74 76.57 26.95
N PHE C 199 9.79 76.43 27.76
CA PHE C 199 9.88 77.04 29.10
C PHE C 199 8.75 76.58 30.01
N GLU D 35 1.01 -70.39 -8.58
CA GLU D 35 0.18 -70.30 -9.77
C GLU D 35 -1.11 -71.11 -9.60
N LYS D 36 -2.20 -70.59 -10.18
CA LYS D 36 -3.50 -71.28 -10.18
C LYS D 36 -3.97 -71.55 -8.75
N SER D 37 -4.29 -70.46 -8.06
CA SER D 37 -4.74 -70.51 -6.68
C SER D 37 -5.83 -71.56 -6.48
N LYS D 38 -5.88 -72.11 -5.27
CA LYS D 38 -6.79 -73.23 -5.00
C LYS D 38 -8.25 -72.80 -5.12
N ALA D 39 -8.62 -71.69 -4.49
CA ALA D 39 -10.00 -71.25 -4.51
C ALA D 39 -10.47 -70.98 -5.93
N VAL D 40 -9.91 -69.96 -6.57
CA VAL D 40 -10.27 -69.66 -7.94
C VAL D 40 -9.26 -70.35 -8.85
N PRO D 41 -9.60 -71.50 -9.44
CA PRO D 41 -8.59 -72.30 -10.16
C PRO D 41 -8.09 -71.63 -11.44
N PHE D 42 -8.82 -70.67 -12.00
CA PHE D 42 -8.41 -69.98 -13.20
C PHE D 42 -7.68 -68.67 -12.92
N LEU D 43 -7.57 -68.28 -11.65
CA LEU D 43 -6.82 -67.09 -11.29
C LEU D 43 -5.45 -67.46 -10.77
N PRO D 44 -4.44 -66.62 -10.98
CA PRO D 44 -3.12 -66.88 -10.43
C PRO D 44 -3.12 -66.80 -8.91
N ARG D 45 -2.16 -67.48 -8.31
CA ARG D 45 -2.00 -67.41 -6.86
C ARG D 45 -1.71 -65.97 -6.46
N PRO D 46 -2.30 -65.47 -5.37
CA PRO D 46 -2.16 -64.04 -5.01
C PRO D 46 -0.74 -63.59 -4.73
N ALA D 47 0.22 -64.51 -4.79
CA ALA D 47 1.66 -64.27 -4.67
C ALA D 47 2.08 -63.81 -3.28
N ALA D 48 1.14 -63.62 -2.35
CA ALA D 48 1.46 -63.30 -0.98
C ALA D 48 0.93 -64.34 0.00
N LEU D 49 0.17 -65.32 -0.48
CA LEU D 49 -0.43 -66.36 0.36
C LEU D 49 0.00 -67.70 -0.22
N ASP D 50 1.17 -68.21 0.20
CA ASP D 50 1.66 -69.44 -0.41
C ASP D 50 1.00 -70.67 0.23
N GLY D 51 1.37 -70.99 1.46
CA GLY D 51 0.61 -71.96 2.25
C GLY D 51 0.62 -71.72 3.75
N SER D 52 1.45 -70.80 4.21
CA SER D 52 1.80 -70.75 5.64
C SER D 52 0.90 -69.79 6.42
N VAL D 53 -0.41 -69.92 6.23
CA VAL D 53 -1.39 -69.18 7.01
C VAL D 53 -2.60 -70.09 7.18
N VAL D 54 -3.19 -70.08 8.38
CA VAL D 54 -4.41 -70.83 8.61
C VAL D 54 -5.56 -70.23 7.82
N GLY D 55 -6.37 -71.09 7.19
CA GLY D 55 -7.45 -70.62 6.34
C GLY D 55 -6.98 -69.93 5.08
N ASP D 56 -5.97 -70.48 4.41
CA ASP D 56 -5.36 -69.90 3.22
C ASP D 56 -5.69 -70.79 2.03
N VAL D 57 -6.80 -70.49 1.36
CA VAL D 57 -7.15 -71.17 0.13
C VAL D 57 -6.77 -70.34 -1.10
N GLY D 58 -5.92 -69.34 -0.93
CA GLY D 58 -5.50 -68.49 -2.03
C GLY D 58 -6.60 -67.64 -2.60
N PHE D 59 -7.46 -67.07 -1.75
CA PHE D 59 -8.58 -66.26 -2.20
C PHE D 59 -8.24 -64.78 -1.99
N ASP D 60 -7.75 -64.14 -3.05
CA ASP D 60 -7.54 -62.70 -3.08
C ASP D 60 -7.56 -62.23 -4.52
N PRO D 61 -8.71 -62.29 -5.20
CA PRO D 61 -8.76 -61.90 -6.62
C PRO D 61 -8.36 -60.46 -6.88
N VAL D 62 -8.70 -59.54 -5.98
CA VAL D 62 -8.47 -58.12 -6.23
C VAL D 62 -7.15 -57.71 -5.58
N GLY D 63 -6.39 -58.69 -5.09
CA GLY D 63 -5.04 -58.44 -4.63
C GLY D 63 -4.90 -57.47 -3.48
N PHE D 64 -5.73 -57.62 -2.45
CA PHE D 64 -5.59 -56.76 -1.28
C PHE D 64 -4.27 -56.98 -0.57
N THR D 65 -3.74 -58.21 -0.62
CA THR D 65 -2.48 -58.52 0.02
C THR D 65 -1.26 -57.99 -0.74
N SER D 66 -1.46 -57.48 -1.96
CA SER D 66 -0.34 -56.99 -2.76
C SER D 66 0.13 -55.61 -2.31
N TRP D 67 -0.68 -54.86 -1.56
CA TRP D 67 -0.29 -53.54 -1.10
C TRP D 67 -0.59 -53.31 0.38
N LEU D 68 -1.00 -54.33 1.11
CA LEU D 68 -1.23 -54.23 2.54
C LEU D 68 -0.51 -55.36 3.25
N PRO D 69 -0.05 -55.13 4.48
CA PRO D 69 0.62 -56.20 5.22
C PRO D 69 -0.32 -57.36 5.47
N LEU D 70 0.22 -58.58 5.35
CA LEU D 70 -0.58 -59.77 5.57
C LEU D 70 -1.02 -59.89 7.02
N SER D 71 -0.13 -59.58 7.96
CA SER D 71 -0.48 -59.66 9.37
C SER D 71 -1.60 -58.69 9.71
N TYR D 72 -1.55 -57.48 9.14
CA TYR D 72 -2.60 -56.49 9.38
C TYR D 72 -3.95 -57.00 8.92
N LEU D 73 -4.00 -57.54 7.70
CA LEU D 73 -5.27 -58.05 7.17
C LEU D 73 -5.75 -59.24 7.98
N GLN D 74 -4.85 -60.12 8.41
CA GLN D 74 -5.23 -61.27 9.23
C GLN D 74 -5.83 -60.81 10.55
N GLU D 75 -5.19 -59.82 11.19
CA GLU D 75 -5.72 -59.30 12.44
C GLU D 75 -7.09 -58.67 12.24
N ALA D 76 -7.27 -57.91 11.16
CA ALA D 76 -8.57 -57.32 10.88
C ALA D 76 -9.63 -58.39 10.66
N GLU D 77 -9.30 -59.43 9.91
CA GLU D 77 -10.26 -60.50 9.64
C GLU D 77 -10.65 -61.23 10.91
N ILE D 78 -9.67 -61.53 11.77
CA ILE D 78 -9.97 -62.25 13.00
C ILE D 78 -10.80 -61.39 13.95
N LYS D 79 -10.47 -60.09 14.02
CA LYS D 79 -11.27 -59.17 14.84
C LYS D 79 -12.70 -59.11 14.35
N HIS D 80 -12.90 -59.02 13.03
CA HIS D 80 -14.25 -59.02 12.48
C HIS D 80 -14.96 -60.33 12.79
N CYS D 81 -14.26 -61.45 12.67
CA CYS D 81 -14.85 -62.75 12.95
C CYS D 81 -15.38 -62.81 14.37
N ARG D 82 -14.54 -62.44 15.35
CA ARG D 82 -14.95 -62.51 16.75
C ARG D 82 -16.10 -61.53 17.03
N ILE D 83 -15.98 -60.30 16.54
CA ILE D 83 -17.01 -59.30 16.80
C ILE D 83 -18.35 -59.75 16.23
N ALA D 84 -18.34 -60.27 15.01
CA ALA D 84 -19.60 -60.67 14.37
C ALA D 84 -20.16 -61.94 14.97
N MET D 85 -19.31 -62.85 15.46
CA MET D 85 -19.82 -64.02 16.17
C MET D 85 -20.57 -63.58 17.42
N LEU D 86 -19.94 -62.72 18.23
CA LEU D 86 -20.61 -62.21 19.41
C LEU D 86 -21.88 -61.47 19.04
N ALA D 87 -21.84 -60.70 17.95
CA ALA D 87 -22.99 -59.90 17.55
C ALA D 87 -24.16 -60.77 17.08
N THR D 88 -23.89 -61.80 16.28
CA THR D 88 -24.94 -62.69 15.84
C THR D 88 -25.57 -63.42 17.01
N LEU D 89 -24.73 -63.96 17.92
CA LEU D 89 -25.28 -64.64 19.08
C LEU D 89 -26.11 -63.69 19.93
N GLY D 90 -25.63 -62.46 20.13
CA GLY D 90 -26.37 -61.50 20.93
C GLY D 90 -27.67 -61.07 20.30
N TRP D 91 -27.67 -60.81 18.99
CA TRP D 91 -28.89 -60.46 18.30
C TRP D 91 -29.94 -61.56 18.44
N ILE D 92 -29.54 -62.80 18.15
CA ILE D 92 -30.49 -63.90 18.20
C ILE D 92 -30.99 -64.11 19.63
N VAL D 93 -30.09 -64.06 20.62
CA VAL D 93 -30.49 -64.33 22.00
C VAL D 93 -31.38 -63.21 22.53
N ALA D 94 -30.98 -61.95 22.32
CA ALA D 94 -31.76 -60.81 22.80
C ALA D 94 -33.12 -60.72 22.13
N ASP D 95 -33.36 -61.38 21.03
CA ASP D 95 -34.69 -61.34 20.48
C ASP D 95 -35.50 -62.40 21.17
N PHE D 96 -34.86 -63.24 21.96
CA PHE D 96 -35.59 -64.23 22.74
C PHE D 96 -35.64 -63.87 24.22
N VAL D 97 -34.48 -63.66 24.84
CA VAL D 97 -34.37 -63.42 26.27
C VAL D 97 -34.03 -61.95 26.48
N HIS D 98 -34.72 -61.32 27.44
CA HIS D 98 -34.52 -59.92 27.77
C HIS D 98 -34.04 -59.80 29.21
N LEU D 99 -33.12 -58.87 29.44
CA LEU D 99 -32.73 -58.55 30.80
C LEU D 99 -33.90 -57.90 31.53
N PRO D 100 -33.98 -58.07 32.85
CA PRO D 100 -35.07 -57.42 33.60
C PRO D 100 -35.01 -55.91 33.44
N GLY D 101 -36.20 -55.30 33.32
CA GLY D 101 -36.28 -53.87 33.11
C GLY D 101 -37.08 -53.48 31.87
N ALA D 102 -37.67 -52.29 31.89
CA ALA D 102 -38.48 -51.85 30.76
C ALA D 102 -37.62 -51.44 29.57
N VAL D 103 -36.38 -51.00 29.82
CA VAL D 103 -35.53 -50.56 28.73
C VAL D 103 -35.12 -51.72 27.84
N HIS D 104 -35.02 -52.93 28.41
CA HIS D 104 -34.60 -54.11 27.67
C HIS D 104 -35.76 -54.84 27.01
N GLU D 105 -36.87 -54.16 26.76
CA GLU D 105 -38.08 -54.77 26.20
C GLU D 105 -38.31 -54.32 24.75
N VAL D 106 -37.23 -54.23 23.98
CA VAL D 106 -37.30 -53.83 22.58
C VAL D 106 -36.61 -54.90 21.74
N SER D 107 -36.96 -54.94 20.46
CA SER D 107 -36.30 -55.85 19.54
C SER D 107 -34.86 -55.40 19.28
N SER D 108 -34.04 -56.36 18.86
CA SER D 108 -32.63 -56.05 18.59
C SER D 108 -32.48 -55.01 17.50
N LEU D 109 -33.44 -54.96 16.56
CA LEU D 109 -33.39 -53.94 15.51
C LEU D 109 -33.53 -52.54 16.08
N ALA D 110 -34.43 -52.36 17.05
CA ALA D 110 -34.64 -51.07 17.69
C ALA D 110 -33.86 -50.91 18.98
N ALA D 111 -33.04 -51.90 19.35
CA ALA D 111 -32.32 -51.83 20.62
C ALA D 111 -31.18 -50.83 20.59
N HIS D 112 -30.67 -50.48 19.40
CA HIS D 112 -29.53 -49.56 19.34
C HIS D 112 -29.90 -48.17 19.84
N ASP D 113 -31.05 -47.64 19.40
CA ASP D 113 -31.44 -46.30 19.81
C ASP D 113 -31.85 -46.25 21.28
N VAL D 114 -32.35 -47.37 21.82
CA VAL D 114 -32.71 -47.40 23.23
C VAL D 114 -31.47 -47.56 24.10
N ALA D 115 -30.56 -48.46 23.72
CA ALA D 115 -29.37 -48.69 24.52
C ALA D 115 -28.44 -47.48 24.52
N VAL D 116 -28.35 -46.76 23.41
CA VAL D 116 -27.51 -45.57 23.37
C VAL D 116 -28.08 -44.47 24.26
N LYS D 117 -29.41 -44.36 24.34
CA LYS D 117 -30.01 -43.35 25.19
C LYS D 117 -29.84 -43.69 26.67
N SER D 118 -30.00 -44.96 27.02
CA SER D 118 -29.85 -45.38 28.42
C SER D 118 -28.40 -45.39 28.87
N GLY D 119 -27.44 -45.24 27.97
CA GLY D 119 -26.05 -45.34 28.32
C GLY D 119 -25.50 -46.74 28.38
N ALA D 120 -26.29 -47.74 27.99
CA ALA D 120 -25.81 -49.13 28.00
C ALA D 120 -24.66 -49.32 27.01
N LEU D 121 -24.79 -48.74 25.81
CA LEU D 121 -23.73 -48.86 24.82
C LEU D 121 -22.52 -48.00 25.16
N ALA D 122 -22.67 -47.02 26.05
CA ALA D 122 -21.53 -46.21 26.45
C ALA D 122 -20.51 -47.03 27.21
N GLN D 123 -20.96 -47.92 28.10
CA GLN D 123 -20.05 -48.76 28.84
C GLN D 123 -19.29 -49.70 27.91
N ILE D 124 -20.00 -50.31 26.97
CA ILE D 124 -19.37 -51.18 25.98
C ILE D 124 -18.38 -50.39 25.17
N LEU D 125 -18.72 -49.15 24.80
CA LEU D 125 -17.80 -48.31 24.05
C LEU D 125 -16.53 -48.01 24.85
N ILE D 126 -16.69 -47.70 26.14
CA ILE D 126 -15.53 -47.39 26.97
C ILE D 126 -14.59 -48.58 27.07
N TRP D 127 -15.13 -49.75 27.41
CA TRP D 127 -14.26 -50.90 27.61
C TRP D 127 -13.70 -51.41 26.28
N THR D 128 -14.48 -51.33 25.21
CA THR D 128 -13.97 -51.69 23.89
C THR D 128 -12.87 -50.74 23.45
N SER D 129 -12.99 -49.45 23.79
CA SER D 129 -11.93 -48.50 23.47
C SER D 129 -10.66 -48.80 24.24
N ILE D 130 -10.79 -49.19 25.51
CA ILE D 130 -9.60 -49.58 26.28
C ILE D 130 -8.93 -50.79 25.62
N ALA D 131 -9.74 -51.81 25.30
CA ALA D 131 -9.21 -53.00 24.64
C ALA D 131 -8.57 -52.66 23.31
N GLU D 132 -9.15 -51.71 22.58
CA GLU D 132 -8.65 -51.36 21.26
C GLU D 132 -7.40 -50.50 21.32
N ALA D 133 -7.21 -49.72 22.39
CA ALA D 133 -5.93 -49.04 22.58
C ALA D 133 -4.82 -50.04 22.89
N ILE D 134 -5.11 -50.99 23.78
CA ILE D 134 -4.14 -52.06 23.99
C ILE D 134 -3.89 -52.81 22.69
N SER D 135 -4.93 -52.95 21.86
CA SER D 135 -4.77 -53.57 20.55
C SER D 135 -3.89 -52.72 19.63
N VAL D 136 -4.02 -51.39 19.70
CA VAL D 136 -3.14 -50.52 18.93
C VAL D 136 -1.69 -50.85 19.26
N ILE D 137 -1.39 -50.93 20.56
CA ILE D 137 -0.04 -51.26 20.99
C ILE D 137 0.36 -52.64 20.46
N ALA D 138 -0.54 -53.62 20.58
CA ALA D 138 -0.22 -54.99 20.21
C ALA D 138 0.05 -55.13 18.72
N ILE D 139 -0.81 -54.54 17.89
CA ILE D 139 -0.64 -54.63 16.44
C ILE D 139 0.60 -53.86 16.00
N SER D 140 0.89 -52.73 16.64
CA SER D 140 2.13 -52.03 16.32
C SER D 140 3.34 -52.90 16.61
N GLN D 141 3.36 -53.53 17.78
CA GLN D 141 4.49 -54.39 18.14
C GLN D 141 4.59 -55.57 17.18
N MET D 142 3.47 -56.17 16.81
CA MET D 142 3.48 -57.29 15.88
C MET D 142 4.03 -56.88 14.52
N LEU D 143 3.62 -55.70 14.04
CA LEU D 143 4.10 -55.23 12.74
C LEU D 143 5.58 -54.88 12.79
N GLU D 144 6.08 -54.41 13.93
CA GLU D 144 7.48 -54.01 14.06
C GLU D 144 8.33 -55.10 14.70
N GLY D 145 8.04 -56.36 14.41
CA GLY D 145 8.83 -57.45 14.95
C GLY D 145 8.07 -58.31 15.93
N SER D 146 8.49 -58.29 17.19
CA SER D 146 7.83 -59.03 18.27
C SER D 146 7.77 -60.51 17.96
N GLY D 147 6.66 -60.96 17.38
CA GLY D 147 6.46 -62.37 17.10
C GLY D 147 5.04 -62.81 17.41
N ARG D 148 4.22 -61.86 17.86
CA ARG D 148 2.82 -62.15 18.15
C ARG D 148 2.08 -62.46 16.87
N GLN D 149 1.46 -63.64 16.81
CA GLN D 149 0.67 -64.00 15.65
C GLN D 149 -0.56 -63.11 15.55
N PRO D 150 -1.03 -62.83 14.33
CA PRO D 150 -2.22 -61.98 14.18
C PRO D 150 -3.42 -62.58 14.89
N GLY D 151 -4.05 -61.77 15.75
CA GLY D 151 -5.18 -62.22 16.54
C GLY D 151 -4.82 -63.02 17.77
N ASP D 152 -3.54 -63.25 18.04
CA ASP D 152 -3.11 -64.04 19.18
C ASP D 152 -2.94 -63.11 20.38
N PHE D 153 -3.94 -63.09 21.25
CA PHE D 153 -3.86 -62.36 22.51
C PHE D 153 -3.48 -63.26 23.67
N LYS D 154 -3.13 -64.52 23.39
CA LYS D 154 -2.75 -65.52 24.39
C LYS D 154 -3.87 -65.79 25.38
N PHE D 155 -5.09 -65.35 25.11
CA PHE D 155 -6.21 -65.58 26.00
C PHE D 155 -6.64 -67.04 25.90
N ASP D 156 -6.36 -67.82 26.94
CA ASP D 156 -6.65 -69.25 26.92
C ASP D 156 -6.73 -69.76 28.35
N PRO D 157 -7.80 -69.45 29.09
CA PRO D 157 -7.93 -69.95 30.46
C PRO D 157 -7.97 -71.48 30.49
N LEU D 158 -8.93 -72.06 29.79
CA LEU D 158 -8.85 -73.46 29.45
C LEU D 158 -7.80 -73.66 28.37
N ASN D 159 -7.51 -74.91 28.03
CA ASN D 159 -6.45 -75.16 27.04
C ASN D 159 -7.03 -75.21 25.64
N PHE D 160 -7.85 -76.23 25.35
CA PHE D 160 -8.54 -76.38 24.07
C PHE D 160 -7.58 -76.45 22.89
N ALA D 161 -6.28 -76.30 23.16
CA ALA D 161 -5.26 -76.31 22.13
C ALA D 161 -3.94 -76.64 22.83
N LYS D 162 -3.50 -77.90 22.73
CA LYS D 162 -2.33 -78.36 23.46
C LYS D 162 -1.06 -78.36 22.63
N ASP D 163 -1.14 -78.74 21.36
CA ASP D 163 0.02 -78.78 20.47
C ASP D 163 -0.23 -77.89 19.25
N GLU D 164 0.70 -77.93 18.30
CA GLU D 164 0.57 -77.13 17.09
C GLU D 164 -0.62 -77.59 16.26
N LYS D 165 -0.83 -78.90 16.13
CA LYS D 165 -1.90 -79.40 15.28
C LYS D 165 -3.27 -78.98 15.79
N SER D 166 -3.49 -79.11 17.11
CA SER D 166 -4.76 -78.68 17.69
C SER D 166 -4.97 -77.18 17.52
N LEU D 167 -3.90 -76.40 17.71
CA LEU D 167 -4.01 -74.96 17.54
C LEU D 167 -4.36 -74.60 16.10
N LYS D 168 -3.75 -75.26 15.12
CA LYS D 168 -4.07 -74.99 13.72
C LYS D 168 -5.50 -75.36 13.39
N LYS D 169 -5.95 -76.53 13.86
CA LYS D 169 -7.31 -76.95 13.59
C LYS D 169 -8.32 -75.99 14.21
N MET D 170 -8.04 -75.55 15.45
CA MET D 170 -8.98 -74.64 16.10
C MET D 170 -8.94 -73.25 15.51
N GLN D 171 -7.78 -72.83 15.00
CA GLN D 171 -7.70 -71.56 14.26
C GLN D 171 -8.52 -71.63 12.99
N LEU D 172 -8.44 -72.74 12.27
CA LEU D 172 -9.26 -72.90 11.07
C LEU D 172 -10.75 -72.90 11.42
N SER D 173 -11.12 -73.59 12.50
CA SER D 173 -12.51 -73.58 12.94
C SER D 173 -12.97 -72.19 13.31
N GLU D 174 -12.13 -71.44 14.03
CA GLU D 174 -12.48 -70.07 14.40
C GLU D 174 -12.66 -69.19 13.17
N LEU D 175 -11.76 -69.31 12.19
CA LEU D 175 -11.86 -68.49 11.00
C LEU D 175 -13.12 -68.82 10.20
N LYS D 176 -13.41 -70.10 10.02
CA LYS D 176 -14.59 -70.49 9.25
C LYS D 176 -15.87 -70.07 9.96
N ASN D 177 -15.95 -70.32 11.28
CA ASN D 177 -17.12 -69.91 12.04
C ASN D 177 -17.28 -68.40 12.04
N GLY D 178 -16.18 -67.67 12.11
CA GLY D 178 -16.27 -66.22 12.09
C GLY D 178 -16.74 -65.67 10.76
N ARG D 179 -16.23 -66.22 9.65
CA ARG D 179 -16.71 -65.80 8.34
C ARG D 179 -18.21 -66.12 8.18
N LEU D 180 -18.60 -67.32 8.61
CA LEU D 180 -20.01 -67.69 8.54
C LEU D 180 -20.86 -66.75 9.38
N ALA D 181 -20.38 -66.37 10.57
CA ALA D 181 -21.15 -65.48 11.43
C ALA D 181 -21.17 -64.06 10.90
N MET D 182 -20.11 -63.61 10.23
CA MET D 182 -20.15 -62.29 9.60
C MET D 182 -21.23 -62.24 8.53
N LEU D 183 -21.24 -63.25 7.64
CA LEU D 183 -22.27 -63.30 6.61
C LEU D 183 -23.65 -63.47 7.23
N ALA D 184 -23.75 -64.25 8.30
CA ALA D 184 -25.04 -64.49 8.96
C ALA D 184 -25.58 -63.22 9.60
N PHE D 185 -24.72 -62.46 10.29
CA PHE D 185 -25.16 -61.20 10.87
C PHE D 185 -25.55 -60.21 9.77
N SER D 186 -24.80 -60.18 8.68
CA SER D 186 -25.18 -59.34 7.55
C SER D 186 -26.59 -59.67 7.07
N GLY D 187 -26.86 -60.96 6.84
CA GLY D 187 -28.19 -61.36 6.40
C GLY D 187 -29.25 -61.06 7.43
N ILE D 188 -28.96 -61.30 8.70
CA ILE D 188 -29.93 -61.07 9.77
C ILE D 188 -30.33 -59.59 9.82
N VAL D 189 -29.33 -58.71 9.81
CA VAL D 189 -29.62 -57.28 9.88
C VAL D 189 -30.37 -56.82 8.65
N THR D 190 -29.93 -57.25 7.46
CA THR D 190 -30.60 -56.80 6.24
C THR D 190 -32.05 -57.28 6.20
N GLN D 191 -32.31 -58.53 6.56
CA GLN D 191 -33.67 -59.05 6.56
C GLN D 191 -34.53 -58.37 7.61
N ALA D 192 -33.99 -58.17 8.82
CA ALA D 192 -34.75 -57.54 9.89
C ALA D 192 -35.10 -56.10 9.54
N ALA D 193 -34.17 -55.38 8.91
CA ALA D 193 -34.45 -54.03 8.48
C ALA D 193 -35.47 -54.01 7.35
N LEU D 194 -35.34 -54.93 6.40
CA LEU D 194 -36.31 -55.02 5.30
C LEU D 194 -37.70 -55.35 5.84
N THR D 195 -37.80 -56.43 6.62
CA THR D 195 -39.05 -56.86 7.22
C THR D 195 -38.86 -56.94 8.72
N GLY D 196 -39.63 -56.12 9.46
CA GLY D 196 -39.49 -56.06 10.90
C GLY D 196 -40.03 -57.28 11.61
N HIS D 197 -39.49 -58.45 11.30
CA HIS D 197 -39.97 -59.71 11.86
C HIS D 197 -39.16 -60.10 13.09
N ALA D 198 -39.66 -61.09 13.81
CA ALA D 198 -38.97 -61.65 14.97
C ALA D 198 -37.87 -62.59 14.49
N PHE D 199 -37.31 -63.40 15.40
CA PHE D 199 -36.14 -64.23 15.12
C PHE D 199 -36.14 -64.89 13.75
N PRO D 200 -37.22 -65.51 13.26
CA PRO D 200 -37.22 -65.89 11.84
C PRO D 200 -37.35 -64.66 10.97
N TYR D 201 -36.25 -64.23 10.37
CA TYR D 201 -36.21 -62.99 9.62
C TYR D 201 -36.59 -63.17 8.16
N MET D 202 -37.15 -64.32 7.81
CA MET D 202 -37.67 -64.56 6.48
C MET D 202 -38.79 -63.58 6.18
N GLU E 43 -4.08 -67.77 -48.57
CA GLU E 43 -3.91 -66.33 -48.48
C GLU E 43 -5.25 -65.62 -48.40
N ARG E 44 -6.26 -66.22 -49.03
CA ARG E 44 -7.62 -65.68 -49.00
C ARG E 44 -8.40 -66.31 -47.86
N SER E 45 -9.25 -65.51 -47.21
CA SER E 45 -10.07 -66.01 -46.13
C SER E 45 -11.04 -67.06 -46.65
N LYS E 46 -11.21 -68.13 -45.86
CA LYS E 46 -12.08 -69.23 -46.29
C LYS E 46 -13.53 -68.77 -46.43
N SER E 47 -14.02 -67.98 -45.47
CA SER E 47 -15.39 -67.51 -45.54
C SER E 47 -15.58 -66.53 -46.69
N LEU E 48 -14.71 -65.52 -46.79
CA LEU E 48 -14.84 -64.51 -47.82
C LEU E 48 -13.71 -64.66 -48.82
N PRO E 49 -13.94 -65.34 -49.95
CA PRO E 49 -12.83 -65.56 -50.91
C PRO E 49 -12.29 -64.30 -51.54
N PHE E 50 -13.05 -63.20 -51.51
CA PHE E 50 -12.60 -61.93 -52.07
C PHE E 50 -11.77 -61.12 -51.08
N LEU E 51 -11.47 -61.69 -49.91
CA LEU E 51 -10.73 -61.00 -48.87
C LEU E 51 -9.50 -61.81 -48.49
N MET E 52 -8.40 -61.11 -48.21
CA MET E 52 -7.19 -61.79 -47.77
C MET E 52 -7.37 -62.32 -46.34
N LYS E 53 -6.59 -63.33 -46.02
CA LYS E 53 -6.71 -64.00 -44.73
C LYS E 53 -6.38 -63.01 -43.61
N PRO E 54 -7.25 -62.84 -42.61
CA PRO E 54 -6.92 -61.95 -41.49
C PRO E 54 -5.71 -62.46 -40.74
N LYS E 55 -4.74 -61.56 -40.53
CA LYS E 55 -3.42 -61.99 -40.08
C LYS E 55 -3.47 -62.68 -38.73
N ASN E 56 -4.28 -62.19 -37.80
CA ASN E 56 -4.28 -62.72 -36.45
C ASN E 56 -5.11 -63.99 -36.29
N LEU E 57 -5.95 -64.33 -37.27
CA LEU E 57 -6.79 -65.53 -37.20
C LEU E 57 -6.22 -66.58 -38.16
N ASP E 58 -5.36 -67.45 -37.63
CA ASP E 58 -4.77 -68.46 -38.50
C ASP E 58 -5.69 -69.67 -38.66
N GLY E 59 -5.79 -70.50 -37.63
CA GLY E 59 -6.80 -71.54 -37.59
C GLY E 59 -7.21 -71.96 -36.18
N SER E 60 -6.61 -71.34 -35.17
CA SER E 60 -6.59 -71.95 -33.84
C SER E 60 -7.96 -71.96 -33.18
N MET E 61 -8.64 -70.82 -33.18
CA MET E 61 -9.86 -70.70 -32.41
C MET E 61 -11.01 -71.44 -33.09
N ALA E 62 -11.86 -72.07 -32.28
CA ALA E 62 -12.99 -72.80 -32.82
C ALA E 62 -13.97 -71.86 -33.51
N GLY E 63 -14.48 -72.28 -34.66
CA GLY E 63 -15.34 -71.44 -35.46
C GLY E 63 -14.61 -70.49 -36.38
N ASP E 64 -13.29 -70.60 -36.50
CA ASP E 64 -12.51 -69.69 -37.33
C ASP E 64 -12.71 -70.06 -38.80
N VAL E 65 -13.33 -69.15 -39.55
CA VAL E 65 -13.46 -69.28 -40.99
C VAL E 65 -12.88 -68.07 -41.72
N GLY E 66 -12.19 -67.19 -41.00
CA GLY E 66 -11.61 -66.00 -41.60
C GLY E 66 -12.58 -64.85 -41.78
N PHE E 67 -13.76 -64.89 -41.16
CA PHE E 67 -14.75 -63.84 -41.32
C PHE E 67 -14.40 -62.68 -40.40
N ASP E 68 -13.45 -61.86 -40.87
CA ASP E 68 -13.11 -60.59 -40.23
C ASP E 68 -12.93 -59.54 -41.30
N PRO E 69 -14.02 -59.14 -41.97
CA PRO E 69 -13.89 -58.16 -43.06
C PRO E 69 -13.33 -56.83 -42.62
N LEU E 70 -13.66 -56.37 -41.41
CA LEU E 70 -13.21 -55.10 -40.91
C LEU E 70 -11.86 -55.17 -40.23
N GLY E 71 -11.25 -56.35 -40.16
CA GLY E 71 -9.94 -56.48 -39.53
C GLY E 71 -9.93 -56.13 -38.06
N LEU E 72 -11.01 -56.42 -37.34
CA LEU E 72 -11.08 -56.09 -35.92
C LEU E 72 -10.12 -56.95 -35.09
N SER E 73 -9.70 -58.10 -35.60
CA SER E 73 -8.79 -58.95 -34.86
C SER E 73 -7.40 -58.33 -34.72
N GLU E 74 -7.09 -57.31 -35.50
CA GLU E 74 -5.79 -56.65 -35.46
C GLU E 74 -5.75 -55.47 -34.49
N ILE E 75 -6.84 -55.21 -33.78
CA ILE E 75 -6.85 -54.14 -32.79
C ILE E 75 -5.95 -54.51 -31.62
N ASN E 76 -5.06 -53.60 -31.24
CA ASN E 76 -4.15 -53.82 -30.13
C ASN E 76 -4.07 -52.57 -29.26
N ASP E 77 -5.24 -52.00 -28.93
CA ASP E 77 -5.27 -50.76 -28.17
C ASP E 77 -6.49 -50.76 -27.26
N VAL E 78 -6.43 -49.89 -26.25
CA VAL E 78 -7.48 -49.70 -25.24
C VAL E 78 -7.71 -51.07 -24.59
N GLY E 79 -6.61 -51.77 -24.31
CA GLY E 79 -6.72 -53.07 -23.67
C GLY E 79 -7.50 -54.09 -24.45
N VAL E 80 -7.71 -53.87 -25.74
CA VAL E 80 -8.49 -54.76 -26.59
C VAL E 80 -7.56 -55.40 -27.59
N ASP E 81 -7.57 -56.73 -27.63
CA ASP E 81 -6.80 -57.49 -28.60
C ASP E 81 -7.60 -58.73 -28.96
N LEU E 82 -6.97 -59.67 -29.64
CA LEU E 82 -7.66 -60.90 -30.03
C LEU E 82 -8.10 -61.69 -28.81
N TYR E 83 -7.28 -61.70 -27.75
CA TYR E 83 -7.66 -62.39 -26.52
C TYR E 83 -8.92 -61.79 -25.93
N TRP E 84 -8.94 -60.46 -25.79
CA TRP E 84 -10.10 -59.80 -25.22
C TRP E 84 -11.34 -59.96 -26.09
N LEU E 85 -11.17 -59.86 -27.40
CA LEU E 85 -12.30 -60.03 -28.32
C LEU E 85 -12.85 -61.45 -28.23
N ARG E 86 -11.97 -62.45 -28.15
CA ARG E 86 -12.44 -63.82 -28.04
C ARG E 86 -13.14 -64.07 -26.71
N GLU E 87 -12.61 -63.51 -25.63
CA GLU E 87 -13.28 -63.65 -24.33
C GLU E 87 -14.65 -63.01 -24.35
N ALA E 88 -14.76 -61.82 -24.96
CA ALA E 88 -16.04 -61.15 -25.09
C ALA E 88 -17.00 -61.97 -25.95
N GLU E 89 -16.50 -62.55 -27.04
CA GLU E 89 -17.34 -63.37 -27.89
C GLU E 89 -17.85 -64.59 -27.16
N LEU E 90 -16.99 -65.24 -26.37
CA LEU E 90 -17.42 -66.43 -25.64
C LEU E 90 -18.41 -66.08 -24.54
N LYS E 91 -18.17 -64.97 -23.83
CA LYS E 91 -19.12 -64.53 -22.82
C LYS E 91 -20.46 -64.21 -23.45
N HIS E 92 -20.45 -63.54 -24.61
CA HIS E 92 -21.68 -63.25 -25.33
C HIS E 92 -22.38 -64.53 -25.76
N CYS E 93 -21.61 -65.50 -26.24
CA CYS E 93 -22.19 -66.78 -26.66
C CYS E 93 -22.89 -67.46 -25.50
N ARG E 94 -22.23 -67.55 -24.35
CA ARG E 94 -22.81 -68.21 -23.19
C ARG E 94 -24.03 -67.45 -22.69
N LEU E 95 -23.95 -66.12 -22.62
CA LEU E 95 -25.07 -65.32 -22.15
C LEU E 95 -26.26 -65.45 -23.08
N GLY E 96 -26.02 -65.41 -24.40
CA GLY E 96 -27.11 -65.57 -25.34
C GLY E 96 -27.73 -66.95 -25.29
N MET E 97 -26.90 -67.98 -25.12
CA MET E 97 -27.44 -69.33 -24.98
C MET E 97 -28.35 -69.43 -23.76
N MET E 98 -27.88 -68.92 -22.62
CA MET E 98 -28.69 -68.96 -21.41
C MET E 98 -29.98 -68.17 -21.57
N ALA E 99 -29.90 -66.98 -22.17
CA ALA E 99 -31.09 -66.14 -22.32
C ALA E 99 -32.10 -66.76 -23.26
N ALA E 100 -31.64 -67.28 -24.41
CA ALA E 100 -32.55 -67.91 -25.35
C ALA E 100 -33.20 -69.14 -24.74
N ALA E 101 -32.41 -69.96 -24.03
CA ALA E 101 -32.98 -71.13 -23.37
C ALA E 101 -34.01 -70.71 -22.34
N GLY E 102 -33.73 -69.64 -21.58
CA GLY E 102 -34.67 -69.20 -20.57
C GLY E 102 -35.98 -68.70 -21.17
N ILE E 103 -35.88 -67.89 -22.22
CA ILE E 103 -37.09 -67.38 -22.87
C ILE E 103 -37.92 -68.53 -23.42
N LEU E 104 -37.28 -69.45 -24.14
CA LEU E 104 -38.01 -70.56 -24.73
C LEU E 104 -38.63 -71.45 -23.66
N PHE E 105 -37.87 -71.73 -22.59
CA PHE E 105 -38.38 -72.57 -21.51
C PHE E 105 -39.60 -71.93 -20.85
N VAL E 106 -39.49 -70.65 -20.49
CA VAL E 106 -40.58 -69.98 -19.79
C VAL E 106 -41.80 -69.86 -20.70
N GLU E 107 -41.59 -69.64 -22.00
CA GLU E 107 -42.73 -69.44 -22.89
C GLU E 107 -43.42 -70.76 -23.20
N ILE E 108 -42.65 -71.85 -23.32
CA ILE E 108 -43.23 -73.14 -23.69
C ILE E 108 -43.81 -73.84 -22.47
N LEU E 109 -42.96 -74.13 -21.48
CA LEU E 109 -43.36 -74.91 -20.32
C LEU E 109 -44.00 -74.06 -19.22
N GLY E 110 -44.08 -72.76 -19.40
CA GLY E 110 -44.68 -71.89 -18.42
C GLY E 110 -43.72 -71.53 -17.31
N PRO E 111 -44.09 -70.56 -16.48
CA PRO E 111 -43.23 -70.15 -15.37
C PRO E 111 -43.24 -71.16 -14.24
N ALA E 112 -42.24 -71.02 -13.36
CA ALA E 112 -42.18 -71.82 -12.16
C ALA E 112 -43.31 -71.42 -11.21
N PRO E 113 -43.71 -72.32 -10.30
CA PRO E 113 -44.78 -71.98 -9.35
C PRO E 113 -44.42 -70.75 -8.52
N GLY E 114 -45.41 -69.91 -8.28
CA GLY E 114 -45.21 -68.69 -7.54
C GLY E 114 -44.64 -67.53 -8.34
N PHE E 115 -44.42 -67.69 -9.64
CA PHE E 115 -43.85 -66.66 -10.47
C PHE E 115 -44.89 -66.12 -11.45
N PRO E 116 -44.76 -64.86 -11.88
CA PRO E 116 -45.78 -64.28 -12.76
C PRO E 116 -45.75 -64.89 -14.15
N ALA E 117 -46.87 -64.76 -14.84
CA ALA E 117 -47.04 -65.20 -16.22
C ALA E 117 -47.26 -63.99 -17.12
N GLY E 118 -47.54 -64.26 -18.40
CA GLY E 118 -47.80 -63.19 -19.34
C GLY E 118 -47.25 -63.46 -20.73
N LYS E 119 -46.29 -64.38 -20.83
CA LYS E 119 -45.66 -64.84 -22.06
C LYS E 119 -44.79 -63.78 -22.73
N SER E 120 -44.74 -62.56 -22.21
CA SER E 120 -43.87 -61.51 -22.73
C SER E 120 -42.69 -61.41 -21.78
N GLN E 121 -41.55 -61.99 -22.18
CA GLN E 121 -40.41 -62.07 -21.27
C GLN E 121 -39.76 -60.72 -21.02
N MET E 122 -39.88 -59.78 -21.96
CA MET E 122 -39.35 -58.45 -21.75
C MET E 122 -40.23 -57.61 -20.83
N ASP E 123 -41.48 -58.00 -20.62
CA ASP E 123 -42.38 -57.28 -19.73
C ASP E 123 -42.68 -58.02 -18.43
N VAL E 124 -42.45 -59.33 -18.39
CA VAL E 124 -42.65 -60.08 -17.15
C VAL E 124 -41.55 -59.77 -16.15
N PHE E 125 -40.41 -59.24 -16.61
CA PHE E 125 -39.33 -58.88 -15.70
C PHE E 125 -39.79 -57.83 -14.70
N TRP E 126 -40.56 -56.84 -15.16
CA TRP E 126 -41.03 -55.80 -14.25
C TRP E 126 -42.09 -56.33 -13.29
N LYS E 127 -42.78 -57.40 -13.67
CA LYS E 127 -43.73 -58.02 -12.75
C LYS E 127 -43.00 -58.80 -11.67
N VAL E 128 -41.88 -59.44 -12.03
CA VAL E 128 -41.07 -60.12 -11.03
C VAL E 128 -40.42 -59.10 -10.08
N TYR E 129 -39.88 -58.02 -10.64
CA TYR E 129 -39.27 -56.99 -9.81
C TYR E 129 -40.29 -56.30 -8.93
N ALA E 130 -41.54 -56.19 -9.39
CA ALA E 130 -42.57 -55.53 -8.60
C ALA E 130 -42.95 -56.33 -7.36
N GLU E 131 -42.70 -57.63 -7.35
CA GLU E 131 -43.07 -58.49 -6.24
C GLU E 131 -41.88 -59.17 -5.55
N LYS E 132 -40.78 -59.39 -6.27
CA LYS E 132 -39.58 -60.01 -5.70
C LYS E 132 -38.36 -59.18 -6.10
N PRO E 133 -38.27 -57.94 -5.61
CA PRO E 133 -37.09 -57.13 -5.95
C PRO E 133 -35.80 -57.68 -5.37
N SER E 134 -35.87 -58.35 -4.22
CA SER E 134 -34.66 -58.87 -3.59
C SER E 134 -33.99 -59.93 -4.45
N LEU E 135 -34.78 -60.75 -5.13
CA LEU E 135 -34.21 -61.76 -6.03
C LEU E 135 -33.42 -61.10 -7.15
N ILE E 136 -34.00 -60.07 -7.77
CA ILE E 136 -33.30 -59.36 -8.84
C ILE E 136 -32.05 -58.70 -8.33
N GLY E 137 -32.12 -58.06 -7.16
CA GLY E 137 -30.95 -57.40 -6.61
C GLY E 137 -29.84 -58.37 -6.25
N ALA E 138 -30.18 -59.50 -5.64
CA ALA E 138 -29.18 -60.50 -5.31
C ALA E 138 -28.55 -61.09 -6.56
N SER E 139 -29.36 -61.36 -7.59
CA SER E 139 -28.82 -61.86 -8.84
C SER E 139 -27.88 -60.84 -9.47
N LEU E 140 -28.26 -59.56 -9.44
CA LEU E 140 -27.39 -58.51 -9.99
C LEU E 140 -26.07 -58.42 -9.24
N ALA E 141 -26.13 -58.49 -7.90
CA ALA E 141 -24.91 -58.41 -7.10
C ALA E 141 -24.01 -59.61 -7.37
N ALA E 142 -24.60 -60.81 -7.46
CA ALA E 142 -23.81 -62.01 -7.76
C ALA E 142 -23.16 -61.89 -9.14
N ILE E 143 -23.93 -61.44 -10.14
CA ILE E 143 -23.38 -61.30 -11.48
C ILE E 143 -22.27 -60.25 -11.49
N ALA E 144 -22.44 -59.18 -10.71
CA ALA E 144 -21.41 -58.14 -10.64
C ALA E 144 -20.11 -58.69 -10.07
N ILE E 145 -20.20 -59.46 -8.99
CA ILE E 145 -19.01 -60.03 -8.38
C ILE E 145 -18.35 -61.01 -9.33
N LEU E 146 -19.15 -61.90 -9.94
CA LEU E 146 -18.61 -62.85 -10.90
C LEU E 146 -17.98 -62.16 -12.10
N GLU E 147 -18.54 -61.02 -12.53
CA GLU E 147 -17.98 -60.31 -13.67
C GLU E 147 -16.69 -59.59 -13.30
N VAL E 148 -16.58 -59.07 -12.08
CA VAL E 148 -15.31 -58.52 -11.63
C VAL E 148 -14.24 -59.60 -11.63
N ILE E 149 -14.59 -60.78 -11.11
CA ILE E 149 -13.66 -61.90 -11.12
C ILE E 149 -13.30 -62.28 -12.56
N SER E 150 -14.29 -62.28 -13.45
CA SER E 150 -14.04 -62.65 -14.84
C SER E 150 -13.10 -61.65 -15.52
N GLY E 151 -13.28 -60.36 -15.27
CA GLY E 151 -12.39 -59.38 -15.85
C GLY E 151 -10.97 -59.49 -15.31
N VAL E 152 -10.84 -59.71 -14.00
CA VAL E 152 -9.52 -59.90 -13.42
C VAL E 152 -8.85 -61.12 -14.03
N ALA E 153 -9.60 -62.22 -14.17
CA ALA E 153 -9.04 -63.43 -14.76
C ALA E 153 -8.65 -63.21 -16.20
N THR E 154 -9.47 -62.49 -16.97
CA THR E 154 -9.15 -62.23 -18.36
C THR E 154 -7.86 -61.44 -18.49
N THR E 155 -7.72 -60.36 -17.71
CA THR E 155 -6.52 -59.55 -17.79
C THR E 155 -5.29 -60.33 -17.33
N GLN E 156 -5.41 -61.11 -16.25
CA GLN E 156 -4.28 -61.89 -15.77
C GLN E 156 -3.85 -62.93 -16.80
N GLY E 157 -4.80 -63.69 -17.34
CA GLY E 157 -4.47 -64.69 -18.34
C GLY E 157 -3.90 -64.09 -19.60
N ARG E 158 -4.35 -62.89 -19.96
CA ARG E 158 -3.74 -62.17 -21.07
C ARG E 158 -2.30 -61.78 -20.75
N GLN E 159 -2.03 -61.42 -19.49
CA GLN E 159 -0.70 -60.94 -19.14
C GLN E 159 0.32 -62.08 -19.09
N ASN E 160 0.13 -63.04 -18.18
CA ASN E 160 0.99 -64.21 -18.07
C ASN E 160 0.31 -65.41 -18.74
N GLY E 161 0.51 -65.52 -20.06
CA GLY E 161 -0.29 -66.43 -20.84
C GLY E 161 -0.22 -67.87 -20.35
N ASP E 162 -1.28 -68.27 -19.65
CA ASP E 162 -1.49 -69.64 -19.22
C ASP E 162 -2.94 -70.08 -19.35
N ARG E 163 -3.87 -69.17 -19.58
CA ARG E 163 -5.29 -69.47 -19.63
C ARG E 163 -5.83 -69.07 -20.99
N ALA E 164 -6.49 -70.01 -21.67
CA ALA E 164 -7.10 -69.71 -22.95
C ALA E 164 -8.29 -68.78 -22.75
N PRO E 165 -8.62 -67.94 -23.75
CA PRO E 165 -9.75 -67.03 -23.59
C PRO E 165 -11.05 -67.80 -23.37
N GLY E 166 -11.84 -67.32 -22.41
CA GLY E 166 -13.08 -67.95 -22.07
C GLY E 166 -12.96 -69.17 -21.16
N ASP E 167 -11.76 -69.51 -20.73
CA ASP E 167 -11.55 -70.68 -19.89
C ASP E 167 -11.72 -70.30 -18.42
N TYR E 168 -12.59 -71.04 -17.73
CA TYR E 168 -12.80 -70.84 -16.29
C TYR E 168 -12.68 -72.15 -15.52
N ASN E 169 -12.12 -73.19 -16.12
CA ASN E 169 -11.93 -74.49 -15.47
C ASN E 169 -13.25 -75.06 -14.94
N PHE E 170 -14.35 -74.79 -15.65
CA PHE E 170 -15.67 -75.22 -15.22
C PHE E 170 -16.07 -76.46 -16.03
N ASP E 171 -15.60 -77.62 -15.56
CA ASP E 171 -15.99 -78.91 -16.12
C ASP E 171 -16.29 -79.86 -14.97
N PRO E 172 -17.33 -79.59 -14.19
CA PRO E 172 -17.63 -80.47 -13.04
C PRO E 172 -17.98 -81.90 -13.44
N LEU E 173 -18.64 -82.08 -14.59
CA LEU E 173 -19.05 -83.41 -15.02
C LEU E 173 -18.04 -84.08 -15.93
N GLY E 174 -16.92 -83.42 -16.22
CA GLY E 174 -15.87 -84.04 -17.02
C GLY E 174 -16.29 -84.38 -18.44
N PHE E 175 -17.06 -83.50 -19.09
CA PHE E 175 -17.50 -83.74 -20.45
C PHE E 175 -16.44 -83.41 -21.50
N GLY E 176 -15.36 -82.74 -21.11
CA GLY E 176 -14.35 -82.33 -22.06
C GLY E 176 -12.94 -82.60 -21.59
N LYS E 177 -12.73 -83.69 -20.85
CA LYS E 177 -11.42 -84.01 -20.33
C LYS E 177 -10.43 -84.31 -21.45
N ASP E 178 -10.72 -85.34 -22.25
CA ASP E 178 -9.80 -85.77 -23.28
C ASP E 178 -9.80 -84.82 -24.47
N PRO E 179 -8.68 -84.71 -25.18
CA PRO E 179 -8.67 -83.95 -26.44
C PRO E 179 -9.35 -84.72 -27.56
N ALA E 180 -9.43 -84.10 -28.75
CA ALA E 180 -10.05 -84.66 -29.94
C ALA E 180 -11.57 -84.73 -29.77
N LYS E 181 -12.04 -84.45 -28.57
CA LYS E 181 -13.43 -84.12 -28.28
C LYS E 181 -13.60 -82.71 -27.78
N PHE E 182 -12.54 -82.16 -27.17
CA PHE E 182 -12.58 -80.78 -26.70
C PHE E 182 -12.70 -79.80 -27.86
N LYS E 183 -12.00 -80.06 -28.97
CA LYS E 183 -12.12 -79.19 -30.14
C LYS E 183 -13.52 -79.23 -30.71
N ASP E 184 -14.11 -80.43 -30.81
CA ASP E 184 -15.47 -80.55 -31.30
C ASP E 184 -16.46 -79.84 -30.38
N LEU E 185 -16.28 -79.99 -29.07
CA LEU E 185 -17.16 -79.31 -28.12
C LEU E 185 -17.00 -77.79 -28.21
N GLN E 186 -15.76 -77.31 -28.41
CA GLN E 186 -15.54 -75.88 -28.58
C GLN E 186 -16.25 -75.37 -29.82
N LEU E 187 -16.15 -76.11 -30.93
CA LEU E 187 -16.84 -75.71 -32.15
C LEU E 187 -18.34 -75.68 -31.96
N LYS E 188 -18.89 -76.72 -31.32
CA LYS E 188 -20.32 -76.77 -31.05
C LYS E 188 -20.76 -75.60 -30.19
N GLU E 189 -20.00 -75.31 -29.12
CA GLU E 189 -20.33 -74.21 -28.24
C GLU E 189 -20.29 -72.88 -28.97
N VAL E 190 -19.26 -72.66 -29.80
CA VAL E 190 -19.14 -71.40 -30.50
C VAL E 190 -20.28 -71.20 -31.49
N LYS E 191 -20.61 -72.25 -32.26
CA LYS E 191 -21.69 -72.11 -33.25
C LYS E 191 -23.04 -71.90 -32.56
N ASN E 192 -23.32 -72.71 -31.53
CA ASN E 192 -24.57 -72.55 -30.79
C ASN E 192 -24.65 -71.19 -30.13
N GLY E 193 -23.52 -70.70 -29.61
CA GLY E 193 -23.52 -69.42 -28.94
C GLY E 193 -23.73 -68.26 -29.89
N ARG E 194 -23.15 -68.32 -31.09
CA ARG E 194 -23.42 -67.28 -32.07
C ARG E 194 -24.89 -67.30 -32.51
N LEU E 195 -25.43 -68.50 -32.77
CA LEU E 195 -26.84 -68.58 -33.15
C LEU E 195 -27.73 -68.06 -32.03
N ALA E 196 -27.40 -68.39 -30.78
CA ALA E 196 -28.22 -67.95 -29.65
C ALA E 196 -28.02 -66.46 -29.36
N MET E 197 -26.85 -65.91 -29.66
CA MET E 197 -26.66 -64.47 -29.61
C MET E 197 -27.63 -63.77 -30.55
N ILE E 198 -27.65 -64.19 -31.81
CA ILE E 198 -28.56 -63.60 -32.79
C ILE E 198 -30.00 -63.79 -32.33
N ALA E 199 -30.33 -64.99 -31.85
CA ALA E 199 -31.69 -65.28 -31.41
C ALA E 199 -32.09 -64.40 -30.24
N ALA E 200 -31.22 -64.25 -29.24
CA ALA E 200 -31.54 -63.49 -28.04
C ALA E 200 -31.68 -62.01 -28.36
N ALA E 201 -30.82 -61.49 -29.23
CA ALA E 201 -31.00 -60.10 -29.66
C ALA E 201 -32.34 -59.92 -30.36
N GLY E 202 -32.72 -60.88 -31.22
CA GLY E 202 -34.01 -60.81 -31.87
C GLY E 202 -35.17 -60.85 -30.88
N MET E 203 -35.08 -61.74 -29.88
CA MET E 203 -36.14 -61.82 -28.88
C MET E 203 -36.24 -60.54 -28.07
N ILE E 204 -35.10 -59.95 -27.71
CA ILE E 204 -35.11 -58.69 -26.96
C ILE E 204 -35.81 -57.60 -27.77
N LEU E 205 -35.43 -57.46 -29.04
CA LEU E 205 -36.03 -56.42 -29.87
C LEU E 205 -37.52 -56.68 -30.09
N GLN E 206 -37.90 -57.94 -30.33
CA GLN E 206 -39.30 -58.28 -30.53
C GLN E 206 -40.12 -57.98 -29.29
N GLY E 207 -39.61 -58.35 -28.11
CA GLY E 207 -40.34 -58.08 -26.89
C GLY E 207 -40.46 -56.60 -26.59
N VAL E 208 -39.41 -55.83 -26.89
CA VAL E 208 -39.46 -54.39 -26.65
C VAL E 208 -40.45 -53.73 -27.60
N SER E 209 -40.45 -54.13 -28.88
CA SER E 209 -41.30 -53.46 -29.86
C SER E 209 -42.73 -53.97 -29.83
N THR E 210 -42.93 -55.26 -30.12
CA THR E 210 -44.27 -55.81 -30.25
C THR E 210 -44.95 -56.05 -28.90
N HIS E 211 -44.18 -56.12 -27.81
CA HIS E 211 -44.72 -56.36 -26.47
C HIS E 211 -45.49 -57.68 -26.41
N GLN E 212 -45.00 -58.68 -27.14
CA GLN E 212 -45.64 -59.99 -27.19
C GLN E 212 -44.59 -61.08 -27.07
N GLY E 213 -45.05 -62.31 -26.93
CA GLY E 213 -44.13 -63.43 -26.78
C GLY E 213 -43.39 -63.75 -28.06
N ALA E 214 -42.30 -64.52 -27.91
CA ALA E 214 -41.48 -64.87 -29.06
C ALA E 214 -42.24 -65.77 -30.01
N LEU E 215 -42.73 -66.92 -29.52
CA LEU E 215 -43.55 -67.78 -30.36
C LEU E 215 -44.89 -67.13 -30.69
N GLU E 216 -45.33 -66.16 -29.90
CA GLU E 216 -46.50 -65.37 -30.28
C GLU E 216 -46.20 -64.58 -31.55
N ASN E 217 -45.01 -63.97 -31.63
CA ASN E 217 -44.60 -63.33 -32.88
C ASN E 217 -44.41 -64.35 -33.99
N LEU E 218 -44.01 -65.57 -33.63
CA LEU E 218 -43.78 -66.61 -34.63
C LEU E 218 -45.05 -66.94 -35.40
N SER E 219 -46.17 -67.04 -34.70
CA SER E 219 -47.44 -67.36 -35.33
C SER E 219 -48.34 -66.12 -35.44
N SER F 35 -9.39 -43.70 -80.42
CA SER F 35 -10.40 -44.50 -79.74
C SER F 35 -11.22 -45.33 -80.72
N LYS F 36 -12.14 -46.12 -80.18
CA LYS F 36 -13.08 -46.88 -80.99
C LYS F 36 -14.48 -46.28 -80.98
N ALA F 37 -14.72 -45.30 -80.10
CA ALA F 37 -15.94 -44.51 -80.10
C ALA F 37 -15.56 -43.05 -79.91
N VAL F 38 -16.35 -42.16 -80.49
CA VAL F 38 -16.03 -40.73 -80.55
C VAL F 38 -14.64 -40.60 -81.17
N PRO F 39 -14.50 -40.86 -82.48
CA PRO F 39 -13.15 -40.95 -83.07
C PRO F 39 -12.38 -39.64 -83.08
N PHE F 40 -13.04 -38.50 -82.94
CA PHE F 40 -12.30 -37.23 -82.97
C PHE F 40 -11.64 -36.90 -81.64
N LEU F 41 -11.81 -37.74 -80.64
CA LEU F 41 -11.04 -37.66 -79.39
C LEU F 41 -10.20 -38.93 -79.29
N GLU F 42 -8.89 -38.76 -79.08
CA GLU F 42 -7.97 -39.89 -79.13
C GLU F 42 -8.30 -40.92 -78.04
N ALA F 43 -8.16 -40.52 -76.78
CA ALA F 43 -8.38 -41.38 -75.64
C ALA F 43 -8.31 -40.53 -74.38
N PRO F 44 -8.94 -40.97 -73.29
CA PRO F 44 -8.85 -40.21 -72.03
C PRO F 44 -7.41 -40.07 -71.56
N LYS F 45 -6.76 -41.21 -71.28
CA LYS F 45 -5.36 -41.32 -70.86
C LYS F 45 -5.11 -42.70 -70.27
N ALA F 46 -6.11 -43.23 -69.55
CA ALA F 46 -5.96 -44.48 -68.82
C ALA F 46 -6.79 -45.62 -69.42
N LEU F 47 -7.61 -45.35 -70.43
CA LEU F 47 -8.43 -46.39 -71.06
C LEU F 47 -7.61 -47.14 -72.11
N ASP F 48 -6.55 -47.80 -71.64
CA ASP F 48 -5.67 -48.55 -72.53
C ASP F 48 -6.39 -49.77 -73.12
N GLY F 49 -7.20 -50.45 -72.30
CA GLY F 49 -7.88 -51.65 -72.75
C GLY F 49 -7.72 -52.79 -71.76
N SER F 50 -7.05 -52.54 -70.64
CA SER F 50 -6.85 -53.55 -69.61
C SER F 50 -8.14 -53.89 -68.88
N LEU F 51 -9.18 -53.09 -69.02
CA LEU F 51 -10.46 -53.38 -68.39
C LEU F 51 -11.44 -53.93 -69.41
N PRO F 52 -12.26 -54.90 -69.03
CA PRO F 52 -13.25 -55.45 -69.97
C PRO F 52 -14.29 -54.43 -70.36
N ALA F 53 -14.96 -54.71 -71.48
CA ALA F 53 -16.01 -53.85 -72.04
C ALA F 53 -15.47 -52.45 -72.36
N ASP F 54 -14.19 -52.36 -72.72
CA ASP F 54 -13.57 -51.07 -73.00
C ASP F 54 -13.69 -50.77 -74.49
N VAL F 55 -14.31 -49.63 -74.81
CA VAL F 55 -14.34 -49.11 -76.16
C VAL F 55 -13.67 -47.76 -76.28
N GLY F 56 -13.39 -47.09 -75.16
CA GLY F 56 -12.73 -45.80 -75.17
C GLY F 56 -13.65 -44.61 -75.01
N PHE F 57 -14.94 -44.84 -74.73
CA PHE F 57 -15.91 -43.75 -74.63
C PHE F 57 -15.78 -43.09 -73.27
N ASP F 58 -15.18 -41.90 -73.25
CA ASP F 58 -15.08 -41.07 -72.05
C ASP F 58 -14.79 -39.64 -72.48
N PRO F 59 -15.77 -38.92 -73.04
CA PRO F 59 -15.50 -37.59 -73.58
C PRO F 59 -15.00 -36.60 -72.54
N LEU F 60 -15.49 -36.69 -71.30
CA LEU F 60 -15.14 -35.72 -70.27
C LEU F 60 -13.82 -36.05 -69.58
N GLY F 61 -13.18 -37.16 -69.91
CA GLY F 61 -11.93 -37.52 -69.27
C GLY F 61 -12.07 -37.73 -67.78
N LEU F 62 -13.16 -38.39 -67.36
CA LEU F 62 -13.40 -38.59 -65.93
C LEU F 62 -12.51 -39.67 -65.35
N SER F 63 -11.89 -40.50 -66.18
CA SER F 63 -11.04 -41.58 -65.72
C SER F 63 -9.61 -41.14 -65.42
N ASP F 64 -9.40 -39.85 -65.17
CA ASP F 64 -8.06 -39.33 -64.91
C ASP F 64 -8.00 -38.50 -63.63
N ILE F 65 -9.06 -38.50 -62.82
CA ILE F 65 -9.03 -37.78 -61.55
C ILE F 65 -8.01 -38.43 -60.63
N GLY F 66 -7.14 -37.62 -60.05
CA GLY F 66 -6.11 -38.15 -59.16
C GLY F 66 -6.59 -38.53 -57.79
N PHE F 67 -7.84 -38.23 -57.45
CA PHE F 67 -8.37 -38.54 -56.14
C PHE F 67 -8.61 -40.04 -56.00
N ASP F 68 -8.01 -40.64 -54.97
CA ASP F 68 -8.24 -42.05 -54.66
C ASP F 68 -9.54 -42.15 -53.86
N PHE F 69 -10.60 -42.63 -54.50
CA PHE F 69 -11.91 -42.62 -53.87
C PHE F 69 -12.05 -43.62 -52.73
N THR F 70 -11.07 -44.50 -52.53
CA THR F 70 -11.06 -45.33 -51.33
C THR F 70 -10.97 -44.47 -50.07
N TYR F 71 -10.42 -43.26 -50.19
CA TYR F 71 -10.38 -42.34 -49.07
C TYR F 71 -11.76 -41.80 -48.70
N LEU F 72 -12.76 -41.98 -49.57
CA LEU F 72 -14.13 -41.72 -49.15
C LEU F 72 -14.62 -42.76 -48.16
N MET F 73 -13.99 -43.93 -48.15
CA MET F 73 -14.32 -44.98 -47.18
C MET F 73 -13.40 -44.89 -45.97
N VAL F 74 -12.11 -45.06 -46.18
CA VAL F 74 -11.11 -44.88 -45.13
C VAL F 74 -10.48 -43.51 -45.31
N PRO F 75 -10.93 -42.50 -44.56
CA PRO F 75 -10.49 -41.13 -44.82
C PRO F 75 -8.99 -40.92 -44.76
N THR F 76 -8.30 -41.66 -43.92
CA THR F 76 -6.85 -41.54 -43.79
C THR F 76 -6.15 -42.70 -44.50
N LYS F 77 -4.86 -42.50 -44.74
CA LYS F 77 -4.04 -43.57 -45.33
C LYS F 77 -4.08 -44.82 -44.46
N TRP F 78 -4.16 -44.65 -43.14
CA TRP F 78 -4.33 -45.74 -42.19
C TRP F 78 -3.16 -46.73 -42.24
N ASP F 79 -3.03 -47.43 -43.34
CA ASP F 79 -1.99 -48.43 -43.51
C ASP F 79 -0.81 -47.84 -44.28
N GLU F 80 0.40 -48.19 -43.84
CA GLU F 80 1.59 -47.73 -44.55
C GLU F 80 1.77 -48.44 -45.89
N SER F 81 1.11 -49.58 -46.09
CA SER F 81 1.16 -50.30 -47.35
C SER F 81 0.08 -49.85 -48.32
N ARG F 82 -0.73 -48.85 -47.96
CA ARG F 82 -1.78 -48.37 -48.83
C ARG F 82 -1.20 -47.55 -49.98
N THR F 83 -0.78 -48.24 -51.05
CA THR F 83 -0.21 -47.54 -52.20
C THR F 83 -1.24 -46.63 -52.84
N GLY F 84 -2.49 -47.08 -52.93
CA GLY F 84 -3.55 -46.27 -53.51
C GLY F 84 -4.30 -47.01 -54.61
N LEU F 85 -5.52 -46.57 -54.89
CA LEU F 85 -6.34 -47.17 -55.92
C LEU F 85 -6.65 -46.13 -56.99
N SER F 86 -6.44 -46.50 -58.25
CA SER F 86 -6.72 -45.59 -59.35
C SER F 86 -8.21 -45.29 -59.42
N ALA F 87 -8.54 -44.07 -59.83
CA ALA F 87 -9.94 -43.68 -59.97
C ALA F 87 -10.65 -44.53 -61.01
N LEU F 88 -9.91 -45.02 -62.01
CA LEU F 88 -10.51 -45.86 -63.04
C LEU F 88 -11.01 -47.18 -62.47
N LYS F 89 -10.23 -47.82 -61.59
CA LYS F 89 -10.66 -49.08 -60.99
C LYS F 89 -11.86 -48.87 -60.07
N TRP F 90 -11.85 -47.78 -59.29
CA TRP F 90 -13.01 -47.46 -58.47
C TRP F 90 -14.24 -47.22 -59.32
N PHE F 91 -14.07 -46.53 -60.45
CA PHE F 91 -15.19 -46.28 -61.34
C PHE F 91 -15.70 -47.58 -61.97
N ARG F 92 -14.79 -48.50 -62.29
CA ARG F 92 -15.22 -49.79 -62.82
C ARG F 92 -16.02 -50.58 -61.79
N GLU F 93 -15.54 -50.59 -60.54
CA GLU F 93 -16.30 -51.26 -59.48
C GLU F 93 -17.67 -50.62 -59.30
N ALA F 94 -17.71 -49.28 -59.32
CA ALA F 94 -18.98 -48.58 -59.17
C ALA F 94 -19.92 -48.87 -60.34
N GLU F 95 -19.38 -48.95 -61.55
CA GLU F 95 -20.20 -49.23 -62.72
C GLU F 95 -20.77 -50.64 -62.67
N ILE F 96 -19.94 -51.62 -62.27
CA ILE F 96 -20.45 -52.99 -62.15
C ILE F 96 -21.53 -53.08 -61.08
N LYS F 97 -21.29 -52.43 -59.94
CA LYS F 97 -22.28 -52.46 -58.86
C LYS F 97 -23.56 -51.76 -59.29
N HIS F 98 -23.45 -50.63 -59.98
CA HIS F 98 -24.62 -49.93 -60.50
C HIS F 98 -25.39 -50.80 -61.47
N GLY F 99 -24.67 -51.50 -62.35
CA GLY F 99 -25.33 -52.36 -63.32
C GLY F 99 -26.10 -53.49 -62.66
N ARG F 100 -25.47 -54.15 -61.67
CA ARG F 100 -26.17 -55.22 -60.97
C ARG F 100 -27.39 -54.69 -60.23
N PHE F 101 -27.24 -53.55 -59.54
CA PHE F 101 -28.37 -52.94 -58.85
C PHE F 101 -29.49 -52.61 -59.82
N ALA F 102 -29.16 -52.04 -60.98
CA ALA F 102 -30.18 -51.64 -61.93
C ALA F 102 -30.87 -52.84 -62.56
N MET F 103 -30.13 -53.91 -62.83
CA MET F 103 -30.73 -55.12 -63.38
C MET F 103 -31.73 -55.72 -62.39
N LEU F 104 -31.32 -55.87 -61.13
CA LEU F 104 -32.26 -56.38 -60.13
C LEU F 104 -33.43 -55.42 -59.94
N ALA F 105 -33.17 -54.11 -60.02
CA ALA F 105 -34.22 -53.12 -59.83
C ALA F 105 -35.26 -53.18 -60.94
N VAL F 106 -34.83 -53.27 -62.19
CA VAL F 106 -35.79 -53.34 -63.28
C VAL F 106 -36.57 -54.65 -63.21
N LEU F 107 -35.90 -55.74 -62.81
CA LEU F 107 -36.62 -57.00 -62.63
C LEU F 107 -37.73 -56.84 -61.58
N GLY F 108 -37.39 -56.22 -60.45
CA GLY F 108 -38.39 -56.04 -59.40
C GLY F 108 -39.51 -55.09 -59.80
N TRP F 109 -39.18 -53.98 -60.44
CA TRP F 109 -40.19 -53.01 -60.85
C TRP F 109 -41.13 -53.60 -61.89
N VAL F 110 -40.59 -54.37 -62.84
CA VAL F 110 -41.42 -55.04 -63.82
C VAL F 110 -42.29 -56.10 -63.15
N ALA F 111 -41.74 -56.79 -62.15
CA ALA F 111 -42.51 -57.83 -61.46
C ALA F 111 -43.73 -57.24 -60.76
N VAL F 112 -43.57 -56.12 -60.06
CA VAL F 112 -44.69 -55.52 -59.33
C VAL F 112 -45.67 -54.81 -60.23
N ASP F 113 -45.33 -54.61 -61.51
CA ASP F 113 -46.31 -54.07 -62.45
C ASP F 113 -47.27 -55.15 -62.92
N MET F 114 -46.79 -56.39 -63.06
CA MET F 114 -47.61 -57.49 -63.53
C MET F 114 -48.11 -58.37 -62.38
N GLY F 115 -48.19 -57.83 -61.17
CA GLY F 115 -48.64 -58.58 -60.02
C GLY F 115 -47.47 -59.12 -59.22
N LEU F 116 -47.48 -60.43 -58.98
CA LEU F 116 -46.35 -61.14 -58.37
C LEU F 116 -46.00 -60.53 -57.01
N ARG F 117 -46.91 -60.70 -56.07
CA ARG F 117 -46.71 -60.23 -54.71
C ARG F 117 -46.21 -61.37 -53.82
N LEU F 118 -45.47 -61.01 -52.78
CA LEU F 118 -44.88 -62.02 -51.90
C LEU F 118 -45.98 -62.80 -51.19
N PRO F 119 -45.81 -64.11 -51.01
CA PRO F 119 -46.85 -64.92 -50.35
C PRO F 119 -46.97 -64.61 -48.86
N VAL F 120 -47.42 -63.39 -48.56
CA VAL F 120 -47.58 -62.95 -47.19
C VAL F 120 -48.52 -61.75 -47.21
N ALA F 121 -49.09 -61.41 -46.06
CA ALA F 121 -49.98 -60.27 -45.95
C ALA F 121 -49.21 -58.97 -46.19
N LYS F 122 -49.93 -57.85 -46.06
CA LYS F 122 -49.41 -56.48 -46.04
C LYS F 122 -48.69 -56.10 -47.34
N TYR F 123 -48.68 -57.00 -48.33
CA TYR F 123 -48.21 -56.68 -49.68
C TYR F 123 -49.37 -56.93 -50.63
N ALA F 124 -50.27 -55.94 -50.75
CA ALA F 124 -51.50 -56.17 -51.53
C ALA F 124 -51.32 -55.86 -53.01
N GLY F 125 -51.24 -54.59 -53.37
CA GLY F 125 -51.12 -54.22 -54.77
C GLY F 125 -50.47 -52.89 -55.08
N TYR F 126 -49.90 -52.22 -54.08
CA TYR F 126 -49.73 -50.77 -54.19
C TYR F 126 -48.58 -50.39 -55.12
N ASN F 127 -48.67 -50.82 -56.38
CA ASN F 127 -47.78 -50.48 -57.49
C ASN F 127 -46.30 -50.45 -57.10
N ALA F 128 -45.52 -49.65 -57.81
CA ALA F 128 -44.12 -49.40 -57.45
C ALA F 128 -43.83 -47.95 -57.14
N VAL F 129 -44.65 -47.02 -57.65
CA VAL F 129 -44.47 -45.61 -57.37
C VAL F 129 -44.92 -45.27 -55.95
N GLN F 130 -45.69 -46.15 -55.30
CA GLN F 130 -46.18 -45.91 -53.96
C GLN F 130 -45.82 -47.01 -52.97
N ALA F 131 -45.41 -48.19 -53.44
CA ALA F 131 -45.03 -49.26 -52.52
C ALA F 131 -43.80 -48.90 -51.70
N HIS F 132 -42.87 -48.15 -52.29
CA HIS F 132 -41.65 -47.76 -51.59
C HIS F 132 -41.97 -47.01 -50.31
N ASP F 133 -42.83 -45.98 -50.41
CA ASP F 133 -43.14 -45.17 -49.23
C ASP F 133 -43.94 -45.97 -48.20
N VAL F 134 -44.93 -46.74 -48.64
CA VAL F 134 -45.77 -47.46 -47.69
C VAL F 134 -44.97 -48.53 -46.98
N PHE F 135 -43.94 -49.09 -47.63
CA PHE F 135 -43.12 -50.08 -46.94
C PHE F 135 -42.03 -49.43 -46.10
N VAL F 136 -41.56 -48.24 -46.48
CA VAL F 136 -40.70 -47.47 -45.58
C VAL F 136 -41.45 -47.17 -44.30
N LYS F 137 -42.74 -46.89 -44.41
CA LYS F 137 -43.58 -46.71 -43.22
C LYS F 137 -43.66 -47.99 -42.40
N SER F 138 -43.80 -49.14 -43.07
CA SER F 138 -44.02 -50.39 -42.35
C SER F 138 -42.71 -51.12 -42.05
N GLY F 139 -41.74 -50.38 -41.51
CA GLY F 139 -40.61 -50.93 -40.80
C GLY F 139 -39.77 -52.03 -41.43
N ASP F 140 -40.02 -52.38 -42.69
CA ASP F 140 -39.23 -53.43 -43.33
C ASP F 140 -38.23 -52.91 -44.35
N MET F 141 -38.46 -51.74 -44.93
CA MET F 141 -37.44 -51.10 -45.74
C MET F 141 -36.22 -50.73 -44.89
N THR F 142 -36.43 -50.45 -43.60
CA THR F 142 -35.30 -50.25 -42.71
C THR F 142 -34.50 -51.54 -42.53
N VAL F 143 -35.18 -52.67 -42.42
CA VAL F 143 -34.50 -53.96 -42.32
C VAL F 143 -33.72 -54.24 -43.61
N GLY F 144 -34.33 -53.95 -44.75
CA GLY F 144 -33.62 -54.10 -46.01
C GLY F 144 -32.40 -53.19 -46.10
N LEU F 145 -32.54 -51.97 -45.60
CA LEU F 145 -31.40 -51.04 -45.55
C LEU F 145 -30.28 -51.62 -44.70
N LEU F 146 -30.62 -52.18 -43.54
CA LEU F 146 -29.60 -52.74 -42.66
C LEU F 146 -28.89 -53.91 -43.32
N ALA F 147 -29.66 -54.82 -43.95
CA ALA F 147 -29.04 -55.99 -44.56
C ALA F 147 -28.17 -55.60 -45.75
N ILE F 148 -28.68 -54.73 -46.62
CA ILE F 148 -27.91 -54.29 -47.77
C ILE F 148 -26.67 -53.53 -47.31
N GLY F 149 -26.78 -52.75 -46.23
CA GLY F 149 -25.62 -52.06 -45.71
C GLY F 149 -24.58 -53.01 -45.16
N PHE F 150 -25.01 -54.09 -44.51
CA PHE F 150 -24.08 -55.10 -44.03
C PHE F 150 -23.30 -55.72 -45.19
N LEU F 151 -24.01 -56.13 -46.23
CA LEU F 151 -23.34 -56.70 -47.40
C LEU F 151 -22.42 -55.67 -48.07
N GLU F 152 -22.88 -54.42 -48.16
CA GLU F 152 -22.10 -53.36 -48.77
C GLU F 152 -20.83 -53.10 -47.97
N VAL F 153 -20.92 -53.15 -46.63
CA VAL F 153 -19.74 -52.93 -45.80
C VAL F 153 -18.72 -54.04 -46.00
N VAL F 154 -19.19 -55.30 -46.05
CA VAL F 154 -18.25 -56.40 -46.28
C VAL F 154 -17.55 -56.24 -47.63
N MET F 155 -18.32 -55.99 -48.68
CA MET F 155 -17.71 -55.89 -50.00
C MET F 155 -16.93 -54.59 -50.19
N GLY F 156 -17.24 -53.56 -49.41
CA GLY F 156 -16.39 -52.38 -49.42
C GLY F 156 -15.09 -52.59 -48.68
N ALA F 157 -15.10 -53.46 -47.66
CA ALA F 157 -13.84 -53.92 -47.10
C ALA F 157 -13.02 -54.64 -48.15
N ALA F 158 -13.69 -55.40 -49.02
CA ALA F 158 -12.99 -55.99 -50.16
C ALA F 158 -12.39 -54.91 -51.07
N ILE F 159 -13.14 -53.86 -51.35
CA ILE F 159 -12.63 -52.76 -52.16
C ILE F 159 -11.42 -52.11 -51.51
N TYR F 160 -11.48 -51.91 -50.19
CA TYR F 160 -10.37 -51.30 -49.46
C TYR F 160 -9.13 -52.19 -49.50
N GLU F 161 -9.31 -53.52 -49.40
CA GLU F 161 -8.17 -54.41 -49.54
C GLU F 161 -7.58 -54.33 -50.93
N MET F 162 -8.44 -54.19 -51.95
CA MET F 162 -7.96 -53.99 -53.31
C MET F 162 -7.12 -52.73 -53.40
N SER F 163 -7.55 -51.66 -52.74
CA SER F 163 -6.74 -50.44 -52.69
C SER F 163 -5.42 -50.68 -51.97
N LYS F 164 -5.45 -51.48 -50.90
CA LYS F 164 -4.23 -51.85 -50.19
C LYS F 164 -3.28 -52.61 -51.09
N GLY F 165 -3.80 -53.30 -52.09
CA GLY F 165 -2.94 -53.96 -53.06
C GLY F 165 -3.20 -55.44 -53.23
N SER F 166 -4.41 -55.89 -52.91
CA SER F 166 -4.79 -57.27 -53.19
C SER F 166 -5.01 -57.46 -54.69
N ASP F 167 -4.80 -58.69 -55.15
CA ASP F 167 -4.92 -58.99 -56.57
C ASP F 167 -6.37 -58.98 -57.05
N ARG F 168 -7.34 -58.89 -56.15
CA ARG F 168 -8.74 -58.89 -56.54
C ARG F 168 -9.04 -57.74 -57.50
N ALA F 169 -9.73 -58.06 -58.59
CA ALA F 169 -10.13 -57.06 -59.56
C ALA F 169 -11.48 -56.45 -59.19
N ALA F 170 -11.79 -55.32 -59.84
CA ALA F 170 -13.03 -54.61 -59.54
C ALA F 170 -14.24 -55.46 -59.90
N GLY F 171 -15.18 -55.54 -58.96
CA GLY F 171 -16.40 -56.30 -59.15
C GLY F 171 -16.24 -57.80 -59.01
N GLU F 172 -15.06 -58.29 -58.65
CA GLU F 172 -14.79 -59.72 -58.54
C GLU F 172 -14.96 -60.14 -57.08
N PHE F 173 -16.12 -60.70 -56.76
CA PHE F 173 -16.37 -61.25 -55.44
C PHE F 173 -16.27 -62.77 -55.41
N SER F 174 -15.77 -63.38 -56.48
CA SER F 174 -15.56 -64.83 -56.57
C SER F 174 -16.86 -65.58 -56.32
N PHE F 175 -17.97 -65.03 -56.81
CA PHE F 175 -19.30 -65.62 -56.62
C PHE F 175 -19.68 -66.38 -57.88
N ASP F 176 -19.30 -67.65 -57.93
CA ASP F 176 -19.68 -68.56 -59.01
C ASP F 176 -20.17 -69.87 -58.42
N PRO F 177 -21.34 -69.87 -57.77
CA PRO F 177 -21.83 -71.09 -57.15
C PRO F 177 -22.23 -72.16 -58.16
N LEU F 178 -23.00 -71.77 -59.18
CA LEU F 178 -23.45 -72.73 -60.18
C LEU F 178 -22.32 -73.13 -61.12
N GLY F 179 -21.25 -72.35 -61.20
CA GLY F 179 -20.08 -72.76 -61.94
C GLY F 179 -20.04 -72.42 -63.41
N LEU F 180 -20.90 -71.52 -63.88
CA LEU F 180 -20.83 -71.10 -65.27
C LEU F 180 -19.85 -69.94 -65.47
N GLY F 181 -18.66 -70.09 -64.88
CA GLY F 181 -17.69 -69.01 -64.89
C GLY F 181 -16.30 -69.49 -65.27
N LYS F 182 -16.16 -70.78 -65.53
CA LYS F 182 -14.90 -71.35 -65.99
C LYS F 182 -14.77 -71.07 -67.49
N ASP F 183 -13.80 -71.72 -68.14
CA ASP F 183 -13.51 -71.47 -69.55
C ASP F 183 -13.25 -69.98 -69.77
N PRO F 184 -12.06 -69.48 -69.39
CA PRO F 184 -11.78 -68.03 -69.39
C PRO F 184 -12.40 -67.21 -70.51
N SER F 185 -12.49 -67.78 -71.71
CA SER F 185 -13.19 -67.10 -72.79
C SER F 185 -14.65 -66.83 -72.42
N LYS F 186 -15.32 -67.83 -71.84
CA LYS F 186 -16.68 -67.64 -71.37
C LYS F 186 -16.74 -66.58 -70.27
N TYR F 187 -15.74 -66.56 -69.39
CA TYR F 187 -15.72 -65.56 -68.33
C TYR F 187 -15.59 -64.16 -68.89
N ALA F 188 -14.72 -63.96 -69.89
CA ALA F 188 -14.57 -62.64 -70.49
C ALA F 188 -15.84 -62.21 -71.23
N ARG F 189 -16.44 -63.15 -71.98
CA ARG F 189 -17.68 -62.84 -72.67
C ARG F 189 -18.78 -62.47 -71.68
N TYR F 190 -18.90 -63.23 -70.59
CA TYR F 190 -19.90 -62.92 -69.57
C TYR F 190 -19.60 -61.62 -68.86
N GLN F 191 -18.32 -61.28 -68.69
CA GLN F 191 -17.96 -59.98 -68.16
C GLN F 191 -18.53 -58.87 -69.03
N VAL F 192 -18.06 -58.79 -70.29
CA VAL F 192 -18.52 -57.75 -71.19
C VAL F 192 -20.05 -57.74 -71.26
N SER F 193 -20.65 -58.93 -71.23
CA SER F 193 -22.11 -59.03 -71.23
C SER F 193 -22.70 -58.35 -70.00
N GLU F 194 -22.12 -58.60 -68.83
CA GLU F 194 -22.66 -58.04 -67.59
C GLU F 194 -22.54 -56.52 -67.57
N ILE F 195 -21.40 -55.99 -68.01
CA ILE F 195 -21.25 -54.53 -68.00
C ILE F 195 -22.19 -53.88 -69.02
N LYS F 196 -22.30 -54.45 -70.24
CA LYS F 196 -23.21 -53.88 -71.22
C LYS F 196 -24.65 -53.96 -70.75
N ASN F 197 -25.05 -55.11 -70.19
CA ASN F 197 -26.41 -55.26 -69.67
C ASN F 197 -26.65 -54.30 -68.51
N GLY F 198 -25.62 -54.04 -67.70
CA GLY F 198 -25.78 -53.09 -66.63
C GLY F 198 -25.99 -51.67 -67.11
N ARG F 199 -25.26 -51.27 -68.15
CA ARG F 199 -25.49 -49.95 -68.74
C ARG F 199 -26.91 -49.85 -69.29
N LEU F 200 -27.33 -50.88 -70.03
CA LEU F 200 -28.69 -50.90 -70.57
C LEU F 200 -29.72 -50.83 -69.46
N ALA F 201 -29.48 -51.56 -68.37
CA ALA F 201 -30.44 -51.60 -67.27
C ALA F 201 -30.47 -50.28 -66.50
N MET F 202 -29.32 -49.62 -66.35
CA MET F 202 -29.30 -48.30 -65.75
C MET F 202 -30.19 -47.35 -66.54
N LEU F 203 -29.98 -47.29 -67.86
CA LEU F 203 -30.77 -46.37 -68.68
C LEU F 203 -32.25 -46.77 -68.68
N ALA F 204 -32.52 -48.08 -68.73
CA ALA F 204 -33.90 -48.55 -68.73
C ALA F 204 -34.61 -48.22 -67.42
N PHE F 205 -33.92 -48.37 -66.28
CA PHE F 205 -34.52 -48.00 -65.01
C PHE F 205 -34.74 -46.50 -64.92
N GLY F 206 -33.80 -45.70 -65.43
CA GLY F 206 -34.03 -44.27 -65.48
C GLY F 206 -35.29 -43.93 -66.26
N GLY F 207 -35.46 -44.56 -67.41
CA GLY F 207 -36.67 -44.34 -68.19
C GLY F 207 -37.93 -44.80 -67.46
N ILE F 208 -37.88 -45.99 -66.87
CA ILE F 208 -39.05 -46.56 -66.23
C ILE F 208 -39.50 -45.69 -65.06
N ALA F 209 -38.54 -45.27 -64.22
CA ALA F 209 -38.88 -44.40 -63.10
C ALA F 209 -39.31 -43.03 -63.56
N THR F 210 -38.72 -42.52 -64.65
CA THR F 210 -39.14 -41.22 -65.17
C THR F 210 -40.51 -41.31 -65.84
N GLN F 211 -40.74 -42.36 -66.64
CA GLN F 211 -42.02 -42.52 -67.32
C GLN F 211 -43.12 -43.02 -66.40
N ALA F 212 -42.79 -43.48 -65.20
CA ALA F 212 -43.73 -44.19 -64.34
C ALA F 212 -44.34 -45.39 -65.05
N VAL F 213 -43.54 -46.01 -65.93
CA VAL F 213 -43.91 -47.20 -66.71
C VAL F 213 -44.97 -46.86 -67.75
N LEU F 214 -44.69 -47.20 -69.01
CA LEU F 214 -45.65 -47.10 -70.09
C LEU F 214 -45.96 -48.44 -70.75
N THR F 215 -44.99 -49.37 -70.78
CA THR F 215 -45.21 -50.64 -71.45
C THR F 215 -46.12 -51.58 -70.67
N ASN F 216 -46.21 -51.43 -69.36
CA ASN F 216 -47.01 -52.32 -68.54
C ASN F 216 -48.00 -51.62 -67.62
N SER F 217 -47.99 -50.28 -67.59
CA SER F 217 -48.89 -49.52 -66.74
C SER F 217 -48.99 -48.10 -67.30
N GLY F 218 -49.64 -47.22 -66.55
CA GLY F 218 -49.85 -45.85 -67.01
C GLY F 218 -49.16 -44.81 -66.15
N PHE F 219 -48.99 -43.61 -66.70
CA PHE F 219 -48.38 -42.50 -66.00
C PHE F 219 -49.23 -42.08 -64.80
N LYS G 36 46.01 40.35 69.48
CA LYS G 36 46.74 40.86 68.33
C LYS G 36 46.05 42.08 67.73
N SER G 37 44.73 42.15 67.91
CA SER G 37 43.96 43.24 67.34
C SER G 37 44.18 44.53 68.14
N LYS G 38 44.11 45.66 67.43
CA LYS G 38 44.28 46.96 68.07
C LYS G 38 42.98 47.43 68.72
N ALA G 39 41.85 47.18 68.07
CA ALA G 39 40.57 47.61 68.63
C ALA G 39 40.08 46.65 69.71
N VAL G 40 40.15 45.35 69.45
CA VAL G 40 39.69 44.36 70.43
C VAL G 40 40.90 43.61 70.96
N PRO G 41 41.43 43.98 72.12
CA PRO G 41 42.63 43.29 72.64
C PRO G 41 42.41 41.81 72.91
N PHE G 42 41.19 41.42 73.29
CA PHE G 42 40.93 40.01 73.58
C PHE G 42 40.99 39.17 72.31
N LEU G 43 40.15 39.49 71.34
CA LEU G 43 40.08 38.70 70.12
C LEU G 43 41.31 38.94 69.25
N PRO G 44 41.72 37.95 68.46
CA PRO G 44 42.88 38.12 67.60
C PRO G 44 42.61 39.10 66.46
N ARG G 45 43.70 39.60 65.90
CA ARG G 45 43.59 40.55 64.79
C ARG G 45 42.96 39.86 63.58
N PRO G 46 42.06 40.54 62.87
CA PRO G 46 41.47 39.94 61.66
C PRO G 46 42.54 39.64 60.62
N ALA G 47 42.36 38.53 59.91
CA ALA G 47 43.38 38.06 58.98
C ALA G 47 43.51 39.00 57.78
N ALA G 48 42.42 39.60 57.33
CA ALA G 48 42.42 40.42 56.13
C ALA G 48 42.75 41.89 56.42
N LEU G 49 42.86 42.28 57.68
CA LEU G 49 43.14 43.67 58.06
C LEU G 49 44.57 43.76 58.57
N ASP G 50 45.48 44.22 57.72
CA ASP G 50 46.85 44.50 58.10
C ASP G 50 47.19 45.98 58.10
N GLY G 51 46.95 46.67 56.99
CA GLY G 51 47.17 48.10 56.92
C GLY G 51 46.39 48.75 55.81
N SER G 52 45.63 49.79 56.16
CA SER G 52 44.89 50.57 55.18
C SER G 52 44.62 51.94 55.78
N VAL G 53 44.83 52.99 54.98
CA VAL G 53 44.74 54.36 55.44
C VAL G 53 43.28 54.73 55.74
N VAL G 54 42.38 53.77 55.54
CA VAL G 54 40.96 53.98 55.84
C VAL G 54 40.64 53.89 57.32
N GLY G 55 41.63 53.70 58.17
CA GLY G 55 41.38 53.61 59.60
C GLY G 55 41.36 52.19 60.11
N ASP G 56 42.31 51.37 59.65
CA ASP G 56 42.39 49.98 60.06
C ASP G 56 42.89 49.89 61.49
N VAL G 57 41.98 49.68 62.42
CA VAL G 57 42.33 49.42 63.81
C VAL G 57 42.01 47.97 64.19
N GLY G 58 41.80 47.12 63.19
CA GLY G 58 41.55 45.71 63.42
C GLY G 58 40.26 45.41 64.16
N PHE G 59 39.17 46.07 63.80
CA PHE G 59 37.86 45.84 64.42
C PHE G 59 37.00 45.03 63.46
N ASP G 60 37.00 43.72 63.64
CA ASP G 60 36.14 42.81 62.88
C ASP G 60 35.91 41.54 63.69
N PRO G 61 35.18 41.64 64.79
CA PRO G 61 34.97 40.45 65.63
C PRO G 61 34.27 39.31 64.93
N VAL G 62 33.34 39.60 64.01
CA VAL G 62 32.60 38.56 63.31
C VAL G 62 33.31 38.10 62.05
N GLY G 63 34.46 38.67 61.72
CA GLY G 63 35.22 38.22 60.56
C GLY G 63 34.51 38.42 59.24
N PHE G 64 33.85 39.57 59.06
CA PHE G 64 33.18 39.84 57.79
C PHE G 64 34.18 40.02 56.66
N THR G 65 35.39 40.48 56.97
CA THR G 65 36.43 40.64 55.95
C THR G 65 36.85 39.30 55.34
N SER G 66 36.64 38.20 56.06
CA SER G 66 36.89 36.89 55.47
C SER G 66 35.81 36.53 54.46
N TRP G 67 34.57 36.93 54.73
CA TRP G 67 33.44 36.64 53.85
C TRP G 67 33.63 37.31 52.50
N LEU G 68 33.61 38.63 52.49
CA LEU G 68 33.66 39.48 51.32
C LEU G 68 35.07 39.95 51.06
N PRO G 69 35.38 40.36 49.83
CA PRO G 69 36.63 41.11 49.60
C PRO G 69 36.62 42.38 50.42
N LEU G 70 37.79 42.71 50.97
CA LEU G 70 37.89 43.92 51.80
C LEU G 70 37.53 45.17 51.02
N SER G 71 37.84 45.18 49.72
CA SER G 71 37.58 46.37 48.91
C SER G 71 36.08 46.66 48.79
N TYR G 72 35.28 45.62 48.59
CA TYR G 72 33.83 45.82 48.47
C TYR G 72 33.25 46.34 49.78
N LEU G 73 33.68 45.79 50.91
CA LEU G 73 33.22 46.26 52.20
C LEU G 73 33.65 47.70 52.45
N GLN G 74 34.87 48.06 52.03
CA GLN G 74 35.32 49.43 52.18
C GLN G 74 34.47 50.39 51.35
N GLU G 75 34.14 49.99 50.11
CA GLU G 75 33.28 50.82 49.28
C GLU G 75 31.90 51.00 49.91
N ALA G 76 31.34 49.91 50.45
CA ALA G 76 30.05 50.01 51.12
C ALA G 76 30.11 50.92 52.33
N GLU G 77 31.18 50.80 53.12
CA GLU G 77 31.33 51.63 54.31
C GLU G 77 31.44 53.11 53.93
N ILE G 78 32.21 53.42 52.89
CA ILE G 78 32.38 54.81 52.49
C ILE G 78 31.07 55.37 51.95
N LYS G 79 30.33 54.56 51.19
CA LYS G 79 29.02 55.00 50.70
C LYS G 79 28.08 55.29 51.86
N HIS G 80 28.05 54.40 52.85
CA HIS G 80 27.21 54.63 54.03
C HIS G 80 27.66 55.88 54.78
N CYS G 81 28.97 56.07 54.90
CA CYS G 81 29.51 57.26 55.56
C CYS G 81 28.99 58.52 54.91
N ARG G 82 29.16 58.62 53.59
CA ARG G 82 28.78 59.85 52.89
C ARG G 82 27.27 60.07 52.94
N ILE G 83 26.49 59.00 52.73
CA ILE G 83 25.04 59.14 52.79
C ILE G 83 24.60 59.60 54.17
N ALA G 84 25.17 59.01 55.23
CA ALA G 84 24.76 59.35 56.58
C ALA G 84 25.15 60.78 56.94
N MET G 85 26.33 61.23 56.53
CA MET G 85 26.73 62.62 56.79
C MET G 85 25.77 63.59 56.11
N LEU G 86 25.52 63.37 54.82
CA LEU G 86 24.59 64.24 54.10
C LEU G 86 23.21 64.22 54.75
N ALA G 87 22.75 63.04 55.16
CA ALA G 87 21.42 62.91 55.74
C ALA G 87 21.32 63.58 57.09
N THR G 88 22.34 63.43 57.94
CA THR G 88 22.32 64.08 59.25
C THR G 88 22.29 65.60 59.09
N LEU G 89 23.18 66.13 58.24
CA LEU G 89 23.19 67.57 58.02
C LEU G 89 21.86 68.05 57.46
N GLY G 90 21.29 67.30 56.51
CA GLY G 90 20.03 67.71 55.92
C GLY G 90 18.87 67.66 56.90
N TRP G 91 18.79 66.60 57.70
CA TRP G 91 17.74 66.51 58.71
C TRP G 91 17.82 67.68 59.67
N ILE G 92 19.02 67.95 60.20
CA ILE G 92 19.18 69.00 61.19
C ILE G 92 18.84 70.37 60.58
N VAL G 93 19.34 70.63 59.37
CA VAL G 93 19.13 71.95 58.75
C VAL G 93 17.66 72.12 58.37
N ALA G 94 17.07 71.11 57.71
CA ALA G 94 15.69 71.18 57.27
C ALA G 94 14.71 71.28 58.43
N ASP G 95 15.13 71.03 59.64
CA ASP G 95 14.18 71.23 60.71
C ASP G 95 14.30 72.65 61.20
N PHE G 96 15.42 73.28 60.93
CA PHE G 96 15.61 74.63 61.44
C PHE G 96 15.22 75.71 60.43
N VAL G 97 15.88 75.73 59.28
CA VAL G 97 15.61 76.74 58.25
C VAL G 97 15.46 76.01 56.91
N HIS G 98 14.22 75.67 56.57
CA HIS G 98 13.90 75.07 55.27
C HIS G 98 12.45 75.43 54.96
N LEU G 99 12.26 76.52 54.22
CA LEU G 99 10.93 76.88 53.74
C LEU G 99 11.00 77.90 52.61
N PRO G 100 11.61 77.57 51.45
CA PRO G 100 11.53 78.45 50.27
C PRO G 100 10.26 78.19 49.46
N GLY G 101 9.13 78.08 50.15
CA GLY G 101 7.88 77.74 49.50
C GLY G 101 6.85 77.31 50.54
N ALA G 102 5.81 76.64 50.04
CA ALA G 102 4.71 76.18 50.89
C ALA G 102 4.81 74.71 51.24
N VAL G 103 5.10 73.84 50.27
CA VAL G 103 5.20 72.42 50.53
C VAL G 103 6.40 72.05 51.39
N HIS G 104 7.34 72.99 51.58
CA HIS G 104 8.51 72.76 52.41
C HIS G 104 8.31 73.24 53.84
N GLU G 105 7.09 73.20 54.36
CA GLU G 105 6.79 73.62 55.73
C GLU G 105 6.63 72.42 56.65
N VAL G 106 7.46 71.40 56.47
CA VAL G 106 7.36 70.16 57.21
C VAL G 106 8.53 70.03 58.17
N SER G 107 8.54 68.97 58.98
CA SER G 107 9.46 68.83 60.10
C SER G 107 10.45 67.67 59.91
N SER G 108 10.81 67.36 58.67
CA SER G 108 11.77 66.32 58.30
C SER G 108 11.40 64.94 58.83
N LEU G 109 10.20 64.80 59.39
CA LEU G 109 9.65 63.50 59.75
C LEU G 109 8.44 63.15 58.91
N ALA G 110 7.57 64.13 58.64
CA ALA G 110 6.56 64.02 57.61
C ALA G 110 7.05 64.52 56.27
N ALA G 111 8.33 64.91 56.17
CA ALA G 111 8.86 65.44 54.92
C ALA G 111 8.91 64.39 53.83
N HIS G 112 9.16 63.12 54.20
CA HIS G 112 9.33 62.10 53.19
C HIS G 112 8.07 61.93 52.34
N ASP G 113 6.93 61.73 52.99
CA ASP G 113 5.68 61.53 52.25
C ASP G 113 5.27 62.80 51.50
N VAL G 114 5.40 63.95 52.16
CA VAL G 114 4.99 65.20 51.54
C VAL G 114 5.79 65.46 50.27
N ALA G 115 7.10 65.22 50.32
CA ALA G 115 7.96 65.52 49.20
C ALA G 115 8.10 64.38 48.20
N VAL G 116 7.62 63.18 48.51
CA VAL G 116 7.41 62.21 47.43
C VAL G 116 6.12 62.51 46.71
N LYS G 117 5.13 63.07 47.42
CA LYS G 117 3.93 63.55 46.74
C LYS G 117 4.25 64.76 45.85
N SER G 118 5.12 65.65 46.33
CA SER G 118 5.48 66.82 45.54
C SER G 118 6.24 66.44 44.28
N GLY G 119 7.17 65.49 44.39
CA GLY G 119 7.95 65.04 43.25
C GLY G 119 9.43 65.30 43.33
N ALA G 120 9.93 65.90 44.42
CA ALA G 120 11.36 66.15 44.54
C ALA G 120 12.13 64.86 44.76
N LEU G 121 11.63 64.01 45.66
CA LEU G 121 12.28 62.73 45.93
C LEU G 121 12.38 61.87 44.69
N ALA G 122 11.41 61.98 43.78
CA ALA G 122 11.50 61.24 42.53
C ALA G 122 12.71 61.66 41.70
N GLN G 123 12.94 62.97 41.60
CA GLN G 123 14.10 63.45 40.85
C GLN G 123 15.41 63.06 41.52
N ILE G 124 15.47 63.20 42.85
CA ILE G 124 16.69 62.81 43.56
C ILE G 124 16.94 61.32 43.38
N LEU G 125 15.87 60.52 43.40
CA LEU G 125 16.02 59.08 43.19
C LEU G 125 16.48 58.76 41.77
N ILE G 126 15.98 59.51 40.78
CA ILE G 126 16.42 59.29 39.40
C ILE G 126 17.92 59.53 39.27
N TRP G 127 18.39 60.66 39.79
CA TRP G 127 19.80 60.98 39.66
C TRP G 127 20.66 60.04 40.52
N THR G 128 20.16 59.66 41.70
CA THR G 128 20.86 58.70 42.53
C THR G 128 20.96 57.34 41.84
N SER G 129 19.89 56.92 41.15
CA SER G 129 19.91 55.68 40.41
C SER G 129 20.91 55.73 39.27
N ILE G 130 20.99 56.86 38.56
CA ILE G 130 21.99 57.00 37.51
C ILE G 130 23.39 56.87 38.10
N ALA G 131 23.65 57.58 39.19
CA ALA G 131 24.97 57.54 39.82
C ALA G 131 25.31 56.13 40.30
N GLU G 132 24.34 55.43 40.88
CA GLU G 132 24.59 54.09 41.39
C GLU G 132 24.78 53.09 40.27
N ALA G 133 24.02 53.22 39.18
CA ALA G 133 24.22 52.35 38.03
C ALA G 133 25.60 52.54 37.44
N ILE G 134 26.09 53.78 37.40
CA ILE G 134 27.48 54.00 37.02
C ILE G 134 28.41 53.38 38.06
N SER G 135 28.01 53.40 39.32
CA SER G 135 28.85 52.87 40.40
C SER G 135 29.00 51.36 40.35
N VAL G 136 28.08 50.66 39.70
CA VAL G 136 28.22 49.23 39.55
C VAL G 136 29.48 48.95 38.75
N ILE G 137 29.65 49.65 37.64
CA ILE G 137 30.82 49.46 36.79
C ILE G 137 32.09 49.88 37.53
N ALA G 138 32.00 50.95 38.32
CA ALA G 138 33.14 51.36 39.14
C ALA G 138 33.52 50.28 40.14
N ILE G 139 32.53 49.69 40.81
CA ILE G 139 32.78 48.58 41.71
C ILE G 139 33.23 47.34 40.95
N SER G 140 32.70 47.14 39.74
CA SER G 140 33.11 45.99 38.93
C SER G 140 34.44 46.19 38.23
N GLN G 141 34.87 47.44 38.02
CA GLN G 141 36.19 47.65 37.43
C GLN G 141 37.29 47.40 38.46
N MET G 142 37.06 47.81 39.70
CA MET G 142 37.79 47.23 40.82
C MET G 142 37.21 45.83 41.10
N LEU G 143 37.82 45.12 42.05
CA LEU G 143 37.48 43.72 42.31
C LEU G 143 37.80 42.85 41.10
N GLU G 144 38.32 43.48 40.05
CA GLU G 144 38.64 42.82 38.79
C GLU G 144 40.02 43.21 38.26
N GLY G 145 40.56 44.35 38.68
CA GLY G 145 41.83 44.84 38.20
C GLY G 145 41.89 46.34 38.40
N SER G 146 42.31 47.07 37.38
CA SER G 146 42.35 48.54 37.38
C SER G 146 43.16 49.00 38.59
N GLY G 147 42.88 50.20 39.09
CA GLY G 147 43.59 50.71 40.25
C GLY G 147 42.72 51.55 41.17
N ARG G 148 41.41 51.52 40.95
CA ARG G 148 40.51 52.38 41.70
C ARG G 148 40.44 51.94 43.16
N GLN G 149 40.81 52.84 44.06
CA GLN G 149 40.67 52.57 45.48
C GLN G 149 39.20 52.62 45.88
N PRO G 150 38.79 51.87 46.90
CA PRO G 150 37.39 51.90 47.32
C PRO G 150 36.94 53.29 47.70
N GLY G 151 35.75 53.67 47.23
CA GLY G 151 35.20 54.98 47.51
C GLY G 151 35.80 56.12 46.72
N ASP G 152 36.73 55.84 45.81
CA ASP G 152 37.39 56.88 45.04
C ASP G 152 36.59 57.17 43.78
N PHE G 153 36.22 58.43 43.59
CA PHE G 153 35.53 58.88 42.38
C PHE G 153 36.25 60.02 41.70
N LYS G 154 37.47 60.34 42.13
CA LYS G 154 38.27 61.42 41.55
C LYS G 154 37.53 62.76 41.61
N PHE G 155 36.76 62.96 42.68
CA PHE G 155 36.00 64.19 42.87
C PHE G 155 36.72 65.04 43.92
N ASP G 156 37.68 65.83 43.47
CA ASP G 156 38.34 66.83 44.29
C ASP G 156 38.46 68.12 43.50
N PRO G 157 37.33 68.75 43.16
CA PRO G 157 37.40 69.97 42.33
C PRO G 157 38.13 71.11 43.00
N LEU G 158 38.02 71.25 44.32
CA LEU G 158 38.68 72.32 45.04
C LEU G 158 40.07 71.93 45.55
N ASN G 159 40.48 70.68 45.34
CA ASN G 159 41.82 70.20 45.70
C ASN G 159 42.11 70.43 47.18
N PHE G 160 41.19 69.97 48.04
CA PHE G 160 41.42 70.07 49.47
C PHE G 160 42.55 69.15 49.93
N ALA G 161 42.75 68.04 49.25
CA ALA G 161 43.86 67.13 49.52
C ALA G 161 44.93 67.32 48.47
N LYS G 162 46.19 67.44 48.91
CA LYS G 162 47.30 67.73 48.02
C LYS G 162 48.22 66.54 47.81
N ASP G 163 48.75 65.97 48.89
CA ASP G 163 49.69 64.86 48.82
C ASP G 163 49.07 63.61 49.44
N GLU G 164 49.87 62.54 49.50
CA GLU G 164 49.41 61.29 50.07
C GLU G 164 49.10 61.43 51.56
N LYS G 165 49.96 62.13 52.30
CA LYS G 165 49.76 62.27 53.74
C LYS G 165 48.46 62.97 54.05
N SER G 166 48.16 64.07 53.33
CA SER G 166 46.88 64.73 53.49
C SER G 166 45.74 63.82 53.06
N LEU G 167 45.94 63.06 51.98
CA LEU G 167 44.89 62.16 51.50
C LEU G 167 44.58 61.09 52.54
N LYS G 168 45.61 60.49 53.13
CA LYS G 168 45.38 59.46 54.14
C LYS G 168 44.74 60.04 55.40
N LYS G 169 45.26 61.19 55.85
CA LYS G 169 44.71 61.83 57.05
C LYS G 169 43.24 62.16 56.86
N MET G 170 42.88 62.72 55.69
CA MET G 170 41.51 63.12 55.47
C MET G 170 40.61 61.94 55.11
N GLN G 171 41.17 60.84 54.59
CA GLN G 171 40.38 59.62 54.46
C GLN G 171 39.99 59.07 55.83
N LEU G 172 40.96 59.03 56.75
CA LEU G 172 40.65 58.61 58.11
C LEU G 172 39.63 59.54 58.75
N SER G 173 39.80 60.85 58.56
CA SER G 173 38.86 61.82 59.11
C SER G 173 37.47 61.63 58.52
N GLU G 174 37.37 61.44 57.20
CA GLU G 174 36.08 61.25 56.55
C GLU G 174 35.39 60.01 57.06
N LEU G 175 36.13 58.91 57.22
CA LEU G 175 35.50 57.68 57.68
C LEU G 175 35.06 57.77 59.14
N LYS G 176 35.86 58.42 59.98
CA LYS G 176 35.45 58.62 61.38
C LYS G 176 34.20 59.49 61.45
N ASN G 177 34.19 60.59 60.70
CA ASN G 177 33.01 61.45 60.67
C ASN G 177 31.80 60.71 60.12
N GLY G 178 32.00 59.85 59.12
CA GLY G 178 30.89 59.11 58.56
C GLY G 178 30.32 58.08 59.50
N ARG G 179 31.17 57.39 60.26
CA ARG G 179 30.67 56.47 61.28
C ARG G 179 29.90 57.21 62.36
N LEU G 180 30.46 58.34 62.82
CA LEU G 180 29.75 59.16 63.81
C LEU G 180 28.42 59.63 63.25
N ALA G 181 28.38 59.99 61.96
CA ALA G 181 27.14 60.45 61.35
C ALA G 181 26.14 59.32 61.18
N MET G 182 26.61 58.11 60.89
CA MET G 182 25.71 56.96 60.86
C MET G 182 25.02 56.78 62.19
N LEU G 183 25.81 56.73 63.27
CA LEU G 183 25.22 56.55 64.60
C LEU G 183 24.32 57.72 64.97
N ALA G 184 24.73 58.94 64.61
CA ALA G 184 23.96 60.12 64.96
C ALA G 184 22.63 60.15 64.22
N PHE G 185 22.61 59.81 62.93
CA PHE G 185 21.36 59.78 62.19
C PHE G 185 20.46 58.67 62.70
N SER G 186 21.03 57.52 63.04
CA SER G 186 20.24 56.47 63.67
C SER G 186 19.54 56.99 64.93
N GLY G 187 20.31 57.66 65.79
CA GLY G 187 19.72 58.25 66.98
C GLY G 187 18.67 59.29 66.66
N ILE G 188 18.92 60.11 65.65
CA ILE G 188 17.99 61.19 65.30
C ILE G 188 16.66 60.61 64.86
N VAL G 189 16.68 59.60 63.99
CA VAL G 189 15.42 59.06 63.50
C VAL G 189 14.71 58.29 64.60
N THR G 190 15.45 57.51 65.40
CA THR G 190 14.80 56.75 66.46
C THR G 190 14.18 57.67 67.50
N GLN G 191 14.85 58.76 67.84
CA GLN G 191 14.28 59.69 68.82
C GLN G 191 13.13 60.48 68.23
N ALA G 192 13.27 61.00 67.01
CA ALA G 192 12.22 61.77 66.38
C ALA G 192 11.02 60.92 65.99
N ALA G 193 11.14 59.60 66.02
CA ALA G 193 9.98 58.73 65.90
C ALA G 193 9.45 58.27 67.25
N LEU G 194 10.30 58.21 68.27
CA LEU G 194 9.83 57.91 69.63
C LEU G 194 9.13 59.10 70.28
N THR G 195 9.23 60.29 69.69
CA THR G 195 8.56 61.47 70.21
C THR G 195 8.44 62.49 69.07
N GLY G 196 7.89 63.65 69.38
CA GLY G 196 7.84 64.74 68.43
C GLY G 196 8.45 65.99 69.02
N HIS G 197 9.56 66.46 68.45
CA HIS G 197 10.31 67.55 69.05
C HIS G 197 11.21 68.18 67.99
N ALA G 198 12.16 68.98 68.46
CA ALA G 198 13.13 69.71 67.66
C ALA G 198 14.52 69.16 67.97
N PHE G 199 15.55 69.88 67.51
CA PHE G 199 16.95 69.47 67.50
C PHE G 199 17.39 68.61 68.68
N PRO G 200 17.00 68.90 69.92
CA PRO G 200 17.32 67.95 71.00
C PRO G 200 16.79 66.55 70.76
N TYR G 201 15.58 66.43 70.21
CA TYR G 201 14.95 65.14 69.92
C TYR G 201 14.87 64.22 71.14
N LEU H 39 0.71 -9.01 -68.97
CA LEU H 39 1.22 -9.86 -70.05
C LEU H 39 2.74 -9.93 -70.01
N ASP H 40 3.27 -10.09 -68.80
CA ASP H 40 4.71 -10.12 -68.53
C ASP H 40 4.96 -11.10 -67.41
N GLY H 41 6.12 -11.00 -66.77
CA GLY H 41 6.36 -11.68 -65.52
C GLY H 41 5.72 -10.96 -64.35
N MET H 42 4.79 -10.05 -64.66
CA MET H 42 4.10 -9.28 -63.63
C MET H 42 3.20 -10.18 -62.79
N ILE H 43 2.93 -9.72 -61.58
CA ILE H 43 2.04 -10.43 -60.67
C ILE H 43 0.60 -10.22 -61.10
N GLY H 44 -0.22 -11.25 -60.99
CA GLY H 44 -1.62 -11.14 -61.34
C GLY H 44 -2.10 -12.16 -62.34
N SER H 45 -1.21 -13.09 -62.71
CA SER H 45 -1.54 -14.14 -63.65
C SER H 45 -2.07 -15.36 -62.90
N SER H 46 -3.33 -15.70 -63.14
CA SER H 46 -4.00 -16.78 -62.43
C SER H 46 -4.31 -17.93 -63.40
N ALA H 47 -4.81 -19.02 -62.84
CA ALA H 47 -5.03 -20.24 -63.61
C ALA H 47 -6.03 -20.09 -64.76
N PRO H 48 -7.23 -19.51 -64.57
CA PRO H 48 -8.23 -19.56 -65.65
C PRO H 48 -7.73 -18.95 -66.95
N PHE H 49 -7.00 -17.84 -66.88
CA PHE H 49 -6.49 -17.18 -68.08
C PHE H 49 -5.14 -16.56 -67.69
N LYS H 50 -4.06 -17.30 -67.94
CA LYS H 50 -2.73 -16.81 -67.63
C LYS H 50 -2.32 -15.73 -68.61
N ASN H 51 -1.81 -14.61 -68.09
CA ASN H 51 -1.40 -13.46 -68.89
C ASN H 51 -2.53 -13.02 -69.82
N PHE H 52 -3.64 -12.64 -69.20
CA PHE H 52 -4.89 -12.36 -69.91
C PHE H 52 -4.78 -11.00 -70.60
N ASP H 53 -4.31 -11.01 -71.85
CA ASP H 53 -4.31 -9.83 -72.71
C ASP H 53 -4.81 -10.22 -74.09
N PRO H 54 -6.10 -10.58 -74.21
CA PRO H 54 -6.62 -10.99 -75.52
C PRO H 54 -6.53 -9.92 -76.59
N LEU H 55 -6.67 -8.65 -76.21
CA LEU H 55 -6.61 -7.55 -77.16
C LEU H 55 -5.21 -6.98 -77.33
N GLY H 56 -4.21 -7.54 -76.66
CA GLY H 56 -2.84 -7.13 -76.86
C GLY H 56 -2.54 -5.70 -76.46
N PHE H 57 -3.13 -5.25 -75.34
CA PHE H 57 -2.83 -3.90 -74.86
C PHE H 57 -1.41 -3.80 -74.33
N ALA H 58 -0.86 -4.89 -73.79
CA ALA H 58 0.45 -4.89 -73.17
C ALA H 58 1.56 -5.37 -74.09
N ALA H 59 1.23 -6.02 -75.20
CA ALA H 59 2.24 -6.55 -76.09
C ALA H 59 3.08 -5.44 -76.74
N LYS H 60 2.52 -4.24 -76.86
CA LYS H 60 3.22 -3.13 -77.49
C LYS H 60 3.65 -2.04 -76.50
N ALA H 61 3.06 -2.00 -75.31
CA ALA H 61 3.37 -0.96 -74.34
C ALA H 61 4.74 -1.18 -73.73
N ASP H 62 5.39 -0.08 -73.35
CA ASP H 62 6.68 -0.13 -72.67
C ASP H 62 6.45 -0.36 -71.18
N GLN H 63 7.52 -0.30 -70.39
CA GLN H 63 7.40 -0.56 -68.96
C GLN H 63 6.63 0.54 -68.24
N LYS H 64 6.80 1.79 -68.67
CA LYS H 64 6.10 2.89 -68.01
C LYS H 64 4.59 2.79 -68.21
N THR H 65 4.15 2.49 -69.44
CA THR H 65 2.72 2.34 -69.70
C THR H 65 2.16 1.15 -68.93
N LEU H 66 2.93 0.08 -68.80
CA LEU H 66 2.46 -1.07 -68.04
C LEU H 66 2.37 -0.77 -66.55
N ASN H 67 3.31 0.02 -66.03
CA ASN H 67 3.21 0.46 -64.65
C ASN H 67 1.97 1.32 -64.45
N LYS H 68 1.67 2.20 -65.41
CA LYS H 68 0.45 3.00 -65.34
C LYS H 68 -0.79 2.11 -65.36
N TYR H 69 -0.79 1.08 -66.21
CA TYR H 69 -1.92 0.17 -66.29
C TYR H 69 -2.12 -0.57 -64.98
N ARG H 70 -1.02 -1.03 -64.37
CA ARG H 70 -1.12 -1.73 -63.09
C ARG H 70 -1.63 -0.80 -61.99
N GLU H 71 -1.16 0.45 -61.98
CA GLU H 71 -1.65 1.43 -61.02
C GLU H 71 -3.15 1.63 -61.18
N SER H 72 -3.60 1.82 -62.42
CA SER H 72 -5.02 2.02 -62.67
C SER H 72 -5.83 0.80 -62.23
N GLU H 73 -5.35 -0.40 -62.57
CA GLU H 73 -6.07 -1.62 -62.21
C GLU H 73 -6.18 -1.76 -60.69
N LEU H 74 -5.09 -1.52 -59.97
CA LEU H 74 -5.12 -1.70 -58.52
C LEU H 74 -6.00 -0.64 -57.87
N LYS H 75 -5.92 0.61 -58.33
CA LYS H 75 -6.78 1.65 -57.78
C LYS H 75 -8.26 1.34 -58.05
N HIS H 76 -8.58 0.92 -59.27
CA HIS H 76 -9.95 0.55 -59.59
C HIS H 76 -10.42 -0.61 -58.73
N GLY H 77 -9.57 -1.61 -58.55
CA GLY H 77 -9.97 -2.77 -57.75
C GLY H 77 -10.24 -2.41 -56.31
N ARG H 78 -9.35 -1.59 -55.70
CA ARG H 78 -9.54 -1.21 -54.31
C ARG H 78 -10.79 -0.35 -54.15
N VAL H 79 -10.98 0.63 -55.04
CA VAL H 79 -12.17 1.47 -54.97
C VAL H 79 -13.42 0.63 -55.16
N ALA H 80 -13.36 -0.39 -56.03
CA ALA H 80 -14.53 -1.21 -56.29
C ALA H 80 -14.85 -2.13 -55.13
N MET H 81 -13.82 -2.68 -54.47
CA MET H 81 -14.06 -3.46 -53.26
C MET H 81 -14.74 -2.61 -52.20
N LEU H 82 -14.22 -1.40 -51.98
CA LEU H 82 -14.87 -0.51 -51.03
C LEU H 82 -16.30 -0.19 -51.45
N ALA H 83 -16.51 0.03 -52.75
CA ALA H 83 -17.84 0.40 -53.24
C ALA H 83 -18.84 -0.74 -53.08
N VAL H 84 -18.43 -1.97 -53.36
CA VAL H 84 -19.33 -3.11 -53.20
C VAL H 84 -19.68 -3.31 -51.75
N LEU H 85 -18.67 -3.30 -50.86
CA LEU H 85 -18.95 -3.46 -49.44
C LEU H 85 -19.87 -2.36 -48.93
N GLY H 86 -19.62 -1.12 -49.34
CA GLY H 86 -20.48 -0.03 -48.93
C GLY H 86 -21.89 -0.17 -49.49
N TRP H 87 -22.01 -0.59 -50.74
CA TRP H 87 -23.33 -0.80 -51.33
C TRP H 87 -24.16 -1.74 -50.48
N ILE H 88 -23.61 -2.92 -50.18
CA ILE H 88 -24.38 -3.91 -49.43
C ILE H 88 -24.66 -3.40 -48.01
N VAL H 89 -23.61 -2.95 -47.30
CA VAL H 89 -23.78 -2.58 -45.91
C VAL H 89 -24.76 -1.42 -45.77
N GLN H 90 -24.62 -0.40 -46.62
CA GLN H 90 -25.58 0.69 -46.65
C GLN H 90 -26.99 0.17 -46.89
N GLU H 91 -27.13 -0.83 -47.77
CA GLU H 91 -28.47 -1.36 -48.02
C GLU H 91 -29.09 -1.95 -46.76
N PHE H 92 -28.33 -2.73 -46.00
CA PHE H 92 -28.93 -3.33 -44.81
C PHE H 92 -28.47 -2.68 -43.49
N TRP H 93 -27.73 -1.57 -43.54
CA TRP H 93 -27.37 -0.86 -42.32
C TRP H 93 -26.92 0.55 -42.66
N HIS H 94 -27.67 1.56 -42.22
CA HIS H 94 -27.27 2.97 -42.37
C HIS H 94 -27.48 3.69 -41.05
N PRO H 95 -26.67 3.39 -40.04
CA PRO H 95 -26.85 4.02 -38.72
C PRO H 95 -26.66 5.52 -38.73
N LEU H 96 -25.79 6.05 -39.58
CA LEU H 96 -25.45 7.46 -39.56
C LEU H 96 -26.61 8.29 -40.10
N TYR H 97 -26.51 9.61 -39.86
CA TYR H 97 -27.50 10.59 -40.33
C TYR H 97 -28.87 10.33 -39.72
N ASP H 98 -28.90 9.78 -38.50
CA ASP H 98 -30.13 9.51 -37.77
C ASP H 98 -31.13 8.74 -38.63
N GLY H 99 -30.68 7.57 -39.08
CA GLY H 99 -31.46 6.86 -40.08
C GLY H 99 -31.51 7.69 -41.35
N LYS H 100 -32.70 7.80 -41.92
CA LYS H 100 -32.94 8.57 -43.15
C LYS H 100 -31.95 8.05 -44.21
N LEU H 101 -31.60 8.89 -45.18
CA LEU H 101 -30.57 8.56 -46.16
C LEU H 101 -30.87 7.22 -46.82
N SER H 102 -31.96 7.23 -47.60
CA SER H 102 -32.63 6.02 -48.08
C SER H 102 -31.65 4.92 -48.45
N SER H 103 -31.98 3.70 -48.02
CA SER H 103 -31.04 2.58 -48.09
C SER H 103 -30.63 2.25 -49.52
N ASN H 104 -31.39 2.67 -50.50
CA ASN H 104 -31.03 2.43 -51.90
C ASN H 104 -29.88 3.35 -52.28
N PRO H 105 -28.72 2.81 -52.68
CA PRO H 105 -27.66 3.67 -53.20
C PRO H 105 -28.10 4.32 -54.51
N LEU H 106 -27.32 5.33 -54.92
CA LEU H 106 -27.64 6.19 -56.05
C LEU H 106 -28.85 7.08 -55.73
N LYS H 107 -29.44 6.86 -54.56
CA LYS H 107 -30.43 7.76 -54.00
C LYS H 107 -29.91 8.49 -52.77
N ALA H 108 -29.17 7.80 -51.91
CA ALA H 108 -28.44 8.47 -50.84
C ALA H 108 -27.29 9.30 -51.37
N LEU H 109 -26.87 9.06 -52.62
CA LEU H 109 -25.85 9.89 -53.24
C LEU H 109 -26.30 11.34 -53.35
N THR H 110 -27.60 11.57 -53.52
CA THR H 110 -28.16 12.91 -53.61
C THR H 110 -28.81 13.36 -52.31
N GLU H 111 -28.55 12.67 -51.19
CA GLU H 111 -29.11 13.03 -49.90
C GLU H 111 -28.07 13.39 -48.86
N VAL H 112 -26.80 13.08 -49.08
CA VAL H 112 -25.74 13.47 -48.14
C VAL H 112 -25.67 15.00 -48.10
N PRO H 113 -25.43 15.62 -46.92
CA PRO H 113 -25.53 17.09 -46.81
C PRO H 113 -24.75 17.92 -47.81
N LEU H 114 -23.91 17.27 -48.63
CA LEU H 114 -23.16 17.92 -49.70
C LEU H 114 -22.02 18.76 -49.13
N ILE H 115 -22.00 18.92 -47.80
CA ILE H 115 -20.81 19.40 -47.11
C ILE H 115 -20.03 18.23 -46.52
N GLY H 116 -20.67 17.07 -46.33
CA GLY H 116 -19.93 15.85 -46.08
C GLY H 116 -19.34 15.25 -47.34
N TRP H 117 -19.96 15.51 -48.49
CA TRP H 117 -19.35 15.13 -49.76
C TRP H 117 -18.03 15.85 -49.98
N ALA H 118 -18.00 17.14 -49.65
CA ALA H 118 -16.78 17.93 -49.84
C ALA H 118 -15.64 17.40 -49.00
N GLN H 119 -15.93 17.01 -47.76
CA GLN H 119 -14.88 16.50 -46.87
C GLN H 119 -14.34 15.16 -47.35
N ILE H 120 -15.23 14.28 -47.83
CA ILE H 120 -14.78 13.01 -48.41
C ILE H 120 -13.91 13.27 -49.63
N PHE H 121 -14.34 14.21 -50.48
CA PHE H 121 -13.56 14.55 -51.68
C PHE H 121 -12.19 15.08 -51.29
N VAL H 122 -12.13 15.96 -50.30
CA VAL H 122 -10.85 16.54 -49.88
C VAL H 122 -9.95 15.48 -49.26
N ALA H 123 -10.53 14.55 -48.50
CA ALA H 123 -9.73 13.48 -47.91
C ALA H 123 -9.15 12.57 -48.99
N ILE H 124 -9.97 12.20 -49.98
CA ILE H 124 -9.46 11.38 -51.08
C ILE H 124 -8.37 12.13 -51.82
N ASN H 125 -8.55 13.44 -52.00
CA ASN H 125 -7.56 14.25 -52.69
C ASN H 125 -6.24 14.30 -51.94
N VAL H 126 -6.30 14.48 -50.63
CA VAL H 126 -5.07 14.50 -49.82
C VAL H 126 -4.39 13.14 -49.86
N ILE H 127 -5.19 12.06 -49.80
CA ILE H 127 -4.62 10.72 -49.88
C ILE H 127 -3.89 10.52 -51.20
N GLU H 128 -4.48 10.98 -52.30
CA GLU H 128 -3.84 10.79 -53.59
C GLU H 128 -2.67 11.74 -53.81
N TYR H 129 -2.68 12.90 -53.16
CA TYR H 129 -1.48 13.73 -53.12
C TYR H 129 -0.34 13.02 -52.41
N LEU H 130 -0.65 12.35 -51.29
CA LEU H 130 0.36 11.57 -50.59
C LEU H 130 0.84 10.41 -51.46
N GLN H 131 -0.07 9.77 -52.19
CA GLN H 131 0.33 8.70 -53.10
C GLN H 131 1.23 9.21 -54.20
N ASN H 132 0.94 10.40 -54.74
CA ASN H 132 1.81 11.01 -55.73
C ASN H 132 3.20 11.26 -55.16
N LYS H 133 3.26 11.75 -53.92
CA LYS H 133 4.55 11.95 -53.27
C LYS H 133 5.29 10.63 -53.09
N ILE H 134 4.55 9.55 -52.77
CA ILE H 134 5.15 8.23 -52.64
C ILE H 134 5.73 7.78 -53.97
N LYS H 135 5.05 8.08 -55.07
CA LYS H 135 5.45 7.58 -56.38
C LYS H 135 6.85 8.01 -56.79
N GLU H 136 7.38 9.08 -56.20
CA GLU H 136 8.74 9.52 -56.52
C GLU H 136 9.78 8.97 -55.56
N LEU H 137 9.39 8.17 -54.58
CA LEU H 137 10.37 7.56 -53.70
C LEU H 137 11.17 6.52 -54.49
N PRO H 138 12.47 6.39 -54.22
CA PRO H 138 13.29 5.44 -54.99
C PRO H 138 12.81 4.01 -54.82
N GLY H 139 12.89 3.24 -55.90
CA GLY H 139 12.45 1.86 -55.89
C GLY H 139 10.95 1.67 -55.87
N TYR H 140 10.19 2.69 -56.27
CA TYR H 140 8.74 2.61 -56.21
C TYR H 140 8.21 1.56 -57.18
N ARG H 141 7.21 0.80 -56.73
CA ARG H 141 6.51 -0.18 -57.52
C ARG H 141 5.09 0.31 -57.80
N PRO H 142 4.49 -0.06 -58.95
CA PRO H 142 3.27 0.61 -59.43
C PRO H 142 2.17 0.79 -58.38
N GLY H 143 1.66 -0.30 -57.83
CA GLY H 143 0.58 -0.21 -56.87
C GLY H 143 1.02 -0.22 -55.41
N ASP H 144 2.32 -0.24 -55.15
CA ASP H 144 2.84 -0.41 -53.79
C ASP H 144 2.94 0.95 -53.13
N TYR H 145 1.95 1.28 -52.29
CA TYR H 145 1.99 2.50 -51.49
C TYR H 145 2.43 2.24 -50.06
N LEU H 146 2.57 0.98 -49.67
CA LEU H 146 3.13 0.63 -48.37
C LEU H 146 4.65 0.57 -48.40
N GLY H 147 5.27 0.63 -49.58
CA GLY H 147 6.70 0.52 -49.69
C GLY H 147 7.25 -0.85 -49.34
N THR H 148 6.55 -1.90 -49.76
CA THR H 148 6.99 -3.26 -49.46
C THR H 148 8.30 -3.62 -50.16
N TRP H 149 8.70 -2.85 -51.17
CA TRP H 149 9.98 -3.09 -51.82
C TRP H 149 11.14 -2.87 -50.86
N GLU H 150 10.93 -2.11 -49.79
CA GLU H 150 11.98 -1.93 -48.79
C GLU H 150 12.34 -3.24 -48.10
N TRP H 151 11.33 -4.04 -47.76
CA TRP H 151 11.55 -5.32 -47.10
C TRP H 151 11.57 -6.50 -48.06
N VAL H 152 10.78 -6.45 -49.12
CA VAL H 152 10.61 -7.60 -50.01
C VAL H 152 11.59 -7.43 -51.16
N GLU H 153 12.78 -7.99 -50.99
CA GLU H 153 13.70 -8.27 -52.07
C GLU H 153 13.75 -9.78 -52.25
N GLN H 154 13.74 -10.24 -53.51
CA GLN H 154 13.59 -11.65 -53.83
C GLN H 154 12.26 -12.18 -53.27
N SER H 155 11.19 -11.68 -53.87
CA SER H 155 9.84 -12.04 -53.45
C SER H 155 9.64 -13.55 -53.47
N ASP H 156 8.76 -14.02 -52.59
CA ASP H 156 8.44 -15.44 -52.47
C ASP H 156 7.26 -15.78 -53.37
N GLU H 157 6.77 -17.01 -53.26
CA GLU H 157 5.52 -17.37 -53.95
C GLU H 157 4.31 -16.98 -53.13
N GLY H 158 4.44 -16.92 -51.81
CA GLY H 158 3.33 -16.47 -50.98
C GLY H 158 3.01 -14.99 -51.19
N TRP H 159 4.05 -14.16 -51.32
CA TRP H 159 3.83 -12.73 -51.57
C TRP H 159 3.18 -12.51 -52.93
N ASP H 160 3.68 -13.19 -53.96
CA ASP H 160 3.07 -13.08 -55.28
C ASP H 160 1.64 -13.60 -55.27
N SER H 161 1.40 -14.70 -54.56
CA SER H 161 0.05 -15.25 -54.48
C SER H 161 -0.90 -14.30 -53.77
N TYR H 162 -0.43 -13.63 -52.72
CA TYR H 162 -1.30 -12.68 -52.02
C TYR H 162 -1.58 -11.44 -52.87
N GLN H 163 -0.57 -10.96 -53.61
CA GLN H 163 -0.81 -9.85 -54.52
C GLN H 163 -1.80 -10.23 -55.60
N THR H 164 -1.69 -11.46 -56.13
CA THR H 164 -2.64 -11.94 -57.11
C THR H 164 -4.04 -12.07 -56.51
N LYS H 165 -4.11 -12.49 -55.24
CA LYS H 165 -5.41 -12.57 -54.56
C LYS H 165 -6.05 -11.19 -54.48
N GLU H 166 -5.27 -10.19 -54.08
CA GLU H 166 -5.80 -8.83 -54.04
C GLU H 166 -6.26 -8.38 -55.41
N LEU H 167 -5.46 -8.64 -56.44
CA LEU H 167 -5.82 -8.22 -57.80
C LEU H 167 -7.10 -8.90 -58.27
N ASN H 168 -7.22 -10.20 -58.02
CA ASN H 168 -8.40 -10.93 -58.49
C ASN H 168 -9.65 -10.51 -57.74
N ASN H 169 -9.54 -10.29 -56.42
CA ASN H 169 -10.67 -9.78 -55.66
C ASN H 169 -11.06 -8.40 -56.15
N GLY H 170 -10.07 -7.56 -56.49
CA GLY H 170 -10.39 -6.26 -57.04
C GLY H 170 -11.10 -6.33 -58.38
N ARG H 171 -10.67 -7.26 -59.24
CA ARG H 171 -11.33 -7.42 -60.53
C ARG H 171 -12.78 -7.89 -60.36
N LEU H 172 -12.97 -8.86 -59.47
CA LEU H 172 -14.32 -9.35 -59.21
C LEU H 172 -15.19 -8.24 -58.64
N ALA H 173 -14.63 -7.41 -57.76
CA ALA H 173 -15.37 -6.29 -57.22
C ALA H 173 -15.67 -5.23 -58.27
N MET H 174 -14.75 -5.00 -59.22
CA MET H 174 -15.05 -4.08 -60.31
C MET H 174 -16.24 -4.56 -61.12
N VAL H 175 -16.24 -5.84 -61.50
CA VAL H 175 -17.37 -6.38 -62.25
C VAL H 175 -18.64 -6.28 -61.41
N ALA H 176 -18.55 -6.59 -60.12
CA ALA H 176 -19.72 -6.59 -59.25
C ALA H 176 -20.30 -5.19 -59.08
N ILE H 177 -19.44 -4.18 -58.93
CA ILE H 177 -19.94 -2.83 -58.72
C ILE H 177 -20.52 -2.26 -60.02
N ALA H 178 -19.91 -2.62 -61.16
CA ALA H 178 -20.51 -2.22 -62.43
C ALA H 178 -21.90 -2.82 -62.58
N GLY H 179 -22.03 -4.11 -62.25
CA GLY H 179 -23.34 -4.75 -62.30
C GLY H 179 -24.33 -4.14 -61.33
N LEU H 180 -23.86 -3.81 -60.12
CA LEU H 180 -24.73 -3.19 -59.13
C LEU H 180 -25.29 -1.86 -59.64
N ILE H 181 -24.41 -1.00 -60.14
CA ILE H 181 -24.85 0.31 -60.60
C ILE H 181 -25.81 0.16 -61.78
N VAL H 182 -25.48 -0.72 -62.73
CA VAL H 182 -26.33 -0.89 -63.90
C VAL H 182 -27.70 -1.43 -63.51
N GLN H 183 -27.73 -2.43 -62.63
CA GLN H 183 -29.00 -3.01 -62.19
C GLN H 183 -29.84 -1.99 -61.45
N ASP H 184 -29.22 -1.21 -60.56
CA ASP H 184 -29.97 -0.19 -59.83
C ASP H 184 -30.48 0.89 -60.76
N LEU H 185 -29.74 1.18 -61.83
CA LEU H 185 -30.20 2.19 -62.79
C LEU H 185 -31.39 1.68 -63.60
N ILE H 186 -31.30 0.46 -64.12
CA ILE H 186 -32.34 -0.01 -65.02
C ILE H 186 -33.59 -0.44 -64.25
N THR H 187 -33.42 -1.07 -63.10
CA THR H 187 -34.57 -1.59 -62.34
C THR H 187 -35.08 -0.60 -61.30
N GLY H 188 -34.19 0.10 -60.62
CA GLY H 188 -34.57 1.01 -59.57
C GLY H 188 -34.50 0.44 -58.17
N GLN H 189 -34.28 -0.87 -58.05
CA GLN H 189 -34.15 -1.52 -56.75
C GLN H 189 -32.68 -1.78 -56.44
N ALA H 190 -32.38 -1.88 -55.15
CA ALA H 190 -31.02 -2.14 -54.71
C ALA H 190 -30.73 -3.64 -54.76
N ALA H 191 -29.52 -4.02 -54.35
CA ALA H 191 -29.05 -5.40 -54.46
C ALA H 191 -29.93 -6.37 -53.68
N LEU H 192 -29.93 -6.24 -52.35
CA LEU H 192 -30.70 -7.16 -51.51
C LEU H 192 -32.20 -6.94 -51.64
N GLU H 193 -32.63 -5.81 -52.21
CA GLU H 193 -34.05 -5.60 -52.46
C GLU H 193 -34.49 -6.33 -53.73
N GLN H 194 -33.71 -6.20 -54.80
CA GLN H 194 -34.02 -6.91 -56.04
C GLN H 194 -33.93 -8.41 -55.86
N ILE H 195 -32.93 -8.88 -55.12
CA ILE H 195 -32.77 -10.31 -54.86
C ILE H 195 -33.95 -10.81 -54.03
N THR H 196 -34.36 -10.06 -53.00
CA THR H 196 -35.43 -10.51 -52.12
C THR H 196 -36.73 -10.65 -52.88
N ALA H 197 -37.08 -9.66 -53.69
CA ALA H 197 -38.32 -9.74 -54.46
C ALA H 197 -38.25 -10.86 -55.49
N GLY H 198 -37.13 -11.00 -56.17
CA GLY H 198 -36.97 -12.01 -57.19
C GLY H 198 -36.90 -11.44 -58.59
N ASN H 199 -36.45 -10.20 -58.70
CA ASN H 199 -36.33 -9.52 -60.00
C ASN H 199 -35.01 -9.94 -60.68
N THR H 200 -34.92 -11.23 -60.98
CA THR H 200 -33.73 -11.78 -61.62
C THR H 200 -34.10 -12.47 -62.93
N LYS I 6 6.38 -54.09 -15.11
CA LYS I 6 7.26 -53.29 -15.96
C LYS I 6 6.47 -52.63 -17.08
N SER I 7 5.42 -51.90 -16.71
CA SER I 7 4.59 -51.23 -17.68
C SER I 7 5.35 -50.11 -18.37
N THR I 8 4.89 -49.76 -19.57
CA THR I 8 5.52 -48.74 -20.38
C THR I 8 5.04 -47.33 -20.07
N ILE I 9 4.12 -47.18 -19.11
CA ILE I 9 3.55 -45.86 -18.81
C ILE I 9 3.84 -45.47 -17.37
N VAL I 10 4.01 -46.46 -16.49
CA VAL I 10 4.16 -46.20 -15.06
C VAL I 10 5.40 -46.91 -14.54
N ASP I 11 5.91 -46.39 -13.42
CA ASP I 11 6.98 -47.02 -12.65
C ASP I 11 6.38 -47.55 -11.35
N PHE I 12 6.70 -48.79 -11.02
CA PHE I 12 6.09 -49.46 -9.88
C PHE I 12 6.93 -49.28 -8.63
N ASN I 13 6.25 -48.92 -7.53
CA ASN I 13 6.89 -48.70 -6.24
C ASN I 13 8.08 -47.74 -6.32
N PRO I 14 7.86 -46.50 -6.78
CA PRO I 14 8.99 -45.57 -6.87
C PRO I 14 9.43 -45.03 -5.52
N VAL I 15 8.48 -44.69 -4.65
CA VAL I 15 8.77 -44.09 -3.35
C VAL I 15 8.15 -44.96 -2.28
N GLU I 16 8.93 -45.27 -1.24
CA GLU I 16 8.44 -46.08 -0.13
C GLU I 16 7.53 -45.26 0.77
N THR I 17 6.42 -45.86 1.20
CA THR I 17 5.48 -45.23 2.12
C THR I 17 6.07 -45.32 3.53
N SER I 18 6.67 -44.23 4.00
CA SER I 18 7.33 -44.22 5.31
C SER I 18 7.06 -42.89 6.00
N PHE I 19 7.06 -42.93 7.33
CA PHE I 19 6.90 -41.73 8.14
C PHE I 19 8.24 -41.09 8.51
N GLU I 20 9.35 -41.65 8.02
CA GLU I 20 10.66 -41.13 8.41
C GLU I 20 10.86 -39.69 7.97
N LYS I 21 10.45 -39.37 6.73
CA LYS I 21 10.63 -38.03 6.22
C LYS I 21 9.63 -37.04 6.80
N TRP I 22 8.54 -37.53 7.42
CA TRP I 22 7.63 -36.63 8.11
C TRP I 22 8.28 -36.00 9.32
N ALA I 23 9.25 -36.68 9.93
CA ALA I 23 9.94 -36.18 11.11
C ALA I 23 11.18 -35.38 10.78
N LYS I 24 11.44 -35.12 9.49
CA LYS I 24 12.59 -34.34 9.04
C LYS I 24 12.06 -33.19 8.20
N PRO I 25 11.61 -32.10 8.84
CA PRO I 25 11.08 -30.97 8.07
C PRO I 25 12.14 -30.39 7.14
N GLY I 26 11.69 -29.97 5.95
CA GLY I 26 12.60 -29.41 4.98
C GLY I 26 13.45 -30.42 4.24
N GLN I 27 13.08 -31.70 4.29
CA GLN I 27 13.88 -32.72 3.61
C GLN I 27 13.86 -32.54 2.10
N PHE I 28 12.82 -31.91 1.56
CA PHE I 28 12.72 -31.75 0.11
C PHE I 28 13.77 -30.80 -0.43
N SER I 29 14.13 -29.76 0.32
CA SER I 29 15.04 -28.75 -0.14
C SER I 29 16.48 -29.12 0.21
N ARG I 30 17.39 -28.86 -0.72
CA ARG I 30 18.81 -29.08 -0.45
C ARG I 30 19.33 -28.12 0.61
N THR I 31 18.80 -26.89 0.64
CA THR I 31 19.29 -25.89 1.58
C THR I 31 18.62 -26.03 2.96
N LEU I 32 17.33 -26.36 2.99
CA LEU I 32 16.61 -26.46 4.25
C LEU I 32 16.82 -27.78 4.97
N ALA I 33 17.42 -28.79 4.31
CA ALA I 33 17.55 -30.10 4.92
C ALA I 33 18.53 -30.10 6.08
N LYS I 34 19.48 -29.17 6.09
CA LYS I 34 20.48 -29.14 7.14
C LYS I 34 19.90 -28.74 8.49
N GLY I 35 18.72 -28.15 8.51
CA GLY I 35 18.08 -27.78 9.76
C GLY I 35 18.07 -26.28 9.97
N PRO I 36 17.16 -25.81 10.82
CA PRO I 36 17.05 -24.36 11.04
C PRO I 36 18.20 -23.81 11.87
N LYS I 37 18.69 -22.65 11.46
CA LYS I 37 19.61 -21.86 12.27
C LYS I 37 19.05 -20.51 12.66
N THR I 38 18.17 -19.94 11.84
CA THR I 38 17.45 -18.72 12.14
C THR I 38 15.96 -18.95 11.85
N THR I 39 15.13 -18.01 12.31
CA THR I 39 13.70 -18.12 12.06
C THR I 39 13.34 -17.98 10.59
N THR I 40 14.28 -17.51 9.75
CA THR I 40 14.03 -17.45 8.32
C THR I 40 13.82 -18.84 7.74
N TRP I 41 14.43 -19.87 8.35
CA TRP I 41 14.26 -21.24 7.87
C TRP I 41 12.81 -21.67 7.93
N ILE I 42 12.11 -21.28 9.00
CA ILE I 42 10.71 -21.66 9.15
C ILE I 42 9.87 -21.11 8.01
N TRP I 43 10.05 -19.83 7.68
CA TRP I 43 9.29 -19.23 6.60
C TRP I 43 9.70 -19.79 5.24
N ASN I 44 11.00 -20.06 5.06
CA ASN I 44 11.45 -20.67 3.81
C ASN I 44 10.90 -22.07 3.64
N LEU I 45 10.60 -22.76 4.74
CA LEU I 45 10.05 -24.10 4.66
C LEU I 45 8.69 -24.11 3.96
N HIS I 46 7.83 -23.15 4.30
CA HIS I 46 6.50 -23.11 3.69
C HIS I 46 6.51 -22.43 2.33
N ALA I 47 7.47 -21.55 2.07
CA ALA I 47 7.54 -20.86 0.79
C ALA I 47 8.05 -21.75 -0.32
N ASP I 48 8.74 -22.84 0.02
CA ASP I 48 9.30 -23.76 -0.97
C ASP I 48 8.63 -25.13 -0.95
N ALA I 49 7.53 -25.27 -0.21
CA ALA I 49 6.91 -26.60 -0.06
C ALA I 49 6.42 -27.14 -1.39
N HIS I 50 5.74 -26.32 -2.17
CA HIS I 50 5.17 -26.76 -3.44
C HIS I 50 6.00 -26.33 -4.64
N ASP I 51 7.18 -25.76 -4.42
CA ASP I 51 8.08 -25.41 -5.52
C ASP I 51 8.88 -26.66 -5.92
N PHE I 52 8.17 -27.58 -6.58
CA PHE I 52 8.76 -28.86 -6.93
C PHE I 52 9.89 -28.73 -7.94
N ASP I 53 9.98 -27.60 -8.64
CA ASP I 53 11.05 -27.42 -9.62
C ASP I 53 12.42 -27.39 -8.95
N ILE I 54 12.53 -26.76 -7.77
CA ILE I 54 13.81 -26.68 -7.08
C ILE I 54 14.07 -27.88 -6.17
N GLN I 55 13.09 -28.76 -5.98
CA GLN I 55 13.28 -29.93 -5.16
C GLN I 55 13.86 -31.11 -5.93
N THR I 56 13.59 -31.19 -7.23
CA THR I 56 14.14 -32.24 -8.07
C THR I 56 14.63 -31.63 -9.37
N ASN I 57 15.60 -32.29 -9.99
CA ASN I 57 16.15 -31.86 -11.27
C ASN I 57 15.53 -32.62 -12.45
N SER I 58 14.54 -33.46 -12.20
CA SER I 58 13.92 -34.28 -13.22
C SER I 58 12.48 -33.82 -13.44
N LEU I 59 12.12 -33.60 -14.71
CA LEU I 59 10.75 -33.22 -15.03
C LEU I 59 9.77 -34.32 -14.67
N GLN I 60 10.20 -35.58 -14.74
CA GLN I 60 9.33 -36.71 -14.38
C GLN I 60 8.88 -36.63 -12.92
N GLU I 61 9.83 -36.37 -12.02
CA GLU I 61 9.50 -36.29 -10.60
C GLU I 61 8.58 -35.12 -10.31
N VAL I 62 8.83 -33.97 -10.94
CA VAL I 62 7.96 -32.81 -10.77
C VAL I 62 6.56 -33.14 -11.26
N SER I 63 6.45 -33.81 -12.41
CA SER I 63 5.14 -34.15 -12.94
C SER I 63 4.39 -35.11 -12.01
N ARG I 64 5.10 -36.09 -11.46
CA ARG I 64 4.45 -37.03 -10.53
C ARG I 64 3.99 -36.34 -9.27
N LYS I 65 4.82 -35.43 -8.72
CA LYS I 65 4.41 -34.67 -7.54
C LYS I 65 3.19 -33.82 -7.85
N ILE I 66 3.16 -33.19 -9.03
CA ILE I 66 2.03 -32.36 -9.42
C ILE I 66 0.77 -33.20 -9.54
N PHE I 67 0.88 -34.40 -10.11
CA PHE I 67 -0.26 -35.29 -10.28
C PHE I 67 -0.85 -35.69 -8.92
N SER I 68 0.02 -36.08 -7.99
CA SER I 68 -0.46 -36.45 -6.67
C SER I 68 -1.02 -35.24 -5.91
N ALA I 69 -0.44 -34.06 -6.10
CA ALA I 69 -0.97 -32.86 -5.48
C ALA I 69 -2.35 -32.53 -6.03
N HIS I 70 -2.57 -32.75 -7.33
CA HIS I 70 -3.90 -32.58 -7.90
C HIS I 70 -4.89 -33.54 -7.25
N PHE I 71 -4.47 -34.78 -7.03
CA PHE I 71 -5.35 -35.73 -6.37
C PHE I 71 -5.69 -35.28 -4.95
N GLY I 72 -4.70 -34.79 -4.20
CA GLY I 72 -4.97 -34.28 -2.87
C GLY I 72 -5.92 -33.09 -2.88
N GLN I 73 -5.75 -32.20 -3.86
CA GLN I 73 -6.64 -31.05 -3.97
C GLN I 73 -8.07 -31.47 -4.28
N LEU I 74 -8.23 -32.44 -5.18
CA LEU I 74 -9.56 -32.93 -5.50
C LEU I 74 -10.19 -33.65 -4.32
N ALA I 75 -9.38 -34.35 -3.52
CA ALA I 75 -9.89 -34.95 -2.29
C ALA I 75 -10.37 -33.88 -1.32
N VAL I 76 -9.62 -32.78 -1.20
CA VAL I 76 -10.04 -31.67 -0.34
C VAL I 76 -11.35 -31.07 -0.85
N ILE I 77 -11.47 -30.89 -2.16
CA ILE I 77 -12.69 -30.34 -2.73
C ILE I 77 -13.88 -31.26 -2.47
N PHE I 78 -13.66 -32.57 -2.63
CA PHE I 78 -14.73 -33.53 -2.37
C PHE I 78 -15.14 -33.53 -0.90
N LEU I 79 -14.17 -33.39 0.01
CA LEU I 79 -14.49 -33.29 1.43
C LEU I 79 -15.31 -32.03 1.71
N TRP I 80 -14.95 -30.92 1.06
CA TRP I 80 -15.71 -29.68 1.23
C TRP I 80 -17.15 -29.83 0.73
N LEU I 81 -17.32 -30.46 -0.43
CA LEU I 81 -18.66 -30.68 -0.96
C LEU I 81 -19.46 -31.62 -0.07
N SER I 82 -18.81 -32.66 0.46
CA SER I 82 -19.48 -33.57 1.38
C SER I 82 -19.92 -32.84 2.64
N GLY I 83 -19.08 -31.93 3.14
CA GLY I 83 -19.48 -31.13 4.28
C GLY I 83 -20.67 -30.24 3.99
N MET I 84 -20.69 -29.64 2.80
CA MET I 84 -21.83 -28.80 2.43
C MET I 84 -23.11 -29.60 2.38
N HIS I 85 -23.05 -30.78 1.76
CA HIS I 85 -24.25 -31.63 1.66
C HIS I 85 -24.67 -32.14 3.03
N PHE I 86 -23.71 -32.47 3.89
CA PHE I 86 -24.04 -32.92 5.25
C PHE I 86 -24.70 -31.82 6.05
N HIS I 87 -24.22 -30.57 5.92
CA HIS I 87 -24.86 -29.46 6.61
C HIS I 87 -26.26 -29.23 6.07
N GLY I 88 -26.44 -29.35 4.75
CA GLY I 88 -27.78 -29.24 4.20
C GLY I 88 -28.71 -30.33 4.73
N ALA I 89 -28.16 -31.53 4.94
CA ALA I 89 -28.98 -32.64 5.41
C ALA I 89 -29.35 -32.51 6.88
N TYR I 90 -28.42 -32.04 7.71
CA TYR I 90 -28.57 -32.11 9.16
C TYR I 90 -28.82 -30.77 9.83
N PHE I 91 -28.18 -29.70 9.39
CA PHE I 91 -28.25 -28.41 10.07
C PHE I 91 -28.85 -27.35 9.18
N SER I 92 -29.90 -27.70 8.44
CA SER I 92 -30.49 -26.78 7.48
C SER I 92 -32.02 -26.87 7.54
N ASN I 93 -32.66 -25.86 6.95
CA ASN I 93 -34.11 -25.81 6.80
C ASN I 93 -34.50 -26.03 5.34
N TYR I 94 -33.80 -26.94 4.67
CA TYR I 94 -34.04 -27.15 3.25
C TYR I 94 -35.43 -27.66 2.98
N SER I 95 -35.94 -28.56 3.83
CA SER I 95 -37.29 -29.07 3.66
C SER I 95 -38.33 -27.97 3.80
N ALA I 96 -38.14 -27.08 4.78
CA ALA I 96 -39.05 -25.95 4.94
C ALA I 96 -38.92 -24.97 3.79
N TRP I 97 -37.70 -24.75 3.29
CA TRP I 97 -37.49 -23.84 2.18
C TRP I 97 -38.11 -24.38 0.89
N LEU I 98 -38.18 -25.70 0.74
CA LEU I 98 -38.78 -26.29 -0.46
C LEU I 98 -40.25 -25.93 -0.56
N THR I 99 -40.97 -25.95 0.56
CA THR I 99 -42.39 -25.66 0.57
C THR I 99 -42.70 -24.16 0.52
N ASN I 100 -41.70 -23.30 0.74
CA ASN I 100 -41.90 -21.85 0.72
C ASN I 100 -40.61 -21.18 0.27
N PRO I 101 -40.24 -21.34 -1.00
CA PRO I 101 -38.98 -20.76 -1.48
C PRO I 101 -38.96 -19.24 -1.45
N THR I 102 -40.11 -18.59 -1.61
CA THR I 102 -40.16 -17.14 -1.74
C THR I 102 -40.28 -16.43 -0.39
N SER I 103 -40.51 -17.15 0.71
CA SER I 103 -40.68 -16.54 2.01
C SER I 103 -39.75 -17.08 3.09
N THR I 104 -38.97 -18.12 2.79
CA THR I 104 -38.03 -18.69 3.74
C THR I 104 -36.60 -18.43 3.26
N LYS I 105 -35.76 -17.91 4.15
CA LYS I 105 -34.38 -17.63 3.79
C LYS I 105 -33.53 -18.89 4.00
N PRO I 106 -32.71 -19.25 3.01
CA PRO I 106 -31.91 -20.49 3.14
C PRO I 106 -30.88 -20.37 4.26
N SER I 107 -30.90 -21.35 5.16
CA SER I 107 -29.92 -21.43 6.24
C SER I 107 -29.46 -22.87 6.38
N ALA I 108 -28.14 -23.06 6.49
CA ALA I 108 -27.57 -24.40 6.59
C ALA I 108 -26.44 -24.47 7.60
N GLN I 109 -26.38 -23.56 8.56
CA GLN I 109 -25.35 -23.59 9.60
C GLN I 109 -25.94 -23.01 10.88
N ILE I 110 -26.06 -23.84 11.90
CA ILE I 110 -26.53 -23.38 13.21
C ILE I 110 -25.32 -23.16 14.10
N VAL I 111 -25.47 -22.23 15.04
CA VAL I 111 -24.36 -21.77 15.88
C VAL I 111 -24.61 -22.23 17.30
N TRP I 112 -23.59 -22.80 17.92
CA TRP I 112 -23.69 -23.29 19.28
C TRP I 112 -23.94 -22.14 20.25
N PRO I 113 -24.68 -22.37 21.33
CA PRO I 113 -24.94 -21.31 22.34
C PRO I 113 -23.81 -21.16 23.36
N ILE I 114 -22.76 -20.45 22.95
CA ILE I 114 -21.63 -20.15 23.83
C ILE I 114 -21.38 -18.65 23.78
N VAL I 115 -20.78 -18.13 24.87
CA VAL I 115 -20.38 -16.73 25.03
C VAL I 115 -21.36 -15.75 24.41
N GLY I 116 -22.65 -16.11 24.41
CA GLY I 116 -23.67 -15.23 23.86
C GLY I 116 -23.73 -15.18 22.35
N GLN I 117 -23.03 -16.07 21.65
CA GLN I 117 -22.98 -16.04 20.20
C GLN I 117 -24.25 -16.60 19.55
N GLU I 118 -25.18 -17.13 20.34
CA GLU I 118 -26.40 -17.70 19.78
C GLU I 118 -27.29 -16.66 19.13
N VAL I 119 -27.01 -15.37 19.32
CA VAL I 119 -27.72 -14.33 18.61
C VAL I 119 -27.52 -14.44 17.11
N LEU I 120 -26.43 -15.09 16.68
CA LEU I 120 -26.17 -15.26 15.26
C LEU I 120 -27.20 -16.18 14.59
N ASN I 121 -27.89 -17.00 15.36
CA ASN I 121 -28.95 -17.85 14.82
C ASN I 121 -30.14 -16.96 14.48
N ALA I 122 -30.27 -16.64 13.20
CA ALA I 122 -31.25 -15.64 12.75
C ALA I 122 -32.62 -16.27 12.56
N ASP I 123 -33.63 -15.41 12.33
CA ASP I 123 -34.98 -15.89 12.07
C ASP I 123 -35.14 -16.10 10.58
N VAL I 124 -34.49 -17.14 10.06
CA VAL I 124 -34.50 -17.46 8.64
C VAL I 124 -35.84 -18.01 8.17
N GLY I 125 -36.75 -18.32 9.08
CA GLY I 125 -38.06 -18.82 8.73
C GLY I 125 -38.10 -20.34 8.70
N GLY I 126 -39.32 -20.86 8.59
CA GLY I 126 -39.54 -22.29 8.59
C GLY I 126 -39.22 -22.96 9.91
N ASN I 127 -39.56 -22.31 11.02
CA ASN I 127 -39.26 -22.87 12.34
C ASN I 127 -37.81 -23.28 12.42
N PHE I 128 -36.92 -22.37 12.07
CA PHE I 128 -35.50 -22.66 12.08
C PHE I 128 -34.73 -21.44 12.54
N GLN I 129 -33.59 -21.70 13.19
CA GLN I 129 -32.67 -20.65 13.62
C GLN I 129 -31.27 -21.01 13.12
N GLY I 130 -30.60 -20.05 12.48
CA GLY I 130 -29.28 -20.31 11.96
C GLY I 130 -28.80 -19.14 11.14
N ILE I 131 -27.66 -19.35 10.49
CA ILE I 131 -27.03 -18.33 9.67
C ILE I 131 -27.57 -18.44 8.25
N GLN I 132 -28.03 -17.32 7.71
CA GLN I 132 -28.54 -17.31 6.34
C GLN I 132 -27.41 -17.62 5.37
N ILE I 133 -27.72 -18.47 4.39
CA ILE I 133 -26.72 -19.00 3.46
C ILE I 133 -26.85 -18.24 2.14
N THR I 134 -25.73 -17.72 1.65
CA THR I 134 -25.69 -16.97 0.40
C THR I 134 -24.94 -17.68 -0.70
N SER I 135 -24.68 -18.99 -0.54
CA SER I 135 -23.99 -19.76 -1.56
C SER I 135 -24.95 -20.40 -2.55
N GLY I 136 -26.26 -20.27 -2.35
CA GLY I 136 -27.21 -20.78 -3.32
C GLY I 136 -27.30 -22.28 -3.42
N PHE I 137 -26.91 -23.00 -2.38
CA PHE I 137 -26.97 -24.46 -2.43
C PHE I 137 -28.41 -24.96 -2.48
N PHE I 138 -29.32 -24.27 -1.79
CA PHE I 138 -30.72 -24.69 -1.78
C PHE I 138 -31.31 -24.66 -3.19
N GLN I 139 -31.05 -23.58 -3.92
CA GLN I 139 -31.53 -23.47 -5.29
C GLN I 139 -30.89 -24.52 -6.19
N LEU I 140 -29.59 -24.76 -6.02
CA LEU I 140 -28.92 -25.80 -6.82
C LEU I 140 -29.50 -27.17 -6.52
N TRP I 141 -29.73 -27.48 -5.24
CA TRP I 141 -30.30 -28.77 -4.89
C TRP I 141 -31.71 -28.93 -5.43
N ARG I 142 -32.49 -27.85 -5.40
CA ARG I 142 -33.83 -27.90 -5.98
C ARG I 142 -33.76 -28.12 -7.48
N ALA I 143 -32.81 -27.47 -8.16
CA ALA I 143 -32.64 -27.70 -9.59
C ALA I 143 -32.18 -29.11 -9.89
N GLU I 144 -31.48 -29.74 -8.95
CA GLU I 144 -31.08 -31.14 -9.11
C GLU I 144 -32.22 -32.11 -8.86
N GLY I 145 -33.37 -31.63 -8.40
CA GLY I 145 -34.47 -32.51 -8.05
C GLY I 145 -34.41 -33.09 -6.65
N ILE I 146 -33.46 -32.65 -5.83
CA ILE I 146 -33.34 -33.15 -4.47
C ILE I 146 -34.49 -32.56 -3.65
N THR I 147 -35.41 -33.42 -3.21
CA THR I 147 -36.58 -33.00 -2.47
C THR I 147 -36.60 -33.47 -1.02
N SER I 148 -35.55 -34.16 -0.57
CA SER I 148 -35.48 -34.68 0.78
C SER I 148 -34.07 -34.50 1.32
N GLU I 149 -33.98 -34.40 2.66
CA GLU I 149 -32.68 -34.30 3.31
C GLU I 149 -31.94 -35.64 3.34
N VAL I 150 -32.65 -36.74 3.13
CA VAL I 150 -31.99 -38.05 3.04
C VAL I 150 -31.08 -38.09 1.82
N GLU I 151 -31.54 -37.52 0.71
CA GLU I 151 -30.72 -37.46 -0.50
C GLU I 151 -29.48 -36.61 -0.27
N LEU I 152 -29.61 -35.52 0.49
CA LEU I 152 -28.45 -34.72 0.84
C LEU I 152 -27.46 -35.52 1.70
N TYR I 153 -27.98 -36.32 2.64
CA TYR I 153 -27.10 -37.16 3.45
C TYR I 153 -26.37 -38.18 2.59
N TRP I 154 -27.07 -38.79 1.64
CA TRP I 154 -26.42 -39.79 0.78
C TRP I 154 -25.40 -39.15 -0.15
N THR I 155 -25.69 -37.93 -0.62
CA THR I 155 -24.70 -37.21 -1.41
C THR I 155 -23.47 -36.87 -0.58
N ALA I 156 -23.67 -36.51 0.70
CA ALA I 156 -22.54 -36.26 1.57
C ALA I 156 -21.71 -37.52 1.80
N VAL I 157 -22.37 -38.67 1.98
CA VAL I 157 -21.65 -39.93 2.14
C VAL I 157 -20.86 -40.26 0.89
N GLY I 158 -21.49 -40.07 -0.28
CA GLY I 158 -20.77 -40.28 -1.53
C GLY I 158 -19.60 -39.34 -1.69
N GLY I 159 -19.74 -38.10 -1.22
CA GLY I 159 -18.64 -37.16 -1.27
C GLY I 159 -17.48 -37.58 -0.37
N LEU I 160 -17.80 -38.10 0.82
CA LEU I 160 -16.75 -38.61 1.69
C LEU I 160 -16.03 -39.80 1.05
N VAL I 161 -16.80 -40.72 0.46
CA VAL I 161 -16.19 -41.87 -0.21
C VAL I 161 -15.31 -41.41 -1.37
N ALA I 162 -15.79 -40.43 -2.15
CA ALA I 162 -15.00 -39.92 -3.26
C ALA I 162 -13.73 -39.24 -2.78
N SER I 163 -13.81 -38.49 -1.68
CA SER I 163 -12.62 -37.84 -1.14
C SER I 163 -11.58 -38.87 -0.70
N PHE I 164 -12.03 -39.94 -0.03
CA PHE I 164 -11.10 -41.01 0.32
C PHE I 164 -10.52 -41.64 -0.94
N LEU I 165 -11.33 -41.82 -1.97
CA LEU I 165 -10.85 -42.41 -3.21
C LEU I 165 -9.78 -41.54 -3.85
N MET I 166 -9.96 -40.23 -3.83
CA MET I 166 -8.95 -39.35 -4.43
C MET I 166 -7.67 -39.34 -3.60
N LEU I 167 -7.79 -39.38 -2.27
CA LEU I 167 -6.60 -39.51 -1.43
C LEU I 167 -5.85 -40.80 -1.77
N PHE I 168 -6.57 -41.91 -1.88
CA PHE I 168 -5.93 -43.18 -2.22
C PHE I 168 -5.30 -43.12 -3.60
N ALA I 169 -5.96 -42.44 -4.54
CA ALA I 169 -5.40 -42.31 -5.88
C ALA I 169 -4.09 -41.55 -5.87
N GLY I 170 -4.04 -40.45 -5.11
CA GLY I 170 -2.80 -39.70 -5.01
C GLY I 170 -1.68 -40.52 -4.39
N TRP I 171 -1.99 -41.21 -3.29
CA TRP I 171 -0.98 -42.08 -2.69
C TRP I 171 -0.53 -43.16 -3.66
N PHE I 172 -1.48 -43.78 -4.36
CA PHE I 172 -1.16 -44.86 -5.29
C PHE I 172 -0.26 -44.36 -6.41
N HIS I 173 -0.57 -43.20 -6.98
CA HIS I 173 0.17 -42.70 -8.12
C HIS I 173 1.42 -41.93 -7.74
N TYR I 174 1.69 -41.75 -6.45
CA TYR I 174 3.04 -41.33 -6.09
C TYR I 174 3.91 -42.46 -5.56
N HIS I 175 3.34 -43.45 -4.87
CA HIS I 175 4.13 -44.43 -4.16
C HIS I 175 4.07 -45.84 -4.72
N LYS I 176 3.00 -46.20 -5.43
CA LYS I 176 2.81 -47.55 -5.93
C LYS I 176 2.93 -47.66 -7.44
N ALA I 177 2.35 -46.73 -8.20
CA ALA I 177 2.46 -46.74 -9.66
C ALA I 177 2.45 -45.29 -10.14
N ALA I 178 3.65 -44.73 -10.31
CA ALA I 178 3.78 -43.34 -10.75
C ALA I 178 3.96 -43.29 -12.26
N PRO I 179 3.16 -42.50 -12.97
CA PRO I 179 3.28 -42.44 -14.43
C PRO I 179 4.60 -41.84 -14.86
N LYS I 180 5.03 -42.22 -16.06
CA LYS I 180 6.29 -41.75 -16.62
C LYS I 180 6.09 -40.42 -17.33
N LEU I 181 7.21 -39.81 -17.73
CA LEU I 181 7.15 -38.51 -18.38
C LEU I 181 6.42 -38.57 -19.71
N GLU I 182 6.63 -39.65 -20.47
CA GLU I 182 5.98 -39.79 -21.77
C GLU I 182 4.46 -39.85 -21.61
N TRP I 183 3.98 -40.46 -20.52
CA TRP I 183 2.55 -40.47 -20.25
C TRP I 183 2.03 -39.06 -20.00
N PHE I 184 2.77 -38.26 -19.25
CA PHE I 184 2.35 -36.89 -18.96
C PHE I 184 2.40 -36.01 -20.21
N GLN I 185 3.33 -36.30 -21.12
CA GLN I 185 3.54 -35.47 -22.29
C GLN I 185 2.63 -35.82 -23.46
N ASN I 186 1.71 -36.76 -23.28
CA ASN I 186 0.71 -37.09 -24.30
C ASN I 186 -0.40 -36.04 -24.26
N VAL I 187 -0.04 -34.83 -24.69
CA VAL I 187 -1.00 -33.72 -24.66
C VAL I 187 -2.12 -33.94 -25.65
N GLU I 188 -1.86 -34.64 -26.76
CA GLU I 188 -2.93 -34.95 -27.70
C GLU I 188 -3.94 -35.89 -27.07
N SER I 189 -3.46 -36.98 -26.45
CA SER I 189 -4.36 -37.90 -25.77
C SER I 189 -5.07 -37.23 -24.61
N MET I 190 -4.35 -36.41 -23.84
CA MET I 190 -4.96 -35.72 -22.72
C MET I 190 -6.06 -34.78 -23.17
N LEU I 191 -5.81 -34.02 -24.24
CA LEU I 191 -6.82 -33.12 -24.76
C LEU I 191 -8.02 -33.89 -25.30
N ASN I 192 -7.77 -34.98 -26.03
CA ASN I 192 -8.86 -35.80 -26.54
C ASN I 192 -9.74 -36.29 -25.40
N HIS I 193 -9.11 -36.78 -24.33
CA HIS I 193 -9.89 -37.33 -23.23
C HIS I 193 -10.62 -36.23 -22.45
N HIS I 194 -9.92 -35.14 -22.12
CA HIS I 194 -10.55 -34.07 -21.36
C HIS I 194 -11.69 -33.43 -22.15
N LEU I 195 -11.61 -33.43 -23.48
CA LEU I 195 -12.66 -32.83 -24.29
C LEU I 195 -13.83 -33.78 -24.49
N ALA I 196 -13.55 -35.04 -24.84
CA ALA I 196 -14.64 -35.99 -25.04
C ALA I 196 -15.11 -36.54 -23.70
N GLY I 197 -14.29 -37.34 -23.03
CA GLY I 197 -14.71 -37.98 -21.81
C GLY I 197 -15.15 -36.98 -20.76
N LEU I 198 -14.21 -36.22 -20.19
CA LEU I 198 -14.55 -35.34 -19.08
C LEU I 198 -15.68 -34.39 -19.46
N LEU I 199 -15.42 -33.47 -20.38
CA LEU I 199 -16.41 -32.44 -20.68
C LEU I 199 -17.65 -33.01 -21.35
N GLY I 200 -17.48 -33.67 -22.49
CA GLY I 200 -18.64 -34.12 -23.25
C GLY I 200 -19.46 -35.16 -22.50
N LEU I 201 -18.80 -36.18 -21.94
CA LEU I 201 -19.55 -37.21 -21.24
C LEU I 201 -20.12 -36.70 -19.92
N GLY I 202 -19.49 -35.71 -19.29
CA GLY I 202 -20.11 -35.09 -18.14
C GLY I 202 -21.36 -34.32 -18.51
N SER I 203 -21.31 -33.58 -19.62
CA SER I 203 -22.50 -32.90 -20.11
C SER I 203 -23.59 -33.89 -20.48
N LEU I 204 -23.21 -35.01 -21.10
CA LEU I 204 -24.19 -36.03 -21.48
C LEU I 204 -24.82 -36.68 -20.27
N SER I 205 -24.00 -37.03 -19.27
CA SER I 205 -24.54 -37.62 -18.05
C SER I 205 -25.44 -36.66 -17.31
N TRP I 206 -25.05 -35.37 -17.26
CA TRP I 206 -25.89 -34.40 -16.58
C TRP I 206 -27.18 -34.14 -17.35
N ALA I 207 -27.11 -34.18 -18.68
CA ALA I 207 -28.34 -34.08 -19.47
C ALA I 207 -29.27 -35.24 -19.20
N GLY I 208 -28.70 -36.45 -19.10
CA GLY I 208 -29.51 -37.60 -18.74
C GLY I 208 -30.15 -37.46 -17.38
N HIS I 209 -29.38 -37.02 -16.39
CA HIS I 209 -29.94 -36.82 -15.06
C HIS I 209 -31.03 -35.77 -15.08
N GLN I 210 -30.80 -34.64 -15.76
CA GLN I 210 -31.81 -33.60 -15.83
C GLN I 210 -33.09 -34.14 -16.45
N ILE I 211 -32.96 -34.79 -17.61
CA ILE I 211 -34.13 -35.28 -18.35
C ILE I 211 -34.91 -36.28 -17.52
N HIS I 212 -34.23 -37.17 -16.80
CA HIS I 212 -34.94 -38.26 -16.14
C HIS I 212 -35.29 -37.98 -14.68
N ILE I 213 -34.67 -36.98 -14.05
CA ILE I 213 -34.87 -36.73 -12.63
C ILE I 213 -35.26 -35.27 -12.43
N ALA I 214 -34.44 -34.35 -12.94
CA ALA I 214 -34.66 -32.94 -12.64
C ALA I 214 -35.84 -32.38 -13.39
N LEU I 215 -36.01 -32.78 -14.65
CA LEU I 215 -37.15 -32.29 -15.43
C LEU I 215 -38.49 -32.68 -14.82
N PRO I 216 -38.74 -33.95 -14.46
CA PRO I 216 -40.07 -34.27 -13.90
C PRO I 216 -40.27 -33.74 -12.50
N ILE I 217 -39.26 -33.88 -11.63
CA ILE I 217 -39.41 -33.46 -10.24
C ILE I 217 -39.64 -31.96 -10.14
N ASN I 218 -38.86 -31.18 -10.90
CA ASN I 218 -39.04 -29.73 -10.84
C ASN I 218 -40.35 -29.29 -11.50
N LYS I 219 -40.78 -29.98 -12.55
CA LYS I 219 -42.09 -29.66 -13.13
C LYS I 219 -43.21 -29.92 -12.14
N LEU I 220 -43.12 -31.03 -11.40
CA LEU I 220 -44.11 -31.31 -10.36
C LEU I 220 -44.04 -30.27 -9.24
N LEU I 221 -42.83 -29.86 -8.87
CA LEU I 221 -42.68 -28.85 -7.83
C LEU I 221 -43.30 -27.53 -8.25
N ASP I 222 -43.08 -27.12 -9.50
CA ASP I 222 -43.66 -25.87 -9.99
C ASP I 222 -45.17 -25.97 -10.13
N LEU I 223 -45.69 -27.18 -10.38
CA LEU I 223 -47.13 -27.38 -10.46
C LEU I 223 -47.81 -27.27 -9.10
N GLY I 224 -47.05 -27.22 -8.01
CA GLY I 224 -47.60 -27.12 -6.68
C GLY I 224 -47.63 -28.42 -5.91
N VAL I 225 -47.13 -29.51 -6.49
CA VAL I 225 -47.10 -30.79 -5.78
C VAL I 225 -46.07 -30.72 -4.66
N SER I 226 -46.49 -31.08 -3.45
CA SER I 226 -45.60 -31.02 -2.31
C SER I 226 -44.51 -32.10 -2.44
N PRO I 227 -43.33 -31.84 -1.87
CA PRO I 227 -42.22 -32.79 -2.03
C PRO I 227 -42.50 -34.18 -1.46
N GLU I 228 -43.42 -34.31 -0.51
CA GLU I 228 -43.67 -35.61 0.09
C GLU I 228 -44.45 -36.54 -0.84
N GLU I 229 -45.36 -36.00 -1.64
CA GLU I 229 -46.13 -36.82 -2.58
C GLU I 229 -45.48 -36.90 -3.96
N ILE I 230 -44.35 -36.24 -4.16
CA ILE I 230 -43.59 -36.42 -5.40
C ILE I 230 -42.94 -37.79 -5.40
N PRO I 231 -43.01 -38.55 -6.49
CA PRO I 231 -42.41 -39.89 -6.49
C PRO I 231 -40.91 -39.83 -6.31
N LEU I 232 -40.36 -40.90 -5.75
CA LEU I 232 -38.91 -40.99 -5.60
C LEU I 232 -38.24 -40.99 -6.97
N PRO I 233 -37.04 -40.43 -7.07
CA PRO I 233 -36.44 -40.23 -8.40
C PRO I 233 -36.26 -41.50 -9.21
N TYR I 234 -35.98 -42.63 -8.56
CA TYR I 234 -35.80 -43.88 -9.31
C TYR I 234 -37.10 -44.34 -9.95
N GLU I 235 -38.25 -43.96 -9.40
CA GLU I 235 -39.53 -44.35 -9.97
C GLU I 235 -39.78 -43.66 -11.30
N PHE I 236 -39.12 -42.54 -11.58
CA PHE I 236 -39.26 -41.90 -12.88
C PHE I 236 -38.53 -42.65 -13.98
N ILE I 237 -37.64 -43.57 -13.62
CA ILE I 237 -36.92 -44.39 -14.58
C ILE I 237 -37.59 -45.75 -14.77
N LEU I 238 -37.96 -46.40 -13.67
CA LEU I 238 -38.61 -47.71 -13.77
C LEU I 238 -40.00 -47.60 -14.36
N ASN I 239 -40.66 -46.45 -14.22
CA ASN I 239 -42.01 -46.25 -14.71
C ASN I 239 -41.99 -45.15 -15.76
N ARG I 240 -42.19 -45.55 -17.03
CA ARG I 240 -42.24 -44.61 -18.14
C ARG I 240 -43.56 -43.84 -18.20
N ASP I 241 -44.42 -44.00 -17.19
CA ASP I 241 -45.70 -43.31 -17.18
C ASP I 241 -45.75 -42.14 -16.23
N LEU I 242 -44.85 -42.08 -15.24
CA LEU I 242 -44.77 -40.93 -14.35
C LEU I 242 -44.13 -39.73 -15.04
N ILE I 243 -43.33 -39.95 -16.07
CA ILE I 243 -42.64 -38.87 -16.77
C ILE I 243 -43.34 -38.57 -18.08
N ALA I 244 -44.04 -39.57 -18.63
CA ALA I 244 -44.80 -39.37 -19.85
C ALA I 244 -46.09 -38.58 -19.64
N GLN I 245 -46.49 -38.36 -18.39
CA GLN I 245 -47.64 -37.49 -18.14
C GLN I 245 -47.21 -36.03 -18.14
N LEU I 246 -46.05 -35.72 -17.56
CA LEU I 246 -45.55 -34.35 -17.58
C LEU I 246 -45.01 -33.99 -18.96
N TYR I 247 -44.28 -34.90 -19.60
CA TYR I 247 -43.73 -34.69 -20.94
C TYR I 247 -44.23 -35.83 -21.81
N PRO I 248 -45.33 -35.64 -22.56
CA PRO I 248 -45.94 -36.72 -23.33
C PRO I 248 -45.20 -37.07 -24.62
N SER I 249 -43.87 -37.18 -24.50
CA SER I 249 -43.02 -37.63 -25.60
C SER I 249 -42.19 -38.85 -25.23
N PHE I 250 -42.13 -39.22 -23.95
CA PHE I 250 -41.44 -40.44 -23.57
C PHE I 250 -42.21 -41.69 -23.97
N ASN I 251 -43.49 -41.54 -24.32
CA ASN I 251 -44.28 -42.69 -24.75
C ASN I 251 -43.73 -43.31 -26.03
N LYS I 252 -42.99 -42.54 -26.83
CA LYS I 252 -42.37 -43.06 -28.03
C LYS I 252 -41.01 -43.69 -27.78
N GLY I 253 -40.50 -43.61 -26.56
CA GLY I 253 -39.23 -44.23 -26.24
C GLY I 253 -38.07 -43.58 -26.95
N LEU I 254 -37.03 -44.36 -27.21
CA LEU I 254 -35.85 -43.90 -27.91
C LEU I 254 -35.93 -44.09 -29.41
N THR I 255 -37.06 -44.58 -29.92
CA THR I 255 -37.22 -44.72 -31.37
C THR I 255 -37.07 -43.40 -32.13
N PRO I 256 -37.65 -42.28 -31.70
CA PRO I 256 -37.39 -41.02 -32.42
C PRO I 256 -35.92 -40.64 -32.47
N PHE I 257 -35.15 -40.98 -31.44
CA PHE I 257 -33.73 -40.66 -31.44
C PHE I 257 -32.98 -41.44 -32.51
N PHE I 258 -33.21 -42.76 -32.57
CA PHE I 258 -32.48 -43.60 -33.52
C PHE I 258 -33.04 -43.52 -34.93
N THR I 259 -34.25 -43.00 -35.11
CA THR I 259 -34.83 -42.80 -36.43
C THR I 259 -34.66 -41.37 -36.92
N LEU I 260 -33.82 -40.57 -36.26
CA LEU I 260 -33.53 -39.18 -36.60
C LEU I 260 -34.75 -38.29 -36.55
N ASN I 261 -35.84 -38.74 -35.93
CA ASN I 261 -37.04 -37.92 -35.75
C ASN I 261 -36.95 -37.16 -34.43
N TRP I 262 -35.90 -36.34 -34.33
CA TRP I 262 -35.61 -35.61 -33.10
C TRP I 262 -36.64 -34.53 -32.80
N GLY I 263 -37.52 -34.20 -33.74
CA GLY I 263 -38.57 -33.25 -33.47
C GLY I 263 -39.58 -33.72 -32.46
N GLU I 264 -39.71 -35.03 -32.26
CA GLU I 264 -40.65 -35.56 -31.29
C GLU I 264 -40.26 -35.18 -29.86
N TYR I 265 -38.97 -34.99 -29.61
CA TYR I 265 -38.47 -34.68 -28.27
C TYR I 265 -38.55 -33.20 -27.94
N SER I 266 -39.32 -32.42 -28.70
CA SER I 266 -39.47 -31.00 -28.42
C SER I 266 -40.23 -30.75 -27.12
N ASP I 267 -40.85 -31.77 -26.54
CA ASP I 267 -41.56 -31.59 -25.27
C ASP I 267 -40.60 -31.22 -24.15
N PHE I 268 -39.46 -31.91 -24.06
CA PHE I 268 -38.51 -31.69 -22.98
C PHE I 268 -37.16 -31.17 -23.45
N LEU I 269 -36.94 -31.05 -24.77
CA LEU I 269 -35.75 -30.40 -25.32
C LEU I 269 -36.24 -29.17 -26.07
N THR I 270 -36.43 -28.08 -25.34
CA THR I 270 -36.97 -26.86 -25.91
C THR I 270 -35.86 -25.84 -26.18
N PHE I 271 -36.23 -24.77 -26.87
CA PHE I 271 -35.36 -23.62 -27.06
C PHE I 271 -36.27 -22.40 -26.87
N LYS I 272 -36.40 -21.95 -25.62
CA LYS I 272 -37.35 -20.91 -25.25
C LYS I 272 -36.69 -19.59 -24.92
N GLY I 273 -35.58 -19.60 -24.19
CA GLY I 273 -35.02 -18.37 -23.72
C GLY I 273 -35.81 -17.82 -22.55
N GLY I 274 -35.41 -16.63 -22.11
CA GLY I 274 -36.11 -16.00 -21.02
C GLY I 274 -35.98 -16.78 -19.72
N LEU I 275 -37.00 -16.68 -18.88
CA LEU I 275 -37.00 -17.31 -17.56
C LEU I 275 -38.33 -17.99 -17.32
N ASN I 276 -38.30 -18.98 -16.45
CA ASN I 276 -39.52 -19.64 -16.01
C ASN I 276 -40.35 -18.65 -15.20
N PRO I 277 -41.60 -18.37 -15.58
CA PRO I 277 -42.39 -17.40 -14.82
C PRO I 277 -42.71 -17.85 -13.41
N VAL I 278 -42.66 -19.15 -13.13
CA VAL I 278 -42.98 -19.65 -11.79
C VAL I 278 -41.80 -19.48 -10.86
N THR I 279 -40.62 -19.88 -11.30
CA THR I 279 -39.44 -19.90 -10.44
C THR I 279 -38.48 -18.74 -10.70
N GLY I 280 -38.56 -18.10 -11.86
CA GLY I 280 -37.65 -17.03 -12.19
C GLY I 280 -36.32 -17.47 -12.74
N GLY I 281 -36.07 -18.79 -12.83
CA GLY I 281 -34.85 -19.30 -13.39
C GLY I 281 -35.03 -19.75 -14.84
N LEU I 282 -33.92 -20.21 -15.42
CA LEU I 282 -33.96 -20.71 -16.78
C LEU I 282 -34.83 -21.95 -16.88
N TRP I 283 -35.48 -22.12 -18.02
CA TRP I 283 -36.27 -23.32 -18.28
C TRP I 283 -35.36 -24.53 -18.24
N LEU I 284 -35.69 -25.50 -17.36
CA LEU I 284 -34.83 -26.67 -17.23
C LEU I 284 -34.86 -27.55 -18.48
N THR I 285 -35.93 -27.48 -19.28
CA THR I 285 -35.89 -28.12 -20.58
C THR I 285 -34.83 -27.48 -21.47
N ASP I 286 -34.74 -26.15 -21.46
CA ASP I 286 -33.67 -25.46 -22.17
C ASP I 286 -32.31 -25.88 -21.64
N THR I 287 -32.18 -26.03 -20.32
CA THR I 287 -30.91 -26.43 -19.73
C THR I 287 -30.52 -27.84 -20.16
N ALA I 288 -31.48 -28.76 -20.19
CA ALA I 288 -31.18 -30.13 -20.63
C ALA I 288 -30.79 -30.16 -22.09
N HIS I 289 -31.52 -29.42 -22.94
CA HIS I 289 -31.16 -29.34 -24.34
C HIS I 289 -29.76 -28.73 -24.52
N HIS I 290 -29.46 -27.71 -23.72
CA HIS I 290 -28.14 -27.09 -23.77
C HIS I 290 -27.05 -28.08 -23.43
N HIS I 291 -27.24 -28.85 -22.36
CA HIS I 291 -26.21 -29.79 -21.95
C HIS I 291 -26.06 -30.91 -22.97
N LEU I 292 -27.16 -31.33 -23.59
CA LEU I 292 -27.08 -32.33 -24.65
C LEU I 292 -26.26 -31.80 -25.83
N ALA I 293 -26.55 -30.59 -26.27
CA ALA I 293 -25.81 -30.01 -27.39
C ALA I 293 -24.33 -29.83 -27.04
N ILE I 294 -24.05 -29.39 -25.81
CA ILE I 294 -22.68 -29.23 -25.35
C ILE I 294 -21.96 -30.57 -25.33
N ALA I 295 -22.66 -31.61 -24.88
CA ALA I 295 -22.06 -32.95 -24.86
C ALA I 295 -21.70 -33.41 -26.26
N VAL I 296 -22.61 -33.25 -27.22
CA VAL I 296 -22.32 -33.67 -28.58
C VAL I 296 -21.16 -32.87 -29.15
N LEU I 297 -21.16 -31.56 -28.93
CA LEU I 297 -20.10 -30.71 -29.46
C LEU I 297 -18.75 -31.07 -28.87
N PHE I 298 -18.70 -31.35 -27.56
CA PHE I 298 -17.42 -31.65 -26.93
C PHE I 298 -16.93 -33.04 -27.29
N ILE I 299 -17.85 -34.01 -27.43
CA ILE I 299 -17.45 -35.33 -27.88
C ILE I 299 -16.87 -35.25 -29.28
N VAL I 300 -17.51 -34.50 -30.17
CA VAL I 300 -16.98 -34.31 -31.51
C VAL I 300 -15.61 -33.64 -31.45
N ALA I 301 -15.48 -32.61 -30.62
CA ALA I 301 -14.21 -31.89 -30.50
C ALA I 301 -13.10 -32.75 -29.93
N GLY I 302 -13.45 -33.82 -29.21
CA GLY I 302 -12.44 -34.70 -28.66
C GLY I 302 -11.76 -35.60 -29.66
N HIS I 303 -12.32 -35.76 -30.86
CA HIS I 303 -11.72 -36.55 -31.92
C HIS I 303 -10.91 -35.66 -32.87
N MET I 304 -9.99 -34.88 -32.34
CA MET I 304 -9.24 -33.93 -33.16
C MET I 304 -7.75 -34.24 -33.24
N TYR I 305 -7.14 -34.65 -32.15
CA TYR I 305 -5.69 -34.77 -32.07
C TYR I 305 -5.28 -36.23 -32.22
N LYS I 306 -4.18 -36.44 -32.94
CA LYS I 306 -3.68 -37.79 -33.20
C LYS I 306 -3.03 -38.35 -31.95
N THR I 307 -3.52 -39.50 -31.48
CA THR I 307 -3.03 -40.11 -30.25
C THR I 307 -2.34 -41.44 -30.49
N ASN I 308 -3.03 -42.42 -31.06
CA ASN I 308 -2.47 -43.76 -31.20
C ASN I 308 -2.75 -44.41 -32.55
N TRP I 309 -3.52 -43.78 -33.43
CA TRP I 309 -3.80 -44.30 -34.75
C TRP I 309 -3.35 -43.29 -35.79
N PHE I 310 -3.41 -43.69 -37.06
CA PHE I 310 -3.15 -42.76 -38.16
C PHE I 310 -4.44 -41.97 -38.41
N LEU I 311 -4.75 -41.08 -37.48
CA LEU I 311 -5.98 -40.31 -37.50
C LEU I 311 -5.86 -39.19 -36.50
N GLY I 312 -6.29 -38.00 -36.90
CA GLY I 312 -6.24 -36.84 -36.03
C GLY I 312 -5.11 -35.89 -36.40
N HIS I 313 -4.97 -34.86 -35.57
CA HIS I 313 -3.99 -33.81 -35.77
C HIS I 313 -2.80 -33.97 -34.84
N SER I 314 -1.65 -33.47 -35.28
CA SER I 314 -0.50 -33.27 -34.42
C SER I 314 -0.40 -31.78 -34.12
N ILE I 315 -0.42 -31.42 -32.83
CA ILE I 315 -0.37 -30.03 -32.45
C ILE I 315 0.93 -29.39 -32.89
N LYS I 316 2.01 -30.18 -32.97
CA LYS I 316 3.28 -29.66 -33.45
C LYS I 316 3.18 -29.21 -34.91
N THR I 317 2.52 -30.01 -35.74
CA THR I 317 2.40 -29.66 -37.15
C THR I 317 1.47 -28.48 -37.36
N ILE I 318 0.42 -28.35 -36.54
CA ILE I 318 -0.48 -27.22 -36.66
C ILE I 318 0.23 -25.92 -36.31
N LEU I 319 0.95 -25.91 -35.18
CA LEU I 319 1.63 -24.70 -34.74
C LEU I 319 2.72 -24.28 -35.70
N GLU I 320 3.52 -25.24 -36.17
CA GLU I 320 4.66 -24.92 -37.02
C GLU I 320 4.24 -24.38 -38.38
N ALA I 321 3.01 -24.65 -38.81
CA ALA I 321 2.53 -24.16 -40.09
C ALA I 321 1.95 -22.75 -40.01
N HIS I 322 1.79 -22.19 -38.81
CA HIS I 322 1.20 -20.87 -38.64
C HIS I 322 2.30 -19.82 -38.48
N LYS I 323 3.02 -19.60 -39.59
CA LYS I 323 3.98 -18.52 -39.68
C LYS I 323 3.35 -17.34 -40.41
N GLY I 324 4.13 -16.29 -40.60
CA GLY I 324 3.64 -15.12 -41.30
C GLY I 324 4.74 -14.12 -41.60
N PRO I 325 4.45 -13.18 -42.51
CA PRO I 325 5.44 -12.14 -42.82
C PRO I 325 5.81 -11.29 -41.61
N PHE I 326 4.87 -11.03 -40.71
CA PHE I 326 5.12 -10.17 -39.57
C PHE I 326 5.63 -10.93 -38.34
N THR I 327 5.58 -12.26 -38.35
CA THR I 327 5.85 -13.03 -37.14
C THR I 327 6.99 -14.03 -37.30
N GLY I 328 7.78 -13.93 -38.35
CA GLY I 328 8.97 -14.76 -38.47
C GLY I 328 8.65 -16.23 -38.47
N GLU I 329 9.25 -16.96 -37.52
CA GLU I 329 9.04 -18.41 -37.42
C GLU I 329 7.65 -18.76 -36.88
N GLY I 330 6.89 -17.79 -36.40
CA GLY I 330 5.54 -18.09 -35.95
C GLY I 330 5.54 -18.92 -34.68
N HIS I 331 4.69 -19.94 -34.65
CA HIS I 331 4.48 -20.76 -33.47
C HIS I 331 5.45 -21.94 -33.38
N LYS I 332 6.56 -21.90 -34.11
CA LYS I 332 7.53 -22.98 -34.01
C LYS I 332 8.20 -22.95 -32.64
N GLY I 333 8.22 -24.10 -31.98
CA GLY I 333 8.78 -24.21 -30.65
C GLY I 333 7.79 -24.05 -29.52
N LEU I 334 6.57 -23.57 -29.80
CA LEU I 334 5.57 -23.43 -28.75
C LEU I 334 5.14 -24.78 -28.22
N TYR I 335 5.09 -25.81 -29.07
CA TYR I 335 4.74 -27.14 -28.60
C TYR I 335 5.79 -27.67 -27.62
N GLU I 336 7.06 -27.43 -27.90
CA GLU I 336 8.11 -27.82 -26.97
C GLU I 336 8.04 -27.02 -25.68
N VAL I 337 7.63 -25.76 -25.75
CA VAL I 337 7.49 -24.94 -24.56
C VAL I 337 6.40 -25.48 -23.66
N LEU I 338 5.25 -25.82 -24.23
CA LEU I 338 4.08 -26.22 -23.46
C LEU I 338 4.08 -27.69 -23.09
N THR I 339 5.03 -28.49 -23.59
CA THR I 339 5.16 -29.88 -23.21
C THR I 339 6.38 -30.13 -22.32
N THR I 340 7.17 -29.11 -22.03
CA THR I 340 8.33 -29.25 -21.17
C THR I 340 8.34 -28.27 -20.01
N SER I 341 7.32 -27.41 -19.89
CA SER I 341 7.25 -26.42 -18.82
C SER I 341 5.87 -26.47 -18.20
N TRP I 342 5.80 -26.87 -16.93
CA TRP I 342 4.54 -26.83 -16.20
C TRP I 342 4.07 -25.40 -15.96
N HIS I 343 5.01 -24.46 -15.84
CA HIS I 343 4.65 -23.09 -15.52
C HIS I 343 3.92 -22.41 -16.67
N ALA I 344 4.30 -22.71 -17.91
CA ALA I 344 3.59 -22.13 -19.06
C ALA I 344 2.16 -22.65 -19.12
N GLN I 345 1.97 -23.96 -18.91
CA GLN I 345 0.63 -24.52 -18.87
C GLN I 345 -0.18 -23.90 -17.74
N LEU I 346 0.44 -23.73 -16.57
CA LEU I 346 -0.25 -23.11 -15.46
C LEU I 346 -0.64 -21.67 -15.78
N ALA I 347 0.24 -20.94 -16.45
CA ALA I 347 -0.08 -19.56 -16.83
C ALA I 347 -1.30 -19.51 -17.73
N ILE I 348 -1.29 -20.30 -18.82
CA ILE I 348 -2.41 -20.29 -19.74
C ILE I 348 -3.70 -20.73 -19.05
N ASN I 349 -3.62 -21.85 -18.31
CA ASN I 349 -4.81 -22.42 -17.70
C ASN I 349 -5.37 -21.48 -16.63
N LEU I 350 -4.51 -20.87 -15.82
CA LEU I 350 -4.98 -19.97 -14.77
C LEU I 350 -5.59 -18.70 -15.35
N ALA I 351 -4.97 -18.14 -16.39
CA ALA I 351 -5.53 -16.93 -16.99
C ALA I 351 -6.91 -17.22 -17.60
N LEU I 352 -6.99 -18.28 -18.42
CA LEU I 352 -8.27 -18.60 -19.02
C LEU I 352 -9.29 -19.05 -17.98
N PHE I 353 -8.82 -19.64 -16.89
CA PHE I 353 -9.71 -20.13 -15.83
C PHE I 353 -10.31 -18.97 -15.05
N GLY I 354 -9.50 -17.95 -14.74
CA GLY I 354 -10.04 -16.75 -14.12
C GLY I 354 -10.98 -16.00 -15.03
N SER I 355 -10.63 -15.89 -16.32
CA SER I 355 -11.54 -15.25 -17.27
C SER I 355 -12.84 -16.02 -17.36
N LEU I 356 -12.77 -17.34 -17.36
CA LEU I 356 -13.98 -18.16 -17.37
C LEU I 356 -14.80 -17.95 -16.11
N SER I 357 -14.14 -17.82 -14.96
CA SER I 357 -14.88 -17.57 -13.72
C SER I 357 -15.62 -16.24 -13.78
N ILE I 358 -14.98 -15.20 -14.34
CA ILE I 358 -15.66 -13.91 -14.46
C ILE I 358 -16.83 -14.00 -15.44
N ILE I 359 -16.63 -14.71 -16.55
CA ILE I 359 -17.72 -14.91 -17.51
C ILE I 359 -18.88 -15.67 -16.85
N VAL I 360 -18.55 -16.67 -16.04
CA VAL I 360 -19.58 -17.41 -15.31
C VAL I 360 -20.33 -16.47 -14.38
N ALA I 361 -19.60 -15.62 -13.66
CA ALA I 361 -20.23 -14.66 -12.76
C ALA I 361 -21.21 -13.77 -13.51
N HIS I 362 -20.81 -13.29 -14.69
CA HIS I 362 -21.70 -12.44 -15.47
C HIS I 362 -22.95 -13.20 -15.90
N HIS I 363 -22.76 -14.36 -16.53
CA HIS I 363 -23.89 -15.11 -17.06
C HIS I 363 -24.80 -15.65 -15.95
N MET I 364 -24.32 -15.74 -14.72
CA MET I 364 -25.15 -16.20 -13.62
C MET I 364 -26.30 -15.26 -13.35
N TYR I 365 -26.00 -14.03 -12.93
CA TYR I 365 -27.08 -13.08 -12.65
C TYR I 365 -27.78 -12.67 -13.94
N ALA I 366 -27.05 -12.62 -15.05
CA ALA I 366 -27.69 -12.20 -16.31
C ALA I 366 -28.83 -13.14 -16.68
N MET I 367 -28.60 -14.44 -16.56
CA MET I 367 -29.61 -15.46 -16.87
C MET I 367 -29.64 -16.43 -15.70
N PRO I 368 -30.44 -16.16 -14.68
CA PRO I 368 -30.46 -17.01 -13.49
C PRO I 368 -30.81 -18.44 -13.85
N PRO I 369 -29.89 -19.39 -13.59
CA PRO I 369 -30.10 -20.77 -14.01
C PRO I 369 -30.75 -21.68 -12.98
N TYR I 370 -31.08 -21.17 -11.80
CA TYR I 370 -31.65 -22.00 -10.75
C TYR I 370 -33.01 -21.47 -10.33
N PRO I 371 -33.92 -22.36 -9.92
CA PRO I 371 -35.24 -21.89 -9.46
C PRO I 371 -35.12 -21.09 -8.17
N TYR I 372 -35.82 -19.95 -8.15
CA TYR I 372 -35.91 -19.09 -6.96
C TYR I 372 -34.53 -18.61 -6.50
N ILE I 373 -33.61 -18.42 -7.43
CA ILE I 373 -32.32 -17.83 -7.12
C ILE I 373 -32.23 -16.37 -7.54
N ALA I 374 -33.01 -15.93 -8.53
CA ALA I 374 -33.00 -14.54 -8.93
C ALA I 374 -33.62 -13.64 -7.87
N ILE I 375 -34.62 -14.14 -7.15
CA ILE I 375 -35.26 -13.36 -6.09
C ILE I 375 -34.52 -13.46 -4.76
N ASP I 376 -33.51 -14.32 -4.66
CA ASP I 376 -32.63 -14.34 -3.48
C ASP I 376 -31.45 -13.44 -3.77
N TYR I 377 -31.66 -12.15 -3.51
CA TYR I 377 -30.63 -11.15 -3.80
C TYR I 377 -29.31 -11.42 -3.08
N PRO I 378 -29.28 -11.82 -1.80
CA PRO I 378 -27.98 -12.15 -1.19
C PRO I 378 -27.22 -13.22 -1.95
N THR I 379 -27.92 -14.26 -2.42
CA THR I 379 -27.25 -15.32 -3.16
C THR I 379 -26.66 -14.79 -4.46
N GLN I 380 -27.42 -14.00 -5.21
CA GLN I 380 -26.92 -13.46 -6.48
C GLN I 380 -25.71 -12.58 -6.26
N LEU I 381 -25.80 -11.66 -5.30
CA LEU I 381 -24.69 -10.75 -5.04
C LEU I 381 -23.44 -11.52 -4.61
N SER I 382 -23.62 -12.48 -3.69
CA SER I 382 -22.49 -13.24 -3.20
C SER I 382 -21.86 -14.08 -4.31
N LEU I 383 -22.68 -14.73 -5.13
CA LEU I 383 -22.14 -15.55 -6.20
C LEU I 383 -21.35 -14.70 -7.19
N PHE I 384 -21.91 -13.57 -7.61
CA PHE I 384 -21.20 -12.71 -8.55
C PHE I 384 -19.87 -12.24 -7.96
N THR I 385 -19.91 -11.69 -6.75
CA THR I 385 -18.70 -11.13 -6.16
C THR I 385 -17.64 -12.20 -5.95
N HIS I 386 -18.06 -13.36 -5.44
CA HIS I 386 -17.10 -14.45 -5.19
C HIS I 386 -16.46 -14.92 -6.49
N HIS I 387 -17.27 -15.10 -7.55
CA HIS I 387 -16.69 -15.63 -8.78
C HIS I 387 -15.79 -14.59 -9.45
N VAL I 388 -16.15 -13.31 -9.37
CA VAL I 388 -15.28 -12.29 -9.94
C VAL I 388 -13.96 -12.21 -9.16
N TRP I 389 -14.02 -12.34 -7.84
CA TRP I 389 -12.79 -12.33 -7.04
C TRP I 389 -11.90 -13.52 -7.39
N ILE I 390 -12.50 -14.70 -7.52
CA ILE I 390 -11.74 -15.88 -7.88
C ILE I 390 -11.12 -15.70 -9.27
N GLY I 391 -11.88 -15.11 -10.19
CA GLY I 391 -11.35 -14.87 -11.53
C GLY I 391 -10.16 -13.94 -11.53
N GLY I 392 -10.27 -12.83 -10.79
CA GLY I 392 -9.16 -11.90 -10.72
C GLY I 392 -7.91 -12.52 -10.10
N PHE I 393 -8.09 -13.27 -9.02
CA PHE I 393 -6.95 -13.95 -8.40
C PHE I 393 -6.32 -14.93 -9.36
N CYS I 394 -7.13 -15.72 -10.07
CA CYS I 394 -6.58 -16.71 -10.99
C CYS I 394 -5.86 -16.06 -12.16
N ILE I 395 -6.36 -14.90 -12.62
CA ILE I 395 -5.69 -14.20 -13.71
C ILE I 395 -4.32 -13.68 -13.25
N VAL I 396 -4.27 -13.11 -12.04
CA VAL I 396 -2.98 -12.66 -11.52
C VAL I 396 -2.03 -13.84 -11.37
N GLY I 397 -2.56 -15.00 -10.96
CA GLY I 397 -1.73 -16.18 -10.86
C GLY I 397 -1.20 -16.66 -12.20
N GLY I 398 -2.04 -16.59 -13.24
CA GLY I 398 -1.58 -16.93 -14.57
C GLY I 398 -0.45 -16.02 -15.03
N ALA I 399 -0.58 -14.72 -14.76
CA ALA I 399 0.51 -13.80 -15.09
C ALA I 399 1.77 -14.14 -14.31
N ALA I 400 1.61 -14.47 -13.02
CA ALA I 400 2.76 -14.81 -12.19
C ALA I 400 3.49 -16.03 -12.73
N HIS I 401 2.73 -17.05 -13.15
CA HIS I 401 3.39 -18.26 -13.63
C HIS I 401 3.93 -18.11 -15.04
N GLY I 402 3.37 -17.21 -15.85
CA GLY I 402 4.04 -16.84 -17.08
C GLY I 402 5.39 -16.21 -16.82
N ALA I 403 5.46 -15.31 -15.84
CA ALA I 403 6.74 -14.72 -15.46
C ALA I 403 7.70 -15.79 -14.94
N ILE I 404 7.19 -16.74 -14.14
CA ILE I 404 8.03 -17.81 -13.61
C ILE I 404 8.59 -18.65 -14.75
N PHE I 405 7.76 -18.98 -15.74
CA PHE I 405 8.24 -19.72 -16.90
C PHE I 405 9.34 -18.94 -17.62
N PHE I 406 9.13 -17.64 -17.82
CA PHE I 406 10.13 -16.84 -18.51
C PHE I 406 11.46 -16.84 -17.75
N VAL I 407 11.40 -16.73 -16.42
CA VAL I 407 12.63 -16.71 -15.64
C VAL I 407 13.33 -18.07 -15.67
N ARG I 408 12.56 -19.15 -15.45
CA ARG I 408 13.14 -20.46 -15.18
C ARG I 408 13.20 -21.35 -16.42
N ASP I 409 12.05 -21.62 -17.04
CA ASP I 409 11.94 -22.65 -18.06
C ASP I 409 12.12 -22.13 -19.48
N TYR I 410 12.41 -20.84 -19.65
CA TYR I 410 12.56 -20.29 -20.99
C TYR I 410 13.97 -20.55 -21.51
N ASN I 411 14.05 -21.19 -22.68
CA ASN I 411 15.32 -21.45 -23.34
C ASN I 411 15.43 -20.57 -24.57
N ALA I 412 16.45 -19.71 -24.59
CA ALA I 412 16.62 -18.79 -25.71
C ALA I 412 16.94 -19.53 -27.01
N ALA I 413 17.76 -20.57 -26.93
CA ALA I 413 18.15 -21.30 -28.12
C ALA I 413 16.96 -21.98 -28.79
N ASN I 414 16.07 -22.58 -27.99
CA ASN I 414 14.93 -23.30 -28.53
C ASN I 414 13.85 -22.37 -29.06
N ASN I 415 13.95 -21.07 -28.82
CA ASN I 415 12.92 -20.13 -29.24
C ASN I 415 13.51 -19.03 -30.12
N TYR I 416 14.30 -19.43 -31.12
CA TYR I 416 14.94 -18.47 -32.01
C TYR I 416 13.93 -17.95 -33.03
N ASN I 417 13.65 -16.64 -32.97
CA ASN I 417 12.82 -15.93 -33.93
C ASN I 417 11.37 -16.44 -33.97
N ASN I 418 10.90 -17.07 -32.89
CA ASN I 418 9.51 -17.47 -32.79
C ASN I 418 8.70 -16.34 -32.15
N LEU I 419 7.45 -16.61 -31.81
CA LEU I 419 6.59 -15.57 -31.27
C LEU I 419 7.12 -15.04 -29.94
N ILE I 420 7.56 -15.93 -29.06
CA ILE I 420 8.06 -15.50 -27.76
C ILE I 420 9.27 -14.60 -27.93
N ASP I 421 10.20 -15.00 -28.81
CA ASP I 421 11.39 -14.20 -29.05
C ASP I 421 11.03 -12.83 -29.60
N ARG I 422 10.14 -12.79 -30.58
CA ARG I 422 9.78 -11.52 -31.21
C ARG I 422 9.04 -10.60 -30.25
N VAL I 423 8.28 -11.17 -29.30
CA VAL I 423 7.61 -10.34 -28.31
C VAL I 423 8.63 -9.69 -27.38
N ILE I 424 9.63 -10.46 -26.92
CA ILE I 424 10.67 -9.90 -26.07
C ILE I 424 11.48 -8.85 -26.83
N ARG I 425 11.67 -9.04 -28.13
CA ARG I 425 12.51 -8.14 -28.90
C ARG I 425 11.92 -6.74 -29.04
N HIS I 426 10.60 -6.59 -28.91
CA HIS I 426 9.96 -5.28 -28.96
C HIS I 426 9.11 -5.02 -27.73
N ARG I 427 9.54 -5.54 -26.58
CA ARG I 427 8.81 -5.34 -25.34
C ARG I 427 8.67 -3.86 -25.01
N ASP I 428 9.65 -3.06 -25.38
CA ASP I 428 9.60 -1.64 -25.11
C ASP I 428 8.37 -1.03 -25.75
N ALA I 429 8.18 -1.30 -27.04
CA ALA I 429 7.05 -0.72 -27.76
C ALA I 429 5.73 -1.11 -27.11
N ILE I 430 5.59 -2.40 -26.78
CA ILE I 430 4.36 -2.87 -26.14
C ILE I 430 4.11 -2.13 -24.84
N ILE I 431 5.14 -2.08 -23.98
CA ILE I 431 4.96 -1.50 -22.65
C ILE I 431 4.74 0.00 -22.74
N SER I 432 5.44 0.69 -23.65
CA SER I 432 5.25 2.13 -23.78
C SER I 432 3.85 2.47 -24.28
N HIS I 433 3.36 1.72 -25.28
CA HIS I 433 2.02 2.01 -25.78
C HIS I 433 0.95 1.62 -24.77
N LEU I 434 1.17 0.55 -24.02
CA LEU I 434 0.25 0.20 -22.95
C LEU I 434 0.25 1.25 -21.85
N ASN I 435 1.43 1.82 -21.57
CA ASN I 435 1.53 2.94 -20.63
C ASN I 435 0.71 4.13 -21.12
N TRP I 436 0.86 4.47 -22.41
CA TRP I 436 0.09 5.59 -22.94
C TRP I 436 -1.40 5.32 -22.88
N VAL I 437 -1.81 4.10 -23.21
CA VAL I 437 -3.23 3.75 -23.16
C VAL I 437 -3.76 3.84 -21.73
N CYS I 438 -2.97 3.36 -20.76
CA CYS I 438 -3.38 3.43 -19.37
C CYS I 438 -3.53 4.88 -18.92
N ILE I 439 -2.58 5.74 -19.29
CA ILE I 439 -2.68 7.15 -18.91
C ILE I 439 -3.89 7.78 -19.57
N PHE I 440 -4.12 7.50 -20.85
CA PHE I 440 -5.28 8.06 -21.55
C PHE I 440 -6.57 7.64 -20.88
N LEU I 441 -6.73 6.33 -20.63
CA LEU I 441 -7.96 5.81 -20.04
C LEU I 441 -8.17 6.35 -18.63
N GLY I 442 -7.12 6.38 -17.82
CA GLY I 442 -7.26 6.88 -16.47
C GLY I 442 -7.57 8.36 -16.44
N CYS I 443 -6.76 9.17 -17.13
CA CYS I 443 -7.07 10.58 -17.30
C CYS I 443 -8.53 10.77 -17.65
N HIS I 444 -9.00 10.11 -18.71
CA HIS I 444 -10.35 10.35 -19.17
C HIS I 444 -11.38 9.86 -18.16
N SER I 445 -11.43 8.56 -17.89
CA SER I 445 -12.48 8.09 -16.99
C SER I 445 -12.47 8.84 -15.67
N PHE I 446 -11.35 8.80 -14.96
CA PHE I 446 -11.34 9.34 -13.60
C PHE I 446 -11.45 10.86 -13.62
N GLY I 447 -10.91 11.54 -14.64
CA GLY I 447 -10.96 12.98 -14.65
C GLY I 447 -12.32 13.51 -15.07
N LEU I 448 -13.08 12.63 -15.72
CA LEU I 448 -14.44 12.97 -16.03
C LEU I 448 -15.17 12.85 -14.71
N TYR I 449 -14.86 11.81 -13.93
CA TYR I 449 -15.47 11.72 -12.60
C TYR I 449 -15.15 12.95 -11.76
N VAL I 450 -13.89 13.38 -11.75
CA VAL I 450 -13.47 14.52 -10.94
C VAL I 450 -14.05 15.82 -11.48
N HIS I 451 -14.17 15.94 -12.79
CA HIS I 451 -14.81 17.10 -13.39
C HIS I 451 -16.27 17.18 -12.98
N ASN I 452 -16.98 16.05 -12.98
CA ASN I 452 -18.34 16.04 -12.49
C ASN I 452 -18.38 16.48 -11.03
N ASP I 453 -17.45 15.97 -10.22
CA ASP I 453 -17.44 16.30 -8.80
C ASP I 453 -17.20 17.79 -8.57
N THR I 454 -16.23 18.37 -9.30
CA THR I 454 -15.92 19.79 -9.10
C THR I 454 -16.96 20.70 -9.73
N MET I 455 -17.63 20.27 -10.79
CA MET I 455 -18.74 21.06 -11.32
C MET I 455 -19.93 21.06 -10.36
N ARG I 456 -20.21 19.91 -9.75
CA ARG I 456 -21.27 19.86 -8.75
C ARG I 456 -20.91 20.69 -7.52
N ALA I 457 -19.65 20.64 -7.10
CA ALA I 457 -19.23 21.40 -5.92
C ALA I 457 -19.25 22.90 -6.19
N LEU I 458 -19.10 23.32 -7.45
CA LEU I 458 -19.11 24.72 -7.81
C LEU I 458 -20.50 25.22 -8.20
N GLY I 459 -21.52 24.40 -8.05
CA GLY I 459 -22.87 24.82 -8.37
C GLY I 459 -23.15 24.95 -9.85
N ARG I 460 -22.40 24.25 -10.69
CA ARG I 460 -22.61 24.26 -12.14
C ARG I 460 -23.10 22.88 -12.54
N SER I 461 -24.42 22.66 -12.42
CA SER I 461 -25.00 21.35 -12.68
C SER I 461 -25.12 21.05 -14.18
N GLN I 462 -25.11 22.06 -15.02
CA GLN I 462 -25.23 21.88 -16.46
C GLN I 462 -23.89 21.60 -17.15
N ASP I 463 -22.79 21.64 -16.40
CA ASP I 463 -21.46 21.39 -16.95
C ASP I 463 -20.97 19.98 -16.64
N LEU I 464 -21.80 19.12 -16.06
CA LEU I 464 -21.39 17.78 -15.71
C LEU I 464 -21.40 16.87 -16.93
N PHE I 465 -20.83 15.68 -16.77
CA PHE I 465 -20.95 14.62 -17.77
C PHE I 465 -22.10 13.69 -17.40
N SER I 466 -23.30 14.27 -17.39
CA SER I 466 -24.51 13.58 -16.95
C SER I 466 -25.49 13.46 -18.12
N ASP I 467 -26.64 12.84 -17.84
CA ASP I 467 -27.67 12.66 -18.87
C ASP I 467 -28.38 13.97 -19.16
N ASN I 468 -28.63 14.78 -18.12
CA ASN I 468 -29.23 16.10 -18.26
C ASN I 468 -28.20 17.18 -18.52
N ALA I 469 -27.03 16.80 -19.01
CA ALA I 469 -25.89 17.67 -19.23
C ALA I 469 -25.14 17.11 -20.43
N ILE I 470 -23.85 17.46 -20.55
CA ILE I 470 -23.00 16.82 -21.55
C ILE I 470 -23.15 15.32 -21.38
N ALA I 471 -23.69 14.66 -22.39
CA ALA I 471 -24.11 13.26 -22.29
C ALA I 471 -23.19 12.38 -23.12
N LEU I 472 -22.74 11.28 -22.54
CA LEU I 472 -21.90 10.30 -23.20
C LEU I 472 -22.70 8.99 -23.26
N LYS I 473 -23.54 8.88 -24.28
CA LYS I 473 -24.41 7.71 -24.41
C LYS I 473 -23.62 6.52 -24.92
N PRO I 474 -23.65 5.39 -24.24
CA PRO I 474 -23.00 4.18 -24.77
C PRO I 474 -23.79 3.60 -25.93
N ILE I 475 -23.68 4.23 -27.10
CA ILE I 475 -24.53 3.86 -28.23
C ILE I 475 -24.19 2.45 -28.73
N PHE I 476 -22.92 2.05 -28.68
CA PHE I 476 -22.54 0.74 -29.17
C PHE I 476 -23.17 -0.37 -28.34
N ALA I 477 -23.20 -0.20 -27.01
CA ALA I 477 -23.79 -1.22 -26.16
C ALA I 477 -25.31 -1.24 -26.29
N GLN I 478 -25.93 -0.06 -26.47
CA GLN I 478 -27.37 -0.02 -26.66
C GLN I 478 -27.77 -0.66 -27.98
N PHE I 479 -26.94 -0.50 -29.02
CA PHE I 479 -27.19 -1.17 -30.28
C PHE I 479 -27.18 -2.69 -30.11
N ILE I 480 -26.22 -3.20 -29.35
CA ILE I 480 -26.17 -4.64 -29.09
C ILE I 480 -27.38 -5.09 -28.28
N GLN I 481 -27.78 -4.28 -27.28
CA GLN I 481 -28.97 -4.60 -26.51
C GLN I 481 -30.20 -4.69 -27.41
N ASN I 482 -30.34 -3.74 -28.33
CA ASN I 482 -31.45 -3.78 -29.28
C ASN I 482 -31.38 -5.02 -30.17
N LEU I 483 -30.17 -5.39 -30.59
CA LEU I 483 -30.04 -6.55 -31.47
C LEU I 483 -30.46 -7.84 -30.78
N HIS I 484 -30.20 -7.96 -29.47
CA HIS I 484 -30.54 -9.19 -28.77
C HIS I 484 -32.04 -9.27 -28.50
N THR I 485 -32.67 -8.16 -28.13
CA THR I 485 -34.10 -8.19 -27.87
C THR I 485 -34.91 -8.41 -29.14
N LEU I 486 -34.33 -8.17 -30.31
CA LEU I 486 -34.96 -8.46 -31.58
C LEU I 486 -34.56 -9.82 -32.15
N ALA I 487 -33.61 -10.51 -31.51
CA ALA I 487 -33.14 -11.79 -32.04
C ALA I 487 -34.24 -12.85 -32.14
N PRO I 488 -35.09 -13.07 -31.13
CA PRO I 488 -36.13 -14.10 -31.29
C PRO I 488 -37.09 -13.77 -32.41
N GLY I 489 -37.09 -14.62 -33.44
CA GLY I 489 -37.95 -14.45 -34.58
C GLY I 489 -37.30 -13.79 -35.78
N SER I 490 -36.17 -13.11 -35.59
CA SER I 490 -35.47 -12.46 -36.68
C SER I 490 -34.12 -13.11 -36.97
N THR I 491 -33.23 -13.17 -35.99
CA THR I 491 -31.97 -13.87 -36.14
C THR I 491 -31.93 -15.20 -35.40
N ALA I 492 -32.70 -15.35 -34.34
CA ALA I 492 -32.90 -16.66 -33.74
C ALA I 492 -34.36 -17.05 -33.93
N PRO I 493 -34.75 -17.43 -35.14
CA PRO I 493 -36.18 -17.60 -35.43
C PRO I 493 -36.86 -18.69 -34.62
N ASN I 494 -36.10 -19.64 -34.08
CA ASN I 494 -36.67 -20.72 -33.27
C ASN I 494 -36.66 -20.39 -31.78
N ALA I 495 -36.26 -19.18 -31.42
CA ALA I 495 -36.37 -18.72 -30.04
C ALA I 495 -37.74 -18.10 -29.79
N LEU I 496 -38.24 -18.30 -28.57
CA LEU I 496 -39.49 -17.68 -28.15
C LEU I 496 -39.27 -16.41 -27.34
N THR I 497 -38.11 -16.25 -26.71
CA THR I 497 -37.82 -15.10 -25.87
C THR I 497 -36.32 -14.84 -25.93
N THR I 498 -35.94 -13.60 -25.63
CA THR I 498 -34.53 -13.23 -25.59
C THR I 498 -33.78 -14.09 -24.59
N VAL I 499 -32.46 -14.17 -24.77
CA VAL I 499 -31.64 -14.98 -23.88
C VAL I 499 -31.72 -14.45 -22.45
N SER I 500 -31.63 -13.13 -22.29
CA SER I 500 -31.74 -12.50 -20.99
C SER I 500 -32.60 -11.26 -21.11
N TYR I 501 -33.43 -11.03 -20.09
CA TYR I 501 -34.24 -9.82 -20.05
C TYR I 501 -33.40 -8.58 -19.76
N ALA I 502 -32.13 -8.76 -19.40
CA ALA I 502 -31.24 -7.61 -19.23
C ALA I 502 -31.09 -6.82 -20.52
N PHE I 503 -31.12 -7.49 -21.67
CA PHE I 503 -31.02 -6.80 -22.95
C PHE I 503 -32.30 -6.07 -23.31
N GLY I 504 -33.41 -6.39 -22.65
CA GLY I 504 -34.67 -5.76 -22.96
C GLY I 504 -35.84 -6.74 -22.87
N GLY I 505 -37.06 -6.22 -22.81
CA GLY I 505 -38.22 -7.07 -22.69
C GLY I 505 -39.11 -6.68 -21.53
N ASP I 506 -39.71 -7.66 -20.88
CA ASP I 506 -40.64 -7.43 -19.78
C ASP I 506 -39.93 -7.57 -18.43
N VAL I 507 -40.55 -7.02 -17.41
CA VAL I 507 -40.07 -7.18 -16.04
C VAL I 507 -40.57 -8.52 -15.52
N ILE I 508 -39.64 -9.38 -15.12
CA ILE I 508 -39.95 -10.71 -14.62
C ILE I 508 -39.90 -10.68 -13.11
N SER I 509 -41.05 -10.90 -12.47
CA SER I 509 -41.17 -10.87 -11.03
C SER I 509 -41.72 -12.18 -10.52
N VAL I 510 -41.16 -12.68 -9.42
CA VAL I 510 -41.61 -13.89 -8.76
C VAL I 510 -41.97 -13.53 -7.33
N GLY I 511 -43.24 -13.66 -6.99
CA GLY I 511 -43.69 -13.30 -5.65
C GLY I 511 -43.48 -11.85 -5.32
N SER I 512 -43.79 -10.96 -6.25
CA SER I 512 -43.67 -9.50 -6.12
C SER I 512 -42.22 -9.04 -6.02
N LYS I 513 -41.25 -9.91 -6.26
CA LYS I 513 -39.84 -9.55 -6.25
C LYS I 513 -39.28 -9.68 -7.65
N ILE I 514 -38.53 -8.67 -8.08
CA ILE I 514 -38.02 -8.65 -9.45
C ILE I 514 -36.93 -9.71 -9.61
N ALA I 515 -37.08 -10.56 -10.61
CA ALA I 515 -36.06 -11.55 -10.96
C ALA I 515 -35.06 -10.97 -11.95
N MET I 516 -35.56 -10.47 -13.09
CA MET I 516 -34.72 -9.83 -14.08
C MET I 516 -35.52 -8.70 -14.73
N MET I 517 -34.79 -7.73 -15.28
CA MET I 517 -35.43 -6.56 -15.89
C MET I 517 -34.42 -5.90 -16.80
N PRO I 518 -34.86 -5.28 -17.91
CA PRO I 518 -33.93 -4.56 -18.79
C PRO I 518 -33.00 -3.61 -18.04
N ILE I 519 -31.70 -3.81 -18.20
CA ILE I 519 -30.70 -2.99 -17.55
C ILE I 519 -30.37 -1.83 -18.48
N SER I 520 -30.92 -0.66 -18.18
CA SER I 520 -30.69 0.51 -19.02
C SER I 520 -29.25 1.00 -18.87
N LEU I 521 -28.66 1.39 -19.98
CA LEU I 521 -27.29 1.89 -20.02
C LEU I 521 -27.32 3.37 -20.38
N GLY I 522 -26.79 4.22 -19.50
CA GLY I 522 -26.73 5.64 -19.74
C GLY I 522 -25.34 6.19 -19.60
N THR I 523 -25.21 7.49 -19.35
CA THR I 523 -23.88 8.09 -19.19
C THR I 523 -23.19 7.57 -17.94
N ALA I 524 -23.95 7.15 -16.92
CA ALA I 524 -23.34 6.61 -15.73
C ALA I 524 -22.64 5.28 -16.00
N ASP I 525 -23.25 4.46 -16.87
CA ASP I 525 -22.63 3.18 -17.21
C ASP I 525 -21.43 3.37 -18.14
N PHE I 526 -21.45 4.40 -18.98
CA PHE I 526 -20.31 4.72 -19.82
C PHE I 526 -19.06 4.96 -18.97
N LEU I 527 -19.19 5.83 -17.96
CA LEU I 527 -18.05 6.19 -17.13
C LEU I 527 -17.52 5.00 -16.36
N VAL I 528 -18.42 4.19 -15.77
CA VAL I 528 -17.96 3.07 -14.97
C VAL I 528 -17.37 1.97 -15.85
N HIS I 529 -17.89 1.80 -17.06
CA HIS I 529 -17.31 0.82 -17.98
C HIS I 529 -15.91 1.24 -18.40
N HIS I 530 -15.72 2.54 -18.65
CA HIS I 530 -14.37 2.99 -18.99
C HIS I 530 -13.44 2.93 -17.79
N ILE I 531 -13.98 3.09 -16.59
CA ILE I 531 -13.18 2.85 -15.38
C ILE I 531 -12.73 1.40 -15.32
N HIS I 532 -13.64 0.48 -15.63
CA HIS I 532 -13.29 -0.94 -15.68
C HIS I 532 -12.18 -1.19 -16.70
N ALA I 533 -12.34 -0.62 -17.89
CA ALA I 533 -11.33 -0.80 -18.94
C ALA I 533 -9.98 -0.26 -18.49
N PHE I 534 -9.98 0.91 -17.85
CA PHE I 534 -8.73 1.54 -17.40
C PHE I 534 -8.04 0.69 -16.33
N THR I 535 -8.80 0.22 -15.34
CA THR I 535 -8.20 -0.59 -14.29
C THR I 535 -7.67 -1.90 -14.84
N ILE I 536 -8.42 -2.54 -15.73
CA ILE I 536 -7.96 -3.77 -16.35
C ILE I 536 -6.69 -3.53 -17.14
N HIS I 537 -6.62 -2.40 -17.86
CA HIS I 537 -5.43 -2.09 -18.65
C HIS I 537 -4.22 -1.86 -17.76
N VAL I 538 -4.40 -1.21 -16.61
CA VAL I 538 -3.26 -0.97 -15.73
C VAL I 538 -2.79 -2.28 -15.10
N THR I 539 -3.72 -3.15 -14.72
CA THR I 539 -3.32 -4.46 -14.20
C THR I 539 -2.55 -5.25 -15.26
N VAL I 540 -3.05 -5.23 -16.51
CA VAL I 540 -2.35 -5.88 -17.60
C VAL I 540 -0.98 -5.26 -17.80
N LEU I 541 -0.87 -3.94 -17.64
CA LEU I 541 0.41 -3.28 -17.81
C LEU I 541 1.42 -3.78 -16.78
N ILE I 542 1.02 -3.84 -15.52
CA ILE I 542 1.94 -4.29 -14.47
C ILE I 542 2.35 -5.73 -14.73
N LEU I 543 1.38 -6.60 -15.02
CA LEU I 543 1.69 -8.02 -15.18
C LEU I 543 2.52 -8.28 -16.43
N LEU I 544 2.22 -7.59 -17.53
CA LEU I 544 2.97 -7.79 -18.77
C LEU I 544 4.38 -7.21 -18.65
N LYS I 545 4.53 -6.09 -17.94
CA LYS I 545 5.86 -5.57 -17.68
C LYS I 545 6.65 -6.55 -16.83
N GLY I 546 5.99 -7.21 -15.88
CA GLY I 546 6.67 -8.23 -15.10
C GLY I 546 7.10 -9.42 -15.94
N VAL I 547 6.24 -9.88 -16.83
CA VAL I 547 6.55 -11.06 -17.63
C VAL I 547 7.65 -10.75 -18.64
N LEU I 548 7.54 -9.61 -19.34
CA LEU I 548 8.46 -9.31 -20.43
C LEU I 548 9.84 -8.93 -19.91
N TYR I 549 9.90 -8.18 -18.81
CA TYR I 549 11.16 -7.75 -18.23
C TYR I 549 11.62 -8.66 -17.10
N SER I 550 11.19 -9.92 -17.11
CA SER I 550 11.57 -10.88 -16.09
C SER I 550 12.99 -11.40 -16.27
N ARG I 551 13.51 -11.41 -17.50
CA ARG I 551 14.82 -11.96 -17.78
C ARG I 551 15.93 -10.92 -17.82
N ASN I 552 15.67 -9.76 -18.40
CA ASN I 552 16.68 -8.72 -18.50
C ASN I 552 15.98 -7.38 -18.72
N SER I 553 16.78 -6.32 -18.65
CA SER I 553 16.29 -4.95 -18.85
C SER I 553 17.49 -4.06 -19.12
N ARG I 554 17.23 -2.76 -19.30
CA ARG I 554 18.33 -1.82 -19.40
C ARG I 554 18.95 -1.56 -18.04
N LEU I 555 18.17 -1.68 -16.97
CA LEU I 555 18.73 -1.56 -15.63
C LEU I 555 19.61 -2.75 -15.28
N ILE I 556 19.02 -3.95 -15.26
CA ILE I 556 19.73 -5.16 -14.88
C ILE I 556 19.77 -6.08 -16.09
N PRO I 557 20.88 -6.12 -16.84
CA PRO I 557 20.94 -6.96 -18.04
C PRO I 557 20.94 -8.45 -17.73
N ASP I 558 21.13 -8.86 -16.48
CA ASP I 558 21.15 -10.26 -16.08
C ASP I 558 20.15 -10.51 -14.97
N LYS I 559 18.93 -9.99 -15.14
CA LYS I 559 17.89 -10.17 -14.14
C LYS I 559 17.45 -11.63 -14.03
N ALA I 560 17.62 -12.42 -15.09
CA ALA I 560 17.25 -13.83 -15.02
C ALA I 560 18.16 -14.61 -14.10
N ASN I 561 19.41 -14.17 -13.93
CA ASN I 561 20.33 -14.84 -13.02
C ASN I 561 20.00 -14.59 -11.56
N LEU I 562 19.16 -13.59 -11.26
CA LEU I 562 18.72 -13.33 -9.91
C LEU I 562 17.48 -14.12 -9.52
N GLY I 563 16.86 -14.82 -10.48
CA GLY I 563 15.70 -15.64 -10.19
C GLY I 563 14.40 -14.88 -10.37
N PHE I 564 13.31 -15.62 -10.17
CA PHE I 564 11.98 -15.02 -10.25
C PHE I 564 11.68 -14.19 -9.01
N ARG I 565 12.09 -14.67 -7.84
CA ARG I 565 11.75 -14.05 -6.56
C ARG I 565 13.02 -13.53 -5.90
N PHE I 566 13.24 -12.22 -5.99
CA PHE I 566 14.32 -11.57 -5.27
C PHE I 566 13.89 -10.15 -4.95
N PRO I 567 14.39 -9.56 -3.86
CA PRO I 567 13.88 -8.24 -3.46
C PRO I 567 14.35 -7.13 -4.38
N CYS I 568 15.58 -7.18 -4.86
CA CYS I 568 16.19 -6.05 -5.56
C CYS I 568 17.49 -6.51 -6.16
N ASP I 569 18.21 -5.55 -6.74
CA ASP I 569 19.63 -5.71 -7.06
C ASP I 569 20.52 -4.81 -6.22
N GLY I 570 19.95 -3.86 -5.48
CA GLY I 570 20.72 -2.99 -4.62
C GLY I 570 20.25 -1.54 -4.68
N PRO I 571 20.80 -0.71 -3.80
CA PRO I 571 20.44 0.73 -3.83
C PRO I 571 21.05 1.48 -5.00
N GLY I 572 21.90 0.85 -5.78
CA GLY I 572 22.53 1.52 -6.90
C GLY I 572 21.58 1.71 -8.06
N ARG I 573 22.11 2.33 -9.11
CA ARG I 573 21.33 2.75 -10.27
C ARG I 573 20.21 3.68 -9.87
N GLY I 574 20.42 4.45 -8.80
CA GLY I 574 19.38 5.25 -8.20
C GLY I 574 18.43 4.48 -7.30
N GLY I 575 18.57 3.16 -7.24
CA GLY I 575 17.64 2.33 -6.49
C GLY I 575 16.97 1.31 -7.38
N THR I 576 17.15 0.02 -7.07
CA THR I 576 16.61 -1.06 -7.87
C THR I 576 15.66 -1.93 -7.05
N CYS I 577 14.77 -1.29 -6.29
CA CYS I 577 13.73 -2.01 -5.59
C CYS I 577 12.86 -2.77 -6.59
N GLN I 578 12.20 -3.83 -6.10
CA GLN I 578 11.03 -4.42 -6.76
C GLN I 578 11.22 -4.61 -8.27
N VAL I 579 12.40 -4.92 -8.72
CA VAL I 579 12.56 -5.10 -10.13
C VAL I 579 12.24 -6.51 -10.53
N SER I 580 11.88 -7.36 -9.61
CA SER I 580 11.68 -8.73 -9.94
C SER I 580 10.53 -8.84 -10.78
N ALA I 581 10.01 -10.04 -10.85
CA ALA I 581 8.89 -10.26 -11.63
C ALA I 581 7.89 -10.63 -10.64
N TRP I 582 8.32 -10.92 -9.44
CA TRP I 582 7.42 -11.24 -8.38
C TRP I 582 6.90 -10.01 -7.83
N ASP I 583 7.73 -8.97 -7.84
CA ASP I 583 7.31 -7.70 -7.28
C ASP I 583 6.33 -7.06 -8.23
N HIS I 584 6.05 -7.74 -9.33
CA HIS I 584 5.13 -7.21 -10.29
C HIS I 584 3.86 -7.97 -10.13
N VAL I 585 3.94 -9.14 -9.57
CA VAL I 585 2.76 -9.88 -9.30
C VAL I 585 2.26 -9.37 -8.00
N PHE I 586 3.08 -8.71 -7.22
CA PHE I 586 2.63 -8.09 -5.97
C PHE I 586 1.84 -6.80 -6.26
N LEU I 587 2.42 -5.92 -7.07
CA LEU I 587 1.71 -4.70 -7.47
C LEU I 587 0.47 -5.02 -8.30
N GLY I 588 0.56 -6.03 -9.16
CA GLY I 588 -0.60 -6.44 -9.94
C GLY I 588 -1.72 -7.00 -9.09
N LEU I 589 -1.37 -7.67 -7.99
CA LEU I 589 -2.37 -8.10 -7.03
C LEU I 589 -3.08 -6.90 -6.43
N PHE I 590 -2.32 -5.86 -6.07
CA PHE I 590 -2.96 -4.65 -5.58
C PHE I 590 -3.93 -4.07 -6.60
N TRP I 591 -3.48 -3.97 -7.86
CA TRP I 591 -4.33 -3.33 -8.87
C TRP I 591 -5.51 -4.22 -9.26
N MET I 592 -5.35 -5.54 -9.20
CA MET I 592 -6.48 -6.44 -9.37
C MET I 592 -7.50 -6.24 -8.27
N TYR I 593 -7.04 -6.07 -7.03
CA TYR I 593 -7.97 -5.77 -5.95
C TYR I 593 -8.74 -4.50 -6.26
N ASN I 594 -8.05 -3.45 -6.71
CA ASN I 594 -8.72 -2.20 -7.05
C ASN I 594 -9.77 -2.42 -8.13
N SER I 595 -9.39 -3.10 -9.22
CA SER I 595 -10.29 -3.29 -10.35
C SER I 595 -11.51 -4.10 -9.97
N ILE I 596 -11.30 -5.21 -9.26
CA ILE I 596 -12.41 -6.09 -8.89
C ILE I 596 -13.32 -5.39 -7.88
N SER I 597 -12.73 -4.61 -6.96
CA SER I 597 -13.55 -3.85 -6.02
C SER I 597 -14.46 -2.87 -6.75
N ILE I 598 -13.92 -2.17 -7.75
CA ILE I 598 -14.75 -1.26 -8.52
C ILE I 598 -15.82 -2.02 -9.29
N VAL I 599 -15.47 -3.19 -9.83
CA VAL I 599 -16.43 -3.97 -10.59
C VAL I 599 -17.60 -4.41 -9.72
N ILE I 600 -17.28 -4.94 -8.52
CA ILE I 600 -18.34 -5.43 -7.64
C ILE I 600 -19.15 -4.26 -7.07
N PHE I 601 -18.51 -3.12 -6.83
CA PHE I 601 -19.28 -1.94 -6.42
C PHE I 601 -20.26 -1.50 -7.49
N HIS I 602 -19.80 -1.46 -8.75
CA HIS I 602 -20.68 -1.13 -9.86
C HIS I 602 -21.85 -2.10 -9.93
N PHE I 603 -21.56 -3.41 -9.83
CA PHE I 603 -22.61 -4.41 -9.89
C PHE I 603 -23.62 -4.20 -8.76
N SER I 604 -23.14 -4.09 -7.53
CA SER I 604 -24.04 -3.96 -6.39
C SER I 604 -24.93 -2.74 -6.52
N TRP I 605 -24.33 -1.57 -6.78
CA TRP I 605 -25.11 -0.35 -6.84
C TRP I 605 -26.07 -0.38 -8.03
N LYS I 606 -25.61 -0.79 -9.20
CA LYS I 606 -26.47 -0.79 -10.37
C LYS I 606 -27.63 -1.74 -10.20
N MET I 607 -27.38 -2.95 -9.68
CA MET I 607 -28.47 -3.90 -9.48
C MET I 607 -29.47 -3.37 -8.46
N GLN I 608 -28.98 -2.92 -7.30
CA GLN I 608 -29.88 -2.42 -6.26
C GLN I 608 -30.68 -1.22 -6.71
N SER I 609 -30.11 -0.39 -7.59
CA SER I 609 -30.75 0.86 -7.97
C SER I 609 -31.61 0.76 -9.21
N ASP I 610 -31.33 -0.18 -10.12
CA ASP I 610 -32.00 -0.19 -11.41
C ASP I 610 -32.41 -1.58 -11.87
N VAL I 611 -32.29 -2.62 -11.04
CA VAL I 611 -32.84 -3.92 -11.42
C VAL I 611 -33.69 -4.47 -10.28
N TRP I 612 -33.08 -4.64 -9.12
CA TRP I 612 -33.75 -5.31 -8.00
C TRP I 612 -34.80 -4.40 -7.37
N GLY I 613 -35.76 -5.02 -6.71
CA GLY I 613 -36.82 -4.28 -6.04
C GLY I 613 -38.09 -5.10 -6.01
N THR I 614 -39.21 -4.40 -5.86
CA THR I 614 -40.52 -5.01 -5.82
C THR I 614 -41.41 -4.42 -6.90
N VAL I 615 -42.40 -5.19 -7.33
CA VAL I 615 -43.35 -4.76 -8.35
C VAL I 615 -44.74 -4.72 -7.73
N SER I 616 -45.39 -3.55 -7.84
CA SER I 616 -46.73 -3.40 -7.33
C SER I 616 -47.72 -4.21 -8.16
N PRO I 617 -48.89 -4.52 -7.59
CA PRO I 617 -49.87 -5.29 -8.36
C PRO I 617 -50.30 -4.63 -9.66
N THR I 618 -50.26 -3.30 -9.75
CA THR I 618 -50.61 -2.59 -10.97
C THR I 618 -49.44 -2.48 -11.93
N GLY I 619 -48.26 -2.94 -11.56
CA GLY I 619 -47.11 -2.93 -12.44
C GLY I 619 -46.10 -1.83 -12.20
N ALA I 620 -46.17 -1.13 -11.07
CA ALA I 620 -45.21 -0.09 -10.75
C ALA I 620 -43.98 -0.70 -10.09
N VAL I 621 -42.80 -0.34 -10.61
CA VAL I 621 -41.54 -0.90 -10.16
C VAL I 621 -40.89 0.06 -9.18
N SER I 622 -40.61 -0.42 -7.97
CA SER I 622 -39.89 0.34 -6.96
C SER I 622 -38.63 -0.44 -6.58
N HIS I 623 -37.48 0.21 -6.68
CA HIS I 623 -36.21 -0.46 -6.49
C HIS I 623 -35.73 -0.34 -5.05
N ILE I 624 -34.61 -1.02 -4.76
CA ILE I 624 -34.09 -1.04 -3.40
C ILE I 624 -33.63 0.36 -2.97
N THR I 625 -32.92 1.06 -3.84
CA THR I 625 -32.44 2.39 -3.54
C THR I 625 -33.27 3.49 -4.19
N GLY I 626 -33.80 3.26 -5.39
CA GLY I 626 -34.69 4.21 -6.00
C GLY I 626 -34.13 4.93 -7.22
N GLY I 627 -33.26 4.27 -7.96
CA GLY I 627 -32.74 4.85 -9.18
C GLY I 627 -31.72 5.94 -9.00
N ASN I 628 -31.04 6.00 -7.86
CA ASN I 628 -30.04 7.02 -7.62
C ASN I 628 -28.74 6.77 -8.37
N PHE I 629 -28.58 5.60 -9.00
CA PHE I 629 -27.35 5.30 -9.73
C PHE I 629 -27.19 6.22 -10.93
N ALA I 630 -28.28 6.54 -11.62
CA ALA I 630 -28.18 7.28 -12.87
C ALA I 630 -27.59 8.67 -12.66
N GLN I 631 -27.95 9.34 -11.56
CA GLN I 631 -27.57 10.72 -11.35
C GLN I 631 -26.50 10.92 -10.29
N SER I 632 -26.28 9.95 -9.40
CA SER I 632 -25.36 10.13 -8.29
C SER I 632 -24.14 9.20 -8.34
N SER I 633 -24.05 8.32 -9.33
CA SER I 633 -22.87 7.49 -9.50
C SER I 633 -21.85 8.11 -10.45
N ILE I 634 -22.06 9.37 -10.85
CA ILE I 634 -21.18 10.05 -11.78
C ILE I 634 -20.15 10.93 -11.08
N THR I 635 -20.22 11.04 -9.76
CA THR I 635 -19.24 11.80 -8.98
C THR I 635 -18.68 10.92 -7.87
N ILE I 636 -17.44 11.20 -7.48
CA ILE I 636 -16.82 10.45 -6.40
C ILE I 636 -17.53 10.71 -5.08
N ASN I 637 -18.00 11.95 -4.87
CA ASN I 637 -18.81 12.24 -3.69
C ASN I 637 -20.10 11.44 -3.71
N GLY I 638 -20.67 11.23 -4.90
CA GLY I 638 -21.85 10.39 -4.99
C GLY I 638 -21.58 8.96 -4.56
N TRP I 639 -20.47 8.39 -5.03
CA TRP I 639 -20.10 7.05 -4.61
C TRP I 639 -19.85 6.98 -3.11
N LEU I 640 -19.20 8.01 -2.57
CA LEU I 640 -18.90 8.03 -1.13
C LEU I 640 -20.17 8.11 -0.30
N ARG I 641 -21.14 8.92 -0.73
CA ARG I 641 -22.31 9.22 0.09
C ARG I 641 -23.48 8.29 -0.19
N ASP I 642 -23.98 8.29 -1.43
CA ASP I 642 -25.18 7.55 -1.77
C ASP I 642 -24.95 6.06 -1.89
N PHE I 643 -23.71 5.60 -1.96
CA PHE I 643 -23.43 4.16 -1.98
C PHE I 643 -22.72 3.71 -0.71
N LEU I 644 -21.51 4.21 -0.45
CA LEU I 644 -20.74 3.70 0.68
C LEU I 644 -21.40 4.09 2.00
N TRP I 645 -21.57 5.39 2.22
CA TRP I 645 -22.17 5.87 3.47
C TRP I 645 -23.60 5.37 3.62
N SER I 646 -24.38 5.39 2.53
CA SER I 646 -25.79 5.05 2.63
C SER I 646 -25.99 3.56 2.90
N GLN I 647 -25.32 2.69 2.14
CA GLN I 647 -25.51 1.27 2.28
C GLN I 647 -24.64 0.65 3.38
N ALA I 648 -23.76 1.43 3.98
CA ALA I 648 -23.05 0.96 5.16
C ALA I 648 -23.86 1.13 6.44
N ALA I 649 -25.07 1.69 6.33
CA ALA I 649 -25.91 1.87 7.51
C ALA I 649 -26.27 0.54 8.15
N GLN I 650 -26.54 -0.47 7.33
CA GLN I 650 -26.95 -1.77 7.86
C GLN I 650 -25.81 -2.46 8.59
N VAL I 651 -24.56 -2.25 8.14
CA VAL I 651 -23.42 -2.89 8.78
C VAL I 651 -23.16 -2.26 10.15
N VAL I 652 -23.19 -0.94 10.23
CA VAL I 652 -22.87 -0.26 11.48
C VAL I 652 -23.99 -0.38 12.50
N GLN I 653 -25.23 -0.60 12.05
CA GLN I 653 -26.37 -0.74 12.94
C GLN I 653 -26.74 -2.20 13.17
N SER I 654 -25.81 -3.12 12.93
CA SER I 654 -26.07 -4.55 13.08
C SER I 654 -25.81 -5.07 14.48
N TYR I 655 -25.25 -4.24 15.37
CA TYR I 655 -24.95 -4.71 16.72
C TYR I 655 -26.23 -5.00 17.48
N GLY I 656 -26.22 -6.12 18.20
CA GLY I 656 -27.38 -6.59 18.93
C GLY I 656 -28.35 -7.40 18.10
N SER I 657 -28.19 -7.43 16.78
CA SER I 657 -29.05 -8.19 15.90
C SER I 657 -28.34 -9.47 15.47
N SER I 658 -29.02 -10.25 14.63
CA SER I 658 -28.44 -11.49 14.12
C SER I 658 -27.37 -11.24 13.07
N LEU I 659 -27.22 -10.02 12.59
CA LEU I 659 -26.17 -9.66 11.64
C LEU I 659 -24.96 -9.03 12.32
N SER I 660 -24.89 -9.11 13.65
CA SER I 660 -23.77 -8.48 14.37
C SER I 660 -22.43 -9.08 13.98
N ALA I 661 -22.41 -10.35 13.59
CA ALA I 661 -21.16 -10.95 13.11
C ALA I 661 -20.62 -10.21 11.91
N TYR I 662 -21.51 -9.69 11.06
CA TYR I 662 -21.07 -8.92 9.91
C TYR I 662 -20.41 -7.62 10.33
N GLY I 663 -20.94 -6.95 11.36
CA GLY I 663 -20.28 -5.76 11.87
C GLY I 663 -18.94 -6.08 12.50
N LEU I 664 -18.86 -7.18 13.24
CA LEU I 664 -17.59 -7.58 13.83
C LEU I 664 -16.55 -7.88 12.76
N ILE I 665 -16.95 -8.59 11.71
CA ILE I 665 -16.02 -8.88 10.62
C ILE I 665 -15.67 -7.62 9.85
N PHE I 666 -16.62 -6.68 9.71
CA PHE I 666 -16.32 -5.37 9.14
C PHE I 666 -15.19 -4.70 9.88
N LEU I 667 -15.31 -4.61 11.21
CA LEU I 667 -14.28 -3.98 12.02
C LEU I 667 -12.96 -4.74 11.96
N GLY I 668 -13.02 -6.07 12.03
CA GLY I 668 -11.79 -6.86 12.00
C GLY I 668 -11.09 -6.78 10.66
N ALA I 669 -11.84 -6.70 9.57
CA ALA I 669 -11.25 -6.54 8.26
C ALA I 669 -10.62 -5.17 8.09
N HIS I 670 -11.27 -4.13 8.66
CA HIS I 670 -10.61 -2.83 8.70
C HIS I 670 -9.29 -2.92 9.45
N PHE I 671 -9.30 -3.61 10.60
CA PHE I 671 -8.09 -3.75 11.40
C PHE I 671 -7.00 -4.47 10.62
N ILE I 672 -7.35 -5.54 9.91
CA ILE I 672 -6.36 -6.30 9.17
C ILE I 672 -5.81 -5.49 8.00
N TRP I 673 -6.69 -4.76 7.31
CA TRP I 673 -6.24 -3.92 6.20
C TRP I 673 -5.27 -2.85 6.68
N ALA I 674 -5.58 -2.22 7.82
CA ALA I 674 -4.65 -1.24 8.38
C ALA I 674 -3.37 -1.90 8.89
N PHE I 675 -3.48 -3.13 9.40
CA PHE I 675 -2.31 -3.88 9.84
C PHE I 675 -1.35 -4.14 8.69
N SER I 676 -1.89 -4.39 7.50
CA SER I 676 -1.07 -4.64 6.32
C SER I 676 -0.10 -3.49 6.04
N LEU I 677 -0.53 -2.26 6.30
CA LEU I 677 0.26 -1.09 5.97
C LEU I 677 1.55 -1.01 6.78
N MET I 678 1.60 -1.67 7.94
CA MET I 678 2.87 -1.77 8.67
C MET I 678 3.92 -2.50 7.85
N PHE I 679 3.53 -3.62 7.22
CA PHE I 679 4.47 -4.36 6.39
C PHE I 679 4.70 -3.68 5.05
N LEU I 680 3.67 -3.03 4.51
CA LEU I 680 3.82 -2.42 3.18
C LEU I 680 4.65 -1.16 3.21
N PHE I 681 4.57 -0.39 4.29
CA PHE I 681 5.24 0.91 4.33
C PHE I 681 6.63 0.86 4.95
N SER I 682 6.91 -0.12 5.81
CA SER I 682 8.16 -0.17 6.55
C SER I 682 9.19 -1.02 5.82
N GLY I 683 10.35 -1.20 6.47
CA GLY I 683 11.44 -1.94 5.89
C GLY I 683 12.06 -2.88 6.90
N ARG I 684 12.89 -3.79 6.37
CA ARG I 684 13.40 -4.89 7.19
C ARG I 684 14.44 -4.43 8.21
N GLY I 685 15.23 -3.41 7.89
CA GLY I 685 16.32 -3.01 8.78
C GLY I 685 15.84 -2.54 10.13
N TYR I 686 14.78 -1.73 10.15
CA TYR I 686 14.24 -1.24 11.42
C TYR I 686 13.79 -2.39 12.30
N TRP I 687 13.08 -3.37 11.72
CA TRP I 687 12.58 -4.48 12.51
C TRP I 687 13.70 -5.38 12.98
N GLN I 688 14.73 -5.57 12.15
CA GLN I 688 15.89 -6.34 12.59
C GLN I 688 16.59 -5.66 13.76
N GLU I 689 16.75 -4.33 13.70
CA GLU I 689 17.44 -3.63 14.77
C GLU I 689 16.59 -3.57 16.05
N LEU I 690 15.26 -3.58 15.92
CA LEU I 690 14.41 -3.68 17.10
C LEU I 690 14.47 -5.08 17.71
N ILE I 691 14.47 -6.10 16.86
CA ILE I 691 14.66 -7.47 17.32
C ILE I 691 16.02 -7.61 18.00
N GLU I 692 17.01 -6.81 17.60
CA GLU I 692 18.30 -6.83 18.29
C GLU I 692 18.15 -6.48 19.76
N SER I 693 17.41 -5.41 20.07
CA SER I 693 17.24 -5.02 21.47
C SER I 693 16.35 -6.02 22.22
N ILE I 694 15.33 -6.56 21.55
CA ILE I 694 14.51 -7.58 22.19
C ILE I 694 15.36 -8.81 22.52
N VAL I 695 16.24 -9.20 21.61
CA VAL I 695 17.15 -10.31 21.84
C VAL I 695 18.12 -9.98 22.96
N TRP I 696 18.54 -8.71 23.07
CA TRP I 696 19.38 -8.32 24.20
C TRP I 696 18.65 -8.56 25.51
N ALA I 697 17.37 -8.18 25.58
CA ALA I 697 16.60 -8.42 26.80
C ALA I 697 16.50 -9.92 27.09
N HIS I 698 16.23 -10.71 26.06
CA HIS I 698 16.11 -12.16 26.25
C HIS I 698 17.42 -12.77 26.74
N ASN I 699 18.55 -12.33 26.17
CA ASN I 699 19.85 -12.81 26.61
C ASN I 699 20.13 -12.37 28.04
N LYS I 700 19.72 -11.16 28.40
CA LYS I 700 19.85 -10.70 29.78
C LYS I 700 19.07 -11.59 30.72
N LEU I 701 17.92 -12.12 30.28
CA LEU I 701 17.16 -13.05 31.09
C LEU I 701 17.41 -14.52 30.71
N LYS I 702 18.46 -14.79 29.94
CA LYS I 702 18.87 -16.16 29.60
C LYS I 702 17.76 -16.94 28.89
N VAL I 703 16.97 -16.27 28.07
CA VAL I 703 15.83 -16.92 27.43
C VAL I 703 15.86 -16.66 25.94
N ALA I 704 17.04 -16.35 25.41
CA ALA I 704 17.19 -16.18 23.97
C ALA I 704 17.08 -17.54 23.28
N PRO I 705 16.21 -17.69 22.29
CA PRO I 705 16.07 -18.98 21.62
C PRO I 705 17.31 -19.34 20.82
N SER I 706 17.55 -20.65 20.69
CA SER I 706 18.67 -21.11 19.88
C SER I 706 18.45 -20.78 18.41
N ILE I 707 17.22 -20.93 17.93
CA ILE I 707 16.87 -20.49 16.58
C ILE I 707 16.84 -18.97 16.59
N GLN I 708 17.85 -18.35 15.97
CA GLN I 708 18.00 -16.90 16.07
C GLN I 708 16.82 -16.21 15.40
N PRO I 709 16.12 -15.33 16.11
CA PRO I 709 14.97 -14.63 15.51
C PRO I 709 15.43 -13.55 14.53
N ARG I 710 14.95 -13.64 13.30
CA ARG I 710 15.26 -12.66 12.27
C ARG I 710 13.98 -12.06 11.72
N ALA I 711 14.06 -10.79 11.36
CA ALA I 711 12.92 -10.13 10.75
C ALA I 711 12.60 -10.78 9.41
N LEU I 712 11.32 -10.72 9.02
CA LEU I 712 10.89 -11.33 7.78
C LEU I 712 11.66 -10.75 6.60
N SER I 713 12.05 -11.61 5.67
CA SER I 713 12.77 -11.15 4.49
C SER I 713 11.96 -10.10 3.73
N ILE I 714 12.66 -9.35 2.89
CA ILE I 714 12.01 -8.26 2.15
C ILE I 714 10.85 -8.80 1.32
N THR I 715 11.10 -9.87 0.57
CA THR I 715 10.05 -10.47 -0.23
C THR I 715 8.91 -10.99 0.64
N GLN I 716 9.25 -11.62 1.77
CA GLN I 716 8.20 -12.10 2.66
C GLN I 716 7.46 -10.94 3.32
N GLY I 717 8.16 -9.85 3.63
CA GLY I 717 7.46 -8.67 4.14
C GLY I 717 6.45 -8.15 3.15
N ARG I 718 6.83 -8.08 1.87
CA ARG I 718 5.89 -7.66 0.83
C ARG I 718 4.74 -8.65 0.71
N ALA I 719 5.03 -9.95 0.78
CA ALA I 719 3.97 -10.95 0.65
C ALA I 719 2.98 -10.86 1.80
N VAL I 720 3.48 -10.68 3.02
CA VAL I 720 2.61 -10.53 4.18
C VAL I 720 1.77 -9.27 4.04
N GLY I 721 2.40 -8.18 3.59
CA GLY I 721 1.65 -6.94 3.42
C GLY I 721 0.53 -7.08 2.41
N VAL I 722 0.82 -7.68 1.25
CA VAL I 722 -0.20 -7.80 0.22
C VAL I 722 -1.29 -8.79 0.65
N ALA I 723 -0.92 -9.87 1.33
CA ALA I 723 -1.91 -10.84 1.78
C ALA I 723 -2.84 -10.21 2.80
N HIS I 724 -2.30 -9.46 3.76
CA HIS I 724 -3.13 -8.80 4.74
C HIS I 724 -4.00 -7.71 4.10
N TYR I 725 -3.43 -6.98 3.14
CA TYR I 725 -4.20 -5.93 2.45
C TYR I 725 -5.39 -6.54 1.72
N LEU I 726 -5.14 -7.62 0.96
CA LEU I 726 -6.22 -8.27 0.24
C LEU I 726 -7.26 -8.83 1.20
N LEU I 727 -6.80 -9.50 2.26
CA LEU I 727 -7.75 -10.08 3.20
C LEU I 727 -8.61 -9.01 3.85
N GLY I 728 -7.99 -7.92 4.30
CA GLY I 728 -8.75 -6.86 4.95
C GLY I 728 -9.74 -6.19 4.02
N GLY I 729 -9.29 -5.82 2.82
CA GLY I 729 -10.19 -5.16 1.89
C GLY I 729 -11.33 -6.06 1.45
N ILE I 730 -11.01 -7.30 1.08
CA ILE I 730 -12.04 -8.22 0.61
C ILE I 730 -12.99 -8.58 1.73
N GLY I 731 -12.49 -8.73 2.96
CA GLY I 731 -13.37 -8.99 4.08
C GLY I 731 -14.26 -7.82 4.43
N THR I 732 -13.75 -6.60 4.32
CA THR I 732 -14.58 -5.42 4.55
C THR I 732 -15.70 -5.37 3.53
N THR I 733 -15.37 -5.55 2.25
CA THR I 733 -16.40 -5.56 1.23
C THR I 733 -17.36 -6.73 1.41
N TRP I 734 -16.84 -7.87 1.87
CA TRP I 734 -17.66 -9.05 2.12
C TRP I 734 -18.71 -8.79 3.19
N ALA I 735 -18.27 -8.27 4.34
CA ALA I 735 -19.20 -7.96 5.42
C ALA I 735 -20.19 -6.89 5.00
N PHE I 736 -19.70 -5.83 4.33
CA PHE I 736 -20.58 -4.76 3.89
C PHE I 736 -21.66 -5.28 2.95
N PHE I 737 -21.25 -6.00 1.91
CA PHE I 737 -22.21 -6.54 0.94
C PHE I 737 -23.20 -7.47 1.61
N LEU I 738 -22.71 -8.40 2.44
CA LEU I 738 -23.60 -9.40 3.00
C LEU I 738 -24.61 -8.79 3.95
N ALA I 739 -24.14 -7.92 4.87
CA ALA I 739 -25.07 -7.27 5.78
C ALA I 739 -26.09 -6.41 5.04
N ARG I 740 -25.62 -5.63 4.07
CA ARG I 740 -26.54 -4.75 3.34
C ARG I 740 -27.59 -5.55 2.57
N ILE I 741 -27.16 -6.59 1.86
CA ILE I 741 -28.10 -7.31 0.99
C ILE I 741 -28.93 -8.33 1.75
N ILE I 742 -28.54 -8.68 2.98
CA ILE I 742 -29.41 -9.52 3.80
C ILE I 742 -30.44 -8.69 4.54
N SER I 743 -30.05 -7.49 5.01
CA SER I 743 -31.01 -6.63 5.69
C SER I 743 -32.12 -6.17 4.74
N VAL I 744 -31.76 -5.81 3.52
CA VAL I 744 -32.75 -5.29 2.57
C VAL I 744 -32.83 -6.19 1.33
N VAL J 2 21.50 22.23 -16.59
CA VAL J 2 21.86 21.05 -15.81
C VAL J 2 22.96 21.40 -14.81
N TYR J 3 23.32 22.68 -14.77
CA TYR J 3 24.32 23.18 -13.85
C TYR J 3 23.77 24.38 -13.10
N LYS J 4 24.51 24.80 -12.07
CA LYS J 4 24.34 26.09 -11.41
C LYS J 4 23.05 26.18 -10.57
N PHE J 5 22.18 25.17 -10.63
CA PHE J 5 21.02 25.27 -9.75
C PHE J 5 21.43 24.92 -8.33
N PRO J 6 21.96 23.72 -8.06
CA PRO J 6 22.42 23.51 -6.67
C PRO J 6 23.79 24.15 -6.50
N LYS J 7 23.77 25.49 -6.38
CA LYS J 7 25.00 26.25 -6.21
C LYS J 7 25.77 25.79 -4.98
N PHE J 8 25.06 25.30 -3.97
CA PHE J 8 25.67 24.87 -2.71
C PHE J 8 26.26 23.47 -2.79
N SER J 9 26.03 22.73 -3.86
CA SER J 9 26.51 21.35 -3.96
C SER J 9 26.99 21.09 -5.38
N LYS J 10 28.29 20.87 -5.54
CA LYS J 10 28.82 20.53 -6.86
C LYS J 10 28.51 19.08 -7.23
N ALA J 11 28.39 18.20 -6.24
CA ALA J 11 28.07 16.81 -6.54
C ALA J 11 26.70 16.68 -7.19
N LEU J 12 25.73 17.47 -6.74
CA LEU J 12 24.41 17.45 -7.35
C LEU J 12 24.42 18.16 -8.70
N ALA J 13 25.16 19.25 -8.81
CA ALA J 13 25.17 20.02 -10.06
C ALA J 13 25.75 19.23 -11.22
N GLU J 14 26.50 18.16 -10.95
CA GLU J 14 27.02 17.31 -12.00
C GLU J 14 26.12 16.13 -12.32
N ASP J 15 24.98 16.02 -11.64
CA ASP J 15 24.03 14.95 -11.93
C ASP J 15 23.35 15.22 -13.27
N PRO J 16 23.42 14.28 -14.23
CA PRO J 16 22.78 14.52 -15.53
C PRO J 16 21.29 14.24 -15.55
N SER J 17 20.71 13.83 -14.43
CA SER J 17 19.31 13.40 -14.37
C SER J 17 18.46 14.45 -13.67
N THR J 18 17.15 14.20 -13.63
CA THR J 18 16.22 15.06 -12.91
C THR J 18 16.38 14.96 -11.40
N ARG J 19 17.15 13.98 -10.92
CA ARG J 19 17.40 13.85 -9.48
C ARG J 19 18.11 15.08 -8.94
N ARG J 20 18.89 15.78 -9.77
CA ARG J 20 19.56 16.99 -9.31
C ARG J 20 18.56 18.06 -8.90
N ILE J 21 17.51 18.25 -9.70
CA ILE J 21 16.50 19.24 -9.35
C ILE J 21 15.77 18.85 -8.07
N TRP J 22 15.38 17.58 -7.96
CA TRP J 22 14.66 17.12 -6.77
C TRP J 22 15.51 17.27 -5.52
N TYR J 23 16.77 16.86 -5.59
CA TYR J 23 17.65 16.95 -4.43
C TYR J 23 18.11 18.38 -4.16
N GLY J 24 18.09 19.24 -5.17
CA GLY J 24 18.42 20.64 -4.93
C GLY J 24 17.42 21.32 -4.02
N ILE J 25 16.14 20.97 -4.16
CA ILE J 25 15.12 21.53 -3.27
C ILE J 25 15.31 21.01 -1.85
N ALA J 26 15.49 19.70 -1.70
CA ALA J 26 15.43 19.04 -0.41
C ALA J 26 16.71 19.18 0.39
N THR J 27 17.76 19.75 -0.17
CA THR J 27 19.01 19.97 0.54
C THR J 27 19.38 21.44 0.65
N ALA J 28 18.46 22.34 0.31
CA ALA J 28 18.78 23.76 0.29
C ALA J 28 19.01 24.32 1.69
N HIS J 29 18.31 23.78 2.69
CA HIS J 29 18.39 24.29 4.05
C HIS J 29 19.35 23.49 4.93
N ASP J 30 19.93 22.40 4.42
CA ASP J 30 20.95 21.66 5.16
C ASP J 30 22.29 22.36 4.92
N PHE J 31 22.47 23.48 5.62
CA PHE J 31 23.64 24.32 5.36
C PHE J 31 24.94 23.61 5.72
N GLU J 32 24.92 22.73 6.73
CA GLU J 32 26.14 22.06 7.16
C GLU J 32 26.71 21.13 6.09
N SER J 33 25.90 20.70 5.13
CA SER J 33 26.34 19.80 4.08
C SER J 33 26.72 20.51 2.79
N HIS J 34 26.69 21.85 2.78
CA HIS J 34 26.94 22.60 1.56
C HIS J 34 28.43 22.68 1.27
N ASP J 35 28.75 22.88 -0.01
CA ASP J 35 30.14 22.98 -0.43
C ASP J 35 30.78 24.27 0.06
N ALA J 36 32.07 24.19 0.38
CA ALA J 36 32.85 25.32 0.88
C ALA J 36 32.17 25.96 2.09
N MET J 37 32.07 25.16 3.14
CA MET J 37 31.24 25.49 4.29
C MET J 37 32.12 25.68 5.52
N THR J 38 31.90 26.76 6.25
CA THR J 38 32.55 26.99 7.54
C THR J 38 31.49 27.22 8.60
N GLU J 39 31.92 27.21 9.86
CA GLU J 39 30.97 27.37 10.97
C GLU J 39 30.46 28.81 11.05
N SER J 40 31.35 29.79 10.81
CA SER J 40 30.95 31.19 10.89
C SER J 40 29.87 31.50 9.87
N LYS J 41 30.08 31.05 8.62
CA LYS J 41 29.07 31.24 7.58
C LYS J 41 27.77 30.52 7.94
N LEU J 42 27.89 29.36 8.59
CA LEU J 42 26.70 28.61 8.99
C LEU J 42 25.86 29.42 9.97
N TYR J 43 26.48 29.91 11.03
CA TYR J 43 25.73 30.66 12.04
C TYR J 43 25.19 31.97 11.46
N GLN J 44 25.97 32.65 10.62
CA GLN J 44 25.50 33.89 10.02
C GLN J 44 24.30 33.67 9.11
N LYS J 45 24.35 32.62 8.28
CA LYS J 45 23.24 32.31 7.40
C LYS J 45 22.01 31.92 8.19
N ILE J 46 22.19 31.13 9.26
CA ILE J 46 21.06 30.77 10.11
C ILE J 46 20.45 32.00 10.75
N PHE J 47 21.29 32.94 11.17
CA PHE J 47 20.82 34.20 11.77
C PHE J 47 19.97 34.98 10.78
N ALA J 48 20.47 35.16 9.56
CA ALA J 48 19.71 35.88 8.55
C ALA J 48 18.42 35.17 8.19
N SER J 49 18.46 33.83 8.12
CA SER J 49 17.24 33.07 7.85
C SER J 49 16.23 33.23 8.96
N HIS J 50 16.70 33.30 10.22
CA HIS J 50 15.79 33.57 11.33
C HIS J 50 15.12 34.93 11.16
N PHE J 51 15.89 35.93 10.76
CA PHE J 51 15.29 37.26 10.55
C PHE J 51 14.23 37.22 9.46
N GLY J 52 14.54 36.58 8.33
CA GLY J 52 13.55 36.45 7.27
C GLY J 52 12.32 35.70 7.71
N HIS J 53 12.51 34.67 8.55
CA HIS J 53 11.38 33.89 9.04
C HIS J 53 10.47 34.71 9.94
N ILE J 54 11.05 35.48 10.86
CA ILE J 54 10.23 36.34 11.72
C ILE J 54 9.50 37.38 10.88
N ALA J 55 10.16 37.89 9.85
CA ALA J 55 9.50 38.81 8.93
C ALA J 55 8.30 38.16 8.25
N ILE J 56 8.46 36.89 7.84
CA ILE J 56 7.36 36.17 7.22
C ILE J 56 6.19 36.01 8.19
N ILE J 57 6.51 35.66 9.45
CA ILE J 57 5.45 35.49 10.45
C ILE J 57 4.68 36.80 10.65
N PHE J 58 5.42 37.91 10.77
CA PHE J 58 4.77 39.20 10.98
C PHE J 58 3.95 39.62 9.77
N LEU J 59 4.44 39.33 8.56
CA LEU J 59 3.68 39.64 7.36
C LEU J 59 2.39 38.82 7.31
N TRP J 60 2.46 37.55 7.72
CA TRP J 60 1.26 36.70 7.76
C TRP J 60 0.23 37.27 8.74
N THR J 61 0.68 37.67 9.93
CA THR J 61 -0.24 38.27 10.89
C THR J 61 -0.83 39.58 10.37
N ALA J 62 0.00 40.39 9.72
CA ALA J 62 -0.49 41.64 9.13
C ALA J 62 -1.51 41.38 8.06
N GLY J 63 -1.31 40.33 7.26
CA GLY J 63 -2.29 39.99 6.24
C GLY J 63 -3.61 39.56 6.85
N ASN J 64 -3.56 38.76 7.92
CA ASN J 64 -4.80 38.38 8.60
C ASN J 64 -5.52 39.61 9.13
N LEU J 65 -4.78 40.53 9.75
CA LEU J 65 -5.39 41.75 10.28
C LEU J 65 -6.03 42.57 9.16
N PHE J 66 -5.29 42.76 8.06
CA PHE J 66 -5.80 43.58 6.97
C PHE J 66 -7.05 42.96 6.34
N HIS J 67 -7.06 41.64 6.16
CA HIS J 67 -8.20 41.02 5.51
C HIS J 67 -9.42 40.98 6.43
N VAL J 68 -9.21 40.89 7.75
CA VAL J 68 -10.35 41.04 8.65
C VAL J 68 -10.86 42.47 8.62
N ALA J 69 -9.95 43.45 8.55
CA ALA J 69 -10.37 44.85 8.54
C ALA J 69 -11.09 45.23 7.25
N TRP J 70 -10.71 44.63 6.12
CA TRP J 70 -11.21 45.04 4.82
C TRP J 70 -12.45 44.26 4.39
N GLN J 71 -12.41 42.94 4.48
CA GLN J 71 -13.48 42.10 3.99
C GLN J 71 -14.24 41.38 5.10
N GLY J 72 -13.84 41.55 6.35
CA GLY J 72 -14.53 40.91 7.46
C GLY J 72 -15.73 41.70 7.92
N ASN J 73 -16.34 41.20 9.00
CA ASN J 73 -17.46 41.85 9.66
C ASN J 73 -17.15 42.03 11.14
N PHE J 74 -15.93 42.52 11.43
CA PHE J 74 -15.50 42.66 12.82
C PHE J 74 -16.41 43.62 13.57
N GLU J 75 -16.70 44.78 12.98
CA GLU J 75 -17.50 45.78 13.67
C GLU J 75 -18.92 45.28 13.95
N ALA J 76 -19.51 44.58 12.98
CA ALA J 76 -20.83 44.00 13.21
C ALA J 76 -20.76 42.89 14.26
N TRP J 77 -19.68 42.11 14.26
CA TRP J 77 -19.53 41.04 15.23
C TRP J 77 -19.37 41.58 16.65
N ILE J 78 -18.89 42.81 16.79
CA ILE J 78 -18.72 43.39 18.13
C ILE J 78 -20.08 43.55 18.80
N LEU J 79 -21.08 44.01 18.06
CA LEU J 79 -22.39 44.30 18.64
C LEU J 79 -23.21 43.05 18.90
N ASN J 80 -22.86 41.92 18.29
CA ASN J 80 -23.60 40.68 18.47
C ASN J 80 -22.66 39.50 18.27
N PRO J 81 -21.80 39.23 19.25
CA PRO J 81 -20.79 38.18 19.07
C PRO J 81 -21.33 36.77 19.08
N LEU J 82 -22.53 36.55 19.63
CA LEU J 82 -23.07 35.20 19.76
C LEU J 82 -23.95 34.79 18.58
N LYS J 83 -24.31 35.72 17.71
CA LYS J 83 -25.14 35.41 16.54
C LYS J 83 -24.42 35.66 15.23
N VAL J 84 -23.59 36.69 15.16
CA VAL J 84 -22.87 37.02 13.93
C VAL J 84 -21.68 36.07 13.80
N ARG J 85 -21.53 35.47 12.63
CA ARG J 85 -20.42 34.57 12.37
C ARG J 85 -19.26 35.35 11.78
N PRO J 86 -18.07 35.29 12.38
CA PRO J 86 -16.93 36.04 11.86
C PRO J 86 -16.56 35.63 10.44
N ILE J 87 -16.11 36.60 9.66
CA ILE J 87 -15.71 36.40 8.27
C ILE J 87 -14.20 36.54 8.16
N ALA J 88 -13.55 35.57 7.52
CA ALA J 88 -12.10 35.61 7.37
C ALA J 88 -11.70 36.56 6.24
N HIS J 89 -12.12 36.27 5.03
CA HIS J 89 -11.79 37.10 3.88
C HIS J 89 -12.80 36.81 2.78
N ALA J 90 -12.86 37.72 1.81
CA ALA J 90 -13.78 37.56 0.69
C ALA J 90 -13.22 36.55 -0.31
N ILE J 91 -14.11 36.09 -1.21
CA ILE J 91 -13.78 35.10 -2.21
C ILE J 91 -14.02 35.70 -3.59
N TRP J 92 -13.03 35.54 -4.47
CA TRP J 92 -13.20 35.85 -5.90
C TRP J 92 -12.61 34.68 -6.68
N ASP J 93 -13.48 33.76 -7.12
CA ASP J 93 -13.06 32.58 -7.87
C ASP J 93 -13.86 32.54 -9.15
N PRO J 94 -13.23 32.63 -10.32
CA PRO J 94 -14.00 32.64 -11.58
C PRO J 94 -14.75 31.36 -11.86
N HIS J 95 -14.40 30.25 -11.20
CA HIS J 95 -15.03 28.97 -11.47
C HIS J 95 -16.38 28.82 -10.78
N PHE J 96 -16.76 29.77 -9.93
CA PHE J 96 -18.03 29.67 -9.23
C PHE J 96 -19.20 29.74 -10.20
N GLY J 97 -20.21 28.91 -9.97
CA GLY J 97 -21.50 29.10 -10.58
C GLY J 97 -22.32 30.10 -9.79
N GLN J 98 -23.52 30.36 -10.28
CA GLN J 98 -24.42 31.25 -9.55
C GLN J 98 -24.81 30.65 -8.21
N ALA J 99 -25.00 29.33 -8.17
CA ALA J 99 -25.36 28.66 -6.91
C ALA J 99 -24.25 28.78 -5.88
N ALA J 100 -23.00 28.59 -6.29
CA ALA J 100 -21.88 28.72 -5.36
C ALA J 100 -21.74 30.15 -4.85
N TYR J 101 -21.91 31.13 -5.74
CA TYR J 101 -21.89 32.52 -5.32
C TYR J 101 -22.97 32.80 -4.29
N LYS J 102 -24.19 32.31 -4.55
CA LYS J 102 -25.29 32.55 -3.63
C LYS J 102 -25.05 31.88 -2.28
N ALA J 103 -24.53 30.66 -2.29
CA ALA J 103 -24.32 29.93 -1.04
C ALA J 103 -23.21 30.54 -0.21
N PHE J 104 -22.11 30.92 -0.84
CA PHE J 104 -21.00 31.53 -0.12
C PHE J 104 -21.22 33.02 0.14
N LEU J 105 -22.29 33.60 -0.39
CA LEU J 105 -22.52 35.04 -0.23
C LEU J 105 -22.76 35.38 1.23
N LYS J 106 -21.96 36.31 1.74
CA LYS J 106 -22.09 36.81 3.10
C LYS J 106 -21.99 38.33 3.03
N THR J 107 -23.08 39.02 3.37
CA THR J 107 -23.21 40.47 3.26
C THR J 107 -23.08 40.92 1.82
N SER J 108 -21.90 41.39 1.41
CA SER J 108 -21.72 42.01 0.11
C SER J 108 -21.02 41.16 -0.92
N SER J 109 -20.27 40.13 -0.49
CA SER J 109 -19.49 39.32 -1.41
C SER J 109 -19.34 37.92 -0.81
N PRO J 110 -19.12 36.90 -1.63
CA PRO J 110 -18.81 35.58 -1.08
C PRO J 110 -17.58 35.66 -0.20
N ALA J 111 -17.65 34.98 0.95
CA ALA J 111 -16.59 35.09 1.93
C ALA J 111 -16.51 33.79 2.73
N ASN J 112 -15.39 33.63 3.41
CA ASN J 112 -15.13 32.45 4.23
C ASN J 112 -15.29 32.81 5.70
N LEU J 113 -16.00 31.97 6.45
CA LEU J 113 -16.07 32.13 7.89
C LEU J 113 -14.69 31.95 8.49
N ALA J 114 -14.39 32.71 9.53
CA ALA J 114 -13.08 32.67 10.17
C ALA J 114 -13.12 31.66 11.31
N LEU J 115 -12.30 30.60 11.18
CA LEU J 115 -12.20 29.57 12.20
C LEU J 115 -10.94 29.70 13.03
N SER J 116 -10.17 30.76 12.84
CA SER J 116 -8.93 30.96 13.60
C SER J 116 -9.17 31.61 14.95
N GLY J 117 -10.39 32.06 15.24
CA GLY J 117 -10.66 32.71 16.50
C GLY J 117 -9.97 34.04 16.68
N VAL J 118 -9.55 34.68 15.58
CA VAL J 118 -8.86 35.96 15.69
C VAL J 118 -9.82 37.06 16.12
N TYR J 119 -11.09 36.96 15.76
CA TYR J 119 -12.07 37.96 16.16
C TYR J 119 -12.16 38.05 17.67
N GLU J 120 -12.30 36.91 18.34
CA GLU J 120 -12.41 36.89 19.80
C GLU J 120 -11.11 37.34 20.45
N TRP J 121 -9.97 36.92 19.91
CA TRP J 121 -8.68 37.30 20.47
C TRP J 121 -8.47 38.81 20.38
N TRP J 122 -8.74 39.38 19.21
CA TRP J 122 -8.55 40.82 19.03
C TRP J 122 -9.57 41.63 19.80
N TYR J 123 -10.80 41.12 19.91
CA TYR J 123 -11.82 41.79 20.72
C TYR J 123 -11.43 41.79 22.19
N THR J 124 -10.86 40.69 22.67
CA THR J 124 -10.48 40.61 24.09
C THR J 124 -9.38 41.60 24.42
N ILE J 125 -8.41 41.77 23.53
CA ILE J 125 -7.25 42.63 23.80
C ILE J 125 -7.59 44.08 23.52
N GLY J 126 -8.86 44.36 23.21
CA GLY J 126 -9.31 45.73 23.11
C GLY J 126 -9.28 46.33 21.72
N MET J 127 -9.87 45.65 20.73
CA MET J 127 -10.05 46.19 19.40
C MET J 127 -11.52 46.27 19.08
N ARG J 128 -11.98 47.46 18.68
CA ARG J 128 -13.40 47.69 18.42
C ARG J 128 -13.70 48.27 17.05
N THR J 129 -12.68 48.52 16.22
CA THR J 129 -12.89 49.22 14.97
C THR J 129 -12.06 48.55 13.88
N ASN J 130 -12.57 48.62 12.64
CA ASN J 130 -11.81 48.18 11.48
C ASN J 130 -10.62 49.09 11.19
N ASN J 131 -10.52 50.23 11.87
CA ASN J 131 -9.33 51.07 11.80
C ASN J 131 -8.28 50.67 12.83
N ASP J 132 -8.68 50.00 13.91
CA ASP J 132 -7.71 49.44 14.84
C ASP J 132 -6.95 48.27 14.21
N LEU J 133 -7.66 47.43 13.45
CA LEU J 133 -7.01 46.33 12.75
C LEU J 133 -6.06 46.85 11.67
N TYR J 134 -6.46 47.90 10.96
CA TYR J 134 -5.60 48.46 9.93
C TYR J 134 -4.32 49.02 10.51
N GLN J 135 -4.41 49.67 11.68
CA GLN J 135 -3.22 50.14 12.36
C GLN J 135 -2.28 48.99 12.70
N GLY J 136 -2.85 47.88 13.19
CA GLY J 136 -2.04 46.72 13.50
C GLY J 136 -1.36 46.15 12.27
N SER J 137 -2.08 46.08 11.15
CA SER J 137 -1.47 45.60 9.91
C SER J 137 -0.33 46.51 9.46
N PHE J 138 -0.56 47.83 9.52
CA PHE J 138 0.49 48.77 9.15
C PHE J 138 1.72 48.60 10.03
N PHE J 139 1.52 48.51 11.35
CA PHE J 139 2.63 48.36 12.27
C PHE J 139 3.37 47.05 12.04
N LEU J 140 2.64 45.97 11.75
CA LEU J 140 3.29 44.69 11.54
C LEU J 140 4.08 44.65 10.25
N ILE J 141 3.59 45.33 9.20
CA ILE J 141 4.38 45.43 7.98
C ILE J 141 5.64 46.25 8.23
N LEU J 142 5.53 47.30 9.06
CA LEU J 142 6.73 48.05 9.44
C LEU J 142 7.72 47.17 10.20
N LEU J 143 7.23 46.33 11.11
CA LEU J 143 8.10 45.42 11.84
C LEU J 143 8.76 44.41 10.91
N SER J 144 8.00 43.90 9.93
CA SER J 144 8.57 43.00 8.94
C SER J 144 9.68 43.67 8.16
N SER J 145 9.48 44.94 7.79
CA SER J 145 10.53 45.69 7.11
C SER J 145 11.76 45.83 8.01
N LEU J 146 11.55 46.11 9.29
CA LEU J 146 12.65 46.16 10.25
C LEU J 146 13.44 44.85 10.25
N LEU J 147 12.73 43.72 10.33
CA LEU J 147 13.40 42.43 10.44
C LEU J 147 14.13 42.09 9.15
N LEU J 148 13.55 42.41 7.99
CA LEU J 148 14.24 42.17 6.73
C LEU J 148 15.50 43.03 6.63
N PHE J 149 15.42 44.29 7.07
CA PHE J 149 16.60 45.15 7.06
C PHE J 149 17.67 44.59 7.99
N ALA J 150 17.29 44.11 9.16
CA ALA J 150 18.26 43.52 10.09
C ALA J 150 18.91 42.28 9.50
N GLY J 151 18.10 41.43 8.85
CA GLY J 151 18.65 40.24 8.22
C GLY J 151 19.64 40.57 7.13
N TRP J 152 19.34 41.58 6.31
CA TRP J 152 20.32 42.02 5.32
C TRP J 152 21.56 42.60 5.98
N LEU J 153 21.37 43.39 7.05
CA LEU J 153 22.48 44.09 7.67
C LEU J 153 23.47 43.11 8.28
N HIS J 154 22.98 42.06 8.92
CA HIS J 154 23.86 41.14 9.62
C HIS J 154 24.52 40.12 8.70
N LEU J 155 24.39 40.30 7.38
CA LEU J 155 25.23 39.61 6.42
C LEU J 155 26.29 40.54 5.83
N GLN J 156 26.27 41.82 6.19
CA GLN J 156 27.27 42.75 5.72
C GLN J 156 28.60 42.49 6.42
N PRO J 157 29.72 42.88 5.78
CA PRO J 157 31.03 42.49 6.32
C PRO J 157 31.29 42.93 7.75
N SER J 158 31.05 44.19 8.07
CA SER J 158 31.38 44.70 9.40
C SER J 158 30.32 44.39 10.45
N PHE J 159 29.21 43.75 10.06
CA PHE J 159 28.11 43.48 10.99
C PHE J 159 27.80 42.00 11.10
N ARG J 160 28.67 41.12 10.61
CA ARG J 160 28.47 39.69 10.72
C ARG J 160 29.03 39.20 12.05
N PRO J 161 28.22 38.65 12.93
CA PRO J 161 28.72 38.19 14.23
C PRO J 161 29.65 36.99 14.09
N SER J 162 30.54 36.86 15.07
CA SER J 162 31.52 35.78 15.08
C SER J 162 30.95 34.57 15.83
N LEU J 163 31.73 33.48 15.86
CA LEU J 163 31.29 32.28 16.55
C LEU J 163 31.20 32.50 18.06
N ASP J 164 32.10 33.30 18.62
CA ASP J 164 32.07 33.55 20.05
C ASP J 164 30.77 34.23 20.46
N TRP J 165 30.33 35.21 19.67
CA TRP J 165 29.05 35.87 19.97
C TRP J 165 27.89 34.90 19.85
N PHE J 166 27.91 34.04 18.82
CA PHE J 166 26.83 33.09 18.64
C PHE J 166 26.81 32.04 19.75
N LYS J 167 27.97 31.65 20.26
CA LYS J 167 28.07 30.62 21.28
C LYS J 167 28.17 31.21 22.69
N ALA J 168 27.93 32.51 22.84
CA ALA J 168 27.91 33.15 24.16
C ALA J 168 26.59 32.77 24.82
N ASN J 169 26.62 31.66 25.56
CA ASN J 169 25.40 31.12 26.14
C ASN J 169 24.85 32.02 27.25
N GLU J 170 25.72 32.47 28.15
CA GLU J 170 25.25 33.21 29.32
C GLU J 170 24.58 34.52 28.94
N TYR J 171 25.20 35.27 28.02
CA TYR J 171 24.62 36.53 27.58
C TYR J 171 23.26 36.31 26.93
N ARG J 172 23.18 35.32 26.04
CA ARG J 172 21.92 35.07 25.33
C ARG J 172 20.83 34.61 26.28
N LEU J 173 21.18 33.78 27.25
CA LEU J 173 20.18 33.35 28.23
C LEU J 173 19.70 34.49 29.09
N ASN J 174 20.63 35.28 29.65
CA ASN J 174 20.23 36.42 30.45
C ASN J 174 19.27 37.30 29.67
N HIS J 175 19.64 37.66 28.43
CA HIS J 175 18.82 38.57 27.65
C HIS J 175 17.51 37.93 27.24
N HIS J 176 17.55 36.72 26.68
CA HIS J 176 16.32 36.04 26.29
C HIS J 176 15.35 35.98 27.45
N LEU J 177 15.76 35.35 28.56
CA LEU J 177 14.87 35.23 29.71
C LEU J 177 14.39 36.61 30.14
N SER J 178 15.28 37.44 30.69
CA SER J 178 14.84 38.70 31.26
C SER J 178 14.18 39.57 30.21
N GLY J 179 14.94 40.08 29.25
CA GLY J 179 14.39 40.93 28.22
C GLY J 179 13.20 40.30 27.53
N LEU J 180 13.41 39.26 26.73
CA LEU J 180 12.32 38.73 25.91
C LEU J 180 11.13 38.38 26.81
N PHE J 181 11.27 37.36 27.66
CA PHE J 181 10.10 36.87 28.38
C PHE J 181 9.57 37.92 29.35
N GLY J 182 10.40 38.35 30.30
CA GLY J 182 9.91 39.23 31.35
C GLY J 182 9.47 40.59 30.83
N VAL J 183 10.28 41.23 29.98
CA VAL J 183 9.93 42.55 29.51
C VAL J 183 8.76 42.49 28.53
N SER J 184 8.66 41.44 27.70
CA SER J 184 7.49 41.32 26.85
C SER J 184 6.23 41.09 27.68
N SER J 185 6.34 40.33 28.76
CA SER J 185 5.21 40.16 29.67
C SER J 185 4.87 41.47 30.37
N LEU J 186 5.88 42.25 30.73
CA LEU J 186 5.65 43.55 31.37
C LEU J 186 4.94 44.50 30.41
N ALA J 187 5.41 44.56 29.17
CA ALA J 187 4.75 45.39 28.17
C ALA J 187 3.35 44.89 27.86
N TRP J 188 3.15 43.56 27.86
CA TRP J 188 1.82 43.03 27.63
C TRP J 188 0.90 43.34 28.79
N THR J 189 1.41 43.33 30.02
CA THR J 189 0.61 43.76 31.15
C THR J 189 0.27 45.24 31.03
N GLY J 190 1.23 46.06 30.59
CA GLY J 190 0.95 47.46 30.36
C GLY J 190 -0.17 47.67 29.35
N HIS J 191 -0.09 46.96 28.22
CA HIS J 191 -1.17 47.06 27.24
C HIS J 191 -2.47 46.53 27.79
N LEU J 192 -2.45 45.33 28.37
CA LEU J 192 -3.64 44.74 28.96
C LEU J 192 -4.36 45.74 29.84
N VAL J 193 -3.67 46.24 30.86
CA VAL J 193 -4.27 47.23 31.75
C VAL J 193 -4.74 48.41 30.92
N HIS J 194 -3.79 49.17 30.36
CA HIS J 194 -4.07 50.50 29.81
C HIS J 194 -5.19 50.47 28.77
N VAL J 195 -5.09 49.57 27.80
CA VAL J 195 -6.05 49.54 26.71
C VAL J 195 -7.16 48.55 27.03
N ALA J 196 -6.79 47.28 27.24
CA ALA J 196 -7.80 46.23 27.28
C ALA J 196 -8.76 46.41 28.45
N ILE J 197 -8.25 46.77 29.63
CA ILE J 197 -9.13 46.80 30.80
C ILE J 197 -10.21 47.87 30.63
N PRO J 198 -9.89 49.12 30.29
CA PRO J 198 -10.97 50.09 30.06
C PRO J 198 -11.83 49.78 28.86
N GLU J 199 -11.26 49.20 27.80
CA GLU J 199 -12.06 48.90 26.61
C GLU J 199 -13.11 47.85 26.90
N SER J 200 -12.82 46.91 27.81
CA SER J 200 -13.85 45.98 28.27
C SER J 200 -14.88 46.66 29.15
N ARG J 201 -14.57 47.86 29.64
CA ARG J 201 -15.50 48.64 30.47
C ARG J 201 -16.05 49.85 29.73
N GLY J 202 -15.93 49.88 28.41
CA GLY J 202 -16.54 50.91 27.60
C GLY J 202 -15.70 52.16 27.39
N ILE J 203 -14.58 52.28 28.08
CA ILE J 203 -13.71 53.45 27.94
C ILE J 203 -12.69 53.16 26.85
N HIS J 204 -12.63 54.03 25.84
CA HIS J 204 -11.71 53.85 24.73
C HIS J 204 -10.36 54.46 25.08
N VAL J 205 -9.31 53.65 25.02
CA VAL J 205 -7.95 54.09 25.25
C VAL J 205 -7.16 53.79 23.99
N GLY J 206 -7.02 54.80 23.13
CA GLY J 206 -6.30 54.68 21.89
C GLY J 206 -4.94 55.36 21.94
N TRP J 207 -4.33 55.47 20.76
CA TRP J 207 -3.02 56.13 20.66
C TRP J 207 -3.11 57.64 20.77
N ASP J 208 -4.25 58.21 21.19
CA ASP J 208 -4.36 59.63 21.46
C ASP J 208 -4.53 59.91 22.94
N ASN J 209 -5.58 59.37 23.56
CA ASN J 209 -5.84 59.59 24.98
C ASN J 209 -5.34 58.42 25.84
N PHE J 210 -4.04 58.14 25.75
CA PHE J 210 -3.44 57.15 26.65
C PHE J 210 -2.46 57.75 27.62
N LEU J 211 -1.93 58.94 27.32
CA LEU J 211 -1.10 59.68 28.27
C LEU J 211 -1.93 60.49 29.25
N THR J 212 -3.25 60.51 29.08
CA THR J 212 -4.12 61.29 29.95
C THR J 212 -5.26 60.49 30.56
N VAL J 213 -5.44 59.22 30.19
CA VAL J 213 -6.47 58.38 30.77
C VAL J 213 -5.80 57.43 31.75
N LEU J 214 -6.09 57.61 33.03
CA LEU J 214 -5.47 56.81 34.07
C LEU J 214 -6.00 55.39 34.05
N PRO J 215 -5.14 54.37 33.93
CA PRO J 215 -5.64 52.98 34.02
C PRO J 215 -6.29 52.68 35.35
N HIS J 216 -5.85 53.31 36.44
CA HIS J 216 -6.48 53.18 37.73
C HIS J 216 -6.76 54.58 38.28
N PRO J 217 -7.86 54.76 39.01
CA PRO J 217 -8.18 56.11 39.54
C PRO J 217 -7.08 56.67 40.43
N GLU J 218 -6.42 55.82 41.22
CA GLU J 218 -5.36 56.31 42.09
C GLU J 218 -4.08 56.60 41.33
N GLY J 219 -3.83 55.89 40.23
CA GLY J 219 -2.80 56.29 39.29
C GLY J 219 -1.37 56.20 39.76
N LEU J 220 -0.87 54.96 39.92
CA LEU J 220 0.54 54.68 40.20
C LEU J 220 0.93 55.08 41.62
N THR J 221 0.03 55.75 42.34
CA THR J 221 0.30 56.05 43.74
C THR J 221 0.38 54.79 44.60
N PRO J 222 -0.57 53.83 44.51
CA PRO J 222 -0.44 52.62 45.33
C PRO J 222 0.81 51.80 45.03
N PHE J 223 1.27 51.78 43.77
CA PHE J 223 2.44 50.98 43.43
C PHE J 223 3.67 51.46 44.16
N PHE J 224 3.95 52.77 44.08
CA PHE J 224 5.11 53.32 44.76
C PHE J 224 4.89 53.33 46.28
N SER J 225 3.67 53.59 46.73
CA SER J 225 3.36 53.60 48.15
C SER J 225 3.34 52.21 48.76
N GLY J 226 3.32 51.15 47.94
CA GLY J 226 3.25 49.81 48.44
C GLY J 226 1.85 49.31 48.75
N ASN J 227 0.83 50.16 48.62
CA ASN J 227 -0.55 49.76 48.85
C ASN J 227 -1.10 49.03 47.62
N TRP J 228 -0.46 47.92 47.28
CA TRP J 228 -0.77 47.20 46.06
C TRP J 228 -2.15 46.59 46.08
N LYS J 229 -2.78 46.48 47.25
CA LYS J 229 -4.15 45.99 47.33
C LYS J 229 -5.13 46.91 46.63
N ALA J 230 -4.79 48.19 46.49
CA ALA J 230 -5.71 49.15 45.88
C ALA J 230 -6.02 48.80 44.44
N TYR J 231 -5.08 48.16 43.74
CA TYR J 231 -5.30 47.75 42.37
C TYR J 231 -6.25 46.56 42.26
N ALA J 232 -6.56 45.89 43.37
CA ALA J 232 -7.47 44.77 43.37
C ALA J 232 -8.85 45.13 43.91
N GLN J 233 -9.02 46.30 44.51
CA GLN J 233 -10.30 46.69 45.06
C GLN J 233 -11.30 46.98 43.95
N ASN J 234 -12.57 46.63 44.21
CA ASN J 234 -13.68 46.87 43.30
C ASN J 234 -13.44 46.20 41.96
N PRO J 235 -13.48 44.88 41.88
CA PRO J 235 -13.33 44.20 40.59
C PRO J 235 -14.63 44.28 39.80
N ASP J 236 -14.59 43.70 38.59
CA ASP J 236 -15.79 43.65 37.77
C ASP J 236 -16.85 42.77 38.44
N THR J 237 -18.08 43.25 38.46
CA THR J 237 -19.16 42.53 39.12
C THR J 237 -19.59 41.33 38.28
N ALA J 238 -20.56 40.59 38.80
CA ALA J 238 -21.10 39.43 38.10
C ALA J 238 -22.14 39.80 37.06
N SER J 239 -22.51 41.07 36.95
CA SER J 239 -23.44 41.54 35.95
C SER J 239 -22.78 42.46 34.93
N HIS J 240 -21.46 42.33 34.75
CA HIS J 240 -20.74 43.20 33.83
C HIS J 240 -20.92 42.74 32.40
N ILE J 241 -21.31 43.66 31.53
CA ILE J 241 -21.43 43.40 30.10
C ILE J 241 -20.11 43.78 29.45
N PHE J 242 -19.46 42.83 28.79
CA PHE J 242 -18.15 43.06 28.21
C PHE J 242 -18.21 44.14 27.14
N GLY J 243 -17.23 45.04 27.16
CA GLY J 243 -17.20 46.15 26.24
C GLY J 243 -18.10 47.31 26.61
N SER J 244 -18.76 47.25 27.76
CA SER J 244 -19.66 48.30 28.21
C SER J 244 -19.40 48.58 29.68
N GLY J 245 -19.73 49.81 30.10
CA GLY J 245 -19.50 50.23 31.47
C GLY J 245 -20.54 49.74 32.47
N GLU J 246 -21.54 49.00 32.03
CA GLU J 246 -22.59 48.54 32.93
C GLU J 246 -22.07 47.42 33.81
N GLY J 247 -22.09 47.63 35.13
CA GLY J 247 -21.62 46.62 36.06
C GLY J 247 -20.13 46.42 36.09
N SER J 248 -19.35 47.38 35.60
CA SER J 248 -17.91 47.26 35.56
C SER J 248 -17.30 47.62 36.91
N GLY J 249 -15.97 47.54 36.97
CA GLY J 249 -15.24 47.92 38.17
C GLY J 249 -14.07 48.82 37.86
N THR J 250 -13.20 49.05 38.84
CA THR J 250 -12.02 49.87 38.65
C THR J 250 -10.72 49.11 38.87
N ALA J 251 -10.78 47.87 39.33
CA ALA J 251 -9.57 47.10 39.59
C ALA J 251 -8.85 46.75 38.30
N ILE J 252 -7.53 46.56 38.40
CA ILE J 252 -6.72 46.19 37.25
C ILE J 252 -5.95 44.90 37.46
N LEU J 253 -5.67 44.49 38.70
CA LEU J 253 -4.96 43.25 39.00
C LEU J 253 -5.70 42.56 40.14
N THR J 254 -6.32 41.41 39.84
CA THR J 254 -7.14 40.72 40.83
C THR J 254 -6.90 39.23 40.75
N PHE J 255 -7.27 38.54 41.83
CA PHE J 255 -7.54 37.11 41.80
C PHE J 255 -9.05 36.91 41.79
N LEU J 256 -9.55 36.31 40.77
CA LEU J 256 -10.96 35.93 40.79
C LEU J 256 -11.16 34.46 40.50
N GLY J 257 -10.34 33.88 39.62
CA GLY J 257 -10.49 32.49 39.25
C GLY J 257 -11.73 32.27 38.42
N GLY J 258 -11.82 31.11 37.76
CA GLY J 258 -13.01 30.85 36.98
C GLY J 258 -13.10 31.75 35.77
N PHE J 259 -14.33 32.01 35.33
CA PHE J 259 -14.59 32.70 34.09
C PHE J 259 -15.49 33.91 34.31
N HIS J 260 -15.46 34.80 33.34
CA HIS J 260 -16.41 35.90 33.30
C HIS J 260 -17.82 35.35 33.19
N PRO J 261 -18.78 35.85 33.97
CA PRO J 261 -20.15 35.31 33.90
C PRO J 261 -20.82 35.50 32.56
N GLN J 262 -20.40 36.51 31.78
CA GLN J 262 -21.02 36.81 30.50
C GLN J 262 -20.27 36.20 29.32
N THR J 263 -18.96 36.45 29.22
CA THR J 263 -18.18 35.94 28.10
C THR J 263 -17.72 34.50 28.30
N LYS J 264 -17.87 33.95 29.50
CA LYS J 264 -17.43 32.59 29.82
C LYS J 264 -15.95 32.41 29.49
N SER J 265 -15.14 33.40 29.89
CA SER J 265 -13.71 33.40 29.65
C SER J 265 -13.01 34.01 30.85
N LEU J 266 -11.69 33.86 30.88
CA LEU J 266 -10.90 34.34 32.01
C LEU J 266 -11.05 35.85 32.16
N TRP J 267 -10.98 36.31 33.40
CA TRP J 267 -11.04 37.73 33.67
C TRP J 267 -9.83 38.44 33.10
N LEU J 268 -10.06 39.60 32.49
CA LEU J 268 -8.96 40.39 31.97
C LEU J 268 -8.03 40.84 33.08
N THR J 269 -8.58 41.18 34.25
CA THR J 269 -7.75 41.54 35.38
C THR J 269 -6.95 40.34 35.89
N ASP J 270 -7.50 39.13 35.75
CA ASP J 270 -6.73 37.94 36.10
C ASP J 270 -5.52 37.78 35.20
N MET J 271 -5.69 37.98 33.89
CA MET J 271 -4.60 37.77 32.95
C MET J 271 -3.54 38.86 33.06
N ALA J 272 -3.96 40.09 33.34
CA ALA J 272 -2.97 41.16 33.56
C ALA J 272 -2.12 40.87 34.78
N HIS J 273 -2.74 40.42 35.87
CA HIS J 273 -1.99 40.04 37.06
C HIS J 273 -1.07 38.85 36.76
N HIS J 274 -1.56 37.89 35.98
CA HIS J 274 -0.75 36.75 35.60
C HIS J 274 0.50 37.19 34.85
N HIS J 275 0.34 38.06 33.87
CA HIS J 275 1.47 38.50 33.07
C HIS J 275 2.42 39.38 33.88
N LEU J 276 1.89 40.17 34.82
CA LEU J 276 2.78 40.94 35.69
C LEU J 276 3.62 40.02 36.56
N ALA J 277 3.01 38.99 37.14
CA ALA J 277 3.77 38.04 37.95
C ALA J 277 4.81 37.32 37.11
N ILE J 278 4.43 36.88 35.91
CA ILE J 278 5.36 36.20 35.02
C ILE J 278 6.51 37.13 34.64
N ALA J 279 6.20 38.40 34.38
CA ALA J 279 7.22 39.38 34.03
C ALA J 279 8.22 39.54 35.16
N VAL J 280 7.73 39.71 36.39
CA VAL J 280 8.63 39.88 37.52
C VAL J 280 9.50 38.64 37.70
N LEU J 281 8.89 37.46 37.61
CA LEU J 281 9.64 36.22 37.79
C LEU J 281 10.71 36.04 36.74
N PHE J 282 10.39 36.33 35.47
CA PHE J 282 11.36 36.11 34.40
C PHE J 282 12.45 37.17 34.41
N ILE J 283 12.11 38.42 34.75
CA ILE J 283 13.14 39.44 34.88
C ILE J 283 14.10 39.08 36.00
N VAL J 284 13.58 38.57 37.12
CA VAL J 284 14.45 38.12 38.19
C VAL J 284 15.34 36.97 37.72
N ALA J 285 14.73 35.98 37.06
CA ALA J 285 15.47 34.80 36.63
C ALA J 285 16.47 35.09 35.52
N GLY J 286 16.35 36.24 34.86
CA GLY J 286 17.28 36.60 33.81
C GLY J 286 18.62 37.13 34.26
N HIS J 287 18.83 37.23 35.57
CA HIS J 287 20.09 37.69 36.13
C HIS J 287 20.95 36.54 36.63
N MET J 288 20.60 35.30 36.28
CA MET J 288 21.26 34.14 36.87
C MET J 288 22.68 33.98 36.36
N TYR J 289 22.90 34.13 35.05
CA TYR J 289 24.16 33.74 34.44
C TYR J 289 25.13 34.90 34.38
N ARG J 290 26.42 34.57 34.35
CA ARG J 290 27.47 35.55 34.51
C ARG J 290 27.71 36.33 33.22
N THR J 291 27.98 37.62 33.39
CA THR J 291 28.31 38.52 32.29
C THR J 291 29.45 39.41 32.75
N ASN J 292 29.65 40.53 32.08
CA ASN J 292 30.84 41.36 32.24
C ASN J 292 30.98 42.00 33.62
N TRP J 293 30.09 41.69 34.56
CA TRP J 293 30.10 42.36 35.87
C TRP J 293 30.33 41.39 37.03
N LEU J 294 31.10 40.33 36.80
CA LEU J 294 31.73 39.49 37.82
C LEU J 294 30.77 38.67 38.67
N ILE J 295 29.46 38.84 38.51
CA ILE J 295 28.50 38.07 39.30
C ILE J 295 27.61 37.29 38.34
N GLY J 296 27.14 36.13 38.81
CA GLY J 296 26.31 35.26 38.01
C GLY J 296 26.87 33.85 38.02
N HIS J 297 26.45 33.07 37.04
CA HIS J 297 26.81 31.67 36.96
C HIS J 297 27.53 31.37 35.65
N GLN J 298 28.50 30.47 35.72
CA GLN J 298 29.13 29.89 34.55
C GLN J 298 28.58 28.47 34.41
N MET J 299 27.76 28.27 33.38
CA MET J 299 27.02 27.01 33.26
C MET J 299 27.92 25.81 33.04
N LYS J 300 29.14 26.02 32.52
CA LYS J 300 30.10 24.93 32.43
C LYS J 300 30.41 24.38 33.82
N LEU J 301 30.62 25.27 34.80
CA LEU J 301 30.88 24.84 36.17
C LEU J 301 29.67 24.14 36.77
N ILE J 302 28.48 24.66 36.52
CA ILE J 302 27.26 24.04 37.06
C ILE J 302 27.12 22.62 36.51
N LEU J 303 27.30 22.46 35.20
CA LEU J 303 27.18 21.14 34.59
C LEU J 303 28.26 20.19 35.10
N GLU J 304 29.49 20.68 35.22
CA GLU J 304 30.59 19.80 35.63
C GLU J 304 30.46 19.39 37.10
N ALA J 305 29.94 20.25 37.94
CA ALA J 305 29.85 19.96 39.37
C ALA J 305 28.71 19.02 39.72
N HIS J 306 27.84 18.68 38.77
CA HIS J 306 26.65 17.89 39.05
C HIS J 306 26.92 16.43 38.73
N ARG J 307 27.65 15.77 39.62
CA ARG J 307 27.88 14.33 39.57
C ARG J 307 27.45 13.75 40.90
N PRO J 308 26.48 12.85 40.94
CA PRO J 308 26.06 12.25 42.22
C PRO J 308 27.24 11.59 42.91
N PRO J 309 27.39 11.79 44.23
CA PRO J 309 28.60 11.31 44.90
C PRO J 309 28.70 9.80 44.95
N GLY J 310 27.60 9.10 45.23
CA GLY J 310 27.65 7.64 45.20
C GLY J 310 28.02 7.11 43.84
N GLY J 311 27.48 7.72 42.79
CA GLY J 311 27.85 7.41 41.43
C GLY J 311 26.85 6.49 40.77
N ARG J 312 25.91 7.09 40.03
CA ARG J 312 24.95 6.33 39.24
C ARG J 312 24.70 6.95 37.88
N LEU J 313 25.14 8.19 37.64
CA LEU J 313 25.08 8.82 36.34
C LEU J 313 26.45 8.89 35.69
N GLY J 314 27.38 8.05 36.13
CA GLY J 314 28.73 8.08 35.58
C GLY J 314 29.51 9.23 36.15
N ILE J 315 30.06 10.07 35.26
CA ILE J 315 30.80 11.25 35.68
C ILE J 315 29.93 12.50 35.69
N GLY J 316 28.64 12.37 35.44
CA GLY J 316 27.74 13.49 35.50
C GLY J 316 27.55 14.19 34.16
N HIS J 317 27.53 15.53 34.19
CA HIS J 317 27.27 16.35 33.02
C HIS J 317 28.50 17.13 32.59
N ILE J 318 29.70 16.57 32.77
CA ILE J 318 30.93 17.33 32.59
C ILE J 318 31.09 17.76 31.13
N GLY J 319 30.85 16.84 30.19
CA GLY J 319 31.05 17.12 28.78
C GLY J 319 29.85 17.68 28.06
N LEU J 320 28.78 18.00 28.78
CA LEU J 320 27.55 18.44 28.13
C LEU J 320 27.64 19.87 27.61
N TYR J 321 28.41 20.73 28.27
CA TYR J 321 28.47 22.13 27.86
C TYR J 321 29.05 22.25 26.46
N GLU J 322 30.22 21.65 26.23
CA GLU J 322 30.83 21.70 24.91
C GLU J 322 30.03 20.91 23.89
N THR J 323 29.33 19.86 24.34
CA THR J 323 28.50 19.07 23.43
C THR J 323 27.34 19.90 22.89
N ILE J 324 26.61 20.58 23.78
CA ILE J 324 25.47 21.38 23.36
C ILE J 324 25.93 22.62 22.60
N THR J 325 26.96 23.30 23.10
CA THR J 325 27.39 24.55 22.49
C THR J 325 27.83 24.35 21.04
N ASN J 326 28.58 23.28 20.77
CA ASN J 326 29.15 23.05 19.45
C ASN J 326 28.18 22.35 18.49
N SER J 327 27.00 21.97 18.95
CA SER J 327 26.02 21.28 18.12
C SER J 327 24.76 22.12 17.99
N LEU J 328 24.35 22.42 16.77
CA LEU J 328 23.10 23.12 16.52
C LEU J 328 21.90 22.19 16.45
N HIS J 329 22.13 20.89 16.33
CA HIS J 329 21.03 19.92 16.30
C HIS J 329 20.58 19.53 17.70
N PHE J 330 21.48 19.50 18.68
CA PHE J 330 21.08 19.30 20.07
C PHE J 330 20.19 20.44 20.54
N GLN J 331 20.61 21.68 20.29
CA GLN J 331 19.80 22.84 20.68
C GLN J 331 18.48 22.86 19.94
N LEU J 332 18.50 22.53 18.64
CA LEU J 332 17.26 22.50 17.87
C LEU J 332 16.30 21.45 18.40
N GLY J 333 16.83 20.26 18.75
CA GLY J 333 15.98 19.24 19.32
C GLY J 333 15.39 19.65 20.65
N LEU J 334 16.19 20.27 21.52
CA LEU J 334 15.68 20.74 22.80
C LEU J 334 14.59 21.79 22.59
N ALA J 335 14.83 22.73 21.69
CA ALA J 335 13.84 23.78 21.43
C ALA J 335 12.57 23.21 20.85
N LEU J 336 12.69 22.24 19.93
CA LEU J 336 11.50 21.63 19.34
C LEU J 336 10.70 20.84 20.36
N ALA J 337 11.40 20.11 21.25
CA ALA J 337 10.68 19.37 22.29
C ALA J 337 9.95 20.33 23.23
N ALA J 338 10.61 21.41 23.64
CA ALA J 338 9.97 22.38 24.50
C ALA J 338 8.77 23.03 23.82
N LEU J 339 8.92 23.38 22.54
CA LEU J 339 7.83 23.99 21.80
C LEU J 339 6.67 23.02 21.63
N GLY J 340 6.96 21.74 21.39
CA GLY J 340 5.90 20.75 21.28
C GLY J 340 5.12 20.61 22.58
N VAL J 341 5.83 20.53 23.70
CA VAL J 341 5.14 20.48 25.00
C VAL J 341 4.34 21.75 25.23
N ALA J 342 4.91 22.91 24.85
CA ALA J 342 4.23 24.18 25.07
C ALA J 342 2.94 24.27 24.26
N THR J 343 2.97 23.86 22.99
CA THR J 343 1.76 23.94 22.18
C THR J 343 0.76 22.86 22.53
N SER J 344 1.22 21.69 23.00
CA SER J 344 0.28 20.76 23.63
C SER J 344 -0.41 21.39 24.82
N LEU J 345 0.35 22.15 25.62
CA LEU J 345 -0.23 22.87 26.75
C LEU J 345 -1.25 23.90 26.28
N THR J 346 -0.93 24.64 25.22
CA THR J 346 -1.88 25.61 24.67
C THR J 346 -3.16 24.93 24.26
N ALA J 347 -3.06 23.82 23.53
CA ALA J 347 -4.25 23.09 23.10
C ALA J 347 -5.07 22.61 24.29
N GLN J 348 -4.40 22.06 25.31
CA GLN J 348 -5.10 21.47 26.44
C GLN J 348 -5.68 22.53 27.38
N HIS J 349 -5.18 23.76 27.34
CA HIS J 349 -5.65 24.78 28.27
C HIS J 349 -6.60 25.79 27.63
N MET J 350 -6.50 26.02 26.33
CA MET J 350 -7.38 26.99 25.69
C MET J 350 -8.78 26.47 25.46
N TYR J 351 -9.03 25.18 25.67
CA TYR J 351 -10.38 24.65 25.65
C TYR J 351 -10.96 24.49 27.06
N ALA J 352 -10.13 24.08 28.03
CA ALA J 352 -10.61 23.97 29.40
C ALA J 352 -10.73 25.34 30.05
N LEU J 353 -9.82 26.24 29.73
CA LEU J 353 -9.80 27.60 30.29
C LEU J 353 -9.78 28.58 29.13
N PRO J 354 -10.93 28.80 28.50
CA PRO J 354 -10.97 29.72 27.36
C PRO J 354 -10.58 31.13 27.78
N PRO J 355 -9.57 31.72 27.13
CA PRO J 355 -9.08 33.03 27.55
C PRO J 355 -9.69 34.21 26.81
N TYR J 356 -10.47 33.98 25.76
CA TYR J 356 -10.97 35.05 24.92
C TYR J 356 -12.49 35.12 25.02
N ALA J 357 -13.01 36.35 24.95
CA ALA J 357 -14.44 36.57 25.11
C ALA J 357 -15.23 35.89 24.00
N PHE J 358 -16.29 35.17 24.41
CA PHE J 358 -17.23 34.53 23.49
C PHE J 358 -16.58 33.46 22.62
N LEU J 359 -15.38 33.00 22.99
CA LEU J 359 -14.74 31.91 22.27
C LEU J 359 -15.29 30.55 22.67
N ALA J 360 -15.86 30.43 23.87
CA ALA J 360 -16.40 29.16 24.31
C ALA J 360 -17.61 28.74 23.47
N SER J 361 -18.39 29.69 23.01
CA SER J 361 -19.58 29.40 22.21
C SER J 361 -19.28 29.28 20.72
N ASN J 362 -18.02 29.45 20.31
CA ASN J 362 -17.63 29.30 18.91
C ASN J 362 -17.07 27.89 18.73
N PHE J 363 -18.00 26.94 18.64
CA PHE J 363 -17.62 25.53 18.60
C PHE J 363 -16.71 25.18 17.41
N PRO J 364 -17.01 25.60 16.17
CA PRO J 364 -16.09 25.26 15.06
C PRO J 364 -14.69 25.78 15.27
N THR J 365 -14.54 27.01 15.78
CA THR J 365 -13.21 27.53 16.02
C THR J 365 -12.53 26.84 17.19
N GLN J 366 -13.29 26.43 18.21
CA GLN J 366 -12.71 25.65 19.29
C GLN J 366 -12.11 24.34 18.76
N ALA J 367 -12.89 23.61 17.96
CA ALA J 367 -12.40 22.36 17.41
C ALA J 367 -11.20 22.59 16.49
N ALA J 368 -11.27 23.61 15.65
CA ALA J 368 -10.18 23.89 14.73
C ALA J 368 -8.91 24.26 15.47
N LEU J 369 -9.02 25.08 16.52
CA LEU J 369 -7.85 25.49 17.28
C LEU J 369 -7.21 24.30 17.99
N TYR J 370 -8.04 23.46 18.64
CA TYR J 370 -7.47 22.32 19.34
C TYR J 370 -6.79 21.36 18.37
N THR J 371 -7.45 21.07 17.25
CA THR J 371 -6.87 20.16 16.28
C THR J 371 -5.57 20.72 15.70
N HIS J 372 -5.58 22.01 15.34
CA HIS J 372 -4.39 22.65 14.78
C HIS J 372 -3.22 22.56 15.74
N HIS J 373 -3.46 22.93 17.01
CA HIS J 373 -2.36 22.96 17.97
C HIS J 373 -1.87 21.56 18.31
N GLN J 374 -2.76 20.57 18.36
CA GLN J 374 -2.30 19.20 18.64
C GLN J 374 -1.48 18.65 17.48
N TYR J 375 -1.89 18.93 16.24
CA TYR J 375 -1.10 18.49 15.10
C TYR J 375 0.27 19.16 15.07
N ILE J 376 0.30 20.47 15.35
CA ILE J 376 1.58 21.18 15.43
C ILE J 376 2.44 20.58 16.54
N ALA J 377 1.82 20.19 17.66
CA ALA J 377 2.56 19.59 18.76
C ALA J 377 3.21 18.28 18.34
N GLY J 378 2.44 17.42 17.67
CA GLY J 378 3.01 16.17 17.20
C GLY J 378 4.16 16.39 16.22
N PHE J 379 3.98 17.34 15.31
CA PHE J 379 5.05 17.66 14.36
C PHE J 379 6.30 18.11 15.09
N LEU J 380 6.15 19.00 16.07
CA LEU J 380 7.31 19.52 16.80
C LEU J 380 8.00 18.43 17.59
N MET J 381 7.24 17.52 18.20
CA MET J 381 7.87 16.43 18.94
C MET J 381 8.67 15.51 18.03
N VAL J 382 8.08 15.15 16.89
CA VAL J 382 8.79 14.30 15.94
C VAL J 382 10.04 15.00 15.43
N GLY J 383 9.95 16.32 15.21
CA GLY J 383 11.13 17.06 14.79
C GLY J 383 12.21 17.09 15.83
N ALA J 384 11.82 17.23 17.10
CA ALA J 384 12.79 17.20 18.19
C ALA J 384 13.55 15.88 18.20
N PHE J 385 12.82 14.78 18.09
CA PHE J 385 13.48 13.48 18.11
C PHE J 385 14.33 13.26 16.86
N ALA J 386 13.86 13.73 15.71
CA ALA J 386 14.65 13.61 14.49
C ALA J 386 15.95 14.37 14.59
N HIS J 387 15.90 15.57 15.18
CA HIS J 387 17.14 16.34 15.32
C HIS J 387 18.04 15.78 16.40
N GLY J 388 17.48 15.13 17.41
CA GLY J 388 18.33 14.36 18.32
C GLY J 388 19.07 13.25 17.61
N ALA J 389 18.38 12.54 16.72
CA ALA J 389 19.04 11.51 15.92
C ALA J 389 20.11 12.11 15.03
N ILE J 390 19.84 13.26 14.42
CA ILE J 390 20.83 13.93 13.58
C ILE J 390 22.05 14.33 14.40
N PHE J 391 21.82 14.83 15.62
CA PHE J 391 22.94 15.14 16.51
C PHE J 391 23.77 13.90 16.80
N PHE J 392 23.12 12.77 17.05
CA PHE J 392 23.85 11.54 17.27
C PHE J 392 24.70 11.17 16.06
N VAL J 393 24.13 11.32 14.86
CA VAL J 393 24.84 10.91 13.65
C VAL J 393 26.05 11.80 13.39
N ARG J 394 25.85 13.12 13.42
CA ARG J 394 26.84 14.03 12.85
C ARG J 394 27.49 14.99 13.83
N ASP J 395 26.97 15.13 15.05
CA ASP J 395 27.54 16.08 16.01
C ASP J 395 28.06 15.43 17.28
N TYR J 396 27.64 14.22 17.60
CA TYR J 396 28.05 13.59 18.86
C TYR J 396 29.50 13.14 18.78
N ASP J 397 30.27 13.46 19.81
CA ASP J 397 31.67 13.05 19.92
C ASP J 397 31.85 12.23 21.19
N PRO J 398 32.11 10.93 21.09
CA PRO J 398 32.27 10.13 22.33
C PRO J 398 33.43 10.57 23.19
N ALA J 399 34.48 11.14 22.60
CA ALA J 399 35.64 11.55 23.39
C ALA J 399 35.30 12.69 24.35
N VAL J 400 34.48 13.64 23.89
CA VAL J 400 34.12 14.77 24.75
C VAL J 400 33.26 14.29 25.92
N ASN J 401 32.37 13.34 25.67
CA ASN J 401 31.45 12.83 26.68
C ASN J 401 32.03 11.68 27.48
N THR J 402 33.35 11.50 27.46
CA THR J 402 34.01 10.42 28.19
C THR J 402 35.25 10.97 28.88
N ARG J 403 35.43 10.61 30.15
CA ARG J 403 36.60 11.03 30.93
C ARG J 403 37.23 9.79 31.53
N ASN J 404 38.39 9.39 31.01
CA ASN J 404 39.17 8.27 31.53
C ASN J 404 38.34 6.98 31.55
N GLY J 405 37.72 6.67 30.41
CA GLY J 405 36.94 5.44 30.29
C GLY J 405 35.51 5.58 30.75
N GLU J 406 35.29 6.27 31.86
CA GLU J 406 33.94 6.49 32.35
C GLU J 406 33.20 7.46 31.43
N LYS J 407 31.91 7.23 31.27
CA LYS J 407 31.09 8.00 30.34
C LYS J 407 30.14 8.92 31.09
N ASN J 408 29.84 10.05 30.48
CA ASN J 408 29.01 11.07 31.12
C ASN J 408 27.54 10.69 31.01
N VAL J 409 26.66 11.60 31.39
CA VAL J 409 25.23 11.29 31.48
C VAL J 409 24.65 11.01 30.09
N LEU J 410 25.17 11.66 29.05
CA LEU J 410 24.64 11.45 27.71
C LEU J 410 25.23 10.21 27.06
N ALA J 411 26.54 10.00 27.20
CA ALA J 411 27.17 8.81 26.62
C ALA J 411 26.67 7.53 27.24
N ARG J 412 26.20 7.57 28.49
CA ARG J 412 25.64 6.38 29.11
C ARG J 412 24.28 5.98 28.55
N MET J 413 23.61 6.88 27.83
CA MET J 413 22.36 6.53 27.19
C MET J 413 22.55 5.54 26.04
N LEU J 414 23.76 5.48 25.49
CA LEU J 414 24.10 4.52 24.45
C LEU J 414 24.61 3.20 25.00
N GLU J 415 24.80 3.09 26.31
CA GLU J 415 25.23 1.84 26.91
C GLU J 415 24.05 0.93 27.25
N HIS J 416 23.02 1.49 27.91
CA HIS J 416 21.78 0.77 28.14
C HIS J 416 20.72 1.10 27.09
N LYS J 417 21.14 1.40 25.86
CA LYS J 417 20.20 1.66 24.79
C LYS J 417 19.32 0.44 24.53
N GLU J 418 19.89 -0.75 24.62
CA GLU J 418 19.09 -1.96 24.45
C GLU J 418 18.03 -2.09 25.55
N ALA J 419 18.41 -1.74 26.79
CA ALA J 419 17.43 -1.77 27.87
C ALA J 419 16.31 -0.76 27.61
N ILE J 420 16.67 0.45 27.19
CA ILE J 420 15.65 1.48 26.94
C ILE J 420 14.71 1.02 25.83
N ILE J 421 15.26 0.51 24.73
CA ILE J 421 14.43 0.11 23.59
C ILE J 421 13.58 -1.10 23.96
N SER J 422 14.14 -2.06 24.69
CA SER J 422 13.39 -3.24 25.09
C SER J 422 12.22 -2.86 26.00
N HIS J 423 12.44 -1.94 26.93
CA HIS J 423 11.36 -1.57 27.83
C HIS J 423 10.32 -0.69 27.15
N LEU J 424 10.73 0.17 26.21
CA LEU J 424 9.75 0.88 25.40
C LEU J 424 8.91 -0.10 24.60
N SER J 425 9.55 -1.12 24.02
CA SER J 425 8.82 -2.14 23.28
C SER J 425 7.86 -2.90 24.19
N TRP J 426 8.30 -3.22 25.41
CA TRP J 426 7.42 -3.92 26.34
C TRP J 426 6.21 -3.08 26.71
N VAL J 427 6.42 -1.80 27.00
CA VAL J 427 5.29 -0.93 27.34
C VAL J 427 4.33 -0.81 26.17
N SER J 428 4.89 -0.62 24.97
CA SER J 428 4.03 -0.50 23.79
C SER J 428 3.21 -1.76 23.57
N LEU J 429 3.85 -2.93 23.67
CA LEU J 429 3.14 -4.18 23.47
C LEU J 429 2.09 -4.39 24.56
N PHE J 430 2.43 -4.08 25.80
CA PHE J 430 1.50 -4.20 26.93
C PHE J 430 0.26 -3.37 26.68
N LEU J 431 0.45 -2.07 26.42
CA LEU J 431 -0.67 -1.17 26.22
C LEU J 431 -1.48 -1.55 24.99
N GLY J 432 -0.82 -1.88 23.89
CA GLY J 432 -1.55 -2.22 22.68
C GLY J 432 -2.36 -3.49 22.85
N PHE J 433 -1.72 -4.55 23.34
CA PHE J 433 -2.41 -5.81 23.59
C PHE J 433 -3.65 -5.59 24.43
N HIS J 434 -3.51 -4.88 25.54
CA HIS J 434 -4.62 -4.87 26.49
C HIS J 434 -5.68 -3.83 26.14
N THR J 435 -5.29 -2.67 25.60
CA THR J 435 -6.29 -1.73 25.12
C THR J 435 -7.10 -2.32 23.97
N LEU J 436 -6.42 -2.95 23.01
CA LEU J 436 -7.14 -3.61 21.93
C LEU J 436 -7.99 -4.77 22.44
N GLY J 437 -7.49 -5.50 23.43
CA GLY J 437 -8.25 -6.60 23.98
C GLY J 437 -9.54 -6.14 24.64
N ILE J 438 -9.45 -5.09 25.45
CA ILE J 438 -10.65 -4.58 26.11
C ILE J 438 -11.61 -3.99 25.08
N TYR J 439 -11.09 -3.25 24.09
CA TYR J 439 -11.94 -2.67 23.06
C TYR J 439 -12.67 -3.76 22.26
N VAL J 440 -11.94 -4.81 21.86
CA VAL J 440 -12.55 -5.88 21.08
C VAL J 440 -13.49 -6.70 21.94
N HIS J 441 -13.19 -6.87 23.23
CA HIS J 441 -14.12 -7.53 24.13
C HIS J 441 -15.43 -6.76 24.20
N ASN J 442 -15.35 -5.44 24.34
CA ASN J 442 -16.56 -4.64 24.35
C ASN J 442 -17.29 -4.72 23.01
N ASP J 443 -16.54 -4.70 21.90
CA ASP J 443 -17.14 -4.85 20.58
C ASP J 443 -17.96 -6.13 20.48
N VAL J 444 -17.33 -7.27 20.81
CA VAL J 444 -17.98 -8.56 20.67
C VAL J 444 -19.16 -8.68 21.62
N VAL J 445 -18.98 -8.24 22.87
CA VAL J 445 -20.01 -8.38 23.88
C VAL J 445 -21.23 -7.53 23.54
N VAL J 446 -21.02 -6.28 23.11
CA VAL J 446 -22.14 -5.43 22.72
C VAL J 446 -22.80 -5.96 21.46
N ALA J 447 -22.00 -6.42 20.50
CA ALA J 447 -22.57 -6.95 19.26
C ALA J 447 -23.49 -8.13 19.53
N PHE J 448 -23.11 -9.00 20.46
CA PHE J 448 -23.95 -10.14 20.81
C PHE J 448 -25.16 -9.75 21.64
N GLY J 449 -25.42 -8.45 21.80
CA GLY J 449 -26.63 -7.99 22.44
C GLY J 449 -26.64 -8.03 23.96
N GLN J 450 -25.47 -8.12 24.59
CA GLN J 450 -25.37 -8.23 26.04
C GLN J 450 -24.39 -7.18 26.57
N PRO J 451 -24.73 -5.89 26.47
CA PRO J 451 -23.77 -4.84 26.86
C PRO J 451 -23.38 -4.88 28.32
N GLU J 452 -24.14 -5.57 29.17
CA GLU J 452 -23.83 -5.62 30.60
C GLU J 452 -22.52 -6.35 30.88
N LYS J 453 -22.05 -7.20 29.97
CA LYS J 453 -20.82 -7.94 30.15
C LYS J 453 -19.59 -7.15 29.71
N GLN J 454 -19.75 -5.85 29.44
CA GLN J 454 -18.62 -5.03 29.05
C GLN J 454 -17.64 -4.86 30.20
N ILE J 455 -16.37 -4.68 29.85
CA ILE J 455 -15.34 -4.35 30.83
C ILE J 455 -15.19 -2.83 30.81
N LEU J 456 -15.71 -2.18 31.84
CA LEU J 456 -15.69 -0.72 31.96
C LEU J 456 -14.96 -0.35 33.24
N VAL J 457 -13.78 0.24 33.11
CA VAL J 457 -12.95 0.60 34.25
C VAL J 457 -13.15 2.08 34.52
N GLU J 458 -13.60 2.40 35.72
CA GLU J 458 -13.79 3.79 36.10
C GLU J 458 -12.44 4.46 36.30
N PRO J 459 -12.16 5.57 35.61
CA PRO J 459 -10.87 6.24 35.79
C PRO J 459 -10.75 6.92 37.15
N LEU J 460 -10.58 6.12 38.20
CA LEU J 460 -10.58 6.65 39.55
C LEU J 460 -9.37 7.56 39.80
N PHE J 461 -8.22 7.22 39.21
CA PHE J 461 -7.03 8.03 39.42
C PHE J 461 -7.22 9.44 38.86
N ALA J 462 -7.81 9.55 37.68
CA ALA J 462 -8.04 10.86 37.08
C ALA J 462 -9.19 11.59 37.76
N GLU J 463 -10.25 10.86 38.13
CA GLU J 463 -11.33 11.46 38.90
C GLU J 463 -10.85 11.92 40.27
N TRP J 464 -9.86 11.23 40.83
CA TRP J 464 -9.25 11.67 42.09
C TRP J 464 -8.60 13.05 41.91
N ILE J 465 -7.93 13.26 40.78
CA ILE J 465 -7.32 14.56 40.51
C ILE J 465 -8.40 15.64 40.35
N GLN J 466 -9.49 15.32 39.66
CA GLN J 466 -10.56 16.29 39.49
C GLN J 466 -11.15 16.70 40.84
N ALA J 467 -11.35 15.73 41.73
CA ALA J 467 -11.85 16.05 43.06
C ALA J 467 -10.86 16.87 43.84
N ALA J 468 -9.56 16.62 43.64
CA ALA J 468 -8.53 17.39 44.34
C ALA J 468 -8.58 18.87 43.97
N SER J 469 -9.00 19.18 42.75
CA SER J 469 -9.11 20.56 42.30
C SER J 469 -10.46 21.18 42.61
N GLY J 470 -11.36 20.44 43.24
CA GLY J 470 -12.62 21.00 43.71
C GLY J 470 -13.88 20.43 43.09
N LYS J 471 -13.80 19.45 42.19
CA LYS J 471 -14.99 18.92 41.54
C LYS J 471 -15.72 17.99 42.49
N THR J 472 -16.91 18.40 42.94
CA THR J 472 -17.75 17.58 43.81
C THR J 472 -18.75 16.81 42.96
N LEU J 473 -18.23 15.84 42.22
CA LEU J 473 -19.05 15.05 41.31
C LEU J 473 -18.83 13.56 41.54
N TYR J 474 -17.65 13.20 42.06
CA TYR J 474 -17.30 11.81 42.27
C TYR J 474 -17.34 11.42 43.75
N ASN J 475 -17.81 12.31 44.62
CA ASN J 475 -17.98 12.03 46.04
C ASN J 475 -16.68 11.53 46.67
N PHE J 476 -15.61 12.29 46.44
CA PHE J 476 -14.31 11.94 47.01
C PHE J 476 -13.98 12.75 48.27
N ASP J 477 -14.43 14.00 48.34
CA ASP J 477 -14.23 14.84 49.53
C ASP J 477 -12.75 14.92 49.90
N LEU J 478 -11.92 15.22 48.90
CA LEU J 478 -10.49 14.98 49.07
C LEU J 478 -9.68 16.19 49.54
N LEU J 479 -9.53 17.21 48.68
CA LEU J 479 -8.74 18.37 49.08
C LEU J 479 -9.50 19.67 48.94
N LEU J 480 -9.99 19.95 47.73
CA LEU J 480 -10.80 21.13 47.48
C LEU J 480 -12.29 20.81 47.38
N ALA J 481 -12.63 19.52 47.23
CA ALA J 481 -14.00 19.08 47.43
C ALA J 481 -14.41 19.12 48.89
N SER J 482 -13.45 19.32 49.80
CA SER J 482 -13.71 19.46 51.23
C SER J 482 -13.53 20.92 51.62
N SER J 483 -14.45 21.43 52.43
CA SER J 483 -14.35 22.79 52.94
C SER J 483 -13.50 22.90 54.20
N ASN J 484 -13.08 21.77 54.78
CA ASN J 484 -12.29 21.78 56.00
C ASN J 484 -10.82 21.47 55.77
N SER J 485 -10.45 21.01 54.57
CA SER J 485 -9.06 20.70 54.28
C SER J 485 -8.23 21.98 54.27
N PRO J 486 -6.95 21.89 54.68
CA PRO J 486 -6.10 23.10 54.67
C PRO J 486 -5.94 23.71 53.30
N ALA J 487 -6.05 22.91 52.23
CA ALA J 487 -5.95 23.45 50.89
C ALA J 487 -7.11 24.40 50.58
N SER J 488 -8.30 24.13 51.13
CA SER J 488 -9.45 24.99 50.86
C SER J 488 -9.46 26.21 51.77
N VAL J 489 -9.18 26.05 53.06
CA VAL J 489 -9.19 27.20 53.96
C VAL J 489 -8.15 28.22 53.53
N ALA J 490 -7.05 27.77 52.92
CA ALA J 490 -5.96 28.67 52.57
C ALA J 490 -6.38 29.68 51.50
N SER J 491 -7.12 29.23 50.49
CA SER J 491 -7.53 30.09 49.38
C SER J 491 -9.02 30.39 49.39
N SER J 492 -9.70 30.18 50.51
CA SER J 492 -11.13 30.43 50.58
C SER J 492 -11.47 31.89 50.34
N GLN J 493 -10.49 32.79 50.48
CA GLN J 493 -10.71 34.22 50.32
C GLN J 493 -10.03 34.80 49.09
N LEU J 494 -9.35 33.99 48.28
CA LEU J 494 -8.58 34.51 47.16
C LEU J 494 -9.14 34.09 45.81
N TRP J 495 -9.21 32.79 45.51
CA TRP J 495 -9.65 32.36 44.19
C TRP J 495 -10.52 31.11 44.18
N LEU J 496 -10.84 30.52 45.33
CA LEU J 496 -11.73 29.36 45.30
C LEU J 496 -13.14 29.70 44.85
N PRO J 497 -13.80 30.77 45.34
CA PRO J 497 -15.18 31.01 44.90
C PRO J 497 -15.33 31.11 43.39
N GLY J 498 -14.36 31.75 42.72
CA GLY J 498 -14.38 31.76 41.27
C GLY J 498 -14.04 30.40 40.67
N TRP J 499 -13.04 29.73 41.22
CA TRP J 499 -12.61 28.45 40.66
C TRP J 499 -13.66 27.37 40.87
N LEU J 500 -14.22 27.29 42.09
CA LEU J 500 -15.23 26.27 42.37
C LEU J 500 -16.48 26.48 41.52
N SER J 501 -16.89 27.73 41.34
CA SER J 501 -18.07 28.03 40.53
C SER J 501 -17.89 27.64 39.08
N ALA J 502 -16.65 27.57 38.59
CA ALA J 502 -16.38 27.19 37.22
C ALA J 502 -16.14 25.70 37.05
N ILE J 503 -15.40 25.09 37.97
CA ILE J 503 -15.14 23.65 37.86
C ILE J 503 -16.41 22.85 38.08
N ASN J 504 -17.30 23.31 38.96
CA ASN J 504 -18.57 22.63 39.22
C ASN J 504 -19.69 23.25 38.39
N ASP J 505 -19.54 23.15 37.07
CA ASP J 505 -20.51 23.66 36.13
C ASP J 505 -20.56 22.72 34.93
N GLY J 506 -21.77 22.29 34.56
CA GLY J 506 -21.91 21.32 33.49
C GLY J 506 -21.74 21.88 32.09
N LYS J 507 -21.79 23.20 31.94
CA LYS J 507 -21.69 23.83 30.62
C LYS J 507 -20.26 24.17 30.22
N ASN J 508 -19.31 24.04 31.15
CA ASN J 508 -17.91 24.33 30.84
C ASN J 508 -17.22 23.12 30.23
N SER J 509 -16.02 23.36 29.70
CA SER J 509 -15.09 22.29 29.38
C SER J 509 -14.01 22.15 30.44
N LEU J 510 -14.08 22.94 31.50
CA LEU J 510 -13.13 22.87 32.60
C LEU J 510 -13.32 21.54 33.33
N PHE J 511 -12.37 20.63 33.18
CA PHE J 511 -12.38 19.33 33.85
C PHE J 511 -13.67 18.57 33.49
N LEU J 512 -13.75 18.21 32.22
CA LEU J 512 -14.94 17.52 31.71
C LEU J 512 -15.14 16.22 32.49
N PRO J 513 -16.38 15.88 32.85
CA PRO J 513 -16.64 14.60 33.52
C PRO J 513 -16.18 13.44 32.65
N ILE J 514 -15.61 12.43 33.30
CA ILE J 514 -14.98 11.32 32.59
C ILE J 514 -15.58 10.00 33.06
N GLY J 515 -15.50 9.00 32.19
CA GLY J 515 -15.99 7.68 32.48
C GLY J 515 -15.09 6.61 31.89
N PRO J 516 -15.60 5.39 31.78
CA PRO J 516 -14.78 4.29 31.23
C PRO J 516 -14.29 4.55 29.81
N GLY J 517 -15.09 5.22 28.98
CA GLY J 517 -14.61 5.56 27.65
C GLY J 517 -13.39 6.46 27.68
N ASP J 518 -13.39 7.43 28.60
CA ASP J 518 -12.22 8.28 28.78
C ASP J 518 -11.01 7.45 29.22
N PHE J 519 -11.22 6.49 30.11
CA PHE J 519 -10.15 5.59 30.54
C PHE J 519 -9.55 4.86 29.35
N LEU J 520 -10.39 4.21 28.55
CA LEU J 520 -9.89 3.42 27.43
C LEU J 520 -9.19 4.29 26.40
N VAL J 521 -9.75 5.46 26.08
CA VAL J 521 -9.13 6.30 25.08
C VAL J 521 -7.84 6.92 25.60
N HIS J 522 -7.74 7.17 26.91
CA HIS J 522 -6.48 7.65 27.46
C HIS J 522 -5.41 6.57 27.39
N HIS J 523 -5.81 5.31 27.58
CA HIS J 523 -4.84 4.23 27.43
C HIS J 523 -4.41 4.08 25.96
N ALA J 524 -5.34 4.29 25.03
CA ALA J 524 -4.97 4.30 23.62
C ALA J 524 -3.99 5.43 23.31
N ILE J 525 -4.23 6.60 23.90
CA ILE J 525 -3.31 7.74 23.72
C ILE J 525 -1.94 7.41 24.29
N ALA J 526 -1.91 6.79 25.47
CA ALA J 526 -0.63 6.39 26.06
C ALA J 526 0.10 5.40 25.19
N LEU J 527 -0.63 4.44 24.60
CA LEU J 527 -0.01 3.49 23.67
C LEU J 527 0.57 4.22 22.47
N GLY J 528 -0.16 5.16 21.90
CA GLY J 528 0.35 5.90 20.76
C GLY J 528 1.60 6.69 21.10
N LEU J 529 1.58 7.39 22.25
CA LEU J 529 2.75 8.14 22.67
C LEU J 529 3.94 7.22 22.88
N HIS J 530 3.73 6.08 23.53
CA HIS J 530 4.82 5.16 23.82
C HIS J 530 5.40 4.57 22.54
N THR J 531 4.54 4.23 21.58
CA THR J 531 5.04 3.64 20.33
C THR J 531 5.78 4.66 19.49
N THR J 532 5.26 5.90 19.39
CA THR J 532 5.99 6.94 18.68
C THR J 532 7.33 7.21 19.33
N THR J 533 7.35 7.27 20.67
CA THR J 533 8.60 7.45 21.39
C THR J 533 9.54 6.29 21.16
N LEU J 534 9.01 5.06 21.11
CA LEU J 534 9.85 3.90 20.85
C LEU J 534 10.52 4.00 19.50
N ILE J 535 9.76 4.33 18.45
CA ILE J 535 10.34 4.44 17.12
C ILE J 535 11.40 5.53 17.10
N LEU J 536 11.08 6.70 17.66
CA LEU J 536 12.01 7.83 17.58
C LEU J 536 13.27 7.59 18.41
N VAL J 537 13.11 7.05 19.62
CA VAL J 537 14.26 6.78 20.48
C VAL J 537 15.12 5.68 19.89
N LYS J 538 14.49 4.65 19.33
CA LYS J 538 15.25 3.59 18.67
C LYS J 538 16.06 4.14 17.50
N GLY J 539 15.44 5.01 16.70
CA GLY J 539 16.17 5.61 15.60
C GLY J 539 17.30 6.52 16.06
N ALA J 540 17.08 7.25 17.16
CA ALA J 540 18.10 8.15 17.66
C ALA J 540 19.29 7.38 18.23
N LEU J 541 19.01 6.39 19.08
CA LEU J 541 20.10 5.64 19.72
C LEU J 541 20.81 4.74 18.73
N ASP J 542 20.06 4.07 17.86
CA ASP J 542 20.63 3.21 16.84
C ASP J 542 21.15 3.97 15.62
N ALA J 543 21.16 5.31 15.70
CA ALA J 543 21.60 6.11 14.57
C ALA J 543 23.07 5.89 14.26
N ARG J 544 23.91 5.75 15.29
CA ARG J 544 25.34 5.61 15.10
C ARG J 544 25.76 4.20 14.74
N GLY J 545 24.88 3.22 14.82
CA GLY J 545 25.20 1.86 14.43
C GLY J 545 24.38 0.85 15.21
N SER J 546 24.36 -0.37 14.69
CA SER J 546 23.67 -1.49 15.30
C SER J 546 24.42 -2.77 14.95
N LYS J 547 23.78 -3.91 15.20
CA LYS J 547 24.40 -5.17 14.80
C LYS J 547 24.31 -5.37 13.28
N LEU J 548 23.20 -4.96 12.68
CA LEU J 548 23.04 -5.08 11.25
C LEU J 548 23.91 -4.09 10.48
N MET J 549 24.32 -2.99 11.12
CA MET J 549 25.13 -1.96 10.46
C MET J 549 25.96 -1.25 11.51
N PRO J 550 27.08 -1.84 11.93
CA PRO J 550 27.88 -1.24 13.00
C PRO J 550 28.69 -0.03 12.56
N ASP J 551 28.48 0.45 11.34
CA ASP J 551 29.12 1.68 10.87
C ASP J 551 28.09 2.63 10.27
N LYS J 552 26.89 2.65 10.84
CA LYS J 552 25.82 3.48 10.27
C LYS J 552 26.15 4.96 10.33
N LYS J 553 27.00 5.37 11.27
CA LYS J 553 27.37 6.77 11.36
C LYS J 553 28.19 7.22 10.16
N ASP J 554 28.89 6.30 9.51
CA ASP J 554 29.68 6.64 8.33
C ASP J 554 28.83 6.88 7.09
N PHE J 555 27.55 6.53 7.14
CA PHE J 555 26.66 6.71 6.00
C PHE J 555 25.73 7.91 6.15
N GLY J 556 25.79 8.60 7.29
CA GLY J 556 24.99 9.80 7.49
C GLY J 556 23.64 9.51 8.10
N TYR J 557 22.89 10.61 8.31
CA TYR J 557 21.57 10.50 8.91
C TYR J 557 20.57 9.86 7.96
N SER J 558 20.60 10.25 6.68
CA SER J 558 19.62 9.80 5.69
C SER J 558 20.36 9.14 4.54
N PHE J 559 20.17 7.83 4.39
CA PHE J 559 20.64 7.06 3.26
C PHE J 559 19.59 6.00 2.96
N PRO J 560 19.52 5.53 1.71
CA PRO J 560 18.44 4.58 1.37
C PRO J 560 18.49 3.29 2.18
N CYS J 561 19.63 2.61 2.18
CA CYS J 561 19.74 1.29 2.78
C CYS J 561 21.22 0.94 2.86
N ASP J 562 21.49 -0.33 3.17
CA ASP J 562 22.83 -0.90 3.04
C ASP J 562 22.85 -2.07 2.05
N GLY J 563 21.79 -2.27 1.27
CA GLY J 563 21.75 -3.31 0.28
C GLY J 563 20.94 -4.50 0.72
N PRO J 564 20.72 -5.45 -0.20
CA PRO J 564 20.00 -6.69 0.15
C PRO J 564 20.81 -7.69 0.95
N GLY J 565 22.10 -7.44 1.16
CA GLY J 565 22.93 -8.38 1.87
C GLY J 565 22.60 -8.41 3.35
N ARG J 566 23.14 -9.45 4.01
CA ARG J 566 22.93 -9.68 5.44
C ARG J 566 21.45 -9.82 5.78
N GLY J 567 20.67 -10.39 4.85
CA GLY J 567 19.27 -10.62 5.07
C GLY J 567 18.35 -9.52 4.56
N GLY J 568 18.88 -8.35 4.21
CA GLY J 568 18.05 -7.24 3.79
C GLY J 568 18.08 -6.10 4.79
N THR J 569 18.29 -4.88 4.30
CA THR J 569 18.50 -3.71 5.15
C THR J 569 17.60 -2.55 4.71
N CYS J 570 16.33 -2.85 4.45
CA CYS J 570 15.38 -1.79 4.12
C CYS J 570 15.13 -0.91 5.33
N ASP J 571 15.04 0.39 5.09
CA ASP J 571 14.64 1.36 6.12
C ASP J 571 15.54 1.27 7.35
N ILE J 572 16.85 1.13 7.13
CA ILE J 572 17.79 0.94 8.23
C ILE J 572 18.37 2.26 8.76
N SER J 573 18.21 3.36 8.03
CA SER J 573 18.78 4.62 8.46
C SER J 573 17.94 5.26 9.57
N ALA J 574 18.53 6.26 10.23
CA ALA J 574 17.81 6.99 11.26
C ALA J 574 16.70 7.85 10.67
N TRP J 575 16.89 8.34 9.44
CA TRP J 575 15.83 9.08 8.76
C TRP J 575 14.60 8.20 8.57
N ASP J 576 14.81 6.92 8.28
CA ASP J 576 13.69 6.00 8.13
C ASP J 576 12.92 5.81 9.43
N ALA J 577 13.60 5.93 10.57
CA ALA J 577 12.90 5.87 11.85
C ALA J 577 11.97 7.06 12.02
N PHE J 578 12.43 8.27 11.67
CA PHE J 578 11.54 9.43 11.61
C PHE J 578 10.38 9.15 10.66
N TYR J 579 10.69 8.57 9.49
CA TYR J 579 9.67 8.36 8.48
C TYR J 579 8.59 7.41 8.98
N LEU J 580 8.99 6.36 9.70
CA LEU J 580 8.03 5.42 10.27
C LEU J 580 7.26 6.03 11.44
N ALA J 581 7.94 6.85 12.25
CA ALA J 581 7.31 7.45 13.41
C ALA J 581 6.35 8.57 13.03
N MET J 582 6.46 9.12 11.82
CA MET J 582 5.48 10.11 11.39
C MET J 582 4.09 9.51 11.29
N PHE J 583 3.99 8.26 10.80
CA PHE J 583 2.71 7.59 10.74
C PHE J 583 2.13 7.40 12.14
N TRP J 584 2.97 7.02 13.10
CA TRP J 584 2.48 6.82 14.45
C TRP J 584 2.11 8.13 15.13
N MET J 585 2.85 9.20 14.85
CA MET J 585 2.45 10.52 15.34
C MET J 585 1.11 10.93 14.77
N LEU J 586 0.92 10.73 13.46
CA LEU J 586 -0.37 11.07 12.85
C LEU J 586 -1.49 10.25 13.46
N ASN J 587 -1.25 8.96 13.71
CA ASN J 587 -2.26 8.10 14.32
C ASN J 587 -2.57 8.54 15.74
N THR J 588 -1.55 8.87 16.54
CA THR J 588 -1.78 9.29 17.91
C THR J 588 -2.52 10.62 17.98
N ILE J 589 -2.13 11.58 17.14
CA ILE J 589 -2.84 12.86 17.10
C ILE J 589 -4.26 12.65 16.59
N GLY J 590 -4.46 11.72 15.66
CA GLY J 590 -5.80 11.40 15.22
C GLY J 590 -6.65 10.85 16.35
N TRP J 591 -6.08 9.95 17.16
CA TRP J 591 -6.82 9.44 18.31
C TRP J 591 -7.17 10.55 19.29
N VAL J 592 -6.19 11.41 19.59
CA VAL J 592 -6.41 12.50 20.54
C VAL J 592 -7.50 13.43 20.03
N THR J 593 -7.42 13.82 18.76
CA THR J 593 -8.38 14.77 18.21
C THR J 593 -9.75 14.13 18.04
N PHE J 594 -9.81 12.85 17.68
CA PHE J 594 -11.08 12.14 17.63
C PHE J 594 -11.75 12.15 18.99
N TYR J 595 -10.98 11.81 20.03
CA TYR J 595 -11.52 11.80 21.39
C TYR J 595 -12.03 13.18 21.78
N TRP J 596 -11.20 14.21 21.58
CA TRP J 596 -11.60 15.56 21.94
C TRP J 596 -12.85 15.99 21.20
N HIS J 597 -12.87 15.79 19.88
CA HIS J 597 -13.97 16.26 19.07
C HIS J 597 -15.27 15.52 19.40
N TRP J 598 -15.21 14.19 19.58
CA TRP J 598 -16.43 13.47 19.92
C TRP J 598 -16.94 13.88 21.30
N LYS J 599 -16.04 14.00 22.27
CA LYS J 599 -16.46 14.42 23.60
C LYS J 599 -17.13 15.79 23.55
N HIS J 600 -16.56 16.73 22.81
CA HIS J 600 -17.12 18.07 22.76
C HIS J 600 -18.36 18.15 21.89
N LEU J 601 -18.47 17.32 20.84
CA LEU J 601 -19.72 17.27 20.08
C LEU J 601 -20.86 16.74 20.93
N THR J 602 -20.60 15.73 21.74
CA THR J 602 -21.64 15.24 22.64
C THR J 602 -21.97 16.26 23.72
N LEU J 603 -20.95 16.97 24.23
CA LEU J 603 -21.19 17.98 25.24
C LEU J 603 -22.02 19.14 24.69
N TRP J 604 -21.70 19.60 23.48
CA TRP J 604 -22.41 20.74 22.91
C TRP J 604 -23.82 20.36 22.49
N GLN J 605 -23.99 19.19 21.87
CA GLN J 605 -25.31 18.73 21.46
C GLN J 605 -26.17 18.34 22.65
N GLY J 606 -25.56 17.99 23.78
CA GLY J 606 -26.27 17.60 24.97
C GLY J 606 -26.37 16.12 25.21
N ASN J 607 -26.11 15.30 24.19
CA ASN J 607 -26.21 13.85 24.33
C ASN J 607 -24.88 13.24 24.80
N GLN J 608 -24.43 13.72 25.95
CA GLN J 608 -23.22 13.17 26.55
C GLN J 608 -23.38 11.70 26.92
N VAL J 609 -24.62 11.23 27.06
CA VAL J 609 -24.85 9.80 27.27
C VAL J 609 -24.48 8.99 26.04
N GLN J 610 -24.52 9.60 24.85
CA GLN J 610 -24.11 8.89 23.65
C GLN J 610 -22.63 8.53 23.68
N PHE J 611 -21.79 9.47 24.13
CA PHE J 611 -20.36 9.18 24.24
C PHE J 611 -20.09 8.20 25.37
N ASN J 612 -20.71 8.42 26.53
CA ASN J 612 -20.41 7.62 27.71
C ASN J 612 -20.75 6.16 27.51
N GLU J 613 -21.70 5.86 26.61
CA GLU J 613 -22.11 4.49 26.35
C GLU J 613 -21.41 3.88 25.13
N SER J 614 -21.32 4.63 24.03
CA SER J 614 -20.78 4.09 22.79
C SER J 614 -19.27 4.24 22.65
N SER J 615 -18.61 4.97 23.54
CA SER J 615 -17.18 5.19 23.40
C SER J 615 -16.34 4.04 23.95
N ASN J 616 -16.97 3.03 24.54
CA ASN J 616 -16.25 1.90 25.11
C ASN J 616 -15.94 0.81 24.11
N TYR J 617 -16.48 0.88 22.90
CA TYR J 617 -16.25 -0.13 21.89
C TYR J 617 -16.03 0.54 20.53
N ILE J 618 -15.27 -0.14 19.67
CA ILE J 618 -14.79 0.50 18.44
C ILE J 618 -15.95 0.83 17.51
N MET J 619 -16.91 -0.09 17.35
CA MET J 619 -18.05 0.18 16.49
C MET J 619 -18.83 1.38 16.98
N GLY J 620 -18.83 1.62 18.29
CA GLY J 620 -19.44 2.85 18.79
C GLY J 620 -18.79 4.08 18.19
N TRP J 621 -17.46 4.12 18.18
CA TRP J 621 -16.76 5.22 17.54
C TRP J 621 -17.13 5.30 16.06
N LEU J 622 -16.98 4.19 15.34
CA LEU J 622 -17.17 4.21 13.89
C LEU J 622 -18.57 4.65 13.51
N ARG J 623 -19.58 4.24 14.28
CA ARG J 623 -20.97 4.52 13.92
C ARG J 623 -21.41 5.88 14.40
N ASP J 624 -21.08 6.25 15.64
CA ASP J 624 -21.65 7.45 16.24
C ASP J 624 -20.80 8.69 16.07
N TYR J 625 -19.49 8.56 15.82
CA TYR J 625 -18.69 9.74 15.54
C TYR J 625 -18.58 9.93 14.03
N LEU J 626 -17.90 8.99 13.36
CA LEU J 626 -17.57 9.18 11.95
C LEU J 626 -18.82 9.10 11.07
N TRP J 627 -19.49 7.94 11.09
CA TRP J 627 -20.64 7.74 10.23
C TRP J 627 -21.76 8.72 10.55
N LEU J 628 -21.96 9.01 11.83
CA LEU J 628 -23.06 9.91 12.20
C LEU J 628 -22.77 11.34 11.80
N ASN J 629 -21.61 11.88 12.16
CA ASN J 629 -21.34 13.29 11.92
C ASN J 629 -20.82 13.58 10.52
N SER J 630 -20.55 12.54 9.71
CA SER J 630 -20.14 12.78 8.34
C SER J 630 -21.30 13.09 7.40
N SER J 631 -22.54 12.94 7.87
CA SER J 631 -23.69 13.21 7.01
C SER J 631 -23.77 14.66 6.56
N PRO J 632 -23.66 15.67 7.43
CA PRO J 632 -23.68 17.05 6.92
C PRO J 632 -22.55 17.35 5.95
N LEU J 633 -21.37 16.77 6.15
CA LEU J 633 -20.23 17.09 5.33
C LEU J 633 -20.39 16.57 3.91
N ILE J 634 -20.78 15.29 3.76
CA ILE J 634 -20.88 14.70 2.43
C ILE J 634 -22.02 15.33 1.64
N ASN J 635 -23.04 15.84 2.33
CA ASN J 635 -24.10 16.58 1.64
C ASN J 635 -23.78 18.06 1.59
N GLY J 636 -22.56 18.39 1.17
CA GLY J 636 -22.19 19.76 0.91
C GLY J 636 -22.55 20.12 -0.51
N TYR J 637 -22.64 19.08 -1.34
CA TYR J 637 -23.17 19.20 -2.69
C TYR J 637 -23.70 17.83 -3.09
N ASN J 638 -24.93 17.80 -3.57
CA ASN J 638 -25.61 16.58 -4.00
C ASN J 638 -26.17 16.82 -5.39
N PRO J 639 -26.71 15.78 -6.05
CA PRO J 639 -27.33 16.00 -7.37
C PRO J 639 -28.51 16.97 -7.35
N PHE J 640 -28.85 17.51 -6.19
CA PHE J 640 -29.94 18.46 -6.04
C PHE J 640 -29.50 19.88 -5.77
N GLY J 641 -28.34 20.07 -5.16
CA GLY J 641 -27.88 21.42 -4.85
C GLY J 641 -26.55 21.38 -4.12
N MET J 642 -26.28 22.47 -3.40
CA MET J 642 -25.04 22.59 -2.64
C MET J 642 -25.24 23.60 -1.52
N ASN J 643 -24.32 23.59 -0.56
CA ASN J 643 -24.33 24.47 0.59
C ASN J 643 -22.97 25.16 0.71
N SER J 644 -22.85 26.04 1.70
CA SER J 644 -21.56 26.64 1.99
C SER J 644 -20.54 25.61 2.48
N LEU J 645 -21.00 24.42 2.84
CA LEU J 645 -20.13 23.30 3.21
C LEU J 645 -19.62 22.53 2.00
N SER J 646 -19.93 22.98 0.79
CA SER J 646 -19.49 22.28 -0.41
C SER J 646 -17.97 22.23 -0.51
N VAL J 647 -17.31 23.32 -0.12
CA VAL J 647 -15.85 23.35 -0.17
C VAL J 647 -15.26 22.32 0.77
N TRP J 648 -15.93 22.06 1.90
CA TRP J 648 -15.42 21.09 2.86
C TRP J 648 -15.56 19.67 2.34
N ALA J 649 -16.64 19.36 1.62
CA ALA J 649 -16.77 18.04 1.00
C ALA J 649 -15.72 17.85 -0.09
N TRP J 650 -15.46 18.89 -0.88
CA TRP J 650 -14.41 18.81 -1.88
C TRP J 650 -13.05 18.59 -1.24
N MET J 651 -12.78 19.28 -0.13
CA MET J 651 -11.52 19.06 0.59
C MET J 651 -11.46 17.67 1.21
N PHE J 652 -12.60 17.13 1.65
CA PHE J 652 -12.66 15.76 2.14
C PHE J 652 -12.20 14.78 1.07
N LEU J 653 -12.79 14.87 -0.12
CA LEU J 653 -12.41 13.99 -1.21
C LEU J 653 -10.97 14.23 -1.64
N PHE J 654 -10.53 15.49 -1.64
CA PHE J 654 -9.16 15.82 -1.97
C PHE J 654 -8.18 15.17 -1.01
N GLY J 655 -8.49 15.21 0.29
CA GLY J 655 -7.64 14.56 1.27
C GLY J 655 -7.58 13.07 1.09
N HIS J 656 -8.72 12.45 0.78
CA HIS J 656 -8.71 11.02 0.50
C HIS J 656 -7.83 10.71 -0.71
N LEU J 657 -7.92 11.52 -1.76
CA LEU J 657 -7.12 11.29 -2.96
C LEU J 657 -5.64 11.43 -2.68
N VAL J 658 -5.24 12.46 -1.93
CA VAL J 658 -3.83 12.65 -1.62
C VAL J 658 -3.33 11.52 -0.72
N TRP J 659 -4.17 11.07 0.21
CA TRP J 659 -3.83 9.94 1.06
C TRP J 659 -3.52 8.70 0.22
N ALA J 660 -4.38 8.41 -0.76
CA ALA J 660 -4.16 7.21 -1.56
C ALA J 660 -2.99 7.37 -2.53
N THR J 661 -2.71 8.59 -2.99
CA THR J 661 -1.50 8.80 -3.78
C THR J 661 -0.26 8.56 -2.92
N GLY J 662 -0.32 8.96 -1.66
CA GLY J 662 0.73 8.57 -0.73
C GLY J 662 0.86 7.06 -0.64
N PHE J 663 -0.27 6.37 -0.60
CA PHE J 663 -0.25 4.91 -0.62
C PHE J 663 0.49 4.40 -1.85
N MET J 664 0.22 4.97 -3.03
CA MET J 664 1.03 4.70 -4.22
C MET J 664 2.52 4.78 -3.92
N PHE J 665 2.95 5.94 -3.41
CA PHE J 665 4.38 6.19 -3.29
C PHE J 665 5.02 5.36 -2.20
N LEU J 666 4.23 4.83 -1.28
CA LEU J 666 4.74 4.04 -0.17
C LEU J 666 4.78 2.55 -0.50
N ILE J 667 3.74 2.01 -1.13
CA ILE J 667 3.69 0.58 -1.40
C ILE J 667 4.59 0.21 -2.57
N SER J 668 4.40 0.88 -3.71
CA SER J 668 5.24 0.65 -4.87
C SER J 668 6.56 1.36 -4.71
N TRP J 669 7.66 0.63 -4.84
CA TRP J 669 8.99 1.17 -4.66
C TRP J 669 9.64 1.38 -6.03
N ARG J 670 10.92 1.75 -6.01
CA ARG J 670 11.63 2.11 -7.24
C ARG J 670 11.91 0.84 -8.05
N GLY J 671 12.58 0.99 -9.12
CA GLY J 671 12.91 -0.20 -9.81
C GLY J 671 11.81 -0.64 -10.67
N TYR J 672 10.60 -0.37 -10.23
CA TYR J 672 9.48 -0.71 -11.03
C TYR J 672 9.14 0.53 -11.81
N TRP J 673 9.66 1.66 -11.37
CA TRP J 673 9.32 2.88 -12.00
C TRP J 673 10.45 3.34 -12.83
N GLN J 674 11.60 2.77 -12.67
CA GLN J 674 12.73 3.10 -13.54
C GLN J 674 12.59 2.43 -14.90
N GLU J 675 12.17 1.17 -14.93
CA GLU J 675 11.99 0.48 -16.20
C GLU J 675 10.85 1.08 -17.01
N LEU J 676 9.75 1.45 -16.34
CA LEU J 676 8.66 2.13 -17.03
C LEU J 676 9.12 3.46 -17.61
N ILE J 677 9.93 4.20 -16.85
CA ILE J 677 10.46 5.47 -17.34
C ILE J 677 11.38 5.24 -18.54
N GLU J 678 12.14 4.15 -18.51
CA GLU J 678 12.97 3.79 -19.66
C GLU J 678 12.12 3.51 -20.90
N THR J 679 11.01 2.81 -20.72
CA THR J 679 10.10 2.57 -21.84
C THR J 679 9.54 3.88 -22.38
N ILE J 680 9.16 4.79 -21.49
CA ILE J 680 8.66 6.10 -21.92
C ILE J 680 9.74 6.87 -22.67
N VAL J 681 11.00 6.77 -22.19
CA VAL J 681 12.11 7.45 -22.83
C VAL J 681 12.31 6.92 -24.24
N TRP J 682 12.26 5.59 -24.40
CA TRP J 682 12.36 5.01 -25.74
C TRP J 682 11.23 5.50 -26.63
N ALA J 683 10.00 5.54 -26.09
CA ALA J 683 8.87 5.97 -26.90
C ALA J 683 9.05 7.41 -27.36
N HIS J 684 9.51 8.29 -26.48
CA HIS J 684 9.74 9.68 -26.88
C HIS J 684 10.86 9.78 -27.91
N GLU J 685 11.94 9.02 -27.70
CA GLU J 685 13.08 9.11 -28.61
C GLU J 685 12.79 8.53 -29.99
N ARG J 686 11.82 7.62 -30.11
CA ARG J 686 11.57 6.92 -31.37
C ARG J 686 10.28 7.36 -32.04
N THR J 687 9.76 8.55 -31.72
CA THR J 687 8.54 9.01 -32.34
C THR J 687 8.78 10.30 -33.12
N PRO J 688 8.29 10.40 -34.34
CA PRO J 688 8.46 11.64 -35.11
C PRO J 688 7.60 12.77 -34.54
N LEU J 689 7.99 14.00 -34.90
CA LEU J 689 7.31 15.23 -34.54
C LEU J 689 7.50 15.55 -33.06
N ALA J 690 8.10 14.63 -32.31
CA ALA J 690 8.48 14.84 -30.93
C ALA J 690 9.96 14.62 -30.69
N ASN J 691 10.68 14.05 -31.66
CA ASN J 691 12.13 13.98 -31.59
C ASN J 691 12.76 15.36 -31.60
N LEU J 692 12.07 16.35 -32.16
CA LEU J 692 12.58 17.72 -32.18
C LEU J 692 12.75 18.28 -30.77
N VAL J 693 12.03 17.74 -29.80
CA VAL J 693 12.09 18.20 -28.42
C VAL J 693 12.74 17.10 -27.59
N ARG J 694 13.82 17.45 -26.89
CA ARG J 694 14.55 16.50 -26.06
C ARG J 694 14.85 17.14 -24.71
N TRP J 695 14.86 16.30 -23.68
CA TRP J 695 15.12 16.76 -22.32
C TRP J 695 16.58 17.14 -22.15
N LYS J 696 16.84 18.05 -21.22
CA LYS J 696 18.21 18.37 -20.83
C LYS J 696 18.67 17.52 -19.66
N ASP J 697 17.77 17.22 -18.73
CA ASP J 697 18.05 16.30 -17.63
C ASP J 697 17.41 14.96 -17.95
N LYS J 698 18.19 13.88 -17.82
CA LYS J 698 17.68 12.56 -18.12
C LYS J 698 16.59 12.19 -17.13
N PRO J 699 15.37 11.90 -17.57
CA PRO J 699 14.30 11.54 -16.64
C PRO J 699 14.57 10.20 -15.97
N VAL J 700 14.61 10.21 -14.64
CA VAL J 700 14.82 9.00 -13.87
C VAL J 700 13.77 8.94 -12.77
N ALA J 701 13.58 7.73 -12.23
CA ALA J 701 12.63 7.54 -11.14
C ALA J 701 13.13 8.21 -9.87
N LEU J 702 12.20 8.59 -9.00
CA LEU J 702 12.56 9.22 -7.74
C LEU J 702 13.38 8.25 -6.89
N SER J 703 14.34 8.81 -6.16
CA SER J 703 15.20 7.97 -5.32
C SER J 703 14.38 7.36 -4.18
N ILE J 704 14.96 6.34 -3.54
CA ILE J 704 14.25 5.60 -2.51
C ILE J 704 13.86 6.52 -1.35
N VAL J 705 14.82 7.31 -0.88
CA VAL J 705 14.53 8.25 0.21
C VAL J 705 13.56 9.33 -0.25
N GLN J 706 13.74 9.84 -1.48
CA GLN J 706 12.81 10.83 -2.01
C GLN J 706 11.41 10.25 -2.14
N ALA J 707 11.31 8.99 -2.58
CA ALA J 707 10.00 8.36 -2.70
C ALA J 707 9.34 8.20 -1.34
N ARG J 708 10.12 7.81 -0.32
CA ARG J 708 9.58 7.74 1.03
C ARG J 708 9.09 9.10 1.51
N LEU J 709 9.87 10.15 1.24
CA LEU J 709 9.45 11.49 1.64
C LEU J 709 8.18 11.92 0.92
N VAL J 710 8.08 11.64 -0.37
CA VAL J 710 6.92 12.08 -1.14
C VAL J 710 5.67 11.32 -0.70
N GLY J 711 5.80 10.01 -0.46
CA GLY J 711 4.68 9.25 0.07
C GLY J 711 4.26 9.73 1.45
N LEU J 712 5.23 10.03 2.30
CA LEU J 712 4.90 10.57 3.62
C LEU J 712 4.22 11.93 3.51
N ALA J 713 4.68 12.78 2.60
CA ALA J 713 4.08 14.10 2.42
C ALA J 713 2.64 13.97 1.93
N HIS J 714 2.40 13.09 0.97
CA HIS J 714 1.03 12.87 0.51
C HIS J 714 0.16 12.33 1.63
N PHE J 715 0.66 11.33 2.36
CA PHE J 715 -0.07 10.75 3.47
C PHE J 715 -0.46 11.82 4.49
N THR J 716 0.51 12.64 4.88
CA THR J 716 0.28 13.65 5.91
C THR J 716 -0.66 14.75 5.42
N ILE J 717 -0.45 15.24 4.20
CA ILE J 717 -1.31 16.31 3.68
C ILE J 717 -2.74 15.82 3.52
N GLY J 718 -2.92 14.62 2.96
CA GLY J 718 -4.26 14.07 2.87
C GLY J 718 -4.90 13.86 4.23
N TYR J 719 -4.14 13.32 5.18
CA TYR J 719 -4.62 13.14 6.55
C TYR J 719 -5.13 14.45 7.13
N VAL J 720 -4.29 15.49 7.08
CA VAL J 720 -4.63 16.77 7.69
C VAL J 720 -5.83 17.39 7.00
N LEU J 721 -5.84 17.37 5.66
CA LEU J 721 -6.92 18.00 4.92
C LEU J 721 -8.24 17.31 5.17
N THR J 722 -8.27 15.97 5.10
CA THR J 722 -9.53 15.26 5.30
C THR J 722 -10.03 15.44 6.72
N TYR J 723 -9.15 15.42 7.72
CA TYR J 723 -9.66 15.58 9.09
C TYR J 723 -10.11 17.01 9.36
N ALA J 724 -9.40 18.00 8.82
CA ALA J 724 -9.82 19.38 9.01
C ALA J 724 -11.20 19.60 8.38
N ALA J 725 -11.38 19.10 7.15
CA ALA J 725 -12.67 19.20 6.50
C ALA J 725 -13.76 18.52 7.33
N PHE J 726 -13.48 17.30 7.80
CA PHE J 726 -14.49 16.58 8.57
C PHE J 726 -14.86 17.31 9.84
N VAL J 727 -13.86 17.70 10.64
CA VAL J 727 -14.17 18.30 11.94
C VAL J 727 -14.93 19.61 11.76
N ILE J 728 -14.47 20.46 10.84
CA ILE J 728 -15.10 21.76 10.65
C ILE J 728 -16.53 21.58 10.13
N ALA J 729 -16.68 20.79 9.06
CA ALA J 729 -18.00 20.64 8.44
C ALA J 729 -18.97 19.94 9.39
N SER J 730 -18.51 18.94 10.14
CA SER J 730 -19.39 18.24 11.07
C SER J 730 -19.85 19.17 12.17
N THR J 731 -18.93 19.95 12.76
CA THR J 731 -19.34 20.88 13.80
C THR J 731 -20.33 21.90 13.26
N ILE J 732 -20.05 22.46 12.08
CA ILE J 732 -20.91 23.50 11.52
C ILE J 732 -22.30 22.94 11.20
N GLY J 733 -22.34 21.78 10.54
CA GLY J 733 -23.61 21.21 10.10
C GLY J 733 -24.42 20.56 11.19
N LYS J 734 -23.78 20.16 12.30
CA LYS J 734 -24.53 19.57 13.40
C LYS J 734 -24.99 20.63 14.40
N LEU J 735 -24.10 21.52 14.81
CA LEU J 735 -24.45 22.57 15.76
C LEU J 735 -24.82 23.86 15.06
N GLY J 736 -25.78 23.79 14.13
CA GLY J 736 -26.24 24.96 13.41
C GLY J 736 -25.18 25.66 12.59
N LYS K 4 22.40 -7.74 -45.48
CA LYS K 4 21.47 -7.89 -44.37
C LYS K 4 21.86 -7.04 -43.18
N LEU K 5 23.13 -7.11 -42.82
CA LEU K 5 23.67 -6.37 -41.68
C LEU K 5 24.85 -5.50 -42.12
N LYS K 6 25.14 -4.48 -41.33
CA LYS K 6 26.17 -3.51 -41.70
C LYS K 6 27.54 -4.17 -41.80
N GLN K 7 27.87 -5.04 -40.85
CA GLN K 7 29.16 -5.70 -40.82
C GLN K 7 28.97 -7.21 -40.79
N SER K 8 29.93 -7.92 -41.40
CA SER K 8 29.83 -9.37 -41.48
C SER K 8 30.09 -10.05 -40.15
N ASP K 9 30.76 -9.39 -39.21
CA ASP K 9 31.09 -9.97 -37.93
C ASP K 9 30.00 -9.78 -36.88
N PHE K 10 28.93 -9.04 -37.21
CA PHE K 10 27.83 -8.88 -36.26
C PHE K 10 27.17 -10.22 -36.02
N PRO K 11 26.72 -10.50 -34.80
CA PRO K 11 25.94 -11.71 -34.56
C PRO K 11 24.64 -11.65 -35.34
N LYS K 12 24.13 -12.82 -35.72
CA LYS K 12 22.93 -12.87 -36.54
C LYS K 12 21.71 -12.50 -35.69
N PHE K 13 21.61 -11.22 -35.35
CA PHE K 13 20.52 -10.71 -34.53
C PHE K 13 19.55 -9.94 -35.41
N GLU K 14 18.26 -10.12 -35.15
CA GLU K 14 17.22 -9.48 -35.95
C GLU K 14 16.89 -8.08 -35.48
N GLY K 15 17.61 -7.55 -34.49
CA GLY K 15 17.35 -6.20 -34.01
C GLY K 15 16.22 -6.16 -33.00
N SER K 16 16.44 -5.43 -31.91
CA SER K 16 15.44 -5.31 -30.85
C SER K 16 15.29 -3.84 -30.46
N THR K 17 14.09 -3.48 -30.03
CA THR K 17 13.86 -2.14 -29.51
C THR K 17 14.30 -2.07 -28.05
N GLY K 18 15.51 -2.55 -27.79
CA GLY K 18 16.08 -2.51 -26.46
C GLY K 18 17.56 -2.20 -26.54
N GLY K 19 18.02 -1.90 -27.75
CA GLY K 19 19.40 -1.54 -27.98
C GLY K 19 19.72 -0.15 -27.49
N TRP K 20 20.79 0.41 -28.02
CA TRP K 20 21.22 1.71 -27.55
C TRP K 20 20.32 2.81 -28.12
N LEU K 21 20.43 3.99 -27.53
CA LEU K 21 19.59 5.14 -27.86
C LEU K 21 20.48 6.32 -28.22
N SER K 22 19.89 7.53 -28.28
CA SER K 22 20.67 8.70 -28.65
C SER K 22 21.86 8.94 -27.72
N ALA K 23 21.83 8.38 -26.50
CA ALA K 23 22.96 8.53 -25.59
C ALA K 23 24.21 7.89 -26.16
N ALA K 24 24.10 6.70 -26.73
CA ALA K 24 25.28 6.05 -27.31
C ALA K 24 25.47 6.49 -28.75
N LYS K 25 25.36 7.80 -28.96
CA LYS K 25 25.80 8.49 -30.16
C LYS K 25 26.47 9.82 -29.86
N ASN K 26 26.33 10.35 -28.65
CA ASN K 26 26.92 11.63 -28.27
C ASN K 26 27.60 11.60 -26.91
N GLU K 27 27.46 10.52 -26.13
CA GLU K 27 28.14 10.41 -24.85
C GLU K 27 29.16 9.28 -24.82
N GLU K 28 28.73 8.03 -25.06
CA GLU K 28 29.63 6.89 -25.09
C GLU K 28 28.89 5.63 -25.51
N LYS K 29 29.58 4.71 -26.18
CA LYS K 29 29.05 3.41 -26.51
C LYS K 29 30.09 2.36 -26.22
N TYR K 30 29.63 1.13 -25.96
CA TYR K 30 30.50 0.04 -25.56
C TYR K 30 30.40 -1.08 -26.59
N VAL K 31 31.55 -1.62 -26.97
CA VAL K 31 31.63 -2.70 -27.95
C VAL K 31 32.34 -3.88 -27.31
N ILE K 32 31.78 -5.07 -27.48
CA ILE K 32 32.36 -6.31 -27.00
C ILE K 32 32.71 -7.17 -28.21
N ILE K 33 33.93 -7.67 -28.26
CA ILE K 33 34.39 -8.52 -29.34
C ILE K 33 34.80 -9.86 -28.77
N TRP K 34 34.58 -10.92 -29.56
CA TRP K 34 34.98 -12.26 -29.16
C TRP K 34 35.00 -13.14 -30.39
N THR K 35 35.74 -14.24 -30.29
CA THR K 35 35.83 -15.23 -31.35
C THR K 35 35.23 -16.54 -30.83
N SER K 36 34.32 -17.12 -31.62
CA SER K 36 33.63 -18.33 -31.24
C SER K 36 33.92 -19.44 -32.25
N LYS K 37 34.07 -20.66 -31.74
CA LYS K 37 34.29 -21.80 -32.63
C LYS K 37 33.01 -22.25 -33.32
N ASP K 38 31.86 -22.03 -32.70
CA ASP K 38 30.58 -22.49 -33.23
C ASP K 38 29.60 -21.33 -33.29
N ALA K 39 28.64 -21.44 -34.22
CA ALA K 39 27.58 -20.45 -34.36
C ALA K 39 26.48 -20.70 -33.33
N SER K 40 26.87 -20.61 -32.06
CA SER K 40 25.96 -20.90 -30.96
C SER K 40 24.87 -19.84 -30.87
N LEU K 41 23.71 -20.26 -30.38
CA LEU K 41 22.58 -19.37 -30.19
C LEU K 41 22.59 -18.87 -28.75
N PHE K 42 22.69 -17.55 -28.57
CA PHE K 42 22.79 -16.94 -27.25
C PHE K 42 21.74 -15.87 -27.10
N GLU K 43 21.49 -15.48 -25.86
CA GLU K 43 20.47 -14.49 -25.53
C GLU K 43 21.12 -13.12 -25.37
N MET K 44 20.57 -12.14 -26.08
CA MET K 44 21.09 -10.78 -25.99
C MET K 44 20.82 -10.20 -24.61
N PRO K 45 21.74 -9.39 -24.08
CA PRO K 45 21.43 -8.68 -22.83
C PRO K 45 20.28 -7.68 -22.97
N THR K 46 19.98 -7.24 -24.18
CA THR K 46 18.93 -6.25 -24.42
C THR K 46 17.61 -6.90 -24.76
N GLY K 47 17.58 -7.70 -25.83
CA GLY K 47 16.33 -8.28 -26.30
C GLY K 47 16.26 -9.79 -26.21
N GLY K 48 16.29 -10.46 -27.35
CA GLY K 48 16.08 -11.89 -27.38
C GLY K 48 17.28 -12.69 -27.85
N THR K 49 17.03 -13.70 -28.69
CA THR K 49 18.05 -14.64 -29.09
C THR K 49 18.78 -14.17 -30.33
N ALA K 50 20.11 -14.26 -30.31
CA ALA K 50 20.96 -13.98 -31.46
C ALA K 50 21.85 -15.19 -31.73
N LYS K 51 22.41 -15.24 -32.93
CA LYS K 51 23.26 -16.35 -33.34
C LYS K 51 24.69 -15.85 -33.52
N MET K 52 25.63 -16.53 -32.88
CA MET K 52 27.03 -16.19 -33.01
C MET K 52 27.52 -16.50 -34.42
N ASN K 53 28.67 -15.93 -34.76
CA ASN K 53 29.39 -16.27 -35.98
C ASN K 53 30.51 -17.25 -35.64
N ALA K 54 30.73 -18.21 -36.52
CA ALA K 54 31.84 -19.14 -36.33
C ALA K 54 33.15 -18.44 -36.64
N GLY K 55 33.52 -17.49 -35.79
CA GLY K 55 34.68 -16.66 -36.02
C GLY K 55 34.60 -15.36 -35.24
N ASN K 56 34.96 -14.25 -35.87
CA ASN K 56 34.93 -12.96 -35.18
C ASN K 56 33.49 -12.51 -34.95
N ASN K 57 33.21 -12.07 -33.72
CA ASN K 57 31.91 -11.55 -33.35
C ASN K 57 32.09 -10.19 -32.68
N VAL K 58 31.27 -9.22 -33.08
CA VAL K 58 31.36 -7.87 -32.55
C VAL K 58 29.94 -7.38 -32.25
N ALA K 59 29.73 -6.89 -31.02
CA ALA K 59 28.44 -6.39 -30.58
C ALA K 59 28.61 -5.04 -29.89
N TYR K 60 27.65 -4.15 -30.11
CA TYR K 60 27.65 -2.82 -29.53
C TYR K 60 26.51 -2.68 -28.52
N PHE K 61 26.80 -2.03 -27.40
CA PHE K 61 25.81 -1.84 -26.35
C PHE K 61 25.94 -0.44 -25.78
N ALA K 62 24.94 -0.04 -25.00
CA ALA K 62 24.90 1.29 -24.42
C ALA K 62 25.53 1.38 -23.03
N ARG K 63 25.75 0.24 -22.37
CA ARG K 63 26.28 0.23 -21.02
C ARG K 63 27.40 -0.79 -20.91
N LYS K 64 28.33 -0.51 -20.00
CA LYS K 64 29.37 -1.48 -19.69
C LYS K 64 28.78 -2.72 -19.04
N GLU K 65 27.73 -2.56 -18.24
CA GLU K 65 27.10 -3.69 -17.58
C GLU K 65 26.48 -4.65 -18.58
N GLN K 66 25.90 -4.13 -19.66
CA GLN K 66 25.33 -5.00 -20.69
C GLN K 66 26.41 -5.84 -21.36
N CYS K 67 27.54 -5.22 -21.71
CA CYS K 67 28.64 -5.96 -22.31
C CYS K 67 29.18 -7.00 -21.36
N LEU K 68 29.29 -6.65 -20.08
CA LEU K 68 29.82 -7.61 -19.10
C LEU K 68 28.85 -8.75 -18.84
N ALA K 69 27.53 -8.48 -18.87
CA ALA K 69 26.56 -9.55 -18.76
C ALA K 69 26.65 -10.49 -19.96
N LEU K 70 26.81 -9.93 -21.16
CA LEU K 70 27.02 -10.77 -22.34
C LEU K 70 28.29 -11.61 -22.19
N GLY K 71 29.37 -11.01 -21.70
CA GLY K 71 30.60 -11.75 -21.50
C GLY K 71 30.46 -12.86 -20.49
N SER K 72 29.75 -12.60 -19.40
CA SER K 72 29.49 -13.63 -18.40
C SER K 72 28.68 -14.77 -18.99
N GLN K 73 27.73 -14.44 -19.87
CA GLN K 73 27.01 -15.49 -20.59
C GLN K 73 27.95 -16.27 -21.50
N LEU K 74 28.91 -15.58 -22.13
CA LEU K 74 29.84 -16.24 -23.04
C LEU K 74 30.69 -17.29 -22.32
N ARG K 75 30.98 -17.07 -21.04
CA ARG K 75 31.78 -18.03 -20.28
C ARG K 75 31.10 -19.39 -20.21
N GLY K 76 29.76 -19.41 -20.26
CA GLY K 76 29.04 -20.67 -20.30
C GLY K 76 29.22 -21.42 -21.61
N PHE K 77 29.64 -20.73 -22.66
CA PHE K 77 29.95 -21.35 -23.95
C PHE K 77 31.44 -21.68 -24.07
N LYS K 78 32.17 -21.67 -22.96
CA LYS K 78 33.62 -21.88 -22.93
C LYS K 78 34.34 -20.82 -23.76
N ILE K 79 33.77 -19.61 -23.83
CA ILE K 79 34.38 -18.49 -24.53
C ILE K 79 35.00 -17.58 -23.48
N THR K 80 36.29 -17.26 -23.66
CA THR K 80 37.04 -16.56 -22.63
C THR K 80 37.74 -15.33 -23.20
N ASN K 81 38.00 -15.33 -24.51
CA ASN K 81 38.77 -14.27 -25.14
C ASN K 81 37.94 -13.01 -25.42
N TYR K 82 36.75 -12.88 -24.83
CA TYR K 82 35.94 -11.70 -25.08
C TYR K 82 36.57 -10.47 -24.44
N LYS K 83 36.51 -9.35 -25.15
CA LYS K 83 37.11 -8.11 -24.70
C LYS K 83 36.14 -6.96 -24.94
N ILE K 84 36.04 -6.06 -23.97
CA ILE K 84 35.07 -4.98 -23.97
C ILE K 84 35.80 -3.65 -24.07
N PHE K 85 35.32 -2.78 -24.95
CA PHE K 85 35.92 -1.47 -25.18
C PHE K 85 34.87 -0.38 -24.97
N ARG K 86 35.35 0.82 -24.63
CA ARG K 86 34.51 2.00 -24.52
C ARG K 86 34.83 2.93 -25.68
N ILE K 87 33.80 3.37 -26.39
CA ILE K 87 33.95 4.28 -27.52
C ILE K 87 33.25 5.58 -27.18
N TYR K 88 33.99 6.67 -27.20
CA TYR K 88 33.46 8.00 -26.95
C TYR K 88 32.74 8.46 -28.23
N PRO K 89 32.17 9.68 -28.25
CA PRO K 89 31.39 10.09 -29.43
C PRO K 89 32.16 9.94 -30.73
N PRO K 90 33.46 10.31 -30.80
CA PRO K 90 34.25 9.89 -31.97
C PRO K 90 34.92 8.55 -31.72
N LEU K 91 35.72 8.06 -32.68
CA LEU K 91 36.37 6.77 -32.54
C LEU K 91 37.49 6.89 -31.51
N ASP K 92 37.11 6.92 -30.24
CA ASP K 92 38.04 6.95 -29.11
C ASP K 92 37.87 5.62 -28.37
N ILE K 93 38.64 4.63 -28.81
CA ILE K 93 38.51 3.27 -28.29
C ILE K 93 39.42 3.10 -27.08
N THR K 94 38.86 2.54 -26.00
CA THR K 94 39.61 2.27 -24.79
C THR K 94 39.26 0.88 -24.31
N LEU K 95 40.27 0.02 -24.19
CA LEU K 95 40.06 -1.33 -23.67
C LEU K 95 39.70 -1.25 -22.19
N LEU K 96 38.63 -1.95 -21.80
CA LEU K 96 38.10 -1.85 -20.45
C LEU K 96 38.25 -3.13 -19.65
N HIS K 97 37.64 -4.23 -20.09
CA HIS K 97 37.46 -5.35 -19.17
C HIS K 97 38.74 -6.14 -18.97
N PRO K 98 39.36 -6.73 -20.02
CA PRO K 98 40.67 -7.36 -19.73
C PRO K 98 41.76 -6.30 -19.71
N PHE K 99 41.77 -5.51 -18.64
CA PHE K 99 42.57 -4.28 -18.61
C PHE K 99 44.05 -4.58 -18.77
N ASP K 100 44.56 -5.59 -18.07
CA ASP K 100 45.94 -6.02 -18.22
C ASP K 100 46.06 -7.38 -18.92
N GLY K 101 45.03 -7.78 -19.64
CA GLY K 101 45.01 -9.07 -20.30
C GLY K 101 44.64 -10.23 -19.41
N VAL K 102 44.53 -10.01 -18.10
CA VAL K 102 44.14 -11.03 -17.15
C VAL K 102 42.84 -10.59 -16.50
N PHE K 103 41.92 -11.53 -16.34
CA PHE K 103 40.64 -11.21 -15.74
C PHE K 103 40.85 -10.71 -14.31
N PRO K 104 39.99 -9.79 -13.85
CA PRO K 104 40.22 -9.19 -12.52
C PRO K 104 40.17 -10.19 -11.39
N GLU K 105 39.54 -11.35 -11.58
CA GLU K 105 39.47 -12.35 -10.52
C GLU K 105 40.78 -13.07 -10.28
N LYS K 106 41.70 -13.04 -11.26
CA LYS K 106 42.99 -13.68 -11.13
C LYS K 106 44.06 -12.63 -10.84
N VAL K 107 44.90 -12.90 -9.85
CA VAL K 107 45.92 -11.94 -9.46
C VAL K 107 46.98 -11.85 -10.54
N ASN K 108 47.30 -10.62 -10.92
CA ASN K 108 48.36 -10.35 -11.88
C ASN K 108 49.35 -9.37 -11.28
N GLN K 109 50.63 -9.63 -11.50
CA GLN K 109 51.66 -8.69 -11.06
C GLN K 109 51.54 -7.39 -11.86
N GLY K 110 51.93 -6.30 -11.21
CA GLY K 110 51.81 -4.99 -11.81
C GLY K 110 50.54 -4.24 -11.44
N ARG K 111 49.73 -4.77 -10.54
CA ARG K 111 48.53 -4.09 -10.06
C ARG K 111 48.80 -3.52 -8.67
N SER K 112 48.43 -2.27 -8.47
CA SER K 112 48.58 -1.65 -7.16
C SER K 112 47.23 -1.54 -6.46
N PRO K 113 47.20 -1.69 -5.15
CA PRO K 113 45.91 -1.59 -4.43
C PRO K 113 45.36 -0.18 -4.47
N VAL K 114 44.09 -0.06 -4.86
CA VAL K 114 43.40 1.22 -4.93
C VAL K 114 42.23 1.17 -3.96
N GLY K 115 42.15 2.17 -3.08
CA GLY K 115 41.09 2.20 -2.10
C GLY K 115 41.25 1.26 -0.94
N LYS K 116 42.50 0.97 -0.56
CA LYS K 116 42.77 0.06 0.54
C LYS K 116 43.05 0.85 1.81
N ARG K 117 42.36 0.50 2.89
CA ARG K 117 42.58 1.09 4.20
C ARG K 117 43.25 0.07 5.10
N ASP K 118 44.30 0.49 5.80
CA ASP K 118 45.08 -0.42 6.64
C ASP K 118 44.48 -0.54 8.04
N ALA K 119 43.19 -0.83 8.10
CA ALA K 119 42.45 -1.03 9.34
C ALA K 119 41.10 -1.64 8.99
N SER K 120 40.41 -2.13 10.01
CA SER K 120 39.08 -2.70 9.82
C SER K 120 38.05 -1.57 9.80
N ILE K 121 36.77 -1.94 9.79
CA ILE K 121 35.71 -0.94 9.78
C ILE K 121 35.72 -0.12 11.06
N GLY K 122 36.04 -0.76 12.19
CA GLY K 122 35.98 -0.09 13.47
C GLY K 122 36.97 1.06 13.62
N GLY K 123 37.97 1.12 12.77
CA GLY K 123 38.95 2.19 12.81
C GLY K 123 38.57 3.45 12.08
N ASN K 124 37.37 3.53 11.53
CA ASN K 124 36.96 4.71 10.79
C ASN K 124 36.80 5.90 11.74
N PRO K 125 37.14 7.11 11.30
CA PRO K 125 37.03 8.27 12.17
C PRO K 125 35.59 8.64 12.45
N ASN K 126 35.38 9.28 13.60
CA ASN K 126 34.05 9.72 14.00
C ASN K 126 33.58 10.86 13.10
N PRO K 127 32.34 10.82 12.62
CA PRO K 127 31.87 11.88 11.70
C PRO K 127 31.93 13.27 12.29
N ALA K 128 31.75 13.42 13.61
CA ALA K 128 31.79 14.75 14.22
C ALA K 128 33.15 15.41 14.06
N SER K 129 34.21 14.62 13.91
CA SER K 129 35.55 15.14 13.65
C SER K 129 35.80 15.40 12.17
N LEU K 130 34.83 15.11 11.31
CA LEU K 130 34.90 15.34 9.88
C LEU K 130 33.87 16.36 9.44
N LYS K 131 33.73 17.44 10.21
CA LYS K 131 32.74 18.48 9.94
C LYS K 131 33.43 19.72 9.39
N PHE K 132 32.91 20.23 8.27
CA PHE K 132 33.43 21.41 7.59
C PHE K 132 34.85 21.19 7.06
N GLN K 133 34.98 20.17 6.22
CA GLN K 133 36.21 19.98 5.44
C GLN K 133 35.86 19.62 4.00
N ILE L 2 46.72 -18.78 23.09
CA ILE L 2 45.57 -19.43 22.47
C ILE L 2 46.04 -20.47 21.46
N GLN L 3 45.21 -21.47 21.22
CA GLN L 3 45.55 -22.55 20.30
C GLN L 3 44.26 -23.16 19.77
N LYS L 4 44.40 -24.21 18.96
CA LYS L 4 43.24 -24.90 18.41
C LYS L 4 42.39 -25.48 19.53
N GLY L 5 41.09 -25.24 19.46
CA GLY L 5 40.15 -25.71 20.46
C GLY L 5 39.98 -24.80 21.65
N SER L 6 40.78 -23.74 21.76
CA SER L 6 40.63 -22.81 22.88
C SER L 6 39.36 -21.99 22.73
N THR L 7 38.85 -21.51 23.86
CA THR L 7 37.67 -20.68 23.90
C THR L 7 38.07 -19.23 24.15
N VAL L 8 37.64 -18.33 23.28
CA VAL L 8 38.03 -16.93 23.33
C VAL L 8 36.79 -16.05 23.29
N ARG L 9 36.94 -14.84 23.83
CA ARG L 9 35.89 -13.82 23.76
C ARG L 9 36.29 -12.79 22.70
N ILE L 10 35.34 -12.45 21.83
CA ILE L 10 35.61 -11.51 20.74
C ILE L 10 35.59 -10.09 21.29
N LEU L 11 36.67 -9.36 21.03
CA LEU L 11 36.80 -7.97 21.45
C LEU L 11 36.60 -6.98 20.31
N ARG L 12 36.38 -7.47 19.09
CA ARG L 12 36.12 -6.58 17.97
C ARG L 12 34.70 -6.02 18.07
N LYS L 13 34.58 -4.70 18.06
CA LYS L 13 33.27 -4.08 18.29
C LYS L 13 32.35 -4.26 17.09
N GLU L 14 32.88 -4.19 15.88
CA GLU L 14 32.05 -4.33 14.68
C GLU L 14 31.86 -5.81 14.31
N SER L 15 31.50 -6.62 15.29
CA SER L 15 31.41 -8.06 15.12
C SER L 15 30.04 -8.55 15.56
N TYR L 16 29.47 -9.47 14.78
CA TYR L 16 28.23 -10.12 15.19
C TYR L 16 28.43 -10.99 16.42
N TRP L 17 29.67 -11.29 16.80
CA TRP L 17 29.94 -12.10 17.98
C TRP L 17 30.71 -11.32 19.04
N TYR L 18 30.60 -9.99 19.03
CA TYR L 18 31.25 -9.18 20.06
C TYR L 18 30.71 -9.56 21.43
N ASN L 19 31.61 -9.62 22.42
CA ASN L 19 31.33 -10.02 23.79
C ASN L 19 30.92 -11.48 23.91
N GLU L 20 30.87 -12.22 22.80
CA GLU L 20 30.49 -13.63 22.83
C GLU L 20 31.73 -14.51 22.80
N SER L 21 31.52 -15.79 23.07
CA SER L 21 32.60 -16.77 23.14
C SER L 21 32.55 -17.69 21.92
N GLY L 22 33.73 -17.95 21.34
CA GLY L 22 33.84 -18.84 20.22
C GLY L 22 34.98 -19.83 20.43
N THR L 23 35.10 -20.77 19.51
CA THR L 23 36.12 -21.80 19.55
C THR L 23 37.15 -21.55 18.47
N VAL L 24 38.42 -21.51 18.86
CA VAL L 24 39.51 -21.23 17.92
C VAL L 24 39.73 -22.46 17.06
N VAL L 25 39.66 -22.28 15.74
CA VAL L 25 39.88 -23.39 14.82
C VAL L 25 41.36 -23.57 14.54
N VAL L 26 42.07 -22.48 14.28
CA VAL L 26 43.51 -22.55 14.01
C VAL L 26 44.07 -21.14 14.16
N VAL L 27 45.26 -21.05 14.77
CA VAL L 27 46.00 -19.80 14.87
C VAL L 27 47.16 -19.90 13.89
N ASP L 28 47.13 -19.06 12.85
CA ASP L 28 48.18 -19.09 11.86
C ASP L 28 49.50 -18.57 12.44
N GLN L 29 50.58 -19.24 12.08
CA GLN L 29 51.91 -18.85 12.55
C GLN L 29 52.66 -17.96 11.57
N SER L 30 52.05 -17.62 10.44
CA SER L 30 52.69 -16.77 9.46
C SER L 30 52.52 -15.30 9.86
N LYS L 31 52.86 -14.39 8.96
CA LYS L 31 52.83 -12.96 9.23
C LYS L 31 51.52 -12.32 8.78
N VAL L 32 50.41 -13.06 8.83
CA VAL L 32 49.13 -12.50 8.44
C VAL L 32 48.61 -11.56 9.52
N ARG L 33 47.71 -10.66 9.12
CA ARG L 33 47.23 -9.64 10.04
C ARG L 33 46.22 -10.19 11.03
N TYR L 34 45.38 -11.14 10.60
CA TYR L 34 44.33 -11.70 11.44
C TYR L 34 44.46 -13.22 11.41
N PRO L 35 45.35 -13.77 12.24
CA PRO L 35 45.64 -15.21 12.16
C PRO L 35 44.62 -16.10 12.86
N VAL L 36 43.99 -15.60 13.91
CA VAL L 36 43.11 -16.43 14.72
C VAL L 36 41.80 -16.67 13.98
N LEU L 37 41.47 -17.94 13.77
CA LEU L 37 40.22 -18.33 13.13
C LEU L 37 39.31 -18.92 14.20
N VAL L 38 38.14 -18.33 14.37
CA VAL L 38 37.22 -18.67 15.45
C VAL L 38 35.90 -19.14 14.84
N ARG L 39 35.37 -20.24 15.37
CA ARG L 39 34.09 -20.79 14.94
C ARG L 39 33.05 -20.56 16.03
N PHE L 40 31.87 -20.12 15.63
CA PHE L 40 30.80 -19.80 16.55
C PHE L 40 29.59 -20.70 16.29
N THR L 41 28.73 -20.81 17.30
CA THR L 41 27.50 -21.59 17.16
C THR L 41 26.38 -20.79 16.52
N LYS L 42 26.40 -19.47 16.67
CA LYS L 42 25.36 -18.60 16.13
C LYS L 42 25.82 -18.03 14.79
N VAL L 43 25.05 -18.28 13.74
CA VAL L 43 25.36 -17.69 12.45
C VAL L 43 25.07 -16.19 12.49
N ASN L 44 25.86 -15.42 11.75
CA ASN L 44 25.67 -13.98 11.69
C ASN L 44 24.52 -13.67 10.72
N TYR L 45 24.34 -12.38 10.40
CA TYR L 45 23.26 -12.00 9.51
C TYR L 45 23.49 -12.47 8.08
N ALA L 46 24.73 -12.73 7.70
CA ALA L 46 25.05 -13.24 6.38
C ALA L 46 25.01 -14.75 6.29
N GLY L 47 24.84 -15.44 7.42
CA GLY L 47 24.78 -16.89 7.45
C GLY L 47 26.07 -17.58 7.84
N THR L 48 27.19 -16.86 7.81
CA THR L 48 28.46 -17.46 8.18
C THR L 48 28.54 -17.66 9.70
N ASN L 49 29.37 -18.62 10.11
CA ASN L 49 29.56 -18.92 11.52
C ASN L 49 31.04 -18.96 11.91
N THR L 50 31.90 -18.37 11.08
CA THR L 50 33.33 -18.36 11.36
C THR L 50 33.93 -17.06 10.84
N ASN L 51 35.04 -16.64 11.44
CA ASN L 51 35.70 -15.42 11.05
C ASN L 51 37.13 -15.41 11.56
N ASN L 52 37.98 -14.66 10.86
CA ASN L 52 39.38 -14.50 11.25
C ASN L 52 39.53 -13.26 12.12
N PHE L 53 40.20 -13.40 13.25
CA PHE L 53 40.38 -12.32 14.20
C PHE L 53 41.86 -12.11 14.49
N GLY L 54 42.21 -10.90 14.88
CA GLY L 54 43.56 -10.60 15.27
C GLY L 54 43.88 -11.13 16.66
N LEU L 55 45.17 -11.03 17.02
CA LEU L 55 45.60 -11.54 18.31
C LEU L 55 45.12 -10.67 19.46
N ASN L 56 44.94 -9.37 19.21
CA ASN L 56 44.47 -8.44 20.23
C ASN L 56 42.95 -8.28 20.24
N GLU L 57 42.25 -8.96 19.34
CA GLU L 57 40.79 -8.90 19.28
C GLU L 57 40.12 -10.12 19.88
N VAL L 58 40.89 -11.04 20.47
CA VAL L 58 40.36 -12.23 21.12
C VAL L 58 40.95 -12.32 22.52
N GLU L 59 40.12 -12.71 23.48
CA GLU L 59 40.54 -12.87 24.86
C GLU L 59 40.15 -14.27 25.32
N GLU L 60 41.14 -15.06 25.72
CA GLU L 60 40.88 -16.44 26.09
C GLU L 60 40.06 -16.52 27.37
N VAL L 61 39.08 -17.42 27.37
CA VAL L 61 38.26 -17.67 28.56
C VAL L 61 39.01 -18.65 29.47
N VAL L 62 38.94 -18.40 30.77
CA VAL L 62 39.64 -19.22 31.76
C VAL L 62 39.24 -20.69 31.67
N ASP M 25 -21.39 5.89 45.51
CA ASP M 25 -20.27 5.50 46.37
C ASP M 25 -18.95 5.94 45.77
N ILE M 26 -18.10 4.97 45.41
CA ILE M 26 -16.79 5.26 44.88
C ILE M 26 -16.93 5.86 43.49
N GLY M 27 -16.42 7.09 43.32
CA GLY M 27 -16.50 7.74 42.03
C GLY M 27 -17.89 8.16 41.61
N GLY M 28 -18.81 8.31 42.55
CA GLY M 28 -20.17 8.68 42.23
C GLY M 28 -21.04 7.54 41.73
N LEU M 29 -20.51 6.33 41.66
CA LEU M 29 -21.28 5.18 41.21
C LEU M 29 -22.21 4.69 42.31
N ASN M 30 -23.16 3.86 41.92
CA ASN M 30 -24.12 3.27 42.84
C ASN M 30 -24.18 1.76 42.61
N PRO M 31 -24.53 0.99 43.64
CA PRO M 31 -24.65 -0.46 43.46
C PRO M 31 -25.69 -0.80 42.40
N CYS M 32 -25.40 -1.85 41.64
CA CYS M 32 -26.32 -2.25 40.57
C CYS M 32 -27.61 -2.85 41.11
N LYS M 33 -27.63 -3.30 42.36
CA LYS M 33 -28.85 -3.82 42.96
C LYS M 33 -29.90 -2.73 43.16
N ASP M 34 -29.48 -1.46 43.22
CA ASP M 34 -30.39 -0.35 43.41
C ASP M 34 -30.39 0.60 42.21
N SER M 35 -29.89 0.15 41.07
CA SER M 35 -29.81 0.97 39.86
C SER M 35 -31.04 0.69 39.02
N GLU M 36 -31.90 1.70 38.86
CA GLU M 36 -33.13 1.51 38.10
C GLU M 36 -32.84 1.23 36.63
N VAL M 37 -31.83 1.90 36.06
CA VAL M 37 -31.48 1.69 34.67
C VAL M 37 -31.00 0.26 34.42
N PHE M 38 -30.36 -0.35 35.41
CA PHE M 38 -29.96 -1.75 35.29
C PHE M 38 -31.17 -2.66 35.13
N GLN M 39 -32.19 -2.45 35.97
CA GLN M 39 -33.41 -3.24 35.85
C GLN M 39 -34.15 -2.94 34.56
N LYS M 40 -34.09 -1.69 34.09
CA LYS M 40 -34.69 -1.36 32.80
C LYS M 40 -33.99 -2.13 31.67
N ARG M 41 -32.66 -2.21 31.72
CA ARG M 41 -31.92 -2.98 30.73
C ARG M 41 -32.34 -4.45 30.77
N LEU M 42 -32.44 -5.01 31.97
CA LEU M 42 -32.85 -6.40 32.09
C LEU M 42 -34.24 -6.62 31.52
N ALA M 43 -35.17 -5.72 31.85
CA ALA M 43 -36.55 -5.85 31.38
C ALA M 43 -36.63 -5.72 29.86
N LYS M 44 -35.87 -4.79 29.28
CA LYS M 44 -35.89 -4.62 27.83
C LYS M 44 -35.31 -5.84 27.12
N THR M 45 -34.20 -6.38 27.63
CA THR M 45 -33.63 -7.57 27.01
C THR M 45 -34.58 -8.75 27.10
N VAL M 46 -35.22 -8.94 28.26
CA VAL M 46 -36.16 -10.05 28.42
C VAL M 46 -37.35 -9.86 27.51
N LYS M 47 -37.85 -8.62 27.37
CA LYS M 47 -38.98 -8.35 26.51
C LYS M 47 -38.66 -8.64 25.05
N LYS M 48 -37.46 -8.23 24.61
CA LYS M 48 -37.04 -8.53 23.23
C LYS M 48 -36.95 -10.03 23.02
N LEU M 49 -36.38 -10.76 23.98
CA LEU M 49 -36.26 -12.21 23.84
C LEU M 49 -37.63 -12.88 23.81
N GLU M 50 -38.57 -12.41 24.63
CA GLU M 50 -39.91 -12.98 24.63
C GLU M 50 -40.65 -12.68 23.34
N ASN M 51 -40.50 -11.46 22.81
CA ASN M 51 -41.10 -11.13 21.53
C ASN M 51 -40.55 -12.02 20.41
N ARG M 52 -39.24 -12.29 20.45
CA ARG M 52 -38.67 -13.27 19.52
C ARG M 52 -39.26 -14.66 19.75
N LEU M 53 -39.47 -15.01 21.02
CA LEU M 53 -40.02 -16.32 21.35
C LEU M 53 -41.45 -16.49 20.84
N LYS M 54 -42.18 -15.38 20.70
CA LYS M 54 -43.59 -15.47 20.32
C LYS M 54 -43.78 -16.00 18.89
N LYS M 55 -42.79 -15.84 18.02
CA LYS M 55 -42.95 -16.16 16.61
C LYS M 55 -42.59 -17.62 16.29
N TYR M 56 -42.31 -18.43 17.29
CA TYR M 56 -42.08 -19.86 17.11
C TYR M 56 -43.22 -20.64 17.75
N GLU M 57 -43.19 -21.96 17.58
CA GLU M 57 -44.33 -22.81 17.91
C GLU M 57 -43.95 -23.86 18.94
N GLU M 58 -44.80 -24.01 19.95
CA GLU M 58 -44.82 -25.14 20.89
C GLU M 58 -43.43 -25.37 21.50
N GLY M 59 -43.14 -26.61 21.89
CA GLY M 59 -41.88 -26.93 22.51
C GLY M 59 -40.80 -27.28 21.49
N THR M 60 -40.75 -26.51 20.42
CA THR M 60 -39.78 -26.75 19.36
C THR M 60 -38.43 -26.23 19.75
N PRO M 61 -37.35 -26.83 19.24
CA PRO M 61 -36.00 -26.46 19.69
C PRO M 61 -35.74 -24.97 19.65
N PRO M 62 -36.26 -24.22 18.66
CA PRO M 62 -36.06 -22.76 18.73
C PRO M 62 -36.64 -22.12 19.99
N GLN M 63 -37.82 -22.54 20.42
CA GLN M 63 -38.40 -22.00 21.64
C GLN M 63 -37.58 -22.40 22.86
N ILE M 64 -37.07 -23.62 22.88
CA ILE M 64 -36.22 -24.06 23.98
C ILE M 64 -34.96 -23.23 24.06
N ALA M 65 -34.35 -22.94 22.90
CA ALA M 65 -33.14 -22.13 22.86
C ALA M 65 -33.41 -20.71 23.34
N ILE M 66 -34.53 -20.12 22.90
CA ILE M 66 -34.84 -18.76 23.33
C ILE M 66 -35.16 -18.72 24.82
N GLN M 67 -35.84 -19.75 25.33
CA GLN M 67 -36.11 -19.82 26.76
C GLN M 67 -34.83 -19.95 27.56
N GLN M 68 -33.88 -20.75 27.06
CA GLN M 68 -32.57 -20.85 27.71
C GLN M 68 -31.86 -19.50 27.69
N GLN M 69 -31.98 -18.76 26.59
CA GLN M 69 -31.40 -17.43 26.52
C GLN M 69 -32.00 -16.52 27.58
N ILE M 70 -33.32 -16.57 27.75
CA ILE M 70 -34.00 -15.74 28.74
C ILE M 70 -33.52 -16.11 30.14
N THR M 71 -33.45 -17.41 30.43
CA THR M 71 -33.02 -17.87 31.74
C THR M 71 -31.58 -17.44 32.03
N GLN M 72 -30.70 -17.58 31.05
CA GLN M 72 -29.31 -17.17 31.24
C GLN M 72 -29.19 -15.66 31.43
N THR M 73 -29.99 -14.89 30.69
CA THR M 73 -29.97 -13.43 30.86
C THR M 73 -30.40 -13.05 32.27
N LYS M 74 -31.48 -13.67 32.75
CA LYS M 74 -31.96 -13.37 34.10
C LYS M 74 -30.92 -13.78 35.14
N GLN M 75 -30.29 -14.94 34.98
CA GLN M 75 -29.28 -15.39 35.93
C GLN M 75 -28.08 -14.45 35.93
N ARG M 76 -27.63 -14.02 34.74
CA ARG M 76 -26.49 -13.12 34.67
C ARG M 76 -26.79 -11.79 35.32
N PHE M 77 -27.98 -11.22 35.06
CA PHE M 77 -28.34 -9.95 35.67
C PHE M 77 -28.46 -10.09 37.18
N THR M 78 -29.05 -11.18 37.67
CA THR M 78 -29.16 -11.38 39.11
C THR M 78 -27.79 -11.54 39.75
N ARG M 79 -26.88 -12.26 39.11
CA ARG M 79 -25.54 -12.44 39.66
C ARG M 79 -24.78 -11.12 39.68
N TYR M 80 -24.91 -10.31 38.63
CA TYR M 80 -24.25 -9.01 38.61
C TYR M 80 -24.82 -8.09 39.68
N ALA M 81 -26.13 -8.17 39.92
CA ALA M 81 -26.73 -7.35 40.97
C ALA M 81 -26.18 -7.70 42.35
N ASP M 82 -26.08 -8.99 42.64
CA ASP M 82 -25.59 -9.47 43.94
C ASP M 82 -24.10 -9.80 43.86
N SER M 83 -23.30 -8.82 43.46
CA SER M 83 -21.87 -9.06 43.26
C SER M 83 -20.98 -7.92 43.73
N ASN M 84 -21.51 -6.99 44.53
CA ASN M 84 -20.76 -5.80 44.95
C ASN M 84 -20.24 -5.05 43.73
N LEU M 85 -21.09 -4.93 42.70
CA LEU M 85 -20.73 -4.27 41.46
C LEU M 85 -21.35 -2.88 41.44
N LEU M 86 -20.56 -1.88 41.07
CA LEU M 86 -21.02 -0.50 40.99
C LEU M 86 -21.42 -0.18 39.56
N CYS M 87 -22.61 0.39 39.41
CA CYS M 87 -23.15 0.74 38.10
C CYS M 87 -23.19 2.25 37.95
N GLY M 88 -22.91 2.73 36.75
CA GLY M 88 -22.94 4.15 36.46
C GLY M 88 -24.33 4.62 36.10
N ASN M 89 -24.39 5.73 35.38
CA ASN M 89 -25.66 6.26 34.92
C ASN M 89 -26.21 5.53 33.70
N ASP M 90 -25.44 4.64 33.11
CA ASP M 90 -25.88 3.84 31.98
C ASP M 90 -26.37 2.44 32.37
N GLY M 91 -26.35 2.11 33.66
CA GLY M 91 -26.77 0.80 34.10
C GLY M 91 -25.86 -0.33 33.65
N LEU M 92 -24.55 -0.12 33.67
CA LEU M 92 -23.60 -1.16 33.32
C LEU M 92 -22.55 -1.27 34.43
N PRO M 93 -22.11 -2.48 34.75
CA PRO M 93 -21.16 -2.65 35.85
C PRO M 93 -19.82 -1.99 35.54
N HIS M 94 -19.40 -1.11 36.44
CA HIS M 94 -18.10 -0.45 36.32
C HIS M 94 -17.10 -1.12 37.25
N LEU M 95 -15.86 -1.23 36.80
CA LEU M 95 -14.81 -1.92 37.55
C LEU M 95 -14.03 -0.92 38.37
N ILE M 96 -13.85 -1.22 39.64
CA ILE M 96 -13.10 -0.38 40.58
C ILE M 96 -11.73 -1.03 40.73
N THR M 97 -10.74 -0.50 40.01
CA THR M 97 -9.40 -1.08 39.96
C THR M 97 -8.35 -0.17 40.57
N ASP M 98 -8.74 0.67 41.54
CA ASP M 98 -7.77 1.51 42.22
C ASP M 98 -6.88 0.70 43.15
N GLY M 99 -7.32 -0.49 43.56
CA GLY M 99 -6.50 -1.33 44.40
C GLY M 99 -7.18 -1.76 45.69
N ARG M 100 -8.34 -1.19 45.98
CA ARG M 100 -9.04 -1.51 47.22
C ARG M 100 -9.52 -2.95 47.20
N TRP M 101 -9.37 -3.63 48.34
CA TRP M 101 -9.76 -5.04 48.43
C TRP M 101 -11.26 -5.23 48.45
N SER M 102 -12.03 -4.17 48.69
CA SER M 102 -13.48 -4.29 48.68
C SER M 102 -13.97 -4.78 47.32
N HIS M 103 -13.53 -4.11 46.25
CA HIS M 103 -13.74 -4.60 44.89
C HIS M 103 -12.52 -5.37 44.40
N GLY M 104 -12.06 -6.33 45.21
CA GLY M 104 -10.87 -7.08 44.87
C GLY M 104 -11.08 -8.20 43.88
N SER M 105 -12.32 -8.67 43.72
CA SER M 105 -12.62 -9.74 42.79
C SER M 105 -12.77 -9.24 41.36
N GLU M 106 -12.74 -7.93 41.14
CA GLU M 106 -12.89 -7.41 39.79
C GLU M 106 -11.56 -7.39 39.04
N PHE M 107 -10.51 -6.89 39.68
CA PHE M 107 -9.20 -6.81 39.06
C PHE M 107 -8.12 -7.59 39.81
N LEU M 108 -8.05 -7.43 41.14
CA LEU M 108 -6.89 -7.90 41.89
C LEU M 108 -6.77 -9.41 41.85
N LEU M 109 -7.85 -10.14 42.15
CA LEU M 109 -7.81 -11.59 42.11
C LEU M 109 -7.57 -12.12 40.70
N PRO M 110 -8.27 -11.65 39.66
CA PRO M 110 -7.88 -12.05 38.30
C PRO M 110 -6.46 -11.66 37.95
N SER M 111 -5.98 -10.54 38.48
CA SER M 111 -4.58 -10.14 38.24
C SER M 111 -3.63 -11.18 38.82
N ILE M 112 -3.89 -11.63 40.05
CA ILE M 112 -3.04 -12.65 40.66
C ILE M 112 -3.11 -13.95 39.88
N LEU M 113 -4.32 -14.34 39.45
CA LEU M 113 -4.48 -15.57 38.68
C LEU M 113 -3.69 -15.51 37.38
N PHE M 114 -3.81 -14.40 36.65
CA PHE M 114 -3.06 -14.28 35.40
C PHE M 114 -1.57 -14.25 35.66
N LEU M 115 -1.13 -13.54 36.70
CA LEU M 115 0.29 -13.48 36.97
C LEU M 115 0.83 -14.88 37.23
N TYR M 116 0.09 -15.68 37.99
CA TYR M 116 0.51 -17.06 38.24
C TYR M 116 0.60 -17.84 36.93
N ILE M 117 -0.45 -17.78 36.11
CA ILE M 117 -0.48 -18.60 34.89
C ILE M 117 0.61 -18.16 33.92
N SER M 118 0.75 -16.86 33.71
CA SER M 118 1.73 -16.35 32.76
C SER M 118 3.15 -16.57 33.25
N GLY M 119 3.40 -16.44 34.55
CA GLY M 119 4.69 -16.79 35.09
C GLY M 119 5.00 -18.27 34.90
N TRP M 120 3.98 -19.11 35.06
CA TRP M 120 4.13 -20.53 34.77
C TRP M 120 4.58 -20.74 33.33
N ILE M 121 3.88 -20.11 32.39
CA ILE M 121 4.20 -20.28 30.97
C ILE M 121 5.62 -19.80 30.67
N GLY M 122 5.95 -18.60 31.13
CA GLY M 122 7.28 -18.06 30.89
C GLY M 122 8.37 -18.90 31.52
N TRP M 123 8.13 -19.37 32.75
CA TRP M 123 9.13 -20.19 33.43
C TRP M 123 9.37 -21.49 32.71
N VAL M 124 8.31 -22.18 32.28
CA VAL M 124 8.52 -23.46 31.62
C VAL M 124 9.18 -23.24 30.26
N GLY M 125 8.83 -22.16 29.56
CA GLY M 125 9.49 -21.86 28.30
C GLY M 125 10.98 -21.59 28.48
N ARG M 126 11.31 -20.77 29.48
CA ARG M 126 12.71 -20.44 29.75
C ARG M 126 13.49 -21.68 30.19
N LYS M 127 12.89 -22.52 31.03
CA LYS M 127 13.56 -23.73 31.48
C LYS M 127 13.80 -24.68 30.31
N TYR M 128 12.82 -24.82 29.41
CA TYR M 128 13.03 -25.68 28.24
C TYR M 128 14.12 -25.11 27.34
N ILE M 129 14.13 -23.79 27.14
CA ILE M 129 15.14 -23.18 26.29
C ILE M 129 16.54 -23.41 26.88
N ARG M 130 16.68 -23.23 28.19
CA ARG M 130 17.98 -23.40 28.82
C ARG M 130 18.39 -24.87 28.91
N THR M 131 17.41 -25.78 28.94
CA THR M 131 17.73 -27.20 29.07
C THR M 131 18.21 -27.80 27.76
N VAL M 132 17.47 -27.55 26.67
CA VAL M 132 17.90 -28.01 25.36
C VAL M 132 18.96 -27.13 24.75
N GLY M 133 19.32 -26.03 25.41
CA GLY M 133 20.43 -25.21 24.95
C GLY M 133 21.80 -25.78 25.26
N GLN M 134 21.87 -26.85 26.06
CA GLN M 134 23.12 -27.50 26.40
C GLN M 134 23.24 -28.88 25.78
N THR M 135 22.51 -29.14 24.70
CA THR M 135 22.59 -30.41 23.98
C THR M 135 23.32 -30.21 22.67
N SER M 136 23.53 -31.31 21.95
CA SER M 136 24.32 -31.27 20.72
C SER M 136 23.64 -30.43 19.64
N ASN M 137 22.32 -30.52 19.52
CA ASN M 137 21.56 -29.84 18.47
C ASN M 137 20.46 -29.02 19.11
N PRO M 138 20.80 -27.86 19.69
CA PRO M 138 19.76 -27.05 20.35
C PRO M 138 18.67 -26.56 19.41
N THR M 139 19.01 -26.27 18.15
CA THR M 139 18.01 -25.74 17.23
C THR M 139 17.04 -26.81 16.77
N GLU M 140 17.49 -28.06 16.68
CA GLU M 140 16.60 -29.14 16.27
C GLU M 140 15.51 -29.38 17.30
N LYS M 141 15.84 -29.28 18.59
CA LYS M 141 14.89 -29.51 19.66
C LYS M 141 13.92 -28.35 19.87
N GLU M 142 13.94 -27.34 19.00
CA GLU M 142 13.01 -26.23 19.07
C GLU M 142 11.89 -26.31 18.05
N ILE M 143 12.11 -26.99 16.92
CA ILE M 143 11.06 -27.22 15.94
C ILE M 143 10.46 -28.60 16.17
N ILE M 144 11.26 -29.50 16.74
CA ILE M 144 10.81 -30.84 17.10
C ILE M 144 10.98 -30.96 18.60
N ILE M 145 9.91 -30.69 19.34
CA ILE M 145 9.98 -30.60 20.79
C ILE M 145 10.25 -31.97 21.38
N ASP M 146 11.12 -32.01 22.39
CA ASP M 146 11.33 -33.22 23.19
C ASP M 146 10.15 -33.33 24.15
N VAL M 147 9.09 -34.00 23.68
CA VAL M 147 7.85 -34.07 24.45
C VAL M 147 8.05 -34.64 25.85
N PRO M 148 8.85 -35.69 26.06
CA PRO M 148 9.11 -36.11 27.45
C PRO M 148 9.69 -35.00 28.32
N LEU M 149 10.76 -34.35 27.85
CA LEU M 149 11.36 -33.27 28.61
C LEU M 149 10.41 -32.09 28.73
N ALA M 150 9.66 -31.80 27.67
CA ALA M 150 8.69 -30.72 27.71
C ALA M 150 7.64 -30.96 28.79
N ILE M 151 7.10 -32.18 28.86
CA ILE M 151 6.12 -32.51 29.88
C ILE M 151 6.76 -32.45 31.26
N SER M 152 8.01 -32.88 31.38
CA SER M 152 8.70 -32.82 32.66
C SER M 152 8.81 -31.38 33.15
N ILE M 153 9.16 -30.46 32.25
CA ILE M 153 9.36 -29.07 32.64
C ILE M 153 8.02 -28.38 32.90
N MET M 154 7.01 -28.66 32.06
CA MET M 154 5.75 -27.92 32.12
C MET M 154 5.02 -28.14 33.44
N THR M 155 4.99 -29.38 33.93
CA THR M 155 4.32 -29.65 35.20
C THR M 155 5.13 -29.20 36.40
N SER M 156 6.35 -28.71 36.19
CA SER M 156 7.19 -28.19 37.25
C SER M 156 7.08 -26.68 37.42
N GLY M 157 6.21 -26.03 36.65
CA GLY M 157 6.05 -24.59 36.72
C GLY M 157 5.16 -24.09 37.84
N PHE M 158 4.53 -24.99 38.60
CA PHE M 158 3.70 -24.57 39.71
C PHE M 158 4.50 -23.91 40.82
N LEU M 159 5.81 -24.11 40.84
CA LEU M 159 6.71 -23.47 41.79
C LEU M 159 7.47 -22.30 41.19
N TRP M 160 6.99 -21.75 40.07
CA TRP M 160 7.72 -20.69 39.41
C TRP M 160 7.98 -19.47 40.30
N PRO M 161 7.06 -19.01 41.17
CA PRO M 161 7.45 -17.92 42.07
C PRO M 161 8.58 -18.30 43.00
N PHE M 162 8.61 -19.54 43.48
CA PHE M 162 9.68 -20.00 44.35
C PHE M 162 10.96 -20.28 43.57
N ALA M 163 10.84 -20.88 42.38
CA ALA M 163 12.02 -21.16 41.58
C ALA M 163 12.69 -19.87 41.12
N ALA M 164 11.89 -18.86 40.75
CA ALA M 164 12.45 -17.57 40.35
C ALA M 164 13.18 -16.91 41.51
N TRP M 165 12.58 -16.89 42.69
CA TRP M 165 13.31 -16.40 43.86
C TRP M 165 14.04 -17.52 44.57
N GLN M 166 14.70 -18.36 43.79
CA GLN M 166 15.79 -19.22 44.22
C GLN M 166 16.92 -19.26 43.20
N GLU M 167 16.65 -18.85 41.97
CA GLU M 167 17.64 -18.72 40.91
C GLU M 167 18.17 -17.30 40.81
N PHE M 168 17.35 -16.30 41.13
CA PHE M 168 17.84 -14.93 41.21
C PHE M 168 18.83 -14.77 42.36
N LEU M 169 18.58 -15.45 43.48
CA LEU M 169 19.49 -15.38 44.62
C LEU M 169 20.85 -15.98 44.27
N SER M 170 20.86 -17.06 43.50
CA SER M 170 22.10 -17.73 43.13
C SER M 170 22.78 -17.09 41.94
N GLY M 171 22.21 -16.04 41.37
CA GLY M 171 22.81 -15.38 40.22
C GLY M 171 22.65 -16.11 38.91
N ASP M 172 21.83 -17.14 38.86
CA ASP M 172 21.62 -17.93 37.66
C ASP M 172 20.50 -17.40 36.78
N LEU M 173 19.83 -16.32 37.19
CA LEU M 173 18.71 -15.79 36.44
C LEU M 173 19.13 -14.72 35.43
N ILE M 174 20.24 -14.01 35.68
CA ILE M 174 20.62 -12.84 34.89
C ILE M 174 22.02 -13.03 34.33
N ALA M 175 22.19 -12.76 33.04
CA ALA M 175 23.51 -12.65 32.46
C ALA M 175 24.13 -11.30 32.78
N SER M 176 25.46 -11.22 32.70
CA SER M 176 26.17 -10.02 33.14
C SER M 176 26.86 -9.28 32.01
N ASP M 177 27.81 -9.91 31.31
CA ASP M 177 28.53 -9.22 30.25
C ASP M 177 28.84 -10.08 29.04
N GLU M 178 28.40 -11.34 29.01
CA GLU M 178 28.49 -12.13 27.79
C GLU M 178 27.43 -11.72 26.78
N THR M 179 26.47 -10.89 27.19
CA THR M 179 25.47 -10.38 26.26
C THR M 179 26.13 -9.45 25.25
N ILE M 180 25.65 -9.52 24.02
CA ILE M 180 26.24 -8.78 22.91
C ILE M 180 25.71 -7.35 22.91
N THR M 181 26.53 -6.42 22.42
CA THR M 181 26.17 -5.02 22.32
C THR M 181 26.58 -4.49 20.96
N THR M 182 25.82 -3.52 20.46
CA THR M 182 26.12 -2.91 19.17
C THR M 182 27.38 -2.05 19.28
N SER M 183 27.78 -1.47 18.15
CA SER M 183 29.02 -0.70 18.11
C SER M 183 29.02 0.51 19.05
N PRO M 184 28.00 1.38 19.07
CA PRO M 184 28.12 2.52 20.00
C PRO M 184 27.73 2.17 21.43
N GLU N 44 39.50 26.59 39.93
CA GLU N 44 38.40 26.10 39.11
C GLU N 44 38.22 24.60 39.28
N SER N 45 37.82 23.93 38.19
CA SER N 45 37.61 22.49 38.17
C SER N 45 36.58 22.06 39.21
N THR N 46 35.35 22.51 38.98
CA THR N 46 34.23 22.14 39.84
C THR N 46 33.90 20.66 39.78
N TYR N 47 34.42 19.93 38.80
CA TYR N 47 34.20 18.50 38.73
C TYR N 47 34.85 17.80 39.93
N TRP N 48 34.14 16.83 40.48
CA TRP N 48 34.61 16.14 41.67
C TRP N 48 34.16 14.68 41.64
N GLU N 49 34.94 13.83 42.31
CA GLU N 49 34.63 12.41 42.41
C GLU N 49 34.79 11.86 43.81
N GLY N 50 35.22 12.65 44.78
CA GLY N 50 35.43 12.16 46.12
C GLY N 50 34.17 12.04 46.94
N LYS N 51 34.24 12.39 48.22
CA LYS N 51 33.08 12.34 49.09
C LYS N 51 32.27 13.62 49.04
N ALA N 52 32.92 14.77 48.92
CA ALA N 52 32.26 16.06 48.86
C ALA N 52 32.90 16.91 47.77
N PRO N 53 32.14 17.80 47.16
CA PRO N 53 32.72 18.70 46.14
C PRO N 53 33.65 19.70 46.78
N PRO N 54 34.59 20.26 46.01
CA PRO N 54 35.46 21.32 46.55
C PRO N 54 34.65 22.56 46.88
N SER N 55 35.19 23.36 47.79
CA SER N 55 34.49 24.55 48.26
C SER N 55 34.30 25.60 47.18
N VAL N 56 34.99 25.47 46.04
CA VAL N 56 34.84 26.44 44.96
C VAL N 56 33.44 26.41 44.35
N VAL N 57 32.71 25.30 44.49
CA VAL N 57 31.36 25.22 43.93
C VAL N 57 30.37 26.08 44.68
N LEU N 58 30.74 26.58 45.86
CA LEU N 58 29.88 27.44 46.65
C LEU N 58 29.99 28.92 46.27
N GLY N 59 30.90 29.26 45.37
CA GLY N 59 31.11 30.64 45.00
C GLY N 59 32.07 31.32 45.94
N PRO N 60 32.68 32.42 45.50
CA PRO N 60 33.66 33.10 46.35
C PRO N 60 33.01 34.04 47.36
N PHE N 61 31.90 33.61 47.93
CA PHE N 61 31.29 34.20 49.11
C PHE N 61 30.94 33.15 50.15
N LEU N 62 30.47 31.99 49.72
CA LEU N 62 30.22 30.87 50.63
C LEU N 62 31.43 29.97 50.79
N SER N 63 32.43 30.08 49.90
CA SER N 63 33.62 29.27 50.04
C SER N 63 34.41 29.59 51.30
N LYS N 64 34.17 30.76 51.90
CA LYS N 64 34.94 31.23 53.04
C LYS N 64 34.12 31.32 54.32
N ILE N 65 32.87 30.87 54.30
CA ILE N 65 32.05 30.85 55.52
C ILE N 65 32.38 29.57 56.28
N PRO N 66 32.72 29.66 57.57
CA PRO N 66 32.90 28.43 58.35
C PRO N 66 31.59 27.66 58.44
N SER N 67 31.71 26.32 58.47
CA SER N 67 30.53 25.47 58.55
C SER N 67 29.76 25.72 59.84
N GLY N 68 30.46 26.05 60.92
CA GLY N 68 29.80 26.37 62.17
C GLY N 68 28.96 27.63 62.11
N VAL N 69 29.14 28.44 61.06
CA VAL N 69 28.27 29.58 60.83
C VAL N 69 27.12 29.22 59.89
N LEU N 70 27.42 28.51 58.81
CA LEU N 70 26.39 28.16 57.83
C LEU N 70 25.33 27.23 58.42
N GLY N 71 25.74 26.25 59.22
CA GLY N 71 24.84 25.28 59.77
C GLY N 71 23.74 25.90 60.61
N PRO N 72 24.10 26.53 61.72
CA PRO N 72 23.09 27.22 62.53
C PRO N 72 22.33 28.28 61.75
N ALA N 73 23.00 28.98 60.83
CA ALA N 73 22.29 29.95 60.01
C ALA N 73 21.26 29.26 59.13
N SER N 74 21.61 28.10 58.57
CA SER N 74 20.65 27.36 57.75
C SER N 74 19.46 26.89 58.58
N LEU N 75 19.70 26.38 59.78
CA LEU N 75 18.60 25.95 60.64
C LEU N 75 17.70 27.11 61.02
N VAL N 76 18.31 28.25 61.37
CA VAL N 76 17.54 29.44 61.74
C VAL N 76 16.70 29.91 60.56
N ALA N 77 17.30 29.93 59.36
CA ALA N 77 16.57 30.36 58.18
C ALA N 77 15.41 29.42 57.87
N LEU N 78 15.62 28.11 58.01
CA LEU N 78 14.55 27.16 57.78
C LEU N 78 13.41 27.35 58.77
N ILE N 79 13.74 27.52 60.04
CA ILE N 79 12.70 27.71 61.06
C ILE N 79 11.94 29.01 60.79
N VAL N 80 12.66 30.09 60.48
CA VAL N 80 12.03 31.38 60.24
C VAL N 80 11.13 31.30 59.02
N GLY N 81 11.60 30.66 57.95
CA GLY N 81 10.79 30.55 56.75
C GLY N 81 9.55 29.69 56.95
N SER N 82 9.69 28.58 57.67
CA SER N 82 8.52 27.76 57.96
C SER N 82 7.52 28.53 58.80
N TYR N 83 7.99 29.27 59.80
CA TYR N 83 7.06 30.05 60.62
C TYR N 83 6.38 31.14 59.80
N CYS N 84 7.13 31.81 58.91
CA CYS N 84 6.54 32.85 58.09
C CYS N 84 5.49 32.27 57.14
N THR N 85 5.78 31.12 56.55
CA THR N 85 4.79 30.46 55.69
C THR N 85 3.55 30.06 56.47
N HIS N 86 3.74 29.52 57.68
CA HIS N 86 2.62 29.09 58.51
C HIS N 86 1.88 30.26 59.14
N GLU N 87 2.46 31.46 59.13
CA GLU N 87 1.74 32.61 59.65
C GLU N 87 1.01 33.36 58.54
N SER N 88 1.59 33.41 57.34
CA SER N 88 0.87 33.99 56.20
C SER N 88 -0.30 33.11 55.78
N ASN N 89 -0.11 31.79 55.80
CA ASN N 89 -1.16 30.85 55.44
C ASN N 89 -1.36 29.83 56.56
N ILE N 90 -2.11 28.78 56.29
CA ILE N 90 -2.23 27.64 57.20
C ILE N 90 -2.86 28.04 58.53
N PHE N 91 -2.10 28.77 59.36
CA PHE N 91 -2.64 29.19 60.65
C PHE N 91 -3.64 30.33 60.48
N ASN N 92 -3.34 31.28 59.60
CA ASN N 92 -4.24 32.38 59.27
C ASN N 92 -4.45 32.39 57.77
N THR N 93 -5.71 32.32 57.34
CA THR N 93 -6.02 32.26 55.91
C THR N 93 -5.63 33.56 55.23
N LEU N 94 -5.11 33.44 54.01
CA LEU N 94 -4.65 34.61 53.27
C LEU N 94 -5.82 35.47 52.82
N THR N 95 -5.57 36.77 52.71
CA THR N 95 -6.57 37.73 52.28
C THR N 95 -5.85 38.86 51.56
N VAL N 96 -6.60 39.60 50.74
CA VAL N 96 -6.01 40.72 50.00
C VAL N 96 -5.38 41.72 50.94
N ASP N 97 -6.04 42.00 52.07
CA ASP N 97 -5.57 43.00 53.01
C ASP N 97 -4.42 42.51 53.88
N THR N 98 -4.07 41.22 53.83
CA THR N 98 -3.04 40.63 54.68
C THR N 98 -2.06 39.87 53.79
N ILE N 99 -0.98 40.53 53.36
CA ILE N 99 0.06 39.91 52.55
C ILE N 99 1.40 39.89 53.28
N TYR N 100 1.75 40.97 53.98
CA TYR N 100 2.89 41.00 54.88
C TYR N 100 4.20 40.62 54.21
N PRO N 101 4.80 41.56 53.47
CA PRO N 101 6.10 41.30 52.83
C PRO N 101 7.13 40.62 53.72
N ALA N 102 7.06 40.81 55.05
CA ALA N 102 7.98 40.10 55.93
C ALA N 102 7.75 38.59 55.85
N TYR N 103 6.49 38.16 55.92
CA TYR N 103 6.18 36.74 55.81
C TYR N 103 6.50 36.23 54.41
N VAL N 104 6.25 37.02 53.40
CA VAL N 104 6.60 36.60 52.05
C VAL N 104 8.10 36.52 51.87
N LEU N 105 8.77 37.61 52.15
CA LEU N 105 10.19 37.57 52.06
C LEU N 105 10.69 36.49 52.96
N GLY N 106 10.03 36.26 54.08
CA GLY N 106 10.50 35.28 55.02
C GLY N 106 10.40 33.96 54.37
N SER N 107 9.19 33.60 53.95
CA SER N 107 8.96 32.33 53.30
C SER N 107 10.02 32.08 52.25
N PHE N 108 10.52 33.12 51.60
CA PHE N 108 11.61 32.84 50.66
C PHE N 108 12.89 32.25 51.28
N LEU N 109 13.07 32.23 52.58
CA LEU N 109 14.16 31.69 53.30
C LEU N 109 14.10 30.20 53.43
N THR N 110 12.92 29.62 53.20
CA THR N 110 12.76 28.16 53.21
C THR N 110 13.48 27.58 51.99
N PRO N 111 13.12 28.02 50.77
CA PRO N 111 13.92 27.51 49.64
C PRO N 111 15.40 27.79 49.88
N ILE N 112 15.73 28.99 50.33
CA ILE N 112 17.12 29.36 50.59
C ILE N 112 17.75 28.43 51.61
N SER N 113 17.10 28.27 52.77
CA SER N 113 17.60 27.37 53.79
C SER N 113 18.19 26.11 53.18
N TRP N 114 17.49 25.49 52.23
CA TRP N 114 17.98 24.30 51.56
C TRP N 114 19.36 24.59 51.08
N GLY N 115 19.61 25.70 50.42
CA GLY N 115 20.93 25.91 49.87
C GLY N 115 21.97 26.15 50.94
N LEU N 116 21.58 26.85 52.01
CA LEU N 116 22.51 27.17 53.09
C LEU N 116 23.00 25.92 53.79
N HIS N 117 22.11 24.97 54.08
CA HIS N 117 22.60 23.78 54.76
C HIS N 117 23.34 22.84 53.82
N VAL N 118 22.99 22.84 52.52
CA VAL N 118 23.81 22.09 51.58
C VAL N 118 25.24 22.63 51.58
N ALA N 119 25.37 23.96 51.55
CA ALA N 119 26.69 24.58 51.61
C ALA N 119 27.37 24.32 52.95
N ALA N 120 26.59 24.26 54.04
CA ALA N 120 27.16 23.96 55.34
C ALA N 120 27.76 22.57 55.38
N TRP N 121 27.05 21.58 54.83
CA TRP N 121 27.60 20.24 54.74
C TRP N 121 28.86 20.20 53.88
N ILE N 122 28.82 20.91 52.74
CA ILE N 122 29.98 20.93 51.85
C ILE N 122 31.19 21.52 52.56
N GLN N 123 30.99 22.61 53.30
CA GLN N 123 32.09 23.22 54.05
C GLN N 123 32.58 22.30 55.17
N LYS N 124 31.67 21.63 55.86
CA LYS N 124 32.07 20.75 56.96
C LYS N 124 32.92 19.60 56.43
N MET N 125 32.53 19.01 55.30
CA MET N 125 33.30 17.89 54.76
C MET N 125 34.63 18.31 54.17
N ASN N 126 34.79 19.60 53.85
CA ASN N 126 36.04 20.11 53.28
C ASN N 126 36.95 20.73 54.33
N LYS N 127 36.76 20.37 55.60
CA LYS N 127 37.58 20.88 56.70
C LYS N 127 37.54 22.40 56.76
N ALA N 128 36.32 22.93 56.86
CA ALA N 128 36.10 24.36 56.96
C ALA N 128 34.96 24.68 57.92
N MET O 1 -12.10 53.94 -9.37
CA MET O 1 -11.93 52.53 -9.04
C MET O 1 -12.27 52.26 -7.58
N SER O 2 -13.32 51.47 -7.36
CA SER O 2 -13.74 51.14 -6.01
C SER O 2 -12.84 50.08 -5.39
N LEU O 3 -12.99 49.88 -4.08
CA LEU O 3 -12.21 48.86 -3.38
C LEU O 3 -12.66 47.45 -3.73
N ASP O 4 -13.90 47.28 -4.18
CA ASP O 4 -14.41 45.95 -4.50
C ASP O 4 -13.93 45.45 -5.85
N LEU O 5 -13.29 46.29 -6.66
CA LEU O 5 -12.67 45.86 -7.90
C LEU O 5 -11.27 45.28 -7.68
N LEU O 6 -10.69 45.51 -6.51
CA LEU O 6 -9.36 44.98 -6.21
C LEU O 6 -9.27 43.47 -6.28
N PRO O 7 -10.23 42.68 -5.77
CA PRO O 7 -10.13 41.22 -5.97
C PRO O 7 -10.06 40.82 -7.43
N SER O 8 -10.94 41.36 -8.27
CA SER O 8 -10.91 41.02 -9.69
C SER O 8 -9.67 41.55 -10.38
N PHE O 9 -9.02 42.58 -9.85
CA PHE O 9 -7.77 43.04 -10.44
C PHE O 9 -6.58 42.17 -10.00
N PHE O 10 -6.58 41.71 -8.76
CA PHE O 10 -5.41 41.08 -8.17
C PHE O 10 -5.40 39.57 -8.26
N VAL O 11 -6.53 38.90 -8.00
CA VAL O 11 -6.56 37.44 -8.00
C VAL O 11 -6.12 36.85 -9.34
N PRO O 12 -6.64 37.29 -10.49
CA PRO O 12 -6.08 36.79 -11.74
C PRO O 12 -4.61 37.15 -11.89
N LEU O 13 -4.26 38.40 -11.60
CA LEU O 13 -2.88 38.85 -11.67
C LEU O 13 -1.95 37.92 -10.92
N VAL O 14 -2.15 37.81 -9.59
CA VAL O 14 -1.30 36.95 -8.79
C VAL O 14 -1.38 35.52 -9.34
N GLY O 15 -2.56 34.90 -9.22
CA GLY O 15 -2.71 33.48 -9.38
C GLY O 15 -2.47 32.94 -10.77
N LEU O 16 -2.32 33.80 -11.78
CA LEU O 16 -1.95 33.33 -13.11
C LEU O 16 -0.66 33.93 -13.61
N VAL O 17 -0.49 35.25 -13.51
CA VAL O 17 0.71 35.89 -14.04
C VAL O 17 1.92 35.50 -13.19
N LEU O 18 1.80 35.57 -11.87
CA LEU O 18 2.95 35.24 -11.04
C LEU O 18 3.42 33.80 -11.24
N PRO O 19 2.55 32.78 -11.34
CA PRO O 19 3.04 31.47 -11.77
C PRO O 19 3.78 31.50 -13.09
N LEU O 20 3.31 32.22 -14.09
CA LEU O 20 3.97 32.18 -15.39
C LEU O 20 5.39 32.72 -15.31
N PHE O 21 5.55 33.92 -14.74
CA PHE O 21 6.87 34.52 -14.66
C PHE O 21 7.77 33.74 -13.72
N SER O 22 7.22 33.22 -12.61
CA SER O 22 8.00 32.42 -11.69
C SER O 22 8.49 31.14 -12.34
N ILE O 23 7.62 30.47 -13.12
CA ILE O 23 8.03 29.28 -13.86
C ILE O 23 9.12 29.62 -14.87
N ILE O 24 8.95 30.73 -15.59
CA ILE O 24 9.97 31.13 -16.55
C ILE O 24 11.32 31.31 -15.86
N GLY O 25 11.33 32.07 -14.77
CA GLY O 25 12.58 32.33 -14.07
C GLY O 25 13.19 31.09 -13.47
N LEU O 26 12.38 30.24 -12.83
CA LEU O 26 12.89 29.04 -12.20
C LEU O 26 13.41 28.05 -13.22
N PHE O 27 12.69 27.87 -14.34
CA PHE O 27 13.15 26.97 -15.39
C PHE O 27 14.46 27.47 -15.98
N LEU O 28 14.53 28.77 -16.27
CA LEU O 28 15.77 29.34 -16.80
C LEU O 28 16.92 29.15 -15.83
N TYR O 29 16.68 29.36 -14.53
CA TYR O 29 17.74 29.25 -13.54
C TYR O 29 18.22 27.81 -13.40
N ILE O 30 17.28 26.86 -13.26
CA ILE O 30 17.67 25.46 -13.04
C ILE O 30 18.17 24.79 -14.30
N GLU O 31 17.97 25.39 -15.47
CA GLU O 31 18.51 24.85 -16.71
C GLU O 31 19.76 25.58 -17.17
N LYS O 32 20.35 26.43 -16.33
CA LYS O 32 21.56 27.14 -16.71
C LYS O 32 22.74 26.18 -16.79
N GLU O 33 23.85 26.71 -17.33
CA GLU O 33 25.10 25.96 -17.41
C GLU O 33 26.23 26.77 -16.78
N ASN O 34 27.46 26.31 -16.94
CA ASN O 34 28.60 27.03 -16.39
C ASN O 34 29.69 27.22 -17.44
N MET P 1 5.87 -46.70 14.30
CA MET P 1 5.34 -45.61 15.10
C MET P 1 6.45 -44.89 15.87
N LYS P 2 7.66 -44.93 15.32
CA LYS P 2 8.78 -44.21 15.91
C LYS P 2 8.97 -42.84 15.29
N ASP P 3 8.79 -42.73 13.97
CA ASP P 3 8.87 -41.46 13.29
C ASP P 3 7.53 -40.73 13.25
N PHE P 4 6.41 -41.46 13.33
CA PHE P 4 5.12 -40.80 13.45
C PHE P 4 5.01 -40.04 14.76
N LEU P 5 5.47 -40.65 15.86
CA LEU P 5 5.48 -39.95 17.13
C LEU P 5 6.47 -38.78 17.11
N LYS P 6 7.55 -38.90 16.35
CA LYS P 6 8.44 -37.77 16.17
C LYS P 6 7.80 -36.68 15.33
N TYR P 7 6.98 -37.07 14.33
CA TYR P 7 6.25 -36.08 13.56
C TYR P 7 5.24 -35.35 14.42
N LEU P 8 4.55 -36.07 15.31
CA LEU P 8 3.62 -35.44 16.23
C LEU P 8 4.32 -34.54 17.22
N SER P 9 5.63 -34.68 17.38
CA SER P 9 6.42 -33.84 18.27
C SER P 9 6.91 -32.58 17.60
N THR P 10 6.59 -32.37 16.32
CA THR P 10 7.00 -31.17 15.63
C THR P 10 6.25 -29.95 16.18
N ALA P 11 6.82 -28.78 15.92
CA ALA P 11 6.23 -27.53 16.42
C ALA P 11 4.79 -27.30 15.95
N PRO P 12 4.42 -27.50 14.67
CA PRO P 12 3.04 -27.16 14.27
C PRO P 12 2.00 -28.07 14.90
N VAL P 13 2.26 -29.38 14.87
CA VAL P 13 1.30 -30.33 15.42
C VAL P 13 1.14 -30.11 16.93
N LEU P 14 2.26 -29.92 17.63
CA LEU P 14 2.18 -29.69 19.07
C LEU P 14 1.48 -28.38 19.39
N LEU P 15 1.77 -27.32 18.64
CA LEU P 15 1.09 -26.05 18.87
C LEU P 15 -0.39 -26.16 18.59
N THR P 16 -0.76 -26.85 17.51
CA THR P 16 -2.18 -27.03 17.19
C THR P 16 -2.88 -27.82 18.28
N ALA P 17 -2.27 -28.91 18.74
CA ALA P 17 -2.88 -29.69 19.81
C ALA P 17 -3.00 -28.88 21.09
N TRP P 18 -1.96 -28.14 21.45
CA TRP P 18 -2.00 -27.38 22.70
C TRP P 18 -3.02 -26.24 22.62
N LEU P 19 -3.09 -25.55 21.48
CA LEU P 19 -4.06 -24.47 21.35
C LEU P 19 -5.49 -25.01 21.25
N THR P 20 -5.67 -26.17 20.63
CA THR P 20 -7.00 -26.79 20.59
C THR P 20 -7.44 -27.18 22.00
N PHE P 21 -6.54 -27.79 22.78
CA PHE P 21 -6.84 -28.13 24.16
C PHE P 21 -7.11 -26.88 24.99
N THR P 22 -6.33 -25.81 24.76
CA THR P 22 -6.50 -24.58 25.54
C THR P 22 -7.83 -23.92 25.24
N ALA P 23 -8.15 -23.73 23.96
CA ALA P 23 -9.45 -23.20 23.58
C ALA P 23 -10.56 -24.11 24.09
N GLY P 24 -10.32 -25.43 24.11
CA GLY P 24 -11.34 -26.33 24.59
C GLY P 24 -11.68 -26.11 26.05
N PHE P 25 -10.66 -26.06 26.92
CA PHE P 25 -10.99 -25.92 28.33
C PHE P 25 -11.48 -24.51 28.63
N VAL P 26 -11.02 -23.50 27.88
CA VAL P 26 -11.58 -22.16 28.06
C VAL P 26 -13.06 -22.12 27.69
N ILE P 27 -13.40 -22.68 26.53
CA ILE P 27 -14.79 -22.68 26.08
C ILE P 27 -15.66 -23.48 27.04
N GLU P 28 -15.14 -24.57 27.59
CA GLU P 28 -15.97 -25.37 28.49
C GLU P 28 -16.12 -24.71 29.86
N ILE P 29 -15.09 -24.02 30.36
CA ILE P 29 -15.28 -23.21 31.55
C ILE P 29 -16.35 -22.17 31.33
N ASN P 30 -16.32 -21.51 30.16
CA ASN P 30 -17.30 -20.47 29.87
C ASN P 30 -18.68 -21.06 29.58
N ARG P 31 -18.78 -22.34 29.24
CA ARG P 31 -20.09 -22.96 29.12
C ARG P 31 -20.67 -23.30 30.49
N PHE P 32 -19.86 -23.91 31.36
CA PHE P 32 -20.38 -24.37 32.64
C PHE P 32 -20.56 -23.21 33.62
N TYR P 33 -19.73 -22.17 33.54
CA TYR P 33 -19.89 -20.97 34.34
C TYR P 33 -19.85 -19.77 33.41
N PRO P 34 -20.95 -19.48 32.73
CA PRO P 34 -20.97 -18.38 31.75
C PRO P 34 -21.12 -17.02 32.44
N ASP P 35 -20.84 -15.98 31.65
CA ASP P 35 -21.07 -14.59 32.05
C ASP P 35 -20.34 -14.24 33.35
N ALA P 36 -19.09 -14.65 33.45
CA ALA P 36 -18.28 -14.40 34.65
C ALA P 36 -17.52 -13.10 34.44
N LEU P 37 -18.04 -12.01 34.99
CA LEU P 37 -17.37 -10.71 34.87
C LEU P 37 -16.32 -10.47 35.94
N THR P 38 -16.55 -10.98 37.15
CA THR P 38 -15.61 -10.84 38.25
C THR P 38 -15.18 -12.22 38.74
N PHE P 39 -14.22 -12.22 39.65
CA PHE P 39 -13.78 -13.48 40.24
C PHE P 39 -14.93 -14.12 41.01
N PRO P 40 -15.13 -15.44 40.88
CA PRO P 40 -16.27 -16.07 41.56
C PRO P 40 -16.23 -15.91 43.07
N PHE P 41 -15.06 -15.92 43.68
CA PHE P 41 -14.93 -15.74 45.12
C PHE P 41 -15.23 -14.29 45.51
N VAL Q 2 8.63 -13.97 -46.97
CA VAL Q 2 9.03 -12.59 -46.77
C VAL Q 2 8.88 -12.20 -45.31
N SER Q 3 9.65 -11.21 -44.89
CA SER Q 3 9.57 -10.66 -43.53
C SER Q 3 9.46 -9.14 -43.64
N PHE Q 4 8.50 -8.56 -42.92
CA PHE Q 4 8.25 -7.13 -43.00
C PHE Q 4 8.79 -6.37 -41.80
N ILE Q 5 9.56 -7.03 -40.94
CA ILE Q 5 10.25 -6.36 -39.83
C ILE Q 5 11.71 -6.78 -39.88
N LYS Q 6 12.59 -5.80 -39.98
CA LYS Q 6 14.03 -6.03 -40.10
C LYS Q 6 14.74 -5.00 -39.23
N PRO Q 7 16.00 -5.27 -38.86
CA PRO Q 7 16.75 -4.27 -38.09
C PRO Q 7 16.87 -2.96 -38.86
N TYR Q 8 16.84 -1.86 -38.13
CA TYR Q 8 16.80 -0.54 -38.75
C TYR Q 8 18.17 -0.20 -39.34
N ARG Q 9 18.20 0.05 -40.65
CA ARG Q 9 19.41 0.45 -41.37
C ARG Q 9 20.53 -0.56 -41.17
N GLN Q 10 20.17 -1.85 -41.11
CA GLN Q 10 21.13 -2.95 -41.00
C GLN Q 10 21.98 -2.85 -39.74
N ASP Q 11 21.43 -2.24 -38.68
CA ASP Q 11 22.11 -2.17 -37.38
C ASP Q 11 21.27 -2.92 -36.35
N PRO Q 12 21.66 -4.15 -35.98
CA PRO Q 12 20.85 -4.92 -35.02
C PRO Q 12 20.98 -4.44 -33.59
N PHE Q 13 21.76 -3.40 -33.32
CA PHE Q 13 22.00 -2.95 -31.96
C PHE Q 13 21.31 -1.63 -31.63
N VAL Q 14 20.66 -0.99 -32.60
CA VAL Q 14 19.87 0.20 -32.31
C VAL Q 14 18.61 -0.20 -31.55
N GLY Q 15 18.12 0.71 -30.72
CA GLY Q 15 16.85 0.49 -30.05
C GLY Q 15 15.70 0.87 -30.95
N HIS Q 16 15.65 0.27 -32.14
CA HIS Q 16 14.66 0.63 -33.14
C HIS Q 16 14.50 -0.54 -34.11
N LEU Q 17 13.39 -0.52 -34.84
CA LEU Q 17 13.09 -1.57 -35.80
C LEU Q 17 12.50 -0.94 -37.06
N ALA Q 18 12.70 -1.62 -38.19
CA ALA Q 18 12.17 -1.19 -39.48
C ALA Q 18 10.87 -1.95 -39.74
N THR Q 19 9.81 -1.46 -39.12
CA THR Q 19 8.48 -2.05 -39.25
C THR Q 19 7.72 -1.41 -40.40
N PRO Q 20 6.58 -2.00 -40.80
CA PRO Q 20 5.80 -1.39 -41.89
C PRO Q 20 5.15 -0.06 -41.52
N ILE Q 21 5.54 0.50 -40.37
CA ILE Q 21 5.06 1.79 -39.92
C ILE Q 21 6.18 2.79 -39.75
N THR Q 22 7.33 2.36 -39.24
CA THR Q 22 8.45 3.28 -39.09
C THR Q 22 9.07 3.64 -40.43
N THR Q 23 9.22 2.67 -41.33
CA THR Q 23 9.94 2.87 -42.59
C THR Q 23 9.09 2.44 -43.78
N SER Q 24 7.81 2.78 -43.77
CA SER Q 24 6.96 2.54 -44.94
C SER Q 24 6.95 3.77 -45.83
N ALA Q 25 6.74 3.53 -47.13
CA ALA Q 25 6.72 4.64 -48.08
C ALA Q 25 5.66 5.66 -47.72
N PHE Q 26 4.50 5.19 -47.24
CA PHE Q 26 3.46 6.12 -46.79
C PHE Q 26 3.97 6.98 -45.65
N THR Q 27 4.64 6.36 -44.66
CA THR Q 27 5.20 7.13 -43.55
C THR Q 27 6.24 8.13 -44.05
N ARG Q 28 7.10 7.70 -44.97
CA ARG Q 28 8.12 8.59 -45.51
C ARG Q 28 7.49 9.82 -46.14
N ALA Q 29 6.57 9.61 -47.08
CA ALA Q 29 5.97 10.75 -47.78
C ALA Q 29 5.15 11.62 -46.83
N TYR Q 30 4.37 11.00 -45.95
CA TYR Q 30 3.50 11.76 -45.05
C TYR Q 30 4.32 12.62 -44.10
N LEU Q 31 5.42 12.09 -43.57
CA LEU Q 31 6.25 12.90 -42.69
C LEU Q 31 7.08 13.91 -43.46
N LYS Q 32 7.38 13.65 -44.73
CA LYS Q 32 8.12 14.62 -45.53
C LYS Q 32 7.24 15.74 -46.08
N VAL Q 33 5.92 15.59 -46.05
CA VAL Q 33 5.05 16.71 -46.42
C VAL Q 33 4.62 17.54 -45.21
N LEU Q 34 4.93 17.09 -44.00
CA LEU Q 34 4.59 17.86 -42.82
C LEU Q 34 5.51 19.07 -42.70
N PRO Q 35 5.03 20.17 -42.11
CA PRO Q 35 5.86 21.38 -42.01
C PRO Q 35 7.15 21.17 -41.26
N ALA Q 36 7.17 20.29 -40.26
CA ALA Q 36 8.39 20.08 -39.48
C ALA Q 36 9.50 19.47 -40.31
N TYR Q 37 9.17 18.71 -41.35
CA TYR Q 37 10.16 18.03 -42.17
C TYR Q 37 10.07 18.36 -43.65
N ARG Q 38 9.14 19.22 -44.05
CA ARG Q 38 9.00 19.53 -45.48
C ARG Q 38 10.23 20.24 -45.99
N PRO Q 39 10.83 19.79 -47.09
CA PRO Q 39 12.01 20.47 -47.62
C PRO Q 39 11.67 21.83 -48.21
N GLY Q 40 12.67 22.71 -48.21
CA GLY Q 40 12.51 24.03 -48.78
C GLY Q 40 11.83 25.05 -47.91
N LEU Q 41 11.70 24.79 -46.62
CA LEU Q 41 11.02 25.70 -45.70
C LEU Q 41 12.04 26.29 -44.74
N THR Q 42 12.00 27.63 -44.59
CA THR Q 42 12.77 28.29 -43.55
C THR Q 42 12.14 28.00 -42.19
N PRO Q 43 12.90 28.13 -41.10
CA PRO Q 43 12.32 27.84 -39.78
C PRO Q 43 11.13 28.73 -39.45
N LEU Q 44 11.15 29.98 -39.92
CA LEU Q 44 10.00 30.86 -39.74
C LEU Q 44 8.77 30.32 -40.45
N SER Q 45 8.95 29.79 -41.66
CA SER Q 45 7.81 29.23 -42.39
C SER Q 45 7.26 27.98 -41.70
N ARG Q 46 8.15 27.11 -41.22
CA ARG Q 46 7.71 25.93 -40.47
C ARG Q 46 6.93 26.35 -39.24
N GLY Q 47 7.45 27.29 -38.47
CA GLY Q 47 6.74 27.78 -37.30
C GLY Q 47 5.40 28.38 -37.66
N ALA Q 48 5.35 29.17 -38.73
CA ALA Q 48 4.10 29.81 -39.12
C ALA Q 48 3.04 28.79 -39.49
N GLU Q 49 3.42 27.77 -40.29
CA GLU Q 49 2.45 26.76 -40.67
C GLU Q 49 1.98 25.95 -39.46
N ILE Q 50 2.92 25.56 -38.59
CA ILE Q 50 2.55 24.79 -37.40
C ILE Q 50 1.62 25.59 -36.51
N GLY Q 51 1.94 26.88 -36.30
CA GLY Q 51 1.08 27.73 -35.49
C GLY Q 51 -0.30 27.91 -36.09
N PHE Q 52 -0.36 28.09 -37.41
CA PHE Q 52 -1.66 28.24 -38.06
C PHE Q 52 -2.52 27.01 -37.83
N THR Q 53 -1.98 25.83 -38.13
CA THR Q 53 -2.76 24.60 -37.95
C THR Q 53 -3.16 24.42 -36.49
N HIS Q 54 -2.24 24.71 -35.57
CA HIS Q 54 -2.48 24.43 -34.16
C HIS Q 54 -3.51 25.37 -33.56
N GLY Q 55 -3.42 26.67 -33.86
CA GLY Q 55 -4.46 27.58 -33.42
C GLY Q 55 -5.80 27.25 -34.06
N TYR Q 56 -5.78 26.85 -35.33
CA TYR Q 56 -7.02 26.52 -36.04
C TYR Q 56 -7.75 25.38 -35.35
N PHE Q 57 -7.04 24.32 -34.98
CA PHE Q 57 -7.73 23.23 -34.29
C PHE Q 57 -7.81 23.43 -32.79
N LEU Q 58 -7.13 24.43 -32.23
CA LEU Q 58 -7.18 24.68 -30.80
C LEU Q 58 -8.38 25.53 -30.41
N ILE Q 59 -8.82 26.43 -31.29
CA ILE Q 59 -9.98 27.24 -30.95
C ILE Q 59 -11.23 26.37 -30.79
N GLY Q 60 -11.25 25.21 -31.44
CA GLY Q 60 -12.41 24.34 -31.45
C GLY Q 60 -12.88 23.91 -30.08
N PRO Q 61 -12.05 23.15 -29.35
CA PRO Q 61 -12.48 22.65 -28.04
C PRO Q 61 -12.81 23.76 -27.05
N PHE Q 62 -12.09 24.88 -27.09
CA PHE Q 62 -12.36 25.98 -26.16
C PHE Q 62 -13.71 26.61 -26.44
N TYR Q 63 -14.04 26.84 -27.72
CA TYR Q 63 -15.31 27.44 -28.06
C TYR Q 63 -16.47 26.48 -27.81
N THR Q 64 -16.29 25.20 -28.15
CA THR Q 64 -17.39 24.24 -28.07
C THR Q 64 -17.73 23.89 -26.62
N TYR Q 65 -16.71 23.62 -25.81
CA TYR Q 65 -16.93 23.07 -24.47
C TYR Q 65 -16.51 24.01 -23.35
N GLY Q 66 -16.27 25.28 -23.64
CA GLY Q 66 -15.78 26.21 -22.64
C GLY Q 66 -16.77 26.46 -21.51
N PRO Q 67 -16.45 27.42 -20.65
CA PRO Q 67 -17.38 27.78 -19.58
C PRO Q 67 -18.53 28.66 -20.05
N LEU Q 68 -18.47 29.19 -21.27
CA LEU Q 68 -19.48 30.08 -21.81
C LEU Q 68 -20.05 29.53 -23.11
N ARG Q 69 -20.36 28.24 -23.13
CA ARG Q 69 -20.90 27.63 -24.34
C ARG Q 69 -22.28 28.21 -24.67
N SER Q 70 -22.76 27.84 -25.84
CA SER Q 70 -24.09 28.22 -26.30
C SER Q 70 -24.50 27.25 -27.38
N VAL Q 71 -25.66 26.59 -27.20
CA VAL Q 71 -26.13 25.66 -28.22
C VAL Q 71 -26.44 26.40 -29.51
N GLU Q 72 -26.80 27.68 -29.42
CA GLU Q 72 -26.89 28.54 -30.58
C GLU Q 72 -25.57 29.30 -30.73
N PHE Q 73 -25.47 30.13 -31.76
CA PHE Q 73 -24.25 30.90 -31.98
C PHE Q 73 -24.26 32.16 -31.14
N SER Q 74 -23.20 32.35 -30.36
CA SER Q 74 -23.04 33.53 -29.51
C SER Q 74 -21.70 34.17 -29.81
N LEU Q 75 -21.69 35.50 -29.99
CA LEU Q 75 -20.43 36.20 -30.18
C LEU Q 75 -19.57 36.13 -28.93
N THR Q 76 -20.18 36.11 -27.76
CA THR Q 76 -19.42 36.00 -26.52
C THR Q 76 -18.71 34.66 -26.41
N SER Q 77 -19.39 33.58 -26.80
CA SER Q 77 -18.76 32.26 -26.78
C SER Q 77 -17.58 32.20 -27.74
N LEU Q 78 -17.76 32.75 -28.94
CA LEU Q 78 -16.68 32.77 -29.91
C LEU Q 78 -15.50 33.60 -29.41
N ALA Q 79 -15.78 34.76 -28.81
CA ALA Q 79 -14.71 35.60 -28.28
C ALA Q 79 -13.98 34.90 -27.14
N ALA Q 80 -14.72 34.21 -26.27
CA ALA Q 80 -14.10 33.48 -25.17
C ALA Q 80 -13.20 32.37 -25.68
N GLY Q 81 -13.69 31.60 -26.66
CA GLY Q 81 -12.86 30.54 -27.22
C GLY Q 81 -11.64 31.08 -27.93
N LEU Q 82 -11.79 32.19 -28.66
CA LEU Q 82 -10.66 32.79 -29.36
C LEU Q 82 -9.62 33.30 -28.37
N LEU Q 83 -10.06 33.96 -27.30
CA LEU Q 83 -9.11 34.46 -26.31
C LEU Q 83 -8.40 33.32 -25.60
N ALA Q 84 -9.13 32.26 -25.25
CA ALA Q 84 -8.51 31.11 -24.60
C ALA Q 84 -7.48 30.46 -25.53
N ALA Q 85 -7.81 30.31 -26.81
CA ALA Q 85 -6.87 29.72 -27.75
C ALA Q 85 -5.63 30.59 -27.91
N ILE Q 86 -5.82 31.91 -27.99
CA ILE Q 86 -4.68 32.81 -28.14
C ILE Q 86 -3.78 32.78 -26.91
N THR Q 87 -4.38 32.74 -25.72
CA THR Q 87 -3.56 32.68 -24.51
C THR Q 87 -2.83 31.34 -24.39
N LEU Q 88 -3.47 30.24 -24.81
CA LEU Q 88 -2.79 28.96 -24.83
C LEU Q 88 -1.62 28.97 -25.80
N LEU Q 89 -1.81 29.61 -26.96
CA LEU Q 89 -0.71 29.76 -27.91
C LEU Q 89 0.41 30.61 -27.31
N LEU Q 90 0.06 31.63 -26.54
CA LEU Q 90 1.07 32.43 -25.86
C LEU Q 90 1.86 31.59 -24.87
N ILE Q 91 1.17 30.73 -24.11
CA ILE Q 91 1.86 29.86 -23.15
C ILE Q 91 2.79 28.91 -23.88
N LEU Q 92 2.31 28.33 -24.99
CA LEU Q 92 3.14 27.43 -25.78
C LEU Q 92 4.34 28.15 -26.37
N THR Q 93 4.16 29.41 -26.79
CA THR Q 93 5.28 30.19 -27.32
C THR Q 93 6.29 30.51 -26.23
N VAL Q 94 5.82 30.79 -25.02
CA VAL Q 94 6.73 31.00 -23.89
C VAL Q 94 7.55 29.74 -23.65
N GLY Q 95 6.89 28.58 -23.66
CA GLY Q 95 7.61 27.33 -23.50
C GLY Q 95 8.63 27.10 -24.59
N LEU Q 96 8.26 27.39 -25.84
CA LEU Q 96 9.20 27.25 -26.95
C LEU Q 96 10.40 28.17 -26.77
N SER Q 97 10.15 29.41 -26.36
CA SER Q 97 11.23 30.38 -26.20
C SER Q 97 12.21 29.94 -25.12
N ILE Q 98 11.70 29.51 -23.96
CA ILE Q 98 12.61 29.10 -22.89
C ILE Q 98 13.34 27.81 -23.26
N TYR Q 99 12.65 26.88 -23.94
CA TYR Q 99 13.30 25.65 -24.38
C TYR Q 99 14.45 25.95 -25.33
N GLY Q 100 14.22 26.81 -26.32
CA GLY Q 100 15.29 27.20 -27.23
C GLY Q 100 16.40 27.96 -26.54
N GLN Q 101 16.05 28.77 -25.54
CA GLN Q 101 17.07 29.51 -24.80
C GLN Q 101 18.00 28.56 -24.06
N VAL Q 102 17.44 27.51 -23.43
CA VAL Q 102 18.27 26.63 -22.62
C VAL Q 102 18.85 25.46 -23.40
N THR Q 103 18.43 25.23 -24.64
CA THR Q 103 18.87 24.04 -25.36
C THR Q 103 20.11 24.29 -26.23
N TYR Q 104 20.03 25.23 -27.16
CA TYR Q 104 21.05 25.40 -28.18
C TYR Q 104 21.95 26.59 -27.86
N ASP Q 105 23.22 26.50 -28.29
CA ASP Q 105 24.09 27.66 -28.47
C ASP Q 105 24.78 27.60 -29.83
N VAL Q 106 24.04 27.96 -30.88
CA VAL Q 106 24.54 27.98 -32.26
C VAL Q 106 23.77 29.04 -33.02
N TYR Q 107 24.43 29.66 -34.01
CA TYR Q 107 23.76 30.55 -34.94
C TYR Q 107 23.80 30.08 -36.39
N ASP Q 108 24.66 29.12 -36.72
CA ASP Q 108 24.71 28.57 -38.08
C ASP Q 108 25.20 27.13 -37.98
N ASN Q 109 24.31 26.18 -38.22
CA ASN Q 109 24.59 24.77 -38.06
C ASN Q 109 24.97 24.15 -39.41
N ALA Q 110 25.24 22.85 -39.39
CA ALA Q 110 25.73 22.04 -40.51
C ALA Q 110 27.13 22.46 -40.95
N LEU Q 111 27.72 23.49 -40.32
CA LEU Q 111 29.09 23.89 -40.57
C LEU Q 111 29.97 23.66 -39.35
N ILE Q 112 29.57 24.18 -38.18
CA ILE Q 112 30.39 24.08 -36.96
C ILE Q 112 30.82 22.64 -36.72
N VAL Q 113 29.93 21.68 -37.00
CA VAL Q 113 30.27 20.27 -36.85
C VAL Q 113 31.45 19.92 -37.76
N LYS Q 114 31.40 20.35 -39.02
CA LYS Q 114 32.49 20.07 -39.94
C LYS Q 114 33.76 20.80 -39.54
N LEU Q 115 33.63 22.04 -39.06
CA LEU Q 115 34.79 22.82 -38.64
C LEU Q 115 35.51 22.12 -37.49
N VAL Q 116 34.76 21.59 -36.53
CA VAL Q 116 35.41 20.94 -35.40
C VAL Q 116 35.80 19.50 -35.72
N ARG Q 117 35.23 18.89 -36.75
CA ARG Q 117 35.71 17.61 -37.25
C ARG Q 117 36.94 17.77 -38.13
N GLN Q 118 37.24 18.98 -38.57
CA GLN Q 118 38.39 19.24 -39.43
C GLN Q 118 39.47 20.07 -38.73
N MET Q 119 39.12 21.23 -38.19
CA MET Q 119 40.08 22.15 -37.60
C MET Q 119 40.25 21.95 -36.10
N VAL Q 120 39.86 20.79 -35.57
CA VAL Q 120 40.01 20.41 -34.17
C VAL Q 120 39.11 21.27 -33.28
N GLY Q 121 38.71 20.72 -32.14
CA GLY Q 121 37.78 21.38 -31.24
C GLY Q 121 38.24 21.43 -29.80
N SER Q 122 39.54 21.69 -29.58
CA SER Q 122 40.10 21.63 -28.24
C SER Q 122 39.62 22.82 -27.40
N GLU Q 123 38.34 22.82 -27.05
CA GLU Q 123 37.73 23.89 -26.27
C GLU Q 123 36.82 23.25 -25.22
N ARG Q 124 35.98 24.08 -24.59
CA ARG Q 124 35.06 23.60 -23.56
C ARG Q 124 34.00 22.65 -24.10
N THR Q 125 33.94 22.45 -25.42
CA THR Q 125 33.03 21.50 -26.05
C THR Q 125 31.56 21.87 -25.85
N GLN Q 126 30.67 21.05 -26.42
CA GLN Q 126 29.22 21.18 -26.32
C GLN Q 126 28.71 22.37 -27.13
N ASP Q 127 29.62 23.19 -27.65
CA ASP Q 127 29.27 24.23 -28.62
C ASP Q 127 30.06 24.07 -29.91
N LEU Q 128 31.38 23.95 -29.83
CA LEU Q 128 32.20 23.59 -30.97
C LEU Q 128 31.96 22.11 -31.28
N PRO Q 129 32.38 21.21 -30.39
CA PRO Q 129 32.12 19.79 -30.60
C PRO Q 129 30.68 19.41 -30.28
N GLN Q 130 30.39 18.11 -30.29
CA GLN Q 130 29.05 17.59 -30.00
C GLN Q 130 28.05 18.09 -31.03
N ILE Q 131 27.11 18.94 -30.60
CA ILE Q 131 26.08 19.53 -31.45
C ILE Q 131 25.19 18.42 -32.00
N LYS Q 132 24.03 18.22 -31.37
CA LYS Q 132 23.06 17.22 -31.81
C LYS Q 132 22.17 17.81 -32.90
N GLY Q 133 22.07 17.10 -34.01
CA GLY Q 133 21.22 17.55 -35.11
C GLY Q 133 21.87 18.60 -35.98
N THR Q 134 21.65 18.51 -37.29
CA THR Q 134 22.21 19.46 -38.25
C THR Q 134 21.14 20.34 -38.89
N SER Q 135 19.90 20.25 -38.43
CA SER Q 135 18.83 21.06 -39.01
C SER Q 135 19.00 22.52 -38.62
N GLU Q 136 18.41 23.41 -39.43
CA GLU Q 136 18.39 24.83 -39.11
C GLU Q 136 17.52 25.13 -37.91
N LEU Q 137 16.61 24.22 -37.54
CA LEU Q 137 15.82 24.38 -36.32
C LEU Q 137 16.64 24.18 -35.06
N ASP Q 138 17.86 23.68 -35.17
CA ASP Q 138 18.69 23.34 -34.02
C ASP Q 138 19.71 24.44 -33.71
N THR Q 139 19.32 25.70 -33.92
CA THR Q 139 20.16 26.84 -33.62
C THR Q 139 19.39 27.83 -32.77
N VAL Q 140 20.12 28.73 -32.11
CA VAL Q 140 19.48 29.77 -31.33
C VAL Q 140 18.65 30.67 -32.25
N LEU Q 141 19.22 31.08 -33.37
CA LEU Q 141 18.49 31.90 -34.33
C LEU Q 141 17.33 31.11 -34.95
N GLY Q 142 17.58 29.85 -35.31
CA GLY Q 142 16.53 29.07 -35.96
C GLY Q 142 15.34 28.83 -35.05
N TRP Q 143 15.58 28.47 -33.79
CA TRP Q 143 14.48 28.22 -32.87
C TRP Q 143 13.75 29.50 -32.52
N GLN Q 144 14.45 30.63 -32.44
CA GLN Q 144 13.79 31.90 -32.17
C GLN Q 144 12.81 32.26 -33.27
N LYS Q 145 13.24 32.13 -34.53
CA LYS Q 145 12.34 32.37 -35.64
C LYS Q 145 11.22 31.34 -35.69
N PHE Q 146 11.50 30.09 -35.31
CA PHE Q 146 10.47 29.07 -35.24
C PHE Q 146 9.39 29.46 -34.24
N SER Q 147 9.80 29.92 -33.06
CA SER Q 147 8.84 30.34 -32.05
C SER Q 147 8.04 31.56 -32.50
N GLU Q 148 8.73 32.53 -33.12
CA GLU Q 148 8.04 33.71 -33.65
C GLU Q 148 6.99 33.32 -34.68
N GLY Q 149 7.35 32.43 -35.60
CA GLY Q 149 6.40 31.97 -36.59
C GLY Q 149 5.25 31.21 -35.98
N PHE Q 150 5.55 30.34 -35.00
CA PHE Q 150 4.48 29.62 -34.32
C PHE Q 150 3.50 30.58 -33.68
N PHE Q 151 4.00 31.63 -33.04
CA PHE Q 151 3.15 32.56 -32.32
C PHE Q 151 2.28 33.38 -33.30
N SER Q 152 2.90 33.93 -34.34
CA SER Q 152 2.15 34.72 -35.31
C SER Q 152 1.13 33.86 -36.06
N GLY Q 153 1.57 32.69 -36.53
CA GLY Q 153 0.66 31.79 -37.22
C GLY Q 153 -0.45 31.28 -36.33
N GLY Q 154 -0.17 31.09 -35.05
CA GLY Q 154 -1.22 30.70 -34.12
C GLY Q 154 -2.29 31.77 -34.01
N LEU Q 155 -1.87 33.03 -33.87
CA LEU Q 155 -2.85 34.11 -33.83
C LEU Q 155 -3.68 34.14 -35.10
N ILE Q 156 -3.01 34.08 -36.25
CA ILE Q 156 -3.72 34.20 -37.53
C ILE Q 156 -4.67 33.03 -37.73
N GLY Q 157 -4.22 31.81 -37.44
CA GLY Q 157 -5.06 30.65 -37.61
C GLY Q 157 -6.24 30.63 -36.66
N SER Q 158 -6.04 31.08 -35.42
CA SER Q 158 -7.16 31.17 -34.50
C SER Q 158 -8.20 32.16 -34.99
N ILE Q 159 -7.75 33.31 -35.50
CA ILE Q 159 -8.70 34.29 -36.03
C ILE Q 159 -9.44 33.73 -37.25
N VAL Q 160 -8.71 33.05 -38.14
CA VAL Q 160 -9.33 32.48 -39.33
C VAL Q 160 -10.36 31.42 -38.95
N ALA Q 161 -10.03 30.57 -37.97
CA ALA Q 161 -10.96 29.54 -37.53
C ALA Q 161 -12.18 30.14 -36.86
N ALA Q 162 -11.99 31.23 -36.09
CA ALA Q 162 -13.14 31.92 -35.51
C ALA Q 162 -14.06 32.47 -36.59
N VAL Q 163 -13.48 33.08 -37.63
CA VAL Q 163 -14.27 33.59 -38.73
C VAL Q 163 -15.02 32.47 -39.42
N GLY Q 164 -14.35 31.34 -39.66
CA GLY Q 164 -15.01 30.21 -40.29
C GLY Q 164 -16.13 29.64 -39.46
N ILE Q 165 -15.93 29.55 -38.13
CA ILE Q 165 -16.96 29.06 -37.23
C ILE Q 165 -18.17 29.99 -37.26
N ALA Q 166 -17.92 31.30 -37.22
CA ALA Q 166 -19.02 32.26 -37.29
C ALA Q 166 -19.79 32.13 -38.60
N LEU Q 167 -19.08 32.01 -39.71
CA LEU Q 167 -19.74 31.87 -41.01
C LEU Q 167 -20.57 30.59 -41.07
N TYR Q 168 -20.01 29.48 -40.58
CA TYR Q 168 -20.74 28.22 -40.60
C TYR Q 168 -21.98 28.26 -39.71
N SER Q 169 -21.86 28.91 -38.54
CA SER Q 169 -23.00 28.97 -37.63
C SER Q 169 -24.07 29.94 -38.12
N THR Q 170 -23.68 30.96 -38.88
CA THR Q 170 -24.63 31.97 -39.33
C THR Q 170 -25.32 31.58 -40.64
N TYR Q 171 -24.54 31.24 -41.67
CA TYR Q 171 -25.07 31.06 -43.01
C TYR Q 171 -25.44 29.62 -43.32
N LEU Q 172 -25.37 28.72 -42.35
CA LEU Q 172 -25.75 27.33 -42.58
C LEU Q 172 -26.84 26.90 -41.59
N MET R 1 -15.50 50.47 7.37
CA MET R 1 -15.00 50.42 5.99
C MET R 1 -13.77 51.30 5.83
N ILE R 2 -12.68 50.71 5.36
CA ILE R 2 -11.44 51.44 5.15
C ILE R 2 -11.48 52.10 3.78
N TYR R 3 -10.76 53.21 3.64
CA TYR R 3 -10.80 54.01 2.43
C TYR R 3 -9.82 53.51 1.39
N ASP R 4 -9.89 54.10 0.20
CA ASP R 4 -8.93 53.79 -0.85
C ASP R 4 -7.53 54.23 -0.46
N SER R 5 -7.42 55.39 0.21
CA SER R 5 -6.11 55.86 0.65
C SER R 5 -5.47 54.91 1.65
N GLN R 6 -6.27 54.36 2.57
CA GLN R 6 -5.74 53.43 3.57
C GLN R 6 -5.21 52.17 2.91
N VAL R 7 -5.96 51.61 1.97
CA VAL R 7 -5.51 50.40 1.29
C VAL R 7 -4.34 50.69 0.37
N TYR R 8 -4.37 51.85 -0.31
CA TYR R 8 -3.32 52.18 -1.26
C TYR R 8 -1.97 52.33 -0.57
N ILE R 9 -1.93 53.05 0.55
CA ILE R 9 -0.65 53.26 1.23
C ILE R 9 -0.18 51.97 1.88
N ALA R 10 -1.11 51.11 2.33
CA ALA R 10 -0.70 49.80 2.83
C ALA R 10 -0.10 48.95 1.71
N LEU R 11 -0.64 49.06 0.50
CA LEU R 11 -0.05 48.38 -0.64
C LEU R 11 1.34 48.94 -0.96
N VAL R 12 1.49 50.26 -0.89
CA VAL R 12 2.78 50.88 -1.17
C VAL R 12 3.81 50.45 -0.12
N ILE R 13 3.42 50.43 1.15
CA ILE R 13 4.33 49.99 2.20
C ILE R 13 4.66 48.51 2.03
N ALA R 14 3.68 47.72 1.57
CA ALA R 14 3.94 46.31 1.30
C ALA R 14 4.97 46.15 0.18
N VAL R 15 4.93 47.02 -0.82
CA VAL R 15 5.94 47.00 -1.88
C VAL R 15 7.32 47.24 -1.30
N VAL R 16 7.44 48.22 -0.41
CA VAL R 16 8.72 48.53 0.21
C VAL R 16 9.24 47.32 0.98
N ALA R 17 8.35 46.64 1.72
CA ALA R 17 8.73 45.42 2.40
C ALA R 17 9.12 44.32 1.42
N SER R 18 8.61 44.36 0.19
CA SER R 18 9.00 43.37 -0.81
C SER R 18 10.41 43.62 -1.32
N VAL R 19 10.76 44.88 -1.58
CA VAL R 19 12.10 45.21 -2.02
C VAL R 19 13.12 44.89 -0.94
N LEU R 20 12.73 45.06 0.32
CA LEU R 20 13.60 44.63 1.42
C LEU R 20 13.73 43.12 1.48
N ALA R 21 12.71 42.39 1.03
CA ALA R 21 12.76 40.93 1.08
C ALA R 21 13.69 40.37 0.00
N ILE R 22 13.63 40.92 -1.21
CA ILE R 22 14.53 40.44 -2.26
C ILE R 22 15.97 40.81 -1.93
N ARG R 23 16.19 41.96 -1.31
CA ARG R 23 17.54 42.33 -0.90
C ARG R 23 18.09 41.32 0.11
N LEU R 24 17.25 40.89 1.06
CA LEU R 24 17.65 39.82 1.95
C LEU R 24 17.79 38.50 1.21
N GLY R 25 16.87 38.24 0.27
CA GLY R 25 16.96 37.00 -0.49
C GLY R 25 18.20 36.93 -1.36
N ALA R 26 18.53 38.02 -2.04
CA ALA R 26 19.73 38.04 -2.86
C ALA R 26 20.99 38.06 -2.02
N THR R 27 20.92 38.62 -0.80
CA THR R 27 22.09 38.66 0.06
C THR R 27 22.37 37.29 0.66
N LEU R 28 21.33 36.47 0.85
CA LEU R 28 21.51 35.06 1.21
C LEU R 28 22.00 34.22 0.05
N TYR R 29 22.34 34.92 -1.05
CA TYR R 29 23.01 34.37 -2.22
C TYR R 29 22.07 33.54 -3.09
N ASN R 30 22.52 33.29 -4.32
CA ASN R 30 21.79 32.50 -5.30
C ASN R 30 21.39 31.14 -4.73
N UNK S 1 30.13 32.31 -44.74
CA UNK S 1 29.94 30.99 -44.15
C UNK S 1 30.67 30.87 -42.82
N UNK S 2 31.85 31.48 -42.75
CA UNK S 2 32.66 31.45 -41.53
C UNK S 2 33.73 32.53 -41.55
N UNK S 3 34.99 32.09 -41.53
CA UNK S 3 36.13 32.99 -41.57
C UNK S 3 37.37 32.22 -42.01
N UNK S 4 38.54 32.69 -41.61
CA UNK S 4 39.81 32.04 -41.90
C UNK S 4 39.99 31.77 -43.40
N UNK S 5 40.73 30.73 -43.74
CA UNK S 5 40.98 30.37 -45.13
C UNK S 5 41.62 28.98 -45.26
N UNK S 6 42.42 28.82 -46.31
CA UNK S 6 43.19 27.60 -46.56
C UNK S 6 42.33 26.35 -46.72
N UNK S 7 41.94 25.75 -45.61
CA UNK S 7 41.24 24.46 -45.63
C UNK S 7 39.75 24.59 -45.92
N UNK S 8 39.37 25.57 -46.73
CA UNK S 8 37.98 25.75 -47.12
C UNK S 8 37.59 24.71 -48.16
N UNK S 9 38.60 24.09 -48.78
CA UNK S 9 38.39 23.06 -49.79
C UNK S 9 37.76 21.82 -49.16
N UNK S 10 38.32 21.37 -48.04
CA UNK S 10 37.80 20.21 -47.33
C UNK S 10 36.49 20.55 -46.63
N UNK S 11 36.32 21.82 -46.29
CA UNK S 11 35.11 22.29 -45.62
C UNK S 11 33.93 22.31 -46.59
N UNK S 12 34.13 22.94 -47.74
CA UNK S 12 33.09 23.02 -48.76
C UNK S 12 32.79 21.65 -49.36
N UNK S 13 33.76 20.75 -49.27
CA UNK S 13 33.57 19.38 -49.74
C UNK S 13 32.61 18.64 -48.81
N UNK S 14 32.89 18.69 -47.51
CA UNK S 14 32.05 18.05 -46.52
C UNK S 14 30.69 18.74 -46.44
N UNK S 15 30.67 20.04 -46.69
CA UNK S 15 29.44 20.82 -46.64
C UNK S 15 28.47 20.36 -47.71
N UNK S 16 28.92 20.34 -48.96
CA UNK S 16 28.08 19.92 -50.09
C UNK S 16 27.70 18.45 -49.97
N UNK S 17 28.55 17.67 -49.30
CA UNK S 17 28.29 16.24 -49.11
C UNK S 17 27.26 16.02 -48.01
N UNK S 18 27.37 16.80 -46.92
CA UNK S 18 26.45 16.68 -45.79
C UNK S 18 25.12 17.33 -46.10
N UNK S 19 25.15 18.45 -46.82
CA UNK S 19 23.92 19.13 -47.22
C UNK S 19 23.13 18.26 -48.17
N UNK S 20 23.85 17.50 -48.99
CA UNK S 20 23.21 16.54 -49.89
C UNK S 20 22.63 15.39 -49.11
N UNK S 21 23.50 14.66 -48.40
CA UNK S 21 23.11 13.47 -47.64
C UNK S 21 21.92 13.71 -46.72
N UNK S 22 21.86 14.89 -46.11
CA UNK S 22 20.76 15.24 -45.23
C UNK S 22 19.47 15.45 -46.01
N UNK S 23 19.56 16.18 -47.10
CA UNK S 23 18.38 16.53 -47.90
C UNK S 23 18.02 15.46 -48.93
N UNK S 24 19.02 14.88 -49.57
CA UNK S 24 18.79 13.89 -50.62
C UNK S 24 18.18 12.62 -50.05
N UNK S 25 19.02 11.73 -49.53
CA UNK S 25 18.55 10.47 -48.98
C UNK S 25 17.76 10.67 -47.70
N UNK S 26 18.40 10.39 -46.56
CA UNK S 26 17.73 10.40 -45.27
C UNK S 26 16.47 9.54 -45.34
N UNK S 27 15.40 10.11 -45.89
CA UNK S 27 14.12 9.43 -46.03
C UNK S 27 13.66 8.86 -44.70
N UNK S 28 14.10 9.51 -43.64
CA UNK S 28 13.88 9.07 -42.26
C UNK S 28 14.57 10.07 -41.36
N UNK S 29 14.53 11.34 -41.77
CA UNK S 29 15.15 12.42 -41.01
C UNK S 29 14.59 12.48 -39.60
N UNK S 30 13.37 12.00 -39.43
CA UNK S 30 12.73 11.92 -38.13
C UNK S 30 13.50 11.00 -37.19
N UNK S 31 14.14 9.98 -37.76
CA UNK S 31 14.91 9.02 -36.97
C UNK S 31 16.38 9.04 -37.36
N UNK S 32 17.08 10.10 -36.96
CA UNK S 32 18.49 10.25 -37.30
C UNK S 32 19.39 9.83 -36.16
N UNK S 33 18.83 9.74 -34.96
CA UNK S 33 19.58 9.30 -33.78
C UNK S 33 19.55 7.78 -33.66
N UNK S 34 19.19 7.13 -34.76
CA UNK S 34 19.13 5.67 -34.80
C UNK S 34 20.07 5.10 -35.86
N UNK S 35 21.13 5.86 -36.16
CA UNK S 35 22.13 5.43 -37.12
C UNK S 35 23.50 5.97 -36.71
N UNK S 36 24.57 5.40 -37.26
CA UNK S 36 25.92 5.81 -36.92
C UNK S 36 26.91 5.49 -38.04
N UNK S 37 28.11 6.04 -37.93
CA UNK S 37 29.18 5.76 -38.88
C UNK S 37 30.50 5.58 -38.13
N UNK S 38 30.40 5.55 -36.80
CA UNK S 38 31.59 5.39 -35.96
C UNK S 38 31.68 3.96 -35.44
N UNK S 39 31.87 3.02 -36.37
CA UNK S 39 32.05 1.62 -36.02
C UNK S 39 33.48 1.18 -36.29
N UNK S 40 34.05 0.40 -35.37
CA UNK S 40 35.43 -0.05 -35.51
C UNK S 40 35.49 -1.49 -36.01
N UNK S 41 36.61 -1.84 -36.64
CA UNK S 41 36.80 -3.18 -37.14
C UNK S 41 37.31 -4.09 -36.02
N UNK S 42 37.04 -5.39 -36.15
CA UNK S 42 37.47 -6.36 -35.13
C UNK S 42 38.99 -6.45 -35.08
N UNK S 43 39.64 -6.20 -36.22
CA UNK S 43 41.09 -6.25 -36.30
C UNK S 43 41.73 -5.13 -35.49
N UNK S 44 41.18 -3.93 -35.62
CA UNK S 44 41.70 -2.77 -34.90
C UNK S 44 41.45 -2.88 -33.40
N UNK S 45 40.30 -3.43 -33.04
CA UNK S 45 39.93 -3.58 -31.63
C UNK S 45 40.77 -4.67 -30.97
N UNK S 46 40.97 -5.78 -31.67
CA UNK S 46 41.75 -6.89 -31.14
C UNK S 46 43.24 -6.52 -31.00
N UNK S 47 43.67 -5.54 -31.78
CA UNK S 47 45.06 -5.10 -31.76
C UNK S 47 45.36 -4.24 -30.54
N UNK S 48 44.51 -3.23 -30.32
CA UNK S 48 44.67 -2.33 -29.19
C UNK S 48 44.53 -3.08 -27.87
N UNK S 49 43.75 -4.15 -27.91
CA UNK S 49 43.46 -4.95 -26.73
C UNK S 49 44.69 -5.71 -26.23
N UNK S 50 45.26 -6.55 -27.10
CA UNK S 50 46.45 -7.33 -26.74
C UNK S 50 47.62 -6.42 -26.41
N UNK S 51 47.58 -5.19 -26.93
CA UNK S 51 48.59 -4.19 -26.62
C UNK S 51 48.48 -3.77 -25.16
N UNK S 52 47.29 -3.29 -24.77
CA UNK S 52 47.04 -2.86 -23.40
C UNK S 52 47.05 -4.05 -22.45
N UNK S 53 46.95 -5.26 -23.02
CA UNK S 53 47.00 -6.49 -22.23
C UNK S 53 48.37 -6.67 -21.60
N UNK S 54 49.31 -7.18 -22.40
CA UNK S 54 50.65 -7.53 -21.91
C UNK S 54 51.40 -6.32 -21.35
N UNK S 55 51.15 -5.14 -21.89
CA UNK S 55 51.83 -3.92 -21.43
C UNK S 55 51.40 -3.56 -20.02
N SER T 2 30.40 9.81 -8.68
CA SER T 2 30.67 8.38 -8.63
C SER T 2 30.75 7.89 -7.18
N HIS T 3 30.32 6.65 -6.96
CA HIS T 3 30.34 6.09 -5.61
C HIS T 3 31.77 5.80 -5.18
N THR T 4 31.94 5.60 -3.87
CA THR T 4 33.24 5.34 -3.27
C THR T 4 33.27 3.91 -2.74
N VAL T 5 34.32 3.17 -3.10
CA VAL T 5 34.51 1.79 -2.68
C VAL T 5 35.84 1.70 -1.96
N LYS T 6 35.82 1.21 -0.73
CA LYS T 6 37.02 1.06 0.08
C LYS T 6 37.23 -0.40 0.44
N ILE T 7 38.50 -0.80 0.50
CA ILE T 7 38.88 -2.17 0.87
C ILE T 7 39.64 -2.09 2.20
N TYR T 8 39.34 -3.03 3.09
CA TYR T 8 39.91 -3.04 4.42
C TYR T 8 40.75 -4.30 4.61
N ASP T 9 41.77 -4.20 5.46
CA ASP T 9 42.76 -5.27 5.59
C ASP T 9 42.18 -6.55 6.18
N THR T 10 40.90 -6.58 6.54
CA THR T 10 40.25 -7.83 6.90
C THR T 10 40.02 -8.74 5.70
N CYS T 11 40.28 -8.23 4.50
CA CYS T 11 40.25 -9.03 3.28
C CYS T 11 41.00 -10.34 3.43
N ILE T 12 40.33 -11.44 3.06
CA ILE T 12 40.94 -12.75 3.05
C ILE T 12 41.25 -13.21 1.63
N GLY T 13 41.03 -12.35 0.64
CA GLY T 13 41.37 -12.68 -0.73
C GLY T 13 40.61 -13.86 -1.31
N CYS T 14 39.32 -13.97 -1.00
CA CYS T 14 38.51 -15.07 -1.50
C CYS T 14 37.91 -14.80 -2.87
N THR T 15 38.13 -13.61 -3.42
CA THR T 15 37.78 -13.20 -4.79
C THR T 15 36.28 -13.14 -5.04
N GLN T 16 35.43 -13.42 -4.05
CA GLN T 16 34.00 -13.46 -4.32
C GLN T 16 33.45 -12.07 -4.66
N CYS T 17 34.07 -11.01 -4.16
CA CYS T 17 33.62 -9.66 -4.51
C CYS T 17 33.91 -9.36 -5.97
N VAL T 18 35.10 -9.71 -6.44
CA VAL T 18 35.50 -9.36 -7.80
C VAL T 18 34.63 -10.06 -8.82
N ARG T 19 34.36 -11.36 -8.60
CA ARG T 19 33.56 -12.13 -9.54
C ARG T 19 32.07 -11.87 -9.39
N ALA T 20 31.67 -10.99 -8.49
CA ALA T 20 30.27 -10.59 -8.35
C ALA T 20 30.00 -9.18 -8.87
N CYS T 21 31.04 -8.39 -9.12
CA CYS T 21 30.84 -7.04 -9.64
C CYS T 21 30.28 -7.07 -11.05
N PRO T 22 29.14 -6.44 -11.30
CA PRO T 22 28.56 -6.48 -12.65
C PRO T 22 29.18 -5.47 -13.62
N THR T 23 30.01 -4.55 -13.15
CA THR T 23 30.55 -3.48 -14.00
C THR T 23 32.07 -3.45 -14.00
N ASP T 24 32.73 -4.52 -13.53
CA ASP T 24 34.19 -4.62 -13.52
C ASP T 24 34.82 -3.42 -12.81
N VAL T 25 34.50 -3.30 -11.53
CA VAL T 25 35.07 -2.25 -10.69
C VAL T 25 36.19 -2.79 -9.81
N LEU T 26 36.02 -4.00 -9.29
CA LEU T 26 36.98 -4.60 -8.38
C LEU T 26 37.91 -5.56 -9.11
N GLU T 27 39.13 -5.69 -8.59
CA GLU T 27 40.11 -6.62 -9.13
C GLU T 27 40.99 -7.10 -7.98
N MET T 28 41.64 -8.24 -8.19
CA MET T 28 42.49 -8.84 -7.19
C MET T 28 43.94 -8.45 -7.46
N VAL T 29 44.61 -7.96 -6.42
CA VAL T 29 45.98 -7.47 -6.54
C VAL T 29 46.85 -8.18 -5.51
N PRO T 30 48.15 -8.29 -5.76
CA PRO T 30 49.02 -8.98 -4.80
C PRO T 30 49.05 -8.29 -3.44
N TRP T 31 49.22 -9.10 -2.40
CA TRP T 31 49.24 -8.60 -1.04
C TRP T 31 50.00 -9.60 -0.17
N ASP T 32 50.35 -9.17 1.04
CA ASP T 32 51.05 -10.04 1.98
C ASP T 32 50.41 -10.01 3.37
N GLY T 33 49.14 -9.61 3.45
CA GLY T 33 48.44 -9.55 4.72
C GLY T 33 47.49 -10.70 4.99
N CYS T 34 47.46 -11.71 4.12
CA CYS T 34 46.55 -12.84 4.30
C CYS T 34 47.17 -14.08 3.66
N LYS T 35 46.55 -15.22 3.94
CA LYS T 35 47.07 -16.50 3.45
C LYS T 35 47.07 -16.54 1.92
N ALA T 36 46.00 -16.07 1.29
CA ALA T 36 45.90 -16.12 -0.16
C ALA T 36 46.90 -15.21 -0.85
N GLY T 37 47.49 -14.26 -0.14
CA GLY T 37 48.44 -13.36 -0.75
C GLY T 37 47.82 -12.39 -1.73
N GLN T 38 46.53 -12.12 -1.62
CA GLN T 38 45.81 -11.26 -2.54
C GLN T 38 44.83 -10.39 -1.76
N ILE T 39 44.56 -9.20 -2.28
CA ILE T 39 43.58 -8.30 -1.70
C ILE T 39 42.79 -7.66 -2.83
N ALA T 40 41.51 -7.40 -2.55
CA ALA T 40 40.67 -6.72 -3.53
C ALA T 40 41.08 -5.26 -3.68
N SER T 41 40.91 -4.74 -4.88
CA SER T 41 41.18 -3.34 -5.17
C SER T 41 40.00 -2.76 -5.95
N ALA T 42 39.86 -1.44 -5.90
CA ALA T 42 38.78 -0.73 -6.58
C ALA T 42 39.37 0.37 -7.45
N PRO T 43 40.00 0.01 -8.56
CA PRO T 43 40.62 1.02 -9.42
C PRO T 43 39.71 1.64 -10.46
N ARG T 44 38.48 1.15 -10.60
CA ARG T 44 37.55 1.62 -11.63
C ARG T 44 36.21 1.99 -11.01
N THR T 45 36.25 2.77 -9.92
CA THR T 45 35.03 3.18 -9.25
C THR T 45 34.16 4.09 -10.10
N GLU T 46 34.70 4.66 -11.19
CA GLU T 46 33.86 5.44 -12.10
C GLU T 46 32.78 4.59 -12.74
N ASP T 47 32.98 3.28 -12.82
CA ASP T 47 31.97 2.36 -13.32
C ASP T 47 31.12 1.77 -12.21
N CYS T 48 31.40 2.09 -10.95
CA CYS T 48 30.62 1.57 -9.84
C CYS T 48 29.18 2.04 -9.94
N VAL T 49 28.26 1.09 -9.85
CA VAL T 49 26.84 1.41 -9.96
C VAL T 49 26.15 1.48 -8.60
N GLY T 50 26.77 0.94 -7.55
CA GLY T 50 26.18 0.95 -6.23
C GLY T 50 25.24 -0.20 -5.94
N CYS T 51 25.22 -1.24 -6.77
CA CYS T 51 24.32 -2.36 -6.54
C CYS T 51 24.68 -3.15 -5.29
N LYS T 52 25.91 -3.01 -4.80
CA LYS T 52 26.37 -3.64 -3.56
C LYS T 52 26.35 -5.16 -3.64
N ARG T 53 26.42 -5.73 -4.85
CA ARG T 53 26.66 -7.16 -4.98
C ARG T 53 28.02 -7.54 -4.41
N CYS T 54 28.97 -6.59 -4.43
CA CYS T 54 30.31 -6.88 -3.96
C CYS T 54 30.33 -7.28 -2.50
N GLU T 55 29.58 -6.56 -1.66
CA GLU T 55 29.57 -6.82 -0.24
C GLU T 55 28.50 -7.82 0.18
N THR T 56 27.63 -8.24 -0.74
CA THR T 56 26.76 -9.38 -0.47
C THR T 56 27.53 -10.70 -0.55
N ALA T 57 28.64 -10.73 -1.27
CA ALA T 57 29.48 -11.90 -1.40
C ALA T 57 30.67 -11.89 -0.46
N CYS T 58 30.75 -10.91 0.44
CA CYS T 58 31.88 -10.81 1.35
C CYS T 58 31.69 -11.73 2.54
N PRO T 59 32.62 -12.65 2.82
CA PRO T 59 32.45 -13.57 3.94
C PRO T 59 32.99 -13.04 5.26
N THR T 60 33.86 -12.03 5.22
CA THR T 60 34.42 -11.49 6.44
C THR T 60 33.32 -10.91 7.33
N ASP T 61 33.65 -10.72 8.61
CA ASP T 61 32.60 -10.52 9.61
C ASP T 61 31.76 -9.29 9.34
N PHE T 62 32.32 -8.09 9.52
CA PHE T 62 31.64 -6.94 8.97
C PHE T 62 32.33 -6.42 7.73
N LEU T 63 32.38 -7.25 6.68
CA LEU T 63 32.78 -6.80 5.35
C LEU T 63 34.24 -6.39 5.27
N SER T 64 34.84 -6.57 4.09
CA SER T 64 36.12 -5.96 3.79
C SER T 64 36.05 -5.01 2.62
N VAL T 65 34.97 -5.06 1.84
CA VAL T 65 34.67 -4.08 0.81
C VAL T 65 33.44 -3.30 1.23
N ARG T 66 33.54 -1.98 1.21
CA ARG T 66 32.46 -1.10 1.65
C ARG T 66 32.16 -0.11 0.54
N VAL T 67 30.89 0.02 0.19
CA VAL T 67 30.45 0.92 -0.88
C VAL T 67 29.72 2.09 -0.24
N TYR T 68 30.24 3.29 -0.44
CA TYR T 68 29.63 4.52 0.06
C TYR T 68 29.03 5.26 -1.13
N LEU T 69 27.72 5.34 -1.17
CA LEU T 69 27.04 6.02 -2.27
C LEU T 69 27.33 7.52 -2.22
N GLY T 70 27.61 8.10 -3.37
CA GLY T 70 27.94 9.51 -3.44
C GLY T 70 27.29 10.21 -4.62
N GLY T 71 28.06 11.06 -5.30
CA GLY T 71 27.52 11.77 -6.46
C GLY T 71 27.12 10.81 -7.56
N GLU T 72 26.05 11.17 -8.28
CA GLU T 72 25.49 10.32 -9.31
C GLU T 72 26.02 10.71 -10.68
N THR T 73 26.13 9.71 -11.55
CA THR T 73 26.57 9.89 -12.93
C THR T 73 25.74 8.96 -13.80
N THR T 74 25.71 9.27 -15.10
CA THR T 74 24.98 8.40 -16.03
C THR T 74 25.49 6.97 -16.00
N ARG T 75 26.78 6.78 -15.68
CA ARG T 75 27.30 5.44 -15.49
C ARG T 75 26.84 4.85 -14.16
N SER T 76 26.88 5.65 -13.09
CA SER T 76 26.50 5.16 -11.77
C SER T 76 24.99 5.02 -11.62
N LEU T 77 24.21 5.75 -12.40
CA LEU T 77 22.76 5.62 -12.37
C LEU T 77 22.25 4.49 -13.24
N GLY T 78 23.13 3.81 -13.97
CA GLY T 78 22.71 2.72 -14.84
C GLY T 78 21.78 3.15 -15.94
N LEU T 79 22.06 4.29 -16.56
CA LEU T 79 21.19 4.85 -17.59
C LEU T 79 21.68 4.38 -18.96
N ALA T 80 20.86 3.55 -19.61
CA ALA T 80 21.12 3.19 -21.00
C ALA T 80 20.71 4.28 -21.97
N TYR T 81 20.06 5.34 -21.49
CA TYR T 81 19.63 6.45 -22.32
C TYR T 81 20.32 7.74 -21.88
C1 XAT U . -15.50 -25.47 67.56
C2 XAT U . -16.27 -25.39 68.87
C3 XAT U . -17.47 -26.31 68.78
C4 XAT U . -16.92 -27.72 68.90
C5 XAT U . -15.89 -28.06 67.82
C6 XAT U . -15.21 -26.89 67.07
C7 XAT U . -13.77 -27.23 66.73
C8 XAT U . -13.44 -27.38 65.45
C9 XAT U . -12.05 -27.72 65.08
C10 XAT U . -11.83 -28.34 63.92
C11 XAT U . -10.48 -28.69 63.50
C12 XAT U . -10.36 -29.63 62.57
C13 XAT U . -9.06 -30.08 62.07
C14 XAT U . -9.02 -30.95 61.06
C15 XAT U . -7.77 -31.43 60.49
C16 XAT U . -14.19 -24.71 67.73
C17 XAT U . -16.29 -24.74 66.47
C18 XAT U . -14.95 -29.27 67.97
C19 XAT U . -10.92 -27.37 66.00
C20 XAT U . -7.79 -29.56 62.68
O3 XAT U . -18.36 -26.05 69.87
O4 XAT U . -16.26 -27.68 66.49
C21 XAT U . 0.40 -35.31 51.46
C22 XAT U . 1.37 -36.13 50.60
C23 XAT U . 2.17 -37.04 51.51
C24 XAT U . 1.22 -38.16 51.86
C25 XAT U . 0.00 -37.64 52.62
C26 XAT U . -0.36 -36.15 52.49
C27 XAT U . -1.85 -35.86 52.63
C28 XAT U . -2.21 -35.23 53.73
C29 XAT U . -3.60 -34.85 54.04
C30 XAT U . -3.87 -34.43 55.28
C31 XAT U . -5.20 -34.02 55.70
C32 XAT U . -5.30 -33.57 56.95
C33 XAT U . -6.59 -33.11 57.52
C34 XAT U . -6.58 -32.55 58.73
C35 XAT U . -7.82 -32.07 59.33
C36 XAT U . -0.59 -34.62 50.54
C37 XAT U . 1.19 -34.24 52.20
C38 XAT U . -1.28 -38.49 52.76
C39 XAT U . -4.68 -34.94 53.00
C40 XAT U . -7.86 -33.27 56.74
O23 XAT U . 3.30 -37.55 50.80
O24 XAT U . 0.28 -36.70 53.65
C1 XAT V . -0.84 -47.68 33.75
C2 XAT V . 0.16 -47.30 32.68
C3 XAT V . -0.14 -48.14 31.46
C4 XAT V . -1.35 -47.51 30.82
C5 XAT V . -2.56 -47.41 31.77
C6 XAT V . -2.31 -47.57 33.29
C7 XAT V . -3.26 -46.71 34.11
C8 XAT V . -3.90 -47.26 35.14
C9 XAT V . -4.86 -46.54 36.01
C10 XAT V . -4.44 -45.64 36.90
C11 XAT V . -5.42 -44.98 37.76
C12 XAT V . -5.06 -44.09 38.68
C13 XAT V . -6.06 -43.47 39.56
C14 XAT V . -5.70 -42.56 40.47
C15 XAT V . -6.69 -41.96 41.36
C16 XAT V . -0.62 -46.81 34.99
C17 XAT V . -0.56 -49.10 34.17
C18 XAT V . -3.71 -46.43 31.49
C19 XAT V . -6.32 -46.85 35.89
C20 XAT V . -7.50 -43.87 39.44
O3 XAT V . 0.97 -48.11 30.54
O4 XAT V . -2.87 -48.61 32.47
C21 XAT V . -13.10 -34.61 49.43
C22 XAT V . -14.05 -34.21 50.55
C23 XAT V . -14.73 -35.45 51.10
C24 XAT V . -13.68 -36.14 51.94
C25 XAT V . -12.50 -36.61 51.08
C26 XAT V . -12.25 -35.86 49.75
C27 XAT V . -10.80 -35.88 49.29
C28 XAT V . -10.60 -36.76 48.31
C29 XAT V . -9.30 -37.02 47.66
C30 XAT V . -9.25 -38.03 46.79
C31 XAT V . -8.04 -38.41 46.05
C32 XAT V . -8.17 -39.38 45.15
C33 XAT V . -7.05 -39.86 44.32
C34 XAT V . -7.34 -40.68 43.29
C35 XAT V . -6.31 -41.24 42.41
C36 XAT V . -12.18 -33.44 49.12
C37 XAT V . -13.92 -34.93 48.19
C38 XAT V . -11.22 -37.13 51.71
C39 XAT V . -8.11 -36.16 47.94
C40 XAT V . -5.65 -39.46 44.63
O23 XAT V . -15.84 -35.08 51.94
O24 XAT V . -12.87 -37.14 49.80
C1 A1L1G W . 1.99 -46.65 59.20
C5 A1L1G W . 3.72 -45.39 57.87
C4 A1L1G W . 3.12 -46.76 61.44
C3 A1L1G W . 4.43 -47.25 59.40
C2 A1L1G W . -0.20 -47.18 57.91
C10 A1L1G W . 0.64 -46.57 61.35
C11 A1L1G W . 1.95 -46.19 60.67
C12 A1L1G W . 3.18 -47.72 57.28
C14 A1L1G W . -15.13 -50.76 47.58
C17 A1L1G W . -15.70 -48.51 45.72
C18 A1L1G W . -17.41 -52.52 47.50
C19 A1L1G W . -17.65 -51.12 49.55
C20 A1L1G W . -16.78 -49.05 46.62
C21 A1L1G W . -18.18 -48.76 46.18
C22 A1L1G W . -19.15 -49.17 47.29
C23 A1L1G W . -19.03 -50.65 47.56
C24 A1L1G W . -17.63 -51.10 48.02
C25 A1L1G W . -16.51 -50.17 47.53
C26 A1L1G W . -12.57 -52.14 47.79
C27 A1L1G W . -7.76 -50.81 50.12
C28 A1L1G W . -6.05 -46.00 55.24
C29 A1L1G W . -14.18 -50.31 48.39
C30 A1L1G W . -12.89 -50.84 48.48
C31 A1L1G W . -11.90 -50.19 49.20
C32 A1L1G W . -10.54 -50.21 48.98
C33 A1L1G W . -9.61 -49.32 49.48
C34 A1L1G W . -8.54 -49.58 50.34
C35 A1L1G W . -8.16 -48.73 51.38
C36 A1L1G W . -7.01 -48.77 52.14
C37 A1L1G W . -6.71 -48.15 53.34
C38 A1L1G W . -5.54 -48.11 54.08
C39 A1L1G W . -5.17 -47.17 55.04
C40 A1L1G W . -4.01 -47.28 55.83
C41 A1L1G W . -3.46 -46.33 56.65
C42 A1L1G W . -2.63 -46.50 57.73
C43 A1L1G W . -0.88 -44.77 57.91
C44 A1L1G W . -1.28 -46.19 57.84
C45 A1L1G W . 0.88 -46.93 58.59
C6 A1L1G W . 3.32 -46.75 58.45
C8 A1L1G W . 4.44 -46.52 60.73
O13 A1L1G W . -12.56 -51.95 46.40
O15 A1L1G W . -16.57 -48.82 48.03
O16 A1L1G W . -20.48 -48.84 46.91
O7 A1L1G W . 5.52 -46.98 61.53
O9 A1L1G W . 2.12 -44.76 60.73
C1 XAT X . -14.22 -31.55 43.20
C2 XAT X . -15.13 -30.36 43.34
C3 XAT X . -16.57 -30.78 43.16
C4 XAT X . -16.89 -31.53 44.43
C5 XAT X . -16.18 -32.88 44.36
C6 XAT X . -14.83 -32.90 43.61
C7 XAT X . -13.87 -33.96 44.13
C8 XAT X . -13.69 -34.93 43.23
C9 XAT X . -12.84 -36.11 43.38
C10 XAT X . -12.87 -36.96 42.36
C11 XAT X . -12.12 -38.21 42.27
C12 XAT X . -12.17 -38.82 41.10
C13 XAT X . -11.47 -40.08 40.85
C14 XAT X . -11.80 -40.80 39.78
C15 XAT X . -11.15 -42.07 39.51
C16 XAT X . -12.94 -31.32 44.01
C17 XAT X . -13.79 -31.66 41.74
C18 XAT X . -16.19 -33.88 45.52
C19 XAT X . -11.98 -36.35 44.60
C20 XAT X . -10.41 -40.56 41.80
O3 XAT X . -17.42 -29.65 42.99
O4 XAT X . -16.04 -33.41 43.04
C21 XAT X . -6.87 -52.45 33.85
C22 XAT X . -6.34 -53.88 33.74
C23 XAT X . -6.74 -54.66 34.97
C24 XAT X . -8.23 -54.91 34.79
C25 XAT X . -8.96 -53.58 35.01
C26 XAT X . -8.20 -52.30 34.61
C27 XAT X . -9.11 -51.17 34.18
C28 XAT X . -9.09 -50.15 35.01
C29 XAT X . -9.88 -48.92 34.83
C30 XAT X . -9.83 -48.04 35.84
C31 XAT X . -10.56 -46.78 35.84
C32 XAT X . -10.41 -46.03 36.92
C33 XAT X . -11.09 -44.73 37.09
C34 XAT X . -10.84 -44.03 38.19
C35 XAT X . -11.49 -42.76 38.43
C36 XAT X . -7.06 -51.89 32.43
C37 XAT X . -5.82 -51.60 34.55
C38 XAT X . -10.47 -53.43 34.80
C39 XAT X . -10.70 -48.67 33.60
C40 XAT X . -12.02 -44.22 36.04
O23 XAT X . -6.04 -55.91 35.02
O24 XAT X . -8.33 -52.73 35.98
MG CLA Y . -3.66 -59.70 32.24
CHA CLA Y . -2.49 -60.08 35.48
CHB CLA Y . -3.44 -63.06 31.77
CHC CLA Y . -4.89 -59.28 29.06
CHD CLA Y . -3.87 -56.21 32.77
NA CLA Y . -3.04 -61.29 33.46
C1A CLA Y . -2.60 -61.25 34.79
C2A CLA Y . -2.25 -62.64 35.28
C3A CLA Y . -2.50 -63.55 34.06
C4A CLA Y . -3.04 -62.59 33.01
CMA CLA Y . -1.23 -64.23 33.61
CAA CLA Y . -3.16 -63.07 36.44
CBA CLA Y . -4.61 -62.73 36.17
CGA CLA Y . -5.44 -63.01 37.38
O1A CLA Y . -5.22 -62.68 38.56
O2A CLA Y . -6.56 -63.74 37.11
NB CLA Y . -4.11 -60.93 30.72
C1B CLA Y . -3.94 -62.28 30.72
C2B CLA Y . -4.35 -62.85 29.40
C3B CLA Y . -4.76 -61.79 28.62
C4B CLA Y . -4.61 -60.55 29.46
CMB CLA Y . -4.28 -64.27 29.08
CAB CLA Y . -5.23 -61.78 27.27
CBB CLA Y . -6.38 -61.23 26.84
NC CLA Y . -4.25 -58.03 31.13
C1C CLA Y . -4.72 -58.09 29.84
C2C CLA Y . -5.04 -56.76 29.36
C3C CLA Y . -4.76 -55.88 30.41
C4C CLA Y . -4.26 -56.69 31.51
CMC CLA Y . -5.56 -56.46 28.03
CAC CLA Y . -4.93 -54.42 30.40
CBC CLA Y . -3.89 -53.71 29.56
ND CLA Y . -3.23 -58.38 33.71
C1D CLA Y . -3.39 -56.97 33.82
C2D CLA Y . -2.96 -56.54 35.17
C3D CLA Y . -2.59 -57.69 35.84
C4D CLA Y . -2.80 -58.80 34.90
CMD CLA Y . -2.96 -55.17 35.65
CAD CLA Y . -2.08 -58.23 37.09
OBD CLA Y . -1.71 -57.66 38.10
CBD CLA Y . -2.05 -59.79 36.90
CGD CLA Y . -0.70 -60.39 37.23
O1D CLA Y . 0.04 -61.03 36.47
O2D CLA Y . -0.29 -60.16 38.51
CED CLA Y . 0.45 -61.19 39.16
C1 CLA Y . -7.72 -63.44 37.91
MG CLA Z . -5.10 -60.35 45.76
CHA CLA Z . -2.63 -59.30 47.98
CHB CLA Z . -3.67 -63.43 45.65
CHC CLA Z . -7.59 -61.35 43.63
CHD CLA Z . -6.54 -57.11 45.92
NA CLA Z . -3.41 -61.20 46.66
C1A CLA Z . -2.51 -60.60 47.57
C2A CLA Z . -1.44 -61.60 47.99
C3A CLA Z . -1.73 -62.85 47.14
C4A CLA Z . -3.03 -62.49 46.43
CMA CLA Z . -0.62 -63.16 46.17
CAA CLA Z . -1.55 -61.94 49.47
CBA CLA Z . -2.99 -61.93 49.95
CGA CLA Z . -3.50 -63.31 50.20
O1A CLA Z . -3.82 -64.18 49.39
O2A CLA Z . -3.62 -63.58 51.54
NB CLA Z . -5.55 -62.07 44.83
C1B CLA Z . -4.86 -63.23 44.91
C2B CLA Z . -5.53 -64.29 44.12
C3B CLA Z . -6.64 -63.71 43.54
C4B CLA Z . -6.66 -62.28 43.98
CMB CLA Z . -5.02 -65.66 44.01
CAB CLA Z . -7.63 -64.29 42.66
CBB CLA Z . -7.89 -63.87 41.42
NC CLA Z . -6.74 -59.40 44.91
C1C CLA Z . -7.63 -60.00 44.06
C2C CLA Z . -8.66 -59.04 43.66
C3C CLA Z . -8.37 -57.85 44.32
C4C CLA Z . -7.17 -58.07 45.11
CMC CLA Z . -9.77 -59.33 42.74
CAC CLA Z . -9.13 -56.58 44.23
CBC CLA Z . -10.19 -56.48 45.29
ND CLA Z . -4.71 -58.57 46.65
C1D CLA Z . -5.39 -57.33 46.65
C2D CLA Z . -4.67 -56.38 47.52
C3D CLA Z . -3.61 -57.08 48.06
C4D CLA Z . -3.67 -58.44 47.49
CMD CLA Z . -5.07 -54.99 47.76
CAD CLA Z . -2.44 -57.03 48.92
OBD CLA Z . -1.97 -56.08 49.55
CBD CLA Z . -1.81 -58.46 48.93
CGD CLA Z . -0.35 -58.43 48.56
O1D CLA Z . 0.18 -58.87 47.53
O2D CLA Z . 0.44 -57.86 49.50
CED CLA Z . 1.77 -58.35 49.66
MG CLA AA . 0.52 -48.24 38.51
CHA CLA AA . 3.14 -50.23 37.42
CHB CLA AA . 2.54 -45.50 38.29
CHC CLA AA . -2.15 -46.28 39.42
CHD CLA AA . -1.54 -51.11 38.63
NA CLA AA . 2.52 -47.95 37.97
C1A CLA AA . 3.44 -48.90 37.53
C2A CLA AA . 4.78 -48.26 37.22
C3A CLA AA . 4.61 -46.80 37.68
C4A CLA AA . 3.11 -46.71 38.00
CMA CLA AA . 5.48 -46.51 38.87
CAA CLA AA . 5.01 -48.30 35.72
CBA CLA AA . 3.76 -47.98 34.93
CGA CLA AA . 3.68 -46.50 34.65
O1A CLA AA . 4.54 -45.79 34.14
O2A CLA AA . 2.50 -45.92 35.04
NB CLA AA . 0.25 -46.26 38.81
C1B CLA AA . 1.18 -45.30 38.63
C2B CLA AA . 0.57 -43.96 38.87
C3B CLA AA . -0.75 -44.17 39.19
C4B CLA AA . -0.96 -45.65 39.17
CMB CLA AA . 1.35 -42.72 38.75
CAB CLA AA . -1.81 -43.25 39.51
CBB CLA AA . -1.68 -42.05 40.08
NC CLA AA . -1.46 -48.64 38.99
C1C CLA AA . -2.38 -47.69 39.36
C2C CLA AA . -3.67 -48.31 39.61
C3C CLA AA . -3.51 -49.68 39.36
C4C CLA AA . -2.12 -49.87 38.96
CMC CLA AA . -4.88 -47.60 40.04
CAC CLA AA . -4.54 -50.71 39.46
CBC CLA AA . -5.30 -50.82 38.16
ND CLA AA . 0.71 -50.22 38.20
C1D CLA AA . -0.22 -51.30 38.28
C2D CLA AA . 0.47 -52.56 37.93
C3D CLA AA . 1.76 -52.21 37.60
C4D CLA AA . 1.85 -50.75 37.77
CMD CLA AA . -0.17 -53.88 37.95
CAD CLA AA . 3.08 -52.67 37.19
OBD CLA AA . 3.49 -53.81 36.99
CBD CLA AA . 3.98 -51.42 37.01
CGD CLA AA . 5.22 -51.52 37.86
O1D CLA AA . 5.34 -52.07 38.96
O2D CLA AA . 6.32 -50.94 37.30
CED CLA AA . 7.41 -50.66 38.17
C1 CLA AA . 2.42 -44.48 34.90
C2 CLA AA . 1.01 -44.11 35.14
C3 CLA AA . 0.44 -42.93 34.80
C4 CLA AA . 1.21 -41.85 34.14
C5 CLA AA . -0.99 -42.67 35.08
C6 CLA AA . -1.84 -42.69 33.82
C7 CLA AA . -3.32 -42.61 34.14
C8 CLA AA . -4.18 -42.86 32.91
C9 CLA AA . -3.90 -41.83 31.83
C10 CLA AA . -5.66 -42.85 33.27
C11 CLA AA . -6.43 -43.89 32.49
C12 CLA AA . -7.60 -44.44 33.31
C13 CLA AA . -8.40 -45.48 32.53
C14 CLA AA . -7.50 -46.39 31.72
C15 CLA AA . -9.43 -44.81 31.61
MG CLA BA . -3.69 -37.42 40.03
CHA CLA BA . -0.41 -36.46 39.47
CHB CLA BA . -3.41 -39.77 37.58
CHC CLA BA . -6.94 -38.33 40.62
CHD CLA BA . -3.94 -34.95 42.55
NA CLA BA . -2.14 -38.01 38.76
C1A CLA BA . -0.84 -37.49 38.69
C2A CLA BA . -0.03 -38.22 37.61
C3A CLA BA . -1.02 -39.24 37.02
C4A CLA BA . -2.28 -39.01 37.84
CMA CLA BA . -1.26 -39.00 35.55
CAA CLA BA . 1.16 -38.95 38.20
CBA CLA BA . 2.08 -39.51 37.13
CGA CLA BA . 2.99 -38.42 36.63
O1A CLA BA . 3.75 -37.72 37.28
O2A CLA BA . 2.91 -38.24 35.28
NB CLA BA . -4.91 -38.85 39.31
C1B CLA BA . -4.65 -39.63 38.23
C2B CLA BA . -5.88 -40.33 37.80
C3B CLA BA . -6.89 -39.93 38.64
C4B CLA BA . -6.28 -38.97 39.61
CMB CLA BA . -5.93 -41.24 36.65
CAB CLA BA . -8.28 -40.28 38.67
CBB CLA BA . -9.12 -40.14 37.63
NC CLA BA . -5.16 -36.76 41.36
C1C CLA BA . -6.42 -37.29 41.43
C2C CLA BA . -7.18 -36.61 42.48
C3C CLA BA . -6.34 -35.64 43.03
C4C CLA BA . -5.06 -35.76 42.33
CMC CLA BA . -8.57 -36.91 42.81
CAC CLA BA . -6.66 -34.70 44.11
CBC CLA BA . -7.52 -33.55 43.66
ND CLA BA . -2.53 -35.96 40.82
C1D CLA BA . -2.75 -35.03 41.86
C2D CLA BA . -1.53 -34.20 42.03
C3D CLA BA . -0.61 -34.70 41.13
C4D CLA BA . -1.27 -35.81 40.42
CMD CLA BA . -1.41 -33.09 42.96
CAD CLA BA . 0.73 -34.57 40.58
OBD CLA BA . 1.60 -33.74 40.82
CBD CLA BA . 0.91 -35.72 39.54
CGD CLA BA . 1.32 -35.20 38.19
O1D CLA BA . 0.57 -34.89 37.26
O2D CLA BA . 2.66 -35.07 38.03
CED CLA BA . 3.15 -33.78 37.66
C1 CLA BA . 2.52 -36.93 34.83
C2 CLA BA . 2.42 -37.00 33.35
C3 CLA BA . 1.66 -36.15 32.64
C4 CLA BA . 0.86 -35.09 33.27
C5 CLA BA . 1.60 -36.27 31.15
C6 CLA BA . 0.22 -36.66 30.66
C7 CLA BA . -0.05 -38.12 30.92
C8 CLA BA . -1.46 -38.53 30.49
C9 CLA BA . -1.54 -38.64 28.98
C10 CLA BA . -2.50 -37.55 31.01
MG CLA CA . -11.86 -35.99 57.00
CHA CLA CA . -14.45 -34.02 58.19
CHB CLA CA . -11.34 -33.79 54.46
CHC CLA CA . -9.27 -37.96 55.90
CHD CLA CA . -12.44 -38.26 59.66
NA CLA CA . -12.77 -34.20 56.44
C1A CLA CA . -13.83 -33.54 57.06
C2A CLA CA . -14.19 -32.26 56.32
C3A CLA CA . -13.25 -32.26 55.10
C4A CLA CA . -12.38 -33.50 55.33
CMA CLA CA . -14.02 -32.33 53.80
CAA CLA CA . -13.94 -31.03 57.18
CBA CLA CA . -12.50 -30.97 57.68
CGA CLA CA . -12.37 -31.61 59.03
O1A CLA CA . -12.84 -31.26 60.11
O2A CLA CA . -11.60 -32.75 58.98
NB CLA CA . -10.57 -35.92 55.45
C1B CLA CA . -10.47 -34.89 54.57
C2B CLA CA . -9.29 -35.09 53.68
C3B CLA CA . -8.71 -36.27 54.07
C4B CLA CA . -9.52 -36.81 55.21
CMB CLA CA . -8.93 -34.16 52.62
CAB CLA CA . -7.54 -36.95 53.56
CBB CLA CA . -7.28 -37.17 52.28
NC CLA CA . -11.02 -37.79 57.66
C1C CLA CA . -9.97 -38.42 57.05
C2C CLA CA . -9.65 -39.65 57.76
C3C CLA CA . -10.54 -39.74 58.84
C4C CLA CA . -11.40 -38.56 58.75
CMC CLA CA . -8.57 -40.58 57.40
CAC CLA CA . -10.60 -40.81 59.85
CBC CLA CA . -9.91 -40.42 61.13
ND CLA CA . -13.10 -36.16 58.58
C1D CLA CA . -13.24 -37.15 59.60
C2D CLA CA . -14.36 -36.75 60.50
C3D CLA CA . -14.85 -35.56 60.01
C4D CLA CA . -14.04 -35.24 58.81
CMD CLA CA . -14.80 -37.53 61.65
CAD CLA CA . -15.83 -34.51 60.17
OBD CLA CA . -16.70 -34.37 61.03
CBD CLA CA . -15.61 -33.50 58.99
CGD CLA CA . -16.84 -33.34 58.16
O1D CLA CA . -17.10 -32.45 57.33
O2D CLA CA . -17.78 -34.31 58.36
CED CLA CA . -18.56 -34.73 57.24
C1 CLA CA . -11.34 -33.42 60.24
C2 CLA CA . -10.52 -34.61 59.90
C3 CLA CA . -9.94 -35.38 60.83
C4 CLA CA . -10.07 -35.11 62.28
C5 CLA CA . -9.12 -36.56 60.43
C6 CLA CA . -7.65 -36.37 60.72
C7 CLA CA . -6.86 -36.12 59.45
C8 CLA CA . -6.37 -37.41 58.78
C9 CLA CA . -5.97 -38.44 59.82
C10 CLA CA . -5.21 -37.12 57.84
C11 CLA CA . -3.93 -36.85 58.62
C12 CLA CA . -2.71 -36.92 57.73
C13 CLA CA . -1.45 -36.54 58.50
C14 CLA CA . -1.59 -35.18 59.13
C15 CLA CA . -0.21 -36.60 57.60
C16 CLA CA . 0.27 -38.01 57.45
C17 CLA CA . 1.69 -38.18 57.95
C18 CLA CA . 2.71 -37.64 56.96
C19 CLA CA . 4.12 -37.87 57.47
C20 CLA CA . 2.54 -38.28 55.61
MG CLA DA . -7.10 -24.59 62.00
CHA CLA DA . -10.57 -24.52 61.84
CHB CLA DA . -7.13 -21.78 63.91
CHC CLA DA . -3.67 -24.76 62.20
CHD CLA DA . -7.12 -27.47 59.95
NA CLA DA . -8.62 -23.37 62.74
C1A CLA DA . -10.01 -23.51 62.57
C2A CLA DA . -10.76 -22.38 63.28
C3A CLA DA . -9.63 -21.48 63.85
C4A CLA DA . -8.35 -22.25 63.50
CMA CLA DA . -9.66 -20.11 63.24
CAA CLA DA . -11.63 -22.93 64.41
CBA CLA DA . -10.81 -23.69 65.42
CGA CLA DA . -11.15 -23.24 66.81
O1A CLA DA . -10.70 -23.63 67.88
O2A CLA DA . -12.10 -22.26 66.82
NB CLA DA . -5.67 -23.46 62.86
C1B CLA DA . -5.89 -22.37 63.64
C2B CLA DA . -4.59 -21.88 64.20
C3B CLA DA . -3.61 -22.72 63.71
C4B CLA DA . -4.29 -23.73 62.86
CMB CLA DA . -4.49 -20.72 65.07
CAB CLA DA . -2.19 -22.69 63.94
CBB CLA DA . -1.47 -23.69 64.48
NC CLA DA . -5.66 -25.89 61.22
C1C CLA DA . -4.31 -25.78 61.44
C2C CLA DA . -3.61 -26.85 60.75
C3C CLA DA . -4.59 -27.62 60.11
C4C CLA DA . -5.87 -27.00 60.41
CMC CLA DA . -2.17 -27.05 60.77
CAC CLA DA . -4.39 -28.82 59.29
CBC CLA DA . -4.40 -30.08 60.13
ND CLA DA . -8.47 -25.80 61.12
C1D CLA DA . -8.34 -26.92 60.26
C2D CLA DA . -9.69 -27.35 59.82
C3D CLA DA . -10.58 -26.49 60.44
C4D CLA DA . -9.77 -25.53 61.22
CMD CLA DA . -9.97 -28.48 58.95
CAD CLA DA . -11.98 -26.13 60.63
OBD CLA DA . -12.98 -26.70 60.23
CBD CLA DA . -12.01 -24.82 61.48
CGD CLA DA . -12.64 -23.69 60.73
O1D CLA DA . -12.08 -22.78 60.10
O2D CLA DA . -14.01 -23.69 60.77
CED CLA DA . -14.63 -23.45 62.04
C1 CLA DA . -12.20 -21.47 68.03
MG CLA EA . 0.73 -32.17 46.27
CHA CLA EA . 2.36 -34.36 44.15
CHB CLA EA . 3.36 -30.02 46.07
CHC CLA EA . -1.08 -29.88 48.07
CHD CLA EA . -1.96 -34.46 46.49
NA CLA EA . 2.58 -32.23 45.32
C1A CLA EA . 3.06 -33.23 44.45
C2A CLA EA . 4.47 -32.88 43.97
C3A CLA EA . 4.85 -31.65 44.83
C4A CLA EA . 3.51 -31.24 45.45
CMA CLA EA . 5.87 -31.99 45.86
CAA CLA EA . 4.48 -32.56 42.48
CBA CLA EA . 3.44 -31.52 42.10
CGA CLA EA . 3.59 -31.20 40.64
O1A CLA EA . 4.37 -31.68 39.83
O2A CLA EA . 2.71 -30.25 40.21
NB CLA EA . 1.10 -30.32 46.99
C1B CLA EA . 2.18 -29.56 46.69
C2B CLA EA . 1.96 -28.16 47.12
C3B CLA EA . 0.70 -28.11 47.69
C4B CLA EA . 0.15 -29.49 47.63
CMB CLA EA . 2.97 -27.12 46.93
CAB CLA EA . -0.04 -27.02 48.28
CBB CLA EA . 0.09 -25.72 47.99
NC CLA EA . -1.15 -32.20 47.17
C1C CLA EA . -1.69 -31.16 47.89
C2C CLA EA . -3.02 -31.52 48.37
C3C CLA EA . -3.28 -32.81 47.91
C4C CLA EA . -2.09 -33.23 47.15
CMC CLA EA . -3.89 -30.65 49.16
CAC CLA EA . -4.49 -33.61 48.13
CBC CLA EA . -4.40 -34.43 49.39
ND CLA EA . 0.28 -34.02 45.60
C1D CLA EA . -0.86 -34.83 45.75
C2D CLA EA . -0.68 -36.08 44.96
C3D CLA EA . 0.53 -35.94 44.30
C4D CLA EA . 1.08 -34.64 44.74
CMD CLA EA . -1.64 -37.18 44.90
CAD CLA EA . 1.49 -36.56 43.41
OBD CLA EA . 1.46 -37.64 42.85
CBD CLA EA . 2.68 -35.54 43.26
CGD CLA EA . 4.01 -36.18 43.56
O1D CLA EA . 4.75 -35.95 44.52
O2D CLA EA . 4.40 -37.08 42.62
CED CLA EA . 5.79 -37.33 42.48
C1 CLA EA . 1.45 -30.70 39.68
C2 CLA EA . 1.33 -30.13 38.31
C3 CLA EA . 0.26 -30.35 37.54
C4 CLA EA . 0.14 -29.77 36.19
C5 CLA EA . -0.88 -31.20 38.00
C6 CLA EA . -1.42 -32.10 36.90
MG CLA FA . 2.94 -46.36 54.36
CHA CLA FA . 6.37 -45.85 54.55
CHB CLA FA . 3.47 -49.72 54.15
CHC CLA FA . -0.44 -46.82 54.29
CHD CLA FA . 2.48 -42.86 54.41
NA CLA FA . 4.65 -47.57 54.38
C1A CLA FA . 5.99 -47.16 54.48
C2A CLA FA . 6.93 -48.37 54.46
C3A CLA FA . 5.98 -49.55 54.15
C4A CLA FA . 4.59 -48.93 54.26
CMA CLA FA . 6.26 -50.13 52.79
CAA CLA FA . 7.60 -48.55 55.80
CBA CLA FA . 6.61 -48.65 56.96
CGA CLA FA . 6.13 -50.06 57.16
O1A CLA FA . 6.78 -51.10 57.12
O2A CLA FA . 4.79 -50.14 57.41
NB CLA FA . 1.74 -47.97 54.21
C1B CLA FA . 2.14 -49.27 54.20
C2B CLA FA . 0.95 -50.16 54.20
C3B CLA FA . -0.16 -49.35 54.24
C4B CLA FA . 0.33 -47.94 54.26
CMB CLA FA . 1.07 -51.61 54.18
CAB CLA FA . -1.57 -49.68 54.27
CBB CLA FA . -2.15 -50.58 53.47
NC CLA FA . 1.32 -45.06 54.36
C1C CLA FA . 0.01 -45.47 54.33
C2C CLA FA . -0.87 -44.29 54.35
C3C CLA FA . -0.04 -43.18 54.37
C4C CLA FA . 1.33 -43.67 54.38
CMC CLA FA . -2.33 -44.33 54.33
CAC CLA FA . -0.44 -41.76 54.41
CBC CLA FA . -0.37 -41.18 55.80
ND CLA FA . 4.08 -44.70 54.53
C1D CLA FA . 3.77 -43.32 54.48
C2D CLA FA . 5.03 -42.53 54.54
C3D CLA FA . 6.06 -43.46 54.59
C4D CLA FA . 5.42 -44.79 54.55
CMD CLA FA . 5.09 -41.08 54.55
CAD CLA FA . 7.49 -43.68 54.66
OBD CLA FA . 8.40 -42.86 54.80
CBD CLA FA . 7.73 -45.21 54.54
CGD CLA FA . 8.31 -45.55 53.20
O1D CLA FA . 7.71 -45.55 52.12
O2D CLA FA . 9.63 -45.89 53.20
CED CLA FA . 10.09 -46.47 51.97
C1 CLA FA . 4.20 -51.46 57.42
C2 CLA FA . 2.72 -51.27 57.33
C3 CLA FA . 1.85 -51.86 58.15
C4 CLA FA . 2.26 -52.79 59.22
C5 CLA FA . 0.39 -51.61 58.01
C6 CLA FA . -0.22 -50.99 59.25
C7 CLA FA . -1.62 -50.48 58.99
MG CLA GA . -6.24 -54.20 53.42
CHA CLA GA . -3.51 -56.34 53.53
CHB CLA GA . -4.85 -52.29 55.87
CHC CLA GA . -9.00 -52.15 53.31
CHD CLA GA . -7.62 -56.19 50.84
NA CLA GA . -4.45 -54.31 54.49
C1A CLA GA . -3.44 -55.27 54.39
C2A CLA GA . -2.31 -54.97 55.37
C3A CLA GA . -2.77 -53.69 56.09
C4A CLA GA . -4.12 -53.39 55.45
CMA CLA GA . -2.89 -53.89 57.59
CAA CLA GA . -0.98 -54.72 54.67
CBA CLA GA . 0.18 -54.79 55.65
CGA CLA GA . 0.38 -56.20 56.12
O1A CLA GA . 0.90 -57.14 55.52
O2A CLA GA . -0.12 -56.42 57.37
NB CLA GA . -6.79 -52.51 54.36
C1B CLA GA . -6.11 -51.91 55.37
C2B CLA GA . -6.91 -50.78 55.93
C3B CLA GA . -8.08 -50.72 55.21
C4B CLA GA . -8.03 -51.83 54.22
CMB CLA GA . -6.44 -49.95 57.03
CAB CLA GA . -9.20 -49.82 55.37
CBB CLA GA . -9.87 -49.22 54.40
NC CLA GA . -7.99 -54.19 52.27
C1C CLA GA . -8.99 -53.26 52.41
C2C CLA GA . -10.07 -53.56 51.47
C3C CLA GA . -9.68 -54.69 50.75
C4C CLA GA . -8.36 -55.07 51.26
CMC CLA GA . -11.31 -52.80 51.36
CAC CLA GA . -10.43 -55.38 49.69
CBC CLA GA . -11.23 -56.54 50.23
ND CLA GA . -5.77 -55.89 52.42
C1D CLA GA . -6.42 -56.59 51.36
C2D CLA GA . -5.60 -57.77 50.99
C3D CLA GA . -4.49 -57.74 51.81
C4D CLA GA . -4.63 -56.53 52.66
CMD CLA GA . -5.98 -58.74 49.97
CAD CLA GA . -3.24 -58.38 52.18
OBD CLA GA . -2.76 -59.43 51.79
CBD CLA GA . -2.56 -57.48 53.25
CGD CLA GA . -2.25 -58.27 54.50
O1D CLA GA . -1.24 -58.92 54.75
O2D CLA GA . -3.25 -58.24 55.43
CED CLA GA . -3.54 -59.44 56.12
MG CLA HA . -18.84 -47.75 40.41
CHA CLA HA . -22.27 -47.60 39.98
CHB CLA HA . -19.19 -50.61 42.24
CHC CLA HA . -15.41 -47.89 40.77
CHD CLA HA . -18.51 -44.76 38.56
NA CLA HA . -20.48 -48.90 40.98
C1A CLA HA . -21.84 -48.68 40.70
C2A CLA HA . -22.71 -49.77 41.31
C3A CLA HA . -21.70 -50.66 42.08
C4A CLA HA . -20.35 -50.03 41.74
CMA CLA HA . -21.98 -50.66 43.56
CAA CLA HA . -23.37 -50.59 40.21
CBA CLA HA . -22.49 -51.75 39.77
CGA CLA HA . -22.77 -52.11 38.35
O1A CLA HA . -23.61 -51.62 37.59
O2A CLA HA . -21.99 -53.13 37.86
NB CLA HA . -17.55 -49.03 41.30
C1B CLA HA . -17.90 -50.12 42.03
C2B CLA HA . -16.69 -50.73 42.64
C3B CLA HA . -15.61 -49.97 42.23
C4B CLA HA . -16.15 -48.87 41.37
CMB CLA HA . -16.75 -51.90 43.51
CAB CLA HA . -14.21 -50.09 42.53
CBB CLA HA . -13.67 -50.44 43.69
NC CLA HA . -17.26 -46.54 39.78
C1C CLA HA . -15.93 -46.79 40.03
C2C CLA HA . -15.11 -45.75 39.43
C3C CLA HA . -15.98 -44.85 38.81
C4C CLA HA . -17.33 -45.35 39.03
CMC CLA HA . -13.65 -45.71 39.50
CAC CLA HA . -15.62 -43.63 38.07
CBC CLA HA . -15.71 -43.80 36.57
ND CLA HA . -20.05 -46.43 39.50
C1D CLA HA . -19.79 -45.23 38.77
C2D CLA HA . -21.07 -44.66 38.31
C3D CLA HA . -22.06 -45.52 38.76
C4D CLA HA . -21.37 -46.61 39.48
CMD CLA HA . -21.21 -43.42 37.54
CAD CLA HA . -23.49 -45.79 38.81
OBD CLA HA . -24.42 -45.13 38.38
CBD CLA HA . -23.66 -47.14 39.59
CGD CLA HA . -24.57 -46.98 40.77
O1D CLA HA . -25.75 -47.32 40.88
O2D CLA HA . -23.96 -46.37 41.84
CED CLA HA . -24.70 -46.31 43.06
C1 CLA HA . -22.00 -53.31 36.43
C2 CLA HA . -20.73 -54.00 36.09
C3 CLA HA . -20.65 -55.33 35.94
C4 CLA HA . -21.82 -56.22 36.08
C5 CLA HA . -19.34 -55.97 35.60
C6 CLA HA . -19.46 -57.07 34.56
C7 CLA HA . -18.10 -57.66 34.24
MG CLA IA . -15.41 -37.82 36.52
CHA CLA IA . -18.81 -37.13 36.50
CHB CLA IA . -15.96 -40.53 34.54
CHC CLA IA . -12.02 -38.38 36.45
CHD CLA IA . -14.89 -35.01 38.61
NA CLA IA . -17.12 -38.68 35.69
C1A CLA IA . -18.44 -38.24 35.78
C2A CLA IA . -19.39 -39.15 35.02
C3A CLA IA . -18.47 -40.30 34.53
C4A CLA IA . -17.08 -39.82 34.93
CMA CLA IA . -18.81 -41.60 35.21
CAA CLA IA . -20.00 -38.43 33.83
CBA CLA IA . -18.95 -37.72 33.00
CGA CLA IA . -19.48 -37.39 31.64
O1A CLA IA . -18.86 -37.07 30.62
O2A CLA IA . -20.84 -37.46 31.56
NB CLA IA . -14.22 -39.20 35.67
C1B CLA IA . -14.63 -40.21 34.85
C2B CLA IA . -13.45 -40.96 34.33
C3B CLA IA . -12.33 -40.35 34.87
C4B CLA IA . -12.81 -39.23 35.73
CMB CLA IA . -13.58 -42.10 33.43
CAB CLA IA . -10.94 -40.65 34.71
CBB CLA IA . -10.33 -41.00 33.57
NC CLA IA . -13.76 -36.87 37.39
C1C CLA IA . -12.47 -37.28 37.23
C2C CLA IA . -11.57 -36.38 37.96
C3C CLA IA . -12.38 -35.42 38.57
C4C CLA IA . -13.76 -35.74 38.21
CMC CLA IA . -10.12 -36.53 37.97
CAC CLA IA . -11.96 -34.26 39.40
CBC CLA IA . -11.17 -34.58 40.64
ND CLA IA . -16.53 -36.39 37.41
C1D CLA IA . -16.20 -35.30 38.25
C2D CLA IA . -17.43 -34.57 38.62
C3D CLA IA . -18.46 -35.23 37.96
C4D CLA IA . -17.85 -36.35 37.23
CMD CLA IA . -17.49 -33.39 39.48
CAD CLA IA . -19.90 -35.28 37.71
OBD CLA IA . -20.79 -34.54 38.12
CBD CLA IA . -20.15 -36.49 36.77
CGD CLA IA . -21.11 -37.49 37.39
O1D CLA IA . -20.95 -38.17 38.40
O2D CLA IA . -22.28 -37.62 36.70
CED CLA IA . -23.15 -36.48 36.64
C1 CLA IA . -21.42 -37.32 30.25
O6 SQD JA . -4.90 -58.71 39.91
C44 SQD JA . -5.19 -59.42 38.72
C45 SQD JA . -6.49 -59.00 38.06
C46 SQD JA . -6.55 -59.65 36.69
O47 SQD JA . -7.62 -59.46 38.80
C7 SQD JA . -8.60 -58.42 39.04
O49 SQD JA . -8.31 -57.46 39.72
C8 SQD JA . -9.96 -58.55 38.39
C9 SQD JA . -11.03 -57.82 39.20
C10 SQD JA . -11.13 -56.36 38.79
C11 SQD JA . -11.68 -56.18 37.39
C12 SQD JA . -13.18 -56.43 37.35
C13 SQD JA . -13.83 -55.70 36.16
C14 SQD JA . -13.26 -56.19 34.83
O48 SQD JA . -6.77 -58.66 35.67
C23 SQD JA . -7.19 -59.09 34.35
O10 SQD JA . -7.42 -60.26 34.16
C24 SQD JA . -7.35 -58.08 33.24
C25 SQD JA . -8.09 -58.70 32.06
C26 SQD JA . -8.47 -57.62 31.06
C27 SQD JA . -9.22 -58.21 29.88
C1 SQD JA . -3.73 -59.28 40.48
C2 SQD JA . -3.33 -58.52 41.74
O2 SQD JA . -1.96 -58.10 41.63
C3 SQD JA . -3.45 -59.44 42.92
O3 SQD JA . -4.80 -59.94 42.91
C4 SQD JA . -2.52 -60.62 42.70
O4 SQD JA . -1.19 -60.13 42.56
C5 SQD JA . -2.93 -61.35 41.44
C6 SQD JA . -3.43 -62.75 41.74
O5 SQD JA . -4.00 -60.63 40.80
S SQD JA . -2.53 -63.87 40.92
O7 SQD JA . -1.52 -64.41 41.78
O8 SQD JA . -3.52 -65.09 40.42
O9 SQD JA . -1.94 -63.27 39.78
C1 A1L1G KA . -5.02 78.37 -25.10
C5 A1L1G KA . -5.14 80.81 -25.69
C4 A1L1G KA . -7.36 77.73 -25.70
C3 A1L1G KA . -6.94 79.77 -24.31
C2 A1L1G KA . -2.84 77.30 -24.14
C10 A1L1G KA . -5.48 76.19 -26.29
C11 A1L1G KA . -5.89 77.64 -26.12
C12 A1L1G KA . -4.66 80.14 -23.34
C14 A1L1G KA . 11.91 68.50 -17.09
C17 A1L1G KA . 11.51 65.54 -17.00
C18 A1L1G KA . 13.37 68.72 -19.71
C19 A1L1G KA . 14.84 69.28 -17.78
C20 A1L1G KA . 12.82 66.11 -17.44
C21 A1L1G KA . 13.71 65.21 -18.24
C22 A1L1G KA . 15.10 65.81 -18.25
C23 A1L1G KA . 15.09 67.14 -18.98
C24 A1L1G KA . 14.06 68.16 -18.47
C25 A1L1G KA . 13.02 67.56 -17.52
C26 A1L1G KA . 10.04 70.23 -15.85
C27 A1L1G KA . 4.74 72.09 -17.34
C28 A1L1G KA . 1.91 73.71 -23.75
C29 A1L1G KA . 10.81 68.81 -17.76
C30 A1L1G KA . 9.92 69.79 -17.28
C31 A1L1G KA . 8.94 70.36 -18.09
C32 A1L1G KA . 7.76 70.96 -17.71
C33 A1L1G KA . 6.53 70.68 -18.27
C34 A1L1G KA . 5.47 71.53 -18.51
C35 A1L1G KA . 5.02 71.90 -19.79
C36 A1L1G KA . 4.08 72.86 -20.09
C37 A1L1G KA . 3.23 73.02 -21.17
C38 A1L1G KA . 2.03 73.70 -21.28
C39 A1L1G KA . 1.39 74.15 -22.45
C40 A1L1G KA . 0.28 75.02 -22.43
C41 A1L1G KA . -0.76 75.11 -23.35
C42 A1L1G KA . -0.81 75.84 -24.52
C43 A1L1G KA . -1.93 76.94 -26.44
C44 A1L1G KA . -1.83 76.67 -24.99
C45 A1L1G KA . -3.93 77.81 -24.64
C6 A1L1G KA . -5.44 79.76 -24.61
C8 A1L1G KA . -7.78 79.16 -25.42
O13 A1L1G KA . 8.77 70.17 -15.25
O15 A1L1G KA . 13.56 66.82 -16.39
O16 A1L1G KA . 16.00 64.91 -18.89
O7 A1L1G KA . -9.16 79.19 -25.05
O9 A1L1G KA . -5.82 78.31 -27.38
C8 A1L1F LA . 7.78 47.52 -36.78
C5 A1L1F LA . 6.94 50.10 -35.44
C4 A1L1F LA . 7.25 46.45 -35.86
C6 A1L1F LA . 5.99 49.10 -36.07
C10 A1L1F LA . 6.06 46.07 -33.68
C11 A1L1F LA . 6.68 47.08 -34.62
C2 A1L1F LA . 3.34 48.01 -34.06
C3 A1L1F LA . 6.64 48.40 -37.23
C1 A1L1F LA . 5.62 48.06 -35.06
C12 A1L1F LA . 4.71 49.79 -36.54
C14 A1L1F LA . -14.45 48.07 -27.56
C17 A1L1F LA . -15.26 45.55 -26.78
C18 A1L1F LA . -16.40 50.14 -27.16
C19 A1L1F LA . -17.03 49.19 -29.35
C20 A1L1F LA . -16.36 46.31 -27.52
C21 A1L1F LA . -17.75 46.22 -26.93
C22 A1L1F LA . -18.65 47.14 -27.73
C23 A1L1F LA . -18.27 48.55 -27.33
C24 A1L1F LA . -16.91 48.89 -27.87
C25 A1L1F LA . -15.90 47.76 -27.68
C26 A1L1F LA . -11.73 48.63 -27.14
C27 A1L1F LA . -7.18 49.04 -29.37
C28 A1L1F LA . -3.29 46.82 -34.75
C29 A1L1F LA . -13.67 47.93 -28.62
C30 A1L1F LA . -12.24 48.22 -28.47
C31 A1L1F LA . -11.43 48.13 -29.52
C32 A1L1F LA . -10.00 48.40 -29.42
C33 A1L1F LA . -9.29 48.19 -30.51
C34 A1L1F LA . -7.83 48.41 -30.53
C35 A1L1F LA . -7.13 48.03 -31.60
C36 A1L1F LA . -5.69 48.22 -31.65
C37 A1L1F LA . -4.94 47.57 -32.52
C38 A1L1F LA . -3.50 47.80 -32.50
C39 A1L1F LA . -2.71 47.46 -33.53
C40 A1L1F LA . -1.27 47.72 -33.44
C41 A1L1F LA . -0.41 47.51 -34.43
C42 A1L1F LA . 0.97 47.85 -34.08
C43 A1L1F LA . 2.13 46.70 -35.95
C44 A1L1F LA . 2.11 47.52 -34.70
C45 A1L1F LA . -12.58 50.89 -26.61
C47 A1L1F LA . -12.66 52.33 -27.05
C48 A1L1F LA . -13.37 53.16 -25.99
C49 A1L1F LA . -12.38 54.03 -25.22
C50 A1L1F LA . -11.05 54.16 -25.95
C51 A1L1F LA . -9.88 53.79 -25.05
C52 A1L1F LA . -8.89 52.92 -25.80
C53 A1L1F LA . -8.18 51.96 -24.88
C54 A1L1F LA . 9.34 45.94 -37.79
C56 A1L1F LA . 10.77 46.28 -38.07
C57 A1L1F LA . 4.47 48.02 -34.58
O13 A1L1F LA . -11.56 50.03 -27.13
O15 A1L1F LA . -16.07 46.88 -28.78
O16 A1L1F LA . -20.00 46.89 -27.36
O46 A1L1F LA . -13.38 50.44 -25.82
O55 A1L1F LA . 9.00 44.83 -37.43
O7 A1L1F LA . 8.32 46.95 -37.96
O9 A1L1F LA . 7.75 47.74 -33.97
C1 XAT MA . -1.03 54.91 -18.97
C2 XAT MA . -2.48 54.47 -18.99
C3 XAT MA . -2.91 54.07 -20.38
C4 XAT MA . -2.20 52.77 -20.66
C5 XAT MA . -0.67 52.85 -20.56
C6 XAT MA . -0.06 54.04 -19.79
C7 XAT MA . 1.24 53.66 -19.09
C8 XAT MA . 2.29 54.48 -19.18
C9 XAT MA . 3.56 54.17 -18.51
C10 XAT MA . 3.95 54.97 -17.51
C11 XAT MA . 5.19 54.75 -16.79
C12 XAT MA . 5.56 55.67 -15.89
C13 XAT MA . 6.81 55.52 -15.14
C14 XAT MA . 7.11 56.40 -14.17
C15 XAT MA . 8.35 56.24 -13.42
C16 XAT MA . -0.53 54.89 -17.55
C17 XAT MA . -0.95 56.37 -19.41
C18 XAT MA . 0.18 51.60 -20.44
C19 XAT MA . 4.41 53.01 -18.94
C20 XAT MA . 7.76 54.41 -15.48
O3 XAT MA . -4.32 53.87 -20.40
O4 XAT MA . -0.09 53.98 -21.23
C21 XAT MA . 17.70 56.65 -5.10
C22 XAT MA . 19.06 56.36 -4.50
C23 XAT MA . 20.10 56.17 -5.57
C24 XAT MA . 20.30 57.55 -6.16
C25 XAT MA . 19.06 57.93 -6.97
C26 XAT MA . 17.71 57.38 -6.46
C27 XAT MA . 16.53 58.27 -6.76
C28 XAT MA . 15.63 57.76 -7.59
C29 XAT MA . 14.39 58.44 -8.02
C30 XAT MA . 13.61 57.78 -8.88
C31 XAT MA . 12.35 58.29 -9.41
C32 XAT MA . 11.78 57.52 -10.32
C33 XAT MA . 10.51 57.85 -10.99
C34 XAT MA . 10.02 56.96 -11.86
C35 XAT MA . 8.76 57.18 -12.57
C36 XAT MA . 16.90 57.50 -4.13
C37 XAT MA . 16.96 55.33 -5.28
C38 XAT MA . 18.87 59.33 -7.57
C39 XAT MA . 14.04 59.81 -7.51
C40 XAT MA . 9.79 59.13 -10.70
O23 XAT MA . 21.33 55.70 -4.98
O24 XAT MA . 18.40 56.84 -7.61
C1 XAT NA . 0.57 60.51 -32.21
C2 XAT NA . -0.85 59.95 -32.19
C3 XAT NA . -0.79 58.52 -32.69
C4 XAT NA . -0.23 57.71 -31.54
C5 XAT NA . 1.17 58.17 -31.11
C6 XAT NA . 1.60 59.61 -31.46
C7 XAT NA . 2.54 60.26 -30.45
C8 XAT NA . 2.20 60.73 -29.24
C9 XAT NA . 3.19 61.37 -28.35
C10 XAT NA . 2.75 61.88 -27.20
C11 XAT NA . 3.63 62.54 -26.25
C12 XAT NA . 3.09 62.94 -25.11
C13 XAT NA . 3.87 63.64 -24.07
C14 XAT NA . 3.24 64.03 -22.97
C15 XAT NA . 3.96 64.76 -21.93
C16 XAT NA . 0.49 61.94 -31.68
C17 XAT NA . 1.02 60.61 -33.65
C18 XAT NA . 1.77 57.59 -29.81
C19 XAT NA . 4.63 61.42 -28.73
C20 XAT NA . 5.33 63.92 -24.27
O3 XAT NA . -2.11 58.06 -33.03
O4 XAT NA . 2.06 58.45 -32.18
C21 XAT NA . 8.16 70.05 -11.69
C22 XAT NA . 9.00 70.85 -10.71
C23 XAT NA . 9.43 72.18 -11.32
C24 XAT NA . 8.16 73.01 -11.35
C25 XAT NA . 7.18 72.42 -12.36
C26 XAT NA . 7.26 70.91 -12.61
C27 XAT NA . 5.91 70.29 -12.98
C28 XAT NA . 5.91 69.71 -14.18
C29 XAT NA . 4.74 69.05 -14.79
C30 XAT NA . 4.96 68.43 -15.94
C31 XAT NA . 3.93 67.73 -16.70
C32 XAT NA . 4.33 67.26 -17.87
C33 XAT NA . 3.46 66.53 -18.81
C34 XAT NA . 4.04 65.98 -19.88
C35 XAT NA . 3.28 65.25 -20.89
C36 XAT NA . 7.30 69.05 -10.93
C37 XAT NA . 9.11 69.24 -12.57
C38 XAT NA . 5.73 72.92 -12.49
C39 XAT NA . 3.39 69.09 -14.14
C40 XAT NA . 1.98 66.40 -18.57
O23 XAT NA . 10.42 72.79 -10.51
O24 XAT NA . 7.78 71.87 -13.53
C1 XAT OA . 13.65 68.03 -12.31
C2 XAT OA . 13.19 68.71 -13.58
C3 XAT OA . 13.97 70.00 -13.75
C4 XAT OA . 15.41 69.66 -14.09
C5 XAT OA . 16.02 68.44 -13.38
C6 XAT OA . 15.13 67.60 -12.42
C7 XAT OA . 15.52 66.14 -12.53
C8 XAT OA . 15.55 65.32 -11.48
C9 XAT OA . 15.96 63.90 -11.58
C10 XAT OA . 15.09 62.89 -11.71
C11 XAT OA . 15.63 61.52 -11.76
C12 XAT OA . 14.86 60.47 -12.02
C13 XAT OA . 15.42 59.10 -12.02
C14 XAT OA . 14.60 58.05 -12.21
C15 XAT OA . 15.09 56.68 -12.18
C16 XAT OA . 12.71 66.87 -12.03
C17 XAT OA . 13.53 69.00 -11.13
C18 XAT OA . 17.06 67.57 -14.09
C19 XAT OA . 17.42 63.60 -11.50
C20 XAT OA . 16.89 58.88 -11.80
O3 XAT OA . 13.40 70.75 -14.83
O4 XAT OA . 16.12 68.55 -11.95
C21 XAT OA . 14.02 44.32 -8.91
C22 XAT OA . 15.14 43.28 -8.91
C23 XAT OA . 14.91 42.26 -9.99
C24 XAT OA . 15.19 43.00 -11.29
C25 XAT OA . 14.10 44.04 -11.55
C26 XAT OA . 13.48 44.72 -10.30
C27 XAT OA . 13.00 46.17 -10.49
C28 XAT OA . 13.76 47.24 -10.71
C29 XAT OA . 13.17 48.58 -10.85
C30 XAT OA . 13.95 49.61 -11.23
C31 XAT OA . 13.43 50.97 -11.36
C32 XAT OA . 14.22 51.90 -11.88
C33 XAT OA . 13.74 53.30 -11.99
C34 XAT OA . 14.64 54.29 -12.11
C35 XAT OA . 14.20 55.68 -12.19
C36 XAT OA . 14.54 45.50 -8.10
C37 XAT OA . 12.84 43.73 -8.13
C38 XAT OA . 14.17 44.88 -12.84
C39 XAT OA . 11.70 48.80 -10.59
C40 XAT OA . 12.28 53.61 -11.96
O23 XAT OA . 15.85 41.18 -9.85
O24 XAT OA . 12.80 43.69 -11.06
C1 A1L1G PA . 3.72 41.40 -35.14
C5 A1L1G PA . 2.85 40.93 -37.46
C4 A1L1G PA . 6.13 40.82 -35.52
C3 A1L1G PA . 4.35 39.28 -36.32
C2 A1L1G PA . 2.07 42.48 -33.43
C10 A1L1G PA . 5.56 42.67 -33.97
C11 A1L1G PA . 5.15 41.94 -35.23
C12 A1L1G PA . 2.00 39.60 -35.54
C14 A1L1G PA . -14.83 41.08 -24.86
C17 A1L1G PA . -15.44 42.96 -22.64
C18 A1L1G PA . -17.34 42.50 -26.54
C19 A1L1G PA . -17.16 40.02 -26.45
C20 A1L1G PA . -16.55 42.32 -23.42
C21 A1L1G PA . -17.87 43.03 -23.40
C22 A1L1G PA . -19.07 42.28 -23.96
C23 A1L1G PA . -18.70 41.16 -24.93
C24 A1L1G PA . -17.33 41.29 -25.61
C25 A1L1G PA . -16.27 41.39 -24.51
C26 A1L1G PA . -13.15 38.97 -25.94
C27 A1L1G PA . -8.30 38.94 -28.11
C28 A1L1G PA . -3.98 43.67 -32.16
C29 A1L1G PA . -14.19 41.25 -26.01
C30 A1L1G PA . -13.18 40.38 -26.44
C31 A1L1G PA . -12.16 40.80 -27.28
C32 A1L1G PA . -10.91 40.26 -27.47
C33 A1L1G PA . -9.75 40.91 -27.78
C34 A1L1G PA . -8.56 40.38 -28.31
C35 A1L1G PA . -7.62 41.13 -29.02
C36 A1L1G PA . -6.41 40.72 -29.54
C37 A1L1G PA . -5.61 41.26 -30.54
C38 A1L1G PA . -4.40 41.92 -30.46
C39 A1L1G PA . -3.60 42.39 -31.51
C40 A1L1G PA . -2.46 41.72 -31.98
C41 A1L1G PA . -1.67 42.03 -33.06
C42 A1L1G PA . -0.34 41.75 -33.23
C43 A1L1G PA . 0.26 43.63 -34.70
C44 A1L1G PA . 0.65 42.57 -33.75
C45 A1L1G PA . 2.90 41.92 -34.27
C6 A1L1G PA . 3.24 40.31 -36.11
C8 A1L1G PA . 5.68 39.91 -36.66
O13 A1L1G PA . -12.46 38.90 -24.72
O15 A1L1G PA . -16.68 40.88 -23.22
O16 A1L1G PA . -19.93 43.20 -24.62
O7 A1L1G PA . 6.66 38.90 -36.88
O9 A1L1G PA . 5.25 42.84 -36.35
O1 LHG QA . 11.11 33.97 -23.26
C1 LHG QA . 11.67 34.90 -22.39
C2 LHG QA . 13.04 35.30 -22.95
O2 LHG QA . 13.65 36.20 -22.07
C3 LHG QA . 12.89 35.95 -24.33
O3 LHG QA . 11.57 36.37 -24.51
P LHG QA . 11.18 37.93 -24.15
O4 LHG QA . 12.39 38.61 -23.56
O5 LHG QA . 10.76 38.64 -25.40
O6 LHG QA . 9.93 37.94 -23.04
C4 LHG QA . 9.31 39.18 -22.72
C5 LHG QA . 9.25 39.30 -21.18
C6 LHG QA . 8.61 38.05 -20.61
O7 LHG QA . 10.56 39.45 -20.68
C7 LHG QA . 10.63 39.66 -19.29
O9 LHG QA . 11.02 38.79 -18.58
C8 LHG QA . 10.22 41.02 -18.68
C9 LHG QA . 10.23 41.01 -17.14
O8 LHG QA . 7.64 37.60 -21.49
C23 LHG QA . 6.34 37.94 -21.13
O10 LHG QA . 5.95 39.07 -21.29
C24 LHG QA . 5.38 36.88 -20.53
C25 LHG QA . 3.94 37.07 -21.00
C26 LHG QA . 3.17 38.02 -20.43
C27 LHG QA . 1.68 38.23 -20.90
C28 LHG QA . 0.73 38.53 -19.73
C29 LHG QA . 0.58 37.33 -18.75
C30 LHG QA . -0.88 36.78 -18.71
C31 LHG QA . -1.02 35.40 -19.38
C32 LHG QA . -0.33 34.29 -18.55
C33 LHG QA . -1.30 33.50 -17.67
C34 LHG QA . -1.42 32.01 -18.11
C35 LHG QA . -1.62 31.06 -16.93
C36 LHG QA . -0.30 30.56 -16.33
C37 LHG QA . -0.11 29.05 -16.50
C38 LHG QA . 0.93 28.48 -15.54
MG CLA RA . 15.76 58.13 -15.48
CHA CLA RA . 19.10 58.96 -15.19
CHB CLA RA . 16.59 54.83 -15.79
CHC CLA RA . 12.42 57.34 -15.52
CHD CLA RA . 14.95 61.58 -15.31
NA CLA RA . 17.56 57.09 -15.49
C1A CLA RA . 18.85 57.62 -15.33
C2A CLA RA . 19.90 56.50 -15.37
C3A CLA RA . 19.08 55.25 -15.71
C4A CLA RA . 17.63 55.73 -15.64
CMA CLA RA . 19.43 54.72 -17.08
CAA CLA RA . 20.47 56.36 -13.97
CBA CLA RA . 19.40 56.42 -12.90
CGA CLA RA . 19.78 55.58 -11.71
O1A CLA RA . 20.85 55.03 -11.46
O2A CLA RA . 18.75 55.44 -10.82
NB CLA RA . 14.71 56.41 -15.57
C1B CLA RA . 15.23 55.18 -15.78
C2B CLA RA . 14.13 54.19 -16.01
C3B CLA RA . 12.95 54.89 -15.94
C4B CLA RA . 13.30 56.32 -15.66
CMB CLA RA . 14.38 52.78 -16.27
CAB CLA RA . 11.59 54.43 -16.10
CBB CLA RA . 11.08 53.34 -15.53
NC CLA RA . 14.01 59.26 -15.41
C1C CLA RA . 12.75 58.73 -15.40
C2C CLA RA . 11.77 59.80 -15.27
C3C CLA RA . 12.48 61.00 -15.28
C4C CLA RA . 13.89 60.65 -15.37
CMC CLA RA . 10.33 59.61 -15.18
CAC CLA RA . 11.91 62.35 -15.16
CBC CLA RA . 11.69 62.74 -13.72
ND CLA RA . 16.73 59.89 -15.34
C1D CLA RA . 16.28 61.24 -15.30
C2D CLA RA . 17.45 62.13 -15.20
C3D CLA RA . 18.56 61.32 -15.12
C4D CLA RA . 18.05 59.93 -15.22
CMD CLA RA . 17.37 63.59 -15.15
CAD CLA RA . 20.01 61.24 -15.03
OBD CLA RA . 20.84 62.14 -14.94
CBD CLA RA . 20.40 59.73 -15.07
CGD CLA RA . 21.34 59.39 -16.18
O1D CLA RA . 21.13 59.46 -17.39
O2D CLA RA . 22.57 58.95 -15.77
CED CLA RA . 23.60 59.92 -15.64
C1 CLA RA . 18.58 54.13 -10.24
C2 CLA RA . 17.41 54.20 -9.33
C3 CLA RA . 16.87 53.10 -8.76
C4 CLA RA . 17.41 51.75 -9.01
C5 CLA RA . 15.70 53.21 -7.85
C6 CLA RA . 14.37 53.05 -8.57
C7 CLA RA . 13.45 54.21 -8.27
C8 CLA RA . 12.24 53.78 -7.46
C9 CLA RA . 11.62 52.53 -8.05
C10 CLA RA . 11.22 54.90 -7.36
C11 CLA RA . 10.23 54.91 -8.51
C12 CLA RA . 8.80 54.97 -8.02
C13 CLA RA . 7.91 55.75 -8.97
C14 CLA RA . 7.62 57.13 -8.41
C15 CLA RA . 6.61 55.00 -9.25
C16 CLA RA . 5.60 55.87 -9.97
C17 CLA RA . 4.28 55.13 -10.14
C18 CLA RA . 3.31 55.83 -11.08
C19 CLA RA . 2.37 56.75 -10.31
C20 CLA RA . 4.04 56.61 -12.16
MG CLA SA . 7.31 49.52 -16.80
CHA CLA SA . 9.84 47.54 -18.10
CHB CLA SA . 5.28 48.57 -19.36
CHC CLA SA . 4.77 51.30 -15.35
CHD CLA SA . 9.49 50.51 -14.20
NA CLA SA . 7.56 48.28 -18.46
C1A CLA SA . 8.68 47.52 -18.82
C2A CLA SA . 8.44 46.76 -20.11
C3A CLA SA . 7.08 47.30 -20.59
C4A CLA SA . 6.57 48.10 -19.39
CMA CLA SA . 7.27 48.18 -21.80
CAA CLA SA . 8.36 45.26 -19.83
CBA CLA SA . 7.26 44.94 -18.85
CGA CLA SA . 7.15 43.47 -18.62
O1A CLA SA . 7.49 42.54 -19.36
O2A CLA SA . 6.58 43.15 -17.42
NB CLA SA . 5.40 49.92 -17.30
C1B CLA SA . 4.73 49.34 -18.33
C2B CLA SA . 3.27 49.64 -18.20
C3B CLA SA . 3.12 50.41 -17.07
C4B CLA SA . 4.47 50.60 -16.48
CMB CLA SA . 2.30 49.14 -19.16
CAB CLA SA . 1.92 50.98 -16.50
CBB CLA SA . 1.53 50.87 -15.23
NC CLA SA . 7.18 50.71 -15.10
C1C CLA SA . 6.04 51.36 -14.70
C2C CLA SA . 6.29 52.11 -13.47
C3C CLA SA . 7.62 51.88 -13.14
C4C CLA SA . 8.18 51.00 -14.17
CMC CLA SA . 5.30 52.91 -12.77
CAC CLA SA . 8.35 52.42 -11.97
CBC CLA SA . 8.54 51.39 -10.88
ND CLA SA . 9.21 49.15 -16.22
C1D CLA SA . 10.00 49.65 -15.16
C2D CLA SA . 11.36 49.07 -15.25
C3D CLA SA . 11.34 48.22 -16.34
C4D CLA SA . 9.99 48.33 -16.92
CMD CLA SA . 12.44 49.33 -14.32
CAD CLA SA . 12.11 47.32 -17.17
OBD CLA SA . 13.26 46.93 -17.04
CBD CLA SA . 11.17 46.86 -18.33
CGD CLA SA . 11.75 47.18 -19.68
O1D CLA SA . 11.44 48.12 -20.42
O2D CLA SA . 12.72 46.31 -20.08
CED CLA SA . 13.57 46.72 -21.16
C1 CLA SA . 5.50 42.20 -17.44
MG CLA TA . -9.86 43.55 -33.02
CHA CLA TA . -12.05 41.51 -31.25
CHB CLA TA . -12.04 46.15 -32.75
CHC CLA TA . -7.68 45.49 -34.83
CHD CLA TA . -7.61 40.82 -33.27
NA CLA TA . -11.73 43.77 -32.12
C1A CLA TA . -12.48 42.80 -31.43
C2A CLA TA . -13.80 43.40 -30.96
C3A CLA TA . -13.75 44.87 -31.43
C4A CLA TA . -12.41 44.96 -32.16
CMA CLA TA . -14.91 45.23 -32.32
CAA CLA TA . -13.94 43.33 -29.45
CBA CLA TA . -15.12 42.47 -29.09
CGA CLA TA . -16.35 43.00 -29.76
O1A CLA TA . -16.70 44.18 -29.87
O2A CLA TA . -17.15 42.04 -30.30
NB CLA TA . -9.86 45.45 -33.68
C1B CLA TA . -10.84 46.36 -33.44
C2B CLA TA . -10.46 47.68 -34.05
C3B CLA TA . -9.23 47.50 -34.64
C4B CLA TA . -8.83 46.08 -34.41
CMB CLA TA . -11.31 48.87 -33.96
CAB CLA TA . -8.39 48.42 -35.36
CBB CLA TA . -8.16 49.69 -35.03
NC CLA TA . -7.99 43.21 -33.89
C1C CLA TA . -7.27 44.16 -34.58
C2C CLA TA . -6.02 43.58 -35.06
C3C CLA TA . -5.99 42.25 -34.60
C4C CLA TA . -7.23 42.03 -33.87
CMC CLA TA . -5.01 44.29 -35.84
CAC CLA TA . -4.93 41.26 -34.83
CBC CLA TA . -5.09 40.54 -36.15
ND CLA TA . -9.76 41.63 -32.41
C1D CLA TA . -8.78 40.61 -32.58
C2D CLA TA . -9.25 39.37 -31.93
C3D CLA TA . -10.49 39.65 -31.41
C4D CLA TA . -10.77 41.07 -31.73
CMD CLA TA . -8.49 38.11 -31.90
CAD CLA TA . -11.62 39.14 -30.67
OBD CLA TA . -11.80 38.03 -30.17
CBD CLA TA . -12.66 40.30 -30.56
CGD CLA TA . -13.99 39.89 -31.14
O1D CLA TA . -14.72 38.98 -30.76
O2D CLA TA . -14.40 40.65 -32.21
CED CLA TA . -15.68 40.36 -32.75
C1 CLA TA . -18.56 42.32 -30.32
MG CLA UA . 3.54 47.42 -25.15
CHA CLA UA . 4.57 48.36 -28.33
CHB CLA UA . 0.96 49.63 -25.35
CHC CLA UA . 2.36 46.23 -22.16
CHD CLA UA . 6.31 45.24 -24.96
NA CLA UA . 2.92 48.78 -26.60
C1A CLA UA . 3.46 49.00 -27.87
C2A CLA UA . 2.68 50.08 -28.60
C3A CLA UA . 1.84 50.69 -27.48
C4A CLA UA . 1.86 49.62 -26.40
CMA CLA UA . 2.58 51.89 -26.98
CAA CLA UA . 1.80 49.47 -29.66
CBA CLA UA . 0.62 50.35 -30.00
CGA CLA UA . 0.63 50.68 -31.46
O1A CLA UA . 0.73 49.91 -32.42
O2A CLA UA . 0.52 52.01 -31.71
NB CLA UA . 1.95 47.84 -23.98
C1B CLA UA . 0.97 48.72 -24.27
C2B CLA UA . -0.11 48.64 -23.25
C3B CLA UA . 0.28 47.68 -22.34
C4B CLA UA . 1.61 47.17 -22.79
CMB CLA UA . -1.31 49.48 -23.27
CAB CLA UA . -0.39 47.24 -21.15
CBB CLA UA . -0.63 45.97 -20.82
NC CLA UA . 4.24 46.01 -23.78
C1C CLA UA . 3.61 45.69 -22.61
C2C CLA UA . 4.37 44.66 -21.91
C3C CLA UA . 5.48 44.37 -22.70
C4C CLA UA . 5.40 45.23 -23.89
CMC CLA UA . 3.99 44.08 -20.62
CAC CLA UA . 6.54 43.41 -22.41
CBC CLA UA . 6.28 42.07 -23.07
ND CLA UA . 5.14 46.94 -26.28
C1D CLA UA . 6.21 46.02 -26.08
C2D CLA UA . 7.10 46.06 -27.27
C3D CLA UA . 6.51 46.92 -28.18
C4D CLA UA . 5.29 47.44 -27.51
CMD CLA UA . 8.32 45.27 -27.42
CAD CLA UA . 6.58 47.56 -29.48
OBD CLA UA . 7.45 47.44 -30.35
CBD CLA UA . 5.35 48.50 -29.62
CGD CLA UA . 5.74 49.93 -29.83
O1D CLA UA . 6.78 50.47 -29.45
O2D CLA UA . 4.84 50.70 -30.48
CED CLA UA . 4.52 50.41 -31.84
C1 CLA UA . 0.20 52.39 -33.08
MG CLA VA . 9.89 56.53 -31.55
CHA CLA VA . 11.94 54.43 -33.40
CHB CLA VA . 11.80 59.19 -32.48
CHC CLA VA . 7.70 58.61 -29.91
CHD CLA VA . 7.97 53.73 -30.56
NA CLA VA . 11.60 56.75 -32.74
C1A CLA VA . 12.29 55.76 -33.46
C2A CLA VA . 13.47 56.37 -34.21
C3A CLA VA . 13.54 57.80 -33.65
C4A CLA VA . 12.20 57.96 -32.92
CMA CLA VA . 14.69 57.98 -32.72
CAA CLA VA . 13.20 56.58 -35.69
CBA CLA VA . 13.11 55.34 -36.57
CGA CLA VA . 11.72 55.20 -37.08
O1A CLA VA . 11.16 54.19 -37.51
O2A CLA VA . 11.03 56.38 -37.07
NB CLA VA . 9.78 58.52 -31.24
C1B CLA VA . 10.62 59.46 -31.75
C2B CLA VA . 10.17 60.82 -31.38
C3B CLA VA . 9.00 60.67 -30.65
C4B CLA VA . 8.75 59.20 -30.55
CMB CLA VA . 10.89 62.03 -31.77
CAB CLA VA . 8.12 61.62 -30.03
CBB CLA VA . 8.45 62.84 -29.58
NC CLA VA . 8.17 56.21 -30.42
C1C CLA VA . 7.43 57.21 -29.84
C2C CLA VA . 6.30 56.64 -29.13
C3C CLA VA . 6.36 55.25 -29.32
C4C CLA VA . 7.54 55.00 -30.13
CMC CLA VA . 5.29 57.41 -28.40
CAC CLA VA . 5.42 54.25 -28.81
CBC CLA VA . 4.27 54.01 -29.76
ND CLA VA . 9.92 54.53 -31.84
C1D CLA VA . 9.08 53.49 -31.37
C2D CLA VA . 9.59 52.19 -31.87
C3D CLA VA . 10.68 52.50 -32.65
C4D CLA VA . 10.85 53.97 -32.61
CMD CLA VA . 9.01 50.88 -31.59
CAD CLA VA . 11.74 51.97 -33.50
OBD CLA VA . 11.98 50.80 -33.79
CBD CLA VA . 12.57 53.18 -33.99
CGD CLA VA . 14.01 53.06 -33.57
O1D CLA VA . 14.60 53.69 -32.69
O2D CLA VA . 14.71 52.13 -34.28
CED CLA VA . 15.68 51.35 -33.56
C1 CLA VA . 9.69 56.34 -36.51
MG CLA WA . 6.76 67.36 -27.30
CHA CLA WA . 9.94 68.72 -27.71
CHB CLA WA . 6.96 65.95 -30.39
CHC CLA WA . 3.53 66.27 -26.95
CHD CLA WA . 6.60 68.85 -24.09
NA CLA WA . 8.24 67.31 -28.78
C1A CLA WA . 9.49 67.95 -28.77
C2A CLA WA . 10.25 67.65 -30.05
C3A CLA WA . 9.34 66.65 -30.81
C4A CLA WA . 8.08 66.62 -29.95
CMA CLA WA . 9.06 67.08 -32.22
CAA CLA WA . 11.62 67.04 -29.78
CBA CLA WA . 12.69 67.91 -30.40
CGA CLA WA . 13.72 68.32 -29.40
O1A CLA WA . 14.42 69.33 -29.39
O2A CLA WA . 13.87 67.42 -28.38
NB CLA WA . 5.48 66.32 -28.45
C1B CLA WA . 5.74 65.84 -29.70
C2B CLA WA . 4.54 65.15 -30.23
C3B CLA WA . 3.56 65.23 -29.26
C4B CLA WA . 4.15 65.97 -28.11
CMB CLA WA . 4.50 64.52 -31.56
CAB CLA WA . 2.21 64.74 -29.25
CBB CLA WA . 1.30 65.00 -30.19
NC CLA WA . 5.35 67.50 -25.77
C1C CLA WA . 4.09 66.98 -25.84
C2C CLA WA . 3.36 67.28 -24.61
C3C CLA WA . 4.23 68.00 -23.81
C4C CLA WA . 5.47 68.13 -24.54
CMC CLA WA . 1.97 66.89 -24.34
CAC CLA WA . 3.95 68.55 -22.47
CBC CLA WA . 3.18 69.84 -22.56
ND CLA WA . 7.98 68.41 -26.08
C1D CLA WA . 7.78 68.99 -24.79
C2D CLA WA . 8.99 69.75 -24.40
C3D CLA WA . 9.84 69.69 -25.49
C4D CLA WA . 9.16 68.87 -26.51
CMD CLA WA . 9.17 70.44 -23.13
CAD CLA WA . 11.13 70.06 -26.03
OBD CLA WA . 12.05 70.68 -25.49
CBD CLA WA . 11.19 69.53 -27.49
CGD CLA WA . 11.29 70.64 -28.49
O1D CLA WA . 10.70 70.72 -29.58
O2D CLA WA . 12.11 71.66 -28.12
CED CLA WA . 12.62 72.50 -29.16
C1 CLA WA . 15.23 67.23 -27.90
MG CLA XA . -5.95 53.29 -16.36
CHA CLA XA . -9.40 53.68 -16.29
CHB CLA XA . -5.58 56.48 -15.21
CHC CLA XA . -2.59 52.71 -16.03
CHD CLA XA . -6.39 49.96 -17.50
NA CLA XA . -7.28 54.83 -15.90
C1A CLA XA . -8.68 54.78 -15.92
C2A CLA XA . -9.26 56.13 -15.49
C3A CLA XA . -8.02 57.07 -15.46
C4A CLA XA . -6.86 56.07 -15.52
CMA CLA XA . -8.01 58.04 -16.61
CAA CLA XA . -9.90 56.00 -14.11
CBA CLA XA . -8.94 55.51 -13.04
CGA CLA XA . -8.99 54.02 -12.88
O1A CLA XA . -9.89 53.33 -12.39
O2A CLA XA . -7.87 53.39 -13.34
NB CLA XA . -4.37 54.42 -15.83
C1B CLA XA . -4.45 55.63 -15.23
C2B CLA XA . -3.18 55.96 -14.54
C3B CLA XA . -2.33 54.90 -14.75
C4B CLA XA . -3.06 53.91 -15.58
CMB CLA XA . -2.99 57.21 -13.80
CAB CLA XA . -0.97 54.71 -14.29
CBB CLA XA . 0.00 55.64 -14.24
NC CLA XA . -4.71 51.67 -16.81
C1C CLA XA . -3.36 51.68 -16.64
C2C CLA XA . -2.79 50.39 -17.07
C3C CLA XA . -3.88 49.59 -17.42
C4C CLA XA . -5.08 50.40 -17.26
CMC CLA XA . -1.37 50.06 -17.05
CAC CLA XA . -3.82 48.20 -17.92
CBC CLA XA . -3.29 48.11 -19.33
ND CLA XA . -7.48 52.09 -16.90
C1D CLA XA . -7.52 50.73 -17.32
C2D CLA XA . -8.93 50.33 -17.51
C3D CLA XA . -9.69 51.42 -17.11
C4D CLA XA . -8.74 52.48 -16.74
CMD CLA XA . -9.38 49.01 -17.98
CAD CLA XA . -11.03 51.95 -16.96
OBD CLA XA . -12.12 51.44 -17.23
CBD CLA XA . -10.89 53.38 -16.35
CGD CLA XA . -11.76 54.36 -17.11
O1D CLA XA . -12.97 54.25 -17.32
O2D CLA XA . -11.14 55.48 -17.59
CED CLA XA . -11.91 56.68 -17.53
C1 CLA XA . -7.49 52.16 -12.68
C2 CLA XA . -6.30 51.63 -13.41
C3 CLA XA . -5.47 50.71 -12.91
C4 CLA XA . -5.66 50.12 -11.56
C5 CLA XA . -4.29 50.21 -13.68
C6 CLA XA . -3.03 50.10 -12.86
C7 CLA XA . -2.17 48.95 -13.36
C8 CLA XA . -0.73 49.06 -12.90
C9 CLA XA . 0.03 47.79 -13.24
C10 CLA XA . -0.65 49.34 -11.41
MG CLA YA . -2.77 73.83 -19.27
CHA CLA YA . -4.94 75.92 -17.54
CHB CLA YA . -1.05 73.24 -16.40
CHC CLA YA . -0.77 71.64 -21.00
CHD CLA YA . -4.65 74.42 -22.23
NA CLA YA . -2.97 74.50 -17.30
C1A CLA YA . -3.94 75.37 -16.78
C2A CLA YA . -3.71 75.59 -15.28
C3A CLA YA . -2.41 74.83 -14.98
C4A CLA YA . -2.11 74.12 -16.31
CMA CLA YA . -1.29 75.75 -14.57
CAA CLA YA . -4.86 75.02 -14.47
CBA CLA YA . -4.54 74.94 -12.99
NB CLA YA . -1.19 72.70 -18.80
C1B CLA YA . -0.67 72.54 -17.56
C2B CLA YA . 0.39 71.49 -17.57
C3B CLA YA . 0.47 71.04 -18.88
C4B CLA YA . -0.52 71.80 -19.67
CMB CLA YA . 1.13 71.10 -16.37
CAB CLA YA . 1.32 70.03 -19.47
CBB CLA YA . 2.59 69.80 -19.15
NC CLA YA . -2.71 73.19 -21.26
C1C CLA YA . -1.79 72.29 -21.75
C2C CLA YA . -2.02 72.06 -23.17
C3C CLA YA . -3.13 72.83 -23.52
C4C CLA YA . -3.56 73.53 -22.31
CMC CLA YA . -1.22 71.16 -24.00
CAC CLA YA . -3.78 72.92 -24.84
CBC CLA YA . -2.93 73.62 -25.89
ND CLA YA . -4.39 74.91 -19.83
C1D CLA YA . -5.06 75.07 -21.08
C2D CLA YA . -6.19 76.01 -20.90
C3D CLA YA . -6.18 76.37 -19.56
C4D CLA YA . -5.06 75.65 -18.94
CMD CLA YA . -7.10 76.43 -21.97
CAD CLA YA . -6.83 77.15 -18.52
OBD CLA YA . -7.80 77.90 -18.60
CBD CLA YA . -6.05 76.88 -17.19
CGD CLA YA . -5.51 78.14 -16.60
O1D CLA YA . -5.26 78.38 -15.40
O2D CLA YA . -5.25 79.13 -17.50
CED CLA YA . -3.93 79.22 -18.04
MG CLA ZA . -8.63 28.46 -14.26
CHA CLA ZA . -11.18 28.51 -16.62
CHB CLA ZA . -9.03 31.81 -13.78
CHC CLA ZA . -6.21 28.35 -11.84
CHD CLA ZA . -8.35 24.97 -14.71
NA CLA ZA . -9.90 29.91 -15.09
C1A CLA ZA . -10.91 29.73 -16.05
C2A CLA ZA . -11.61 31.04 -16.36
C3A CLA ZA . -10.75 32.08 -15.61
C4A CLA ZA . -9.83 31.22 -14.74
CMA CLA ZA . -9.96 32.95 -16.56
CAA CLA ZA . -12.98 31.04 -15.70
CBA CLA ZA . -14.12 30.77 -16.65
CGA CLA ZA . -14.70 32.04 -17.19
O1A CLA ZA . -15.82 32.52 -17.00
O2A CLA ZA . -13.82 32.71 -18.00
NB CLA ZA . -7.74 29.83 -13.08
C1B CLA ZA . -8.13 31.13 -12.94
C2B CLA ZA . -7.44 31.75 -11.77
C3B CLA ZA . -6.63 30.77 -11.22
C4B CLA ZA . -6.82 29.55 -12.06
CMB CLA ZA . -7.65 33.14 -11.39
CAB CLA ZA . -5.74 30.75 -10.09
CBB CLA ZA . -5.61 31.69 -9.15
NC CLA ZA . -7.45 26.94 -13.47
C1C CLA ZA . -6.49 27.13 -12.51
C2C CLA ZA . -5.83 25.86 -12.21
C3C CLA ZA . -6.47 24.89 -12.98
C4C CLA ZA . -7.50 25.57 -13.76
CMC CLA ZA . -4.74 25.69 -11.26
CAC CLA ZA . -6.16 23.45 -13.03
CBC CLA ZA . -6.74 22.70 -11.85
ND CLA ZA . -9.50 27.03 -15.38
C1D CLA ZA . -9.28 25.62 -15.48
C2D CLA ZA . -10.18 25.06 -16.51
C3D CLA ZA . -10.89 26.13 -17.01
C4D CLA ZA . -10.45 27.33 -16.25
CMD CLA ZA . -10.22 23.66 -16.91
CAD CLA ZA . -11.90 26.58 -17.96
OBD CLA ZA . -12.46 25.94 -18.85
CBD CLA ZA . -12.13 28.10 -17.71
CGD CLA ZA . -11.86 28.87 -18.97
O1D CLA ZA . -12.30 29.97 -19.29
O2D CLA ZA . -11.02 28.23 -19.83
CED CLA ZA . -10.19 29.04 -20.67
C1 CLA ZA . -14.09 32.65 -19.42
C2 CLA ZA . -12.79 32.88 -20.09
C3 CLA ZA . -12.64 33.78 -21.07
C4 CLA ZA . -13.77 34.62 -21.53
C5 CLA ZA . -11.31 33.99 -21.73
C6 CLA ZA . -10.16 33.85 -20.74
C7 CLA ZA . -8.87 33.54 -21.47
C8 CLA ZA . -7.64 34.01 -20.71
C9 CLA ZA . -7.62 33.42 -19.32
C10 CLA ZA . -7.58 35.52 -20.64
C11 CLA ZA . -6.19 35.99 -20.33
C12 CLA ZA . -5.89 37.35 -20.94
C13 CLA ZA . -4.40 37.55 -21.12
C14 CLA ZA . -3.93 38.78 -20.37
C15 CLA ZA . -4.02 37.65 -22.60
C16 CLA ZA . -2.55 37.96 -22.77
C17 CLA ZA . -2.27 38.66 -24.09
C18 CLA ZA . -2.43 37.73 -25.28
C19 CLA ZA . -3.61 38.14 -26.14
C20 CLA ZA . -1.16 37.72 -26.11
O1 LHG AB . 27.31 33.49 -8.08
C1 LHG AB . 26.00 33.83 -8.43
C2 LHG AB . 26.02 35.22 -9.05
O2 LHG AB . 26.43 35.14 -10.37
C3 LHG AB . 26.97 36.12 -8.25
O3 LHG AB . 26.40 37.38 -8.12
P LHG AB . 25.35 37.63 -6.87
O4 LHG AB . 25.57 36.59 -5.80
O5 LHG AB . 25.60 39.00 -6.27
O6 LHG AB . 23.78 37.55 -7.43
C4 LHG AB . 23.07 36.32 -7.27
C5 LHG AB . 21.91 36.29 -8.29
C6 LHG AB . 21.99 37.51 -9.19
O7 LHG AB . 21.99 35.12 -9.06
C7 LHG AB . 20.75 34.52 -9.32
O9 LHG AB . 20.49 34.17 -10.42
C8 LHG AB . 19.73 34.33 -8.17
C9 LHG AB . 18.50 33.50 -8.62
C10 LHG AB . 17.50 33.28 -7.46
O8 LHG AB . 20.93 37.46 -10.09
C23 LHG AB . 19.96 38.44 -9.88
O10 LHG AB . 19.87 39.37 -10.62
C24 LHG AB . 19.00 38.32 -8.68
C11 LHG AB . 17.76 31.95 -6.69
C12 LHG AB . 16.66 30.86 -6.98
C13 LHG AB . 16.43 29.91 -5.75
C14 LHG AB . 14.96 29.94 -5.26
C15 LHG AB . 14.86 29.98 -3.71
C16 LHG AB . 13.60 30.72 -3.22
C17 LHG AB . 12.51 29.77 -2.74
C18 LHG AB . 11.11 30.35 -2.89
C19 LHG AB . 10.02 29.39 -2.44
C25 LHG AB . 17.53 38.41 -9.11
C26 LHG AB . 17.03 37.51 -9.99
C27 LHG AB . 15.52 37.62 -10.40
C28 LHG AB . 14.58 37.23 -9.24
C29 LHG AB . 13.10 37.60 -9.52
C30 LHG AB . 12.94 39.09 -9.93
C31 LHG AB . 12.33 39.93 -8.80
C32 LHG AB . 11.14 39.23 -8.10
C33 LHG AB . 10.93 39.73 -6.67
C34 LHG AB . 10.50 41.22 -6.62
C35 LHG AB . 9.99 41.63 -5.24
C36 LHG AB . 9.92 43.15 -5.07
C37 LHG AB . 8.76 43.79 -5.84
C38 LHG AB . 7.43 43.10 -5.56
MG CLA BB . -6.90 41.75 -15.69
CHA CLA BB . -9.56 43.95 -15.31
CHB CLA BB . -9.09 39.14 -15.86
CHC CLA BB . -4.26 39.67 -16.35
CHD CLA BB . -4.69 44.51 -15.57
NA CLA BB . -8.98 41.59 -15.56
C1A CLA BB . -9.91 42.63 -15.42
C2A CLA BB . -11.33 42.08 -15.38
C3A CLA BB . -11.13 40.55 -15.35
C4A CLA BB . -9.63 40.39 -15.62
CMA CLA BB . -11.51 39.97 -14.00
CAA CLA BB . -12.02 42.53 -16.66
CBA CLA BB . -13.39 41.92 -16.87
CGA CLA BB . -13.70 41.99 -18.33
O1A CLA BB . -13.59 42.96 -19.09
O2A CLA BB . -14.14 40.82 -18.86
NB CLA BB . -6.71 39.78 -16.03
C1B CLA BB . -7.72 38.88 -16.09
C2B CLA BB . -7.19 37.53 -16.43
C3B CLA BB . -5.83 37.66 -16.57
C4B CLA BB . -5.50 39.10 -16.32
CMB CLA BB . -8.03 36.34 -16.56
CAB CLA BB . -4.84 36.66 -16.89
CBB CLA BB . -3.79 36.35 -16.13
NC CLA BB . -4.84 42.04 -15.86
C1C CLA BB . -3.94 41.04 -16.14
C2C CLA BB . -2.60 41.59 -16.20
C3C CLA BB . -2.72 42.96 -15.99
C4C CLA BB . -4.13 43.23 -15.79
CMC CLA BB . -1.37 40.82 -16.46
CAC CLA BB . -1.63 43.96 -15.97
CBC CLA BB . -1.19 44.32 -14.57
ND CLA BB . -7.02 43.75 -15.38
C1D CLA BB . -6.02 44.77 -15.38
C2D CLA BB . -6.68 46.08 -15.17
C3D CLA BB . -8.04 45.82 -15.13
C4D CLA BB . -8.19 44.36 -15.30
CMD CLA BB . -5.99 47.36 -15.05
CAD CLA BB . -9.37 46.38 -14.96
OBD CLA BB . -9.72 47.53 -14.71
CBD CLA BB . -10.38 45.20 -15.17
CGD CLA BB . -11.36 45.07 -14.03
O1D CLA BB . -12.59 45.17 -14.07
O2D CLA BB . -10.76 44.80 -12.84
CED CLA BB . -11.25 45.50 -11.70
C1 CLA BB . -13.86 40.59 -20.26
C2 CLA BB . -13.48 39.17 -20.39
C3 CLA BB . -12.24 38.72 -20.11
C4 CLA BB . -11.88 37.28 -20.25
C5 CLA BB . -11.16 39.62 -19.67
C6 CLA BB . -9.92 39.43 -20.53
C7 CLA BB . -8.69 39.90 -19.81
C8 CLA BB . -8.66 41.41 -19.66
C9 CLA BB . -8.89 42.07 -21.01
C10 CLA BB . -7.34 41.86 -19.03
C11 CLA BB . -6.69 43.01 -19.75
C12 CLA BB . -5.36 42.61 -20.35
C13 CLA BB . -4.21 43.42 -19.78
C14 CLA BB . -4.67 44.80 -19.36
C15 CLA BB . -3.07 43.53 -20.78
C16 CLA BB . -2.36 42.20 -20.95
C17 CLA BB . -0.98 42.38 -21.56
C1 XAT CB . 1.32 78.56 -0.44
C2 XAT CB . 0.64 79.86 -0.85
C3 XAT CB . 0.41 80.72 0.37
C4 XAT CB . 1.77 81.26 0.76
C5 XAT CB . 2.78 80.16 1.09
C6 XAT CB . 2.51 78.75 0.53
C7 XAT CB . 3.79 78.03 0.17
C8 XAT CB . 4.18 77.00 0.92
C9 XAT CB . 5.41 76.26 0.63
C10 XAT CB . 6.05 75.65 1.64
C11 XAT CB . 7.28 74.88 1.45
C12 XAT CB . 7.91 74.46 2.53
C13 XAT CB . 9.16 73.68 2.44
C14 XAT CB . 9.65 73.14 3.56
C15 XAT CB . 10.87 72.34 3.56
C16 XAT CB . 1.79 77.85 -1.69
C17 XAT CB . 0.29 77.66 0.24
C18 XAT CB . 4.29 80.47 1.15
C19 XAT CB . 5.96 76.19 -0.76
C20 XAT CB . 9.85 73.51 1.13
O3 XAT CB . -0.47 81.80 0.04
O4 XAT CB . 2.28 79.10 1.91
C21 XAT CB . 19.20 63.33 7.09
C22 XAT CB . 20.46 62.57 7.46
C23 XAT CB . 21.69 63.36 7.08
C24 XAT CB . 21.77 64.47 8.10
C25 XAT CB . 20.56 65.42 7.98
C26 XAT CB . 19.28 64.85 7.37
C27 XAT CB . 18.01 65.50 7.92
C28 XAT CB . 17.34 66.25 7.07
C29 XAT CB . 16.09 66.96 7.43
C30 XAT CB . 15.51 67.70 6.49
C31 XAT CB . 14.28 68.45 6.68
C32 XAT CB . 13.89 69.23 5.68
C33 XAT CB . 12.66 70.04 5.72
C34 XAT CB . 12.37 70.81 4.67
C35 XAT CB . 11.16 71.63 4.65
C36 XAT CB . 18.03 62.75 7.87
C37 XAT CB . 18.94 63.13 5.61
C38 XAT CB . 20.25 66.46 9.05
C39 XAT CB . 15.50 66.85 8.80
C40 XAT CB . 11.75 70.00 6.92
O23 XAT CB . 22.85 62.53 7.17
O24 XAT CB . 20.17 65.70 6.64
C1 XAT DB . 10.17 69.16 15.03
C2 XAT DB . 8.87 69.83 15.47
C3 XAT DB . 7.83 69.60 14.41
C4 XAT DB . 7.39 68.16 14.56
C5 XAT DB . 8.56 67.17 14.41
C6 XAT DB . 10.00 67.70 14.59
C7 XAT DB . 10.89 66.63 15.21
C8 XAT DB . 12.09 66.38 14.67
C9 XAT DB . 12.97 65.33 15.21
C10 XAT DB . 13.99 65.60 16.03
C11 XAT DB . 14.84 64.50 16.49
C12 XAT DB . 15.53 64.56 17.63
C13 XAT DB . 16.37 63.41 18.01
C14 XAT DB . 16.81 63.28 19.27
C15 XAT DB . 17.65 62.15 19.66
C16 XAT DB . 11.19 69.27 16.17
C17 XAT DB . 10.74 69.96 13.87
C18 XAT DB . 8.45 65.72 14.91
C19 XAT DB . 12.73 63.91 14.78
C20 XAT DB . 16.75 62.39 16.99
O3 XAT DB . 6.70 70.46 14.62
O4 XAT DB . 9.42 67.42 13.30
C21 XAT DB . 25.09 55.06 27.76
C22 XAT DB . 26.39 54.41 28.20
C23 XAT DB . 27.06 53.77 27.01
C24 XAT DB . 27.63 54.93 26.21
C25 XAT DB . 26.51 55.83 25.68
C26 XAT DB . 25.17 55.82 26.42
C27 XAT DB . 24.44 57.15 26.34
C28 XAT DB . 23.34 57.18 25.59
C29 XAT DB . 22.54 58.40 25.42
C30 XAT DB . 21.71 58.46 24.36
C31 XAT DB . 20.87 59.62 24.10
C32 XAT DB . 20.30 59.72 22.90
C33 XAT DB . 19.44 60.85 22.55
C34 XAT DB . 18.97 60.95 21.29
C35 XAT DB . 18.11 62.08 20.91
C36 XAT DB . 24.66 56.05 28.85
C37 XAT DB . 24.02 53.99 27.65
C38 XAT DB . 26.81 57.21 25.07
C39 XAT DB . 22.62 59.53 26.40
C40 XAT DB . 19.10 61.89 23.57
O23 XAT DB . 28.11 52.91 27.44
O24 XAT DB . 25.37 55.12 25.18
C1 XAT EB . 26.61 75.33 6.35
C2 XAT EB . 27.48 75.00 5.14
C3 XAT EB . 28.80 74.41 5.58
C4 XAT EB . 28.48 73.03 6.08
C5 XAT EB . 27.61 73.10 7.35
C6 XAT EB . 26.72 74.35 7.52
C7 XAT EB . 25.44 74.07 8.29
C8 XAT EB . 25.41 74.53 9.53
C9 XAT EB . 24.26 74.38 10.44
C10 XAT EB . 24.48 74.55 11.75
C11 XAT EB . 23.42 74.45 12.76
C12 XAT EB . 23.80 74.29 14.02
C13 XAT EB . 22.81 74.22 15.11
C14 XAT EB . 23.23 73.95 16.35
C15 XAT EB . 22.27 73.91 17.45
C16 XAT EB . 25.16 75.40 5.88
C17 XAT EB . 26.97 76.72 6.85
C18 XAT EB . 26.93 71.86 7.94
C19 XAT EB . 22.90 74.06 9.91
C20 XAT EB . 21.36 74.44 14.82
O3 XAT EB . 29.70 74.34 4.47
O4 XAT EB . 27.95 74.16 8.24
C21 XAT EB . 15.28 75.43 27.39
C22 XAT EB . 14.03 75.34 28.25
C23 XAT EB . 13.03 74.40 27.62
C24 XAT EB . 13.60 73.01 27.85
C25 XAT EB . 14.89 72.83 27.05
C26 XAT EB . 15.71 74.10 26.76
C27 XAT EB . 17.21 73.83 26.69
C28 XAT EB . 17.73 73.93 25.47
C29 XAT EB . 19.14 73.72 25.12
C30 XAT EB . 19.40 73.60 23.81
C31 XAT EB . 20.70 73.40 23.20
C32 XAT EB . 20.66 73.48 21.88
C33 XAT EB . 21.81 73.36 20.99
C34 XAT EB . 21.59 73.57 19.69
C35 XAT EB . 22.62 73.53 18.67
C36 XAT EB . 16.42 75.98 28.23
C37 XAT EB . 15.00 76.41 26.26
C38 XAT EB . 15.79 71.60 27.24
C39 XAT EB . 20.22 73.65 26.17
C40 XAT EB . 23.18 73.05 21.51
O23 XAT EB . 11.76 74.51 28.27
O24 XAT EB . 14.89 73.46 25.76
C8 A1L1F FB . 16.28 48.51 -5.31
C5 A1L1F FB . 16.94 46.21 -3.11
C4 A1L1F FB . 16.76 49.90 -4.97
C6 A1L1F FB . 17.74 47.38 -3.65
C10 A1L1F FB . 18.69 50.63 -3.57
C11 A1L1F FB . 17.32 49.99 -3.56
C2 A1L1F FB . 17.03 48.39 -0.44
C3 A1L1F FB . 17.42 47.55 -5.13
C1 A1L1F FB . 17.39 48.63 -2.89
C12 A1L1F FB . 19.23 47.11 -3.49
C14 A1L1F FB . 10.06 61.16 10.50
C17 A1L1F FB . 7.83 61.51 12.25
C18 A1L1F FB . 10.97 63.77 9.78
C19 A1L1F FB . 9.57 62.94 7.92
C20 A1L1F FB . 7.72 62.30 10.96
C21 A1L1F FB . 7.19 63.73 11.05
C22 A1L1F FB . 7.25 64.37 9.68
C23 A1L1F FB . 8.71 64.69 9.44
C24 A1L1F FB . 9.56 63.43 9.35
C25 A1L1F FB . 9.08 62.27 10.25
C26 A1L1F FB . 11.82 58.99 11.34
C27 A1L1F FB . 14.06 54.84 9.45
C28 A1L1F FB . 13.13 51.84 3.31
C29 A1L1F FB . 9.77 59.92 10.09
C30 A1L1F FB . 10.73 58.84 10.31
C31 A1L1F FB . 10.63 57.73 9.59
C32 A1L1F FB . 11.57 56.64 9.73
C33 A1L1F FB . 12.04 56.20 8.58
C34 A1L1F FB . 13.02 55.13 8.42
C35 A1L1F FB . 12.96 54.43 7.28
C36 A1L1F FB . 13.89 53.36 6.96
C37 A1L1F FB . 13.73 52.79 5.78
C38 A1L1F FB . 14.60 51.75 5.27
C39 A1L1F FB . 14.31 51.29 4.05
C40 A1L1F FB . 15.13 50.25 3.40
C41 A1L1F FB . 15.72 50.64 2.27
C42 A1L1F FB . 16.58 49.76 1.50
C43 A1L1F FB . 14.79 49.61 -0.18
C44 A1L1F FB . 16.15 49.27 0.34
C45 A1L1F FB . 11.53 57.53 13.31
C47 A1L1F FB . 10.86 57.22 14.63
C48 A1L1F FB . 11.38 55.89 15.16
C49 A1L1F FB . 12.40 56.09 16.27
C50 A1L1F FB . 13.42 54.97 16.25
C51 A1L1F FB . 14.10 54.81 17.61
C52 A1L1F FB . 15.18 53.73 17.53
C53 A1L1F FB . 15.88 53.56 18.85
C54 A1L1F FB . 14.69 49.17 -7.03
C56 A1L1F FB . 13.45 49.02 -6.20
C57 A1L1F FB . 17.19 48.52 -1.66
O13 A1L1F FB . 11.27 58.78 12.63
O15 A1L1F FB . 7.90 61.70 9.68
O16 A1L1F FB . 6.47 65.56 9.68
O46 A1L1F FB . 12.30 56.74 12.82
O55 A1L1F FB . 14.72 49.87 -8.02
O7 A1L1F FB . 15.90 48.44 -6.69
O9 A1L1F FB . 16.44 50.82 -2.79
MG CLA GB . 31.26 63.39 34.38
CHA CLA GB . 32.19 65.24 31.59
CHB CLA GB . 33.86 64.70 36.13
CHC CLA GB . 30.27 61.55 37.11
CHD CLA GB . 28.57 62.03 32.50
NA CLA GB . 32.77 64.75 33.91
C1A CLA GB . 32.98 65.43 32.70
C2A CLA GB . 34.19 66.35 32.80
C3A CLA GB . 34.72 66.12 34.23
C4A CLA GB . 33.72 65.13 34.82
CMA CLA GB . 36.14 65.61 34.25
CAA CLA GB . 33.75 67.80 32.65
CBA CLA GB . 32.64 68.12 33.62
CGA CLA GB . 32.34 69.60 33.63
NB CLA GB . 31.94 63.17 36.26
C1B CLA GB . 33.03 63.78 36.78
C2B CLA GB . 33.23 63.34 38.19
C3B CLA GB . 32.22 62.45 38.48
C4B CLA GB . 31.39 62.33 37.25
CMB CLA GB . 34.34 63.84 39.00
CAB CLA GB . 31.90 61.69 39.67
CBB CLA GB . 32.45 61.81 40.88
NC CLA GB . 29.69 62.04 34.73
C1C CLA GB . 29.49 61.41 35.94
C2C CLA GB . 28.30 60.56 35.84
C3C CLA GB . 27.82 60.68 34.53
C4C CLA GB . 28.70 61.62 33.84
CMC CLA GB . 27.77 59.74 36.93
CAC CLA GB . 26.63 60.02 33.96
CBC CLA GB . 26.95 58.70 33.30
ND CLA GB . 30.50 63.54 32.51
C1D CLA GB . 29.41 62.91 31.86
C2D CLA GB . 29.34 63.39 30.46
C3D CLA GB . 30.38 64.29 30.30
C4D CLA GB . 31.08 64.34 31.61
CMD CLA GB . 28.33 62.96 29.49
CAD CLA GB . 31.07 65.18 29.40
OBD CLA GB . 30.83 65.45 28.23
CBD CLA GB . 32.26 65.81 30.19
CGD CLA GB . 33.57 65.50 29.54
O1D CLA GB . 34.07 64.39 29.33
O2D CLA GB . 34.28 66.60 29.14
CED CLA GB . 35.68 66.45 28.91
MG CLA HB . 31.43 73.90 27.78
CHA CLA HB . 32.61 74.15 24.53
CHB CLA HB . 34.44 75.01 28.95
CHC CLA HB . 30.19 73.70 30.97
CHD CLA HB . 28.33 72.76 26.51
NA CLA HB . 33.23 74.47 26.86
C1A CLA HB . 33.52 74.52 25.49
C2A CLA HB . 34.94 75.00 25.24
C3A CLA HB . 35.51 75.19 26.67
C4A CLA HB . 34.32 74.88 27.57
CMA CLA HB . 36.68 74.27 26.93
CAA CLA HB . 34.94 76.34 24.50
CBA CLA HB . 34.18 77.40 25.26
CGA CLA HB . 33.77 78.51 24.35
O1A CLA HB . 34.29 78.86 23.29
O2A CLA HB . 32.68 79.19 24.79
NB CLA HB . 32.18 74.28 29.61
C1B CLA HB . 33.42 74.74 29.88
C2B CLA HB . 33.57 74.94 31.35
C3B CLA HB . 32.38 74.57 31.93
C4B CLA HB . 31.47 74.14 30.82
CMB CLA HB . 34.80 75.43 31.96
CAB CLA HB . 31.97 74.55 33.31
CBB CLA HB . 32.07 75.59 34.15
NC CLA HB . 29.59 73.31 28.58
C1C CLA HB . 29.31 73.31 29.92
C2C CLA HB . 27.94 72.84 30.14
C3C CLA HB . 27.41 72.58 28.87
C4C CLA HB . 28.45 72.88 27.91
CMC CLA HB . 27.31 72.70 31.44
CAC CLA HB . 26.05 72.10 28.57
CBC CLA HB . 25.02 73.20 28.55
ND CLA HB . 30.60 73.49 25.97
C1D CLA HB . 29.31 73.05 25.59
C2D CLA HB . 29.27 72.94 24.11
C3D CLA HB . 30.51 73.33 23.65
C4D CLA HB . 31.30 73.68 24.85
CMD CLA HB . 28.09 72.49 23.35
CAD CLA HB . 31.35 73.55 22.49
OBD CLA HB . 31.11 73.37 21.30
CBD CLA HB . 32.72 74.09 23.02
CGD CLA HB . 33.89 73.24 22.61
O1D CLA HB . 34.40 72.32 23.24
O2D CLA HB . 34.41 73.57 21.40
CED CLA HB . 35.84 73.59 21.29
C1 CLA HB . 32.02 80.05 23.85
MG CLA IB . 27.55 59.34 22.52
CHA CLA IB . 30.90 58.49 22.85
CHB CLA IB . 27.22 57.04 20.03
CHC CLA IB . 24.22 60.11 22.34
CHD CLA IB . 27.97 61.75 25.07
NA CLA IB . 28.87 58.00 21.60
C1A CLA IB . 30.22 57.78 21.89
C2A CLA IB . 30.82 56.72 20.98
C3A CLA IB . 29.67 56.40 20.00
C4A CLA IB . 28.49 57.18 20.58
CMA CLA IB . 30.00 56.86 18.62
CAA CLA IB . 31.22 55.48 21.78
CBA CLA IB . 30.12 55.01 22.72
CGA CLA IB . 29.26 53.98 22.06
O1A CLA IB . 29.59 53.10 21.25
O2A CLA IB . 27.96 54.07 22.44
NB CLA IB . 26.02 58.69 21.39
C1B CLA IB . 26.07 57.72 20.46
C2B CLA IB . 24.72 57.48 19.89
C3B CLA IB . 23.85 58.35 20.54
C4B CLA IB . 24.68 59.12 21.51
CMB CLA IB . 24.46 56.48 18.85
CAB CLA IB . 22.44 58.56 20.40
CBB CLA IB . 21.69 58.35 19.33
NC CLA IB . 26.33 60.70 23.51
C1C CLA IB . 25.00 60.86 23.27
C2C CLA IB . 24.44 61.90 24.14
C3C CLA IB . 25.51 62.35 24.92
C4C CLA IB . 26.69 61.59 24.52
CMC CLA IB . 23.06 62.34 24.14
CAC CLA IB . 25.44 63.41 25.95
CBC CLA IB . 25.28 62.82 27.34
ND CLA IB . 29.05 60.03 23.70
C1D CLA IB . 29.08 61.03 24.70
C2D CLA IB . 30.46 61.13 25.24
C3D CLA IB . 31.20 60.17 24.56
C4D CLA IB . 30.27 59.51 23.62
CMD CLA IB . 30.89 62.07 26.27
CAD CLA IB . 32.50 59.54 24.39
OBD CLA IB . 33.56 59.76 24.97
CBD CLA IB . 32.34 58.46 23.28
CGD CLA IB . 33.22 58.76 22.09
O1D CLA IB . 33.46 59.85 21.59
O2D CLA IB . 33.79 57.65 21.54
CED CLA IB . 34.32 57.77 20.21
C1 CLA IB . 26.96 53.79 21.43
C2 CLA IB . 25.68 54.31 21.97
C3 CLA IB . 24.50 53.76 21.67
C4 CLA IB . 24.36 52.60 20.76
C5 CLA IB . 23.23 54.31 22.24
C6 CLA IB . 22.48 53.25 23.04
C7 CLA IB . 21.23 53.82 23.65
C8 CLA IB . 21.29 53.80 25.18
C9 CLA IB . 20.67 52.52 25.71
C10 CLA IB . 20.62 55.05 25.74
C11 CLA IB . 19.41 54.75 26.61
C12 CLA IB . 18.65 56.02 26.97
C13 CLA IB . 19.45 56.90 27.94
C14 CLA IB . 19.93 56.10 29.13
C15 CLA IB . 18.61 58.08 28.41
C16 CLA IB . 18.04 58.86 27.25
C17 CLA IB . 16.78 59.62 27.63
C18 CLA IB . 17.05 61.08 27.98
C19 CLA IB . 17.40 61.25 29.45
C20 CLA IB . 18.14 61.67 27.11
MG CLA JB . 17.53 56.45 17.67
CHA CLA JB . 19.24 54.20 15.64
CHB CLA JB . 19.42 55.49 20.32
CHC CLA JB . 15.89 58.79 19.59
CHD CLA JB . 15.62 57.45 14.85
NA CLA JB . 19.07 55.06 17.91
C1A CLA JB . 19.67 54.24 16.95
C2A CLA JB . 20.78 53.39 17.56
C3A CLA JB . 20.76 53.79 19.06
C4A CLA JB . 19.68 54.87 19.12
CMA CLA JB . 20.42 52.63 19.95
CAA CLA JB . 22.13 53.74 16.95
CBA CLA JB . 23.22 52.76 17.37
CGA CLA JB . 23.43 51.75 16.28
O1A CLA JB . 22.84 51.65 15.21
O2A CLA JB . 24.40 50.82 16.57
NB CLA JB . 17.70 57.10 19.56
C1B CLA JB . 18.43 56.49 20.52
C2B CLA JB . 18.03 56.98 21.87
C3B CLA JB . 17.04 57.91 21.67
C4B CLA JB . 16.81 58.00 20.20
CMB CLA JB . 18.65 56.47 23.09
CAB CLA JB . 16.27 58.70 22.60
CBB CLA JB . 16.59 58.99 23.86
NC CLA JB . 16.02 57.85 17.29
C1C CLA JB . 15.52 58.72 18.21
C2C CLA JB . 14.51 59.58 17.60
C3C CLA JB . 14.42 59.19 16.27
C4C CLA JB . 15.38 58.11 16.07
CMC CLA JB . 13.76 60.62 18.31
CAC CLA JB . 13.54 59.78 15.24
CBC CLA JB . 14.30 60.67 14.29
ND CLA JB . 17.31 55.89 15.73
C1D CLA JB . 16.51 56.41 14.68
C2D CLA JB . 16.82 55.66 13.44
C3D CLA JB . 17.84 54.79 13.76
C4D CLA JB . 18.14 55.00 15.19
CMD CLA JB . 16.13 55.86 12.16
CAD CLA JB . 18.72 53.74 13.28
OBD CLA JB . 18.74 53.17 12.20
CBD CLA JB . 19.71 53.41 14.44
CGD CLA JB . 19.80 51.92 14.65
O1D CLA JB . 20.36 51.10 13.92
O2D CLA JB . 19.18 51.46 15.77
CED CLA JB . 19.21 50.06 16.01
C1 CLA JB . 24.50 50.34 17.92
C2 CLA JB . 24.06 48.92 17.93
C3 CLA JB . 22.87 48.54 18.44
C4 CLA JB . 21.93 49.53 19.02
C5 CLA JB . 22.44 47.12 18.46
C6 CLA JB . 20.99 46.96 18.06
C7 CLA JB . 20.26 45.98 18.96
C8 CLA JB . 18.85 45.72 18.48
C9 CLA JB . 18.06 47.02 18.41
C10 CLA JB . 18.12 44.73 19.37
MG CLA KB . 10.18 73.18 10.41
CHA CLA KB . 6.95 74.27 9.77
CHB CLA KB . 9.13 69.95 10.21
CHC CLA KB . 13.41 72.14 11.02
CHD CLA KB . 11.25 76.56 10.58
NA CLA KB . 8.33 72.29 10.06
C1A CLA KB . 7.10 72.91 9.81
C2A CLA KB . 5.99 71.88 9.59
C3A CLA KB . 6.71 70.52 9.79
C4A CLA KB . 8.16 70.93 10.04
CMA CLA KB . 6.12 69.74 10.94
CAA CLA KB . 5.46 71.97 8.17
CBA CLA KB . 6.55 71.82 7.13
CGA CLA KB . 7.06 73.16 6.69
O1A CLA KB . 6.43 74.11 6.23
O2A CLA KB . 8.41 73.29 6.84
NB CLA KB . 11.09 71.39 10.58
C1B CLA KB . 10.49 70.18 10.46
C2B CLA KB . 11.49 69.09 10.64
C3B CLA KB . 12.71 69.70 10.87
C4B CLA KB . 12.47 71.18 10.84
CMB CLA KB . 11.16 67.68 10.56
CAB CLA KB . 14.01 69.15 11.11
CBB CLA KB . 14.28 68.16 11.97
NC CLA KB . 11.98 74.18 10.75
C1C CLA KB . 13.19 73.55 10.98
C2C CLA KB . 14.23 74.55 11.17
C3C CLA KB . 13.63 75.80 11.04
C4C CLA KB . 12.21 75.56 10.77
CMC CLA KB . 15.64 74.25 11.44
CAC CLA KB . 14.28 77.12 11.14
CBC CLA KB . 14.58 77.72 9.78
ND CLA KB . 9.36 75.02 10.26
C1D CLA KB . 9.91 76.33 10.34
C2D CLA KB . 8.82 77.32 10.13
C3D CLA KB . 7.67 76.59 9.92
C4D CLA KB . 8.06 75.16 10.00
CMD CLA KB . 9.00 78.76 10.14
CAD CLA KB . 6.24 76.64 9.66
OBD CLA KB . 5.50 77.61 9.54
CBD CLA KB . 5.75 75.16 9.55
CGD CLA KB . 4.65 74.84 10.54
O1D CLA KB . 3.70 74.09 10.39
O2D CLA KB . 4.79 75.49 11.72
CED CLA KB . 4.43 74.78 12.91
C1 CLA KB . 8.95 74.62 6.66
C2 CLA KB . 10.42 74.54 6.81
C3 CLA KB . 11.20 75.63 6.81
C4 CLA KB . 10.63 76.99 6.68
C5 CLA KB . 12.68 75.54 6.96
C6 CLA KB . 13.23 74.13 6.83
C7 CLA KB . 14.74 74.15 6.96
C8 CLA KB . 15.37 72.78 6.70
C9 CLA KB . 15.25 71.91 7.93
C10 CLA KB . 16.83 72.93 6.31
C11 CLA KB . 17.16 72.10 5.08
C12 CLA KB . 16.27 72.46 3.90
MG CLA LB . 7.17 70.84 -2.19
CHA CLA LB . 4.45 72.14 -0.51
CHB CLA LB . 5.61 71.38 -5.16
CHC CLA LB . 9.91 69.53 -3.82
CHD CLA LB . 8.72 70.17 0.92
NA CLA LB . 5.33 71.65 -2.72
C1A CLA LB . 4.33 72.15 -1.87
C2A CLA LB . 3.13 72.66 -2.67
C3A CLA LB . 3.52 72.36 -4.14
C4A CLA LB . 4.92 71.77 -4.02
CMA CLA LB . 2.56 71.38 -4.79
CAA CLA LB . 2.92 74.16 -2.47
CBA CLA LB . 1.91 74.71 -3.46
CGA CLA LB . 0.56 74.10 -3.22
O1A CLA LB . -0.27 73.70 -4.03
O2A CLA LB . 0.27 73.99 -1.88
NB CLA LB . 7.66 70.51 -4.12
C1B CLA LB . 6.89 70.82 -5.18
C2B CLA LB . 7.59 70.44 -6.44
C3B CLA LB . 8.81 69.91 -6.07
C4B CLA LB . 8.87 69.96 -4.58
CMB CLA LB . 7.01 70.64 -7.76
CAB CLA LB . 9.89 69.39 -6.88
CBB CLA LB . 10.62 70.12 -7.73
NC CLA LB . 9.00 70.03 -1.55
C1C CLA LB . 9.97 69.57 -2.39
C2C CLA LB . 11.11 69.08 -1.61
C3C CLA LB . 10.77 69.25 -0.27
C4C CLA LB . 9.44 69.84 -0.24
CMC CLA LB . 12.34 68.53 -2.19
CAC CLA LB . 11.60 68.91 0.90
CBC CLA LB . 12.61 69.99 1.20
ND CLA LB . 6.78 71.13 -0.23
C1D CLA LB . 7.47 70.76 0.95
C2D CLA LB . 6.66 71.14 2.13
C3D CLA LB . 5.50 71.71 1.62
C4D CLA LB . 5.61 71.65 0.15
CMD CLA LB . 7.04 70.96 3.52
CAD CLA LB . 4.22 72.32 1.93
OBD CLA LB . 3.75 72.62 3.02
CBD CLA LB . 3.48 72.55 0.59
CGD CLA LB . 2.21 71.77 0.50
O1D CLA LB . 1.86 71.00 -0.41
O2D CLA LB . 1.37 71.94 1.56
CED CLA LB . -0.02 71.67 1.36
C1 CLA LB . -1.14 73.97 -1.55
MG CLA MB . 17.11 57.20 8.33
CHA CLA MB . 19.75 55.82 10.08
CHB CLA MB . 17.61 54.96 5.82
CHC CLA MB . 14.27 58.38 6.78
CHD CLA MB . 16.68 59.57 10.92
NA CLA MB . 18.48 55.66 8.02
C1A CLA MB . 19.48 55.23 8.89
C2A CLA MB . 20.25 54.06 8.28
C3A CLA MB . 19.73 54.02 6.84
C4A CLA MB . 18.50 54.91 6.88
CMA CLA MB . 20.79 54.56 5.91
CAA CLA MB . 19.86 52.78 9.01
CBA CLA MB . 18.36 52.66 9.18
CGA CLA MB . 17.94 51.31 9.67
O1A CLA MB . 18.40 50.63 10.59
O2A CLA MB . 16.86 50.81 8.98
NB CLA MB . 16.15 56.77 6.61
C1B CLA MB . 16.47 55.77 5.74
C2B CLA MB . 15.45 55.66 4.67
C3B CLA MB . 14.49 56.64 4.94
C4B CLA MB . 14.93 57.35 6.18
CMB CLA MB . 15.55 54.69 3.59
CAB CLA MB . 13.27 57.01 4.26
CBB CLA MB . 12.69 56.37 3.24
NC CLA MB . 15.75 58.73 8.77
C1C CLA MB . 14.66 59.03 7.99
C2C CLA MB . 13.91 60.13 8.60
C3C CLA MB . 14.60 60.48 9.77
C4C CLA MB . 15.75 59.59 9.86
CMC CLA MB . 12.69 60.72 8.05
CAC CLA MB . 14.24 61.54 10.72
CBC CLA MB . 14.91 62.86 10.40
ND CLA MB . 17.98 57.66 10.08
C1D CLA MB . 17.73 58.69 11.05
C2D CLA MB . 18.72 58.57 12.14
C3D CLA MB . 19.51 57.48 11.84
C4D CLA MB . 19.01 56.96 10.55
CMD CLA MB . 18.77 59.46 13.30
CAD CLA MB . 20.62 56.64 12.24
OBD CLA MB . 21.33 56.71 13.23
CBD CLA MB . 20.82 55.57 11.12
CGD CLA MB . 22.18 55.67 10.50
O1D CLA MB . 22.46 56.07 9.36
O2D CLA MB . 23.21 55.28 11.31
CED CLA MB . 24.52 55.29 10.76
C1 CLA MB . 15.64 50.62 9.72
C2 CLA MB . 14.69 49.89 8.83
C3 CLA MB . 13.40 50.26 8.69
C4 CLA MB . 12.47 49.54 7.78
C5 CLA MB . 12.86 51.43 9.44
C6 CLA MB . 11.36 51.38 9.67
C7 CLA MB . 11.01 52.12 10.94
C8 CLA MB . 9.59 52.69 10.96
C9 CLA MB . 9.08 52.93 9.55
C10 CLA MB . 9.55 53.97 11.77
C11 CLA MB . 8.27 54.75 11.54
MG CLA NB . 28.13 69.85 10.36
CHA CLA NB . 30.26 68.29 8.13
CHB CLA NB . 30.80 71.21 11.98
CHC CLA NB . 25.96 71.49 12.46
CHD CLA NB . 25.38 68.46 8.62
NA CLA NB . 30.19 69.74 10.08
C1A CLA NB . 30.89 69.05 9.08
C2A CLA NB . 32.38 69.25 9.22
C3A CLA NB . 32.53 70.07 10.52
C4A CLA NB . 31.08 70.38 10.90
CMA CLA NB . 33.24 69.30 11.60
CAA CLA NB . 32.92 70.06 8.05
CBA CLA NB . 32.00 71.22 7.68
CGA CLA NB . 32.28 72.44 8.52
O1A CLA NB . 33.37 72.97 8.75
O2A CLA NB . 31.16 72.99 9.08
NB CLA NB . 28.33 71.13 11.91
C1B CLA NB . 29.51 71.54 12.43
C2B CLA NB . 29.27 72.42 13.60
C3B CLA NB . 27.90 72.52 13.75
C4B CLA NB . 27.29 71.68 12.68
CMB CLA NB . 30.36 73.03 14.37
CAB CLA NB . 27.11 73.23 14.72
CBB CLA NB . 27.38 73.34 16.02
NC CLA NB . 26.05 69.94 10.53
C1C CLA NB . 25.37 70.67 11.46
C2C CLA NB . 23.92 70.50 11.27
C3C CLA NB . 23.77 69.66 10.17
C4C CLA NB . 25.10 69.31 9.71
CMC CLA NB . 22.87 71.12 12.07
CAC CLA NB . 22.49 69.21 9.58
CBC CLA NB . 22.10 70.04 8.38
ND CLA NB . 27.82 68.60 8.80
C1D CLA NB . 26.63 68.11 8.19
C2D CLA NB . 27.01 67.22 7.07
C3D CLA NB . 28.39 67.24 7.01
C4D CLA NB . 28.84 68.14 8.09
CMD CLA NB . 26.05 66.48 6.25
CAD CLA NB . 29.57 66.74 6.33
OBD CLA NB . 29.67 65.95 5.39
CBD CLA NB . 30.81 67.42 7.01
CGD CLA NB . 31.78 66.41 7.55
O1D CLA NB . 31.66 65.73 8.57
O2D CLA NB . 32.90 66.25 6.79
CED CLA NB . 34.04 65.65 7.41
C1 CLA NB . 31.36 74.11 9.96
C2 CLA NB . 30.01 74.56 10.41
C3 CLA NB . 29.80 75.68 11.11
C4 CLA NB . 30.91 76.58 11.51
C5 CLA NB . 28.43 76.08 11.53
C6 CLA NB . 28.13 77.54 11.27
C7 CLA NB . 26.69 77.86 11.60
MG CLA OB . 26.17 76.98 20.02
CHA CLA OB . 29.60 77.17 19.54
CHB CLA OB . 25.69 77.35 16.66
CHC CLA OB . 22.78 76.92 20.55
CHD CLA OB . 26.72 76.57 23.48
NA CLA OB . 27.47 77.19 18.38
C1A CLA OB . 28.87 77.24 18.39
C2A CLA OB . 29.41 77.40 16.97
C3A CLA OB . 28.14 77.42 16.09
C4A CLA OB . 27.00 77.31 17.10
CMA CLA OB . 28.03 78.68 15.26
CAA CLA OB . 30.30 76.24 16.57
CBA CLA OB . 30.98 76.48 15.24
CGA CLA OB . 31.93 77.64 15.35
O1A CLA OB . 32.37 78.18 16.36
O2A CLA OB . 32.33 78.10 14.12
NB CLA OB . 24.54 77.06 18.83
C1B CLA OB . 24.56 77.28 17.49
C2B CLA OB . 23.17 77.47 16.99
C3B CLA OB . 22.34 77.34 18.08
C4B CLA OB . 23.20 77.08 19.27
CMB CLA OB . 22.85 77.73 15.59
CAB CLA OB . 20.90 77.44 18.15
CBB CLA OB . 20.08 76.48 18.57
NC CLA OB . 24.98 76.76 21.71
C1C CLA OB . 23.61 76.76 21.70
C2C CLA OB . 23.11 76.60 23.06
C3C CLA OB . 24.22 76.49 23.90
C4C CLA OB . 25.39 76.59 23.03
CMC CLA OB . 21.69 76.59 23.43
CAC CLA OB . 24.22 76.31 25.36
CBC CLA OB . 24.15 77.63 26.10
ND CLA OB . 27.74 76.87 21.28
C1D CLA OB . 27.83 76.72 22.68
C2D CLA OB . 29.25 76.75 23.09
C3D CLA OB . 29.98 76.95 21.92
C4D CLA OB . 28.99 77.01 20.83
CMD CLA OB . 29.73 76.63 24.46
CAD CLA OB . 31.29 77.09 21.34
OBD CLA OB . 32.40 77.12 21.87
CBD CLA OB . 31.09 77.25 19.79
CGD CLA OB . 31.63 78.57 19.30
O1D CLA OB . 30.98 79.58 19.01
O2D CLA OB . 32.98 78.61 19.18
CED CLA OB . 33.59 79.88 18.91
C1 CLA OB . 32.41 79.54 13.98
MG CLA PB . 13.24 69.56 31.19
CHA CLA PB . 10.29 70.64 32.66
CHB CLA PB . 14.56 72.68 31.55
CHC CLA PB . 16.21 68.39 29.90
CHD CLA PB . 11.84 66.32 30.88
NA CLA PB . 12.51 71.36 31.95
C1A CLA PB . 11.26 71.61 32.54
C2A CLA PB . 11.13 73.07 32.97
C3A CLA PB . 12.45 73.71 32.49
C4A CLA PB . 13.25 72.52 31.96
CMA CLA PB . 12.22 74.76 31.44
CAA CLA PB . 11.01 73.19 34.48
NB CLA PB . 15.04 70.38 30.80
C1B CLA PB . 15.39 71.67 31.04
C2B CLA PB . 16.81 71.89 30.66
C3B CLA PB . 17.29 70.68 30.19
C4B CLA PB . 16.16 69.71 30.27
CMB CLA PB . 17.50 73.17 30.77
CAB CLA PB . 18.60 70.33 29.68
CBB CLA PB . 18.85 69.97 28.43
NC CLA PB . 13.89 67.70 30.49
C1C CLA PB . 15.14 67.45 30.00
C2C CLA PB . 15.25 66.05 29.61
C3C CLA PB . 14.02 65.46 29.89
C4C CLA PB . 13.17 66.51 30.45
CMC CLA PB . 16.46 65.44 29.05
CAC CLA PB . 13.64 64.04 29.68
CBC CLA PB . 13.45 63.67 28.23
ND CLA PB . 11.47 68.66 31.55
C1D CLA PB . 11.03 67.31 31.40
C2D CLA PB . 9.64 67.20 31.89
C3D CLA PB . 9.30 68.45 32.38
C4D CLA PB . 10.48 69.31 32.17
CMD CLA PB . 8.84 65.98 31.85
CAD CLA PB . 8.27 69.27 32.99
OBD CLA PB . 7.11 68.98 33.26
CBD CLA PB . 8.90 70.68 33.26
CGD CLA PB . 8.06 71.81 32.74
O1D CLA PB . 7.86 72.90 33.28
O2D CLA PB . 7.49 71.57 31.53
CED CLA PB . 7.07 72.69 30.76
C1A DGD QB . 28.23 67.69 27.57
C2A DGD QB . 27.52 66.37 27.74
C3A DGD QB . 26.38 66.50 28.73
C4A DGD QB . 25.15 67.08 28.06
O1A DGD QB . 28.21 68.25 26.48
C1B DGD QB . 28.60 66.97 32.51
C2B DGD QB . 27.39 66.65 33.33
C3B DGD QB . 27.59 65.35 34.09
C4B DGD QB . 28.40 65.61 35.36
C5B DGD QB . 27.78 64.91 36.57
C6B DGD QB . 28.72 65.02 37.76
O1B DGD QB . 29.72 66.88 32.96
O1G DGD QB . 28.95 68.32 28.66
C1G DGD QB . 28.29 69.19 29.57
C2G DGD QB . 28.69 68.79 30.98
O2G DGD QB . 28.45 67.40 31.13
C3G DGD QB . 30.16 69.07 31.14
O3G DGD QB . 30.51 70.06 30.18
C1D DGD QB . 31.80 69.83 29.64
C2D DGD QB . 31.78 70.16 28.16
O2D DGD QB . 30.83 69.33 27.50
C3D DGD QB . 33.15 69.91 27.59
O3D DGD QB . 33.17 70.24 26.21
C4D DGD QB . 34.12 70.79 28.36
O4D DGD QB . 33.72 72.15 28.19
C5D DGD QB . 34.07 70.44 29.83
O5D DGD QB . 35.26 70.71 31.91
C6D DGD QB . 35.06 71.29 30.61
O6D DGD QB . 32.75 70.66 30.29
C1E DGD QB . 36.00 71.57 32.76
C2E DGD QB . 37.40 71.02 32.95
O2E DGD QB . 38.08 71.00 31.69
C3E DGD QB . 37.32 69.61 33.51
O3E DGD QB . 38.63 69.15 33.83
C4E DGD QB . 36.46 69.58 34.77
O4E DGD QB . 37.19 70.20 35.85
C5E DGD QB . 35.14 70.32 34.56
O6E DGD QB . 35.39 71.62 34.04
C6E DGD QB . 34.39 70.43 35.89
O5E DGD QB . 35.00 71.40 36.74
C1 XAT RB . -24.72 -43.88 32.76
C2 XAT RB . -26.00 -43.11 32.48
C3 XAT RB . -26.38 -42.26 33.68
C4 XAT RB . -25.36 -41.16 33.72
C5 XAT RB . -23.97 -41.72 34.07
C6 XAT RB . -23.68 -43.17 33.64
C7 XAT RB . -22.23 -43.39 33.28
C8 XAT RB . -21.53 -44.24 34.04
C9 XAT RB . -20.12 -44.57 33.78
C10 XAT RB . -19.50 -45.40 34.64
C11 XAT RB . -18.12 -45.81 34.47
C12 XAT RB . -17.62 -46.64 35.38
C13 XAT RB . -16.23 -47.14 35.30
C14 XAT RB . -15.77 -47.90 36.30
C15 XAT RB . -14.41 -48.45 36.28
C16 XAT RB . -24.07 -44.23 31.42
C17 XAT RB . -25.07 -45.21 33.43
C18 XAT RB . -22.71 -40.85 34.00
C19 XAT RB . -19.39 -44.00 32.60
C20 XAT RB . -15.36 -46.81 34.13
O3 XAT RB . -27.69 -41.72 33.48
O4 XAT RB . -23.99 -42.81 35.00
C21 XAT RB . -4.89 -54.27 42.31
C22 XAT RB . -3.45 -53.84 42.09
C23 XAT RB . -2.74 -54.93 41.30
C24 XAT RB . -3.25 -54.83 39.88
C25 XAT RB . -4.78 -54.83 39.73
C26 XAT RB . -5.63 -54.60 41.00
C27 XAT RB . -6.89 -53.79 40.74
C28 XAT RB . -8.06 -54.42 40.62
C29 XAT RB . -9.32 -53.67 40.39
C30 XAT RB . -9.66 -53.20 39.18
C31 XAT RB . -10.93 -52.49 39.06
C32 XAT RB . -11.14 -51.54 38.16
C33 XAT RB . -12.47 -50.90 38.12
C34 XAT RB . -12.74 -49.92 37.24
C35 XAT RB . -14.07 -49.33 37.22
C36 XAT RB . -5.63 -53.17 43.05
C37 XAT RB . -4.89 -55.52 43.18
C38 XAT RB . -5.45 -54.29 38.45
C39 XAT RB . -10.22 -53.43 41.55
C40 XAT RB . -13.54 -51.35 39.06
O23 XAT RB . -1.33 -54.69 41.33
O24 XAT RB . -5.45 -55.90 40.41
C1 XAT SB . -30.82 -51.43 34.86
C2 XAT SB . -32.07 -50.98 35.60
C3 XAT SB . -33.08 -52.12 35.66
C4 XAT SB . -32.49 -53.12 36.63
C5 XAT SB . -31.22 -53.76 36.03
C6 XAT SB . -30.41 -52.90 35.05
C7 XAT SB . -28.92 -53.16 35.11
C8 XAT SB . -28.40 -53.83 34.08
C9 XAT SB . -26.97 -54.14 33.96
C10 XAT SB . -26.58 -54.92 32.94
C11 XAT SB . -25.18 -55.27 32.71
C12 XAT SB . -24.90 -55.78 31.52
C13 XAT SB . -23.55 -56.15 31.11
C14 XAT SB . -23.35 -56.43 29.81
C15 XAT SB . -22.06 -56.76 29.25
C16 XAT SB . -29.66 -50.53 35.31
C17 XAT SB . -31.00 -51.17 33.36
C18 XAT SB . -30.32 -54.67 36.87
C19 XAT SB . -25.98 -53.60 34.95
C20 XAT SB . -22.41 -56.18 32.09
O3 XAT SB . -34.33 -51.63 36.15
O4 XAT SB . -31.27 -53.97 34.62
C21 XAT SB . -12.87 -56.18 20.36
C22 XAT SB . -11.77 -56.56 19.39
C23 XAT SB . -11.18 -57.90 19.77
C24 XAT SB . -12.24 -58.92 19.39
C25 XAT SB . -13.53 -58.74 20.22
C26 XAT SB . -13.80 -57.34 20.79
C27 XAT SB . -15.28 -57.00 20.88
C28 XAT SB . -15.79 -56.99 22.11
C29 XAT SB . -17.19 -56.69 22.41
C30 XAT SB . -17.66 -57.05 23.60
C31 XAT SB . -19.02 -56.79 24.06
C32 XAT SB . -19.29 -57.12 25.31
C33 XAT SB . -20.61 -56.86 25.92
C34 XAT SB . -20.72 -56.98 27.25
C35 XAT SB . -21.98 -56.71 27.92
C36 XAT SB . -13.71 -55.09 19.72
C37 XAT SB . -12.23 -55.60 21.62
C38 XAT SB . -14.82 -59.47 19.87
C39 XAT SB . -18.07 -55.97 21.42
C40 XAT SB . -21.79 -56.48 25.08
O23 XAT SB . -9.99 -58.14 19.02
O24 XAT SB . -13.30 -58.41 21.60
C1 XAT TB . -12.22 -60.76 0.13
C2 XAT TB . -11.00 -60.24 -0.60
C3 XAT TB . -11.10 -60.53 -2.08
C4 XAT TB . -12.17 -59.59 -2.60
C5 XAT TB . -13.54 -59.88 -1.98
C6 XAT TB . -13.57 -60.55 -0.60
C7 XAT TB . -14.73 -60.06 0.25
C8 XAT TB . -15.45 -60.93 0.94
C9 XAT TB . -16.59 -60.53 1.78
C10 XAT TB . -16.38 -60.05 3.01
C11 XAT TB . -17.50 -59.67 3.87
C12 XAT TB . -17.26 -59.31 5.12
C13 XAT TB . -18.38 -58.94 6.03
C14 XAT TB . -18.11 -58.50 7.26
C15 XAT TB . -19.16 -58.15 8.20
C16 XAT TB . -12.29 -60.09 1.50
C17 XAT TB . -12.04 -62.25 0.40
C18 XAT TB . -14.71 -58.89 -2.15
C19 XAT TB . -17.99 -60.68 1.26
C20 XAT TB . -19.79 -59.12 5.59
O3 XAT TB . -9.85 -60.26 -2.71
O4 XAT TB . -13.85 -61.26 -1.81
C21 XAT TB . -26.09 -53.71 17.65
C22 XAT TB . -27.34 -53.65 18.52
C23 XAT TB . -28.16 -54.91 18.38
C24 XAT TB . -27.36 -55.98 19.08
C25 XAT TB . -26.08 -56.27 18.29
C26 XAT TB . -25.49 -55.12 17.46
C27 XAT TB . -23.97 -55.20 17.30
C28 XAT TB . -23.56 -55.49 16.09
C29 XAT TB . -22.15 -55.62 15.66
C30 XAT TB . -21.95 -56.19 14.45
C31 XAT TB . -20.68 -56.43 13.79
C32 XAT TB . -20.79 -56.96 12.58
C33 XAT TB . -19.64 -57.28 11.70
C34 XAT TB . -19.91 -57.64 10.44
C35 XAT TB . -18.86 -57.97 9.49
C36 XAT TB . -25.04 -52.80 18.26
C37 XAT TB . -26.45 -53.16 16.27
C38 XAT TB . -24.99 -57.20 18.82
C39 XAT TB . -21.00 -55.17 16.51
C40 XAT TB . -18.24 -57.22 12.21
O23 XAT TB . -29.43 -54.75 19.02
O24 XAT TB . -26.24 -56.19 16.87
C1 XAT UB . -31.02 -68.23 9.59
C2 XAT UB . -32.13 -67.75 8.67
C3 XAT UB . -32.28 -66.25 8.74
C4 XAT UB . -31.06 -65.69 8.02
C5 XAT UB . -29.79 -66.03 8.79
C6 XAT UB . -29.80 -67.29 9.67
C7 XAT UB . -28.43 -67.96 9.76
C8 XAT UB . -27.79 -67.79 10.91
C9 XAT UB . -26.45 -68.34 11.20
C10 XAT UB . -25.83 -67.91 12.30
C11 XAT UB . -24.53 -68.39 12.73
C12 XAT UB . -23.97 -67.82 13.79
C13 XAT UB . -22.67 -68.27 14.32
C14 XAT UB . -22.35 -67.93 15.56
C15 XAT UB . -21.11 -68.36 16.21
C16 XAT UB . -30.56 -69.61 9.14
C17 XAT UB . -31.59 -68.38 11.00
C18 XAT UB . -28.40 -65.78 8.18
C19 XAT UB . -25.82 -69.35 10.29
C20 XAT UB . -21.74 -69.10 13.47
O3 XAT UB . -33.48 -65.82 8.11
O4 XAT UB . -29.90 -65.97 10.21
C21 XAT UB . -13.26 -69.70 26.45
C22 XAT UB . -11.95 -69.98 27.16
C23 XAT UB . -10.94 -70.55 26.18
C24 XAT UB . -10.53 -69.38 25.32
C25 XAT UB . -11.70 -68.95 24.43
C26 XAT UB . -13.11 -69.20 24.99
C27 XAT UB . -14.16 -68.21 24.51
C28 XAT UB . -14.99 -68.68 23.58
C29 XAT UB . -16.10 -67.91 22.99
C30 XAT UB . -16.72 -68.46 21.94
C31 XAT UB . -17.87 -67.83 21.28
C32 XAT UB . -18.28 -68.39 20.14
C33 XAT UB . -19.45 -67.87 19.40
C34 XAT UB . -19.76 -68.44 18.23
C35 XAT UB . -20.94 -68.01 17.48
C36 XAT UB . -14.04 -68.66 27.24
C37 XAT UB . -14.07 -70.98 26.42
C38 XAT UB . -11.65 -67.70 23.55
C39 XAT UB . -16.52 -66.59 23.56
C40 XAT UB . -20.28 -66.76 19.97
O23 XAT UB . -9.80 -71.08 26.88
O24 XAT UB . -12.52 -70.03 23.99
C1 XAT VB . -27.79 -48.89 13.42
C2 XAT VB . -28.80 -48.36 14.44
C3 XAT VB . -30.18 -48.28 13.84
C4 XAT VB . -30.65 -49.72 13.73
C5 XAT VB . -29.77 -50.52 12.75
C6 XAT VB . -28.32 -50.04 12.54
C7 XAT VB . -27.40 -51.21 12.28
C8 XAT VB . -26.85 -51.32 11.08
C9 XAT VB . -25.96 -52.44 10.73
C10 XAT VB . -25.71 -52.67 9.43
C11 XAT VB . -24.87 -53.78 9.00
C12 XAT VB . -24.76 -54.00 7.70
C13 XAT VB . -23.94 -55.12 7.19
C14 XAT VB . -23.94 -55.38 5.87
C15 XAT VB . -23.17 -56.52 5.36
C16 XAT VB . -26.55 -49.35 14.16
C17 XAT VB . -27.37 -47.75 12.51
C18 XAT VB . -29.89 -52.05 12.65
C19 XAT VB . -25.38 -53.31 11.79
C20 XAT VB . -23.17 -55.99 8.13
O3 XAT VB . -31.06 -47.55 14.70
O4 XAT VB . -29.36 -49.81 11.58
C21 XAT VB . -19.61 -65.93 -1.22
C22 XAT VB . -18.63 -67.08 -1.26
C23 XAT VB . -17.83 -67.04 -2.54
C24 XAT VB . -16.89 -65.87 -2.38
C25 XAT VB . -17.68 -64.55 -2.37
C26 XAT VB . -19.13 -64.61 -1.87
C27 XAT VB . -19.59 -63.33 -1.20
C28 XAT VB . -20.77 -62.85 -1.58
C29 XAT VB . -21.41 -61.63 -1.05
C30 XAT VB . -21.34 -61.32 0.25
C31 XAT VB . -22.01 -60.11 0.71
C32 XAT VB . -21.85 -59.65 1.94
C33 XAT VB . -22.58 -58.44 2.35
C34 XAT VB . -22.52 -58.03 3.62
C35 XAT VB . -23.27 -56.87 4.09
C36 XAT VB . -19.93 -65.64 0.25
C37 XAT VB . -20.89 -66.37 -1.90
C38 XAT VB . -17.03 -63.20 -2.03
C39 XAT VB . -22.17 -60.75 -1.98
C40 XAT VB . -23.41 -57.69 1.35
O23 XAT VB . -17.08 -68.26 -2.67
O24 XAT VB . -18.81 -64.54 -3.26
MG CLA WB . -14.02 -71.99 -5.89
CHA CLA WB . -13.19 -73.31 -2.78
CHB CLA WB . -13.43 -75.02 -7.33
CHC CLA WB . -14.90 -70.65 -8.92
CHD CLA WB . -14.59 -68.85 -4.35
NA CLA WB . -13.41 -73.85 -5.15
C1A CLA WB . -13.12 -74.21 -3.82
C2A CLA WB . -12.70 -75.68 -3.73
C3A CLA WB . -12.71 -76.16 -5.19
C4A CLA WB . -13.22 -74.94 -5.97
CMA CLA WB . -11.35 -76.58 -5.66
CAA CLA WB . -13.65 -76.54 -2.89
CBA CLA WB . -15.05 -75.96 -2.73
CGA CLA WB . -15.97 -76.44 -3.81
O1A CLA WB . -15.79 -76.47 -5.03
O2A CLA WB . -17.17 -76.90 -3.32
NB CLA WB . -14.16 -72.70 -7.77
C1B CLA WB . -13.86 -73.97 -8.17
C2B CLA WB . -14.06 -74.11 -9.63
C3B CLA WB . -14.48 -72.88 -10.09
C4B CLA WB . -14.54 -71.96 -8.91
CMB CLA WB . -13.81 -75.34 -10.37
CAB CLA WB . -14.79 -72.45 -11.43
CBB CLA WB . -15.94 -71.88 -11.82
NC CLA WB . -14.63 -70.10 -6.51
C1C CLA WB . -14.94 -69.78 -7.81
C2C CLA WB . -15.34 -68.38 -7.90
C3C CLA WB . -15.24 -67.85 -6.60
C4C CLA WB . -14.80 -68.95 -5.73
CMC CLA WB . -15.75 -67.71 -9.13
CAC CLA WB . -15.56 -66.48 -6.16
CBC CLA WB . -14.54 -65.46 -6.63
ND CLA WB . -13.91 -71.19 -4.04
C1D CLA WB . -14.17 -69.89 -3.53
C2D CLA WB . -13.92 -69.87 -2.08
C3D CLA WB . -13.54 -71.16 -1.74
C4D CLA WB . -13.55 -71.94 -2.99
CMD CLA WB . -14.07 -68.70 -1.22
CAD CLA WB . -13.12 -72.05 -0.67
OBD CLA WB . -12.95 -71.82 0.52
CBD CLA WB . -12.90 -73.46 -1.30
CGD CLA WB . -11.53 -74.01 -1.05
O1D CLA WB . -10.56 -74.00 -1.82
O2D CLA WB . -11.38 -74.59 0.17
CED CLA WB . -10.65 -75.81 0.25
MG CLA XB . -17.65 -77.09 6.01
CHA CLA XB . -15.69 -77.25 8.88
CHB CLA XB . -16.18 -79.92 4.84
CHC CLA XB . -19.64 -76.89 3.22
CHD CLA XB . -19.22 -74.18 7.31
NA CLA XB . -16.18 -78.35 6.76
C1A CLA XB . -15.49 -78.26 7.98
C2A CLA XB . -14.50 -79.42 8.14
C3A CLA XB . -14.64 -80.22 6.82
C4A CLA XB . -15.75 -79.47 6.07
CMA CLA XB . -13.36 -80.26 6.04
CAA CLA XB . -14.91 -80.30 9.31
CBA CLA XB . -16.36 -80.73 9.21
CGA CLA XB . -16.85 -81.28 10.51
O1A CLA XB . -16.19 -81.69 11.47
O2A CLA XB . -18.21 -81.32 10.60
NB CLA XB . -17.89 -78.21 4.36
C1B CLA XB . -17.17 -79.31 4.04
C2B CLA XB . -17.56 -79.80 2.69
C3B CLA XB . -18.54 -78.96 2.22
C4B CLA XB . -18.76 -77.92 3.27
CMB CLA XB . -16.96 -80.98 2.07
CAB CLA XB . -19.25 -78.98 0.97
CBB CLA XB . -20.58 -79.03 0.84
NC CLA XB . -19.15 -75.76 5.37
C1C CLA XB . -19.82 -75.87 4.19
C2C CLA XB . -20.81 -74.80 4.08
C3C CLA XB . -20.69 -74.04 5.24
C4C CLA XB . -19.65 -74.65 6.06
CMC CLA XB . -21.70 -74.60 2.94
CAC CLA XB . -21.48 -72.83 5.59
CBC CLA XB . -22.57 -73.14 6.58
ND CLA XB . -17.50 -75.91 7.65
C1D CLA XB . -18.22 -74.76 8.07
C2D CLA XB . -17.71 -74.32 9.39
C3D CLA XB . -16.71 -75.23 9.74
C4D CLA XB . -16.65 -76.21 8.64
CMD CLA XB . -18.19 -73.14 10.12
CAD CLA XB . -15.74 -75.61 10.72
OBD CLA XB . -15.42 -75.05 11.77
CBD CLA XB . -15.08 -76.95 10.24
CGD CLA XB . -13.58 -76.88 10.26
O1D CLA XB . -12.86 -76.79 11.26
O2D CLA XB . -12.99 -76.95 9.05
CED CLA XB . -11.69 -77.56 8.99
C1 CLA XB . -18.80 -81.10 11.90
C2 CLA XB . -20.26 -81.27 11.74
C3 CLA XB . -21.18 -80.74 12.57
C4 CLA XB . -22.63 -80.94 12.36
C5 CLA XB . -20.79 -79.91 13.75
C6 CLA XB . -21.64 -78.65 13.88
C7 CLA XB . -21.86 -78.28 15.34
C8 CLA XB . -22.43 -76.88 15.49
C9 CLA XB . -22.23 -76.38 16.90
C10 CLA XB . -23.90 -76.85 15.12
C11 CLA XB . -24.59 -75.57 15.57
MG CLA YB . -11.41 -63.00 4.28
CHA CLA YB . -8.61 -64.54 2.95
CHB CLA YB . -9.45 -60.42 5.34
CHC CLA YB . -14.21 -61.43 5.43
CHD CLA YB . -13.38 -65.75 3.21
NA CLA YB . -9.36 -62.57 4.15
C1A CLA YB . -8.37 -63.34 3.54
C2A CLA YB . -7.00 -62.68 3.67
C3A CLA YB . -7.28 -61.48 4.61
C4A CLA YB . -8.80 -61.45 4.71
CMA CLA YB . -6.65 -61.74 5.95
CAA CLA YB . -6.54 -62.19 2.31
CBA CLA YB . -7.62 -61.48 1.53
CGA CLA YB . -7.59 -60.01 1.83
O1A CLA YB . -6.61 -59.27 1.87
O2A CLA YB . -8.83 -59.48 2.10
NB CLA YB . -11.76 -61.29 5.29
C1B CLA YB . -10.84 -60.31 5.50
C2B CLA YB . -11.52 -59.07 5.99
C3B CLA YB . -12.87 -59.34 6.01
C4B CLA YB . -13.04 -60.76 5.56
CMB CLA YB . -10.79 -57.84 6.30
CAB CLA YB . -14.00 -58.53 6.37
CBB CLA YB . -14.01 -57.50 7.21
NC CLA YB . -13.42 -63.51 4.32
C1C CLA YB . -14.41 -62.73 4.87
C2C CLA YB . -15.69 -63.40 4.76
C3C CLA YB . -15.46 -64.60 4.10
C4C CLA YB . -14.03 -64.67 3.85
CMC CLA YB . -16.97 -62.86 5.22
CAC CLA YB . -16.45 -65.63 3.75
CBC CLA YB . -16.85 -65.54 2.29
ND CLA YB . -11.15 -64.72 3.25
C1D CLA YB . -12.03 -65.78 2.93
C2D CLA YB . -11.25 -66.86 2.26
C3D CLA YB . -9.95 -66.44 2.23
C4D CLA YB . -9.93 -65.11 2.88
CMD CLA YB . -11.83 -68.10 1.76
CAD CLA YB . -8.58 -66.73 1.83
OBD CLA YB . -8.13 -67.68 1.21
CBD CLA YB . -7.68 -65.56 2.36
CGD CLA YB . -6.78 -66.02 3.46
O1D CLA YB . -7.06 -66.13 4.66
O2D CLA YB . -5.51 -66.32 3.07
CED CLA YB . -4.48 -66.18 4.06
C1 CLA YB . -8.86 -58.14 2.67
C2 CLA YB . -10.30 -57.77 2.73
C3 CLA YB . -10.79 -56.53 2.78
C4 CLA YB . -9.92 -55.33 2.79
C5 CLA YB . -12.26 -56.30 2.82
C6 CLA YB . -12.76 -55.62 1.56
C7 CLA YB . -14.22 -55.93 1.29
C8 CLA YB . -14.74 -55.22 0.05
C9 CLA YB . -14.23 -53.79 -0.02
C10 CLA YB . -16.27 -55.21 0.02
C11 CLA YB . -16.83 -56.61 0.14
C12 CLA YB . -18.31 -56.62 0.47
C13 CLA YB . -19.16 -57.15 -0.67
C14 CLA YB . -18.44 -58.23 -1.46
C15 CLA YB . -19.63 -56.04 -1.60
C16 CLA YB . -21.09 -56.19 -1.97
C17 CLA YB . -21.28 -56.90 -3.29
C18 CLA YB . -22.36 -56.27 -4.17
C19 CLA YB . -23.17 -55.21 -3.45
C20 CLA YB . -21.74 -55.70 -5.44
MG CLA ZB . -15.40 -53.02 8.72
CHA CLA ZB . -12.22 -51.68 9.06
CHB CLA ZB . -14.50 -54.38 5.73
CHC CLA ZB . -18.54 -54.37 8.46
CHD CLA ZB . -16.26 -51.63 11.86
NA CLA ZB . -13.63 -53.02 7.61
C1A CLA ZB . -12.41 -52.42 7.93
C2A CLA ZB . -11.37 -52.69 6.85
C3A CLA ZB . -12.12 -53.52 5.79
C4A CLA ZB . -13.52 -53.67 6.41
CMA CLA ZB . -12.17 -52.82 4.46
CAA CLA ZB . -10.26 -53.54 7.46
CBA CLA ZB . -9.41 -54.22 6.41
CGA CLA ZB . -8.31 -53.29 6.01
O1A CLA ZB . -7.18 -53.16 6.50
O2A CLA ZB . -8.66 -52.50 4.95
NB CLA ZB . -16.32 -54.21 7.38
C1B CLA ZB . -15.82 -54.57 6.17
C2B CLA ZB . -16.89 -55.17 5.33
C3B CLA ZB . -18.04 -55.17 6.10
C4B CLA ZB . -17.69 -54.56 7.41
CMB CLA ZB . -16.65 -55.65 3.97
CAB CLA ZB . -19.37 -55.64 5.81
CBB CLA ZB . -19.95 -55.66 4.60
NC CLA ZB . -17.08 -53.01 9.95
C1C CLA ZB . -18.26 -53.64 9.65
C2C CLA ZB . -19.22 -53.45 10.73
C3C CLA ZB . -18.58 -52.67 11.69
C4C CLA ZB . -17.24 -52.40 11.19
CMC CLA ZB . -20.58 -53.99 10.76
CAC CLA ZB . -19.12 -52.20 12.99
CBC CLA ZB . -18.60 -53.04 14.15
ND CLA ZB . -14.53 -51.89 10.14
C1D CLA ZB . -14.99 -51.37 11.38
C2D CLA ZB . -13.92 -50.56 12.01
C3D CLA ZB . -12.85 -50.63 11.16
C4D CLA ZB . -13.27 -51.48 10.02
CMD CLA ZB . -14.05 -49.84 13.28
CAD CLA ZB . -11.47 -50.22 10.91
OBD CLA ZB . -10.74 -49.50 11.58
CBD CLA ZB . -11.04 -50.89 9.57
CGD CLA ZB . -10.62 -49.87 8.55
O1D CLA ZB . -11.18 -48.80 8.28
O2D CLA ZB . -9.49 -50.19 7.86
CED CLA ZB . -8.33 -50.55 8.61
C1 CLA ZB . -7.72 -51.48 4.56
C2 CLA ZB . -8.51 -50.29 4.16
C3 CLA ZB . -9.22 -50.22 3.03
C4 CLA ZB . -9.28 -51.33 2.05
C5 CLA ZB . -9.99 -48.99 2.70
MG CLA AC . -26.36 -58.04 23.83
CHA CLA AC . -29.18 -56.64 25.29
CHB CLA AC . -25.46 -54.99 22.64
CHC CLA AC . -23.52 -59.46 22.51
CHD CLA AC . -27.31 -61.18 25.15
NA CLA AC . -27.22 -56.14 23.94
C1A CLA AC . -28.40 -55.76 24.59
C2A CLA AC . -28.64 -54.24 24.45
C3A CLA AC . -27.49 -53.78 23.53
C4A CLA AC . -26.64 -55.05 23.34
CMA CLA AC . -27.99 -53.24 22.21
CAA CLA AC . -28.55 -53.49 25.77
CBA CLA AC . -27.86 -54.17 26.95
CGA CLA AC . -26.50 -54.70 26.61
O1A CLA AC . -25.51 -54.08 26.25
O2A CLA AC . -26.41 -56.07 26.66
NB CLA AC . -24.79 -57.35 22.78
C1B CLA AC . -24.60 -56.07 22.38
C2B CLA AC . -23.33 -55.96 21.60
C3B CLA AC . -22.78 -57.22 21.57
C4B CLA AC . -23.71 -58.12 22.31
CMB CLA AC . -22.85 -54.70 21.03
CAB CLA AC . -21.57 -57.70 20.95
CBB CLA AC . -21.20 -57.46 19.68
NC CLA AC . -25.58 -59.98 23.82
C1C CLA AC . -24.40 -60.33 23.21
C2C CLA AC . -24.16 -61.76 23.40
C3C CLA AC . -25.22 -62.25 24.15
C4C CLA AC . -26.12 -61.12 24.41
CMC CLA AC . -23.00 -62.50 22.89
CAC CLA AC . -25.44 -63.64 24.60
CBC CLA AC . -25.11 -63.84 26.07
ND CLA AC . -27.89 -58.81 24.91
C1D CLA AC . -28.15 -60.12 25.40
C2D CLA AC . -29.41 -60.10 26.18
C3D CLA AC . -29.86 -58.79 26.16
C4D CLA AC . -28.86 -58.04 25.37
CMD CLA AC . -30.00 -61.27 26.81
CAD CLA AC . -30.89 -57.86 26.59
OBD CLA AC . -31.91 -58.07 27.23
CBD CLA AC . -30.46 -56.45 26.08
CGD CLA AC . -31.53 -55.77 25.27
O1D CLA AC . -31.95 -54.62 25.38
O2D CLA AC . -32.06 -56.56 24.30
CED CLA AC . -32.75 -55.93 23.23
C1 CLA AC . -26.23 -56.73 27.93
C2 CLA AC . -25.49 -57.98 27.59
C3 CLA AC . -25.52 -59.09 28.34
C4 CLA AC . -26.32 -59.20 29.58
C5 CLA AC . -24.75 -60.31 27.94
C6 CLA AC . -23.45 -59.97 27.23
C7 CLA AC . -22.47 -61.11 27.32
C8 CLA AC . -21.14 -60.81 26.62
C9 CLA AC . -21.39 -60.21 25.25
C10 CLA AC . -20.30 -62.08 26.50
C11 CLA AC . -18.94 -61.90 27.12
C12 CLA AC . -18.02 -61.07 26.23
C13 CLA AC . -16.94 -60.35 27.03
C14 CLA AC . -17.56 -59.59 28.19
C15 CLA AC . -16.14 -59.42 26.14
C16 CLA AC . -15.26 -58.47 26.95
C17 CLA AC . -15.09 -57.15 26.23
C18 CLA AC . -13.71 -56.56 26.42
C19 CLA AC . -13.59 -55.24 25.71
C20 CLA AC . -13.42 -56.38 27.90
MG CLA BC . -21.22 -51.52 33.37
CHA CLA BC . -24.58 -50.68 33.04
CHB CLA BC . -21.04 -49.68 36.22
CHC CLA BC . -17.95 -52.51 33.72
CHD CLA BC . -21.41 -53.29 30.31
NA CLA BC . -22.61 -50.37 34.42
C1A CLA BC . -23.97 -50.15 34.13
C2A CLA BC . -24.60 -49.23 35.17
C3A CLA BC . -23.40 -48.81 36.05
C4A CLA BC . -22.26 -49.68 35.56
CMA CLA BC . -23.09 -47.34 35.86
CAA CLA BC . -25.67 -49.94 35.98
CBA CLA BC . -25.83 -49.31 37.35
CGA CLA BC . -27.27 -49.07 37.65
O1A CLA BC . -27.99 -49.65 38.46
O2A CLA BC . -27.81 -48.08 36.89
NB CLA BC . -19.76 -51.14 34.70
C1B CLA BC . -19.91 -50.43 35.85
C2B CLA BC . -18.68 -50.54 36.67
C3B CLA BC . -17.80 -51.33 35.97
C4B CLA BC . -18.48 -51.72 34.70
CMB CLA BC . -18.51 -49.88 37.96
CAB CLA BC . -16.46 -51.74 36.32
CBB CLA BC . -16.07 -53.01 36.52
NC CLA BC . -19.92 -52.68 32.22
C1C CLA BC . -18.62 -52.96 32.56
C2C CLA BC . -18.01 -53.81 31.54
C3C CLA BC . -18.98 -54.02 30.57
C4C CLA BC . -20.18 -53.30 30.99
CMC CLA BC . -16.63 -54.30 31.58
CAC CLA BC . -18.84 -54.81 29.32
CBC CLA BC . -18.19 -54.03 28.21
ND CLA BC . -22.62 -51.96 31.98
C1D CLA BC . -22.55 -52.66 30.76
C2D CLA BC . -23.89 -52.63 30.12
C3D CLA BC . -24.72 -51.95 30.98
C4D CLA BC . -23.87 -51.52 32.10
CMD CLA BC . -24.21 -53.28 28.85
CAD CLA BC . -26.07 -51.45 31.22
OBD CLA BC . -27.09 -51.65 30.58
CBD CLA BC . -26.00 -50.58 32.51
CGD CLA BC . -26.44 -49.18 32.19
O1D CLA BC . -26.65 -48.69 31.07
O2D CLA BC . -26.62 -48.36 33.27
CED CLA BC . -27.85 -47.66 33.38
C1 CLA BC . -27.72 -46.74 37.41
MG CLA CC . -11.18 -50.49 16.38
CHA CLA CC . -9.63 -52.04 13.69
CHB CLA CC . -8.32 -48.74 16.99
CHC CLA CC . -12.83 -48.80 18.86
CHD CLA CC . -14.09 -52.38 15.72
NA CLA CC . -9.29 -50.43 15.48
C1A CLA CC . -8.85 -51.15 14.36
C2A CLA CC . -7.39 -50.81 14.02
C3A CLA CC . -6.95 -49.94 15.22
C4A CLA CC . -8.27 -49.65 15.96
CMA CLA CC . -5.98 -50.70 16.07
CAA CLA CC . -7.32 -50.02 12.73
CBA CLA CC . -7.60 -48.54 12.92
CGA CLA CC . -7.98 -47.89 11.64
O1A CLA CC . -7.43 -47.98 10.54
O2A CLA CC . -9.08 -47.09 11.75
NB CLA CC . -10.67 -49.04 17.68
C1B CLA CC . -9.46 -48.43 17.75
C2B CLA CC . -9.50 -47.36 18.80
C3B CLA CC . -10.77 -47.37 19.33
C4B CLA CC . -11.54 -48.45 18.64
CMB CLA CC . -8.35 -46.53 19.12
CAB CLA CC . -11.33 -46.55 20.37
CBB CLA CC . -12.34 -45.70 20.20
NC CLA CC . -13.10 -50.61 17.16
C1C CLA CC . -13.57 -49.81 18.19
C2C CLA CC . -14.96 -50.15 18.47
C3C CLA CC . -15.32 -51.16 17.58
C4C CLA CC . -14.14 -51.44 16.76
CMC CLA CC . -15.78 -49.50 19.50
CAC CLA CC . -16.62 -51.84 17.49
CBC CLA CC . -16.70 -53.07 18.34
ND CLA CC . -11.77 -51.92 15.07
C1D CLA CC . -13.00 -52.62 14.91
C2D CLA CC . -12.86 -53.56 13.78
C3D CLA CC . -11.59 -53.38 13.26
C4D CLA CC . -10.96 -52.34 14.10
CMD CLA CC . -13.91 -54.46 13.31
CAD CLA CC . -10.61 -53.78 12.27
OBD CLA CC . -10.70 -54.63 11.39
CBD CLA CC . -9.34 -52.92 12.50
CGD CLA CC . -8.13 -53.80 12.77
O1D CLA CC . -7.89 -54.43 13.79
O2D CLA CC . -7.23 -53.84 11.75
CED CLA CC . -6.11 -54.70 11.92
C1 CLA CC . -9.25 -46.08 10.73
MG CLA DC . -11.33 -67.54 19.95
CHA CLA DC . -8.02 -67.49 21.00
CHB CLA DC . -10.85 -70.65 18.65
CHC CLA DC . -14.66 -67.62 19.10
CHD CLA DC . -11.76 -64.31 21.34
NA CLA DC . -9.69 -68.82 19.84
C1A CLA DC . -8.40 -68.63 20.34
C2A CLA DC . -7.52 -69.83 20.05
C3A CLA DC . -8.39 -70.70 19.13
C4A CLA DC . -9.76 -70.04 19.21
CMA CLA DC . -7.85 -70.71 17.72
CAA CLA DC . -7.23 -70.56 21.35
CBA CLA DC . -8.42 -70.57 22.30
CGA CLA DC . -9.33 -71.71 21.99
O1A CLA DC . -9.04 -72.89 21.81
O2A CLA DC . -10.65 -71.36 21.88
NB CLA DC . -12.51 -68.84 18.96
C1B CLA DC . -12.15 -70.11 18.66
C2B CLA DC . -13.36 -70.91 18.32
C3B CLA DC . -14.44 -70.07 18.44
C4B CLA DC . -13.92 -68.74 18.86
CMB CLA DC . -13.27 -72.32 17.94
CAB CLA DC . -15.85 -70.35 18.24
CBB CLA DC . -16.38 -71.22 17.39
NC CLA DC . -12.91 -66.18 20.14
C1C CLA DC . -14.18 -66.41 19.70
C2C CLA DC . -15.01 -65.24 19.97
C3C CLA DC . -14.21 -64.32 20.64
C4C CLA DC . -12.89 -64.92 20.74
CMC CLA DC . -16.43 -65.11 19.61
CAC CLA DC . -14.60 -62.98 21.13
CBC CLA DC . -14.80 -62.96 22.63
ND CLA DC . -10.22 -66.18 20.95
C1D CLA DC . -10.51 -64.88 21.45
C2D CLA DC . -9.29 -64.31 22.06
C3D CLA DC . -8.30 -65.26 21.91
C4D CLA DC . -8.94 -66.41 21.22
CMD CLA DC . -9.20 -62.99 22.68
CAD CLA DC . -6.91 -65.62 22.15
OBD CLA DC . -6.02 -64.97 22.69
CBD CLA DC . -6.69 -67.05 21.56
CGD CLA DC . -5.66 -67.05 20.47
O1D CLA DC . -5.49 -66.19 19.59
O2D CLA DC . -4.83 -68.13 20.46
CED CLA DC . -3.99 -68.34 19.32
C1 CLA DC . -11.62 -72.36 22.23
C2 CLA DC . -12.96 -71.93 21.77
C3 CLA DC . -14.02 -72.76 21.67
C4 CLA DC . -13.91 -74.20 21.97
C5 CLA DC . -15.35 -72.26 21.21
C6 CLA DC . -16.50 -72.82 22.04
C7 CLA DC . -16.98 -71.82 23.07
C8 CLA DC . -18.39 -72.11 23.54
MG CLA EC . -20.31 -74.14 14.98
CHA CLA EC . -17.66 -76.36 14.65
CHB CLA EC . -19.21 -73.28 18.09
CHC CLA EC . -22.96 -71.98 15.26
CHD CLA EC . -21.38 -75.03 11.73
NA CLA EC . -18.68 -74.73 16.16
C1A CLA EC . -17.69 -75.67 15.84
C2A CLA EC . -16.68 -75.81 16.99
C3A CLA EC . -17.21 -74.83 18.06
C4A CLA EC . -18.45 -74.23 17.41
CMA CLA EC . -17.55 -75.54 19.35
CAA CLA EC . -15.28 -75.42 16.57
CBA CLA EC . -14.25 -75.73 17.64
CGA CLA EC . -14.31 -77.17 18.03
O1A CLA EC . -15.09 -77.73 18.80
O2A CLA EC . -13.36 -77.93 17.40
NB CLA EC . -20.92 -72.83 16.38
C1B CLA EC . -20.37 -72.66 17.61
C2B CLA EC . -21.20 -71.72 18.42
C3B CLA EC . -22.26 -71.35 17.62
C4B CLA EC . -22.11 -72.06 16.32
CMB CLA EC . -20.87 -71.35 19.79
CAB CLA EC . -23.37 -70.48 17.93
CBB CLA EC . -24.64 -70.84 17.97
NC CLA EC . -21.88 -73.62 13.72
C1C CLA EC . -22.86 -72.72 14.04
C2C CLA EC . -23.82 -72.61 12.94
C3C CLA EC . -23.35 -73.45 11.93
C4C CLA EC . -22.14 -74.08 12.43
CMC CLA EC . -24.99 -71.75 12.94
CAC CLA EC . -23.98 -73.69 10.62
CBC CLA EC . -25.07 -74.72 10.69
ND CLA EC . -19.75 -75.43 13.52
C1D CLA EC . -20.26 -75.67 12.22
C2D CLA EC . -19.42 -76.69 11.56
C3D CLA EC . -18.44 -77.03 12.46
C4D CLA EC . -18.67 -76.19 13.66
CMD CLA EC . -19.67 -77.24 10.22
CAD CLA EC . -17.27 -77.85 12.74
OBD CLA EC . -16.76 -78.74 12.07
CBD CLA EC . -16.70 -77.40 14.11
CGD CLA EC . -16.56 -78.58 15.04
O1D CLA EC . -15.57 -79.28 15.22
O2D CLA EC . -17.69 -78.87 15.74
CED CLA EC . -17.60 -79.82 16.80
MG CLA FC . -30.07 -63.77 3.26
CHA CLA FC . -33.38 -63.37 2.30
CHB CLA FC . -30.76 -66.92 4.34
CHC CLA FC . -26.76 -64.14 4.12
CHD CLA FC . -29.40 -60.49 2.12
NA CLA FC . -31.81 -64.93 3.30
C1A CLA FC . -33.10 -64.59 2.85
C2A CLA FC . -34.07 -65.74 3.07
C3A CLA FC . -33.22 -66.82 3.77
C4A CLA FC . -31.82 -66.20 3.81
CMA CLA FC . -33.70 -67.16 5.16
CAA CLA FC . -34.60 -66.27 1.75
NB CLA FC . -28.98 -65.23 4.12
C1B CLA FC . -29.44 -66.47 4.43
C2B CLA FC . -28.31 -67.33 4.90
C3B CLA FC . -27.18 -66.55 4.85
C4B CLA FC . -27.58 -65.21 4.34
CMB CLA FC . -28.49 -68.72 5.33
CAB CLA FC . -25.83 -66.91 5.19
CBB CLA FC . -25.03 -66.27 6.03
NC CLA FC . -28.40 -62.53 3.15
C1C CLA FC . -27.14 -62.89 3.56
C2C CLA FC . -26.21 -61.78 3.33
C3C CLA FC . -26.95 -60.75 2.76
C4C CLA FC . -28.32 -61.22 2.65
CMC CLA FC . -24.78 -61.81 3.64
CAC CLA FC . -26.46 -59.42 2.33
CBC CLA FC . -26.36 -58.44 3.47
ND CLA FC . -31.08 -62.25 2.40
C1D CLA FC . -30.69 -60.95 2.00
C2D CLA FC . -31.87 -60.23 1.45
C3D CLA FC . -32.93 -61.12 1.53
C4D CLA FC . -32.38 -62.36 2.14
CMD CLA FC . -31.84 -58.87 0.92
CAD CLA FC . -34.34 -61.33 1.29
OBD CLA FC . -35.18 -60.58 0.80
CBD CLA FC . -34.68 -62.78 1.78
CGD CLA FC . -35.75 -62.77 2.83
O1D CLA FC . -36.54 -63.67 3.11
O2D CLA FC . -35.82 -61.61 3.54
CED CLA FC . -37.06 -61.27 4.16
MG CLA GC . -22.84 -47.18 17.20
CHA CLA GC . -23.67 -43.91 18.01
CHB CLA GC . -23.80 -46.62 13.98
CHC CLA GC . -22.04 -50.44 16.45
CHD CLA GC . -21.90 -47.73 20.57
NA CLA GC . -23.59 -45.51 16.18
C1A CLA GC . -23.87 -44.24 16.70
C2A CLA GC . -24.42 -43.32 15.61
C3A CLA GC . -24.46 -44.21 14.34
C4A CLA GC . -23.90 -45.55 14.85
CMA CLA GC . -25.85 -44.35 13.79
CAA CLA GC . -23.51 -42.12 15.36
CBA CLA GC . -22.04 -42.49 15.45
CGA CLA GC . -21.33 -42.06 14.20
O1A CLA GC . -21.59 -42.33 13.04
O2A CLA GC . -20.25 -41.27 14.46
NB CLA GC . -22.92 -48.32 15.54
C1B CLA GC . -23.32 -47.91 14.31
C2B CLA GC . -23.21 -49.02 13.33
C3B CLA GC . -22.72 -50.11 14.02
C4B CLA GC . -22.52 -49.67 15.44
CMB CLA GC . -23.57 -48.90 11.93
CAB CLA GC . -22.42 -51.43 13.55
CBB CLA GC . -22.84 -52.58 14.11
NC CLA GC . -22.09 -48.78 18.32
C1C CLA GC . -21.84 -50.03 17.80
C2C CLA GC . -21.33 -50.89 18.85
C3C CLA GC . -21.29 -50.13 20.02
C4C CLA GC . -21.78 -48.80 19.67
CMC CLA GC . -20.94 -52.29 18.68
CAC CLA GC . -20.84 -50.57 21.35
CBC CLA GC . -19.36 -50.36 21.51
ND CLA GC . -22.72 -46.12 18.91
C1D CLA GC . -22.34 -46.47 20.24
C2D CLA GC . -22.51 -45.29 21.11
C3D CLA GC . -23.01 -44.27 20.31
C4D CLA GC . -23.13 -44.85 18.95
CMD CLA GC . -22.20 -45.27 22.54
CAD CLA GC . -23.43 -42.89 20.24
OBD CLA GC . -23.44 -42.04 21.13
CBD CLA GC . -23.92 -42.63 18.79
CGD CLA GC . -25.38 -42.25 18.74
O1D CLA GC . -26.25 -42.68 17.98
O2D CLA GC . -25.74 -41.32 19.66
CED CLA GC . -25.58 -39.94 19.33
C1 CLA GC . -19.10 -41.45 13.60
MG CLA HC . -27.29 -52.11 4.39
CHA CLA HC . -29.30 -50.16 6.43
CHB CLA HC . -30.05 -53.22 2.73
CHC CLA HC . -25.24 -53.94 2.31
CHD CLA HC . -24.44 -50.91 6.12
NA CLA HC . -29.34 -51.75 4.58
C1A CLA HC . -29.98 -50.89 5.49
C2A CLA HC . -31.49 -50.91 5.29
C3A CLA HC . -31.70 -51.93 4.13
C4A CLA HC . -30.27 -52.34 3.77
CMA CLA HC . -32.55 -53.11 4.53
CAA CLA HC . -32.02 -49.55 4.87
CBA CLA HC . -31.46 -49.11 3.52
CGA CLA HC . -30.25 -48.26 3.72
O1A CLA HC . -30.04 -47.38 4.56
O2A CLA HC . -29.25 -48.55 2.82
NB CLA HC . -27.59 -53.34 2.83
C1B CLA HC . -28.80 -53.68 2.29
C2B CLA HC . -28.61 -54.62 1.16
C3B CLA HC . -27.26 -54.84 1.03
C4B CLA HC . -26.59 -54.02 2.09
CMB CLA HC . -29.73 -55.17 0.39
CAB CLA HC . -26.54 -55.66 0.10
CBB CLA HC . -25.62 -55.20 -0.77
NC CLA HC . -25.23 -52.38 4.25
C1C CLA HC . -24.61 -53.17 3.32
C2C CLA HC . -23.16 -53.12 3.51
C3C CLA HC . -22.92 -52.27 4.59
C4C CLA HC . -24.23 -51.81 5.05
CMC CLA HC . -22.18 -53.84 2.69
CAC CLA HC . -21.62 -51.89 5.17
CBC CLA HC . -21.33 -52.62 6.46
ND CLA HC . -26.89 -50.87 5.93
C1D CLA HC . -25.68 -50.46 6.54
C2D CLA HC . -25.98 -49.51 7.63
C3D CLA HC . -27.35 -49.36 7.64
C4D CLA HC . -27.87 -50.22 6.56
CMD CLA HC . -24.98 -48.88 8.50
CAD CLA HC . -28.48 -48.72 8.27
OBD CLA HC . -28.52 -47.94 9.22
CBD CLA HC . -29.76 -49.18 7.50
CGD CLA HC . -30.79 -49.78 8.42
O1D CLA HC . -30.86 -50.93 8.84
O2D CLA HC . -31.74 -48.88 8.81
CED CLA HC . -31.96 -48.68 10.20
C1 CLA HC . -27.92 -48.74 3.37
C2 CLA HC . -27.01 -48.89 2.20
C3 CLA HC . -25.67 -48.81 2.28
C4 CLA HC . -24.98 -48.55 3.56
C5 CLA HC . -24.83 -48.96 1.07
C6 CLA HC . -23.93 -50.19 1.11
C7 CLA HC . -23.73 -50.74 -0.29
C8 CLA HC . -22.33 -51.28 -0.51
C9 CLA HC . -21.28 -50.26 -0.11
C10 CLA HC . -22.12 -51.69 -1.95
C1A DGD IC . -30.77 -48.89 -3.32
C2A DGD IC . -29.95 -47.85 -4.02
C3A DGD IC . -29.73 -48.30 -5.46
C4A DGD IC . -28.61 -47.50 -6.10
O1A DGD IC . -30.94 -49.97 -3.84
C1B DGD IC . -29.37 -51.20 -0.42
C2B DGD IC . -29.30 -52.06 -1.64
C3B DGD IC . -27.82 -52.31 -1.95
C4B DGD IC . -27.06 -51.01 -2.09
C5B DGD IC . -26.45 -50.90 -3.48
C6B DGD IC . -26.70 -52.15 -4.30
O1B DGD IC . -28.56 -51.34 0.49
O1G DGD IC . -31.38 -48.64 -2.03
C1G DGD IC . -32.34 -49.55 -1.52
C2G DGD IC . -31.68 -50.62 -0.66
O2G DGD IC . -30.39 -50.18 -0.28
C3G DGD IC . -32.50 -50.82 0.60
O3G DGD IC . -33.79 -51.31 0.25
C1D DGD IC . -34.82 -50.38 0.51
C2D DGD IC . -35.76 -50.36 -0.67
O2D DGD IC . -35.07 -49.94 -1.84
C3D DGD IC . -36.88 -49.39 -0.40
O3D DGD IC . -37.79 -49.38 -1.49
C4D DGD IC . -37.58 -49.87 0.86
O4D DGD IC . -38.07 -51.18 0.64
C5D DGD IC . -36.58 -49.89 2.01
O5D DGD IC . -36.43 -50.03 4.40
C6D DGD IC . -37.27 -50.34 3.29
O6D DGD IC . -35.54 -50.80 1.67
C1E DGD IC . -36.92 -50.59 5.62
C2E DGD IC . -37.51 -49.50 6.50
O2E DGD IC . -38.63 -48.90 5.85
C3E DGD IC . -36.45 -48.44 6.77
O3E DGD IC . -36.95 -47.50 7.72
C4E DGD IC . -35.19 -49.08 7.32
O4E DGD IC . -35.41 -49.49 8.67
C5E DGD IC . -34.75 -50.28 6.50
O6E DGD IC . -35.85 -51.18 6.32
C6E DGD IC . -33.74 -50.64 7.48
O5E DGD IC . -34.54 -50.85 8.65
C1 XAT JC . -16.89 -70.30 2.50
C2 XAT JC . -15.52 -70.81 2.94
C3 XAT JC . -15.10 -70.21 4.26
C4 XAT JC . -16.05 -70.80 5.28
C5 XAT JC . -17.44 -70.21 5.08
C6 XAT JC . -17.85 -69.87 3.63
C7 XAT JC . -19.33 -70.04 3.37
C8 XAT JC . -19.97 -68.92 3.03
C9 XAT JC . -21.40 -68.79 2.72
C10 XAT JC . -21.80 -67.59 2.28
C11 XAT JC . -23.15 -67.21 1.91
C12 XAT JC . -23.26 -65.96 1.45
C13 XAT JC . -24.53 -65.35 1.02
C14 XAT JC . -24.51 -64.11 0.54
C15 XAT JC . -25.74 -63.44 0.11
C16 XAT JC . -17.57 -71.37 1.67
C17 XAT JC . -16.68 -69.10 1.58
C18 XAT JC . -18.65 -70.69 5.90
C19 XAT JC . -22.36 -69.94 2.89
C20 XAT JC . -25.82 -66.12 1.14
O3 XAT JC . -13.75 -70.56 4.57
O4 XAT JC . -17.46 -68.86 4.59
C21 XAT JC . -33.30 -53.72 -4.40
C22 XAT JC . -34.23 -52.59 -4.00
C23 XAT JC . -35.50 -53.18 -3.45
C24 XAT JC . -35.15 -53.68 -2.06
C25 XAT JC . -34.00 -54.69 -2.05
C26 XAT JC . -33.09 -54.78 -3.29
C27 XAT JC . -31.66 -55.13 -2.95
C28 XAT JC . -31.21 -56.35 -3.27
C29 XAT JC . -29.84 -56.76 -2.96
C30 XAT JC . -29.63 -58.04 -2.60
C31 XAT JC . -28.30 -58.54 -2.28
C32 XAT JC . -28.21 -59.77 -1.79
C33 XAT JC . -26.92 -60.37 -1.41
C34 XAT JC . -26.91 -61.59 -0.86
C35 XAT JC . -25.67 -62.24 -0.45
C36 XAT JC . -31.94 -53.15 -4.80
C37 XAT JC . -33.89 -54.42 -5.62
C38 XAT JC . -33.22 -55.00 -0.77
C39 XAT JC . -28.69 -55.80 -3.06
C40 XAT JC . -25.64 -59.62 -1.64
O23 XAT JC . -36.51 -52.19 -3.36
O24 XAT JC . -34.11 -55.75 -3.01
C1 A1L1G KC . -24.03 -68.87 -37.97
C5 A1L1G KC . -23.13 -68.26 -40.24
C4 A1L1G KC . -22.61 -70.14 -36.37
C3 A1L1G KC . -21.66 -69.42 -38.57
C2 A1L1G KC . -25.52 -66.76 -38.26
C10 A1L1G KC . -25.00 -70.79 -36.62
C11 A1L1G KC . -24.01 -69.64 -36.64
C12 A1L1G KC . -23.54 -70.64 -39.69
C14 A1L1G KC . -37.62 -52.35 -36.80
C17 A1L1G KC . -37.76 -49.88 -38.38
C18 A1L1G KC . -39.90 -52.74 -35.25
C19 A1L1G KC . -38.44 -51.44 -33.69
C20 A1L1G KC . -38.28 -49.89 -36.97
C21 A1L1G KC . -39.28 -48.81 -36.64
C22 A1L1G KC . -39.78 -48.92 -35.21
C23 A1L1G KC . -40.28 -50.31 -34.92
C24 A1L1G KC . -39.19 -51.40 -35.02
C25 A1L1G KC . -38.22 -51.12 -36.18
C26 A1L1G KC . -34.65 -52.55 -37.93
C27 A1L1G KC . -31.15 -56.57 -37.88
C28 A1L1G KC . -31.50 -63.88 -38.31
C29 A1L1G KC . -36.54 -52.95 -36.32
C30 A1L1G KC . -35.51 -53.48 -37.11
C31 A1L1G KC . -35.28 -54.83 -37.14
C32 A1L1G KC . -34.08 -55.50 -37.14
C33 A1L1G KC . -33.59 -56.34 -38.11
C34 A1L1G KC . -32.48 -57.18 -38.05
C35 A1L1G KC . -32.56 -58.58 -38.13
C36 A1L1G KC . -31.52 -59.50 -38.08
C37 A1L1G KC . -31.52 -60.86 -38.36
C38 A1L1G KC . -30.51 -61.67 -38.83
C39 A1L1G KC . -30.31 -63.04 -38.60
C40 A1L1G KC . -29.05 -63.66 -38.62
C41 A1L1G KC . -28.75 -65.00 -38.56
C42 A1L1G KC . -27.62 -65.59 -39.09
C43 A1L1G KC . -27.66 -68.03 -38.58
C44 A1L1G KC . -26.93 -66.73 -38.65
C45 A1L1G KC . -24.81 -67.84 -38.12
C6 A1L1G KC . -23.10 -69.30 -39.11
C8 A1L1G KC . -21.55 -69.29 -37.06
O13 A1L1G KC . -33.66 -51.99 -37.10
O15 A1L1G KC . -37.28 -50.06 -35.93
O16 A1L1G KC . -40.84 -47.98 -35.00
O7 A1L1G KC . -20.25 -69.71 -36.66
O9 A1L1G KC . -24.32 -68.73 -35.56
C1 XAT LC . -42.57 -77.67 -12.54
C2 XAT LC . -43.99 -78.13 -12.86
C3 XAT LC . -44.85 -76.94 -13.22
C4 XAT LC . -44.38 -76.51 -14.60
C5 XAT LC . -42.94 -75.97 -14.54
C6 XAT LC . -42.03 -76.52 -13.42
C7 XAT LC . -40.58 -76.61 -13.85
C8 XAT LC . -39.73 -75.78 -13.25
C9 XAT LC . -38.30 -75.75 -13.57
C10 XAT LC . -37.61 -74.65 -13.23
C11 XAT LC . -36.20 -74.51 -13.49
C12 XAT LC . -35.69 -73.29 -13.37
C13 XAT LC . -34.26 -73.00 -13.62
C14 XAT LC . -33.90 -71.74 -13.84
C15 XAT LC . -32.51 -71.39 -14.10
C16 XAT LC . -41.63 -78.87 -12.68
C17 XAT LC . -42.52 -77.22 -11.09
C18 XAT LC . -42.14 -75.68 -15.82
C19 XAT LC . -37.64 -76.90 -14.26
C20 XAT LC . -33.25 -74.11 -13.62
O3 XAT LC . -46.22 -77.33 -13.28
O4 XAT LC . -42.63 -75.21 -13.37
C21 XAT LC . -22.10 -64.19 -16.91
C22 XAT LC . -20.88 -64.04 -17.80
C23 XAT LC . -20.22 -65.38 -17.99
C24 XAT LC . -21.13 -66.11 -18.96
C25 XAT LC . -22.49 -66.40 -18.30
C26 XAT LC . -22.93 -65.45 -17.18
C27 XAT LC . -24.45 -65.30 -17.12
C28 XAT LC . -25.06 -65.88 -16.09
C29 XAT LC . -26.51 -65.84 -15.91
C30 XAT LC . -27.08 -66.90 -15.33
C31 XAT LC . -28.51 -67.01 -15.08
C32 XAT LC . -28.95 -68.23 -14.77
C33 XAT LC . -30.38 -68.50 -14.48
C34 XAT LC . -30.78 -69.77 -14.48
C35 XAT LC . -32.16 -70.12 -14.20
C36 XAT LC . -22.98 -62.96 -17.07
C37 XAT LC . -21.64 -64.23 -15.46
C38 XAT LC . -23.68 -66.91 -19.11
C39 XAT LC . -27.32 -64.65 -16.33
C40 XAT LC . -31.33 -67.38 -14.21
O23 XAT LC . -18.92 -65.23 -18.57
O24 XAT LC . -22.41 -66.76 -16.93
C1 XAT MC . -18.64 -57.64 -38.13
C2 XAT MC . -17.42 -57.69 -39.03
C3 XAT MC . -16.19 -58.00 -38.21
C4 XAT MC . -16.32 -59.47 -37.87
C5 XAT MC . -17.52 -59.69 -36.94
C6 XAT MC . -18.68 -58.69 -37.01
C7 XAT MC . -20.03 -59.32 -36.69
C8 XAT MC . -20.58 -58.98 -35.54
C9 XAT MC . -21.88 -59.49 -35.08
C10 XAT MC . -22.23 -59.26 -33.80
C11 XAT MC . -23.49 -59.73 -33.23
C12 XAT MC . -23.66 -59.62 -31.92
C13 XAT MC . -24.90 -60.06 -31.24
C14 XAT MC . -24.97 -60.03 -29.91
C15 XAT MC . -26.18 -60.46 -29.20
C16 XAT MC . -19.90 -57.78 -38.99
C17 XAT MC . -18.71 -56.25 -37.49
C18 XAT MC . -18.03 -61.11 -36.63
C19 XAT MC . -22.79 -60.25 -36.01
C20 XAT MC . -26.07 -60.55 -32.06
O3 XAT MC . -15.00 -57.77 -38.98
O4 XAT MC . -17.71 -58.68 -35.95
C21 XAT MC . -34.11 -62.66 -20.57
C22 XAT MC . -35.60 -62.60 -20.38
C23 XAT MC . -35.93 -62.10 -18.98
C24 XAT MC . -35.58 -60.63 -18.99
C25 XAT MC . -34.07 -60.41 -19.19
C26 XAT MC . -33.30 -61.51 -19.95
C27 XAT MC . -32.15 -60.95 -20.78
C28 XAT MC . -31.00 -61.62 -20.83
C29 XAT MC . -29.86 -61.13 -21.61
C30 XAT MC . -29.71 -61.48 -22.91
C31 XAT MC . -28.57 -61.03 -23.70
C32 XAT MC . -28.51 -61.32 -25.00
C33 XAT MC . -27.33 -60.87 -25.78
C34 XAT MC . -27.37 -60.86 -27.12
C35 XAT MC . -26.19 -60.43 -27.86
C36 XAT MC . -33.85 -62.68 -22.08
C37 XAT MC . -33.60 -63.97 -20.00
C38 XAT MC . -33.48 -59.03 -19.49
C39 XAT MC . -28.83 -60.27 -20.94
C40 XAT MC . -26.09 -60.44 -25.07
O23 XAT MC . -37.33 -62.26 -18.72
O24 XAT MC . -33.23 -61.36 -18.52
C1 XAT NC . -37.82 -68.45 -33.09
C2 XAT NC . -38.88 -67.50 -33.61
C3 XAT NC . -39.00 -66.29 -32.71
C4 XAT NC . -37.75 -65.47 -32.98
C5 XAT NC . -36.53 -66.22 -32.46
C6 XAT NC . -36.59 -67.76 -32.45
C7 XAT NC . -35.24 -68.42 -32.69
C8 XAT NC . -34.68 -69.00 -31.64
C9 XAT NC . -33.39 -69.70 -31.65
C10 XAT NC . -32.90 -70.07 -30.46
C11 XAT NC . -31.64 -70.79 -30.26
C12 XAT NC . -31.28 -70.98 -28.99
C13 XAT NC . -30.06 -71.71 -28.59
C14 XAT NC . -29.90 -71.97 -27.29
C15 XAT NC . -28.76 -72.73 -26.78
C16 XAT NC . -37.36 -69.35 -34.22
C17 XAT NC . -38.45 -69.35 -32.02
C18 XAT NC . -35.11 -65.71 -32.74
C19 XAT NC . -32.65 -69.97 -32.93
C20 XAT NC . -29.06 -72.15 -29.61
O3 XAT NC . -40.18 -65.53 -33.02
O4 XAT NC . -36.74 -66.97 -31.26
C21 XAT NC . -22.16 -78.87 -17.40
C22 XAT NC . -20.94 -79.49 -16.73
C23 XAT NC . -19.77 -79.60 -17.69
C24 XAT NC . -19.32 -78.16 -17.91
C25 XAT NC . -20.39 -77.39 -18.71
C26 XAT NC . -21.85 -77.84 -18.50
C27 XAT NC . -22.85 -76.71 -18.66
C28 XAT NC . -23.60 -76.77 -19.75
C29 XAT NC . -24.65 -75.79 -20.08
C30 XAT NC . -25.14 -75.80 -21.33
C31 XAT NC . -26.20 -74.90 -21.77
C32 XAT NC . -26.41 -74.78 -23.07
C33 XAT NC . -27.49 -73.94 -23.60
C34 XAT NC . -27.63 -73.80 -24.93
C35 XAT NC . -28.72 -73.01 -25.48
C36 XAT NC . -23.00 -78.20 -16.33
C37 XAT NC . -22.99 -79.98 -18.02
C38 XAT NC . -20.28 -75.88 -18.96
C39 XAT NC . -25.19 -74.86 -19.03
C40 XAT NC . -28.44 -73.27 -22.66
O23 XAT NC . -18.72 -80.36 -17.09
O24 XAT NC . -21.08 -78.18 -19.67
C1 A1L1G OC . -12.61 -54.19 -14.96
C5 A1L1G OC . -12.72 -54.48 -12.48
C4 A1L1G OC . -10.46 -54.70 -16.09
C3 A1L1G OC . -10.91 -55.60 -13.77
C2 A1L1G OC . -15.09 -53.43 -14.91
C10 A1L1G OC . -12.25 -53.53 -17.38
C11 A1L1G OC . -11.95 -54.55 -16.30
C12 A1L1G OC . -10.91 -53.11 -13.44
C14 A1L1G OC . -32.87 -55.67 -19.68
C17 A1L1G OC . -34.32 -54.25 -17.46
C18 A1L1G OC . -34.38 -53.77 -21.80
C19 A1L1G OC . -34.40 -56.23 -22.15
C20 A1L1G OC . -35.03 -54.65 -18.73
C21 A1L1G OC . -36.27 -53.88 -19.08
C22 A1L1G OC . -37.12 -54.73 -19.99
C23 A1L1G OC . -36.40 -55.07 -21.28
C24 A1L1G OC . -34.87 -55.10 -21.23
C25 A1L1G OC . -34.32 -55.32 -19.81
C26 A1L1G OC . -30.27 -56.67 -20.44
C27 A1L1G OC . -25.35 -55.78 -19.00
C28 A1L1G OC . -20.24 -50.74 -17.26
C29 A1L1G OC . -31.84 -54.84 -19.82
C30 A1L1G OC . -30.52 -55.27 -19.96
C31 A1L1G OC . -29.46 -54.44 -19.66
C32 A1L1G OC . -28.11 -54.76 -19.57
C33 A1L1G OC . -27.16 -54.12 -18.80
C34 A1L1G OC . -25.79 -54.41 -18.69
C35 A1L1G OC . -24.83 -53.48 -18.29
C36 A1L1G OC . -23.60 -53.69 -17.72
C37 A1L1G OC . -22.50 -52.86 -17.63
C38 A1L1G OC . -21.44 -52.84 -16.76
C39 A1L1G OC . -20.21 -52.17 -16.89
C40 A1L1G OC . -18.97 -52.78 -16.69
C41 A1L1G OC . -17.97 -52.42 -15.80
C42 A1L1G OC . -16.73 -51.91 -16.11
C43 A1L1G OC . -14.60 -51.01 -15.26
C44 A1L1G OC . -15.53 -52.14 -15.45
C45 A1L1G OC . -13.84 -53.77 -14.93
C6 A1L1G OC . -11.78 -54.34 -13.68
C8 A1L1G OC . -10.12 -55.77 -15.06
O13 A1L1G OC . -29.47 -57.37 -19.51
O15 A1L1G OC . -35.19 -56.07 -18.93
O16 A1L1G OC . -38.34 -54.05 -20.27
O7 A1L1G OC . -8.73 -55.69 -14.77
O9 A1L1G OC . -12.41 -55.84 -16.72
MG CLA PC . -19.28 -66.85 -47.52
CHA CLA PC . -18.40 -69.88 -46.04
CHB CLA PC . -18.31 -68.06 -50.55
CHC CLA PC . -20.15 -63.85 -48.93
CHD CLA PC . -20.17 -65.61 -44.33
NA CLA PC . -18.50 -68.68 -48.16
C1A CLA PC . -18.21 -69.83 -47.40
C2A CLA PC . -17.65 -70.95 -48.27
C3A CLA PC . -17.60 -70.31 -49.68
C4A CLA PC . -18.18 -68.92 -49.47
CMA CLA PC . -16.19 -70.27 -50.23
CAA CLA PC . -18.58 -72.14 -48.27
CBA CLA PC . -20.00 -71.73 -48.63
CGA CLA PC . -20.89 -72.93 -48.68
O1A CLA PC . -20.62 -74.07 -49.09
O2A CLA PC . -22.15 -72.68 -48.22
NB CLA PC . -19.24 -66.10 -49.38
C1B CLA PC . -18.81 -66.75 -50.49
C2B CLA PC . -18.93 -65.86 -51.68
C3B CLA PC . -19.45 -64.66 -51.23
C4B CLA PC . -19.66 -64.80 -49.77
CMB CLA PC . -18.54 -66.26 -53.02
CAB CLA PC . -19.78 -63.47 -51.97
CBB CLA PC . -20.99 -62.95 -52.07
NC CLA PC . -20.05 -65.07 -46.75
C1C CLA PC . -20.34 -63.97 -47.52
C2C CLA PC . -20.87 -62.90 -46.67
C3C CLA PC . -20.85 -63.39 -45.37
C4C CLA PC . -20.33 -64.75 -45.43
CMC CLA PC . -21.30 -61.58 -47.15
CAC CLA PC . -21.30 -62.68 -44.15
CBC CLA PC . -22.66 -63.15 -43.68
ND CLA PC . -19.35 -67.53 -45.62
C1D CLA PC . -19.70 -66.90 -44.39
C2D CLA PC . -19.49 -67.87 -43.29
C3D CLA PC . -19.03 -69.03 -43.86
C4D CLA PC . -18.94 -68.76 -45.31
CMD CLA PC . -19.77 -67.57 -41.89
CAD CLA PC . -18.58 -70.39 -43.64
OBD CLA PC . -18.55 -71.04 -42.59
CBD CLA PC . -18.12 -70.95 -45.01
CGD CLA PC . -16.68 -71.35 -45.00
O1D CLA PC . -15.70 -70.64 -44.74
O2D CLA PC . -16.45 -72.67 -45.30
CED CLA PC . -15.12 -73.16 -45.14
MG CLA QC . -24.50 -76.15 -39.53
CHA CLA QC . -22.95 -77.83 -36.92
CHB CLA QC . -23.09 -78.32 -41.76
CHC CLA QC . -26.17 -74.53 -42.07
CHD CLA QC . -26.01 -73.99 -37.17
NA CLA QC . -23.21 -77.79 -39.35
C1A CLA QC . -22.68 -78.34 -38.17
C2A CLA QC . -21.80 -79.55 -38.49
C3A CLA QC . -21.80 -79.61 -40.03
C4A CLA QC . -22.77 -78.50 -40.44
CMA CLA QC . -20.42 -79.39 -40.60
CAA CLA QC . -22.41 -80.81 -37.92
CBA CLA QC . -23.88 -80.91 -38.23
CGA CLA QC . -24.53 -81.98 -37.41
O1A CLA QC . -25.67 -82.44 -37.52
O2A CLA QC . -23.72 -82.47 -36.44
NB CLA QC . -24.66 -76.42 -41.52
C1B CLA QC . -23.95 -77.31 -42.27
C2B CLA QC . -24.18 -77.08 -43.71
C3B CLA QC . -25.06 -76.01 -43.81
C4B CLA QC . -25.36 -75.58 -42.42
CMB CLA QC . -23.55 -77.87 -44.77
CAB CLA QC . -25.60 -75.35 -44.96
CBB CLA QC . -24.88 -74.76 -45.91
NC CLA QC . -25.81 -74.54 -39.60
C1C CLA QC . -26.38 -74.04 -40.76
C2C CLA QC . -27.26 -72.92 -40.43
C3C CLA QC . -27.22 -72.76 -39.05
C4C CLA QC . -26.32 -73.79 -38.53
CMC CLA QC . -28.01 -72.15 -41.42
CAC CLA QC . -27.95 -71.77 -38.26
CBC CLA QC . -29.28 -72.29 -37.77
ND CLA QC . -24.40 -75.82 -37.55
C1D CLA QC . -25.12 -74.93 -36.70
C2D CLA QC . -24.74 -75.19 -35.29
C3D CLA QC . -23.89 -76.27 -35.32
C4D CLA QC . -23.75 -76.65 -36.74
CMD CLA QC . -25.22 -74.42 -34.15
CAD CLA QC . -23.05 -77.18 -34.55
OBD CLA QC . -22.79 -77.15 -33.35
CBD CLA QC . -22.52 -78.26 -35.53
CGD CLA QC . -21.03 -78.49 -35.37
O1D CLA QC . -20.47 -79.10 -34.47
O2D CLA QC . -20.27 -77.95 -36.36
CED CLA QC . -19.08 -78.66 -36.72
C1 CLA QC . -24.24 -83.55 -35.63
C2 CLA QC . -23.21 -83.86 -34.62
MG CLA RC . -17.66 -63.34 -34.11
CHA CLA RC . -14.78 -64.43 -35.70
CHB CLA RC . -15.76 -61.71 -31.80
CHC CLA RC . -20.54 -62.20 -32.64
CHD CLA RC . -19.59 -65.09 -36.51
NA CLA RC . -15.61 -63.12 -33.82
C1A CLA RC . -14.57 -63.65 -34.60
C2A CLA RC . -13.21 -63.26 -34.03
C3A CLA RC . -13.56 -62.53 -32.72
C4A CLA RC . -15.08 -62.42 -32.77
CMA CLA RC . -13.08 -63.32 -31.52
CAA CLA RC . -12.49 -62.31 -34.98
CBA CLA RC . -13.39 -61.23 -35.52
CGA CLA RC . -13.41 -60.03 -34.62
O1A CLA RC . -12.46 -59.41 -34.14
O2A CLA RC . -14.68 -59.61 -34.31
NB CLA RC . -18.07 -62.25 -32.47
C1B CLA RC . -17.16 -61.55 -31.75
C2B CLA RC . -17.85 -60.61 -30.83
C3B CLA RC . -19.20 -60.74 -31.05
C4B CLA RC . -19.36 -61.78 -32.11
CMB CLA RC . -17.11 -59.73 -29.91
CAB CLA RC . -20.33 -60.07 -30.47
CBB CLA RC . -20.44 -59.65 -29.22
NC CLA RC . -19.70 -63.63 -34.50
C1C CLA RC . -20.70 -63.08 -33.75
C2C CLA RC . -22.00 -63.51 -34.28
C3C CLA RC . -21.73 -64.30 -35.40
C4C CLA RC . -20.28 -64.37 -35.53
CMC CLA RC . -23.30 -63.13 -33.73
CAC CLA RC . -22.71 -64.97 -36.27
CBC CLA RC . -22.89 -64.23 -37.58
ND CLA RC . -17.34 -64.43 -35.77
C1D CLA RC . -18.22 -65.14 -36.64
C2D CLA RC . -17.43 -65.87 -37.66
C3D CLA RC . -16.09 -65.62 -37.35
C4D CLA RC . -16.10 -64.75 -36.16
CMD CLA RC . -18.01 -66.66 -38.73
CAD CLA RC . -14.71 -65.84 -37.72
OBD CLA RC . -14.24 -66.43 -38.68
CBD CLA RC . -13.84 -65.17 -36.62
CGD CLA RC . -13.11 -66.21 -35.81
O1D CLA RC . -13.53 -67.33 -35.49
O2D CLA RC . -11.88 -65.83 -35.39
CED CLA RC . -11.42 -66.38 -34.15
C1 CLA RC . -14.80 -58.54 -33.35
C2 CLA RC . -16.24 -58.22 -33.24
C3 CLA RC . -16.72 -57.16 -32.57
C4 CLA RC . -15.83 -56.21 -31.86
C5 CLA RC . -18.18 -56.89 -32.50
C6 CLA RC . -18.57 -55.63 -33.25
C7 CLA RC . -20.05 -55.61 -33.57
C8 CLA RC . -20.42 -54.44 -34.47
C9 CLA RC . -19.84 -53.15 -33.93
C10 CLA RC . -21.94 -54.32 -34.62
C11 CLA RC . -22.49 -55.33 -35.60
MG CLA SC . -22.70 -56.12 -26.35
CHA CLA SC . -19.49 -55.56 -25.14
CHB CLA SC . -21.50 -56.10 -29.53
CHC CLA SC . -25.86 -56.86 -27.48
CHD CLA SC . -23.90 -56.12 -23.03
NA CLA SC . -20.79 -55.86 -27.18
C1A CLA SC . -19.58 -55.66 -26.50
C2A CLA SC . -18.42 -55.54 -27.49
C3A CLA SC . -19.11 -55.65 -28.87
C4A CLA SC . -20.57 -55.89 -28.53
CMA CLA SC . -18.93 -54.39 -29.68
CAA CLA SC . -17.44 -56.69 -27.29
CBA CLA SC . -16.24 -56.59 -28.20
CGA CLA SC . -15.40 -55.41 -27.82
O1A CLA SC . -14.88 -55.15 -26.72
O2A CLA SC . -15.21 -54.54 -28.85
NB CLA SC . -23.50 -56.53 -28.15
C1B CLA SC . -22.87 -56.32 -29.35
C2B CLA SC . -23.87 -56.33 -30.46
C3B CLA SC . -25.10 -56.54 -29.88
C4B CLA SC . -24.88 -56.66 -28.41
CMB CLA SC . -23.47 -56.12 -31.84
CAB CLA SC . -26.42 -56.63 -30.45
CBB CLA SC . -26.74 -56.86 -31.73
NC CLA SC . -24.54 -56.43 -25.42
C1C CLA SC . -25.71 -56.73 -26.07
C2C CLA SC . -26.78 -56.93 -25.11
C3C CLA SC . -26.24 -56.68 -23.85
C4C CLA SC . -24.83 -56.38 -24.05
CMC CLA SC . -28.16 -57.27 -25.45
CAC CLA SC . -26.94 -56.75 -22.55
CBC CLA SC . -26.42 -57.87 -21.66
ND CLA SC . -21.97 -55.77 -24.50
C1D CLA SC . -22.57 -55.84 -23.21
C2D CLA SC . -21.53 -55.58 -22.19
C3D CLA SC . -20.33 -55.46 -22.87
C4D CLA SC . -20.65 -55.63 -24.30
CMD CLA SC . -21.78 -55.50 -20.75
CAD CLA SC . -18.92 -55.22 -22.77
OBD CLA SC . -18.24 -54.97 -21.78
CBD CLA SC . -18.32 -55.35 -24.20
CGD CLA SC . -17.47 -54.17 -24.58
O1D CLA SC . -17.79 -53.22 -25.31
O2D CLA SC . -16.24 -54.19 -24.02
CED CLA SC . -15.39 -53.05 -24.22
C1 CLA SC . -14.77 -53.21 -28.53
C2 CLA SC . -15.36 -52.32 -29.56
C3 CLA SC . -14.92 -52.27 -30.83
C4 CLA SC . -13.81 -53.12 -31.31
C5 CLA SC . -15.57 -51.36 -31.82
C6 CLA SC . -14.69 -51.04 -33.01
C7 CLA SC . -15.35 -50.03 -33.92
C8 CLA SC . -16.49 -50.64 -34.74
C9 CLA SC . -15.94 -51.56 -35.81
C10 CLA SC . -17.34 -49.54 -35.37
C11 CLA SC . -18.35 -50.11 -36.35
MG CLA TC . -34.88 -67.50 -16.19
CHA CLA TC . -37.73 -66.89 -14.31
CHB CLA TC . -33.94 -64.25 -15.82
CHC CLA TC . -32.02 -68.18 -17.98
CHD CLA TC . -35.92 -70.87 -16.58
NA CLA TC . -35.72 -65.85 -15.21
C1A CLA TC . -36.91 -65.81 -14.47
C2A CLA TC . -37.16 -64.40 -13.93
C3A CLA TC . -35.99 -63.57 -14.49
C4A CLA TC . -35.13 -64.61 -15.23
CMA CLA TC . -36.46 -62.47 -15.41
CAA CLA TC . -37.11 -64.38 -12.41
CBA CLA TC . -36.06 -65.32 -11.84
CGA CLA TC . -34.78 -64.57 -11.56
O1A CLA TC . -34.63 -63.50 -10.96
O2A CLA TC . -33.67 -65.21 -12.03
NB CLA TC . -33.29 -66.42 -16.80
C1B CLA TC . -33.07 -65.11 -16.53
C2B CLA TC . -31.77 -64.68 -17.10
C3B CLA TC . -31.22 -65.78 -17.71
C4B CLA TC . -32.18 -66.90 -17.52
CMB CLA TC . -31.26 -63.31 -16.97
CAB CLA TC . -29.97 -65.95 -18.41
CBB CLA TC . -29.44 -65.08 -19.26
NC CLA TC . -34.12 -69.21 -17.11
C1C CLA TC . -32.91 -69.27 -17.77
C2C CLA TC . -32.69 -70.62 -18.28
C3C CLA TC . -33.80 -71.38 -17.91
C4C CLA TC . -34.69 -70.49 -17.16
CMC CLA TC . -31.51 -71.05 -19.04
CAC CLA TC . -34.04 -72.81 -18.19
CBC CLA TC . -33.36 -73.72 -17.20
ND CLA TC . -36.43 -68.66 -15.61
C1D CLA TC . -36.74 -70.04 -15.85
C2D CLA TC . -38.03 -70.36 -15.21
C3D CLA TC . -38.45 -69.19 -14.60
C4D CLA TC . -37.42 -68.17 -14.89
CMD CLA TC . -38.68 -71.66 -15.24
CAD CLA TC . -39.49 -68.54 -13.80
OBD CLA TC . -40.53 -69.01 -13.36
CBD CLA TC . -39.06 -67.06 -13.60
CGD CLA TC . -40.09 -66.09 -14.13
O1D CLA TC . -40.67 -65.20 -13.51
O2D CLA TC . -40.38 -66.26 -15.44
CED CLA TC . -41.43 -65.45 -15.99
C1 CLA TC . -32.67 -65.60 -11.07
C2 CLA TC . -33.12 -66.87 -10.45
C3 CLA TC . -32.27 -67.72 -9.84
C4 CLA TC . -30.81 -67.45 -9.75
C5 CLA TC . -32.77 -68.98 -9.24
MG CLA UC . -20.31 -57.45 -17.59
CHA CLA UC . -18.09 -57.80 -20.24
CHB CLA UC . -17.85 -56.04 -15.72
CHC CLA UC . -22.60 -56.90 -15.11
CHD CLA UC . -22.81 -59.01 -19.56
NA CLA UC . -18.30 -57.04 -17.94
C1A CLA UC . -17.55 -57.24 -19.11
C2A CLA UC . -16.10 -56.79 -18.93
C3A CLA UC . -16.03 -56.47 -17.42
C4A CLA UC . -17.49 -56.49 -16.98
CMA CLA UC . -15.25 -57.52 -16.69
CAA CLA UC . -15.81 -55.55 -19.77
CBA CLA UC . -16.27 -54.27 -19.10
CGA CLA UC . -16.31 -53.13 -20.07
O1A CLA UC . -15.36 -52.52 -20.57
O2A CLA UC . -17.58 -52.76 -20.38
NB CLA UC . -20.22 -56.66 -15.75
C1B CLA UC . -19.15 -56.04 -15.20
C2B CLA UC . -19.54 -55.35 -13.94
C3B CLA UC . -20.88 -55.59 -13.76
C4B CLA UC . -21.33 -56.43 -14.90
CMB CLA UC . -18.60 -54.60 -13.11
CAB CLA UC . -21.75 -55.15 -12.70
CBB CLA UC . -22.88 -54.45 -12.86
NC CLA UC . -22.33 -57.91 -17.37
C1C CLA UC . -23.07 -57.60 -16.25
C2C CLA UC . -24.44 -58.06 -16.42
C3C CLA UC . -24.51 -58.66 -17.68
C4C CLA UC . -23.17 -58.56 -18.27
CMC CLA UC . -25.51 -57.89 -15.43
CAC CLA UC . -25.69 -59.27 -18.31
CBC CLA UC . -25.99 -60.64 -17.74
ND CLA UC . -20.48 -58.26 -19.44
C1D CLA UC . -21.57 -58.87 -20.13
C2D CLA UC . -21.12 -59.28 -21.48
C3D CLA UC . -19.80 -58.87 -21.59
C4D CLA UC . -19.45 -58.25 -20.29
CMD CLA UC . -21.96 -59.94 -22.47
CAD CLA UC . -18.62 -58.82 -22.43
OBD CLA UC . -18.45 -59.21 -23.58
CBD CLA UC . -17.48 -58.14 -21.58
CGD CLA UC . -16.27 -59.02 -21.46
O1D CLA UC . -16.00 -59.79 -20.54
O2D CLA UC . -15.40 -58.91 -22.50
CED CLA UC . -14.14 -59.57 -22.38
C1 CLA UC . -17.82 -51.40 -20.82
C2 CLA UC . -19.27 -51.20 -20.64
C3 CLA UC . -20.16 -51.11 -21.66
C4 CLA UC . -21.60 -50.92 -21.40
C5 CLA UC . -19.72 -51.20 -23.08
C6 CLA UC . -20.64 -52.08 -23.91
C7 CLA UC . -21.31 -51.28 -25.01
C8 CLA UC . -21.99 -52.18 -26.04
C9 CLA UC . -21.64 -51.74 -27.44
C10 CLA UC . -23.49 -52.19 -25.84
C11 CLA UC . -24.21 -52.79 -27.03
C12 CLA UC . -25.72 -52.70 -26.90
C13 CLA UC . -26.40 -52.85 -28.25
C14 CLA UC . -27.83 -53.32 -28.11
MG CLA VC . -19.49 -74.28 -22.05
CHA CLA VC . -16.29 -74.71 -20.80
CHB CLA VC . -18.89 -76.65 -24.42
CHC CLA VC . -22.70 -73.88 -23.19
CHD CLA VC . -20.09 -71.85 -19.54
NA CLA VC . -17.84 -75.47 -22.51
C1A CLA VC . -16.60 -75.51 -21.87
C2A CLA VC . -15.67 -76.52 -22.52
C3A CLA VC . -16.48 -77.02 -23.75
C4A CLA VC . -17.84 -76.35 -23.56
CMA CLA VC . -15.84 -76.63 -25.04
CAA CLA VC . -15.40 -77.68 -21.57
CBA CLA VC . -16.63 -78.10 -20.81
CGA CLA VC . -17.41 -79.11 -21.59
O1A CLA VC . -17.02 -80.18 -22.06
O2A CLA VC . -18.72 -78.76 -21.77
NB CLA VC . -20.58 -75.09 -23.54
C1B CLA VC . -20.18 -76.09 -24.36
C2B CLA VC . -21.31 -76.51 -25.24
C3B CLA VC . -22.38 -75.73 -24.90
C4B CLA VC . -21.93 -74.81 -23.81
CMB CLA VC . -21.17 -77.57 -26.23
CAB CLA VC . -23.73 -75.72 -25.41
CBB CLA VC . -24.07 -75.79 -26.70
NC CLA VC . -21.09 -73.06 -21.47
C1C CLA VC . -22.31 -73.05 -22.10
C2C CLA VC . -23.18 -72.07 -21.45
C3C CLA VC . -22.46 -71.51 -20.40
C4C CLA VC . -21.14 -72.15 -20.42
CMC CLA VC . -24.56 -71.78 -21.85
CAC CLA VC . -22.90 -70.48 -19.45
CBC CLA VC . -23.34 -71.08 -18.13
ND CLA VC . -18.49 -73.43 -20.51
C1D CLA VC . -18.84 -72.44 -19.57
C2D CLA VC . -17.68 -72.19 -18.68
C3D CLA VC . -16.67 -73.02 -19.11
C4D CLA VC . -17.22 -73.78 -20.25
CMD CLA VC . -17.67 -71.21 -17.57
CAD CLA VC . -15.30 -73.47 -18.91
OBD CLA VC . -14.48 -73.10 -18.08
CBD CLA VC . -15.02 -74.56 -19.99
CGD CLA VC . -13.88 -74.16 -20.88
O1D CLA VC . -13.91 -73.41 -21.87
O2D CLA VC . -12.68 -74.72 -20.54
CED CLA VC . -11.54 -74.36 -21.33
C1 CLA VC . -19.53 -79.68 -22.52
C2 CLA VC . -20.90 -79.12 -22.61
C3 CLA VC . -21.95 -79.83 -23.05
C4 CLA VC . -21.80 -81.23 -23.50
C5 CLA VC . -23.31 -79.23 -23.13
C6 CLA VC . -24.39 -80.17 -22.65
C7 CLA VC . -25.70 -79.44 -22.42
MG CLA WC . -28.48 -77.08 -30.70
CHA CLA WC . -25.88 -79.33 -31.17
CHB CLA WC . -28.27 -77.55 -27.33
CHC CLA WC . -31.11 -74.91 -30.30
CHD CLA WC . -28.67 -76.65 -34.21
NA CLA WC . -27.24 -78.23 -29.47
C1A CLA WC . -26.21 -79.11 -29.86
C2A CLA WC . -25.56 -79.76 -28.64
C3A CLA WC . -26.33 -79.14 -27.44
C4A CLA WC . -27.36 -78.23 -28.11
CMA CLA WC . -26.98 -80.19 -26.58
CAA CLA WC . -24.08 -79.42 -28.55
CBA CLA WC . -23.26 -80.68 -28.36
CGA CLA WC . -23.69 -81.38 -27.12
O1A CLA WC . -23.83 -80.92 -25.98
O2A CLA WC . -23.99 -82.70 -27.33
NB CLA WC . -29.48 -76.35 -29.11
C1B CLA WC . -29.27 -76.69 -27.82
C2B CLA WC . -30.29 -76.02 -26.95
C3B CLA WC . -31.10 -75.28 -27.78
C4B CLA WC . -30.59 -75.48 -29.17
CMB CLA WC . -30.34 -76.20 -25.50
CAB CLA WC . -32.23 -74.45 -27.49
CBB CLA WC . -33.31 -74.83 -26.81
NC CLA WC . -29.65 -75.96 -32.02
C1C CLA WC . -30.67 -75.13 -31.63
C2C CLA WC . -31.27 -74.51 -32.80
C3C CLA WC . -30.59 -75.01 -33.92
C4C CLA WC . -29.57 -75.92 -33.42
CMC CLA WC . -32.39 -73.56 -32.77
CAC CLA WC . -30.84 -74.68 -35.33
CBC CLA WC . -31.91 -75.56 -35.93
ND CLA WC . -27.51 -77.75 -32.34
C1D CLA WC . -27.71 -77.51 -33.73
C2D CLA WC . -26.75 -78.33 -34.51
C3D CLA WC . -26.02 -79.05 -33.57
C4D CLA WC . -26.55 -78.66 -32.25
CMD CLA WC . -26.65 -78.34 -35.96
CAD CLA WC . -24.97 -80.03 -33.35
OBD CLA WC . -24.26 -80.61 -34.17
CBD CLA WC . -24.86 -80.26 -31.81
CGD CLA WC . -25.16 -81.68 -31.45
O1D CLA WC . -26.16 -82.11 -30.87
O2D CLA WC . -24.20 -82.56 -31.82
CED CLA WC . -24.13 -83.81 -31.12
C1 CLA WC . -23.74 -83.60 -26.23
C2 CLA WC . -25.02 -83.72 -25.47
MG CLA XC . -36.86 -61.43 -35.86
CHA CLA XC . -40.06 -60.13 -36.28
CHB CLA XC . -38.01 -64.52 -36.70
CHC CLA XC . -33.65 -62.64 -35.54
CHD CLA XC . -35.71 -58.19 -35.03
NA CLA XC . -38.73 -62.18 -36.38
C1A CLA XC . -39.94 -61.48 -36.52
C2A CLA XC . -41.07 -62.41 -36.94
C3A CLA XC . -40.40 -63.80 -37.00
C4A CLA XC . -38.94 -63.50 -36.68
CMA CLA XC . -41.00 -64.76 -36.02
CAA CLA XC . -41.61 -62.04 -38.30
CBA CLA XC . -40.73 -62.56 -39.42
CGA CLA XC . -40.84 -61.70 -40.63
O1A CLA XC . -40.28 -61.84 -41.73
O2A CLA XC . -41.68 -60.64 -40.46
NB CLA XC . -35.99 -63.23 -36.10
C1B CLA XC . -36.64 -64.38 -36.42
C2B CLA XC . -35.68 -65.52 -36.41
C3B CLA XC . -34.44 -65.01 -36.09
C4B CLA XC . -34.62 -63.54 -35.87
CMB CLA XC . -36.07 -66.90 -36.72
CAB CLA XC . -33.19 -65.71 -35.95
CBB CLA XC . -32.33 -65.59 -34.93
NC CLA XC . -35.03 -60.56 -35.36
C1C CLA XC . -33.83 -61.25 -35.29
C2C CLA XC . -32.76 -60.33 -34.94
C3C CLA XC . -33.33 -59.07 -34.77
C4C CLA XC . -34.75 -59.23 -35.06
CMC CLA XC . -31.36 -60.71 -34.77
CAC CLA XC . -32.65 -57.81 -34.43
CBC CLA XC . -32.29 -57.69 -32.97
ND CLA XC . -37.64 -59.59 -35.61
C1D CLA XC . -37.06 -58.33 -35.28
C2D CLA XC . -38.11 -57.29 -35.27
C3D CLA XC . -39.28 -57.93 -35.64
C4D CLA XC . -38.93 -59.35 -35.86
CMD CLA XC . -37.88 -55.89 -34.93
CAD CLA XC . -40.70 -57.79 -35.87
OBD CLA XC . -41.42 -56.79 -35.74
CBD CLA XC . -41.23 -59.17 -36.34
CGD CLA XC . -42.39 -59.65 -35.52
O1D CLA XC . -42.39 -59.98 -34.33
O2D CLA XC . -43.57 -59.71 -36.21
CED CLA XC . -44.78 -59.48 -35.49
C1 CLA XC . -41.46 -59.49 -41.30
C1 XAT YC . -23.89 -48.25 -75.72
C2 XAT YC . -22.93 -49.40 -76.00
C3 XAT YC . -22.78 -50.24 -74.75
C4 XAT YC . -24.06 -51.03 -74.63
C5 XAT YC . -25.27 -50.11 -74.44
C6 XAT YC . -25.15 -48.66 -74.93
C7 XAT YC . -26.49 -48.15 -75.44
C8 XAT YC . -27.04 -47.18 -74.72
C9 XAT YC . -28.35 -46.57 -75.03
C10 XAT YC . -28.61 -45.38 -74.50
C11 XAT YC . -29.87 -44.67 -74.71
C12 XAT YC . -30.15 -43.71 -73.85
C13 XAT YC . -31.40 -42.93 -73.93
C14 XAT YC . -31.57 -41.90 -73.10
C15 XAT YC . -32.79 -41.11 -73.16
C16 XAT YC . -24.28 -47.59 -77.03
C17 XAT YC . -23.15 -47.20 -74.89
C18 XAT YC . -26.71 -50.61 -74.57
C19 XAT YC . -29.34 -47.27 -75.91
C20 XAT YC . -32.44 -43.30 -74.94
O3 XAT YC . -21.65 -51.12 -74.88
O4 XAT YC . -25.04 -49.01 -73.54
C21 XAT YC . -39.68 -30.90 -68.81
C22 XAT YC . -40.94 -30.63 -68.02
C23 XAT YC . -42.16 -30.80 -68.91
C24 XAT YC . -42.30 -32.28 -69.12
C25 XAT YC . -41.08 -32.90 -69.83
C26 XAT YC . -39.75 -32.12 -69.74
C27 XAT YC . -38.53 -33.04 -69.72
C28 XAT YC . -37.82 -33.18 -70.84
C29 XAT YC . -36.63 -34.05 -70.84
C30 XAT YC . -36.51 -35.05 -71.72
C31 XAT YC . -35.32 -35.88 -71.69
C32 XAT YC . -35.30 -37.10 -72.22
C33 XAT YC . -34.08 -37.89 -72.16
C34 XAT YC . -34.09 -39.17 -72.55
C35 XAT YC . -32.86 -39.96 -72.50
C36 XAT YC . -38.52 -31.07 -67.84
C37 XAT YC . -39.38 -29.67 -69.67
C38 XAT YC . -40.86 -34.42 -69.88
C39 XAT YC . -35.53 -33.80 -69.84
C40 XAT YC . -32.80 -37.27 -71.67
O23 XAT YC . -43.32 -30.29 -68.25
O24 XAT YC . -40.58 -32.13 -70.92
C1 XAT ZC . -25.61 -56.46 -53.30
C2 XAT ZC . -24.36 -55.72 -53.72
C3 XAT ZC . -23.80 -56.36 -54.96
C4 XAT ZC . -24.71 -55.94 -56.10
C5 XAT ZC . -26.17 -56.36 -55.87
C6 XAT ZC . -26.61 -56.71 -54.44
C7 XAT ZC . -28.06 -56.32 -54.17
C8 XAT ZC . -28.92 -57.33 -54.04
C9 XAT ZC . -30.36 -57.12 -53.77
C10 XAT ZC . -31.16 -58.17 -53.98
C11 XAT ZC . -32.61 -58.14 -53.75
C12 XAT ZC . -33.29 -59.21 -54.13
C13 XAT ZC . -34.73 -59.34 -53.94
C14 XAT ZC . -35.33 -60.45 -54.40
C15 XAT ZC . -36.76 -60.68 -54.21
C16 XAT ZC . -26.30 -55.67 -52.17
C17 XAT ZC . -25.21 -57.81 -52.71
C18 XAT ZC . -27.31 -55.74 -56.69
C19 XAT ZC . -30.88 -55.81 -53.27
C20 XAT ZC . -35.53 -58.28 -53.23
O3 XAT ZC . -22.47 -55.89 -55.21
O4 XAT ZC . -26.34 -57.71 -55.43
C21 XAT ZC . -47.41 -68.19 -55.95
C22 XAT ZC . -48.78 -68.47 -56.54
C23 XAT ZC . -49.77 -67.46 -56.01
C24 XAT ZC . -49.47 -66.17 -56.74
C25 XAT ZC . -48.04 -65.67 -56.48
C26 XAT ZC . -47.00 -66.71 -55.99
C27 XAT ZC . -45.59 -66.42 -56.48
C28 XAT ZC . -44.71 -65.97 -55.59
C29 XAT ZC . -43.31 -65.69 -55.96
C30 XAT ZC . -42.57 -64.92 -55.14
C31 XAT ZC . -41.17 -64.62 -55.42
C32 XAT ZC . -40.59 -63.62 -54.77
C33 XAT ZC . -39.17 -63.29 -54.98
C34 XAT ZC . -38.67 -62.16 -54.46
C35 XAT ZC . -37.26 -61.84 -54.64
C36 XAT ZC . -46.38 -69.02 -56.71
C37 XAT ZC . -47.41 -68.65 -54.50
C38 XAT ZC . -47.40 -64.59 -57.35
C39 XAT ZC . -42.70 -66.27 -57.19
C40 XAT ZC . -38.29 -64.22 -55.75
O23 XAT ZC . -51.11 -67.88 -56.31
O24 XAT ZC . -47.63 -65.75 -55.11
C1 XAT AD . -37.38 -51.08 -57.04
C2 XAT AD . -38.88 -50.94 -57.17
C3 XAT AD . -39.48 -50.60 -55.83
C4 XAT AD . -39.10 -49.15 -55.58
C5 XAT AD . -37.59 -48.93 -55.55
C6 XAT AD . -36.67 -49.97 -56.23
C7 XAT AD . -35.41 -49.34 -56.82
C8 XAT AD . -34.23 -49.80 -56.42
C9 XAT AD . -32.91 -49.31 -56.89
C10 XAT AD . -32.71 -48.85 -58.12
C11 XAT AD . -31.38 -48.39 -58.53
C12 XAT AD . -31.20 -47.79 -59.70
C13 XAT AD . -29.85 -47.35 -60.14
C14 XAT AD . -29.73 -46.65 -61.28
C15 XAT AD . -28.42 -46.21 -61.76
C16 XAT AD . -36.80 -51.13 -58.43
C17 XAT AD . -37.09 -52.42 -56.40
C18 XAT AD . -37.00 -47.52 -55.67
C19 XAT AD . -31.75 -49.35 -55.94
C20 XAT AD . -28.64 -47.69 -59.32
O3 XAT AD . -40.90 -50.73 -55.90
O4 XAT AD . -36.84 -49.89 -54.81
C21 XAT AD . -19.67 -41.59 -68.56
C22 XAT AD . -18.52 -40.64 -68.26
C23 XAT AD . -18.26 -39.82 -69.50
C24 XAT AD . -19.37 -38.79 -69.57
C25 XAT AD . -20.78 -39.41 -69.54
C26 XAT AD . -20.93 -40.87 -69.09
C27 XAT AD . -22.24 -41.10 -68.34
C28 XAT AD . -23.01 -42.11 -68.74
C29 XAT AD . -24.31 -42.45 -68.11
C30 XAT AD . -24.35 -42.98 -66.88
C31 XAT AD . -25.63 -43.34 -66.30
C32 XAT AD . -25.68 -44.04 -65.16
C33 XAT AD . -26.98 -44.44 -64.59
C34 XAT AD . -27.05 -45.02 -63.38
C35 XAT AD . -28.35 -45.44 -62.85
C36 XAT AD . -20.00 -42.40 -67.31
C37 XAT AD . -19.21 -42.58 -69.64
C38 XAT AD . -22.01 -38.57 -69.13
C39 XAT AD . -25.57 -42.20 -68.86
C40 XAT AD . -28.24 -44.22 -65.38
O23 XAT AD . -16.99 -39.15 -69.39
O24 XAT AD . -20.98 -40.47 -70.47
C1 XAT BD . -39.51 -50.31 -72.65
C2 XAT BD . -40.47 -49.18 -72.97
C3 XAT BD . -40.67 -48.28 -71.76
C4 XAT BD . -39.36 -47.57 -71.57
C5 XAT BD . -38.28 -48.56 -71.11
C6 XAT BD . -38.43 -50.01 -71.60
C7 XAT BD . -37.11 -50.73 -71.80
C8 XAT BD . -36.83 -51.66 -70.89
C9 XAT BD . -35.62 -52.49 -70.91
C10 XAT BD . -35.21 -53.04 -69.76
C11 XAT BD . -34.04 -53.90 -69.67
C12 XAT BD . -33.90 -54.61 -68.56
C13 XAT BD . -32.79 -55.55 -68.36
C14 XAT BD . -32.93 -56.43 -67.35
C15 XAT BD . -31.95 -57.46 -67.05
C16 XAT BD . -38.83 -50.74 -73.95
C17 XAT BD . -40.31 -51.52 -72.16
C18 XAT BD . -36.81 -48.16 -70.96
C19 XAT BD . -34.88 -52.72 -72.19
C20 XAT BD . -31.58 -55.55 -69.24
O3 XAT BD . -41.72 -47.34 -72.01
O4 XAT BD . -38.77 -49.61 -70.26
C21 XAT BD . -26.05 -67.14 -60.91
C22 XAT BD . -24.92 -68.01 -60.37
C23 XAT BD . -23.69 -67.85 -61.24
C24 XAT BD . -23.14 -66.48 -60.93
C25 XAT BD . -24.12 -65.39 -61.38
C26 XAT BD . -25.61 -65.76 -61.45
C27 XAT BD . -26.54 -64.59 -61.15
C28 XAT BD . -27.23 -64.11 -62.18
C29 XAT BD . -28.18 -62.99 -62.05
C30 XAT BD . -28.66 -62.44 -63.18
C31 XAT BD . -29.62 -61.34 -63.15
C32 XAT BD . -30.01 -60.86 -64.33
C33 XAT BD . -30.97 -59.76 -64.47
C34 XAT BD . -31.24 -59.33 -65.70
C35 XAT BD . -32.18 -58.25 -66.00
C36 XAT BD . -27.07 -66.93 -59.79
C37 XAT BD . -26.74 -67.90 -62.04
C38 XAT BD . -23.94 -63.91 -60.97
C39 XAT BD . -28.59 -62.48 -60.71
C40 XAT BD . -31.64 -59.16 -63.27
O23 XAT BD . -22.73 -68.85 -60.89
O24 XAT BD . -24.78 -65.65 -62.62
C1 XAT CD . -24.58 -41.05 -74.53
C2 XAT CD . -24.05 -41.19 -75.95
C3 XAT CD . -24.56 -42.49 -76.55
C4 XAT CD . -26.01 -42.25 -76.87
C5 XAT CD . -26.83 -41.94 -75.61
C6 XAT CD . -26.08 -41.40 -74.38
C7 XAT CD . -26.94 -40.46 -73.55
C8 XAT CD . -27.32 -40.91 -72.36
C9 XAT CD . -28.17 -40.15 -71.44
C10 XAT CD . -28.58 -40.78 -70.33
C11 XAT CD . -29.43 -40.16 -69.32
C12 XAT CD . -29.74 -40.90 -68.27
C13 XAT CD . -30.62 -40.38 -67.20
C14 XAT CD . -31.04 -41.23 -66.25
C15 XAT CD . -31.93 -40.76 -65.19
C16 XAT CD . -24.35 -39.63 -74.05
C17 XAT CD . -23.79 -41.97 -73.61
C18 XAT CD . -28.25 -41.35 -75.70
C19 XAT CD . -28.56 -38.73 -71.71
C20 XAT CD . -31.05 -38.95 -67.20
O3 XAT CD . -23.83 -42.79 -77.75
O4 XAT CD . -26.53 -42.76 -74.48
C21 XAT CD . -40.64 -43.41 -56.02
C22 XAT CD . -41.77 -42.68 -55.32
C23 XAT CD . -41.37 -42.27 -53.92
C24 XAT CD . -40.35 -41.17 -54.12
C25 XAT CD . -39.05 -41.76 -54.69
C26 XAT CD . -39.20 -42.98 -55.63
C27 XAT CD . -38.14 -43.21 -56.72
C28 XAT CD . -37.72 -42.37 -57.67
C29 XAT CD . -36.70 -42.80 -58.63
C30 XAT CD . -36.06 -41.91 -59.39
C31 XAT CD . -35.07 -42.34 -60.36
C32 XAT CD . -34.48 -41.45 -61.15
C33 XAT CD . -33.52 -41.93 -62.17
C34 XAT CD . -33.10 -41.09 -63.12
C35 XAT CD . -32.18 -41.55 -64.15
C36 XAT CD . -40.89 -43.27 -57.52
C37 XAT CD . -40.77 -44.89 -55.69
C38 XAT CD . -37.84 -40.84 -54.90
C39 XAT CD . -36.40 -44.27 -58.78
C40 XAT CD . -33.03 -43.35 -62.14
O23 XAT CD . -42.49 -41.77 -53.20
O24 XAT CD . -38.78 -43.10 -54.27
MG CLA DD . -19.64 -43.01 -81.85
CHA CLA DD . -19.79 -46.38 -81.04
CHB CLA DD . -18.45 -43.80 -84.94
CHC CLA DD . -19.60 -39.66 -82.62
CHD CLA DD . -20.86 -42.22 -78.62
NA CLA DD . -19.19 -44.81 -82.80
C1A CLA DD . -19.33 -46.12 -82.30
C2A CLA DD . -18.91 -47.15 -83.35
C3A CLA DD . -18.42 -46.29 -84.53
C4A CLA DD . -18.71 -44.86 -84.09
CMA CLA DD . -16.95 -46.50 -84.83
CAA CLA DD . -20.08 -48.01 -83.78
CBA CLA DD . -19.83 -49.48 -83.51
CGA CLA DD . -21.13 -50.23 -83.56
NB CLA DD . -19.16 -41.93 -83.48
C1B CLA DD . -18.65 -42.44 -84.64
C2B CLA DD . -18.32 -41.32 -85.57
C3B CLA DD . -18.64 -40.15 -84.93
C4B CLA DD . -19.17 -40.53 -83.58
CMB CLA DD . -17.75 -41.54 -86.90
CAB CLA DD . -18.51 -38.79 -85.38
CBB CLA DD . -19.49 -37.89 -85.44
NC CLA DD . -20.13 -41.27 -80.80
C1C CLA DD . -20.04 -40.00 -81.32
C2C CLA DD . -20.49 -39.02 -80.33
C3C CLA DD . -20.83 -39.74 -79.18
C4C CLA DD . -20.61 -41.16 -79.50
CMC CLA DD . -20.53 -37.58 -80.56
CAC CLA DD . -21.35 -39.20 -77.91
CBC CLA DD . -20.30 -38.47 -77.11
ND CLA DD . -20.15 -44.00 -80.17
C1D CLA DD . -20.65 -43.56 -78.91
C2D CLA DD . -20.89 -44.74 -78.05
C3D CLA DD . -20.57 -45.85 -78.82
C4D CLA DD . -20.13 -45.34 -80.12
CMD CLA DD . -21.37 -44.67 -76.67
CAD CLA DD . -20.48 -47.30 -78.85
OBD CLA DD . -20.70 -48.13 -77.98
CBD CLA DD . -20.01 -47.68 -80.30
CGD CLA DD . -18.78 -48.53 -80.28
O1D CLA DD . -17.68 -48.28 -80.78
O2D CLA DD . -18.93 -49.73 -79.65
MG CLA ED . -23.93 -56.63 -79.09
CHA CLA ED . -25.60 -53.74 -80.02
CHB CLA ED . -25.37 -56.48 -76.02
CHC CLA ED . -22.05 -59.35 -78.14
CHD CLA ED . -22.40 -56.73 -82.29
NA CLA ED . -25.31 -55.34 -78.22
C1A CLA ED . -25.88 -54.18 -78.75
C2A CLA ED . -26.84 -53.54 -77.74
C3A CLA ED . -26.90 -54.58 -76.59
C4A CLA ED . -25.77 -55.54 -76.95
CMA CLA ED . -26.68 -54.01 -75.21
CAA CLA ED . -28.24 -53.29 -78.28
CBA CLA ED . -28.97 -54.57 -78.59
CGA CLA ED . -28.83 -54.92 -80.04
O1A CLA ED . -29.27 -54.30 -81.01
O2A CLA ED . -28.10 -56.05 -80.24
NB CLA ED . -23.77 -57.73 -77.41
C1B CLA ED . -24.36 -57.44 -76.24
C2B CLA ED . -23.82 -58.31 -75.16
C3B CLA ED . -22.88 -59.12 -75.75
C4B CLA ED . -22.84 -58.78 -77.19
CMB CLA ED . -24.30 -58.21 -73.78
CAB CLA ED . -22.05 -60.16 -75.17
CBB CLA ED . -20.72 -60.11 -75.11
NC CLA ED . -22.54 -57.86 -80.07
C1C CLA ED . -21.92 -58.94 -79.49
C2C CLA ED . -21.03 -59.57 -80.45
C3C CLA ED . -21.09 -58.81 -81.62
C4C CLA ED . -22.04 -57.73 -81.36
CMC CLA ED . -20.23 -60.76 -80.18
CAC CLA ED . -20.36 -59.06 -82.88
CBC CLA ED . -21.16 -59.94 -83.82
ND CLA ED . -24.02 -55.59 -80.83
C1D CLA ED . -23.31 -55.72 -82.05
C2D CLA ED . -23.72 -54.62 -82.96
C3D CLA ED . -24.60 -53.83 -82.23
C4D CLA ED . -24.73 -54.47 -80.90
CMD CLA ED . -23.24 -54.45 -84.32
CAD CLA ED . -25.46 -52.67 -82.24
OBD CLA ED . -25.73 -51.90 -83.16
CBD CLA ED . -26.05 -52.53 -80.80
CGD CLA ED . -25.58 -51.26 -80.14
O1D CLA ED . -26.07 -50.13 -80.20
O2D CLA ED . -24.47 -51.44 -79.36
CED CLA ED . -23.19 -51.22 -79.97
C1 CLA ED . -27.64 -56.28 -81.59
C2 CLA ED . -26.76 -57.47 -81.55
MG CLA FD . -19.58 -46.19 -68.18
CHA CLA FD . -16.54 -46.56 -69.78
CHB CLA FD . -17.96 -45.85 -65.21
CHC CLA FD . -22.62 -45.79 -66.64
CHD CLA FD . -21.21 -46.61 -71.29
NA CLA FD . -17.57 -46.21 -67.62
C1A CLA FD . -16.45 -46.37 -68.43
C2A CLA FD . -15.15 -46.32 -67.63
C3A CLA FD . -15.65 -46.23 -66.17
C4A CLA FD . -17.17 -46.06 -66.32
CMA CLA FD . -15.28 -47.48 -65.42
CAA CLA FD . -14.32 -45.11 -68.01
CBA CLA FD . -15.14 -43.84 -68.07
CGA CLA FD . -15.16 -43.17 -66.73
O1A CLA FD . -14.20 -42.90 -66.00
O2A CLA FD . -16.41 -42.84 -66.30
NB CLA FD . -20.18 -45.99 -66.27
C1B CLA FD . -19.35 -45.69 -65.22
C2B CLA FD . -20.14 -45.18 -64.08
C3B CLA FD . -21.46 -45.16 -64.47
C4B CLA FD . -21.50 -45.66 -65.87
CMB CLA FD . -19.51 -44.77 -62.82
CAB CLA FD . -22.66 -44.73 -63.78
CBB CLA FD . -22.86 -44.73 -62.46
NC CLA FD . -21.56 -46.21 -68.86
C1C CLA FD . -22.65 -46.04 -68.05
C2C CLA FD . -23.87 -46.13 -68.84
C3C CLA FD . -23.47 -46.34 -70.16
C4C CLA FD . -22.01 -46.38 -70.17
CMC CLA FD . -25.24 -46.03 -68.33
CAC CLA FD . -24.34 -46.50 -71.35
CBC CLA FD . -24.56 -45.19 -72.06
ND CLA FD . -19.06 -46.40 -70.13
C1D CLA FD . -19.83 -46.63 -71.29
C2D CLA FD . -18.92 -46.85 -72.44
C3D CLA FD . -17.64 -46.81 -71.92
C4D CLA FD . -17.79 -46.56 -70.48
CMD CLA FD . -19.37 -47.06 -73.81
CAD CLA FD . -16.21 -46.89 -72.19
OBD CLA FD . -15.61 -46.98 -73.26
CBD CLA FD . -15.48 -46.84 -70.82
CGD CLA FD . -14.80 -48.15 -70.51
O1D CLA FD . -15.14 -49.27 -70.88
O2D CLA FD . -13.68 -48.02 -69.74
CED CLA FD . -12.93 -49.21 -69.47
C1 CLA FD . -16.49 -42.20 -65.01
C2 CLA FD . -17.94 -41.95 -64.77
C3 CLA FD . -18.44 -41.38 -63.67
C4 CLA FD . -17.58 -40.92 -62.56
C5 CLA FD . -19.90 -41.16 -63.53
C6 CLA FD . -20.31 -39.72 -63.74
C7 CLA FD . -21.67 -39.62 -64.40
C8 CLA FD . -22.08 -38.18 -64.65
C9 CLA FD . -21.86 -37.33 -63.40
MG CLA GD . -25.24 -42.95 -58.42
CHA CLA GD . -22.19 -43.16 -56.76
CHB CLA GD . -23.69 -41.44 -61.05
CHC CLA GD . -28.26 -42.85 -60.05
CHD CLA GD . -26.79 -44.49 -55.63
NA CLA GD . -23.25 -42.40 -58.82
C1A CLA GD . -22.13 -42.59 -58.00
C2A CLA GD . -20.87 -42.06 -58.69
C3A CLA GD . -21.39 -41.44 -60.01
C4A CLA GD . -22.89 -41.79 -59.98
CMA CLA GD . -21.16 -39.96 -60.06
CAA CLA GD . -19.91 -43.19 -58.99
CBA CLA GD . -18.56 -42.68 -59.44
CGA CLA GD . -18.11 -41.59 -58.54
O1A CLA GD . -17.95 -41.62 -57.31
O2A CLA GD . -17.85 -40.42 -59.19
NB CLA GD . -25.85 -42.29 -60.21
C1B CLA GD . -25.07 -41.69 -61.15
C2B CLA GD . -25.90 -41.29 -62.32
C3B CLA GD . -27.19 -41.69 -62.04
C4B CLA GD . -27.18 -42.32 -60.69
CMB CLA GD . -25.35 -40.62 -63.50
CAB CLA GD . -28.40 -41.56 -62.82
CBB CLA GD . -28.79 -40.45 -63.47
NC CLA GD . -27.17 -43.56 -57.93
C1C CLA GD . -28.26 -43.43 -58.75
C2C CLA GD . -29.44 -43.98 -58.09
C3C CLA GD . -29.02 -44.44 -56.84
C4C CLA GD . -27.60 -44.17 -56.74
CMC CLA GD . -30.78 -44.02 -58.68
CAC CLA GD . -29.85 -45.08 -55.80
CBC CLA GD . -30.16 -44.12 -54.66
ND CLA GD . -24.69 -43.67 -56.60
C1D CLA GD . -25.44 -44.25 -55.54
C2D CLA GD . -24.52 -44.56 -54.42
C3D CLA GD . -23.26 -44.17 -54.85
C4D CLA GD . -23.42 -43.63 -56.20
CMD CLA GD . -24.93 -45.17 -53.16
CAD CLA GD . -21.86 -44.09 -54.51
OBD CLA GD . -21.27 -44.46 -53.49
CBD CLA GD . -21.13 -43.42 -55.71
CGD CLA GD . -20.44 -42.14 -55.29
O1D CLA GD . -20.47 -41.04 -55.86
O2D CLA GD . -19.70 -42.25 -54.16
CED CLA GD . -18.32 -42.61 -54.29
C1 CLA GD . -17.50 -39.29 -58.36
MG CLA HD . -38.44 -56.57 -54.82
CHA CLA HD . -41.47 -56.62 -53.12
CHB CLA HD . -37.51 -53.80 -53.08
CHC CLA HD . -35.44 -56.62 -56.50
CHD CLA HD . -39.44 -59.49 -56.57
NA CLA HD . -39.37 -55.40 -53.37
C1A CLA HD . -40.64 -55.57 -52.78
C2A CLA HD . -40.93 -54.48 -51.75
C3A CLA HD . -39.69 -53.55 -51.84
C4A CLA HD . -38.78 -54.28 -52.84
CMA CLA HD . -40.05 -52.17 -52.31
CAA CLA HD . -41.09 -55.05 -50.36
CBA CLA HD . -39.78 -55.48 -49.74
CGA CLA HD . -39.42 -54.54 -48.64
O1A CLA HD . -40.15 -53.83 -47.95
O2A CLA HD . -38.07 -54.51 -48.38
NB CLA HD . -36.80 -55.42 -54.81
C1B CLA HD . -36.58 -54.38 -53.96
C2B CLA HD . -35.19 -53.88 -54.15
C3B CLA HD . -34.59 -54.67 -55.11
C4B CLA HD . -35.62 -55.65 -55.56
CMB CLA HD . -34.65 -52.77 -53.38
CAB CLA HD . -33.27 -54.63 -55.67
CBB CLA HD . -32.64 -53.52 -56.10
NC CLA HD . -37.62 -57.81 -56.29
C1C CLA HD . -36.38 -57.63 -56.85
C2C CLA HD . -36.13 -58.66 -57.86
C3C CLA HD . -37.25 -59.49 -57.86
C4C CLA HD . -38.18 -58.95 -56.88
CMC CLA HD . -34.91 -58.78 -58.65
CAC CLA HD . -37.47 -60.68 -58.71
CBC CLA HD . -36.78 -61.91 -58.18
ND CLA HD . -40.06 -57.78 -54.92
C1D CLA HD . -40.33 -58.96 -55.65
C2D CLA HD . -41.64 -59.48 -55.26
C3D CLA HD . -42.14 -58.62 -54.30
C4D CLA HD . -41.11 -57.58 -54.11
CMD CLA HD . -42.23 -60.70 -55.82
CAD CLA HD . -43.24 -58.31 -53.40
OBD CLA HD . -44.31 -58.89 -53.23
CBD CLA HD . -42.83 -57.03 -52.60
CGD CLA HD . -43.86 -55.94 -52.72
O1D CLA HD . -44.92 -55.84 -52.09
O2D CLA HD . -43.55 -54.97 -53.61
CED CLA HD . -44.60 -54.10 -54.04
C1 CLA HD . -37.49 -55.76 -47.96
C2 CLA HD . -36.02 -55.60 -48.07
C3 CLA HD . -35.37 -55.65 -49.24
C4 CLA HD . -36.08 -55.88 -50.53
C5 CLA HD . -33.89 -55.50 -49.32
C6 CLA HD . -33.21 -56.67 -49.99
C7 CLA HD . -32.31 -57.41 -49.01
C8 CLA HD . -31.95 -58.79 -49.52
C9 CLA HD . -33.03 -59.79 -49.18
C10 CLA HD . -30.61 -59.25 -48.96
C11 CLA HD . -30.07 -60.45 -49.72
C12 CLA HD . -29.88 -60.14 -51.19
C13 CLA HD . -29.33 -61.31 -51.99
C14 CLA HD . -28.65 -62.34 -51.09
C15 CLA HD . -28.38 -60.83 -53.07
C16 CLA HD . -27.41 -61.90 -53.53
C17 CLA HD . -26.16 -61.28 -54.14
C18 CLA HD . -24.87 -61.73 -53.46
C19 CLA HD . -25.06 -62.01 -51.98
C20 CLA HD . -24.28 -62.93 -54.16
MG CLA ID . -23.86 -48.60 -51.06
CHA CLA ID . -21.33 -47.78 -53.30
CHB CLA ID . -21.61 -48.56 -48.51
CHC CLA ID . -26.45 -49.07 -48.86
CHD CLA ID . -26.16 -48.63 -53.75
NA CLA ID . -21.80 -48.29 -50.96
C1A CLA ID . -20.93 -47.93 -52.00
C2A CLA ID . -19.50 -47.80 -51.47
C3A CLA ID . -19.60 -48.33 -50.02
C4A CLA ID . -21.10 -48.40 -49.78
CMA CLA ID . -18.95 -49.69 -49.89
CAA CLA ID . -19.06 -46.34 -51.49
CBA CLA ID . -20.04 -45.43 -50.75
CGA CLA ID . -19.56 -44.02 -50.76
O1A CLA ID . -18.52 -43.56 -51.22
O2A CLA ID . -20.44 -43.14 -50.15
NB CLA ID . -24.00 -48.85 -49.07
C1B CLA ID . -22.98 -48.65 -48.19
C2B CLA ID . -23.51 -48.53 -46.80
C3B CLA ID . -24.88 -48.67 -46.89
C4B CLA ID . -25.21 -48.89 -48.33
CMB CLA ID . -22.67 -48.31 -45.63
CAB CLA ID . -25.88 -48.64 -45.85
CBB CLA ID . -26.91 -47.80 -45.80
NC CLA ID . -25.92 -48.88 -51.28
C1C CLA ID . -26.78 -49.08 -50.25
C2C CLA ID . -28.14 -49.24 -50.75
C3C CLA ID . -28.07 -49.09 -52.14
C4C CLA ID . -26.67 -48.86 -52.47
CMC CLA ID . -29.33 -49.49 -49.93
CAC CLA ID . -29.19 -49.16 -53.10
CBC CLA ID . -29.79 -47.80 -53.36
ND CLA ID . -23.82 -48.36 -53.07
C1D CLA ID . -24.83 -48.38 -54.06
C2D CLA ID . -24.23 -48.09 -55.38
C3D CLA ID . -22.90 -47.83 -55.14
C4D CLA ID . -22.69 -48.01 -53.69
CMD CLA ID . -24.97 -48.07 -56.64
CAD CLA ID . -21.61 -47.51 -55.73
OBD CLA ID . -21.31 -47.32 -56.90
CBD CLA ID . -20.58 -47.41 -54.55
CGD CLA ID . -19.37 -48.28 -54.79
O1D CLA ID . -19.21 -49.46 -54.50
O2D CLA ID . -18.36 -47.61 -55.42
CED CLA ID . -17.23 -48.37 -55.85
C1 CLA ID . -21.73 -42.96 -50.78
C2 CLA ID . -22.14 -41.56 -50.53
C3 CLA ID . -23.07 -40.94 -51.28
C4 CLA ID . -23.46 -39.53 -51.01
C5 CLA ID . -23.75 -41.62 -52.41
C6 CLA ID . -23.56 -40.90 -53.74
C7 CLA ID . -24.89 -40.41 -54.28
C8 CLA ID . -24.75 -39.84 -55.69
C9 CLA ID . -23.69 -38.75 -55.72
C10 CLA ID . -26.09 -39.28 -56.17
C11 CLA ID . -26.90 -40.34 -56.90
C12 CLA ID . -28.38 -40.06 -56.83
C13 CLA ID . -28.88 -40.16 -55.39
MG CLA JD . -30.08 -60.00 -72.01
CHA CLA JD . -27.22 -61.19 -73.59
CHB CLA JD . -29.62 -62.24 -69.49
CHC CLA JD . -32.91 -58.77 -70.49
CHD CLA JD . -30.50 -57.67 -74.64
NA CLA JD . -28.64 -61.47 -71.63
C1A CLA JD . -27.53 -61.81 -72.41
C2A CLA JD . -26.74 -62.95 -71.74
C3A CLA JD . -27.53 -63.26 -70.46
C4A CLA JD . -28.69 -62.26 -70.51
CMA CLA JD . -28.03 -64.68 -70.42
CAA CLA JD . -25.33 -62.54 -71.40
CBA CLA JD . -24.54 -63.70 -70.79
CGA CLA JD . -24.62 -64.88 -71.70
O1A CLA JD . -24.84 -66.06 -71.41
O2A CLA JD . -24.38 -64.58 -73.01
NB CLA JD . -31.03 -60.38 -70.28
C1B CLA JD . -30.74 -61.39 -69.42
C2B CLA JD . -31.79 -61.49 -68.38
C3B CLA JD . -32.72 -60.52 -68.64
C4B CLA JD . -32.26 -59.80 -69.87
CMB CLA JD . -31.75 -62.50 -67.31
CAB CLA JD . -33.97 -60.18 -67.99
CBB CLA JD . -34.82 -61.04 -67.44
NC CLA JD . -31.45 -58.50 -72.49
C1C CLA JD . -32.53 -58.17 -71.72
C2C CLA JD . -33.28 -57.08 -72.35
C3C CLA JD . -32.59 -56.75 -73.53
C4C CLA JD . -31.44 -57.65 -73.60
CMC CLA JD . -34.49 -56.49 -71.81
CAC CLA JD . -32.95 -55.72 -74.50
CBC CLA JD . -33.95 -56.21 -75.53
ND CLA JD . -29.18 -59.54 -73.76
C1D CLA JD . -29.45 -58.55 -74.74
C2D CLA JD . -28.42 -58.63 -75.80
C3D CLA JD . -27.55 -59.63 -75.43
C4D CLA JD . -28.06 -60.16 -74.14
CMD CLA JD . -28.41 -57.79 -77.00
CAD CLA JD . -26.36 -60.38 -75.76
OBD CLA JD . -25.66 -60.33 -76.77
CBD CLA JD . -26.08 -61.36 -74.57
CGD CLA JD . -25.93 -62.79 -75.03
O1D CLA JD . -26.79 -63.67 -75.03
O2D CLA JD . -24.69 -63.09 -75.48
CED CLA JD . -24.56 -63.48 -76.86
C1 CLA JD . -23.39 -65.38 -73.69
C2 CLA JD . -22.15 -64.57 -73.74
MG CLA KD . -37.76 -42.79 -72.47
CHA CLA KD . -40.82 -41.42 -73.40
CHB CLA KD . -38.21 -45.30 -74.72
CHC CLA KD . -34.77 -44.15 -71.47
CHD CLA KD . -37.40 -40.24 -70.05
NA CLA KD . -39.27 -43.24 -73.85
C1A CLA KD . -40.46 -42.54 -74.10
C2A CLA KD . -41.27 -43.22 -75.20
C3A CLA KD . -40.41 -44.45 -75.60
C4A CLA KD . -39.19 -44.33 -74.67
CMA CLA KD . -41.16 -45.74 -75.40
CAA CLA KD . -41.45 -42.30 -76.39
NB CLA KD . -36.70 -44.42 -72.99
C1B CLA KD . -37.05 -45.33 -73.93
C2B CLA KD . -36.01 -46.40 -74.01
C3B CLA KD . -35.03 -46.08 -73.09
C4B CLA KD . -35.45 -44.80 -72.44
CMB CLA KD . -36.12 -47.53 -74.94
CAB CLA KD . -33.81 -46.76 -72.75
CBB CLA KD . -33.65 -48.07 -72.64
NC CLA KD . -36.33 -42.25 -71.05
C1C CLA KD . -35.17 -42.94 -70.82
C2C CLA KD . -34.40 -42.28 -69.77
C3C CLA KD . -35.16 -41.20 -69.34
C4C CLA KD . -36.37 -41.18 -70.14
CMC CLA KD . -33.09 -42.74 -69.28
CAC CLA KD . -34.80 -40.23 -68.28
CBC CLA KD . -34.34 -38.90 -68.82
ND CLA KD . -38.77 -41.14 -71.88
C1D CLA KD . -38.53 -40.19 -70.84
C2D CLA KD . -39.65 -39.23 -70.80
C3D CLA KD . -40.55 -39.63 -71.77
C4D CLA KD . -39.96 -40.84 -72.40
CMD CLA KD . -39.73 -38.09 -69.89
CAD CLA KD . -41.80 -39.37 -72.45
OBD CLA KD . -42.58 -38.42 -72.31
CBD CLA KD . -42.05 -40.54 -73.44
CGD CLA KD . -43.29 -41.31 -73.06
O1D CLA KD . -43.88 -41.29 -71.97
O2D CLA KD . -43.78 -42.11 -74.04
CED CLA KD . -44.77 -41.58 -74.91
MG CLA LD . -34.92 -44.82 -50.26
CHA CLA LD . -35.94 -43.01 -47.47
CHB CLA LD . -35.13 -42.01 -52.16
CHC CLA LD . -33.85 -46.64 -52.97
CHD CLA LD . -34.79 -47.75 -48.25
NA CLA LD . -35.45 -42.84 -49.85
C1A CLA LD . -35.84 -42.29 -48.63
C2A CLA LD . -36.13 -40.79 -48.78
C3A CLA LD . -35.96 -40.54 -50.28
C4A CLA LD . -35.47 -41.87 -50.82
CMA CLA LD . -37.25 -40.10 -50.93
CAA CLA LD . -35.12 -39.99 -47.97
CBA CLA LD . -34.84 -38.64 -48.58
CGA CLA LD . -34.63 -37.64 -47.49
O1A CLA LD . -33.60 -37.06 -47.15
O2A CLA LD . -35.79 -37.38 -46.80
NB CLA LD . -34.59 -44.41 -52.20
C1B CLA LD . -34.68 -43.19 -52.77
C2B CLA LD . -34.23 -43.25 -54.20
C3B CLA LD . -33.87 -44.56 -54.44
C4B CLA LD . -34.09 -45.31 -53.17
CMB CLA LD . -34.22 -42.10 -55.08
CAB CLA LD . -33.35 -45.13 -55.65
CBB CLA LD . -33.83 -46.21 -56.28
NC CLA LD . -34.42 -46.83 -50.54
C1C CLA LD . -34.00 -47.35 -51.74
C2C CLA LD . -33.72 -48.77 -51.59
C3C CLA LD . -34.00 -49.10 -50.26
C4C CLA LD . -34.43 -47.86 -49.61
CMC CLA LD . -33.25 -49.63 -52.66
CAC CLA LD . -33.86 -50.42 -49.64
CBC CLA LD . -32.57 -50.58 -48.88
ND CLA LD . -35.24 -45.32 -48.32
C1D CLA LD . -35.16 -46.57 -47.63
C2D CLA LD . -35.54 -46.35 -46.21
C3D CLA LD . -35.82 -45.00 -46.10
C4D CLA LD . -35.64 -44.41 -47.44
CMD CLA LD . -35.55 -47.39 -45.18
CAD CLA LD . -36.25 -43.94 -45.20
OBD CLA LD . -36.51 -43.98 -44.01
CBD CLA LD . -36.35 -42.64 -46.07
CGD CLA LD . -37.73 -42.03 -46.04
O1D CLA LD . -38.70 -42.32 -46.75
O2D CLA LD . -37.87 -41.04 -45.12
CED CLA LD . -38.50 -41.37 -43.88
C1 CLA LD . -35.87 -36.12 -46.10
C2 CLA LD . -36.70 -35.21 -46.93
C3 CLA LD . -38.02 -35.36 -47.10
C4 CLA LD . -38.79 -36.47 -46.48
C5 CLA LD . -38.80 -34.40 -47.95
C6 CLA LD . -38.27 -34.28 -49.36
C7 CLA LD . -37.74 -32.89 -49.61
C8 CLA LD . -38.86 -31.85 -49.68
C9 CLA LD . -39.73 -32.08 -50.90
C10 CLA LD . -38.29 -30.44 -49.69
C11 CLA LD . -38.90 -29.59 -48.59
MG CLA MD . -36.69 -37.31 -61.74
CHA CLA MD . -39.18 -37.31 -59.33
CHB CLA MD . -38.99 -36.55 -64.12
CHC CLA MD . -34.15 -37.19 -64.06
CHD CLA MD . -34.33 -38.16 -59.23
NA CLA MD . -38.75 -37.01 -61.70
C1A CLA MD . -39.61 -37.05 -60.60
C2A CLA MD . -41.05 -36.77 -61.02
C3A CLA MD . -40.97 -36.72 -62.57
C4A CLA MD . -39.47 -36.74 -62.84
CMA CLA MD . -41.69 -37.89 -63.21
CAA CLA MD . -41.54 -35.45 -60.46
CBA CLA MD . -40.50 -34.35 -60.62
NB CLA MD . -36.60 -37.02 -63.74
C1B CLA MD . -37.64 -36.57 -64.49
C2B CLA MD . -37.13 -36.10 -65.82
C3B CLA MD . -35.77 -36.27 -65.80
C4B CLA MD . -35.41 -36.87 -64.48
CMB CLA MD . -37.99 -35.55 -66.86
CAB CLA MD . -34.79 -35.97 -66.83
CBB CLA MD . -33.76 -35.14 -66.69
NC CLA MD . -34.63 -37.65 -61.65
C1C CLA MD . -33.78 -37.56 -62.74
C2C CLA MD . -32.42 -37.88 -62.33
C3C CLA MD . -32.46 -38.13 -60.96
C4C CLA MD . -33.85 -38.00 -60.55
CMC CLA MD . -31.25 -37.89 -63.22
CAC CLA MD . -31.33 -38.50 -60.08
CBC CLA MD . -31.18 -40.00 -59.96
ND CLA MD . -36.67 -37.63 -59.74
C1D CLA MD . -35.64 -38.00 -58.83
C2D CLA MD . -36.22 -38.14 -57.48
C3D CLA MD . -37.57 -37.86 -57.60
C4D CLA MD . -37.80 -37.59 -59.04
CMD CLA MD . -35.44 -38.48 -56.29
CAD CLA MD . -38.84 -37.76 -56.92
OBD CLA MD . -39.10 -37.86 -55.73
CBD CLA MD . -39.92 -37.44 -58.01
CGD CLA MD . -40.98 -38.50 -58.07
O1D CLA MD . -41.04 -39.47 -58.83
O2D CLA MD . -41.98 -38.34 -57.15
CED CLA MD . -43.08 -39.25 -57.19
MG CLA ND . -14.62 -46.38 -42.65
CHA CLA ND . -17.60 -46.66 -44.40
CHB CLA ND . -15.47 -43.23 -41.70
CHC CLA ND . -11.66 -46.17 -40.90
CHD CLA ND . -13.77 -49.65 -43.67
NA CLA ND . -16.28 -45.16 -43.01
C1A CLA ND . -17.42 -45.46 -43.77
C2A CLA ND . -18.40 -44.28 -43.78
C3A CLA ND . -17.66 -43.18 -42.97
C4A CLA ND . -16.37 -43.89 -42.52
CMA CLA ND . -17.36 -41.97 -43.81
CAA CLA ND . -19.69 -44.65 -43.07
CBA CLA ND . -20.87 -43.83 -43.59
CGA CLA ND . -22.13 -44.39 -43.03
O1A CLA ND . -22.39 -44.70 -41.86
O2A CLA ND . -23.12 -44.54 -43.97
NB CLA ND . -13.75 -44.97 -41.50
C1B CLA ND . -14.25 -43.74 -41.23
C2B CLA ND . -13.31 -42.99 -40.35
C3B CLA ND . -12.24 -43.82 -40.12
C4B CLA ND . -12.49 -45.09 -40.86
CMB CLA ND . -13.57 -41.63 -39.87
CAB CLA ND . -11.04 -43.58 -39.35
CBB CLA ND . -9.80 -43.60 -39.84
NC CLA ND . -13.01 -47.68 -42.37
C1C CLA ND . -11.91 -47.38 -41.62
C2C CLA ND . -10.98 -48.51 -41.63
C3C CLA ND . -11.57 -49.51 -42.42
C4C CLA ND . -12.85 -48.97 -42.87
CMC CLA ND . -9.69 -48.54 -40.95
CAC CLA ND . -11.00 -50.82 -42.74
CBC CLA ND . -11.74 -51.96 -42.07
ND CLA ND . -15.41 -47.83 -43.80
C1D CLA ND . -14.97 -49.15 -44.10
C2D CLA ND . -15.99 -49.82 -44.94
C3D CLA ND . -17.02 -48.90 -45.11
C4D CLA ND . -16.61 -47.69 -44.36
CMD CLA ND . -15.87 -51.18 -45.45
CAD CLA ND . -18.32 -48.63 -45.70
OBD CLA ND . -19.00 -49.34 -46.44
CBD CLA ND . -18.75 -47.20 -45.23
CGD CLA ND . -19.09 -46.31 -46.38
O1D CLA ND . -20.21 -45.87 -46.68
O2D CLA ND . -18.03 -45.94 -47.16
CED CLA ND . -18.04 -44.63 -47.70
C1 CLA ND . -24.42 -44.92 -43.49
C1 LMG OD . -8.10 -52.38 -38.71
O1 LMG OD . -9.19 -51.50 -38.49
C2 LMG OD . -7.92 -52.55 -40.20
O2 LMG OD . -9.16 -52.95 -40.79
C3 LMG OD . -6.89 -53.63 -40.37
O3 LMG OD . -6.75 -53.90 -41.76
C4 LMG OD . -5.61 -53.11 -39.80
O4 LMG OD . -5.22 -51.96 -40.52
C5 LMG OD . -5.78 -52.68 -38.36
O5 LMG OD . -4.73 -51.42 -36.61
C6 LMG OD . -4.53 -51.95 -37.93
O6 LMG OD . -6.90 -51.81 -38.23
C7 LMG OD . -9.61 -51.59 -37.13
C8 LMG OD . -10.96 -50.89 -37.00
C9 LMG OD . -10.84 -49.78 -35.99
O7 LMG OD . -11.33 -50.36 -38.26
C10 LMG OD . -12.76 -50.27 -38.44
O9 LMG OD . -13.49 -51.02 -37.81
C11 LMG OD . -13.37 -49.25 -39.37
C12 LMG OD . -14.74 -49.73 -39.81
C13 LMG OD . -15.66 -48.54 -40.03
C14 LMG OD . -16.93 -48.97 -40.75
C15 LMG OD . -17.93 -47.83 -40.79
C16 LMG OD . -19.23 -48.27 -41.45
O8 LMG OD . -10.03 -50.26 -34.92
C28 LMG OD . -9.93 -49.51 -33.68
O10 LMG OD . -8.92 -48.85 -33.48
C29 LMG OD . -11.02 -49.55 -32.66
C30 LMG OD . -10.39 -49.67 -31.29
C31 LMG OD . -11.22 -48.91 -30.26
C32 LMG OD . -12.09 -47.88 -30.96
C33 LMG OD . -13.26 -47.48 -30.08
C34 LMG OD . -14.50 -47.18 -30.92
C35 LMG OD . -15.55 -46.47 -30.08
C36 LMG OD . -16.93 -47.04 -30.37
C1 XAT PD . 13.04 51.90 75.40
C2 XAT PD . 11.67 51.86 76.05
C3 XAT PD . 10.58 51.90 75.00
C4 XAT PD . 10.63 50.53 74.33
C5 XAT PD . 11.94 50.38 73.54
C6 XAT PD . 13.17 51.16 74.05
C7 XAT PD . 14.47 50.43 73.79
C8 XAT PD . 15.35 51.07 73.03
C9 XAT PD . 16.67 50.53 72.67
C10 XAT PD . 17.61 51.40 72.28
C11 XAT PD . 18.96 51.01 71.91
C12 XAT PD . 19.83 52.00 71.66
C13 XAT PD . 21.22 51.74 71.27
C14 XAT PD . 22.04 52.80 71.11
C15 XAT PD . 23.43 52.63 70.73
C16 XAT PD . 14.06 51.33 76.38
C17 XAT PD . 13.43 53.36 75.17
C18 XAT PD . 12.35 49.03 72.93
C19 XAT PD . 16.95 49.06 72.72
C20 XAT PD . 21.72 50.34 71.05
O3 XAT PD . 9.30 52.11 75.61
O4 XAT PD . 12.40 51.57 72.90
C21 XAT PD . 34.12 56.89 65.82
C22 XAT PD . 34.67 56.11 64.65
C23 XAT PD . 35.87 55.33 65.14
C24 XAT PD . 35.34 54.18 65.96
C25 XAT PD . 34.35 54.58 67.07
C26 XAT PD . 33.78 56.02 67.04
C27 XAT PD . 32.34 56.10 67.53
C28 XAT PD . 32.05 56.53 68.75
C29 XAT PD . 30.64 56.60 69.16
C30 XAT PD . 30.00 55.52 69.62
C31 XAT PD . 28.60 55.63 70.01
C32 XAT PD . 27.81 54.57 69.94
C33 XAT PD . 26.39 54.69 70.32
C34 XAT PD . 25.60 53.60 70.27
C35 XAT PD . 24.20 53.72 70.65
C36 XAT PD . 32.87 57.64 65.36
C37 XAT PD . 35.15 57.93 66.25
C38 XAT PD . 33.35 53.57 67.65
C39 XAT PD . 29.90 57.90 69.03
C40 XAT PD . 25.84 56.00 70.76
O23 XAT PD . 36.61 54.83 64.02
O24 XAT PD . 34.82 55.62 67.95
C1 A1L1G QD . 10.51 75.81 44.46
C5 A1L1G QD . 10.75 77.69 42.80
C4 A1L1G QD . 8.45 76.56 45.63
C3 A1L1G QD . 10.31 78.19 45.21
C2 A1L1G QD . 12.19 73.81 44.47
C10 A1L1G QD . 8.68 74.16 45.04
C11 A1L1G QD . 9.00 75.58 44.63
C12 A1L1G QD . 12.53 77.30 44.50
C14 A1L1G QD . 23.73 59.89 47.20
C17 A1L1G QD . 24.17 57.89 45.01
C18 A1L1G QD . 26.78 60.88 46.81
C19 A1L1G QD . 26.02 60.29 49.12
C20 A1L1G QD . 25.22 58.12 46.07
C21 A1L1G QD . 26.63 57.77 45.70
C22 A1L1G QD . 27.40 57.52 46.98
C23 A1L1G QD . 27.45 58.76 47.86
C24 A1L1G QD . 26.28 59.74 47.71
C25 A1L1G QD . 25.02 59.09 47.14
C26 A1L1G QD . 21.23 61.05 48.05
C27 A1L1G QD . 19.05 66.02 48.51
C28 A1L1G QD . 17.41 71.11 43.20
C29 A1L1G QD . 23.59 61.21 47.24
C30 A1L1G QD . 22.42 61.86 47.64
C31 A1L1G QD . 22.33 63.25 47.66
C32 A1L1G QD . 21.20 64.03 47.85
C33 A1L1G QD . 20.69 64.98 47.00
C34 A1L1G QD . 19.88 66.08 47.30
C35 A1L1G QD . 19.81 67.23 46.50
C36 A1L1G QD . 18.85 68.22 46.52
C37 A1L1G QD . 18.34 69.02 45.51
C38 A1L1G QD . 18.10 70.37 45.46
C39 A1L1G QD . 17.17 71.07 44.66
C40 A1L1G QD . 16.05 71.73 45.17
C41 A1L1G QD . 14.90 72.11 44.50
C42 A1L1G QD . 14.62 73.33 43.93
C43 A1L1G QD . 13.21 74.56 42.31
C44 A1L1G QD . 13.38 73.87 43.61
C45 A1L1G QD . 11.32 74.80 44.48
C6 A1L1G QD . 11.02 77.24 44.24
C8 A1L1G QD . 8.80 78.00 45.27
O13 A1L1G QD . 21.54 60.27 49.18
O15 A1L1G QD . 24.85 57.68 47.40
O16 A1L1G QD . 28.73 57.12 46.66
O7 A1L1G QD . 8.24 78.89 46.24
O9 A1L1G QD . 8.32 75.89 43.39
C1 XAT RD . 16.46 62.82 55.47
C2 XAT RD . 15.30 63.48 56.18
C3 XAT RD . 14.11 63.55 55.26
C4 XAT RD . 13.56 62.14 55.19
C5 XAT RD . 14.60 61.11 54.71
C6 XAT RD . 16.09 61.49 54.79
C7 XAT RD . 16.95 60.26 55.09
C8 XAT RD . 17.92 59.96 54.22
C9 XAT RD . 18.85 58.81 54.32
C10 XAT RD . 19.51 58.52 55.44
C11 XAT RD . 20.45 57.40 55.49
C12 XAT RD . 21.09 57.13 56.62
C13 XAT RD . 22.08 56.05 56.77
C14 XAT RD . 22.37 55.57 57.99
C15 XAT RD . 23.36 54.52 58.17
C16 XAT RD . 17.60 62.62 56.46
C17 XAT RD . 16.96 63.78 54.41
C18 XAT RD . 14.38 59.61 54.92
C19 XAT RD . 19.08 57.98 53.10
C20 XAT RD . 22.76 55.50 55.56
O3 XAT RD . 13.13 64.43 55.80
O4 XAT RD . 15.36 61.50 53.55
C21 XAT RD . 31.01 46.42 62.14
C22 XAT RD . 31.57 45.09 61.67
C23 XAT RD . 31.95 44.27 62.89
C24 XAT RD . 30.64 43.75 63.45
C25 XAT RD . 29.66 44.88 63.83
C26 XAT RD . 29.90 46.27 63.21
C27 XAT RD . 28.62 47.05 62.99
C28 XAT RD . 28.58 48.29 63.44
C29 XAT RD . 27.43 49.20 63.32
C30 XAT RD . 27.17 49.79 62.14
C31 XAT RD . 26.05 50.73 62.01
C32 XAT RD . 25.84 51.34 60.86
C33 XAT RD . 24.76 52.33 60.71
C34 XAT RD . 24.51 52.88 59.51
C35 XAT RD . 23.48 53.90 59.35
C36 XAT RD . 30.49 47.18 60.94
C37 XAT RD . 32.15 47.25 62.73
C38 XAT RD . 28.17 44.61 64.03
C39 XAT RD . 26.57 49.50 64.51
C40 XAT RD . 23.97 52.76 61.90
O23 XAT RD . 32.78 43.18 62.49
O24 XAT RD . 30.25 45.95 64.57
C1 XAT SD . 21.98 63.42 68.07
C2 XAT SD . 20.62 63.95 68.52
C3 XAT SD . 20.68 64.25 69.99
C4 XAT SD . 21.48 65.54 70.12
C5 XAT SD . 22.88 65.44 69.51
C6 XAT SD . 23.17 64.30 68.50
C7 XAT SD . 24.16 64.73 67.43
C8 XAT SD . 25.19 63.93 67.17
C9 XAT SD . 26.23 64.20 66.16
C10 XAT SD . 25.93 64.42 64.87
C11 XAT SD . 27.01 64.67 63.91
C12 XAT SD . 26.83 64.41 62.61
C13 XAT SD . 27.93 64.68 61.66
C14 XAT SD . 27.65 65.09 60.42
C15 XAT SD . 28.73 65.37 59.47
C16 XAT SD . 21.97 63.25 66.56
C17 XAT SD . 22.16 62.03 68.67
C18 XAT SD . 23.69 66.70 69.15
C19 XAT SD . 27.66 64.22 66.60
C20 XAT SD . 29.35 64.46 62.09
O3 XAT SD . 19.36 64.45 70.51
O4 XAT SD . 23.62 64.27 69.87
C21 XAT SD . 33.58 69.68 48.05
C22 XAT SD . 34.66 69.76 46.97
C23 XAT SD . 35.93 69.04 47.40
C24 XAT SD . 35.55 67.57 47.40
C25 XAT SD . 34.61 67.30 48.58
C26 XAT SD . 33.67 68.45 48.98
C27 XAT SD . 32.36 67.99 49.60
C28 XAT SD . 32.26 68.12 50.93
C29 XAT SD . 31.08 67.75 51.72
C30 XAT SD . 31.22 67.65 53.05
C31 XAT SD . 30.11 67.30 53.92
C32 XAT SD . 30.35 66.93 55.17
C33 XAT SD . 29.25 66.60 56.10
C34 XAT SD . 29.52 66.12 57.31
C35 XAT SD . 28.44 65.81 58.25
C36 XAT SD . 32.22 69.68 47.37
C37 XAT SD . 33.68 70.93 48.91
C38 XAT SD . 33.97 65.94 48.82
C39 XAT SD . 29.76 67.52 51.06
C40 XAT SD . 27.83 66.83 55.68
O23 XAT SD . 36.98 69.28 46.47
O24 XAT SD . 34.85 68.14 49.72
C1 XAT TD . 10.40 56.82 56.22
C2 XAT TD . 9.15 57.61 55.85
C3 XAT TD . 8.28 57.87 57.05
C4 XAT TD . 9.03 58.86 57.89
C5 XAT TD . 10.28 58.20 58.47
C6 XAT TD . 10.94 57.08 57.65
C7 XAT TD . 12.44 57.07 57.84
C8 XAT TD . 12.94 56.00 58.44
C9 XAT TD . 14.37 55.85 58.74
C10 XAT TD . 14.76 54.82 59.51
C11 XAT TD . 16.16 54.64 59.88
C12 XAT TD . 16.42 53.78 60.86
C13 XAT TD . 17.80 53.56 61.31
C14 XAT TD . 18.02 52.79 62.38
C15 XAT TD . 19.38 52.61 62.87
C16 XAT TD . 11.50 57.12 55.21
C17 XAT TD . 10.09 55.34 56.11
C18 XAT TD . 11.33 59.01 59.25
C19 XAT TD . 15.37 56.85 58.21
C20 XAT TD . 18.94 54.22 60.60
O3 XAT TD . 7.02 58.41 56.64
O4 XAT TD . 10.13 56.83 58.80
C21 XAT TD . 29.99 49.04 68.77
C22 XAT TD . 31.39 49.12 69.35
C23 XAT TD . 31.77 50.56 69.67
C24 XAT TD . 30.91 50.95 70.85
C25 XAT TD . 29.46 51.08 70.38
C26 XAT TD . 29.02 50.15 69.23
C27 XAT TD . 27.54 49.78 69.30
C28 XAT TD . 26.79 50.26 68.31
C29 XAT TD . 25.35 50.02 68.19
C30 XAT TD . 24.70 50.68 67.22
C31 XAT TD . 23.27 50.57 66.97
C32 XAT TD . 22.82 51.12 65.85
C33 XAT TD . 21.39 51.11 65.48
C34 XAT TD . 21.02 51.82 64.42
C35 XAT TD . 19.64 51.91 63.97
C36 XAT TD . 29.38 47.69 69.14
C37 XAT TD . 30.09 49.11 67.26
C38 XAT TD . 28.30 51.34 71.36
C39 XAT TD . 24.62 49.09 69.12
C40 XAT TD . 20.40 50.33 66.29
O23 XAT TD . 33.15 50.61 70.05
O24 XAT TD . 29.31 51.55 69.04
MG CLA UD . 38.12 48.76 72.52
CHA CLA UD . 39.20 51.31 70.42
CHB CLA UD . 40.75 49.38 74.61
CHC CLA UD . 36.96 46.30 74.61
CHD CLA UD . 35.42 48.14 70.31
NA CLA UD . 39.70 50.13 72.49
C1A CLA UD . 39.98 51.11 71.53
C2A CLA UD . 41.24 51.90 71.90
C3A CLA UD . 41.76 51.18 73.17
C4A CLA UD . 40.67 50.16 73.47
CMA CLA UD . 43.10 50.54 72.95
CAA CLA UD . 40.91 53.35 72.17
CBA CLA UD . 41.40 53.84 73.52
CGA CLA UD . 40.35 53.67 74.57
O1A CLA UD . 39.12 53.63 74.44
O2A CLA UD . 40.87 53.57 75.83
NB CLA UD . 38.72 48.00 74.29
C1B CLA UD . 39.82 48.38 74.98
C2B CLA UD . 39.94 47.57 76.23
C3B CLA UD . 38.87 46.70 76.24
C4B CLA UD . 38.09 46.95 74.99
CMB CLA UD . 41.03 47.74 77.19
CAB CLA UD . 38.50 45.69 77.19
CBB CLA UD . 38.51 45.83 78.52
NC CLA UD . 36.50 47.46 72.46
C1C CLA UD . 36.22 46.52 73.42
C2C CLA UD . 35.00 45.79 73.07
C3C CLA UD . 34.56 46.30 71.85
C4C CLA UD . 35.50 47.35 71.47
CMC CLA UD . 34.42 44.72 73.88
CAC CLA UD . 33.38 45.88 71.08
CBC CLA UD . 33.55 44.56 70.40
ND CLA UD . 37.44 49.47 70.75
C1D CLA UD . 36.31 49.14 69.96
C2D CLA UD . 36.29 50.01 68.76
C3D CLA UD . 37.38 50.86 68.88
C4D CLA UD . 38.05 50.49 70.15
CMD CLA UD . 35.29 49.95 67.70
CAD CLA UD . 38.14 51.94 68.29
OBD CLA UD . 37.97 52.52 67.22
CBD CLA UD . 39.30 52.29 69.28
CGD CLA UD . 40.65 52.25 68.62
O1D CLA UD . 41.51 51.36 68.70
O2D CLA UD . 40.92 53.34 67.84
CED CLA UD . 42.10 54.09 68.13
C1 CLA UD . 41.08 54.80 76.54
C2 CLA UD . 42.50 54.84 76.95
C3 CLA UD . 43.50 54.94 76.06
MG CLA VD . 38.42 61.41 68.40
CHA CLA VD . 39.73 62.37 65.33
CHB CLA VD . 41.53 61.51 69.77
CHC CLA VD . 37.05 60.48 71.41
CHD CLA VD . 35.19 61.38 66.94
NA CLA VD . 40.31 61.87 67.65
C1A CLA VD . 40.66 62.25 66.34
C2A CLA VD . 42.16 62.50 66.23
C3A CLA VD . 42.69 62.17 67.64
C4A CLA VD . 41.43 61.83 68.43
CMA CLA VD . 43.69 61.04 67.63
CAA CLA VD . 42.44 63.95 65.90
CBA CLA VD . 41.56 64.88 66.71
CGA CLA VD . 42.10 66.28 66.67
O1A CLA VD . 42.17 67.06 65.73
O2A CLA VD . 42.55 66.69 67.90
NB CLA VD . 39.14 61.07 70.24
C1B CLA VD . 40.45 61.16 70.61
C2B CLA VD . 40.60 60.81 72.05
C3B CLA VD . 39.34 60.51 72.52
C4B CLA VD . 38.40 60.68 71.38
CMB CLA VD . 41.88 60.80 72.75
CAB CLA VD . 38.92 60.13 73.84
CBB CLA VD . 38.37 58.94 74.14
NC CLA VD . 36.47 60.99 69.04
C1C CLA VD . 36.14 60.62 70.32
C2C CLA VD . 34.70 60.40 70.42
C3C CLA VD . 34.17 60.66 69.17
C4C CLA VD . 35.29 61.04 68.30
CMC CLA VD . 34.01 59.99 71.64
CAC CLA VD . 32.76 60.58 68.76
CBC CLA VD . 32.04 61.91 68.91
ND CLA VD . 37.59 61.74 66.58
C1D CLA VD . 36.25 61.71 66.11
C2D CLA VD . 36.22 62.05 64.69
C3D CLA VD . 37.54 62.30 64.32
C4D CLA VD . 38.35 62.10 65.54
CMD CLA VD . 35.02 62.11 63.86
CAD CLA VD . 38.45 62.67 63.25
OBD CLA VD . 38.21 62.90 62.07
CBD CLA VD . 39.88 62.75 63.87
CGD CLA VD . 40.89 61.91 63.14
O1D CLA VD . 41.32 60.80 63.45
O2D CLA VD . 41.35 62.49 62.00
CED CLA VD . 42.27 63.58 62.15
MG CLA WD . 32.84 49.86 59.92
CHA CLA WD . 36.05 48.53 60.01
CHB CLA WD . 32.32 48.35 56.91
CHC CLA WD . 29.66 51.14 59.89
CHD CLA WD . 33.46 51.41 63.03
NA CLA WD . 34.01 48.64 58.68
C1A CLA WD . 35.33 48.19 58.90
C2A CLA WD . 35.81 47.32 57.74
C3A CLA WD . 34.65 47.40 56.72
C4A CLA WD . 33.57 48.17 57.47
CMA CLA WD . 35.10 48.14 55.48
CAA CLA WD . 36.04 45.89 58.19
CBA CLA WD . 34.89 45.35 59.02
CGA CLA WD . 33.86 44.72 58.12
O1A CLA WD . 33.95 43.71 57.43
O2A CLA WD . 32.69 45.44 58.10
NB CLA WD . 31.30 49.81 58.62
C1B CLA WD . 31.25 49.04 57.50
C2B CLA WD . 29.86 49.05 56.94
C3B CLA WD . 29.10 49.84 57.78
C4B CLA WD . 30.02 50.34 58.85
CMB CLA WD . 29.50 48.31 55.73
CAB CLA WD . 27.71 50.22 57.76
CBB CLA WD . 26.75 49.77 56.93
NC CLA WD . 31.77 51.07 61.22
C1C CLA WD . 30.48 51.48 61.01
C2C CLA WD . 30.05 52.34 62.12
C3C CLA WD . 31.11 52.39 63.02
C4C CLA WD . 32.19 51.60 62.44
CMC CLA WD . 28.74 52.98 62.23
CAC CLA WD . 31.15 53.13 64.29
CBC CLA WD . 30.85 52.22 65.45
ND CLA WD . 34.33 49.95 61.28
C1D CLA WD . 34.47 50.65 62.50
C2D CLA WD . 35.83 50.40 63.06
C3D CLA WD . 36.46 49.58 62.14
C4D CLA WD . 35.50 49.34 61.05
CMD CLA WD . 36.32 50.94 64.32
CAD CLA WD . 37.67 48.86 61.81
OBD CLA WD . 38.72 48.73 62.46
CBD CLA WD . 37.47 48.21 60.42
CGD CLA WD . 38.45 48.78 59.43
O1D CLA WD . 39.04 49.87 59.50
O2D CLA WD . 38.70 47.98 58.35
CED CLA WD . 38.99 48.63 57.12
C1 CLA WD . 31.55 44.88 57.40
C2 CLA WD . 30.43 45.03 58.36
C3 CLA WD . 29.14 44.74 58.12
C4 CLA WD . 28.67 44.23 56.82
C5 CLA WD . 28.14 44.95 59.21
C6 CLA WD . 26.78 45.39 58.71
C7 CLA WD . 25.72 44.38 59.13
C8 CLA WD . 25.72 44.08 60.62
C9 CLA WD . 24.80 42.91 60.90
C10 CLA WD . 25.29 45.31 61.42
C11 CLA WD . 24.69 44.94 62.77
C12 CLA WD . 23.61 45.93 63.19
C13 CLA WD . 24.08 46.82 64.32
C14 CLA WD . 24.70 46.02 65.44
C15 CLA WD . 22.94 47.69 64.86
MG CLA XD . 22.31 49.40 54.72
CHA CLA XD . 23.61 47.44 52.17
CHB CLA XD . 24.09 47.61 57.00
CHC CLA XD . 21.10 51.47 57.18
CHD CLA XD . 20.45 51.21 52.31
NA CLA XD . 23.63 47.79 54.57
C1A CLA XD . 24.05 47.13 53.42
C2A CLA XD . 25.05 46.02 53.75
C3A CLA XD . 25.09 46.03 55.29
C4A CLA XD . 24.23 47.23 55.67
CMA CLA XD . 24.53 44.75 55.85
CAA CLA XD . 26.41 46.37 53.18
CBA CLA XD . 27.48 45.38 53.59
CGA CLA XD . 27.38 44.15 52.75
O1A CLA XD . 27.54 44.03 51.54
O2A CLA XD . 27.06 43.03 53.48
NB CLA XD . 22.60 49.55 56.71
C1B CLA XD . 23.30 48.67 57.46
C2B CLA XD . 23.09 48.98 58.91
C3B CLA XD . 22.25 50.06 58.97
C4B CLA XD . 21.92 50.44 57.57
CMB CLA XD . 23.72 48.20 59.97
CAB CLA XD . 21.71 50.78 60.10
CBB CLA XD . 21.24 50.22 61.22
NC CLA XD . 21.02 51.04 54.73
C1C CLA XD . 20.69 51.76 55.85
C2C CLA XD . 19.80 52.86 55.50
C3C CLA XD . 19.59 52.77 54.12
C4C CLA XD . 20.37 51.63 53.64
CMC CLA XD . 19.24 53.83 56.45
CAC CLA XD . 18.77 53.67 53.28
CBC CLA XD . 19.64 54.55 52.41
ND CLA XD . 22.00 49.36 52.72
C1D CLA XD . 21.20 50.15 51.86
C2D CLA XD . 21.35 49.65 50.47
C3D CLA XD . 22.27 48.62 50.53
C4D CLA XD . 22.65 48.49 51.95
CMD CLA XD . 20.64 50.20 49.30
CAD CLA XD . 22.99 47.61 49.78
OBD CLA XD . 22.95 47.35 48.59
CBD CLA XD . 23.88 46.83 50.81
CGD CLA XD . 23.60 45.36 50.83
O1D CLA XD . 22.53 44.79 51.09
O2D CLA XD . 24.67 44.58 50.50
C1 CLA XD . 26.46 41.95 52.75
C2 CLA XD . 26.21 40.86 53.74
C3 CLA XD . 25.46 41.04 54.83
MG CLA YD . 17.40 68.01 52.15
CHA CLA YD . 14.31 69.58 51.91
CHB CLA YD . 15.96 65.06 51.28
CHC CLA YD . 20.48 66.52 52.37
CHD CLA YD . 18.85 71.11 53.06
NA CLA YD . 15.45 67.43 51.70
C1A CLA YD . 14.30 68.23 51.65
C2A CLA YD . 13.06 67.41 51.27
C3A CLA YD . 13.61 65.97 51.16
C4A CLA YD . 15.11 66.14 51.40
CMA CLA YD . 12.98 65.04 52.17
CAA CLA YD . 12.52 67.85 49.92
CBA CLA YD . 13.62 67.95 48.89
CGA CLA YD . 13.86 69.39 48.55
O1A CLA YD . 13.13 70.17 47.95
O2A CLA YD . 15.06 69.85 49.00
NB CLA YD . 18.09 66.14 51.91
C1B CLA YD . 17.35 65.08 51.48
C2B CLA YD . 18.24 63.90 51.29
C3B CLA YD . 19.53 64.30 51.60
C4B CLA YD . 19.44 65.73 52.00
CMB CLA YD . 17.74 62.60 50.84
CAB CLA YD . 20.77 63.58 51.58
CBB CLA YD . 20.95 62.32 51.99
NC CLA YD . 19.31 68.70 52.64
C1C CLA YD . 20.43 67.91 52.67
C2C CLA YD . 21.60 68.71 53.06
C3C CLA YD . 21.13 70.02 53.25
C4C CLA YD . 19.70 70.00 52.99
CMC CLA YD . 22.96 68.20 53.19
CAC CLA YD . 21.93 71.19 53.64
CBC CLA YD . 22.32 72.04 52.46
ND CLA YD . 16.80 69.92 52.42
C1D CLA YD . 17.50 71.10 52.80
C2D CLA YD . 16.54 72.24 52.84
C3D CLA YD . 15.30 71.72 52.50
C4D CLA YD . 15.52 70.26 52.26
CMD CLA YD . 16.92 73.61 53.16
CAD CLA YD . 13.91 71.99 52.26
OBD CLA YD . 13.30 73.05 52.28
CBD CLA YD . 13.22 70.62 51.93
CGD CLA YD . 12.15 70.28 52.93
O1D CLA YD . 10.95 70.06 52.71
O2D CLA YD . 12.60 70.21 54.22
CED CLA YD . 11.74 70.69 55.25
C1 CLA YD . 16.25 69.16 48.53
MG CLA ZD . 15.43 69.18 39.52
CHA CLA ZD . 12.70 70.34 41.29
CHB CLA ZD . 14.04 70.33 36.63
CHC CLA ZD . 18.21 68.09 37.80
CHD CLA ZD . 16.78 67.88 42.52
NA CLA ZD . 13.66 70.18 39.06
C1A CLA ZD . 12.65 70.59 39.95
C2A CLA ZD . 11.52 71.30 39.20
C3A CLA ZD . 11.96 71.22 37.72
C4A CLA ZD . 13.32 70.54 37.78
CMA CLA ZD . 10.97 70.43 36.90
CAA CLA ZD . 11.41 72.75 39.63
CBA CLA ZD . 10.03 73.06 40.19
CGA CLA ZD . 9.93 74.53 40.49
O1A CLA ZD . 9.54 75.07 41.52
O2A CLA ZD . 10.31 75.32 39.44
NB CLA ZD . 16.03 69.24 37.59
C1B CLA ZD . 15.30 69.70 36.56
C2B CLA ZD . 16.01 69.45 35.27
C3B CLA ZD . 17.19 68.81 35.58
C4B CLA ZD . 17.22 68.67 37.07
CMB CLA ZD . 15.46 69.84 33.97
CAB CLA ZD . 18.26 68.33 34.75
CBB CLA ZD . 18.74 68.96 33.66
NC CLA ZD . 17.18 68.19 40.07
C1C CLA ZD . 18.20 67.86 39.21
C2C CLA ZD . 19.28 67.22 39.94
C3C CLA ZD . 18.87 67.12 41.27
C4C CLA ZD . 17.54 67.73 41.35
CMC CLA ZD . 20.54 66.75 39.35
CAC CLA ZD . 19.62 66.55 42.40
CBC CLA ZD . 19.44 65.05 42.52
ND CLA ZD . 14.92 69.10 41.47
C1D CLA ZD . 15.55 68.50 42.59
C2D CLA ZD . 14.70 68.71 43.79
C3D CLA ZD . 13.61 69.45 43.35
C4D CLA ZD . 13.79 69.64 41.90
CMD CLA ZD . 14.99 68.25 45.14
CAD CLA ZD . 12.36 70.08 43.73
OBD CLA ZD . 11.84 70.20 44.82
CBD CLA ZD . 11.72 70.64 42.41
CGD CLA ZD . 10.38 70.02 42.13
O1D CLA ZD . 10.08 69.25 41.22
O2D CLA ZD . 9.41 70.37 43.03
CED CLA ZD . 8.06 69.96 42.76
C1 CLA ZD . 9.32 75.54 38.41
MG CLA AE . 22.66 51.41 45.83
CHA CLA AE . 25.16 49.60 47.40
CHB CLA AE . 23.20 49.66 42.96
CHC CLA AE . 20.02 53.08 44.40
CHD CLA AE . 22.22 53.28 48.80
NA CLA AE . 23.98 49.89 45.30
C1A CLA AE . 24.94 49.26 46.11
C2A CLA AE . 25.70 48.19 45.32
C3A CLA AE . 25.19 48.38 43.87
C4A CLA AE . 24.02 49.37 44.03
CMA CLA AE . 26.30 48.95 43.03
CAA CLA AE . 25.36 46.80 45.84
CBA CLA AE . 23.91 46.44 45.66
CGA CLA AE . 23.57 45.24 46.49
O1A CLA AE . 24.27 44.68 47.34
O2A CLA AE . 22.32 44.74 46.25
NB CLA AE . 21.78 51.38 44.02
C1B CLA AE . 22.12 50.56 43.00
C2B CLA AE . 21.18 50.77 41.85
C3B CLA AE . 20.28 51.74 42.25
C4B CLA AE . 20.66 52.14 43.63
CMB CLA AE . 21.29 50.04 40.59
CAB CLA AE . 19.17 52.34 41.56
CBB CLA AE . 18.31 51.71 40.74
NC CLA AE . 21.37 52.92 46.49
C1C CLA AE . 20.36 53.45 45.74
C2C CLA AE . 19.64 54.47 46.51
C3C CLA AE . 20.27 54.54 47.74
C4C CLA AE . 21.36 53.57 47.72
CMC CLA AE . 18.50 55.24 46.01
CAC CLA AE . 19.91 55.41 48.88
CBC CLA AE . 20.60 56.76 48.79
ND CLA AE . 23.47 51.50 47.68
C1D CLA AE . 23.21 52.33 48.81
C2D CLA AE . 24.13 51.96 49.90
C3D CLA AE . 24.87 50.89 49.44
C4D CLA AE . 24.44 50.66 48.04
CMD CLA AE . 24.16 52.59 51.22
CAD CLA AE . 25.94 49.94 49.72
OBD CLA AE . 26.59 49.77 50.74
CBD CLA AE . 26.16 49.09 48.42
CGD CLA AE . 27.56 49.23 47.90
O1D CLA AE . 28.04 50.18 47.28
O2D CLA AE . 28.36 48.16 48.16
CED CLA AE . 29.74 48.28 47.81
C1 CLA AE . 21.20 45.58 46.64
C2 CLA AE . 20.18 44.68 47.21
C3 CLA AE . 19.08 45.15 47.85
MG CLA BE . 34.63 63.16 50.77
CHA CLA BE . 36.67 62.25 48.12
CHB CLA BE . 37.38 63.74 52.68
CHC CLA BE . 32.56 64.15 53.33
CHD CLA BE . 31.80 62.55 48.73
NA CLA BE . 36.67 63.01 50.43
C1A CLA BE . 37.34 62.61 49.26
C2A CLA BE . 38.85 62.65 49.44
C3A CLA BE . 39.03 62.98 50.94
C4A CLA BE . 37.61 63.28 51.40
CMA CLA BE . 39.62 61.83 51.70
CAA CLA BE . 39.45 63.76 48.59
CBA CLA BE . 38.57 64.99 48.53
CGA CLA BE . 38.78 65.86 49.73
O1A CLA BE . 39.85 66.28 50.19
O2A CLA BE . 37.63 66.21 50.38
NB CLA BE . 34.91 63.73 52.68
C1B CLA BE . 36.12 64.04 53.22
C2B CLA BE . 35.93 64.76 54.51
C3B CLA BE . 34.58 64.89 54.71
C4B CLA BE . 33.90 64.24 53.55
CMB CLA BE . 37.07 65.23 55.32
CAB CLA BE . 33.85 65.52 55.77
CBB CLA BE . 34.18 65.50 57.07
NC CLA BE . 32.55 63.29 50.99
C1C CLA BE . 31.92 63.71 52.13
C2C CLA BE . 30.48 63.65 51.95
C3C CLA BE . 30.26 63.24 50.63
C4C CLA BE . 31.57 63.00 50.04
CMC CLA BE . 29.48 64.01 52.95
CAC CLA BE . 28.96 63.05 49.96
CBC CLA BE . 28.65 64.17 49.01
ND CLA BE . 34.25 62.61 48.86
C1D CLA BE . 33.04 62.36 48.16
C2D CLA BE . 33.37 61.88 46.79
C3D CLA BE . 34.74 61.83 46.72
C4D CLA BE . 35.25 62.27 48.04
CMD CLA BE . 32.38 61.55 45.77
CAD CLA BE . 35.91 61.54 45.90
OBD CLA BE . 35.95 61.19 44.72
CBD CLA BE . 37.16 61.74 46.79
CGD CLA BE . 37.90 60.44 47.00
O1D CLA BE . 37.43 59.33 47.17
O2D CLA BE . 39.26 60.56 46.97
CED CLA BE . 40.03 59.51 47.56
C1 CLA BE . 37.80 67.16 51.44
C2 CLA BE . 36.49 67.49 52.06
C3 CLA BE . 36.35 68.42 53.02
C4 CLA BE . 37.50 69.19 53.55
C5 CLA BE . 35.03 68.74 53.60
C6 CLA BE . 34.75 70.24 53.58
C7 CLA BE . 33.29 70.51 53.26
C8 CLA BE . 32.71 71.59 54.15
C10 CLA BE . 31.18 71.49 54.19
MG CLA CE . 33.74 67.56 62.30
CHA CLA CE . 36.79 67.72 60.61
CHB CLA CE . 35.32 66.40 65.06
CHC CLA CE . 30.68 67.17 63.81
CHD CLA CE . 32.13 68.73 59.37
NA CLA CE . 35.75 67.18 62.75
C1A CLA CE . 36.88 67.28 61.92
C2A CLA CE . 38.14 66.87 62.70
C3A CLA CE . 37.63 66.76 64.16
C4A CLA CE . 36.12 66.76 64.00
CMA CLA CE . 38.16 65.59 64.93
CAA CLA CE . 39.30 67.87 62.60
CBA CLA CE . 38.85 69.30 62.78
CGA CLA CE . 39.64 70.17 61.85
O1A CLA CE . 39.52 71.37 61.63
O2A CLA CE . 40.63 69.49 61.20
NB CLA CE . 33.12 66.86 64.07
C1B CLA CE . 33.92 66.41 65.06
C2B CLA CE . 33.09 65.97 66.22
C3B CLA CE . 31.78 66.18 65.87
C4B CLA CE . 31.78 66.78 64.50
CMB CLA CE . 33.66 65.44 67.47
CAB CLA CE . 30.57 65.98 66.62
CBB CLA CE . 30.32 66.49 67.83
NC CLA CE . 31.78 67.95 61.71
C1C CLA CE . 30.68 67.75 62.49
C2C CLA CE . 29.47 68.13 61.78
C3C CLA CE . 29.88 68.54 60.50
C4C CLA CE . 31.32 68.41 60.47
CMC CLA CE . 28.11 68.07 62.33
CAC CLA CE . 29.01 69.03 59.41
CBC CLA CE . 29.12 70.52 59.21
ND CLA CE . 34.29 68.27 60.48
C1D CLA CE . 33.50 68.65 59.35
C2D CLA CE . 34.41 68.96 58.23
C3D CLA CE . 35.68 68.65 58.66
C4D CLA CE . 35.55 68.17 60.06
CMD CLA CE . 33.97 69.47 56.94
CAD CLA CE . 37.10 68.63 58.33
OBD CLA CE . 37.67 69.08 57.35
CBD CLA CE . 37.81 67.91 59.50
CGD CLA CE . 38.31 66.59 59.00
O1D CLA CE . 37.63 65.69 58.52
O2D CLA CE . 39.67 66.44 59.06
CED CLA CE . 40.47 67.27 58.20
MG CLA DE . 20.24 58.02 71.59
CHA CLA DE . 17.61 58.59 73.79
CHB CLA DE . 21.82 60.79 72.75
CHC CLA DE . 22.81 57.40 69.39
CHD CLA DE . 18.56 55.11 70.43
NA CLA DE . 19.77 59.45 73.04
C1A CLA DE . 18.62 59.50 73.85
C2A CLA DE . 18.69 60.72 74.78
C3A CLA DE . 20.02 61.41 74.41
C4A CLA DE . 20.59 60.50 73.33
CMA CLA DE . 19.81 62.82 73.91
CAA CLA DE . 18.73 60.28 76.25
NB CLA DE . 21.98 58.92 71.16
C1B CLA DE . 22.46 60.05 71.74
C2B CLA DE . 23.77 60.42 71.14
C3B CLA DE . 24.05 59.46 70.19
C4B CLA DE . 22.92 58.50 70.19
CMB CLA DE . 24.54 61.60 71.55
CAB CLA DE . 25.18 59.34 69.31
CBB CLA DE . 25.42 60.14 68.27
NC CLA DE . 20.61 56.53 70.17
C1C CLA DE . 21.72 56.47 69.39
C2C CLA DE . 21.66 55.30 68.52
C3C CLA DE . 20.47 54.64 68.81
C4C CLA DE . 19.80 55.43 69.85
CMC CLA DE . 22.69 54.92 67.54
CAC CLA DE . 19.95 53.40 68.21
CBC CLA DE . 19.07 53.66 67.01
ND CLA DE . 18.50 57.04 71.96
C1D CLA DE . 17.94 55.85 71.41
C2D CLA DE . 16.63 55.60 72.06
C3D CLA DE . 16.45 56.62 72.97
C4D CLA DE . 17.65 57.48 72.87
CMD CLA DE . 15.75 54.47 71.75
CAD CLA DE . 15.58 57.19 73.98
OBD CLA DE . 14.48 56.80 74.37
CBD CLA DE . 16.29 58.46 74.54
CGD CLA DE . 15.43 59.68 74.35
O1D CLA DE . 14.56 59.87 73.49
O2D CLA DE . 15.67 60.67 75.26
CED CLA DE . 15.01 60.59 76.52
MG CLA EE . 12.13 56.25 49.97
CHA CLA EE . 9.00 55.81 48.51
CHB CLA EE . 11.22 54.21 52.54
CHC CLA EE . 15.20 56.79 51.41
CHD CLA EE . 13.04 58.36 47.28
NA CLA EE . 10.39 55.18 50.42
C1A CLA EE . 9.20 55.13 49.69
C2A CLA EE . 8.18 54.21 50.39
C3A CLA EE . 8.93 53.70 51.63
C4A CLA EE . 10.28 54.40 51.54
CMA CLA EE . 8.20 54.03 52.91
CAA CLA EE . 7.76 53.07 49.47
CBA CLA EE . 8.25 51.71 49.90
CGA CLA EE . 7.41 50.68 49.23
O1A CLA EE . 6.22 50.42 49.41
O2A CLA EE . 8.08 49.97 48.28
NB CLA EE . 13.03 55.64 51.67
C1B CLA EE . 12.50 54.80 52.59
C2B CLA EE . 13.47 54.56 53.69
C3B CLA EE . 14.60 55.29 53.38
C4B CLA EE . 14.33 55.97 52.08
CMB CLA EE . 13.18 53.69 54.83
CAB CLA EE . 15.87 55.46 54.05
CBB CLA EE . 16.16 55.13 55.30
NC CLA EE . 13.81 57.36 49.43
C1C CLA EE . 14.96 57.43 50.17
C2C CLA EE . 15.94 58.28 49.50
C3C CLA EE . 15.33 58.73 48.33
C4C CLA EE . 14.00 58.16 48.29
CMC CLA EE . 17.29 58.52 50.04
CAC CLA EE . 15.92 59.61 47.29
CBC CLA EE . 16.39 60.95 47.81
ND CLA EE . 11.30 56.92 48.26
C1D CLA EE . 11.78 57.80 47.24
C2D CLA EE . 10.72 57.97 46.23
C3D CLA EE . 9.64 57.23 46.66
C4D CLA EE . 10.05 56.61 47.93
CMD CLA EE . 10.85 58.79 45.03
CAD CLA EE . 8.29 56.81 46.37
OBD CLA EE . 7.57 57.07 45.40
CBD CLA EE . 7.81 55.93 47.57
CGD CLA EE . 6.57 56.51 48.18
O1D CLA EE . 5.57 56.92 47.60
O2D CLA EE . 6.59 56.57 49.55
CED CLA EE . 5.37 56.94 50.21
C1 CLA EE . 7.51 49.96 46.95
C2 CLA EE . 8.15 48.83 46.22
C3 CLA EE . 8.61 48.93 44.97
C4 CLA EE . 8.52 50.19 44.19
C5 CLA EE . 9.24 47.77 44.29
C6 CLA EE . 9.54 46.63 45.25
MG CLA FE . 13.64 51.57 63.88
CHA CLA FE . 10.73 53.09 62.74
CHB CLA FE . 12.76 52.28 67.09
CHC CLA FE . 16.52 50.02 64.95
CHD CLA FE . 14.54 50.89 60.53
NA CLA FE . 11.99 52.53 64.74
C1A CLA FE . 10.88 53.09 64.10
C2A CLA FE . 9.91 53.69 65.12
C3A CLA FE . 10.62 53.46 66.48
C4A CLA FE . 11.89 52.70 66.10
CMA CLA FE . 10.93 54.74 67.20
CAA CLA FE . 8.58 52.96 65.10
CBA CLA FE . 8.74 51.50 65.46
CGA CLA FE . 8.17 50.63 64.39
O1A CLA FE . 7.01 50.52 64.02
O2A CLA FE . 9.13 49.87 63.75
NB CLA FE . 14.48 51.22 65.68
C1B CLA FE . 13.96 51.58 66.88
C2B CLA FE . 14.86 51.13 67.98
C3B CLA FE . 15.93 50.49 67.38
C4B CLA FE . 15.70 50.54 65.91
CMB CLA FE . 14.58 51.37 69.39
CAB CLA FE . 17.08 49.87 67.99
CBB CLA FE . 17.40 48.59 67.87
NC CLA FE . 15.23 50.63 62.90
C1C CLA FE . 16.30 50.05 63.54
C2C CLA FE . 17.21 49.48 62.57
C3C CLA FE . 16.66 49.73 61.31
C4C CLA FE . 15.42 50.45 61.53
CMC CLA FE . 18.46 48.78 62.89
CAC CLA FE . 17.22 49.35 60.00
CBC CLA FE . 17.93 50.49 59.32
ND CLA FE . 12.87 51.88 62.03
C1D CLA FE . 13.36 51.55 60.74
C2D CLA FE . 12.38 52.02 59.72
C3D CLA FE . 11.34 52.61 60.44
C4D CLA FE . 11.71 52.50 61.87
CMD CLA FE . 12.52 51.86 58.29
CAD CLA FE . 10.07 53.28 60.37
OBD CLA FE . 9.38 53.56 59.39
CBD CLA FE . 9.64 53.63 61.82
CGD CLA FE . 9.44 55.10 61.99
O1D CLA FE . 10.30 55.96 62.24
O2D CLA FE . 8.15 55.51 61.84
CED CLA FE . 7.92 56.83 61.36
C1 A1L1G GE . -31.53 -4.97 -72.24
C5 A1L1G GE . -32.11 -4.88 -69.80
C4 A1L1G GE . -33.84 -5.31 -73.15
C3 A1L1G GE . -33.04 -6.70 -71.24
C2 A1L1G GE . -29.06 -4.62 -72.99
C10 A1L1G GE . -32.26 -3.82 -74.38
C11 A1L1G GE . -32.68 -4.33 -73.01
C12 A1L1G GE . -30.61 -6.67 -70.63
C14 A1L1G GE . -13.97 -13.27 -63.52
C17 A1L1G GE . -12.37 -14.22 -65.88
C18 A1L1G GE . -11.63 -11.31 -62.72
C19 A1L1G GE . -12.48 -12.85 -60.96
C20 A1L1G GE . -11.74 -14.04 -64.53
C21 A1L1G GE . -10.25 -13.85 -64.50
C22 A1L1G GE . -9.77 -14.23 -63.11
C23 A1L1G GE . -10.32 -13.28 -62.06
C24 A1L1G GE . -11.75 -12.78 -62.30
C25 A1L1G GE . -12.50 -13.56 -63.38
C26 A1L1G GE . -16.79 -12.90 -63.31
C27 A1L1G GE . -20.83 -10.94 -65.71
C28 A1L1G GE . -23.00 -6.71 -71.34
C29 A1L1G GE . -14.54 -12.29 -64.22
C30 A1L1G GE . -15.93 -12.18 -64.31
C31 A1L1G GE . -16.55 -11.42 -65.29
C32 A1L1G GE . -17.90 -11.18 -65.46
C33 A1L1G GE . -18.53 -10.40 -66.41
C34 A1L1G GE . -19.91 -10.29 -66.66
C35 A1L1G GE . -20.45 -9.60 -67.75
C36 A1L1G GE . -21.65 -8.91 -67.83
C37 A1L1G GE . -22.18 -8.09 -68.80
C38 A1L1G GE . -23.48 -7.90 -69.22
C39 A1L1G GE . -23.96 -7.14 -70.29
C40 A1L1G GE . -25.31 -6.74 -70.42
C41 A1L1G GE . -26.03 -6.51 -71.58
C42 A1L1G GE . -27.03 -5.60 -71.79
C43 A1L1G GE . -28.22 -6.92 -73.51
C44 A1L1G GE . -28.07 -5.67 -72.72
C45 A1L1G GE . -30.31 -4.79 -72.64
C6 A1L1G GE . -31.82 -5.80 -70.98
C8 A1L1G GE . -34.22 -5.95 -71.83
O13 A1L1G GE . -17.51 -13.93 -63.95
O15 A1L1G GE . -12.18 -14.97 -63.50
O16 A1L1G GE . -8.35 -14.22 -63.07
O7 A1L1G GE . -35.31 -6.86 -72.01
O9 A1L1G GE . -33.22 -3.22 -72.26
C1 XAT HE . -25.36 14.84 -38.70
C2 XAT HE . -26.56 15.29 -37.89
C3 XAT HE . -27.49 14.12 -37.62
C4 XAT HE . -26.77 13.27 -36.60
C5 XAT HE . -25.50 12.67 -37.20
C6 XAT HE . -24.82 13.44 -38.35
C7 XAT HE . -23.32 13.26 -38.39
C8 XAT HE . -22.85 12.47 -39.35
C9 XAT HE . -21.41 12.19 -39.55
C10 XAT HE . -21.07 11.26 -40.44
C11 XAT HE . -19.68 10.94 -40.72
C12 XAT HE . -19.44 10.13 -41.75
C13 XAT HE . -18.07 9.76 -42.16
C14 XAT HE . -17.91 9.22 -43.37
C15 XAT HE . -16.61 8.84 -43.89
C16 XAT HE . -24.24 15.85 -38.52
C17 XAT HE . -25.73 14.85 -40.17
C18 XAT HE . -24.47 11.94 -36.33
C19 XAT HE . -20.37 12.97 -38.79
C20 XAT HE . -16.91 9.98 -41.24
O3 XAT HE . -28.74 14.58 -37.09
O4 XAT HE . -25.61 12.25 -38.56
C21 XAT HE . -8.34 6.37 -53.39
C22 XAT HE . -7.22 5.80 -54.25
C23 XAT HE . -6.39 4.84 -53.43
C24 XAT HE . -7.24 3.61 -53.25
C25 XAT HE . -8.47 3.92 -52.39
C26 XAT HE . -8.98 5.38 -52.40
C27 XAT HE . -10.48 5.52 -52.19
C28 XAT HE . -10.86 6.02 -51.03
C29 XAT HE . -12.26 6.24 -50.65
C30 XAT HE . -12.50 6.59 -49.37
C31 XAT HE . -13.84 6.87 -48.88
C32 XAT HE . -13.95 7.23 -47.60
C33 XAT HE . -15.25 7.57 -47.00
C34 XAT HE . -15.28 8.03 -45.75
C35 XAT HE . -16.56 8.41 -45.14
C36 XAT HE . -9.42 6.91 -54.32
C37 XAT HE . -7.80 7.55 -52.60
C38 XAT HE . -9.63 2.93 -52.23
C39 XAT HE . -13.37 6.09 -51.64
C40 XAT HE . -16.52 7.41 -47.80
O23 XAT HE . -5.20 4.51 -54.15
O24 XAT HE . -8.22 4.82 -51.31
C1 XAT IE . -21.82 6.10 -54.49
C2 XAT IE . -22.72 6.42 -53.32
C3 XAT IE . -23.46 5.18 -52.88
C4 XAT IE . -22.43 4.32 -52.18
C5 XAT IE . -21.33 3.88 -53.16
C6 XAT IE . -21.08 4.76 -54.39
C7 XAT IE . -19.62 4.76 -54.81
C8 XAT IE . -19.34 4.09 -55.92
C9 XAT IE . -18.00 3.97 -56.51
C10 XAT IE . -17.84 3.05 -57.47
C11 XAT IE . -16.59 2.82 -58.19
C12 XAT IE . -16.66 1.91 -59.15
C13 XAT IE . -15.53 1.53 -60.01
C14 XAT IE . -15.78 0.68 -61.01
C15 XAT IE . -14.74 0.26 -61.96
C16 XAT IE . -20.81 7.23 -54.67
C17 XAT IE . -22.67 6.07 -55.76
C18 XAT IE . -20.05 3.22 -52.64
C19 XAT IE . -16.87 4.87 -56.08
C20 XAT IE . -14.16 2.10 -59.80
O3 XAT IE . -24.52 5.51 -51.98
O4 XAT IE . -21.78 3.51 -54.46
C21 XAT IE . -10.00 -6.28 -72.18
C22 XAT IE . -8.99 -7.03 -73.03
C23 XAT IE . -7.58 -6.78 -72.56
C24 XAT IE . -7.50 -7.49 -71.22
C25 XAT IE . -8.33 -6.74 -70.18
C26 XAT IE . -9.58 -6.04 -70.72
C27 XAT IE . -10.73 -6.01 -69.72
C28 XAT IE . -11.06 -4.84 -69.18
C29 XAT IE . -12.17 -4.70 -68.23
C30 XAT IE . -12.31 -3.54 -67.57
C31 XAT IE . -13.40 -3.30 -66.62
C32 XAT IE . -13.24 -2.34 -65.71
C33 XAT IE . -14.29 -2.01 -64.74
C34 XAT IE . -14.09 -0.97 -63.92
C35 XAT IE . -15.09 -0.56 -62.94
C36 XAT IE . -11.31 -7.04 -72.20
C37 XAT IE . -10.23 -4.92 -72.83
C38 XAT IE . -8.53 -7.27 -68.75
C39 XAT IE . -13.13 -5.83 -68.02
C40 XAT IE . -15.55 -2.82 -64.66
O23 XAT IE . -6.63 -7.33 -73.47
O24 XAT IE . -8.39 -5.32 -70.38
C8 A1L1F JE . -7.02 -5.57 -39.83
C5 A1L1F JE . -6.45 -8.15 -41.20
C4 A1L1F JE . -6.72 -4.52 -40.89
C6 A1L1F JE . -7.61 -7.25 -41.56
C10 A1L1F JE . -6.00 -4.14 -43.25
C11 A1L1F JE . -6.19 -5.18 -42.15
C2 A1L1F JE . -8.02 -6.19 -44.93
C3 A1L1F JE . -8.09 -6.52 -40.32
C1 A1L1F JE . -7.19 -6.21 -42.57
C12 A1L1F JE . -8.75 -8.06 -42.13
C14 A1L1F JE . -22.28 -10.19 -56.74
C17 A1L1F JE . -24.20 -10.67 -54.76
C18 A1L1F JE . -23.87 -7.39 -57.40
C19 A1L1F JE . -23.11 -8.83 -59.23
C20 A1L1F JE . -24.81 -10.34 -56.12
C21 A1L1F JE . -25.97 -9.36 -56.19
C22 A1L1F JE . -26.52 -9.40 -57.59
C23 A1L1F JE . -25.48 -8.85 -58.57
C24 A1L1F JE . -24.06 -8.75 -58.05
C25 A1L1F JE . -23.71 -9.85 -57.05
C26 A1L1F JE . -19.41 -10.82 -56.74
C27 A1L1F JE . -14.94 -9.24 -54.27
C28 A1L1F JE . -13.52 -5.19 -48.64
C29 A1L1F JE . -21.43 -9.30 -56.26
C30 A1L1F JE . -20.04 -9.67 -55.98
C31 A1L1F JE . -19.35 -8.99 -55.07
C32 A1L1F JE . -17.98 -9.27 -54.69
C33 A1L1F JE . -17.33 -8.27 -54.08
C34 A1L1F JE . -15.95 -8.38 -53.59
C35 A1L1F JE . -15.64 -7.69 -52.50
C36 A1L1F JE . -14.33 -7.73 -51.86
C37 A1L1F JE . -14.08 -6.90 -50.85
C38 A1L1F JE . -12.79 -6.97 -50.19
C39 A1L1F JE . -12.51 -6.18 -49.13
C40 A1L1F JE . -11.21 -6.33 -48.47
C41 A1L1F JE . -11.06 -6.07 -47.17
C42 A1L1F JE . -9.75 -6.29 -46.58
C43 A1L1F JE . -10.31 -5.08 -44.48
C44 A1L1F JE . -9.38 -5.87 -45.36
C45 A1L1F JE . -20.08 -13.22 -57.06
C47 A1L1F JE . -20.78 -14.45 -56.52
C48 A1L1F JE . -21.27 -15.28 -57.70
C49 A1L1F JE . -20.57 -16.64 -57.74
C50 A1L1F JE . -19.96 -16.89 -59.11
C51 A1L1F JE . -19.77 -18.38 -59.34
C52 A1L1F JE . -19.43 -19.10 -58.05
C53 A1L1F JE . -17.99 -19.59 -58.07
C54 A1L1F JE . -6.42 -4.51 -37.79
C56 A1L1F JE . -5.05 -5.08 -38.03
C57 A1L1F JE . -7.64 -6.20 -43.73
O13 A1L1F JE . -19.97 -12.03 -56.24
O15 A1L1F JE . -24.44 -11.05 -57.29
O16 A1L1F JE . -27.69 -8.59 -57.67
O46 A1L1F JE . -19.62 -13.22 -58.19
O55 A1L1F JE . -6.66 -3.73 -36.88
O7 A1L1F JE . -7.50 -4.91 -38.67
O9 A1L1F JE . -4.94 -5.77 -41.87
MG CLA KE . -10.45 -18.17 -59.52
CHA CLA KE . -8.27 -17.17 -57.02
CHB CLA KE . -8.44 -20.83 -60.21
CHC CLA KE . -12.70 -19.18 -61.91
CHD CLA KE . -12.53 -15.43 -58.73
NA CLA KE . -8.64 -18.86 -58.74
C1A CLA KE . -7.89 -18.30 -57.69
C2A CLA KE . -6.64 -19.12 -57.42
C3A CLA KE . -6.66 -20.20 -58.52
C4A CLA KE . -8.00 -19.98 -59.21
CMA CLA KE . -5.47 -20.02 -59.44
CAA CLA KE . -6.73 -19.78 -56.05
CBA CLA KE . -7.98 -20.64 -55.93
CGA CLA KE . -8.50 -20.59 -54.53
O1A CLA KE . -7.92 -20.85 -53.48
O2A CLA KE . -9.82 -20.20 -54.47
NB CLA KE . -10.54 -19.71 -60.82
C1B CLA KE . -9.64 -20.72 -60.92
C2B CLA KE . -10.11 -21.71 -61.95
C3B CLA KE . -11.31 -21.25 -62.42
C4B CLA KE . -11.60 -19.96 -61.72
CMB CLA KE . -9.36 -22.91 -62.29
CAB CLA KE . -12.19 -21.80 -63.42
CBB CLA KE . -11.84 -22.12 -64.67
NC CLA KE . -12.27 -17.41 -60.21
C1C CLA KE . -13.02 -17.98 -61.21
C2C CLA KE . -14.22 -17.19 -61.45
C3C CLA KE . -14.19 -16.14 -60.53
C4C CLA KE . -12.95 -16.29 -59.76
CMC CLA KE . -15.24 -17.49 -62.46
CAC CLA KE . -15.19 -15.08 -60.38
CBC CLA KE . -16.11 -15.34 -59.22
ND CLA KE . -10.45 -16.61 -58.24
C1D CLA KE . -11.37 -15.55 -58.01
C2D CLA KE . -10.86 -14.69 -56.92
C3D CLA KE . -9.67 -15.26 -56.52
C4D CLA KE . -9.46 -16.46 -57.36
CMD CLA KE . -11.53 -13.49 -56.43
CAD CLA KE . -8.54 -15.17 -55.60
OBD CLA KE . -8.30 -14.32 -54.74
CBD CLA KE . -7.61 -16.39 -55.89
CGD CLA KE . -6.22 -15.96 -56.27
O1D CLA KE . -5.89 -14.98 -56.95
O2D CLA KE . -5.24 -16.76 -55.78
CED CLA KE . -3.90 -16.53 -56.24
C1 CLA KE . -10.82 -21.22 -54.41
C2 CLA KE . -10.86 -21.71 -53.01
C3 CLA KE . -11.45 -21.02 -52.01
C4 CLA KE . -11.47 -21.54 -50.62
C5 CLA KE . -12.09 -19.70 -52.24
C6 CLA KE . -13.57 -19.70 -51.89
C7 CLA KE . -14.03 -18.30 -51.52
C8 CLA KE . -13.48 -17.88 -50.16
C9 CLA KE . -14.18 -18.63 -49.05
C10 CLA KE . -13.61 -16.36 -49.97
C11 CLA KE . -14.82 -15.94 -49.17
C12 CLA KE . -15.99 -15.56 -50.05
C13 CLA KE . -17.14 -15.02 -49.22
C14 CLA KE . -18.43 -14.98 -50.03
C15 CLA KE . -16.83 -13.63 -48.67
C16 CLA KE . -17.93 -13.12 -47.76
MG CLA LE . -6.90 -6.33 -65.80
CHA CLA LE . -4.18 -8.36 -66.50
CHB CLA LE . -4.96 -3.57 -66.28
CHC CLA LE . -9.66 -4.36 -65.21
CHD CLA LE . -8.90 -9.22 -65.41
NA CLA LE . -4.89 -6.05 -66.29
C1A CLA LE . -3.92 -7.02 -66.56
C2A CLA LE . -2.58 -6.37 -66.89
C3A CLA LE . -2.84 -4.86 -66.70
C4A CLA LE . -4.34 -4.79 -66.41
CMA CLA LE . -2.01 -4.28 -65.57
CAA CLA LE . -2.11 -6.61 -68.32
CBA CLA LE . -3.22 -6.91 -69.32
CGA CLA LE . -4.13 -5.74 -69.58
O1A CLA LE . -5.32 -5.79 -69.90
O2A CLA LE . -3.53 -4.52 -69.44
NB CLA LE . -7.26 -4.35 -65.78
C1B CLA LE . -6.33 -3.37 -65.99
C2B CLA LE . -6.96 -2.04 -65.84
C3B CLA LE . -8.28 -2.25 -65.53
C4B CLA LE . -8.48 -3.72 -65.48
CMB CLA LE . -6.21 -0.79 -65.99
CAB CLA LE . -9.36 -1.32 -65.26
CBB CLA LE . -9.57 -0.17 -65.90
NC CLA LE . -8.90 -6.73 -65.36
C1C CLA LE . -9.86 -5.76 -65.13
C2C CLA LE . -11.14 -6.40 -64.83
C3C CLA LE . -10.94 -7.77 -64.93
C4C CLA LE . -9.54 -7.98 -65.26
CMC CLA LE . -12.39 -5.71 -64.52
CAC CLA LE . -11.97 -8.79 -64.74
CBC CLA LE . -12.42 -9.42 -66.04
ND CLA LE . -6.65 -8.34 -65.84
C1D CLA LE . -7.56 -9.42 -65.67
C2D CLA LE . -6.83 -10.69 -65.82
C3D CLA LE . -5.52 -10.35 -66.12
C4D CLA LE . -5.48 -8.87 -66.14
CMD CLA LE . -7.42 -12.02 -65.66
CAD CLA LE . -4.18 -10.83 -66.41
OBD CLA LE . -3.74 -11.98 -66.43
CBD CLA LE . -3.30 -9.57 -66.70
CGD CLA LE . -2.09 -9.51 -65.80
O1D CLA LE . -1.99 -8.96 -64.70
O2D CLA LE . -0.99 -10.16 -66.29
CED CLA LE . 0.07 -10.45 -65.38
C1 CLA LE . -4.00 -3.42 -70.26
C2 CLA LE . -5.27 -2.88 -69.67
C3 CLA LE . -5.84 -1.75 -70.14
C4 CLA LE . -5.24 -0.97 -71.24
C5 CLA LE . -7.10 -1.24 -69.54
C6 CLA LE . -8.34 -1.86 -70.17
C7 CLA LE . -8.82 -1.06 -71.36
C8 CLA LE . -10.27 -0.62 -71.26
C9 CLA LE . -10.78 -0.69 -69.84
C10 CLA LE . -11.15 -1.45 -72.19
C11 CLA LE . -12.62 -1.41 -71.83
C12 CLA LE . -13.14 -2.80 -71.52
C13 CLA LE . -14.67 -2.88 -71.51
C14 CLA LE . -15.30 -1.55 -71.15
C15 CLA LE . -15.15 -3.98 -70.58
C16 CLA LE . -16.65 -3.92 -70.34
C17 CLA LE . -17.11 -5.13 -69.55
C18 CLA LE . -17.95 -4.77 -68.33
C19 CLA LE . -17.83 -5.84 -67.27
C20 CLA LE . -17.56 -3.42 -67.77
MG CLA ME . -12.02 4.33 -65.27
CHA CLA ME . -8.85 5.49 -66.08
CHB CLA ME . -11.73 1.90 -67.63
CHC CLA ME . -15.09 3.12 -64.33
CHD CLA ME . -12.27 6.89 -62.84
NA CLA ME . -10.52 3.81 -66.64
C1A CLA ME . -9.26 4.41 -66.81
C2A CLA ME . -8.47 3.70 -67.90
C3A CLA ME . -9.45 2.64 -68.43
C4A CLA ME . -10.66 2.76 -67.50
CMA CLA ME . -9.82 2.88 -69.88
CAA CLA ME . -7.24 3.02 -67.32
CBA CLA ME . -6.41 2.35 -68.39
CGA CLA ME . -5.44 3.33 -68.96
O1A CLA ME . -4.77 4.18 -68.38
O2A CLA ME . -5.32 3.23 -70.33
NB CLA ME . -13.16 2.77 -65.83
C1B CLA ME . -12.90 1.93 -66.87
C2B CLA ME . -14.06 1.03 -67.10
C3B CLA ME . -15.02 1.36 -66.16
C4B CLA ME . -14.46 2.48 -65.35
CMB CLA ME . -14.06 0.01 -68.14
CAB CLA ME . -16.34 0.83 -65.92
CBB CLA ME . -17.16 0.32 -66.83
NC CLA ME . -13.43 4.91 -63.85
C1C CLA ME . -14.62 4.26 -63.63
C2C CLA ME . -15.35 4.93 -62.55
C3C CLA ME . -14.56 6.00 -62.13
C4C CLA ME . -13.35 5.98 -62.96
CMC CLA ME . -16.65 4.50 -62.04
CAC CLA ME . -14.87 6.96 -61.06
CBC CLA ME . -14.27 6.54 -59.74
ND CLA ME . -10.92 5.89 -64.63
C1D CLA ME . -11.14 6.86 -63.61
C2D CLA ME . -9.96 7.76 -63.54
C3D CLA ME . -9.05 7.27 -64.45
C4D CLA ME . -9.69 6.11 -65.10
CMD CLA ME . -9.84 8.90 -62.62
CAD CLA ME . -7.74 7.44 -65.06
OBD CLA ME . -6.89 8.29 -64.84
CBD CLA ME . -7.56 6.30 -66.10
CGD CLA ME . -7.24 6.83 -67.47
O1D CLA ME . -6.16 6.77 -68.07
O2D CLA ME . -8.28 7.46 -68.08
CED CLA ME . -7.99 8.25 -69.25
C1 CLA ME . -6.42 3.74 -71.11
C2 CLA ME . -6.19 3.26 -72.50
C3 CLA ME . -7.07 3.43 -73.50
C4 CLA ME . -6.79 2.93 -74.87
C5 CLA ME . -8.38 4.10 -73.27
C6 CLA ME . -9.55 3.24 -73.70
C7 CLA ME . -10.56 4.05 -74.49
C8 CLA ME . -11.55 4.76 -73.58
C9 CLA ME . -12.68 3.83 -73.19
MG CLA NE . -20.49 4.09 -47.12
CHA CLA NE . -23.11 5.72 -45.53
CHB CLA NE . -20.49 6.47 -49.56
CHC CLA NE . -17.82 2.50 -48.59
CHD CLA NE . -20.58 1.60 -44.61
NA CLA NE . -21.63 5.80 -47.47
C1A CLA NE . -22.68 6.31 -46.69
C2A CLA NE . -23.23 7.60 -47.30
C3A CLA NE . -22.47 7.73 -48.63
C4A CLA NE . -21.45 6.60 -48.57
CMA CLA NE . -23.39 7.61 -49.83
CAA CLA NE . -22.92 8.79 -46.41
CBA CLA NE . -21.43 8.93 -46.15
CGA CLA NE . -21.05 8.25 -44.87
O1A CLA NE . -21.45 8.48 -43.72
O2A CLA NE . -20.12 7.26 -45.03
NB CLA NE . -19.39 4.40 -48.78
C1B CLA NE . -19.49 5.48 -49.61
C2B CLA NE . -18.40 5.45 -50.62
C3B CLA NE . -17.64 4.33 -50.35
C4B CLA NE . -18.26 3.66 -49.18
CMB CLA NE . -18.25 6.48 -51.64
CAB CLA NE . -16.46 3.80 -50.99
CBB CLA NE . -16.15 3.90 -52.29
NC CLA NE . -19.42 2.36 -46.68
C1C CLA NE . -18.36 1.90 -47.42
C2C CLA NE . -17.83 0.67 -46.83
C3C CLA NE . -18.62 0.40 -45.70
C4C CLA NE . -19.61 1.48 -45.62
CMC CLA NE . -16.70 -0.11 -47.34
CAC CLA NE . -18.49 -0.73 -44.76
CBC CLA NE . -17.85 -0.33 -43.45
ND CLA NE . -21.55 3.69 -45.45
C1D CLA NE . -21.50 2.63 -44.52
C2D CLA NE . -22.52 2.85 -43.48
C3D CLA NE . -23.15 4.03 -43.79
C4D CLA NE . -22.52 4.52 -45.04
CMD CLA NE . -22.74 1.96 -42.33
CAD CLA NE . -24.17 5.01 -43.42
OBD CLA NE . -24.90 5.04 -42.44
CBD CLA NE . -24.20 6.09 -44.54
CGD CLA NE . -25.56 6.19 -45.19
O1D CLA NE . -26.28 7.20 -45.26
O2D CLA NE . -26.00 5.03 -45.75
CED CLA NE . -27.04 5.12 -46.72
C1 CLA NE . -19.89 6.41 -43.88
C2 CLA NE . -18.79 5.47 -44.19
C3 CLA NE . -18.30 4.62 -43.28
C4 CLA NE . -18.85 4.57 -41.90
C5 CLA NE . -17.19 3.68 -43.59
C6 CLA NE . -16.20 4.24 -44.59
C7 CLA NE . -14.87 3.52 -44.46
C8 CLA NE . -13.93 3.81 -45.62
C9 CLA NE . -14.62 3.50 -46.94
C10 CLA NE . -12.65 3.01 -45.50
C11 CLA NE . -11.47 3.90 -45.20
C12 CLA NE . -11.32 5.00 -46.23
C13 CLA NE . -9.98 5.71 -46.11
C14 CLA NE . -10.16 7.11 -45.54
C15 CLA NE . -9.27 5.77 -47.46
C16 CLA NE . -8.52 4.50 -47.76
C17 CLA NE . -7.06 4.58 -47.33
C18 CLA NE . -6.13 3.88 -48.31
C19 CLA NE . -6.75 2.64 -48.90
C20 CLA NE . -5.70 4.83 -49.41
MG CLA OE . -16.21 15.47 -40.72
CHA CLA OE . -19.63 15.92 -41.16
CHB CLA OE . -16.19 17.98 -38.43
CHC CLA OE . -12.87 14.88 -40.20
CHD CLA OE . -16.30 12.90 -43.15
NA CLA OE . -17.68 16.74 -39.95
C1A CLA OE . -19.05 16.77 -40.25
C2A CLA OE . -19.77 17.87 -39.48
C3A CLA OE . -18.62 18.61 -38.76
C4A CLA OE . -17.40 17.73 -39.05
CMA CLA OE . -18.43 20.01 -39.29
CAA CLA OE . -20.77 17.31 -38.48
CBA CLA OE . -20.11 16.55 -37.36
CGA CLA OE . -20.99 16.56 -36.14
O1A CLA OE . -21.08 15.72 -35.24
O2A CLA OE . -21.78 17.68 -36.07
NB CLA OE . -14.78 16.33 -39.60
C1B CLA OE . -15.01 17.24 -38.61
C2B CLA OE . -13.81 17.37 -37.74
C3B CLA OE . -12.87 16.50 -38.24
C4B CLA OE . -13.47 15.82 -39.43
CMB CLA OE . -13.74 18.27 -36.59
CAB CLA OE . -11.53 16.22 -37.77
CBB CLA OE . -10.42 16.42 -38.46
NC CLA OE . -14.83 14.15 -41.55
C1C CLA OE . -13.51 14.09 -41.21
C2C CLA OE . -12.83 13.07 -42.00
C3C CLA OE . -13.81 12.49 -42.81
C4C CLA OE . -15.07 13.17 -42.53
CMC CLA OE . -11.41 12.74 -41.90
CAC CLA OE . -13.61 11.39 -43.79
CBC CLA OE . -13.60 11.89 -45.21
ND CLA OE . -17.60 14.55 -41.89
C1D CLA OE . -17.49 13.53 -42.87
C2D CLA OE . -18.82 13.30 -43.47
C3D CLA OE . -19.69 14.18 -42.83
C4D CLA OE . -18.87 14.95 -41.87
CMD CLA OE . -19.12 12.32 -44.51
CAD CLA OE . -21.05 14.68 -42.74
OBD CLA OE . -22.05 14.34 -43.37
CBD CLA OE . -21.05 15.81 -41.67
CGD CLA OE . -21.54 17.13 -42.19
O1D CLA OE . -20.85 18.14 -42.42
O2D CLA OE . -22.88 17.19 -42.41
CED CLA OE . -23.59 18.31 -41.87
C1 CLA OE . -21.32 18.73 -35.20
MG CLA PE . -8.21 10.02 -58.88
CHA CLA PE . -6.44 7.98 -61.04
CHB CLA PE . -5.84 12.44 -59.24
CHC CLA PE . -10.10 12.08 -56.88
CHD CLA PE . -10.62 7.45 -58.50
NA CLA PE . -6.43 10.14 -59.96
C1A CLA PE . -5.87 9.19 -60.82
C2A CLA PE . -4.56 9.70 -61.42
C3A CLA PE . -4.31 11.03 -60.68
C4A CLA PE . -5.61 11.25 -59.90
CMA CLA PE . -3.12 10.97 -59.76
CAA CLA PE . -4.72 9.93 -62.91
CBA CLA PE . -5.58 11.16 -63.20
CGA CLA PE . -6.09 11.15 -64.62
O1A CLA PE . -5.51 10.77 -65.63
O2A CLA PE . -7.36 11.63 -64.73
NB CLA PE . -7.99 11.88 -58.17
C1B CLA PE . -6.99 12.75 -58.49
C2B CLA PE . -7.26 14.09 -57.91
C3B CLA PE . -8.45 13.99 -57.24
C4B CLA PE . -8.93 12.59 -57.39
CMB CLA PE . -6.36 15.22 -58.09
CAB CLA PE . -9.19 15.00 -56.51
CBB CLA PE . -9.38 16.24 -56.92
NC CLA PE . -10.01 9.79 -57.86
C1C CLA PE . -10.60 10.76 -57.09
C2C CLA PE . -11.85 10.27 -56.53
C3C CLA PE . -12.01 8.96 -56.99
C4C CLA PE . -10.85 8.67 -57.82
CMC CLA PE . -12.75 11.04 -55.66
CAC CLA PE . -13.13 8.05 -56.70
CBC CLA PE . -12.91 7.22 -55.45
ND CLA PE . -8.51 8.14 -59.55
C1D CLA PE . -9.55 7.19 -59.32
C2D CLA PE . -9.24 5.95 -60.08
C3D CLA PE . -8.07 6.20 -60.77
C4D CLA PE . -7.65 7.57 -60.41
CMD CLA PE . -10.08 4.75 -60.08
CAD CLA PE . -7.05 5.67 -61.67
OBD CLA PE . -6.97 4.57 -62.19
CBD CLA PE . -6.01 6.79 -61.89
CGD CLA PE . -4.61 6.33 -61.57
O1D CLA PE . -3.98 6.52 -60.52
O2D CLA PE . -4.01 5.63 -62.56
CED CLA PE . -2.77 6.12 -63.07
C1 CLA PE . -8.18 11.10 -65.78
C2 CLA PE . -9.53 11.70 -65.61
C3 CLA PE . -10.68 11.09 -65.94
C4 CLA PE . -11.99 11.74 -65.74
C5 CLA PE . -10.70 9.71 -66.52
C6 CLA PE . -11.80 9.53 -67.55
C7 CLA PE . -12.68 8.34 -67.24
C8 CLA PE . -12.22 7.05 -67.91
C9 CLA PE . -11.63 7.35 -69.28
C10 CLA PE . -13.34 6.03 -68.06
C11 CLA PE . -14.63 6.40 -67.38
C12 CLA PE . -15.69 5.32 -67.58
C13 CLA PE . -17.01 5.65 -66.90
C14 CLA PE . -16.78 6.28 -65.54
C15 CLA PE . -17.88 4.41 -66.80
C16 CLA PE . -18.80 4.40 -65.60
C17 CLA PE . -19.29 3.00 -65.29
C18 CLA PE . -20.09 2.95 -63.99
C19 CLA PE . -21.57 3.11 -64.27
C20 CLA PE . -19.84 1.65 -63.27
MG CLA QE . -4.94 -4.25 -50.16
CHA CLA QE . -1.62 -3.26 -50.11
CHB CLA QE . -3.96 -7.52 -50.09
CHC CLA QE . -8.24 -5.18 -50.17
CHD CLA QE . -5.90 -0.84 -50.28
NA CLA QE . -3.09 -5.21 -50.08
C1A CLA QE . -1.82 -4.62 -50.05
C2A CLA QE . -0.72 -5.67 -49.97
C3A CLA QE . -1.49 -7.01 -50.02
C4A CLA QE . -2.96 -6.57 -50.04
CMA CLA QE . -1.12 -7.80 -51.25
CAA CLA QE . -0.03 -5.54 -48.62
CBA CLA QE . -1.04 -5.48 -47.49
CGA CLA QE . -0.40 -5.12 -46.19
O1A CLA QE . 0.72 -5.43 -45.76
O2A CLA QE . -1.20 -4.36 -45.38
NB CLA QE . -5.92 -6.01 -50.08
C1B CLA QE . -5.34 -7.24 -50.14
C2B CLA QE . -6.39 -8.28 -50.32
C3B CLA QE . -7.61 -7.63 -50.34
C4B CLA QE . -7.31 -6.18 -50.19
CMB CLA QE . -6.07 -9.71 -50.42
CAB CLA QE . -8.94 -8.13 -50.48
CBB CLA QE . -9.43 -9.24 -49.92
NC CLA QE . -6.74 -3.19 -50.20
C1C CLA QE . -7.97 -3.78 -50.18
C2C CLA QE . -9.01 -2.76 -50.17
C3C CLA QE . -8.35 -1.53 -50.24
C4C CLA QE . -6.92 -1.81 -50.25
CMC CLA QE . -10.45 -3.02 -50.13
CAC CLA QE . -8.98 -0.20 -50.23
CBC CLA QE . -9.34 0.22 -48.83
ND CLA QE . -4.04 -2.44 -50.20
C1D CLA QE . -4.55 -1.12 -50.28
C2D CLA QE . -3.41 -0.17 -50.33
C3D CLA QE . -2.26 -0.94 -50.28
C4D CLA QE . -2.72 -2.34 -50.20
CMD CLA QE . -3.54 1.29 -50.42
CAD CLA QE . -0.81 -0.95 -50.26
OBD CLA QE . -0.03 0.00 -50.30
CBD CLA QE . -0.37 -2.43 -50.20
CGD CLA QE . 0.39 -2.82 -51.44
O1D CLA QE . 0.17 -2.41 -52.59
O2D CLA QE . 1.39 -3.71 -51.25
CED CLA QE . 1.84 -4.45 -52.39
C1 CLA QE . -1.00 -4.45 -43.96
C2 CLA QE . -0.08 -3.35 -43.57
C3 CLA QE . -0.41 -2.40 -42.68
C4 CLA QE . -1.72 -2.40 -41.99
C5 CLA QE . 0.56 -1.32 -42.32
C6 CLA QE . -0.11 0.05 -42.25
C7 CLA QE . 0.94 1.13 -42.03
C8 CLA QE . 0.30 2.52 -41.99
MG CLA RE . -13.21 -13.27 -51.50
CHA CLA RE . -10.22 -15.02 -51.40
CHB CLA RE . -12.21 -11.41 -48.84
CHC CLA RE . -16.22 -11.63 -51.60
CHD CLA RE . -14.25 -15.31 -54.20
NA CLA RE . -11.48 -13.23 -50.34
C1A CLA RE . -10.34 -14.03 -50.45
C2A CLA RE . -9.30 -13.68 -49.39
C3A CLA RE . -10.00 -12.57 -48.57
C4A CLA RE . -11.33 -12.36 -49.29
CMA CLA RE . -10.23 -13.02 -47.15
CAA CLA RE . -8.01 -13.16 -49.97
CBA CLA RE . -6.99 -12.93 -48.87
CGA CLA RE . -6.59 -14.24 -48.27
O1A CLA RE . -5.63 -14.96 -48.56
O2A CLA RE . -7.41 -14.67 -47.27
NB CLA RE . -14.07 -11.80 -50.41
C1B CLA RE . -13.47 -11.13 -49.40
C2B CLA RE . -14.35 -10.02 -48.93
C3B CLA RE . -15.49 -10.06 -49.70
C4B CLA RE . -15.34 -11.21 -50.65
CMB CLA RE . -13.99 -9.12 -47.84
CAB CLA RE . -16.64 -9.19 -49.59
CBB CLA RE . -17.71 -9.12 -50.38
NC CLA RE . -14.92 -13.45 -52.70
C1C CLA RE . -16.03 -12.67 -52.55
C2C CLA RE . -17.05 -13.08 -53.53
C3C CLA RE . -16.48 -14.12 -54.28
C4C CLA RE . -15.15 -14.34 -53.74
CMC CLA RE . -18.38 -12.48 -53.66
CAC CLA RE . -17.11 -14.87 -55.37
CBC CLA RE . -17.66 -16.20 -54.90
ND CLA RE . -12.44 -14.76 -52.63
C1D CLA RE . -12.99 -15.53 -53.70
C2D CLA RE . -11.99 -16.55 -54.12
C3D CLA RE . -10.91 -16.39 -53.26
C4D CLA RE . -11.26 -15.28 -52.35
CMD CLA RE . -12.18 -17.50 -55.20
CAD CLA RE . -9.58 -16.87 -52.89
OBD CLA RE . -8.91 -17.75 -53.40
CBD CLA RE . -9.14 -16.04 -51.66
CGD CLA RE . -8.96 -16.93 -50.46
O1D CLA RE . -9.80 -17.18 -49.58
O2D CLA RE . -7.74 -17.52 -50.36
CED CLA RE . -7.58 -18.60 -49.44
C1 CLA RE . -7.23 -16.03 -46.83
C2 CLA RE . -8.49 -16.50 -46.22
C3 CLA RE . -8.74 -16.47 -44.90
C4 CLA RE . -7.75 -15.94 -43.92
C5 CLA RE . -10.03 -16.96 -44.34
C6 CLA RE . -10.70 -15.97 -43.42
C7 CLA RE . -11.78 -15.20 -44.14
MG CLA SE . -25.95 -8.63 -64.02
CHA CLA SE . -29.37 -8.73 -64.59
CHB CLA SE . -26.22 -11.28 -61.90
CHC CLA SE . -22.55 -8.50 -63.52
CHD CLA SE . -25.73 -5.81 -66.14
NA CLA SE . -27.55 -9.80 -63.37
C1A CLA SE . -28.91 -9.68 -63.72
C2A CLA SE . -29.75 -10.74 -63.00
C3A CLA SE . -28.73 -11.45 -62.07
C4A CLA SE . -27.40 -10.82 -62.47
CMA CLA SE . -29.06 -11.23 -60.62
CAA CLA SE . -30.34 -11.73 -64.00
NB CLA SE . -24.65 -9.64 -62.86
C1B CLA SE . -24.94 -10.77 -62.16
C2B CLA SE . -23.68 -11.43 -61.70
C3B CLA SE . -22.64 -10.64 -62.16
C4B CLA SE . -23.24 -9.49 -62.90
CMB CLA SE . -23.66 -12.65 -60.92
CAB CLA SE . -21.22 -10.80 -61.99
CBB CLA SE . -20.59 -10.84 -60.82
NC CLA SE . -24.42 -7.38 -64.71
C1C CLA SE . -23.11 -7.50 -64.37
C2C CLA SE . -22.32 -6.45 -65.01
C3C CLA SE . -23.22 -5.68 -65.77
C4C CLA SE . -24.54 -6.27 -65.56
CMC CLA SE . -20.87 -6.28 -64.89
CAC CLA SE . -22.90 -4.50 -66.57
CBC CLA SE . -22.74 -4.80 -68.04
ND CLA SE . -27.18 -7.54 -65.20
C1D CLA SE . -26.97 -6.40 -65.99
C2D CLA SE . -28.25 -5.97 -66.59
C3D CLA SE . -29.21 -6.84 -66.10
C4D CLA SE . -28.50 -7.78 -65.20
CMD CLA SE . -28.40 -4.86 -67.51
CAD CLA SE . -30.61 -7.23 -66.10
OBD CLA SE . -31.54 -6.77 -66.76
CBD CLA SE . -30.77 -8.39 -65.07
CGD CLA SE . -31.67 -8.03 -63.93
O1D CLA SE . -31.63 -8.44 -62.77
O2D CLA SE . -32.65 -7.13 -64.24
CED CLA SE . -33.93 -7.64 -64.64
MG CLA TE . -7.50 20.27 -54.79
CHA CLA TE . -4.61 18.99 -56.23
CHB CLA TE . -5.92 20.45 -51.78
CHC CLA TE . -10.42 21.46 -53.39
CHD CLA TE . -9.15 19.90 -57.90
NA CLA TE . -5.57 19.81 -54.14
C1A CLA TE . -4.50 19.29 -54.90
C2A CLA TE . -3.26 19.10 -54.03
C3A CLA TE . -3.72 19.54 -52.61
C4A CLA TE . -5.17 19.98 -52.85
CMA CLA TE . -3.64 18.41 -51.62
CAA CLA TE . -2.11 19.97 -54.50
CBA CLA TE . -2.07 21.31 -53.78
CGA CLA TE . -0.97 21.32 -52.76
O1A CLA TE . -0.99 20.90 -51.60
O2A CLA TE . 0.19 21.85 -53.24
NB CLA TE . -8.05 20.87 -52.94
C1B CLA TE . -7.26 20.87 -51.84
C2B CLA TE . -8.03 21.36 -50.67
C3B CLA TE . -9.30 21.64 -51.10
C4B CLA TE . -9.34 21.33 -52.57
CMB CLA TE . -7.46 21.46 -49.32
CAB CLA TE . -10.43 22.13 -50.37
CBB CLA TE . -11.08 23.27 -50.62
NC CLA TE . -9.43 20.63 -55.52
C1C CLA TE . -10.46 21.13 -54.77
C2C CLA TE . -11.65 21.26 -55.61
C3C CLA TE . -11.31 20.81 -56.87
C4C CLA TE . -9.91 20.41 -56.82
CMC CLA TE . -12.95 21.77 -55.13
CAC CLA TE . -12.17 20.75 -58.07
CBC CLA TE . -13.10 19.55 -58.07
ND CLA TE . -7.06 19.63 -56.65
C1D CLA TE . -7.83 19.53 -57.84
C2D CLA TE . -6.98 18.99 -58.93
C3D CLA TE . -5.73 18.78 -58.37
C4D CLA TE . -5.84 19.18 -56.95
CMD CLA TE . -7.42 18.75 -60.30
CAD CLA TE . -4.38 18.31 -58.59
OBD CLA TE . -3.85 17.89 -59.63
CBD CLA TE . -3.62 18.42 -57.23
CGD CLA TE . -3.03 17.09 -56.82
O1D CLA TE . -1.87 16.69 -56.99
O2D CLA TE . -3.91 16.26 -56.19
CED CLA TE . -3.48 14.92 -55.94
O6 SQD UE . -0.19 -17.59 -48.37
C44 SQD UE . -1.05 -17.34 -47.26
C45 SQD UE . -2.24 -16.51 -47.75
C46 SQD UE . -3.48 -17.40 -47.86
O47 SQD UE . -2.51 -15.36 -46.94
C7 SQD UE . -3.09 -15.62 -45.62
O49 SQD UE . -2.60 -16.45 -44.87
C8 SQD UE . -4.32 -14.86 -45.19
C9 SQD UE . -3.89 -13.69 -44.31
C10 SQD UE . -4.95 -13.37 -43.28
C11 SQD UE . -5.74 -12.14 -43.69
C12 SQD UE . -7.19 -12.25 -43.25
C13 SQD UE . -7.96 -10.98 -43.60
C14 SQD UE . -8.09 -10.82 -45.11
C15 SQD UE . -9.30 -9.95 -45.44
C16 SQD UE . -10.52 -10.43 -44.67
C17 SQD UE . -11.77 -9.63 -45.00
C18 SQD UE . -11.82 -8.31 -44.22
C19 SQD UE . -13.20 -7.68 -44.33
O48 SQD UE . -3.58 -18.29 -46.76
C23 SQD UE . -4.43 -19.46 -46.84
O10 SQD UE . -4.41 -20.14 -47.86
C24 SQD UE . -5.33 -19.83 -45.69
C25 SQD UE . -6.16 -21.06 -46.07
C26 SQD UE . -6.92 -21.63 -44.89
C27 SQD UE . -7.98 -20.67 -44.38
C28 SQD UE . -8.93 -21.34 -43.42
C29 SQD UE . -8.22 -21.84 -42.16
C30 SQD UE . -9.21 -22.00 -41.01
C31 SQD UE . -9.94 -20.69 -40.76
C32 SQD UE . -10.85 -20.80 -39.54
C1 SQD UE . -0.43 -18.89 -48.90
C2 SQD UE . -0.09 -18.91 -50.39
O2 SQD UE . -0.88 -17.91 -51.04
C3 SQD UE . -0.39 -20.27 -50.97
O3 SQD UE . 0.14 -20.34 -52.30
C4 SQD UE . 0.24 -21.37 -50.12
O4 SQD UE . -0.24 -22.64 -50.57
C5 SQD UE . -0.09 -21.19 -48.64
C6 SQD UE . 0.59 -22.27 -47.82
O5 SQD UE . 0.33 -19.89 -48.22
S SQD UE . -0.45 -23.58 -47.69
O7 SQD UE . -1.70 -23.26 -48.31
O8 SQD UE . 0.22 -24.87 -48.44
O9 SQD UE . -0.68 -23.88 -46.31
MG CLA VE . -14.19 2.25 5.31
CHA CLA VE . -14.23 -0.02 2.69
CHB CLA VE . -10.82 1.99 5.46
CHC CLA VE . -14.18 4.83 7.56
CHD CLA VE . -17.70 2.46 5.11
NA CLA VE . -12.79 1.08 4.30
C1A CLA VE . -12.99 0.22 3.22
C2A CLA VE . -11.67 -0.45 2.81
C3A CLA VE . -10.71 -0.04 3.95
C4A CLA VE . -11.46 1.10 4.63
CMA CLA VE . -10.43 -1.18 4.88
CAA CLA VE . -11.11 0.07 1.50
CBA CLA VE . -9.81 -0.61 1.21
CGA CLA VE . -9.12 -0.03 0.01
O1A CLA VE . -7.98 -0.21 -0.37
O2A CLA VE . -9.91 0.80 -0.73
NB CLA VE . -12.76 3.19 6.37
C1B CLA VE . -11.43 3.06 6.15
C2B CLA VE . -10.71 4.21 6.77
C3B CLA VE . -11.66 5.00 7.37
C4B CLA VE . -12.98 4.36 7.14
CMB CLA VE . -9.27 4.39 6.73
CAB CLA VE . -11.51 6.20 8.13
CBB CLA VE . -10.81 6.29 9.25
NC CLA VE . -15.68 3.36 6.23
C1C CLA VE . -15.45 4.34 7.15
C2C CLA VE . -16.72 4.91 7.60
C3C CLA VE . -17.71 4.26 6.89
C4C CLA VE . -17.06 3.29 6.03
CMC CLA VE . -16.84 5.97 8.60
CAC CLA VE . -19.17 4.45 6.97
CBC CLA VE . -19.81 3.22 7.54
ND CLA VE . -15.68 1.34 4.29
C1D CLA VE . -17.08 1.57 4.28
C2D CLA VE . -17.68 0.68 3.27
C3D CLA VE . -16.65 0.10 2.60
C4D CLA VE . -15.41 0.54 3.25
CMD CLA VE . -19.11 0.57 3.03
CAD CLA VE . -16.25 -0.91 1.65
OBD CLA VE . -16.89 -1.79 1.10
CBD CLA VE . -14.72 -0.75 1.46
CGD CLA VE . -14.05 -2.03 1.15
O1D CLA VE . -14.26 -3.14 1.63
O2D CLA VE . -13.14 -1.87 0.16
CED CLA VE . -13.43 -0.88 -0.84
C1 CLA VE . -9.57 0.96 -2.12
C2 CLA VE . -10.56 1.93 -2.65
C3 CLA VE . -11.35 1.68 -3.70
C4 CLA VE . -11.30 0.41 -4.44
C5 CLA VE . -12.34 2.69 -4.16
C6 CLA VE . -13.10 3.24 -2.99
C7 CLA VE . -14.55 3.47 -3.33
C8 CLA VE . -14.75 4.72 -4.16
C9 CLA VE . -15.32 5.83 -3.30
C10 CLA VE . -15.71 4.46 -5.31
C11 CLA VE . -15.35 5.31 -6.49
C12 CLA VE . -15.27 4.47 -7.73
C13 CLA VE . -15.50 5.32 -8.96
C14 CLA VE . -16.25 4.53 -10.00
C15 CLA VE . -14.18 5.80 -9.55
C16 CLA VE . -13.06 4.86 -9.19
C17 CLA VE . -11.85 5.14 -10.03
C18 CLA VE . -10.66 4.32 -9.57
C19 CLA VE . -11.08 3.40 -8.44
C20 CLA VE . -10.11 3.52 -10.71
MG CLA WE . 2.51 -0.73 13.89
CHA CLA WE . 4.95 -1.10 16.33
CHB CLA WE . 0.45 -2.76 15.67
CHC CLA WE . 0.00 -0.07 11.63
CHD CLA WE . 4.71 1.35 12.07
NA CLA WE . 2.70 -1.79 15.67
C1A CLA WE . 3.79 -1.78 16.56
C2A CLA WE . 3.51 -2.68 17.76
C3A CLA WE . 2.22 -3.43 17.33
C4A CLA WE . 1.73 -2.60 16.16
CMA CLA WE . 2.52 -4.85 16.94
CAA CLA WE . 3.25 -1.79 18.95
CBA CLA WE . 3.03 -2.55 20.23
CGA CLA WE . 1.60 -3.01 20.34
O1A CLA WE . 0.57 -2.34 20.22
O2A CLA WE . 1.51 -4.34 20.61
NB CLA WE . 0.58 -1.27 13.70
C1B CLA WE . -0.09 -2.08 14.57
C2B CLA WE . -1.50 -2.19 14.15
C3B CLA WE . -1.65 -1.44 13.00
C4B CLA WE . -0.31 -0.86 12.70
CMB CLA WE . -2.46 -3.02 14.89
CAB CLA WE . -2.81 -1.21 12.17
CBB CLA WE . -4.08 -1.17 12.59
NC CLA WE . 2.40 0.39 12.13
C1C CLA WE . 1.28 0.49 11.35
C2C CLA WE . 1.58 1.35 10.20
C3C CLA WE . 2.90 1.78 10.34
C4C CLA WE . 3.41 1.16 11.55
CMC CLA WE . 0.63 1.68 9.14
CAC CLA WE . 3.65 2.64 9.43
CBC CLA WE . 4.69 1.87 8.63
ND CLA WE . 4.44 -0.14 14.01
C1D CLA WE . 5.20 0.75 13.21
C2D CLA WE . 6.54 0.91 13.82
C3D CLA WE . 6.50 0.23 15.02
C4D CLA WE . 5.16 -0.38 15.10
CMD CLA WE . 7.63 1.68 13.22
CAD CLA WE . 7.24 -0.21 16.20
OBD CLA WE . 8.42 -0.07 16.48
CBD CLA WE . 6.22 -0.94 17.13
CGD CLA WE . 6.73 -2.24 17.70
O1D CLA WE . 7.15 -3.23 17.09
O2D CLA WE . 6.70 -2.29 19.06
CED CLA WE . 7.19 -3.46 19.70
C1 CLA WE . 0.18 -4.90 20.61
C2 CLA WE . -0.10 -5.40 19.25
C3 CLA WE . -1.31 -5.27 18.69
C4 CLA WE . -2.43 -4.62 19.39
C5 CLA WE . -1.58 -5.78 17.31
C6 CLA WE . -1.37 -7.28 17.18
C7 CLA WE . -2.26 -8.04 18.15
C8 CLA WE . -3.09 -9.10 17.44
C9 CLA WE . -4.53 -8.63 17.32
C10 CLA WE . -3.03 -10.43 18.17
C11 CLA WE . -3.93 -11.46 17.52
C12 CLA WE . -3.51 -12.88 17.84
C13 CLA WE . -4.38 -13.90 17.12
MG CLA XE . -7.74 4.76 -5.08
CHA CLA XE . -9.32 6.44 -2.52
CHB CLA XE . -9.26 6.80 -7.32
CHC CLA XE . -5.98 3.23 -7.58
CHD CLA XE . -6.29 2.58 -2.71
NA CLA XE . -9.10 6.33 -4.92
C1A CLA XE . -9.65 6.88 -3.76
C2A CLA XE . -10.64 8.00 -4.10
C3A CLA XE . -10.81 7.85 -5.63
C4A CLA XE . -9.64 6.95 -6.01
CMA CLA XE . -12.13 7.22 -5.99
CAA CLA XE . -10.06 9.36 -3.73
CBA CLA XE . -11.14 10.39 -3.54
CGA CLA XE . -11.38 11.13 -4.82
O1A CLA XE . -10.93 10.89 -5.94
O2A CLA XE . -12.22 12.20 -4.66
NB CLA XE . -7.74 4.89 -7.08
C1B CLA XE . -8.22 5.97 -7.75
C2B CLA XE . -7.50 6.17 -9.03
C3B CLA XE . -6.57 5.16 -9.10
C4B CLA XE . -6.71 4.33 -7.88
CMB CLA XE . -7.81 7.27 -9.95
CAB CLA XE . -5.60 4.83 -10.11
CBB CLA XE . -5.49 5.40 -11.32
NC CLA XE . -6.41 3.16 -5.13
C1C CLA XE . -5.83 2.67 -6.27
C2C CLA XE . -5.01 1.50 -5.96
C3C CLA XE . -5.07 1.34 -4.57
C4C CLA XE . -5.97 2.37 -4.06
CMC CLA XE . -4.25 0.73 -6.93
CAC CLA XE . -4.42 0.27 -3.78
CBC CLA XE . -5.20 -1.02 -3.83
ND CLA XE . -7.69 4.55 -3.07
C1D CLA XE . -7.08 3.59 -2.22
C2D CLA XE . -7.42 3.93 -0.82
C3D CLA XE . -8.23 5.06 -0.87
C4D CLA XE . -8.40 5.37 -2.30
CMD CLA XE . -6.92 3.21 0.35
CAD CLA XE . -8.96 6.07 -0.13
OBD CLA XE . -8.95 6.33 1.07
CBD CLA XE . -9.80 6.88 -1.16
CGD CLA XE . -11.27 6.64 -1.02
O1D CLA XE . -11.92 5.74 -1.56
O2D CLA XE . -11.91 7.51 -0.21
CED CLA XE . -13.23 7.15 0.22
C1 CLA XE . -12.33 13.11 -5.77
C2 CLA XE . -11.09 13.93 -5.81
C3 CLA XE . -11.09 15.27 -5.79
C4 CLA XE . -12.36 16.05 -5.75
C5 CLA XE . -9.82 16.04 -5.82
C6 CLA XE . -9.62 16.73 -7.16
C7 CLA XE . -8.21 17.27 -7.28
C8 CLA XE . -7.82 17.46 -8.73
C9 CLA XE . -7.32 16.16 -9.31
C10 CLA XE . -6.73 18.53 -8.87
C11 CLA XE . -7.18 19.85 -8.28
C12 CLA XE . -6.23 20.96 -8.67
C13 CLA XE . -6.49 22.24 -7.89
C14 CLA XE . -7.93 22.69 -8.08
C15 CLA XE . -5.53 23.34 -8.32
C16 CLA XE . -5.72 24.59 -7.48
C17 CLA XE . -4.46 25.43 -7.48
C18 CLA XE . -4.79 26.91 -7.47
C19 CLA XE . -3.57 27.73 -7.82
C20 CLA XE . -5.33 27.33 -6.12
MG CLA YE . 3.92 -25.70 9.65
CHA CLA YE . 5.64 -23.67 11.89
CHB CLA YE . 1.22 -23.64 9.84
CHC CLA YE . 2.26 -27.75 7.45
CHD CLA YE . 6.69 -27.89 9.60
NA CLA YE . 3.53 -23.92 10.67
C1A CLA YE . 4.38 -23.23 11.56
C2A CLA YE . 3.69 -21.97 12.08
C3A CLA YE . 2.27 -22.05 11.50
C4A CLA YE . 2.33 -23.26 10.58
CMA CLA YE . 1.24 -22.24 12.60
CAA CLA YE . 4.39 -20.76 11.48
CBA CLA YE . 4.14 -19.50 12.30
CGA CLA YE . 5.04 -19.53 13.49
O1A CLA YE . 6.23 -19.84 13.54
O2A CLA YE . 4.44 -19.15 14.65
NB CLA YE . 2.08 -25.72 8.85
C1B CLA YE . 1.14 -24.74 8.99
C2B CLA YE . -0.04 -25.02 8.12
C3B CLA YE . 0.25 -26.20 7.44
C4B CLA YE . 1.60 -26.64 7.88
CMB CLA YE . -1.20 -24.15 8.08
CAB CLA YE . -0.52 -26.92 6.46
CBB CLA YE . -1.84 -27.00 6.37
NC CLA YE . 4.41 -27.48 8.68
C1C CLA YE . 3.58 -28.14 7.82
C2C CLA YE . 4.25 -29.34 7.33
C3C CLA YE . 5.49 -29.40 7.94
C4C CLA YE . 5.59 -28.23 8.80
CMC CLA YE . 3.66 -30.29 6.38
CAC CLA YE . 6.53 -30.44 7.78
CBC CLA YE . 6.45 -31.49 8.86
ND CLA YE . 5.80 -25.75 10.39
C1D CLA YE . 6.82 -26.74 10.35
C2D CLA YE . 7.93 -26.34 11.22
C3D CLA YE . 7.55 -25.15 11.82
C4D CLA YE . 6.19 -24.85 11.29
CMD CLA YE . 9.19 -27.09 11.38
CAD CLA YE . 7.92 -24.09 12.73
OBD CLA YE . 8.96 -23.91 13.34
CBD CLA YE . 6.67 -23.16 12.88
CGD CLA YE . 6.21 -23.17 14.30
O1D CLA YE . 6.93 -23.17 15.31
O2D CLA YE . 4.87 -23.16 14.50
CED CLA YE . 4.38 -22.36 15.58
C1 CLA YE . 5.32 -18.65 15.67
C2 CLA YE . 4.72 -19.00 16.98
C3 CLA YE . 5.25 -18.56 18.12
C4 CLA YE . 6.45 -17.69 18.14
C5 CLA YE . 4.65 -18.92 19.45
C6 CLA YE . 3.14 -18.91 19.41
C7 CLA YE . 2.60 -17.50 19.53
C8 CLA YE . 1.11 -17.46 19.82
C9 CLA YE . 0.73 -18.52 20.82
C10 CLA YE . 0.30 -17.62 18.54
MG CLA ZE . 1.45 -29.44 1.45
CHA CLA ZE . 4.30 -31.41 1.56
CHB CLA ZE . 0.05 -31.58 -0.79
CHC CLA ZE . -1.38 -27.50 1.44
CHD CLA ZE . 3.01 -27.15 3.65
NA CLA ZE . 2.10 -31.21 0.55
C1A CLA ZE . 3.31 -31.88 0.73
C2A CLA ZE . 3.38 -33.13 -0.14
C3A CLA ZE . 2.08 -33.06 -0.98
C4A CLA ZE . 1.33 -31.88 -0.36
CMA CLA ZE . 2.37 -32.78 -2.43
CAA CLA ZE . 3.42 -34.39 0.71
CBA CLA ZE . 2.06 -34.92 1.07
CGA CLA ZE . 2.22 -35.96 2.14
O1A CLA ZE . 3.12 -36.77 2.29
O2A CLA ZE . 1.19 -35.98 3.05
NB CLA ZE . -0.31 -29.50 0.47
C1B CLA ZE . -0.73 -30.52 -0.33
C2B CLA ZE . -2.17 -30.33 -0.67
C3B CLA ZE . -2.58 -29.18 -0.04
C4B CLA ZE . -1.40 -28.63 0.69
CMB CLA ZE . -2.90 -31.27 -1.52
CAB CLA ZE . -3.86 -28.52 -0.01
CBB CLA ZE . -4.81 -28.57 -0.95
NC CLA ZE . 0.92 -27.65 2.39
C1C CLA ZE . -0.30 -27.04 2.24
C2C CLA ZE . -0.32 -25.81 3.03
C3C CLA ZE . 0.92 -25.70 3.65
C4C CLA ZE . 1.70 -26.86 3.23
CMC CLA ZE . -1.46 -24.89 3.13
CAC CLA ZE . 1.39 -24.63 4.54
CBC CLA ZE . 1.87 -23.41 3.78
ND CLA ZE . 3.20 -29.29 2.46
C1D CLA ZE . 3.73 -28.28 3.29
C2D CLA ZE . 5.10 -28.67 3.72
C3D CLA ZE . 5.36 -29.89 3.10
C4D CLA ZE . 4.15 -30.21 2.31
CMD CLA ZE . 5.96 -27.88 4.60
CAD CLA ZE . 6.31 -30.95 2.90
OBD CLA ZE . 7.40 -31.13 3.43
CBD CLA ZE . 5.68 -31.93 1.86
CGD CLA ZE . 6.51 -32.01 0.60
O1D CLA ZE . 6.37 -31.36 -0.43
O2D CLA ZE . 7.51 -32.93 0.65
CED CLA ZE . 8.24 -33.19 -0.56
C1 CLA ZE . -0.10 -36.43 2.58
C2 CLA ZE . -0.46 -37.62 3.38
C3 CLA ZE . -1.64 -37.76 4.00
C4 CLA ZE . -1.98 -38.97 4.80
C5 CLA ZE . -2.70 -36.70 3.91
C6 CLA ZE . -3.35 -36.39 5.24
C7 CLA ZE . -2.41 -35.67 6.18
C8 CLA ZE . -3.12 -34.86 7.27
C9 CLA ZE . -2.35 -34.94 8.56
C10 CLA ZE . -4.56 -35.33 7.48
MG CLA AF . -1.47 -27.53 -9.57
CHA CLA AF . -4.02 -27.35 -11.86
CHB CLA AF . -3.74 -27.99 -7.10
CHC CLA AF . 1.10 -27.77 -7.35
CHD CLA AF . 0.82 -26.99 -12.18
NA CLA AF . -3.54 -27.65 -9.52
C1A CLA AF . -4.41 -27.54 -10.58
C2A CLA AF . -5.82 -27.70 -10.12
C3A CLA AF . -5.72 -27.70 -8.61
C4A CLA AF . -4.24 -27.81 -8.37
CMA CLA AF . -6.26 -26.42 -8.06
CAA CLA AF . -6.24 -29.08 -10.54
CBA CLA AF . -7.56 -29.42 -9.94
CGA CLA AF . -8.51 -29.16 -11.04
O1A CLA AF . -8.46 -29.65 -12.16
O2A CLA AF . -9.50 -28.27 -10.78
NB CLA AF . -1.34 -27.89 -7.61
C1B CLA AF . -2.38 -28.06 -6.77
C2B CLA AF . -1.89 -28.30 -5.41
C3B CLA AF . -0.52 -28.24 -5.46
C4B CLA AF . -0.16 -27.96 -6.87
CMB CLA AF . -2.79 -28.49 -4.28
CAB CLA AF . 0.45 -28.35 -4.43
CBB CLA AF . 0.25 -28.99 -3.28
NC CLA AF . 0.58 -27.36 -9.73
C1C CLA AF . 1.44 -27.46 -8.69
C2C CLA AF . 2.79 -27.23 -9.16
C3C CLA AF . 2.70 -27.06 -10.54
C4C CLA AF . 1.32 -27.14 -10.89
CMC CLA AF . 3.98 -27.22 -8.32
CAC CLA AF . 3.78 -26.77 -11.48
CBC CLA AF . 3.76 -25.32 -11.88
ND CLA AF . -1.52 -27.15 -11.55
C1D CLA AF . -0.50 -27.02 -12.51
C2D CLA AF . -1.11 -26.87 -13.83
C3D CLA AF . -2.46 -26.96 -13.63
C4D CLA AF . -2.65 -27.16 -12.20
CMD CLA AF . -0.37 -26.68 -15.07
CAD CLA AF . -3.76 -26.92 -14.23
OBD CLA AF . -4.07 -26.66 -15.36
CBD CLA AF . -4.79 -27.23 -13.13
CGD CLA AF . -5.77 -26.11 -13.07
O1D CLA AF . -6.93 -26.11 -12.70
O2D CLA AF . -5.27 -24.93 -13.51
CED CLA AF . -5.99 -23.79 -13.06
C1 CLA AF . -10.19 -28.39 -9.52
C2 CLA AF . -11.55 -28.91 -9.73
C3 CLA AF . -12.39 -28.61 -10.72
C4 CLA AF . -12.10 -27.68 -11.84
C5 CLA AF . -13.70 -29.27 -10.69
C6 CLA AF . -13.77 -30.07 -9.42
C7 CLA AF . -15.07 -30.84 -9.31
C8 CLA AF . -15.18 -31.43 -7.92
C9 CLA AF . -14.11 -32.47 -7.72
C10 CLA AF . -16.55 -32.04 -7.69
C11 CLA AF . -17.04 -32.91 -8.82
C12 CLA AF . -18.50 -33.22 -8.61
C13 CLA AF . -19.06 -33.99 -9.79
C14 CLA AF . -20.48 -34.42 -9.52
C15 CLA AF . -18.20 -35.21 -10.05
C16 CLA AF . -18.92 -36.18 -10.95
C17 CLA AF . -18.71 -37.58 -10.44
C18 CLA AF . -18.81 -38.61 -11.54
C19 CLA AF . -17.44 -39.06 -11.97
C20 CLA AF . -19.53 -38.02 -12.71
MG CLA BF . -7.77 -24.51 -3.90
CHA CLA BF . -4.83 -24.62 -2.07
CHB CLA BF . -6.06 -23.27 -6.57
CHC CLA BF . -10.69 -24.53 -5.69
CHD CLA BF . -9.51 -25.74 -1.08
NA CLA BF . -5.77 -24.02 -4.24
C1A CLA BF . -4.68 -24.17 -3.36
C2A CLA BF . -3.38 -23.70 -4.01
C3A CLA BF . -3.85 -23.15 -5.38
C4A CLA BF . -5.32 -23.51 -5.42
CMA CLA BF . -3.66 -21.66 -5.44
CAA CLA BF . -2.42 -24.86 -4.21
CBA CLA BF . -1.14 -24.67 -3.43
CGA CLA BF . -0.20 -23.75 -4.14
O1A CLA BF . 0.87 -24.03 -4.68
O2A CLA BF . -0.64 -22.46 -4.16
NB CLA BF . -8.27 -24.05 -5.79
C1B CLA BF . -7.43 -23.52 -6.73
C2B CLA BF . -8.20 -23.21 -7.97
C3B CLA BF . -9.51 -23.57 -7.73
C4B CLA BF . -9.57 -24.09 -6.33
CMB CLA BF . -7.58 -22.62 -9.16
CAB CLA BF . -10.67 -23.46 -8.56
CBB CLA BF . -11.46 -24.47 -8.90
NC CLA BF . -9.74 -25.03 -3.46
C1C CLA BF . -10.78 -24.97 -4.34
C2C CLA BF . -12.01 -25.42 -3.71
C3C CLA BF . -11.68 -25.76 -2.39
C4C CLA BF . -10.26 -25.51 -2.25
CMC CLA BF . -13.32 -25.48 -4.37
CAC CLA BF . -12.59 -26.26 -1.35
CBC CLA BF . -13.00 -25.16 -0.41
ND CLA BF . -7.36 -25.01 -1.99
C1D CLA BF . -8.17 -25.51 -0.93
C2D CLA BF . -7.31 -25.73 0.26
C3D CLA BF . -6.03 -25.41 -0.12
C4D CLA BF . -6.11 -24.97 -1.53
CMD CLA BF . -7.82 -26.21 1.55
CAD CLA BF . -4.64 -25.30 0.29
OBD CLA BF . -4.14 -25.50 1.39
CBD CLA BF . -3.83 -24.83 -0.95
CGD CLA BF . -3.04 -23.57 -0.67
O1D CLA BF . -1.86 -23.49 -0.35
O2D CLA BF . -3.77 -22.44 -0.80
CED CLA BF . -3.35 -21.30 -0.04
C1 CLA BF . 0.06 -21.52 -3.32
C2 CLA BF . -0.79 -20.32 -3.22
C3 CLA BF . -0.37 -19.09 -3.56
C4 CLA BF . 1.01 -18.85 -4.06
C5 CLA BF . -1.26 -17.91 -3.43
C6 CLA BF . -2.43 -18.15 -2.51
C7 CLA BF . -3.72 -18.37 -3.27
C8 CLA BF . -4.77 -17.31 -2.97
C9 CLA BF . -4.74 -16.91 -1.51
C10 CLA BF . -6.17 -17.81 -3.34
C11 CLA BF . -6.54 -17.45 -4.76
C12 CLA BF . -7.91 -17.98 -5.13
C13 CLA BF . -7.88 -19.48 -5.36
C14 CLA BF . -8.27 -19.82 -6.78
C15 CLA BF . -8.81 -20.21 -4.38
C16 CLA BF . -8.02 -20.95 -3.31
C17 CLA BF . -8.92 -21.59 -2.29
C18 CLA BF . -8.56 -21.16 -0.87
C19 CLA BF . -7.08 -21.20 -0.63
C20 CLA BF . -9.28 -22.03 0.13
MG CLA CF . -18.86 -30.03 9.92
CHA CLA CF . -20.34 -29.27 12.96
CHB CLA CF . -17.66 -26.85 9.72
CHC CLA CF . -17.36 -30.86 6.95
CHD CLA CF . -20.18 -33.31 10.16
NA CLA CF . -19.00 -28.35 11.16
C1A CLA CF . -19.65 -28.24 12.39
C2A CLA CF . -19.48 -26.83 12.98
C3A CLA CF . -18.67 -26.08 11.90
C4A CLA CF . -18.40 -27.16 10.84
CMA CLA CF . -19.43 -24.91 11.33
CAA CLA CF . -18.67 -26.89 14.26
CBA CLA CF . -17.34 -27.58 14.04
CGA CLA CF . -16.61 -27.74 15.32
O1A CLA CF . -16.67 -27.05 16.35
O2A CLA CF . -15.76 -28.81 15.33
NB CLA CF . -17.69 -29.05 8.61
C1B CLA CF . -17.37 -27.74 8.67
C2B CLA CF . -16.64 -27.34 7.44
C3B CLA CF . -16.55 -28.47 6.65
C4B CLA CF . -17.21 -29.57 7.39
CMB CLA CF . -16.15 -25.99 7.20
CAB CLA CF . -15.94 -28.64 5.35
CBB CLA CF . -14.91 -29.44 5.08
NC CLA CF . -18.79 -31.77 8.77
C1C CLA CF . -18.11 -31.89 7.59
C2C CLA CF . -18.24 -33.25 7.07
C3C CLA CF . -19.06 -33.94 7.97
C4C CLA CF . -19.40 -33.00 9.04
CMC CLA CF . -17.63 -33.74 5.84
CAC CLA CF . -19.48 -35.34 7.89
CBC CLA CF . -18.66 -36.24 8.80
ND CLA CF . -20.03 -31.08 11.20
C1D CLA CF . -20.50 -32.43 11.18
C2D CLA CF . -21.31 -32.68 12.39
C3D CLA CF . -21.29 -31.49 13.11
C4D CLA CF . -20.47 -30.55 12.33
CMD CLA CF . -21.96 -33.94 12.72
CAD CLA CF . -21.74 -30.81 14.30
OBD CLA CF . -22.46 -31.20 15.21
CBD CLA CF . -21.14 -29.37 14.25
CGD CLA CF . -22.19 -28.31 14.33
O1D CLA CF . -22.52 -27.50 13.46
O2D CLA CF . -22.84 -28.27 15.53
CED CLA CF . -24.12 -27.65 15.56
C1 CLA CF . -14.68 -28.79 16.28
C2 CLA CF . -13.72 -29.84 15.87
C3 CLA CF . -12.59 -30.11 16.54
C4 CLA CF . -12.23 -29.40 17.78
C5 CLA CF . -11.66 -31.18 16.08
C6 CLA CF . -10.22 -30.68 15.97
MG CLA DF . -19.68 -19.70 7.85
CHA CLA DF . -20.87 -21.00 4.86
CHB CLA DF . -18.04 -22.63 8.46
CHC CLA DF . -18.29 -18.28 10.65
CHD CLA DF . -21.41 -16.69 7.18
NA CLA DF . -19.52 -21.51 6.83
C1A CLA DF . -20.08 -21.85 5.59
C2A CLA DF . -19.68 -23.27 5.20
C3A CLA DF . -18.99 -23.82 6.45
C4A CLA DF . -18.81 -22.57 7.32
CMA CLA DF . -19.84 -24.85 7.14
CAA CLA DF . -18.69 -23.15 4.04
CBA CLA DF . -17.26 -23.40 4.45
CGA CLA DF . -16.38 -22.46 3.69
O1A CLA DF . -16.64 -21.30 3.33
O2A CLA DF . -15.15 -22.98 3.35
NB CLA DF . -18.40 -20.33 9.28
C1B CLA DF . -17.83 -21.56 9.35
C2B CLA DF . -16.95 -21.65 10.55
C3B CLA DF . -17.02 -20.41 11.18
C4B CLA DF . -17.95 -19.57 10.37
CMB CLA DF . -16.22 -22.86 10.90
CAB CLA DF . -16.39 -19.90 12.37
CBB CLA DF . -15.71 -20.59 13.29
NC CLA DF . -19.87 -17.84 8.77
C1C CLA DF . -19.21 -17.47 9.90
C2C CLA DF . -19.56 -16.10 10.26
C3C CLA DF . -20.44 -15.64 9.27
C4C CLA DF . -20.62 -16.74 8.34
CMC CLA DF . -19.05 -15.37 11.42
CAC CLA DF . -21.07 -14.32 9.18
CBC CLA DF . -22.46 -14.32 9.76
ND CLA DF . -20.94 -18.99 6.44
C1D CLA DF . -21.57 -17.72 6.27
C2D CLA DF . -22.35 -17.74 5.02
C3D CLA DF . -22.12 -18.97 4.43
C4D CLA DF . -21.22 -19.70 5.35
CMD CLA DF . -23.16 -16.63 4.52
CAD CLA DF . -22.40 -19.85 3.31
OBD CLA DF . -23.15 -19.67 2.35
CBD CLA DF . -21.58 -21.15 3.53
CGD CLA DF . -22.45 -22.39 3.45
O1D CLA DF . -22.94 -22.88 2.42
O2D CLA DF . -22.71 -22.99 4.63
CED CLA DF . -23.50 -24.18 4.61
C1 CLA DF . -13.98 -22.36 3.91
C2 CLA DF . -13.69 -21.11 3.16
C3 CLA DF . -12.53 -20.42 3.29
C4 CLA DF . -11.46 -20.87 4.21
C5 CLA DF . -12.29 -19.18 2.52
C6 CLA DF . -12.15 -17.95 3.40
C7 CLA DF . -11.95 -16.71 2.56
C8 CLA DF . -13.03 -15.67 2.83
C9 CLA DF . -14.12 -15.73 1.77
C10 CLA DF . -12.44 -14.27 2.90
C11 CLA DF . -13.47 -13.25 3.34
C12 CLA DF . -13.04 -12.53 4.60
C13 CLA DF . -13.42 -13.31 5.84
C14 CLA DF . -14.90 -13.17 6.12
C15 CLA DF . -12.63 -12.88 7.08
C16 CLA DF . -11.87 -11.59 6.86
C17 CLA DF . -11.98 -10.66 8.06
C18 CLA DF . -11.28 -11.23 9.28
C19 CLA DF . -9.80 -10.97 9.23
C20 CLA DF . -11.87 -10.64 10.54
MG CLA EF . -17.31 -18.40 17.82
CHA CLA EF . -18.43 -21.34 16.33
CHB CLA EF . -15.91 -20.19 20.33
CHC CLA EF . -16.28 -15.45 19.26
CHD CLA EF . -18.92 -16.55 15.25
NA CLA EF . -17.18 -20.44 18.22
C1A CLA EF . -17.70 -21.51 17.47
C2A CLA EF . -17.36 -22.85 18.15
C3A CLA EF . -16.52 -22.45 19.38
C4A CLA EF . -16.52 -20.92 19.32
CMA CLA EF . -17.13 -22.96 20.66
CAA CLA EF . -16.59 -23.80 17.26
CBA CLA EF . -15.50 -23.11 16.46
CGA CLA EF . -15.48 -23.71 15.08
O1A CLA EF . -16.28 -23.52 14.15
O2A CLA EF . -14.44 -24.55 14.86
NB CLA EF . -16.22 -17.91 19.44
C1B CLA EF . -15.85 -18.79 20.40
C2B CLA EF . -15.37 -18.05 21.61
C3B CLA EF . -15.48 -16.71 21.30
C4B CLA EF . -16.02 -16.61 19.92
CMB CLA EF . -14.90 -18.70 22.83
CAB CLA EF . -15.15 -15.55 22.10
CBB CLA EF . -13.99 -15.31 22.69
NC CLA EF . -17.52 -16.38 17.30
C1C CLA EF . -16.99 -15.34 18.02
C2C CLA EF . -17.28 -14.07 17.36
C3C CLA EF . -18.07 -14.38 16.25
C4C CLA EF . -18.22 -15.83 16.23
CMC CLA EF . -16.85 -12.76 17.83
CAC CLA EF . -18.62 -13.43 15.27
CBC CLA EF . -17.65 -13.17 14.14
ND CLA EF . -18.42 -18.78 16.16
C1D CLA EF . -19.04 -17.93 15.21
C2D CLA EF . -19.77 -18.75 14.23
C3D CLA EF . -19.56 -20.06 14.59
C4D CLA EF . -18.71 -20.03 15.81
CMD CLA EF . -20.54 -18.22 13.12
CAD CLA EF . -19.83 -21.46 14.29
OBD CLA EF . -20.48 -21.94 13.38
CBD CLA EF . -19.13 -22.30 15.40
CGD CLA EF . -20.11 -23.19 16.12
O1D CLA EF . -20.60 -23.02 17.23
O2D CLA EF . -20.46 -24.31 15.41
CED CLA EF . -21.73 -24.88 15.67
C1 CLA EF . -14.21 -24.90 13.47
C2 CLA EF . -13.93 -26.35 13.41
C3 CLA EF . -13.98 -27.03 12.24
C4 CLA EF . -14.30 -26.36 10.96
C5 CLA EF . -13.70 -28.48 12.18
C6 CLA EF . -12.51 -28.81 11.29
C7 CLA EF . -11.33 -29.27 12.13
C8 CLA EF . -10.56 -30.40 11.46
C9 CLA EF . -9.36 -30.79 12.29
C10 CLA EF . -10.11 -30.00 10.05
C11 CLA EF . -9.20 -31.03 9.44
C12 CLA EF . -9.17 -30.95 7.92
C13 CLA EF . -8.04 -31.77 7.35
C14 CLA EF . -6.71 -31.06 7.52
C15 CLA EF . -8.27 -32.11 5.88
C16 CLA EF . -8.52 -33.59 5.69
C17 CLA EF . -7.45 -34.24 4.84
C18 CLA EF . -7.61 -33.91 3.36
C19 CLA EF . -8.63 -34.82 2.70
C20 CLA EF . -6.28 -34.00 2.65
MG CLA FF . -5.78 -44.42 -12.06
CHA CLA FF . -3.97 -47.20 -13.05
CHB CLA FF . -4.67 -42.72 -14.79
CHC CLA FF . -7.75 -41.75 -11.13
CHD CLA FF . -6.83 -46.17 -9.17
NA CLA FF . -4.51 -44.90 -13.64
C1A CLA FF . -3.87 -46.12 -13.89
C2A CLA FF . -3.04 -46.06 -15.17
C3A CLA FF . -3.16 -44.58 -15.60
C4A CLA FF . -4.19 -44.01 -14.63
CMA CLA FF . -1.84 -43.88 -15.49
CAA CLA FF . -3.64 -46.96 -16.23
CBA CLA FF . -5.14 -46.80 -16.31
CGA CLA FF . -5.65 -47.21 -17.65
O1A CLA FF . -5.02 -47.63 -18.63
O2A CLA FF . -7.02 -47.10 -17.76
NB CLA FF . -6.15 -42.59 -12.82
C1B CLA FF . -5.61 -42.09 -13.96
C2B CLA FF . -6.12 -40.71 -14.21
C3B CLA FF . -7.00 -40.43 -13.17
C4B CLA FF . -7.01 -41.61 -12.28
CMB CLA FF . -5.71 -39.90 -15.36
CAB CLA FF . -7.78 -39.25 -12.90
CBB CLA FF . -7.38 -37.98 -13.06
NC CLA FF . -7.04 -44.03 -10.44
C1C CLA FF . -7.76 -42.88 -10.27
C2C CLA FF . -8.55 -42.96 -9.05
C3C CLA FF . -8.28 -44.20 -8.48
C4C CLA FF . -7.33 -44.88 -9.36
CMC CLA FF . -9.45 -41.90 -8.57
CAC CLA FF . -8.85 -44.76 -7.23
CBC CLA FF . -9.97 -45.72 -7.50
ND CLA FF . -5.47 -46.22 -11.22
C1D CLA FF . -5.97 -46.83 -10.03
C2D CLA FF . -5.43 -48.20 -9.92
C3D CLA FF . -4.67 -48.41 -11.07
C4D CLA FF . -4.73 -47.15 -11.83
CMD CLA FF . -5.69 -49.12 -8.82
CAD CLA FF . -3.82 -49.33 -11.80
OBD CLA FF . -3.48 -50.47 -11.52
CBD CLA FF . -3.38 -48.59 -13.10
CGD CLA FF . -1.88 -48.53 -13.24
O1D CLA FF . -1.04 -48.33 -12.36
O2D CLA FF . -1.43 -48.74 -14.51
CED CLA FF . -0.50 -49.81 -14.73
C1 CLA FF . -7.78 -48.30 -17.60
C2 CLA FF . -9.15 -47.90 -17.17
C3 CLA FF . -10.06 -48.78 -16.73
C4 CLA FF . -9.77 -50.22 -16.61
C5 CLA FF . -11.41 -48.34 -16.32
C6 CLA FF . -11.72 -48.69 -14.88
C7 CLA FF . -12.87 -47.86 -14.34
C8 CLA FF . -12.94 -47.91 -12.82
C9 CLA FF . -13.11 -49.33 -12.33
C10 CLA FF . -14.09 -47.04 -12.30
C11 CLA FF . -13.60 -46.00 -11.32
MG CLA GF . 3.23 -39.15 0.59
CHA CLA GF . 6.18 -37.55 -0.33
CHB CLA GF . 4.89 -40.70 3.14
CHC CLA GF . 0.25 -40.46 1.64
CHD CLA GF . 1.58 -37.52 -2.07
NA CLA GF . 5.22 -39.13 1.25
C1A CLA GF . 6.28 -38.37 0.75
C2A CLA GF . 7.55 -38.63 1.55
C3A CLA GF . 7.16 -39.78 2.49
C4A CLA GF . 5.64 -39.88 2.31
CMA CLA GF . 7.87 -41.06 2.13
CAA CLA GF . 7.86 -37.38 2.36
CBA CLA GF . 6.58 -36.79 2.96
CGA CLA GF . 6.82 -35.60 3.82
O1A CLA GF . 7.82 -35.32 4.49
O2A CLA GF . 5.78 -34.71 3.82
NB CLA GF . 2.68 -40.37 2.08
C1B CLA GF . 3.49 -40.87 3.04
C2B CLA GF . 2.70 -41.68 4.01
C3B CLA GF . 1.39 -41.63 3.60
C4B CLA GF . 1.36 -40.79 2.37
CMB CLA GF . 3.31 -42.35 5.17
CAB CLA GF . 0.19 -42.20 4.16
CBB CLA GF . -0.11 -42.29 5.46
NC CLA GF . 1.28 -39.02 -0.11
C1C CLA GF . 0.20 -39.64 0.49
C2C CLA GF . -1.02 -39.30 -0.22
C3C CLA GF . -0.65 -38.48 -1.29
C4C CLA GF . 0.80 -38.31 -1.21
CMC CLA GF . -2.36 -39.75 0.14
CAC CLA GF . -1.53 -37.87 -2.28
CBC CLA GF . -1.92 -36.45 -1.90
ND CLA GF . 3.70 -37.86 -0.91
C1D CLA GF . 2.93 -37.29 -1.96
C2D CLA GF . 3.81 -36.46 -2.80
C3D CLA GF . 5.06 -36.49 -2.20
C4D CLA GF . 4.93 -37.38 -1.04
CMD CLA GF . 3.40 -35.73 -3.99
CAD CLA GF . 6.45 -36.03 -2.26
OBD CLA GF . 6.98 -35.27 -3.06
CBD CLA GF . 7.20 -36.70 -1.06
CGD CLA GF . 8.38 -37.50 -1.53
O1D CLA GF . 8.60 -38.70 -1.34
O2D CLA GF . 9.28 -36.78 -2.24
CED CLA GF . 10.53 -36.46 -1.61
C1 CLA GF . 4.79 -34.85 4.86
C2 CLA GF . 3.74 -33.83 4.55
C3 CLA GF . 2.60 -33.67 5.25
C4 CLA GF . 2.26 -34.48 6.44
C5 CLA GF . 1.63 -32.61 4.85
C6 CLA GF . 0.24 -33.12 4.51
C7 CLA GF . -0.41 -32.16 3.53
C8 CLA GF . -1.92 -32.29 3.49
C9 CLA GF . -2.35 -33.10 2.29
C10 CLA GF . -2.57 -30.91 3.47
C11 CLA GF . -4.00 -30.97 3.91
C12 CLA GF . -4.38 -29.75 4.74
C13 CLA GF . -5.78 -29.25 4.40
C14 CLA GF . -5.87 -28.93 2.92
C15 CLA GF . -6.16 -28.05 5.24
C16 CLA GF . -5.25 -26.88 4.97
C17 CLA GF . -5.56 -25.71 5.88
MG CLA HF . -8.84 -44.13 -23.01
CHA CLA HF . -5.45 -44.09 -22.31
CHB CLA HF . -8.15 -44.43 -26.34
CHC CLA HF . -12.22 -44.22 -23.65
CHD CLA HF . -9.50 -43.73 -19.57
NA CLA HF . -7.07 -44.26 -24.12
C1A CLA HF . -5.75 -44.22 -23.64
C2A CLA HF . -4.75 -44.36 -24.78
C3A CLA HF . -5.64 -44.37 -26.05
C4A CLA HF . -7.06 -44.37 -25.48
CMA CLA HF . -5.38 -43.18 -26.93
CAA CLA HF . -3.99 -45.67 -24.65
CBA CLA HF . -4.91 -46.87 -24.57
CGA CLA HF . -5.18 -47.27 -23.15
O1A CLA HF . -4.43 -47.77 -22.31
O2A CLA HF . -6.48 -47.00 -22.77
NB CLA HF . -9.96 -44.28 -24.68
C1B CLA HF . -9.49 -44.42 -25.94
C2B CLA HF . -10.63 -44.58 -26.90
C3B CLA HF . -11.79 -44.52 -26.15
C4B CLA HF . -11.38 -44.33 -24.73
CMB CLA HF . -10.45 -44.76 -28.34
CAB CLA HF . -13.16 -44.61 -26.59
CBB CLA HF . -14.07 -45.45 -26.12
NC CLA HF . -10.54 -44.00 -21.82
C1C CLA HF . -11.83 -44.07 -22.29
C2C CLA HF . -12.77 -43.95 -21.18
C3C CLA HF . -12.00 -43.81 -20.02
C4C CLA HF . -10.60 -43.84 -20.43
CMC CLA HF . -14.23 -43.99 -21.31
CAC CLA HF . -12.50 -43.65 -18.64
CBC CLA HF . -12.39 -44.94 -17.86
ND CLA HF . -7.79 -43.98 -21.30
C1D CLA HF . -8.18 -43.80 -19.94
C2D CLA HF . -6.97 -43.69 -19.10
C3D CLA HF . -5.90 -43.82 -19.96
C4D CLA HF . -6.45 -43.97 -21.31
CMD CLA HF . -6.98 -43.51 -17.65
CAD CLA HF . -4.44 -43.83 -20.07
OBD CLA HF . -3.58 -43.75 -19.21
CBD CLA HF . -4.12 -43.99 -21.60
CGD CLA HF . -3.28 -42.86 -22.13
O1D CLA HF . -3.68 -41.88 -22.78
O2D CLA HF . -1.96 -42.95 -21.85
CED CLA HF . -1.06 -42.17 -22.65
C1 CLA HF . -7.06 -47.79 -21.71
C2 CLA HF . -8.49 -47.42 -21.67
C3 CLA HF . -9.47 -48.28 -21.30
C4 CLA HF . -9.18 -49.66 -20.87
C5 CLA HF . -10.90 -47.84 -21.29
C6 CLA HF . -11.73 -48.51 -20.20
C7 CLA HF . -13.16 -48.01 -20.25
C8 CLA HF . -14.11 -48.90 -19.45
C9 CLA HF . -15.24 -48.09 -18.88
MG CLA IF . -7.38 -36.99 -16.76
CHA CLA IF . -6.55 -34.59 -14.41
CHB CLA IF . -10.66 -36.69 -15.88
CHC CLA IF . -8.19 -39.27 -19.20
CHD CLA IF . -3.97 -37.26 -17.63
NA CLA IF . -8.41 -35.84 -15.36
C1A CLA IF . -7.88 -34.87 -14.49
C2A CLA IF . -8.97 -34.25 -13.64
C3A CLA IF . -10.25 -35.02 -14.05
C4A CLA IF . -9.76 -35.91 -15.19
CMA CLA IF . -10.77 -35.84 -12.91
CAA CLA IF . -9.13 -32.77 -13.94
CBA CLA IF . -9.74 -32.04 -12.77
CGA CLA IF . -11.18 -31.75 -13.02
O1A CLA IF . -11.70 -31.25 -14.02
O2A CLA IF . -11.99 -32.12 -11.98
NB CLA IF . -9.10 -37.79 -17.44
C1B CLA IF . -10.34 -37.56 -16.93
C2B CLA IF . -11.35 -38.41 -17.64
C3B CLA IF . -10.66 -39.15 -18.57
C4B CLA IF . -9.22 -38.77 -18.46
CMB CLA IF . -12.77 -38.39 -17.31
CAB CLA IF . -11.13 -40.13 -19.53
CBB CLA IF . -12.24 -40.04 -20.26
NC CLA IF . -6.27 -38.07 -18.16
C1C CLA IF . -6.81 -38.94 -19.07
C2C CLA IF . -5.76 -39.51 -19.90
C3C CLA IF . -4.55 -38.94 -19.46
C4C CLA IF . -4.89 -38.04 -18.36
CMC CLA IF . -5.96 -40.49 -20.96
CAC CLA IF . -3.21 -39.22 -20.00
CBC CLA IF . -2.74 -38.17 -20.99
ND CLA IF . -5.62 -36.21 -16.16
C1D CLA IF . -4.28 -36.41 -16.60
C2D CLA IF . -3.38 -35.57 -15.78
C3D CLA IF . -4.20 -34.85 -14.93
C4D CLA IF . -5.59 -35.27 -15.21
CMD CLA IF . -1.93 -35.52 -15.88
CAD CLA IF . -4.26 -33.88 -13.85
OBD CLA IF . -3.34 -33.30 -13.27
CBD CLA IF . -5.76 -33.65 -13.52
CGD CLA IF . -6.06 -33.89 -12.07
O1D CLA IF . -6.84 -33.28 -11.34
O2D CLA IF . -5.35 -34.92 -11.53
CED CLA IF . -5.98 -35.72 -10.53
C1 CLA IF . -13.17 -32.87 -12.32
C2 CLA IF . -13.27 -33.96 -11.31
C3 CLA IF . -14.26 -34.86 -11.31
C4 CLA IF . -15.33 -34.85 -12.33
C5 CLA IF . -14.31 -35.93 -10.27
C6 CLA IF . -14.60 -37.31 -10.83
C7 CLA IF . -13.49 -37.81 -11.72
C8 CLA IF . -13.11 -39.25 -11.42
C9 CLA IF . -11.82 -39.30 -10.63
C10 CLA IF . -13.01 -40.06 -12.71
C11 CLA IF . -11.62 -40.06 -13.31
C12 CLA IF . -11.53 -40.94 -14.54
C13 CLA IF . -10.29 -41.82 -14.51
C14 CLA IF . -9.37 -41.47 -15.65
C15 CLA IF . -10.67 -43.29 -14.56
C16 CLA IF . -9.50 -44.18 -14.22
C17 CLA IF . -9.83 -45.15 -13.12
C18 CLA IF . -8.69 -46.10 -12.79
C19 CLA IF . -8.01 -46.60 -14.04
C20 CLA IF . -9.16 -47.26 -11.94
MG CLA JF . -27.96 -38.63 -10.83
CHA CLA JF . -29.71 -38.78 -7.85
CHB CLA JF . -25.99 -36.17 -9.55
CHC CLA JF . -26.21 -38.56 -13.80
CHD CLA JF . -30.08 -41.14 -12.15
NA CLA JF . -27.89 -37.65 -8.99
C1A CLA JF . -28.70 -37.85 -7.87
C2A CLA JF . -28.32 -36.91 -6.73
C3A CLA JF . -27.19 -36.04 -7.35
C4A CLA JF . -26.99 -36.65 -8.73
CMA CLA JF . -27.59 -34.59 -7.42
CAA CLA JF . -27.83 -37.66 -5.51
CBA CLA JF . -26.48 -38.31 -5.73
CGA CLA JF . -26.21 -39.30 -4.63
O1A CLA JF . -26.97 -39.66 -3.73
O2A CLA JF . -24.95 -39.82 -4.67
NB CLA JF . -26.41 -37.55 -11.55
C1B CLA JF . -25.71 -36.63 -10.85
C2B CLA JF . -24.55 -36.15 -11.66
C3B CLA JF . -24.61 -36.82 -12.86
C4B CLA JF . -25.80 -37.73 -12.81
CMB CLA JF . -23.62 -35.14 -11.17
CAB CLA JF . -23.75 -36.75 -14.01
CBB CLA JF . -23.15 -35.66 -14.49
NC CLA JF . -28.13 -39.67 -12.64
C1C CLA JF . -27.31 -39.47 -13.72
C2C CLA JF . -27.72 -40.35 -14.82
C3C CLA JF . -28.81 -41.09 -14.36
C4C CLA JF . -29.06 -40.64 -12.99
CMC CLA JF . -27.06 -40.41 -16.12
CAC CLA JF . -29.58 -42.10 -15.09
CBC CLA JF . -30.72 -41.49 -15.88
ND CLA JF . -29.53 -39.75 -10.21
C1D CLA JF . -30.32 -40.74 -10.85
C2D CLA JF . -31.34 -41.23 -9.91
C3D CLA JF . -31.15 -40.52 -8.73
C4D CLA JF . -30.02 -39.60 -8.99
CMD CLA JF . -32.32 -42.27 -10.20
CAD CLA JF . -31.60 -40.29 -7.37
OBD CLA JF . -32.50 -40.85 -6.74
CBD CLA JF . -30.71 -39.16 -6.77
CGD CLA JF . -31.52 -37.97 -6.34
O1D CLA JF . -31.70 -37.56 -5.18
O2D CLA JF . -32.11 -37.29 -7.36
CED CLA JF . -32.58 -35.97 -7.09
MG CLA KF . -32.06 -41.62 -21.65
CHA CLA KF . -34.73 -43.83 -21.62
CHB CLA KF . -30.37 -43.64 -19.49
CHC CLA KF . -29.41 -39.43 -21.75
CHD CLA KF . -33.88 -39.52 -23.84
NA CLA KF . -32.50 -43.44 -20.73
C1A CLA KF . -33.67 -44.21 -20.85
C2A CLA KF . -33.58 -45.48 -20.01
C3A CLA KF . -32.23 -45.34 -19.27
C4A CLA KF . -31.63 -44.06 -19.87
CMA CLA KF . -32.41 -45.23 -17.79
CAA CLA KF . -33.55 -46.70 -20.92
CBA CLA KF . -32.37 -46.64 -21.86
CGA CLA KF . -32.61 -47.48 -23.08
O1A CLA KF . -33.54 -48.24 -23.34
O2A CLA KF . -31.60 -47.34 -24.00
NB CLA KF . -30.25 -41.54 -20.78
C1B CLA KF . -29.72 -42.49 -19.94
C2B CLA KF . -28.33 -42.10 -19.56
C3B CLA KF . -28.06 -40.91 -20.20
C4B CLA KF . -29.27 -40.54 -20.97
CMB CLA KF . -27.52 -42.94 -18.68
CAB CLA KF . -26.86 -40.09 -20.18
CBB CLA KF . -25.60 -40.52 -20.05
NC CLA KF . -31.72 -39.81 -22.63
C1C CLA KF . -30.56 -39.09 -22.53
C2C CLA KF . -30.65 -37.89 -23.34
C3C CLA KF . -31.92 -37.90 -23.94
C4C CLA KF . -32.58 -39.12 -23.48
CMC CLA KF . -29.59 -36.90 -23.47
CAC CLA KF . -32.49 -36.91 -24.87
CBC CLA KF . -32.53 -37.40 -26.29
ND CLA KF . -33.85 -41.62 -22.57
C1D CLA KF . -34.49 -40.69 -23.43
C2D CLA KF . -35.85 -41.19 -23.77
C3D CLA KF . -35.99 -42.40 -23.11
C4D CLA KF . -34.73 -42.61 -22.37
CMD CLA KF . -36.80 -40.50 -24.64
CAD CLA KF . -36.86 -43.52 -22.83
OBD CLA KF . -37.99 -43.75 -23.23
CBD CLA KF . -36.08 -44.47 -21.86
CGD CLA KF . -36.80 -44.68 -20.55
O1D CLA KF . -37.01 -45.75 -19.97
O2D CLA KF . -37.24 -43.53 -19.96
CED CLA KF . -37.71 -43.60 -18.62
C1 CLA KF . -31.04 -48.56 -24.55
C2 CLA KF . -29.57 -48.46 -24.36
C3 CLA KF . -28.70 -48.56 -25.38
C4 CLA KF . -29.14 -48.78 -26.78
C5 CLA KF . -27.23 -48.47 -25.13
MG CLA LF . -31.29 -45.15 -6.31
CHA CLA LF . -32.37 -45.09 -3.01
CHB CLA LF . -29.03 -42.71 -5.62
CHC CLA LF . -30.21 -45.31 -9.58
CHD CLA LF . -33.58 -47.77 -6.95
NA CLA LF . -30.81 -44.08 -4.59
C1A CLA LF . -31.36 -44.21 -3.31
C2A CLA LF . -30.71 -43.24 -2.33
C3A CLA LF . -29.70 -42.45 -3.21
C4A CLA LF . -29.84 -43.11 -4.58
CMA CLA LF . -30.02 -40.98 -3.25
CAA CLA LF . -29.94 -44.00 -1.26
CBA CLA LF . -29.28 -45.25 -1.83
CGA CLA LF . -27.84 -45.32 -1.45
O1A CLA LF . -27.31 -46.00 -0.56
O2A CLA LF . -27.05 -44.50 -2.21
NB CLA LF . -29.86 -44.22 -7.38
C1B CLA LF . -29.06 -43.22 -6.93
C2B CLA LF . -28.21 -42.71 -8.04
C3B CLA LF . -28.53 -43.45 -9.16
C4B CLA LF . -29.60 -44.40 -8.76
CMB CLA LF . -27.24 -41.63 -7.87
CAB CLA LF . -28.01 -43.34 -10.50
CBB CLA LF . -27.45 -44.34 -11.19
NC CLA LF . -31.83 -46.31 -7.96
C1C CLA LF . -31.26 -46.21 -9.21
C2C CLA LF . -31.87 -47.16 -10.12
C3C CLA LF . -32.81 -47.87 -9.38
C4C CLA LF . -32.77 -47.34 -8.02
CMC CLA LF . -31.52 -47.32 -11.54
CAC CLA LF . -33.69 -48.97 -9.85
CBC CLA LF . -33.24 -50.32 -9.36
ND CLA LF . -32.74 -46.15 -5.32
C1D CLA LF . -33.58 -47.24 -5.69
C2D CLA LF . -34.40 -47.64 -4.52
C3D CLA LF . -34.01 -46.82 -3.48
C4D CLA LF . -32.95 -45.95 -4.02
CMD CLA LF . -35.42 -48.68 -4.54
CAD CLA LF . -34.21 -46.46 -2.08
OBD CLA LF . -35.05 -46.85 -1.29
CBD CLA LF . -33.10 -45.42 -1.72
CGD CLA LF . -33.67 -44.20 -1.04
O1D CLA LF . -33.94 -44.06 0.15
O2D CLA LF . -33.89 -43.14 -1.88
CED CLA LF . -34.11 -41.87 -1.28
MG CLA MF . -31.08 -29.98 -31.38
CHA CLA MF . -33.74 -27.91 -32.20
CHB CLA MF . -33.26 -32.46 -30.56
CHC CLA MF . -28.41 -32.02 -30.72
CHD CLA MF . -28.86 -27.37 -32.24
NA CLA MF . -33.16 -30.13 -31.37
C1A CLA MF . -34.10 -29.16 -31.75
C2A CLA MF . -35.52 -29.69 -31.59
C3A CLA MF . -35.33 -31.11 -31.00
C4A CLA MF . -33.82 -31.27 -30.96
CMA CLA MF . -35.97 -31.25 -29.64
CAA CLA MF . -36.22 -29.77 -32.95
CBA CLA MF . -35.88 -31.04 -33.70
CGA CLA MF . -34.58 -30.92 -34.43
O1A CLA MF . -33.45 -31.13 -34.02
O2A CLA MF . -34.73 -30.54 -35.74
NB CLA MF . -30.87 -31.87 -30.70
C1B CLA MF . -31.89 -32.75 -30.51
C2B CLA MF . -31.35 -34.11 -30.26
C3B CLA MF . -29.98 -34.02 -30.31
C4B CLA MF . -29.65 -32.59 -30.58
CMB CLA MF . -32.19 -35.27 -30.02
CAB CLA MF . -29.03 -35.10 -30.14
CBB CLA MF . -27.78 -35.16 -30.61
NC CLA MF . -29.01 -29.72 -31.43
C1C CLA MF . -28.10 -30.69 -31.10
C2C CLA MF . -26.75 -30.16 -31.25
C3C CLA MF . -26.86 -28.85 -31.71
C4C CLA MF . -28.30 -28.58 -31.82
CMC CLA MF . -25.52 -30.91 -30.97
CAC CLA MF . -25.77 -27.92 -32.02
CBC CLA MF . -25.66 -26.78 -31.04
ND CLA MF . -31.20 -28.08 -32.06
C1D CLA MF . -30.21 -27.11 -32.36
C2D CLA MF . -30.86 -25.87 -32.82
C3D CLA MF . -32.23 -26.12 -32.79
C4D CLA MF . -32.38 -27.51 -32.30
CMD CLA MF . -30.15 -24.67 -33.24
CAD CLA MF . -33.55 -25.60 -33.03
OBD CLA MF . -33.90 -24.50 -33.46
CBD CLA MF . -34.58 -26.73 -32.66
CGD CLA MF . -35.60 -26.25 -31.66
O1D CLA MF . -36.42 -25.34 -31.82
O2D CLA MF . -35.59 -26.89 -30.46
CED CLA MF . -36.83 -27.03 -29.78
C1 CLA MF . -35.40 -31.49 -36.60
C2 CLA MF . -34.58 -32.72 -36.60
C3 CLA MF . -33.52 -32.89 -37.41
C4 CLA MF . -33.10 -31.86 -38.38
C5 CLA MF . -32.72 -34.15 -37.38
C6 CLA MF . -31.22 -33.89 -37.38
C7 CLA MF . -30.47 -35.21 -37.46
C8 CLA MF . -28.97 -35.02 -37.58
C9 CLA MF . -28.63 -33.93 -38.58
C10 CLA MF . -28.30 -36.32 -37.98
C11 CLA MF . -26.79 -36.24 -37.87
MG CLA NF . -26.36 -22.53 -24.51
CHA CLA NF . -26.39 -20.36 -21.80
CHB CLA NF . -29.68 -23.17 -24.02
CHC CLA NF . -26.28 -24.68 -27.19
CHD CLA NF . -22.95 -21.77 -25.02
NA CLA NF . -27.77 -21.87 -23.12
C1A CLA NF . -27.60 -20.97 -22.06
C2A CLA NF . -28.90 -20.76 -21.29
C3A CLA NF . -29.88 -21.73 -21.96
C4A CLA NF . -29.07 -22.31 -23.13
CMA CLA NF . -30.35 -22.81 -21.02
CAA CLA NF . -29.38 -19.32 -21.41
CBA CLA NF . -30.82 -19.22 -21.86
CGA CLA NF . -30.91 -19.00 -23.33
O1A CLA NF . -31.85 -18.53 -23.99
O2A CLA NF . -29.78 -19.37 -24.01
NB CLA NF . -27.72 -23.71 -25.43
C1B CLA NF . -29.04 -23.79 -25.10
C2B CLA NF . -29.72 -24.71 -26.05
C3B CLA NF . -28.78 -25.14 -26.96
C4B CLA NF . -27.48 -24.51 -26.57
CMB CLA NF . -31.15 -25.04 -25.97
CAB CLA NF . -28.91 -26.04 -28.07
CBB CLA NF . -28.64 -25.72 -29.34
NC CLA NF . -24.87 -23.12 -25.84
C1C CLA NF . -25.04 -24.02 -26.85
C2C CLA NF . -23.79 -24.22 -27.56
C3C CLA NF . -22.85 -23.39 -26.98
C4C CLA NF . -23.53 -22.70 -25.89
CMC CLA NF . -23.60 -25.12 -28.71
CAC CLA NF . -21.44 -23.22 -27.38
CBC CLA NF . -20.43 -23.81 -26.42
ND CLA NF . -24.94 -21.38 -23.66
C1D CLA NF . -23.58 -21.15 -23.97
C2D CLA NF . -23.01 -20.18 -23.00
C3D CLA NF . -24.04 -19.87 -22.13
C4D CLA NF . -25.22 -20.63 -22.60
CMD CLA NF . -21.63 -19.72 -23.00
CAD CLA NF . -24.44 -19.09 -20.99
OBD CLA NF . -23.78 -18.33 -20.29
CBD CLA NF . -25.95 -19.38 -20.74
CGD CLA NF . -26.18 -19.95 -19.35
O1D CLA NF . -26.30 -21.13 -19.04
O2D CLA NF . -26.20 -19.01 -18.36
CED CLA NF . -26.30 -19.47 -17.02
C1 CLA NF . -29.92 -19.59 -25.42
C2 CLA NF . -28.61 -20.07 -25.91
C3 CLA NF . -27.99 -19.54 -26.98
C4 CLA NF . -28.57 -18.42 -27.75
C5 CLA NF . -26.66 -20.04 -27.43
C6 CLA NF . -26.77 -20.84 -28.72
C7 CLA NF . -25.40 -21.02 -29.35
C8 CLA NF . -25.46 -22.01 -30.51
C9 CLA NF . -24.05 -22.26 -31.04
MG CLA OF . -23.15 -26.84 -17.01
CHA CLA OF . -25.40 -26.67 -14.39
CHB CLA OF . -24.31 -23.86 -18.19
CHC CLA OF . -20.83 -26.98 -19.55
CHD CLA OF . -22.01 -29.95 -15.77
NA CLA OF . -24.63 -25.51 -16.38
C1A CLA OF . -25.45 -25.61 -15.26
C2A CLA OF . -26.38 -24.40 -15.15
C3A CLA OF . -26.15 -23.66 -16.48
C4A CLA OF . -24.94 -24.37 -17.07
CMA CLA OF . -27.35 -23.71 -17.38
CAA CLA OF . -25.92 -23.54 -13.98
CBA CLA OF . -25.09 -22.34 -14.40
CGA CLA OF . -23.66 -22.70 -14.67
O1A CLA OF . -23.13 -23.80 -14.61
O2A CLA OF . -22.89 -21.62 -15.03
NB CLA OF . -22.70 -25.68 -18.59
C1B CLA OF . -23.22 -24.45 -18.84
C2B CLA OF . -22.49 -23.80 -19.95
C3B CLA OF . -21.50 -24.67 -20.36
C4B CLA OF . -21.62 -25.88 -19.49
CMB CLA OF . -22.85 -22.47 -20.44
CAB CLA OF . -20.50 -24.56 -21.39
CBB CLA OF . -20.64 -23.91 -22.56
NC CLA OF . -21.69 -28.23 -17.56
C1C CLA OF . -20.86 -28.09 -18.64
C2C CLA OF . -19.98 -29.25 -18.73
C3C CLA OF . -20.30 -30.08 -17.66
C4C CLA OF . -21.38 -29.44 -16.93
CMC CLA OF . -18.95 -29.43 -19.75
CAC CLA OF . -19.67 -31.36 -17.33
CBC CLA OF . -18.43 -31.17 -16.49
ND CLA OF . -23.54 -28.06 -15.45
C1D CLA OF . -23.01 -29.33 -15.07
C2D CLA OF . -23.71 -29.78 -13.84
C3D CLA OF . -24.64 -28.79 -13.53
C4D CLA OF . -24.50 -27.76 -14.57
CMD CLA OF . -23.43 -31.02 -13.14
CAD CLA OF . -25.68 -28.34 -12.62
OBD CLA OF . -26.08 -28.87 -11.59
CBD CLA OF . -26.24 -27.00 -13.18
CGD CLA OF . -27.69 -27.13 -13.55
O1D CLA OF . -28.20 -27.98 -14.30
O2D CLA OF . -28.50 -26.19 -12.99
CED CLA OF . -29.78 -25.99 -13.58
C1 CLA OF . -22.78 -21.32 -16.44
C2 CLA OF . -21.43 -21.69 -16.92
C3 CLA OF . -20.79 -20.96 -17.86
C4 CLA OF . -21.40 -19.75 -18.44
C5 CLA OF . -19.42 -21.30 -18.37
C6 CLA OF . -19.15 -22.77 -18.63
C7 CLA OF . -17.96 -22.90 -19.56
C8 CLA OF . -17.46 -24.33 -19.72
C9 CLA OF . -16.89 -24.86 -18.43
C10 CLA OF . -16.41 -24.40 -20.82
C11 CLA OF . -17.02 -24.28 -22.20
C12 CLA OF . -16.17 -23.44 -23.13
C13 CLA OF . -16.71 -23.46 -24.55
C14 CLA OF . -15.85 -24.33 -25.44
C15 CLA OF . -16.79 -22.05 -25.14
C16 CLA OF . -17.57 -21.13 -24.23
C17 CLA OF . -17.04 -19.70 -24.31
C18 CLA OF . -17.27 -18.90 -23.03
C19 CLA OF . -17.47 -19.79 -21.82
C20 CLA OF . -18.44 -17.95 -23.18
MG CLA PF . -13.87 -42.20 -29.82
CHA CLA PF . -10.54 -42.10 -30.80
CHB CLA PF . -14.73 -43.52 -32.83
CHC CLA PF . -17.16 -42.24 -28.80
CHD CLA PF . -12.96 -40.77 -26.72
NA CLA PF . -12.78 -42.72 -31.52
C1A CLA PF . -11.41 -42.61 -31.73
C2A CLA PF . -11.03 -43.11 -33.12
C3A CLA PF . -12.38 -43.50 -33.76
C4A CLA PF . -13.39 -43.24 -32.63
CMA CLA PF . -12.70 -42.66 -34.98
CAA CLA PF . -10.12 -44.33 -33.04
CBA CLA PF . -9.62 -44.75 -34.41
CGA CLA PF . -10.49 -45.82 -34.97
O1A CLA PF . -10.75 -46.08 -36.15
O2A CLA PF . -11.08 -46.60 -34.01
NB CLA PF . -15.61 -42.78 -30.66
C1B CLA PF . -15.76 -43.31 -31.90
C2B CLA PF . -17.19 -43.64 -32.15
C3B CLA PF . -17.88 -43.28 -31.00
C4B CLA PF . -16.89 -42.73 -30.05
CMB CLA PF . -17.66 -44.22 -33.40
CAB CLA PF . -19.28 -43.36 -30.69
CBB CLA PF . -20.29 -43.04 -31.51
NC CLA PF . -14.86 -41.61 -28.07
C1C CLA PF . -16.22 -41.72 -27.88
C2C CLA PF . -16.58 -41.22 -26.55
C3C CLA PF . -15.39 -40.80 -25.95
C4C CLA PF . -14.32 -41.05 -26.92
CMC CLA PF . -17.94 -41.18 -26.01
CAC CLA PF . -15.24 -40.23 -24.61
CBC CLA PF . -14.62 -41.20 -23.64
ND CLA PF . -12.18 -41.55 -28.91
C1D CLA PF . -11.95 -40.99 -27.63
C2D CLA PF . -10.50 -40.72 -27.48
C3D CLA PF . -9.91 -41.11 -28.68
C4D CLA PF . -11.00 -41.63 -29.52
CMD CLA PF . -9.89 -40.13 -26.30
CAD CLA PF . -8.68 -41.24 -29.42
OBD CLA PF . -7.54 -40.92 -29.11
CBD CLA PF . -9.04 -41.87 -30.80
CGD CLA PF . -8.59 -41.02 -31.96
O1D CLA PF . -7.62 -41.20 -32.70
O2D CLA PF . -9.38 -39.93 -32.19
CED CLA PF . -8.88 -38.92 -33.05
MG CLA QF . -10.39 -26.36 -28.92
CHA CLA QF . -7.59 -25.61 -30.81
CHB CLA QF . -8.56 -25.96 -26.07
CHC CLA QF . -13.25 -26.86 -27.07
CHD CLA QF . -12.24 -26.80 -31.90
NA CLA QF . -8.39 -25.90 -28.54
C1A CLA QF . -7.38 -25.60 -29.46
C2A CLA QF . -6.07 -25.30 -28.75
C3A CLA QF . -6.37 -25.60 -27.27
C4A CLA QF . -7.88 -25.82 -27.26
CMA CLA QF . -5.61 -26.81 -26.79
CAA CLA QF . -5.71 -23.83 -28.94
CBA CLA QF . -6.73 -22.92 -28.29
CGA CLA QF . -7.00 -21.71 -29.14
O1A CLA QF . -6.60 -21.47 -30.27
O2A CLA QF . -7.80 -20.80 -28.51
NB CLA QF . -10.82 -26.42 -26.95
C1B CLA QF . -9.94 -26.19 -25.94
C2B CLA QF . -10.65 -26.20 -24.63
C3B CLA QF . -11.97 -26.46 -24.90
C4B CLA QF . -12.10 -26.60 -26.38
CMB CLA QF . -9.96 -25.99 -23.36
CAB CLA QF . -13.09 -26.58 -24.00
CBB CLA QF . -13.30 -25.88 -22.89
NC CLA QF . -12.37 -26.79 -29.41
C1C CLA QF . -13.38 -26.97 -28.49
C2C CLA QF . -14.63 -27.25 -29.17
C3C CLA QF . -14.36 -27.23 -30.54
C4C CLA QF . -12.93 -26.94 -30.68
CMC CLA QF . -15.91 -27.50 -28.51
CAC CLA QF . -15.31 -27.47 -31.65
CBC CLA QF . -15.62 -26.21 -32.44
ND CLA QF . -10.06 -26.32 -30.91
C1D CLA QF . -10.90 -26.50 -32.02
C2D CLA QF . -10.11 -26.31 -33.27
C3D CLA QF . -8.83 -25.97 -32.86
C4D CLA QF . -8.86 -25.97 -31.38
CMD CLA QF . -10.64 -26.44 -34.62
CAD CLA QF . -7.49 -25.62 -33.27
OBD CLA QF . -7.01 -25.55 -34.39
CBD CLA QF . -6.66 -25.35 -31.98
CGD CLA QF . -5.41 -26.18 -31.91
O1D CLA QF . -5.31 -27.38 -31.63
O2D CLA QF . -4.28 -25.48 -32.19
CED CLA QF . -3.02 -26.13 -32.03
C1 CLA QF . -7.88 -19.49 -29.13
C2 CLA QF . -7.49 -18.51 -28.09
C3 CLA QF . -8.35 -18.03 -27.17
C4 CLA QF . -9.77 -18.45 -27.13
C5 CLA QF . -7.91 -17.04 -26.15
C6 CLA QF . -6.40 -16.86 -26.11
C7 CLA QF . -6.01 -16.05 -24.89
C8 CLA QF . -4.50 -15.83 -24.79
C9 CLA QF . -3.95 -16.55 -23.58
C10 CLA QF . -4.21 -14.34 -24.71
C11 CLA QF . -2.83 -14.04 -24.19
C12 CLA QF . -2.49 -12.57 -24.38
C13 CLA QF . -1.14 -12.21 -23.79
C14 CLA QF . -0.79 -10.77 -24.09
C15 CLA QF . -0.04 -13.15 -24.29
C16 CLA QF . 1.33 -12.65 -23.89
C17 CLA QF . 2.42 -13.57 -24.40
C18 CLA QF . 3.81 -13.02 -24.10
C19 CLA QF . 4.88 -13.86 -24.77
C20 CLA QF . 4.05 -12.95 -22.61
MG CLA RF . -9.44 -31.40 -39.08
CHA CLA RF . -7.75 -33.97 -40.67
CHB CLA RF . -8.26 -29.19 -41.37
CHC CLA RF . -11.13 -28.89 -37.43
CHD CLA RF . -10.63 -33.74 -36.69
NA CLA RF . -8.22 -31.58 -40.76
C1A CLA RF . -7.62 -32.74 -41.28
C2A CLA RF . -6.81 -32.42 -42.53
C3A CLA RF . -7.01 -30.90 -42.73
C4A CLA RF . -7.90 -30.50 -41.55
CMA CLA RF . -5.69 -30.17 -42.71
CAA CLA RF . -7.34 -33.19 -43.74
CBA CLA RF . -8.20 -32.34 -44.65
CGA CLA RF . -8.93 -33.21 -45.62
O1A CLA RF . -8.76 -34.40 -45.86
O2A CLA RF . -9.92 -32.54 -46.30
NB CLA RF . -9.71 -29.42 -39.38
C1B CLA RF . -9.06 -28.69 -40.32
C2B CLA RF . -9.31 -27.23 -40.08
C3B CLA RF . -10.12 -27.15 -38.97
C4B CLA RF . -10.38 -28.54 -38.51
CMB CLA RF . -8.74 -26.20 -40.94
CAB CLA RF . -10.68 -26.02 -38.26
CBB CLA RF . -10.45 -24.72 -38.47
NC CLA RF . -10.67 -31.34 -37.38
C1C CLA RF . -11.28 -30.20 -36.90
C2C CLA RF . -12.09 -30.54 -35.74
C3C CLA RF . -11.93 -31.90 -35.51
C4C CLA RF . -11.04 -32.40 -36.55
CMC CLA RF . -12.89 -29.57 -34.97
CAC CLA RF . -12.56 -32.71 -34.46
CBC CLA RF . -13.70 -33.52 -35.02
ND CLA RF . -9.26 -33.38 -38.69
C1D CLA RF . -9.80 -34.21 -37.68
C2D CLA RF . -9.31 -35.60 -37.89
C3D CLA RF . -8.51 -35.56 -39.01
C4D CLA RF . -8.51 -34.16 -39.48
CMD CLA RF . -9.66 -36.73 -37.02
CAD CLA RF . -7.67 -36.32 -39.91
OBD CLA RF . -7.35 -37.50 -39.87
CBD CLA RF . -7.18 -35.33 -41.02
CGD CLA RF . -5.67 -35.31 -41.12
O1D CLA RF . -4.94 -36.14 -41.68
O2D CLA RF . -5.09 -34.24 -40.52
CED CLA RF . -3.67 -34.28 -40.31
C1 CLA RF . -11.16 -33.24 -46.51
C2 CLA RF . -12.16 -32.22 -46.90
C3 CLA RF . -13.44 -32.24 -46.47
C4 CLA RF . -13.95 -33.32 -45.58
MG CLA SF . -5.49 -22.39 -39.74
CHA CLA SF . -4.26 -25.43 -40.89
CHB CLA SF . -3.91 -20.79 -42.29
CHC CLA SF . -6.80 -19.43 -38.61
CHD CLA SF . -7.10 -24.11 -37.11
NA CLA SF . -4.27 -23.03 -41.32
C1A CLA SF . -3.88 -24.34 -41.64
C2A CLA SF . -2.99 -24.37 -42.88
C3A CLA SF . -2.78 -22.87 -43.19
C4A CLA SF . -3.72 -22.16 -42.23
CMA CLA SF . -1.34 -22.49 -42.97
CAA CLA SF . -3.67 -25.07 -44.04
CBA CLA SF . -5.16 -24.76 -44.10
CGA CLA SF . -5.87 -25.91 -44.76
O1A CLA SF . -5.59 -27.11 -44.73
O2A CLA SF . -6.98 -25.51 -45.45
NB CLA SF . -5.35 -20.46 -40.32
C1B CLA SF . -4.72 -20.03 -41.44
C2B CLA SF . -5.01 -18.58 -41.63
C3B CLA SF . -5.83 -18.18 -40.60
C4B CLA SF . -6.04 -19.38 -39.74
CMB CLA SF . -4.48 -17.79 -42.75
CAB CLA SF . -6.38 -16.89 -40.32
CBB CLA SF . -7.69 -16.62 -40.18
NC CLA SF . -6.71 -21.87 -38.13
C1C CLA SF . -7.11 -20.60 -37.85
C2C CLA SF . -7.94 -20.59 -36.65
C3C CLA SF . -8.05 -21.91 -36.23
C4C CLA SF . -7.27 -22.71 -37.17
CMC CLA SF . -8.54 -19.38 -36.06
CAC CLA SF . -8.80 -22.41 -35.06
CBC CLA SF . -8.05 -22.22 -33.77
ND CLA SF . -5.69 -24.30 -39.11
C1D CLA SF . -6.37 -24.87 -38.00
C2D CLA SF . -6.15 -26.33 -38.00
C3D CLA SF . -5.35 -26.60 -39.09
C4D CLA SF . -5.08 -25.30 -39.73
CMD CLA SF . -6.70 -27.25 -37.02
CAD CLA SF . -4.65 -27.62 -39.85
OBD CLA SF . -4.59 -28.83 -39.66
CBD CLA SF . -3.92 -26.90 -41.02
CGD CLA SF . -2.44 -27.11 -40.97
O1D CLA SF . -1.56 -26.27 -40.76
O2D CLA SF . -2.06 -28.40 -41.18
CED CLA SF . -0.66 -28.67 -41.32
C1 CLA SF . -8.06 -26.47 -45.51
MG CLA TF . -1.25 -17.02 -31.66
CHA CLA TF . -3.01 -20.00 -31.92
CHB CLA TF . -2.90 -15.80 -34.37
CHC CLA TF . 0.44 -14.05 -31.29
CHD CLA TF . 0.50 -18.36 -28.88
NA CLA TF . -2.73 -17.80 -32.92
C1A CLA TF . -3.35 -19.05 -32.85
C2A CLA TF . -4.39 -19.21 -33.96
C3A CLA TF . -4.25 -17.90 -34.77
C4A CLA TF . -3.23 -17.08 -33.97
CMA CLA TF . -3.78 -18.17 -36.18
CAA CLA TF . -5.78 -19.28 -33.36
CBA CLA TF . -5.92 -18.36 -32.15
CGA CLA TF . -7.07 -17.40 -32.30
O1A CLA TF . -7.70 -17.13 -33.31
O2A CLA TF . -7.40 -16.79 -31.12
NB CLA TF . -1.27 -15.25 -32.61
C1B CLA TF . -1.98 -14.96 -33.74
C2B CLA TF . -1.58 -13.63 -34.25
C3B CLA TF . -0.65 -13.12 -33.39
C4B CLA TF . -0.43 -14.16 -32.33
CMB CLA TF . -2.16 -13.03 -35.46
CAB CLA TF . 0.07 -11.86 -33.42
CBB CLA TF . 0.01 -10.94 -32.47
NC CLA TF . 0.19 -16.34 -30.31
C1C CLA TF . 0.74 -15.08 -30.33
C2C CLA TF . 1.68 -14.94 -29.24
C3C CLA TF . 1.72 -16.16 -28.58
C4C CLA TF . 0.78 -17.03 -29.26
CMC CLA TF . 2.45 -13.71 -28.95
CAC CLA TF . 2.53 -16.51 -27.40
CBC CLA TF . 3.88 -17.05 -27.79
ND CLA TF . -1.17 -18.77 -30.62
C1D CLA TF . -0.42 -19.19 -29.51
C2D CLA TF . -0.78 -20.58 -29.18
C3D CLA TF . -1.77 -20.94 -30.08
C4D CLA TF . -1.98 -19.78 -30.94
CMD CLA TF . -0.17 -21.36 -28.10
CAD CLA TF . -2.66 -22.00 -30.52
OBD CLA TF . -2.78 -23.14 -30.10
CBD CLA TF . -3.50 -21.42 -31.71
CGD CLA TF . -3.33 -22.24 -32.95
O1D CLA TF . -2.33 -22.85 -33.33
O2D CLA TF . -4.45 -22.28 -33.73
CED CLA TF . -4.39 -23.07 -34.92
C1 CLA TF . -7.79 -15.40 -31.20
C2 CLA TF . -7.53 -14.81 -29.86
C3 CLA TF . -7.71 -13.52 -29.54
C4 CLA TF . -7.44 -13.00 -28.19
C5 CLA TF . -8.22 -12.54 -30.55
C6 CLA TF . -7.70 -11.12 -30.32
C7 CLA TF . -8.19 -10.19 -31.41
C8 CLA TF . -7.86 -8.73 -31.10
C9 CLA TF . -8.46 -7.82 -32.16
C10 CLA TF . -6.37 -8.51 -31.02
MG CLA UF . -4.33 -25.77 -23.69
CHA CLA UF . -6.11 -27.52 -21.28
CHB CLA UF . -6.15 -22.98 -23.01
CHC CLA UF . -2.69 -24.15 -26.24
CHD CLA UF . -2.43 -28.68 -24.34
NA CLA UF . -5.85 -25.34 -22.33
C1A CLA UF . -6.48 -26.20 -21.40
C2A CLA UF . -7.54 -25.44 -20.60
C3A CLA UF . -7.39 -23.98 -21.06
C4A CLA UF . -6.40 -24.08 -22.23
CMA CLA UF . -8.69 -23.32 -21.47
CAA CLA UF . -7.33 -25.54 -19.11
CBA CLA UF . -8.56 -25.08 -18.35
CGA CLA UF . -8.42 -25.40 -16.89
O1A CLA UF . -7.62 -24.92 -16.07
O2A CLA UF . -9.32 -26.33 -16.47
NB CLA UF . -4.37 -23.90 -24.45
C1B CLA UF . -5.26 -22.93 -24.10
C2B CLA UF . -5.14 -21.77 -25.02
C3B CLA UF . -4.17 -22.09 -25.94
C4B CLA UF . -3.66 -23.45 -25.58
CMB CLA UF . -5.99 -20.58 -24.87
CAB CLA UF . -3.63 -21.37 -27.07
CBB CLA UF . -3.92 -20.12 -27.44
NC CLA UF . -2.81 -26.32 -25.02
C1C CLA UF . -2.28 -25.48 -25.97
C2C CLA UF . -1.24 -26.19 -26.72
C3C CLA UF . -1.17 -27.47 -26.19
C4C CLA UF . -2.15 -27.54 -25.11
CMC CLA UF . -0.47 -25.62 -27.83
CAC CLA UF . -0.27 -28.56 -26.61
CBC CLA UF . 0.92 -28.72 -25.68
ND CLA UF . -4.22 -27.66 -23.00
C1D CLA UF . -3.39 -28.76 -23.36
C2D CLA UF . -3.76 -29.93 -22.53
C3D CLA UF . -4.82 -29.52 -21.75
C4D CLA UF . -5.06 -28.09 -22.06
CMD CLA UF . -3.13 -31.24 -22.63
CAD CLA UF . -5.77 -29.91 -20.72
OBD CLA UF . -5.93 -30.99 -20.18
CBD CLA UF . -6.62 -28.64 -20.39
CGD CLA UF . -8.09 -28.89 -20.59
O1D CLA UF . -8.93 -29.14 -19.72
O2D CLA UF . -8.50 -28.82 -21.89
CED CLA UF . -9.70 -29.50 -22.25
C1 CLA UF . -9.00 -27.02 -15.25
C2 CLA UF . -8.07 -28.13 -15.58
C3 CLA UF . -8.48 -29.27 -16.16
C4 CLA UF . -9.91 -29.52 -16.49
C5 CLA UF . -7.52 -30.36 -16.50
C6 CLA UF . -6.08 -30.00 -16.18
C7 CLA UF . -5.14 -30.89 -16.97
C8 CLA UF . -3.68 -30.68 -16.61
C9 CLA UF . -3.52 -30.59 -15.12
C10 CLA UF . -3.11 -29.44 -17.29
C11 CLA UF . -2.25 -29.80 -18.48
C12 CLA UF . -1.18 -30.81 -18.12
C13 CLA UF . 0.06 -30.64 -18.99
C14 CLA UF . -0.30 -30.46 -20.44
C15 CLA UF . 1.00 -31.83 -18.83
C16 CLA UF . 2.25 -31.65 -19.67
C17 CLA UF . 3.25 -30.74 -19.01
C18 CLA UF . 4.68 -31.23 -19.25
C19 CLA UF . 5.69 -30.36 -18.53
C20 CLA UF . 4.82 -32.67 -18.81
MG CLA VF . -9.97 -9.36 -18.69
CHA CLA VF . -13.42 -9.13 -18.96
CHB CLA VF . -9.77 -10.10 -22.01
CHC CLA VF . -6.55 -9.36 -18.42
CHD CLA VF . -10.24 -8.66 -15.23
NA CLA VF . -11.38 -9.57 -20.22
C1A CLA VF . -12.76 -9.43 -20.12
C2A CLA VF . -13.41 -9.64 -21.47
C3A CLA VF . -12.26 -10.15 -22.36
C4A CLA VF . -11.03 -9.90 -21.50
CMA CLA VF . -12.44 -11.61 -22.72
CAA CLA VF . -13.80 -8.25 -21.94
CBA CLA VF . -14.02 -8.14 -23.42
CGA CLA VF . -14.39 -6.73 -23.73
O1A CLA VF . -14.58 -5.80 -22.94
O2A CLA VF . -14.51 -6.48 -25.07
NB CLA VF . -8.45 -9.71 -19.97
C1B CLA VF . -8.57 -9.93 -21.30
C2B CLA VF . -7.23 -9.99 -21.93
C3B CLA VF . -6.31 -9.79 -20.93
C4B CLA VF . -7.08 -9.61 -19.67
CMB CLA VF . -7.04 -10.22 -23.37
CAB CLA VF . -4.86 -9.72 -20.98
CBB CLA VF . -4.13 -9.17 -21.95
NC CLA VF . -8.65 -9.07 -17.11
C1C CLA VF . -7.29 -9.11 -17.22
C2C CLA VF . -6.66 -8.84 -15.93
C3C CLA VF . -7.71 -8.67 -15.02
C4C CLA VF . -8.96 -8.81 -15.77
CMC CLA VF . -5.22 -8.78 -15.70
CAC CLA VF . -7.60 -8.37 -13.58
CBC CLA VF . -7.94 -6.93 -13.25
ND CLA VF . -11.43 -8.95 -17.35
C1D CLA VF . -11.42 -8.72 -15.95
C2D CLA VF . -12.81 -8.55 -15.48
C3D CLA VF . -13.61 -8.67 -16.59
C4D CLA VF . -12.71 -8.95 -17.73
CMD CLA VF . -13.20 -8.28 -14.10
CAD CLA VF . -14.97 -8.67 -17.11
OBD CLA VF . -16.03 -8.46 -16.53
CBD CLA VF . -14.88 -9.01 -18.63
CGD CLA VF . -15.60 -10.29 -18.93
O1D CLA VF . -15.09 -11.37 -19.27
O2D CLA VF . -16.96 -10.23 -18.80
CED CLA VF . -17.67 -11.47 -18.73
C1 CLA VF . -15.26 -5.30 -25.41
C2 CLA VF . -16.11 -5.65 -26.57
C3 CLA VF . -15.67 -5.56 -27.84
C4 CLA VF . -14.31 -5.09 -28.17
C5 CLA VF . -16.56 -5.93 -28.97
C6 CLA VF . -16.25 -7.31 -29.51
C7 CLA VF . -17.50 -7.97 -30.07
C8 CLA VF . -17.18 -8.81 -31.29
C9 CLA VF . -16.22 -9.93 -30.91
C10 CLA VF . -16.59 -7.96 -32.40
C11 CLA VF . -17.43 -8.00 -33.65
C12 CLA VF . -16.86 -8.96 -34.67
C13 CLA VF . -17.18 -8.52 -36.09
C14 CLA VF . -16.53 -7.18 -36.39
C15 CLA VF . -18.69 -8.44 -36.33
C16 CLA VF . -19.00 -8.44 -37.81
C17 CLA VF . -18.43 -9.66 -38.50
C18 CLA VF . -18.32 -9.45 -40.01
C19 CLA VF . -17.40 -8.30 -40.33
C20 CLA VF . -17.84 -10.72 -40.68
MG CLA WF . -21.72 -12.87 -22.87
CHA CLA WF . -18.40 -11.93 -23.03
CHB CLA WF . -21.10 -15.49 -24.96
CHC CLA WF . -25.01 -13.76 -22.63
CHD CLA WF . -22.30 -10.18 -20.64
NA CLA WF . -20.01 -13.56 -23.84
C1A CLA WF . -18.71 -13.04 -23.78
C2A CLA WF . -17.76 -13.85 -24.64
C3A CLA WF . -18.66 -14.93 -25.30
C4A CLA WF . -20.03 -14.66 -24.66
CMA CLA WF . -18.72 -14.77 -26.80
CAA CLA WF . -16.69 -14.52 -23.81
CBA CLA WF . -15.68 -15.23 -24.70
CGA CLA WF . -14.44 -15.52 -23.92
O1A CLA WF . -13.78 -14.76 -23.21
O2A CLA WF . -14.03 -16.82 -24.04
NB CLA WF . -22.84 -14.35 -23.64
C1B CLA WF . -22.39 -15.34 -24.45
C2B CLA WF . -23.52 -16.28 -24.78
C3B CLA WF . -24.63 -15.80 -24.12
C4B CLA WF . -24.22 -14.56 -23.39
CMB CLA WF . -23.35 -17.44 -25.65
CAB CLA WF . -25.99 -16.27 -24.08
CBB CLA WF . -26.38 -17.55 -24.08
NC CLA WF . -23.36 -12.08 -21.84
C1C CLA WF . -24.62 -12.60 -21.90
C2C CLA WF . -25.52 -11.80 -21.08
C3C CLA WF . -24.75 -10.81 -20.48
C4C CLA WF . -23.39 -11.00 -20.97
CMC CLA WF . -26.95 -12.05 -20.91
CAC CLA WF . -25.19 -9.74 -19.56
CBC CLA WF . -25.71 -8.52 -20.27
ND CLA WF . -20.68 -11.35 -22.04
C1D CLA WF . -21.04 -10.32 -21.13
C2D CLA WF . -19.85 -9.49 -20.84
C3D CLA WF . -18.82 -10.05 -21.57
C4D CLA WF . -19.38 -11.22 -22.28
CMD CLA WF . -19.84 -8.32 -19.97
CAD CLA WF . -17.42 -9.96 -21.92
OBD CLA WF . -16.62 -9.11 -21.58
CBD CLA WF . -17.09 -11.19 -22.83
CGD CLA WF . -16.47 -10.79 -24.14
O1D CLA WF . -15.52 -11.32 -24.72
O2D CLA WF . -17.05 -9.71 -24.72
CED CLA WF . -16.66 -9.39 -26.06
C1 CLA WF . -12.95 -17.22 -23.18
C2 CLA WF . -12.97 -18.71 -23.17
C3 CLA WF . -12.70 -19.42 -22.07
C4 CLA WF . -12.35 -18.75 -20.79
C5 CLA WF . -12.72 -20.91 -22.08
C6 CLA WF . -12.51 -21.49 -23.46
C7 CLA WF . -11.03 -21.56 -23.81
C8 CLA WF . -10.80 -22.32 -25.11
C9 CLA WF . -9.34 -22.19 -25.54
C10 CLA WF . -11.72 -21.83 -26.20
C11 CLA WF . -11.45 -22.52 -27.52
C12 CLA WF . -12.56 -22.26 -28.52
C13 CLA WF . -12.31 -22.98 -29.84
C14 CLA WF . -11.01 -22.54 -30.45
C15 CLA WF . -13.46 -22.78 -30.83
C16 CLA WF . -14.74 -22.32 -30.17
C17 CLA WF . -15.80 -23.40 -30.17
C18 CLA WF . -17.14 -22.85 -30.66
C19 CLA WF . -17.59 -21.68 -29.83
C20 CLA WF . -18.19 -23.94 -30.66
MG CLA XF . -15.95 -16.39 -1.25
CHA CLA XF . -17.42 -19.34 -0.16
CHB CLA XF . -19.00 -14.89 -1.24
CHC CLA XF . -14.40 -13.44 -1.98
CHD CLA XF . -12.81 -18.04 -1.27
NA CLA XF . -17.88 -17.05 -0.84
C1A CLA XF . -18.30 -18.31 -0.39
C2A CLA XF . -19.81 -18.36 -0.24
C3A CLA XF . -20.28 -17.03 -0.88
C4A CLA XF . -18.98 -16.25 -1.00
CMA CLA XF . -20.94 -17.26 -2.22
CAA CLA XF . -20.23 -18.47 1.23
CBA CLA XF . -20.15 -17.16 1.98
CGA CLA XF . -18.80 -16.99 2.58
O1A CLA XF . -18.18 -15.95 2.80
O2A CLA XF . -18.20 -18.18 2.90
NB CLA XF . -16.59 -14.53 -1.64
C1B CLA XF . -17.84 -14.08 -1.39
C2B CLA XF . -17.86 -12.59 -1.27
C3B CLA XF . -16.56 -12.17 -1.47
C4B CLA XF . -15.73 -13.40 -1.73
CMB CLA XF . -19.08 -11.85 -0.99
CAB CLA XF . -15.96 -10.87 -1.49
CBB CLA XF . -16.58 -9.68 -1.46
NC CLA XF . -13.97 -15.85 -1.64
C1C CLA XF . -13.56 -14.59 -1.97
C2C CLA XF . -12.13 -14.58 -2.20
C3C CLA XF . -11.67 -15.87 -1.95
C4C CLA XF . -12.83 -16.67 -1.61
CMC CLA XF . -11.35 -13.39 -2.58
CAC CLA XF . -10.28 -16.35 -2.06
CBC CLA XF . -9.64 -16.63 -0.71
ND CLA XF . -15.22 -18.24 -0.89
C1D CLA XF . -13.90 -18.78 -0.92
C2D CLA XF . -13.95 -20.21 -0.50
C3D CLA XF . -15.27 -20.45 -0.17
C4D CLA XF . -16.02 -19.21 -0.42
CMD CLA XF . -12.80 -21.09 -0.44
CAD CLA XF . -16.22 -21.45 0.29
OBD CLA XF . -16.05 -22.63 0.58
CBD CLA XF . -17.61 -20.75 0.34
CGD CLA XF . -18.65 -21.51 -0.43
O1D CLA XF . -19.16 -21.20 -1.51
O2D CLA XF . -19.05 -22.65 0.17
CED CLA XF . -20.46 -22.84 0.38
C1 CLA XF . -16.83 -18.10 3.31
C2 CLA XF . -16.76 -18.65 4.69
C3 CLA XF . -16.57 -17.88 5.78
C4 CLA XF . -16.43 -16.41 5.68
C5 CLA XF . -16.51 -18.48 7.13
C6 CLA XF . -15.27 -18.06 7.89
C7 CLA XF . -14.04 -18.73 7.33
C8 CLA XF . -12.76 -18.15 7.95
C9 CLA XF . -12.05 -17.26 6.96
C10 CLA XF . -11.85 -19.26 8.48
C11 CLA XF . -10.64 -19.55 7.61
C12 CLA XF . -9.43 -19.84 8.47
C13 CLA XF . -8.55 -20.96 7.90
C14 CLA XF . -8.47 -20.88 6.38
C15 CLA XF . -9.05 -22.34 8.34
C16 CLA XF . -8.15 -23.43 7.79
C17 CLA XF . -8.66 -24.81 8.15
MG CLA YF . -17.93 -22.01 -8.06
CHA CLA YF . -21.30 -22.83 -8.12
CHB CLA YF . -17.97 -22.02 -4.68
CHC CLA YF . -14.59 -21.29 -8.09
CHD CLA YF . -17.93 -22.05 -11.61
NA CLA YF . -19.42 -22.33 -6.65
C1A CLA YF . -20.77 -22.66 -6.86
C2A CLA YF . -21.52 -22.78 -5.54
C3A CLA YF . -20.49 -22.28 -4.50
C4A CLA YF . -19.19 -22.20 -5.31
CMA CLA YF . -20.90 -20.93 -3.99
CAA CLA YF . -21.96 -24.20 -5.26
CBA CLA YF . -20.81 -25.17 -5.21
CGA CLA YF . -21.17 -26.40 -6.00
O1A CLA YF . -21.19 -27.57 -5.63
O2A CLA YF . -21.50 -26.11 -7.29
NB CLA YF . -16.56 -21.65 -6.64
C1B CLA YF . -16.73 -21.90 -5.32
C2B CLA YF . -15.41 -22.00 -4.63
C3B CLA YF . -14.44 -21.79 -5.60
C4B CLA YF . -15.17 -21.55 -6.89
CMB CLA YF . -15.27 -22.27 -3.20
CAB CLA YF . -13.00 -21.76 -5.52
CBB CLA YF . -12.28 -21.30 -4.50
NC CLA YF . -16.54 -21.65 -9.58
C1C CLA YF . -15.24 -21.31 -9.35
C2C CLA YF . -14.58 -21.05 -10.62
C3C CLA YF . -15.48 -21.37 -11.64
C4C CLA YF . -16.72 -21.74 -10.97
CMC CLA YF . -13.20 -20.60 -10.75
CAC CLA YF . -15.28 -21.25 -13.09
CBC CLA YF . -15.19 -22.60 -13.77
ND CLA YF . -19.25 -22.32 -9.56
C1D CLA YF . -19.11 -22.32 -10.98
C2D CLA YF . -20.42 -22.65 -11.59
C3D CLA YF . -21.30 -22.85 -10.54
C4D CLA YF . -20.52 -22.63 -9.30
CMD CLA YF . -20.64 -22.73 -13.03
CAD CLA YF . -22.66 -23.17 -10.14
OBD CLA YF . -23.65 -23.39 -10.83
CBD CLA YF . -22.69 -23.17 -8.58
CGD CLA YF . -23.68 -22.20 -8.01
O1D CLA YF . -23.77 -20.98 -8.23
O2D CLA YF . -24.58 -22.75 -7.14
CED CLA YF . -25.68 -21.94 -6.75
C1 CLA YF . -21.32 -27.19 -8.23
C2 CLA YF . -21.22 -26.58 -9.58
C3 CLA YF . -22.18 -26.73 -10.51
C4 CLA YF . -23.40 -27.52 -10.24
C5 CLA YF . -22.04 -26.11 -11.86
C6 CLA YF . -20.90 -26.72 -12.64
C7 CLA YF . -20.92 -26.24 -14.08
C8 CLA YF . -19.51 -26.03 -14.61
C9 CLA YF . -19.56 -25.34 -15.97
C10 CLA YF . -18.77 -27.36 -14.73
C11 CLA YF . -17.41 -27.21 -15.36
C12 CLA YF . -16.41 -28.19 -14.77
C13 CLA YF . -15.22 -28.40 -15.69
C14 CLA YF . -14.61 -29.76 -15.47
C15 CLA YF . -14.17 -27.31 -15.50
C16 CLA YF . -14.06 -26.44 -16.74
C17 CLA YF . -12.66 -26.48 -17.31
C18 CLA YF . -12.68 -26.34 -18.83
C19 CLA YF . -11.52 -27.09 -19.46
C20 CLA YF . -12.62 -24.88 -19.24
MG CLA ZF . 1.30 -19.69 -7.35
CHA CLA ZF . 4.63 -19.49 -6.38
CHB CLA ZF . 1.58 -23.07 -7.58
CHC CLA ZF . -2.06 -19.86 -8.04
CHD CLA ZF . 1.06 -16.18 -7.06
NA CLA ZF . 2.88 -21.03 -7.07
C1A CLA ZF . 4.17 -20.76 -6.63
C2A CLA ZF . 4.99 -22.04 -6.51
C3A CLA ZF . 4.04 -23.14 -7.05
C4A CLA ZF . 2.72 -22.38 -7.25
CMA CLA ZF . 4.55 -23.72 -8.34
CAA CLA ZF . 5.31 -22.31 -5.06
CBA CLA ZF . 4.06 -22.22 -4.20
CGA CLA ZF . 4.37 -22.48 -2.76
O1A CLA ZF . 5.31 -23.11 -2.28
O2A CLA ZF . 3.43 -21.97 -1.90
NB CLA ZF . -0.01 -21.17 -7.67
C1B CLA ZF . 0.32 -22.48 -7.82
C2B CLA ZF . -0.86 -23.24 -8.30
C3B CLA ZF . -1.90 -22.35 -8.44
C4B CLA ZF . -1.36 -21.02 -8.05
CMB CLA ZF . -0.79 -24.67 -8.54
CAB CLA ZF . -3.26 -22.53 -8.87
CBB CLA ZF . -3.73 -23.49 -9.67
NC CLA ZF . -0.21 -18.27 -7.54
C1C CLA ZF . -1.52 -18.56 -7.81
C2C CLA ZF . -2.32 -17.36 -7.81
C3C CLA ZF . -1.44 -16.30 -7.57
C4C CLA ZF . -0.12 -16.89 -7.38
CMC CLA ZF . -3.75 -17.33 -8.06
CAC CLA ZF . -1.77 -14.87 -7.46
CBC CLA ZF . -1.89 -14.45 -6.01
ND CLA ZF . 2.55 -18.13 -6.99
C1D CLA ZF . 2.30 -16.74 -6.88
C2D CLA ZF . 3.56 -16.06 -6.50
C3D CLA ZF . 4.50 -17.07 -6.31
C4D CLA ZF . 3.80 -18.34 -6.59
CMD CLA ZF . 3.72 -14.61 -6.37
CAD CLA ZF . 5.87 -17.39 -5.99
OBD CLA ZF . 6.83 -16.65 -5.78
CBD CLA ZF . 5.97 -18.95 -5.92
CGD CLA ZF . 7.16 -19.46 -6.69
O1D CLA ZF . 8.35 -19.34 -6.38
O2D CLA ZF . 6.87 -20.11 -7.84
CED CLA ZF . 7.92 -20.85 -8.47
C1 CLA ZF . 3.23 -22.71 -0.68
C2 CLA ZF . 1.96 -22.22 -0.07
C3 CLA ZF . 1.90 -21.15 0.74
C4 CLA ZF . 3.12 -20.37 1.10
C5 CLA ZF . 0.61 -20.71 1.33
C6 CLA ZF . 0.62 -19.26 1.76
C7 CLA ZF . -0.70 -18.87 2.40
C8 CLA ZF . -1.49 -17.87 1.57
C9 CLA ZF . -0.58 -16.84 0.94
C10 CLA ZF . -2.55 -17.19 2.42
C11 CLA ZF . -3.92 -17.81 2.21
C12 CLA ZF . -4.94 -17.27 3.18
C13 CLA ZF . -6.26 -18.02 3.06
C14 CLA ZF . -7.11 -17.44 1.95
C15 CLA ZF . -7.02 -18.01 4.38
C16 CLA ZF . -7.13 -16.62 4.95
C17 CLA ZF . -8.29 -16.49 5.92
C18 CLA ZF . -7.87 -15.81 7.21
C19 CLA ZF . -9.08 -15.40 8.03
C20 CLA ZF . -6.98 -16.71 8.03
MG CLA AG . 3.27 -6.19 -31.29
CHA CLA AG . 5.23 -7.53 -33.82
CHB CLA AG . 4.13 -3.05 -32.30
CHC CLA AG . 1.26 -4.91 -28.81
CHD CLA AG . 2.50 -9.47 -30.20
NA CLA AG . 4.48 -5.44 -32.81
C1A CLA AG . 5.20 -6.16 -33.78
C2A CLA AG . 5.96 -5.22 -34.71
C3A CLA AG . 5.71 -3.83 -34.10
C4A CLA AG . 4.69 -4.10 -33.00
CMA CLA AG . 6.98 -3.23 -33.54
CAA CLA AG . 5.37 -5.29 -36.10
CBA CLA AG . 4.48 -4.10 -36.40
CGA CLA AG . 3.66 -4.34 -37.63
O1A CLA AG . 3.98 -4.94 -38.66
O2A CLA AG . 2.41 -3.79 -37.56
NB CLA AG . 2.80 -4.33 -30.67
C1B CLA AG . 3.22 -3.17 -31.24
C2B CLA AG . 2.55 -2.01 -30.57
C3B CLA AG . 1.75 -2.53 -29.59
C4B CLA AG . 1.89 -4.01 -29.63
CMB CLA AG . 2.80 -0.64 -30.96
CAB CLA AG . 0.88 -1.86 -28.66
CBB CLA AG . -0.06 -0.99 -28.99
NC CLA AG . 2.11 -7.04 -29.79
C1C CLA AG . 1.37 -6.32 -28.87
C2C CLA AG . 0.68 -7.23 -27.97
C3C CLA AG . 1.03 -8.53 -28.36
C4C CLA AG . 1.92 -8.40 -29.50
CMC CLA AG . -0.20 -6.82 -26.87
CAC CLA AG . 0.58 -9.79 -27.75
CBC CLA AG . -0.59 -10.41 -28.48
ND CLA AG . 3.70 -8.08 -31.83
C1D CLA AG . 3.33 -9.35 -31.30
C2D CLA AG . 3.98 -10.41 -32.09
C3D CLA AG . 4.71 -9.77 -33.07
C4D CLA AG . 4.52 -8.32 -32.87
CMD CLA AG . 3.82 -11.84 -31.83
CAD CLA AG . 5.61 -9.94 -34.20
OBD CLA AG . 6.06 -10.96 -34.69
CBD CLA AG . 5.97 -8.50 -34.71
CGD CLA AG . 7.45 -8.25 -34.69
O1D CLA AG . 8.23 -8.29 -35.65
O2D CLA AG . 7.95 -7.97 -33.46
CED CLA AG . 9.22 -7.32 -33.40
C1 CLA AG . 1.49 -4.13 -38.62
C2 CLA AG . 0.27 -3.32 -38.40
C3 CLA AG . -0.96 -3.81 -38.61
C4 CLA AG . -1.20 -5.19 -39.09
C5 CLA AG . -2.17 -2.96 -38.38
MG CLA BG . 2.40 3.99 -32.11
CHA CLA BG . 5.09 2.42 -33.63
CHB CLA BG . 4.47 6.42 -30.95
CHC CLA BG . -0.31 5.55 -30.71
CHD CLA BG . 0.31 1.36 -33.21
NA CLA BG . 4.45 4.34 -32.29
C1A CLA BG . 5.40 3.58 -32.99
C2A CLA BG . 6.79 4.21 -32.86
C3A CLA BG . 6.58 5.39 -31.89
C4A CLA BG . 5.06 5.41 -31.70
CMA CLA BG . 7.30 5.18 -30.58
CAA CLA BG . 7.25 4.72 -34.21
CBA CLA BG . 6.36 5.85 -34.68
CGA CLA BG . 6.57 6.16 -36.13
O1A CLA BG . 7.41 5.70 -36.90
O2A CLA BG . 5.68 7.09 -36.61
NB CLA BG . 2.13 5.67 -31.04
C1B CLA BG . 3.11 6.54 -30.68
C2B CLA BG . 2.51 7.67 -29.91
C3B CLA BG . 1.16 7.43 -29.83
C4B CLA BG . 0.90 6.15 -30.55
CMB CLA BG . 3.33 8.76 -29.37
CAB CLA BG . 0.09 8.18 -29.20
CBB CLA BG . 0.21 9.03 -28.19
NC CLA BG . 0.36 3.55 -32.01
C1C CLA BG . -0.58 4.33 -31.40
C2C CLA BG . -1.89 3.72 -31.52
C3C CLA BG . -1.72 2.53 -32.23
C4C CLA BG . -0.29 2.43 -32.53
CMC CLA BG . -3.13 4.29 -31.00
CAC CLA BG . -2.75 1.56 -32.62
CBC CLA BG . -2.73 0.29 -31.78
ND CLA BG . 2.58 2.29 -33.18
C1D CLA BG . 1.65 1.27 -33.51
C2D CLA BG . 2.35 0.17 -34.22
C3D CLA BG . 3.66 0.59 -34.35
C4D CLA BG . 3.76 1.89 -33.67
CMD CLA BG . 1.68 -1.05 -34.67
CAD CLA BG . 5.00 0.26 -34.83
OBD CLA BG . 5.38 -0.70 -35.50
CBD CLA BG . 5.96 1.40 -34.36
CGD CLA BG . 7.06 0.89 -33.47
O1D CLA BG . 7.05 0.80 -32.24
O2D CLA BG . 8.16 0.46 -34.14
CED CLA BG . 9.34 0.22 -33.38
C1 CLA BG . 5.09 6.81 -37.89
C2 CLA BG . 4.14 7.92 -38.18
C3 CLA BG . 3.04 7.75 -38.95
C4 CLA BG . 2.71 6.42 -39.54
C5 CLA BG . 2.12 8.87 -39.23
C6 CLA BG . 0.66 8.48 -39.03
C7 CLA BG . -0.23 9.70 -39.07
C8 CLA BG . -1.71 9.34 -39.06
C9 CLA BG . -2.02 8.29 -40.10
C10 CLA BG . -2.58 10.56 -39.29
MG CLA CG . -8.37 14.30 -24.73
CHA CLA CG . -5.17 13.07 -24.23
CHB CLA CG . -8.04 16.29 -21.98
CHC CLA CG . -11.50 15.59 -25.36
CHD CLA CG . -8.68 12.20 -27.56
NA CLA CG . -6.85 14.59 -23.32
C1A CLA CG . -5.59 13.99 -23.29
C2A CLA CG . -4.78 14.47 -22.08
C3A CLA CG . -5.80 15.33 -21.30
C4A CLA CG . -6.99 15.43 -22.26
CMA CLA CG . -6.19 14.68 -20.00
CAA CLA CG . -3.56 15.28 -22.47
CBA CLA CG . -2.75 15.67 -21.26
CGA CLA CG . -2.24 14.45 -20.57
O1A CLA CG . -2.10 13.32 -21.03
O2A CLA CG . -1.91 14.66 -19.26
NB CLA CG . -9.57 15.65 -23.80
C1B CLA CG . -9.19 16.45 -22.77
C2B CLA CG . -10.19 17.53 -22.58
C3B CLA CG . -11.17 17.34 -23.53
C4B CLA CG . -10.80 16.13 -24.31
CMB CLA CG . -10.08 18.56 -21.55
CAB CLA CG . -12.38 18.09 -23.79
CBB CLA CG . -12.49 19.05 -24.71
NC CLA CG . -9.84 13.93 -26.17
C1C CLA CG . -11.05 14.55 -26.22
C2C CLA CG . -11.84 14.03 -27.33
C3C CLA CG . -11.03 13.08 -27.98
C4C CLA CG . -9.77 13.03 -27.24
CMC CLA CG . -13.20 14.45 -27.68
CAC CLA CG . -11.37 12.28 -29.16
CBC CLA CG . -11.99 10.95 -28.78
ND CLA CG . -7.25 12.94 -25.70
C1D CLA CG . -7.50 12.16 -26.86
C2D CLA CG . -6.30 11.32 -27.14
C3D CLA CG . -5.37 11.65 -26.18
C4D CLA CG . -6.02 12.65 -25.30
CMD CLA CG . -6.18 10.38 -28.25
CAD CLA CG . -4.05 11.39 -25.64
OBD CLA CG . -3.18 10.63 -26.05
CBD CLA CG . -3.87 12.31 -24.39
CGD CLA CG . -3.53 11.51 -23.16
O1D CLA CG . -4.30 11.07 -22.31
O2D CLA CG . -2.19 11.29 -23.02
CED CLA CG . -1.79 10.11 -22.32
C1 CLA CG . -1.14 13.60 -18.63
C2 CLA CG . -0.31 14.25 -17.59
C3 CLA CG . 0.95 13.86 -17.34
C4 CLA CG . 1.59 12.76 -18.09
C5 CLA CG . 1.77 14.51 -16.28
C6 CLA CG . 1.13 15.76 -15.72
C7 CLA CG . 2.10 16.46 -14.77
C8 CLA CG . 1.39 17.15 -13.62
C9 CLA CG . 0.39 18.17 -14.15
C10 CLA CG . 2.39 17.82 -12.69
C11 CLA CG . 1.72 18.61 -11.60
C12 CLA CG . 2.67 18.96 -10.48
C13 CLA CG . 2.94 17.76 -9.58
C14 CLA CG . 1.92 17.70 -8.47
C15 CLA CG . 4.34 17.81 -8.98
C16 CLA CG . 4.52 19.05 -8.14
C17 CLA CG . 5.73 18.92 -7.23
C18 CLA CG . 6.76 20.03 -7.46
C19 CLA CG . 6.34 21.32 -6.81
C20 CLA CG . 6.99 20.24 -8.94
MG CLA DG . -12.53 19.58 -17.02
CHA CLA DG . -14.07 22.50 -18.10
CHB CLA DG . -13.21 18.11 -20.01
CHC CLA DG . -10.91 16.76 -15.93
CHD CLA DG . -11.95 21.12 -13.89
NA CLA DG . -13.48 20.22 -18.76
C1A CLA DG . -14.05 21.48 -19.02
C2A CLA DG . -14.62 21.52 -20.44
C3A CLA DG . -14.46 20.07 -20.94
C4A CLA DG . -13.64 19.41 -19.85
CMA CLA DG . -15.81 19.40 -21.13
CAA CLA DG . -13.77 22.46 -21.29
CBA CLA DG . -12.28 22.20 -21.15
CGA CLA DG . -11.53 22.89 -22.25
O1A CLA DG . -11.37 24.10 -22.43
O2A CLA DG . -10.98 22.02 -23.14
NB CLA DG . -12.19 17.76 -17.79
C1B CLA DG . -12.46 17.38 -19.07
C2B CLA DG . -11.84 16.05 -19.35
C3B CLA DG . -11.19 15.67 -18.20
C4B CLA DG . -11.40 16.75 -17.19
CMB CLA DG . -11.95 15.38 -20.64
CAB CLA DG . -10.41 14.49 -17.92
CBB CLA DG . -9.46 13.99 -18.71
NC CLA DG . -11.60 19.05 -15.22
C1C CLA DG . -11.01 17.84 -15.00
C2C CLA DG . -10.46 17.80 -13.65
C3C CLA DG . -10.76 19.03 -13.06
C4C CLA DG . -11.48 19.81 -14.06
CMC CLA DG . -9.75 16.66 -13.08
CAC CLA DG . -10.42 19.46 -11.70
CBC CLA DG . -9.01 20.01 -11.60
ND CLA DG . -12.83 21.40 -16.16
C1D CLA DG . -12.56 21.88 -14.85
C2D CLA DG . -13.05 23.27 -14.75
C3D CLA DG . -13.63 23.56 -15.97
C4D CLA DG . -13.48 22.36 -16.80
CMD CLA DG . -12.92 24.12 -13.57
CAD CLA DG . -14.31 24.57 -16.77
OBD CLA DG . -14.58 25.74 -16.50
CBD CLA DG . -14.67 23.90 -18.13
CGD CLA DG . -16.18 23.92 -18.30
O1D CLA DG . -16.98 24.63 -17.69
O2D CLA DG . -16.67 23.07 -19.23
CED CLA DG . -18.00 22.57 -19.05
C1 CLA DG . -9.72 22.39 -23.73
C2 CLA DG . -9.38 21.29 -24.67
C3 CLA DG . -8.32 21.30 -25.50
C4 CLA DG . -7.36 22.43 -25.54
C5 CLA DG . -8.07 20.15 -26.41
C6 CLA DG . -7.64 18.90 -25.67
C7 CLA DG . -8.30 17.66 -26.23
C8 CLA DG . -7.91 17.41 -27.68
C9 CLA DG . -9.14 17.41 -28.57
C10 CLA DG . -7.16 16.09 -27.83
C11 CLA DG . -7.04 15.67 -29.27
C12 CLA DG . -6.31 14.35 -29.45
C13 CLA DG . -6.27 13.92 -30.91
C14 CLA DG . -7.52 13.14 -31.26
C15 CLA DG . -5.02 13.11 -31.21
C16 CLA DG . -5.02 12.61 -32.64
C17 CLA DG . -4.67 13.71 -33.63
C18 CLA DG . -4.58 13.18 -35.05
C19 CLA DG . -3.51 12.10 -35.16
C20 CLA DG . -4.28 14.30 -36.02
MG CLA EG . -24.28 -10.74 -30.02
CHA CLA EG . -26.75 -13.15 -30.37
CHB CLA EG . -23.46 -12.03 -26.98
CHC CLA EG . -21.72 -8.46 -29.81
CHD CLA EG . -25.18 -9.42 -33.18
NA CLA EG . -25.02 -12.32 -28.87
C1A CLA EG . -26.03 -13.22 -29.21
C2A CLA EG . -26.24 -14.24 -28.08
C3A CLA EG . -25.33 -13.72 -26.96
C4A CLA EG . -24.52 -12.62 -27.63
CMA CLA EG . -26.15 -13.17 -25.83
CAA CLA EG . -25.81 -15.62 -28.55
CBA CLA EG . -24.42 -15.60 -29.15
CGA CLA EG . -24.08 -16.90 -29.80
O1A CLA EG . -24.42 -17.32 -30.91
O2A CLA EG . -23.29 -17.70 -29.03
NB CLA EG . -22.85 -10.33 -28.65
C1B CLA EG . -22.66 -10.99 -27.49
C2B CLA EG . -21.47 -10.42 -26.78
C3B CLA EG . -20.98 -9.42 -27.56
C4B CLA EG . -21.85 -9.33 -28.78
CMB CLA EG . -21.00 -10.91 -25.49
CAB CLA EG . -19.85 -8.56 -27.35
CBB CLA EG . -19.91 -7.23 -27.21
NC CLA EG . -23.60 -9.20 -31.26
C1C CLA EG . -22.54 -8.39 -30.96
C2C CLA EG . -22.33 -7.44 -32.05
C3C CLA EG . -23.30 -7.72 -33.02
C4C CLA EG . -24.10 -8.83 -32.51
CMC CLA EG . -21.28 -6.41 -32.08
CAC CLA EG . -23.49 -7.02 -34.30
CBC CLA EG . -22.93 -7.83 -35.45
ND CLA EG . -25.67 -11.08 -31.44
C1D CLA EG . -25.93 -10.47 -32.69
C2D CLA EG . -27.08 -11.16 -33.34
C3D CLA EG . -27.44 -12.19 -32.49
C4D CLA EG . -26.52 -12.11 -31.33
CMD CLA EG . -27.66 -10.78 -34.62
CAD CLA EG . -28.35 -13.29 -32.23
OBD CLA EG . -29.33 -13.66 -32.88
CBD CLA EG . -27.89 -13.97 -30.91
CGD CLA EG . -29.01 -14.11 -29.90
O1D CLA EG . -29.52 -13.22 -29.22
O2D CLA EG . -29.46 -15.38 -29.74
CED CLA EG . -30.77 -15.57 -29.22
C1 CLA EG . -21.88 -17.75 -29.37
C2 CLA EG . -21.25 -18.69 -28.41
C3 CLA EG . -19.92 -18.77 -28.23
C4 CLA EG . -18.97 -17.93 -29.00
C5 CLA EG . -19.33 -19.72 -27.25
MG CLA FG . -28.58 -16.75 -36.47
CHA CLA FG . -30.06 -19.79 -35.67
CHB CLA FG . -26.83 -16.84 -33.56
CHC CLA FG . -27.17 -13.74 -37.32
CHD CLA FG . -30.54 -16.64 -39.42
NA CLA FG . -28.47 -18.11 -34.90
C1A CLA FG . -29.17 -19.32 -34.75
C2A CLA FG . -28.79 -20.01 -33.43
C3A CLA FG . -27.83 -18.99 -32.75
C4A CLA FG . -27.67 -17.90 -33.80
CMA CLA FG . -28.41 -18.47 -31.46
CAA CLA FG . -28.05 -21.31 -33.70
CBA CLA FG . -26.86 -21.08 -34.62
CGA CLA FG . -26.19 -22.38 -34.94
O1A CLA FG . -26.57 -23.52 -34.68
O2A CLA FG . -25.01 -22.21 -35.60
NB CLA FG . -27.30 -15.49 -35.57
C1B CLA FG . -26.61 -15.76 -34.44
C2B CLA FG . -25.55 -14.73 -34.23
C3B CLA FG . -25.63 -13.86 -35.28
C4B CLA FG . -26.75 -14.32 -36.16
CMB CLA FG . -24.64 -14.76 -33.08
CAB CLA FG . -24.84 -12.70 -35.57
CBB CLA FG . -24.08 -12.53 -36.66
NC CLA FG . -28.81 -15.44 -38.09
C1C CLA FG . -28.13 -14.26 -38.23
C2C CLA FG . -28.55 -13.60 -39.46
C3C CLA FG . -29.50 -14.42 -40.06
C4C CLA FG . -29.67 -15.57 -39.18
CMC CLA FG . -28.02 -12.32 -39.93
CAC CLA FG . -30.21 -14.17 -41.31
CBC CLA FG . -29.67 -14.98 -42.47
ND CLA FG . -29.89 -17.95 -37.44
C1D CLA FG . -30.67 -17.76 -38.62
C2D CLA FG . -31.56 -18.92 -38.81
C3D CLA FG . -31.35 -19.75 -37.72
C4D CLA FG . -30.33 -19.07 -36.89
CMD CLA FG . -32.47 -19.11 -39.94
CAD CLA FG . -31.71 -20.98 -37.06
OBD CLA FG . -32.45 -21.89 -37.44
CBD CLA FG . -30.97 -21.00 -35.69
CGD CLA FG . -31.96 -20.95 -34.57
O1D CLA FG . -33.15 -20.62 -34.62
O2D CLA FG . -31.45 -21.32 -33.36
CED CLA FG . -32.33 -21.96 -32.45
MG CLA GG . -20.63 -4.96 -18.92
CHA CLA GG . -22.43 -4.88 -21.88
CHB CLA GG . -17.73 -5.08 -20.67
CHC CLA GG . -18.91 -5.03 -15.94
CHD CLA GG . -23.70 -4.90 -17.13
NA CLA GG . -20.17 -4.97 -20.95
C1A CLA GG . -21.06 -4.93 -22.04
C2A CLA GG . -20.30 -4.98 -23.37
C3A CLA GG . -18.82 -5.08 -22.94
C4A CLA GG . -18.89 -5.03 -21.42
CMA CLA GG . -18.20 -6.37 -23.42
CAA CLA GG . -20.51 -3.75 -24.25
CBA CLA GG . -20.47 -4.17 -25.71
CGA CLA GG . -20.17 -3.02 -26.60
O1A CLA GG . -20.59 -1.86 -26.54
O2A CLA GG . -19.32 -3.33 -27.63
NB CLA GG . -18.69 -5.04 -18.40
C1B CLA GG . -17.64 -5.05 -19.27
C2B CLA GG . -16.36 -5.04 -18.51
C3B CLA GG . -16.69 -5.03 -17.17
C4B CLA GG . -18.18 -5.04 -17.09
CMB CLA GG . -15.06 -5.04 -19.17
CAB CLA GG . -15.88 -5.01 -15.98
CBB CLA GG . -14.67 -5.56 -15.86
NC CLA GG . -21.21 -4.96 -16.90
C1C CLA GG . -20.34 -5.00 -15.85
C2C CLA GG . -21.07 -5.01 -14.60
C3C CLA GG . -22.43 -4.97 -14.92
C4C CLA GG . -22.50 -4.94 -16.38
CMC CLA GG . -20.46 -5.06 -13.27
CAC CLA GG . -23.56 -4.97 -13.99
CBC CLA GG . -24.25 -3.63 -13.92
ND CLA GG . -22.61 -4.88 -19.33
C1D CLA GG . -23.77 -4.87 -18.51
C2D CLA GG . -24.98 -4.84 -19.36
C3D CLA GG . -24.52 -4.84 -20.67
C4D CLA GG . -23.04 -4.88 -20.60
CMD CLA GG . -26.35 -4.81 -18.87
CAD CLA GG . -24.88 -4.83 -22.07
OBD CLA GG . -25.99 -4.83 -22.58
CBD CLA GG . -23.55 -4.87 -22.89
CGD CLA GG . -23.49 -6.07 -23.79
O1D CLA GG . -23.39 -6.08 -25.03
O2D CLA GG . -23.55 -7.25 -23.14
CED CLA GG . -23.11 -8.43 -23.82
C1 CLA GG . -19.68 -2.85 -28.94
C2 CLA GG . -18.57 -3.18 -29.86
C3 CLA GG . -18.66 -3.03 -31.19
C4 CLA GG . -19.89 -2.52 -31.83
C5 CLA GG . -17.52 -3.37 -32.08
C6 CLA GG . -17.96 -4.01 -33.39
MG CLA HG . -14.82 2.98 -25.57
CHA CLA HG . -17.77 1.23 -25.07
CHB CLA HG . -13.10 0.53 -23.94
CHC CLA HG . -11.90 4.67 -26.23
CHD CLA HG . -16.64 5.48 -27.29
NA CLA HG . -15.37 1.19 -24.65
C1A CLA HG . -16.66 0.64 -24.55
C2A CLA HG . -16.63 -0.69 -23.81
C3A CLA HG . -15.15 -0.82 -23.36
C4A CLA HG . -14.47 0.37 -24.03
CMA CLA HG . -15.01 -0.81 -21.86
CAA CLA HG . -17.00 -1.82 -24.75
CBA CLA HG . -16.06 -1.92 -25.94
CGA CLA HG . -16.54 -1.11 -27.09
O1A CLA HG . -17.69 -0.86 -27.44
O2A CLA HG . -15.51 -0.60 -27.85
NB CLA HG . -12.87 2.65 -25.17
C1B CLA HG . -12.37 1.59 -24.50
C2B CLA HG . -10.89 1.70 -24.42
C3B CLA HG . -10.53 2.87 -25.06
C4B CLA HG . -11.81 3.50 -25.54
CMB CLA HG . -10.06 0.70 -23.74
CAB CLA HG . -9.25 3.49 -25.29
CBB CLA HG . -8.09 2.86 -25.49
NC CLA HG . -14.37 4.77 -26.55
C1C CLA HG . -13.10 5.27 -26.68
C2C CLA HG . -13.15 6.53 -27.42
C3C CLA HG . -14.50 6.76 -27.74
C4C CLA HG . -15.25 5.65 -27.18
CMC CLA HG . -11.99 7.36 -27.76
CAC CLA HG . -15.05 7.91 -28.47
CBC CLA HG . -15.33 7.57 -29.92
ND CLA HG . -16.76 3.37 -26.03
C1D CLA HG . -17.37 4.43 -26.76
C2D CLA HG . -18.82 4.17 -26.84
C3D CLA HG . -19.03 2.95 -26.21
C4D CLA HG . -17.71 2.50 -25.75
CMD CLA HG . -19.78 5.06 -27.50
CAD CLA HG . -20.01 1.95 -25.82
OBD CLA HG . -21.22 1.92 -26.00
CBD CLA HG . -19.23 0.81 -25.11
CGD CLA HG . -19.76 0.47 -23.74
O1D CLA HG . -19.91 -0.67 -23.27
O2D CLA HG . -20.10 1.54 -22.98
CED CLA HG . -20.71 1.27 -21.71
C1 CLA HG . -15.54 0.83 -28.08
C2 CLA HG . -15.54 1.02 -29.55
C3 CLA HG . -14.80 1.97 -30.16
C4 CLA HG . -14.82 2.13 -31.64
C5 CLA HG . -13.92 2.88 -29.38
C6 CLA HG . -12.89 3.61 -30.21
C7 CLA HG . -11.57 2.87 -30.23
C8 CLA HG . -10.47 3.69 -30.90
C9 CLA HG . -9.58 2.80 -31.75
C10 CLA HG . -9.65 4.44 -29.86
C11 CLA HG . -8.62 5.34 -30.52
C12 CLA HG . -8.02 6.30 -29.53
C13 CLA HG . -7.40 7.50 -30.25
C14 CLA HG . -8.45 8.26 -31.03
C15 CLA HG . -6.27 7.03 -31.18
C16 CLA HG . -5.81 8.15 -32.09
C17 CLA HG . -4.49 8.76 -31.66
C18 CLA HG . -3.29 7.96 -32.17
C19 CLA HG . -2.03 8.80 -32.13
C20 CLA HG . -3.52 7.45 -33.57
MG CLA IG . -6.48 -2.88 -25.46
CHA CLA IG . -9.66 -3.91 -24.57
CHB CLA IG . -5.14 -5.37 -23.57
CHC CLA IG . -3.35 -1.79 -26.34
CHD CLA IG . -7.92 -0.21 -27.28
NA CLA IG . -7.30 -4.40 -24.28
C1A CLA IG . -8.65 -4.66 -24.02
C2A CLA IG . -8.81 -5.86 -23.09
C3A CLA IG . -7.35 -6.27 -22.77
C4A CLA IG . -6.52 -5.28 -23.59
CMA CLA IG . -7.03 -6.18 -21.30
CAA CLA IG . -9.59 -7.01 -23.70
CBA CLA IG . -9.11 -7.39 -25.09
CGA CLA IG . -10.15 -8.27 -25.71
O1A CLA IG . -11.37 -8.09 -25.77
O2A CLA IG . -9.62 -9.40 -26.27
NB CLA IG . -4.60 -3.41 -24.96
C1B CLA IG . -4.26 -4.53 -24.28
C2B CLA IG . -2.79 -4.77 -24.36
C3B CLA IG . -2.28 -3.76 -25.15
C4B CLA IG . -3.42 -2.89 -25.55
CMB CLA IG . -2.13 -5.91 -23.74
CAB CLA IG . -0.92 -3.55 -25.57
CBB CLA IG . -0.25 -2.40 -25.50
NC CLA IG . -5.77 -1.29 -26.63
C1C CLA IG . -4.45 -1.04 -26.86
C2C CLA IG . -4.31 0.13 -27.72
C3C CLA IG . -5.60 0.60 -27.97
C4C CLA IG . -6.51 -0.31 -27.26
CMC CLA IG . -3.04 0.67 -28.20
CAC CLA IG . -5.99 1.77 -28.78
CBC CLA IG . -6.47 1.37 -30.16
ND CLA IG . -8.33 -2.26 -25.99
C1D CLA IG . -8.78 -1.11 -26.69
C2D CLA IG . -10.26 -1.09 -26.69
C3D CLA IG . -10.65 -2.17 -25.91
C4D CLA IG . -9.41 -2.82 -25.46
CMD CLA IG . -11.09 -0.10 -27.38
CAD CLA IG . -11.77 -2.93 -25.38
OBD CLA IG . -12.97 -2.82 -25.60
CBD CLA IG . -11.17 -3.97 -24.40
CGD CLA IG . -11.56 -3.68 -22.98
O1D CLA IG . -11.74 -2.57 -22.46
O2D CLA IG . -11.73 -4.78 -22.19
CED CLA IG . -11.81 -4.59 -20.79
C1 CLA IG . -10.57 -10.40 -26.72
C2 CLA IG . -10.96 -10.04 -28.10
C3 CLA IG . -12.25 -9.92 -28.47
C4 CLA IG . -13.36 -10.15 -27.52
C5 CLA IG . -12.62 -9.56 -29.87
C6 CLA IG . -11.93 -10.41 -30.91
C7 CLA IG . -12.75 -10.42 -32.19
C8 CLA IG . -12.03 -11.06 -33.37
C9 CLA IG . -12.99 -11.25 -34.53
C10 CLA IG . -11.40 -12.39 -32.97
C11 CLA IG . -11.15 -13.31 -34.15
C12 CLA IG . -10.06 -14.32 -33.87
C13 CLA IG . -10.08 -15.46 -34.88
C14 CLA IG . -9.72 -14.97 -36.26
C15 CLA IG . -11.44 -16.16 -34.91
C16 CLA IG . -11.46 -17.38 -34.01
C17 CLA IG . -12.07 -17.08 -32.65
C18 CLA IG . -12.02 -18.28 -31.72
C19 CLA IG . -12.41 -19.55 -32.45
C20 CLA IG . -12.92 -18.06 -30.53
MG CLA JG . 9.27 -12.76 24.81
CHA CLA JG . 9.61 -9.37 25.44
CHB CLA JG . 10.11 -13.44 28.05
CHC CLA JG . 8.72 -16.09 24.20
CHD CLA JG . 8.45 -12.00 21.46
NA CLA JG . 9.79 -11.58 26.45
C1A CLA JG . 9.86 -10.19 26.51
C2A CLA JG . 10.27 -9.72 27.91
C3A CLA JG . 10.61 -11.04 28.62
C4A CLA JG . 10.13 -12.11 27.65
CMA CLA JG . 12.11 -11.16 28.76
CAA CLA JG . 9.10 -9.03 28.61
CBA CLA JG . 7.85 -9.88 28.67
CGA CLA JG . 7.00 -9.66 27.46
O1A CLA JG . 6.78 -8.61 26.87
O2A CLA JG . 6.41 -10.80 26.97
NB CLA JG . 9.35 -14.45 25.93
C1B CLA JG . 9.72 -14.51 27.22
C2B CLA JG . 9.74 -15.93 27.68
C3B CLA JG . 9.34 -16.69 26.60
C4B CLA JG . 9.10 -15.75 25.47
CMB CLA JG . 10.11 -16.34 29.03
CAB CLA JG . 9.21 -18.12 26.50
CBB CLA JG . 8.08 -18.78 26.24
NC CLA JG . 8.72 -13.86 23.12
C1C CLA JG . 8.55 -15.21 23.09
C2C CLA JG . 8.14 -15.62 21.76
C3C CLA JG . 8.07 -14.48 20.97
C4C CLA JG . 8.43 -13.36 21.84
CMC CLA JG . 7.87 -17.01 21.37
CAC CLA JG . 7.68 -14.39 19.56
CBC CLA JG . 6.27 -13.90 19.37
ND CLA JG . 9.17 -11.12 23.63
C1D CLA JG . 8.78 -10.95 22.28
C2D CLA JG . 8.80 -9.50 21.96
C3D CLA JG . 9.12 -8.85 23.14
C4D CLA JG . 9.31 -9.90 24.15
CMD CLA JG . 8.51 -8.94 20.63
CAD CLA JG . 9.37 -7.57 23.78
OBD CLA JG . 9.39 -6.45 23.30
CBD CLA JG . 9.62 -7.86 25.29
CGD CLA JG . 10.90 -7.26 25.80
O1D CLA JG . 12.02 -7.30 25.26
O2D CLA JG . 10.77 -6.60 26.98
CED CLA JG . 11.91 -6.56 27.85
C1 CLA JG . 6.26 -10.83 25.54
C2 CLA JG . 5.48 -12.05 25.19
C3 CLA JG . 4.87 -12.18 24.00
C4 CLA JG . 4.93 -11.11 22.97
C5 CLA JG . 4.08 -13.39 23.65
C6 CLA JG . 4.91 -14.66 23.67
C7 CLA JG . 4.23 -15.75 22.87
C8 CLA JG . 4.02 -17.04 23.66
C9 CLA JG . 3.00 -16.83 24.77
C10 CLA JG . 5.33 -17.54 24.24
C11 CLA JG . 5.74 -18.86 23.62
C12 CLA JG . 5.38 -20.04 24.49
C13 CLA JG . 6.24 -21.25 24.16
C14 CLA JG . 5.80 -21.86 22.84
C15 CLA JG . 6.22 -22.29 25.27
C16 CLA JG . 7.00 -23.52 24.87
C17 CLA JG . 7.71 -24.15 26.06
C18 CLA JG . 7.43 -25.64 26.15
C19 CLA JG . 8.06 -26.24 27.39
C20 CLA JG . 7.92 -26.36 24.92
MG CLA KG . -0.99 -12.93 10.05
CHA CLA KG . 0.41 -14.56 7.34
CHB CLA KG . -4.11 -13.60 8.84
CHC CLA KG . -2.33 -11.40 12.82
CHD CLA KG . 2.26 -12.18 11.22
NA CLA KG . -1.70 -13.92 8.35
C1A CLA KG . -0.96 -14.54 7.34
C2A CLA KG . -1.87 -15.14 6.28
C3A CLA KG . -3.28 -14.71 6.72
C4A CLA KG . -3.05 -14.03 8.08
CMA CLA KG . -3.92 -13.78 5.72
CAA CLA KG . -1.76 -16.66 6.29
CBA CLA KG . -1.71 -17.20 7.69
CGA CLA KG . -2.87 -18.09 7.96
O1A CLA KG . -4.03 -18.00 7.55
O2A CLA KG . -2.55 -19.15 8.76
NB CLA KG . -2.86 -12.54 10.69
C1B CLA KG . -4.01 -12.95 10.08
C2B CLA KG . -5.20 -12.58 10.92
C3B CLA KG . -4.70 -11.95 12.04
C4B CLA KG . -3.22 -11.92 11.92
CMB CLA KG . -6.57 -12.88 10.53
CAB CLA KG . -5.43 -11.42 13.17
CBB CLA KG . -5.23 -10.24 13.76
NC CLA KG . -0.17 -11.96 11.71
C1C CLA KG . -0.91 -11.40 12.72
C2C CLA KG . -0.02 -10.82 13.72
C3C CLA KG . 1.28 -11.03 13.26
C4C CLA KG . 1.17 -11.74 12.00
CMC CLA KG . -0.46 -10.14 14.94
CAC CLA KG . 2.54 -10.62 13.92
CBC CLA KG . 3.09 -9.32 13.38
ND CLA KG . 0.91 -13.27 9.48
C1D CLA KG . 2.15 -12.89 10.04
C2D CLA KG . 3.25 -13.40 9.18
C3D CLA KG . 2.64 -14.07 8.15
C4D CLA KG . 1.18 -13.95 8.37
CMD CLA KG . 4.67 -13.21 9.45
CAD CLA KG . 2.82 -14.82 6.92
OBD CLA KG . 3.87 -15.19 6.38
CBD CLA KG . 1.41 -15.14 6.35
CGD CLA KG . 1.22 -14.56 4.98
O1D CLA KG . 0.44 -13.67 4.64
O2D CLA KG . 2.04 -15.11 4.03
CED CLA KG . 1.90 -14.66 2.68
C1 CLA KG . -3.63 -19.75 9.51
C2 CLA KG . -3.08 -21.01 10.07
C3 CLA KG . -3.87 -21.98 10.55
C4 CLA KG . -5.34 -21.88 10.54
C5 CLA KG . -3.28 -23.24 11.10
C6 CLA KG . -3.70 -23.51 12.52
C7 CLA KG . -3.15 -22.45 13.47
C8 CLA KG . -3.67 -22.63 14.89
C9 CLA KG . -3.12 -23.91 15.48
C10 CLA KG . -5.19 -22.65 14.90
C11 CLA KG . -5.72 -22.97 16.28
C12 CLA KG . -7.01 -22.22 16.59
C13 CLA KG . -7.33 -22.29 18.07
C14 CLA KG . -8.56 -23.13 18.31
C15 CLA KG . -7.52 -20.90 18.67
C16 CLA KG . -6.88 -20.82 20.04
C17 CLA KG . -7.11 -19.48 20.70
C18 CLA KG . -6.42 -19.40 22.05
C19 CLA KG . -6.61 -18.04 22.69
C20 CLA KG . -6.93 -20.49 22.98
C1 PQN LG . 7.27 -5.60 9.51
O1 PQN LG . 6.41 -4.69 9.47
C2 PQN LG . 7.42 -6.42 10.73
C2M PQN LG . 6.54 -6.15 11.91
C3 PQN LG . 8.44 -7.49 10.77
C4 PQN LG . 9.31 -7.74 9.59
O4 PQN LG . 10.17 -8.65 9.62
C5 PQN LG . 9.16 -6.91 8.37
C6 PQN LG . 9.96 -7.13 7.25
C7 PQN LG . 9.79 -6.33 6.12
C8 PQN LG . 8.83 -5.32 6.08
C9 PQN LG . 8.01 -5.08 7.18
C10 PQN LG . 8.14 -5.84 8.33
C11 PQN LG . 8.60 -8.35 12.01
C12 PQN LG . 7.55 -9.43 11.95
C13 PQN LG . 7.75 -10.67 12.43
C14 PQN LG . 9.06 -11.03 13.07
C15 PQN LG . 6.64 -11.67 12.30
C16 PQN LG . 6.41 -12.41 13.63
C17 PQN LG . 5.33 -13.47 13.43
C18 PQN LG . 5.07 -14.27 14.70
C19 PQN LG . 6.38 -14.68 15.35
C20 PQN LG . 4.24 -15.49 14.33
C21 PQN LG . 2.81 -15.11 13.97
C22 PQN LG . 1.98 -14.85 15.21
C23 PQN LG . 0.53 -14.55 14.86
C24 PQN LG . -0.28 -14.28 16.12
C25 PQN LG . -0.06 -15.72 14.07
C26 PQN LG . -0.97 -15.22 12.94
C27 PQN LG . -2.43 -15.15 13.36
C28 PQN LG . -3.21 -16.37 12.86
C29 PQN LG . -4.70 -16.21 13.11
C30 PQN LG . -2.94 -16.62 11.38
MG CLA MG . -1.49 -13.47 -42.16
CHA CLA MG . -0.68 -11.24 -44.69
CHB CLA MG . -3.29 -11.03 -40.60
CHC CLA MG . -2.55 -15.80 -39.87
CHD CLA MG . 0.30 -15.99 -43.89
NA CLA MG . -1.84 -11.45 -42.56
C1A CLA MG . -1.44 -10.71 -43.68
C2A CLA MG . -1.93 -9.27 -43.59
C3A CLA MG . -2.58 -9.19 -42.19
C4A CLA MG . -2.59 -10.65 -41.73
CMA CLA MG . -1.83 -8.28 -41.26
CAA CLA MG . -2.96 -9.02 -44.68
CBA CLA MG . -3.63 -7.67 -44.54
CGA CLA MG . -4.40 -7.39 -45.80
O1A CLA MG . -5.14 -8.14 -46.43
O2A CLA MG . -4.19 -6.12 -46.27
NB CLA MG . -2.68 -13.42 -40.54
C1B CLA MG . -3.37 -12.34 -40.09
C2B CLA MG . -4.23 -12.72 -38.94
C3B CLA MG . -4.02 -14.07 -38.72
C4B CLA MG . -3.02 -14.53 -39.74
CMB CLA MG . -5.08 -11.76 -38.24
CAB CLA MG . -4.57 -15.00 -37.75
CBB CLA MG . -5.39 -14.72 -36.74
NC CLA MG . -1.12 -15.50 -41.89
C1C CLA MG . -1.64 -16.26 -40.87
C2C CLA MG . -1.19 -17.64 -41.00
C3C CLA MG . -0.40 -17.70 -42.15
C4C CLA MG . -0.37 -16.35 -42.71
CMC CLA MG . -1.54 -18.72 -40.08
CAC CLA MG . 0.27 -18.89 -42.72
CBC CLA MG . -0.31 -19.31 -44.05
ND CLA MG . -0.30 -13.60 -43.80
C1D CLA MG . 0.33 -14.72 -44.42
C2D CLA MG . 0.98 -14.26 -45.67
C3D CLA MG . 0.62 -12.94 -45.83
C4D CLA MG . -0.20 -12.59 -44.66
CMD CLA MG . 1.80 -15.11 -46.54
CAD CLA MG . 0.76 -11.74 -46.63
OBD CLA MG . 1.45 -11.55 -47.63
CBD CLA MG . -0.17 -10.66 -46.00
CGD CLA MG . 0.50 -9.32 -45.84
O1D CLA MG . -0.03 -8.21 -45.87
O2D CLA MG . 1.85 -9.40 -45.66
CED CLA MG . 2.57 -8.16 -45.69
C1 CLA MG . -5.37 -5.42 -46.71
C2 CLA MG . -5.05 -3.97 -46.63
C3 CLA MG . -5.99 -3.02 -46.68
C4 CLA MG . -7.44 -3.34 -46.81
C5 CLA MG . -5.64 -1.57 -46.61
C6 CLA MG . -4.14 -1.34 -46.53
C7 CLA MG . -3.84 0.14 -46.59
C8 CLA MG . -2.37 0.42 -46.83
C9 CLA MG . -1.49 -0.55 -46.07
C10 CLA MG . -2.02 1.86 -46.43
C11 CLA MG . -1.34 2.60 -47.56
C12 CLA MG . -1.21 4.08 -47.25
C13 CLA MG . -2.36 4.87 -47.87
C14 CLA MG . -1.82 5.95 -48.79
C15 CLA MG . -3.29 5.50 -46.83
C16 CLA MG . -2.77 5.39 -45.41
C17 CLA MG . -3.69 6.12 -44.44
C18 CLA MG . -4.76 5.20 -43.89
C19 CLA MG . -6.09 5.92 -43.77
C20 CLA MG . -4.34 4.67 -42.54
O1 LHG NG . 15.20 -20.63 0.71
C1 LHG NG . 14.89 -19.67 -0.25
C2 LHG NG . 13.48 -19.18 -0.01
O2 LHG NG . 12.61 -19.79 -0.88
C3 LHG NG . 13.41 -17.66 -0.22
O3 LHG NG . 12.49 -17.14 0.68
P LHG NG . 11.77 -15.70 0.32
O4 LHG NG . 11.92 -15.43 -1.15
O5 LHG NG . 12.42 -14.60 1.12
O6 LHG NG . 10.14 -15.79 0.70
C4 LHG NG . 9.28 -14.84 0.08
C5 LHG NG . 7.82 -15.19 0.43
C6 LHG NG . 7.09 -15.60 -0.83
O7 LHG NG . 7.79 -16.25 1.36
C7 LHG NG . 6.71 -16.18 2.24
O9 LHG NG . 6.03 -15.21 2.27
C8 LHG NG . 6.37 -17.38 3.17
C9 LHG NG . 4.96 -17.21 3.78
C10 LHG NG . 4.30 -18.58 4.09
O8 LHG NG . 6.65 -16.91 -0.69
C23 LHG NG . 6.17 -17.48 -1.88
O10 LHG NG . 6.51 -17.02 -2.93
C24 LHG NG . 5.21 -18.68 -1.82
C11 LHG NG . 4.10 -18.81 5.62
C12 LHG NG . 2.80 -19.63 5.92
C13 LHG NG . 2.39 -19.57 7.43
C14 LHG NG . 1.21 -20.52 7.74
C15 LHG NG . 0.56 -21.13 6.46
C16 LHG NG . -0.90 -20.69 6.27
C17 LHG NG . -1.71 -21.73 5.50
C18 LHG NG . -2.97 -21.14 4.87
C19 LHG NG . -3.99 -22.21 4.53
C20 LHG NG . -5.02 -21.72 3.51
C21 LHG NG . -6.22 -22.67 3.40
C25 LHG NG . 3.78 -18.20 -1.61
C26 LHG NG . 3.51 -16.90 -1.85
C27 LHG NG . 2.07 -16.32 -1.64
C28 LHG NG . 2.11 -14.82 -1.27
C29 LHG NG . 1.86 -13.90 -2.50
C30 LHG NG . 0.55 -13.08 -2.37
C31 LHG NG . -0.43 -13.72 -1.38
C32 LHG NG . -1.90 -13.25 -1.59
C33 LHG NG . -2.83 -13.79 -0.49
C34 LHG NG . -4.29 -13.30 -0.69
C35 LHG NG . -5.20 -13.69 0.49
C36 LHG NG . -6.51 -12.92 0.46
C37 LHG NG . -7.71 -13.79 0.91
C38 LHG NG . -9.04 -13.04 0.75
O1 LHG OG . -0.15 -15.97 -35.83
C1 LHG OG . -0.19 -16.49 -37.13
C2 LHG OG . 1.14 -16.15 -37.78
O2 LHG OG . 1.98 -15.62 -36.82
C3 LHG OG . 0.91 -15.13 -38.90
O3 LHG OG . 0.86 -13.87 -38.31
P LHG OG . 1.43 -12.59 -39.18
O4 LHG OG . 0.84 -12.64 -40.57
O5 LHG OG . 2.93 -12.68 -39.27
O6 LHG OG . 0.98 -11.18 -38.43
C4 LHG OG . -0.19 -10.51 -38.90
C5 LHG OG . -0.63 -9.49 -37.83
C6 LHG OG . -2.09 -9.72 -37.50
O7 LHG OG . 0.15 -9.69 -36.68
C7 LHG OG . 1.02 -8.62 -36.41
O9 LHG OG . 1.54 -8.04 -37.29
C8 LHG OG . 1.28 -8.17 -34.94
C9 LHG OG . 1.32 -6.65 -34.80
C10 LHG OG . 0.43 -6.12 -33.65
O8 LHG OG . -2.71 -8.48 -37.39
C23 LHG OG . -3.05 -8.16 -36.07
O10 LHG OG . -3.13 -9.02 -35.25
C24 LHG OG . -3.33 -6.69 -35.67
C11 LHG OG . 0.22 -4.59 -33.72
C12 LHG OG . -0.84 -4.08 -32.69
C13 LHG OG . -1.75 -2.95 -33.27
C25 LHG OG . -4.42 -6.59 -34.61
C1 BCR PG . -20.73 -37.19 -5.53
C2 BCR PG . -19.91 -36.05 -4.94
C3 BCR PG . -20.76 -34.83 -4.59
C4 BCR PG . -21.43 -34.33 -5.85
C5 BCR PG . -22.30 -35.43 -6.40
C6 BCR PG . -21.89 -36.72 -6.39
C7 BCR PG . -22.59 -37.72 -7.21
C8 BCR PG . -22.41 -37.80 -8.52
C9 BCR PG . -23.11 -38.82 -9.33
C10 BCR PG . -22.77 -38.96 -10.61
C11 BCR PG . -23.39 -39.95 -11.48
C33 BCR PG . -23.65 -35.08 -6.95
C31 BCR PG . -21.31 -38.05 -4.42
C32 BCR PG . -19.79 -38.05 -6.38
C34 BCR PG . -24.17 -39.67 -8.72
C12 BCR PG . -22.95 -40.03 -12.74
C13 BCR PG . -23.49 -41.00 -13.71
C14 BCR PG . -23.01 -40.99 -14.95
C15 BCR PG . -23.47 -41.91 -15.98
C16 BCR PG . -22.93 -41.83 -17.20
C17 BCR PG . -23.34 -42.73 -18.27
C18 BCR PG . -22.90 -42.52 -19.52
C19 BCR PG . -23.31 -43.43 -20.60
C20 BCR PG . -22.94 -43.21 -21.86
C21 BCR PG . -23.35 -44.15 -22.89
C22 BCR PG . -23.03 -43.98 -24.18
C23 BCR PG . -23.47 -44.98 -25.16
C24 BCR PG . -23.46 -44.70 -26.47
C25 BCR PG . -23.90 -45.73 -27.45
C26 BCR PG . -23.10 -46.77 -27.71
C27 BCR PG . -23.61 -48.05 -28.34
C28 BCR PG . -25.13 -47.99 -28.46
C29 BCR PG . -25.53 -46.68 -29.10
C30 BCR PG . -25.23 -45.53 -28.14
C35 BCR PG . -24.57 -41.97 -13.31
C36 BCR PG . -22.01 -41.35 -19.83
C37 BCR PG . -22.24 -42.79 -24.61
C38 BCR PG . -21.63 -46.68 -27.42
C39 BCR PG . -26.33 -45.48 -27.08
C40 BCR PG . -25.18 -44.21 -28.90
C1 BCR QG . -16.69 -26.47 -7.77
C2 BCR QG . -15.30 -25.99 -7.35
C3 BCR QG . -14.81 -24.86 -8.23
C4 BCR QG . -14.70 -25.34 -9.67
C5 BCR QG . -16.06 -25.85 -10.10
C6 BCR QG . -16.82 -26.58 -9.27
C7 BCR QG . -17.82 -27.51 -9.82
C8 BCR QG . -17.39 -28.59 -10.48
C9 BCR QG . -18.33 -29.57 -11.05
C10 BCR QG . -17.87 -30.40 -11.98
C11 BCR QG . -18.72 -31.41 -12.58
C33 BCR QG . -16.54 -25.49 -11.48
C31 BCR QG . -17.75 -25.49 -7.27
C32 BCR QG . -16.95 -27.84 -7.15
C34 BCR QG . -19.76 -29.64 -10.59
C12 BCR QG . -18.09 -32.40 -13.21
C13 BCR QG . -18.82 -33.49 -13.85
C14 BCR QG . -18.12 -34.48 -14.40
C15 BCR QG . -18.77 -35.61 -15.04
C16 BCR QG . -18.02 -36.59 -15.55
C17 BCR QG . -18.68 -37.71 -16.18
C18 BCR QG . -17.96 -38.73 -16.68
C19 BCR QG . -18.70 -39.84 -17.31
C20 BCR QG . -18.10 -40.97 -17.64
C21 BCR QG . -18.94 -42.00 -18.26
C22 BCR QG . -18.44 -43.09 -18.82
C23 BCR QG . -19.38 -44.06 -19.41
C24 BCR QG . -18.97 -45.25 -19.83
C25 BCR QG . -19.91 -46.22 -20.43
C26 BCR QG . -20.90 -46.77 -19.70
C27 BCR QG . -22.07 -47.47 -20.34
C28 BCR QG . -22.08 -47.22 -21.84
C29 BCR QG . -20.71 -47.54 -22.41
C30 BCR QG . -19.68 -46.56 -21.88
C35 BCR QG . -20.32 -33.52 -13.87
C36 BCR QG . -16.47 -38.72 -16.62
C37 BCR QG . -16.96 -43.34 -18.86
C38 BCR QG . -20.85 -46.74 -18.20
C39 BCR QG . -19.74 -45.28 -22.70
C40 BCR QG . -18.28 -47.17 -22.00
C1 BCR RG . -12.56 -8.85 -39.17
C2 BCR RG . -13.80 -9.27 -39.95
C3 BCR RG . -13.66 -10.49 -40.87
C4 BCR RG . -12.78 -11.55 -40.23
C5 BCR RG . -11.46 -10.88 -40.03
C6 BCR RG . -11.41 -9.83 -39.22
C7 BCR RG . -10.27 -9.58 -38.31
C8 BCR RG . -9.71 -10.56 -37.63
C9 BCR RG . -8.57 -10.31 -36.73
C10 BCR RG . -8.10 -11.33 -36.01
C11 BCR RG . -6.98 -11.18 -35.08
C33 BCR RG . -10.25 -11.39 -40.78
C31 BCR RG . -12.95 -8.67 -37.71
C32 BCR RG . -12.06 -7.52 -39.73
C34 BCR RG . -7.97 -8.94 -36.60
C12 BCR RG . -6.62 -12.26 -34.40
C13 BCR RG . -5.53 -12.23 -33.43
C14 BCR RG . -5.33 -13.33 -32.68
C15 BCR RG . -4.27 -13.38 -31.69
C16 BCR RG . -4.22 -14.43 -30.89
C17 BCR RG . -3.18 -14.49 -29.87
C18 BCR RG . -3.14 -15.52 -29.01
C19 BCR RG . -2.08 -15.53 -27.99
C20 BCR RG . -1.93 -16.55 -27.15
C21 BCR RG . -0.84 -16.43 -26.19
C22 BCR RG . -0.50 -17.43 -25.39
C23 BCR RG . 0.61 -17.22 -24.45
C24 BCR RG . 0.93 -18.14 -23.55
C25 BCR RG . 2.06 -17.89 -22.62
C26 BCR RG . 1.92 -17.03 -21.60
C27 BCR RG . 3.11 -16.56 -20.81
C28 BCR RG . 4.02 -17.75 -20.61
C29 BCR RG . 4.49 -18.25 -21.96
C30 BCR RG . 3.35 -18.65 -22.88
C35 BCR RG . -4.67 -11.03 -33.24
C36 BCR RG . -4.17 -16.62 -29.07
C37 BCR RG . -1.24 -18.74 -25.43
C38 BCR RG . 0.56 -16.54 -21.19
C39 BCR RG . 3.04 -20.13 -22.71
C40 BCR RG . 3.79 -18.40 -24.32
C1 BCR SG . -1.05 -10.98 -18.76
C2 BCR SG . 0.44 -10.94 -18.51
C3 BCR SG . 1.11 -11.98 -19.38
C4 BCR SG . 0.73 -13.36 -18.87
C5 BCR SG . -0.77 -13.46 -18.66
C6 BCR SG . -1.58 -12.39 -18.73
C7 BCR SG . -3.05 -12.56 -18.77
C8 BCR SG . -3.65 -12.98 -19.88
C9 BCR SG . -5.11 -13.14 -19.95
C10 BCR SG . -5.65 -13.48 -21.12
C11 BCR SG . -7.08 -13.65 -21.32
C33 BCR SG . -1.33 -14.82 -18.35
C31 BCR SG . -1.36 -10.37 -20.12
C32 BCR SG . -1.79 -10.18 -17.68
C34 BCR SG . -5.96 -12.93 -18.74
C12 BCR SG . -7.48 -13.79 -22.57
C13 BCR SG . -8.90 -13.97 -22.95
C14 BCR SG . -9.21 -13.95 -24.25
C15 BCR SG . -10.59 -14.10 -24.69
C16 BCR SG . -10.85 -14.03 -25.99
C17 BCR SG . -12.22 -14.17 -26.45
C18 BCR SG . -12.49 -14.20 -27.77
C19 BCR SG . -13.89 -14.32 -28.21
C20 BCR SG . -14.19 -14.27 -29.50
C21 BCR SG . -15.58 -14.37 -29.91
C22 BCR SG . -15.93 -13.96 -31.14
C23 BCR SG . -17.33 -14.05 -31.58
C24 BCR SG . -17.95 -12.89 -31.79
C25 BCR SG . -19.35 -12.79 -32.23
C26 BCR SG . -19.59 -12.43 -33.50
C27 BCR SG . -20.87 -11.73 -33.89
C28 BCR SG . -22.02 -12.35 -33.12
C29 BCR SG . -21.74 -12.29 -31.63
C30 BCR SG . -20.47 -13.06 -31.25
C35 BCR SG . -9.96 -14.16 -21.91
C36 BCR SG . -11.39 -14.07 -28.77
C37 BCR SG . -14.90 -13.43 -32.08
C38 BCR SG . -18.57 -12.71 -34.56
C39 BCR SG . -20.76 -14.56 -31.23
C40 BCR SG . -20.02 -12.60 -29.88
FE1 SF4 TG . 14.84 -2.14 -0.04
FE2 SF4 TG . 15.99 -1.38 -2.74
FE3 SF4 TG . 16.84 -3.91 -1.40
FE4 SF4 TG . 17.67 -1.23 -0.26
S1 SF4 TG . 17.87 -2.19 -2.15
S2 SF4 TG . 16.72 -2.98 0.51
S3 SF4 TG . 15.79 -0.41 -0.85
S4 SF4 TG . 14.97 -3.08 -1.96
C1 XAT UG . -11.71 -36.60 -41.48
C2 XAT UG . -10.82 -35.53 -42.04
C3 XAT UG . -11.70 -34.44 -42.62
C4 XAT UG . -12.30 -33.67 -41.45
C5 XAT UG . -12.95 -34.55 -40.37
C6 XAT UG . -12.67 -36.06 -40.41
C7 XAT UG . -12.56 -36.68 -39.02
C8 XAT UG . -13.65 -37.31 -38.61
C9 XAT UG . -13.81 -38.02 -37.33
C10 XAT UG . -14.92 -37.77 -36.65
C11 XAT UG . -15.24 -38.45 -35.40
C12 XAT UG . -16.49 -38.24 -35.00
C13 XAT UG . -17.09 -38.86 -33.82
C14 XAT UG . -18.06 -38.24 -33.13
C15 XAT UG . -18.67 -38.97 -32.04
C16 XAT UG . -10.87 -37.74 -40.91
C17 XAT UG . -12.55 -37.20 -42.60
C18 XAT UG . -13.13 -34.00 -38.95
C19 XAT UG . -12.78 -38.98 -36.83
C20 XAT UG . -16.68 -40.25 -33.43
O3 XAT UG . -10.90 -33.54 -43.38
O4 XAT UG . -13.91 -35.48 -40.83
C21 XAT UG . -29.37 -42.22 -25.47
C22 XAT UG . -30.11 -42.84 -24.30
C23 XAT UG . -29.24 -43.92 -23.67
C24 XAT UG . -28.17 -43.17 -22.92
C25 XAT UG . -27.26 -42.39 -23.87
C26 XAT UG . -27.87 -41.99 -25.24
C27 XAT UG . -27.29 -40.72 -25.83
C28 XAT UG . -26.36 -40.96 -26.74
C29 XAT UG . -25.63 -39.95 -27.53
C30 XAT UG . -24.39 -40.26 -27.93
C31 XAT UG . -23.63 -39.36 -28.78
C32 XAT UG . -22.36 -39.64 -29.05
C33 XAT UG . -21.65 -38.77 -29.99
C34 XAT UG . -20.58 -39.28 -30.60
C35 XAT UG . -19.85 -38.55 -31.62
C36 XAT UG . -30.03 -40.89 -25.81
C37 XAT UG . -29.53 -43.13 -26.68
C38 XAT UG . -26.24 -41.37 -23.37
C39 XAT UG . -26.28 -38.65 -27.91
C40 XAT UG . -22.13 -37.38 -30.28
O23 XAT UG . -30.02 -44.70 -22.76
O24 XAT UG . -26.96 -43.10 -25.09
C1 LMG VG . -36.24 -26.28 -37.13
O1 LMG VG . -35.00 -26.57 -37.76
C2 LMG VG . -37.23 -25.72 -38.12
O2 LMG VG . -36.69 -24.52 -38.71
C3 LMG VG . -38.53 -25.38 -37.40
O3 LMG VG . -39.51 -24.95 -38.35
C4 LMG VG . -39.04 -26.61 -36.66
O4 LMG VG . -39.56 -27.56 -37.60
C5 LMG VG . -37.95 -27.29 -35.82
O5 LMG VG . -38.88 -28.49 -33.95
C6 LMG VG . -38.43 -28.64 -35.30
O6 LMG VG . -36.78 -27.50 -36.61
C7 LMG VG . -34.07 -27.17 -36.87
C8 LMG VG . -32.87 -26.25 -36.69
C9 LMG VG . -31.83 -26.94 -35.82
O7 LMG VG . -32.29 -25.96 -37.96
C10 LMG VG . -30.92 -25.50 -37.84
O9 LMG VG . -30.71 -24.31 -37.74
C11 LMG VG . -29.78 -26.48 -37.84
C12 LMG VG . -28.51 -25.75 -37.41
C13 LMG VG . -27.79 -26.53 -36.32
C14 LMG VG . -26.29 -26.23 -36.36
C15 LMG VG . -25.58 -27.17 -37.31
C16 LMG VG . -24.15 -26.70 -37.57
C17 LMG VG . -23.15 -27.56 -36.80
O8 LMG VG . -31.52 -28.22 -36.35
C28 LMG VG . -31.03 -29.27 -35.48
O10 LMG VG . -31.73 -30.24 -35.26
C29 LMG VG . -29.65 -29.18 -34.87
C30 LMG VG . -29.17 -30.57 -34.51
C31 LMG VG . -27.86 -30.88 -35.21
C32 LMG VG . -27.24 -32.16 -34.67
C33 LMG VG . -25.77 -32.25 -35.03
C34 LMG VG . -25.39 -33.67 -35.44
MG CLA WG . 10.48 -17.46 18.42
CHA CLA WG . 10.09 -20.19 20.50
CHB CLA WG . 9.36 -19.30 15.79
CHC CLA WG . 10.59 -14.63 16.48
CHD CLA WG . 11.68 -15.59 21.18
NA CLA WG . 9.87 -19.44 18.21
C1A CLA WG . 9.76 -20.42 19.20
C2A CLA WG . 9.28 -21.74 18.61
C3A CLA WG . 9.26 -21.47 17.09
C4A CLA WG . 9.50 -19.96 17.00
CMA CLA WG . 10.31 -22.27 16.37
CAA CLA WG . 7.88 -22.08 19.11
CBA CLA WG . 7.74 -23.57 19.37
CGA CLA WG . 6.31 -23.97 19.22
O1A CLA WG . 5.61 -23.97 18.20
O2A CLA WG . 5.76 -24.41 20.39
NB CLA WG . 10.07 -17.04 16.50
C1B CLA WG . 9.57 -17.93 15.59
C2B CLA WG . 9.28 -17.22 14.31
C3B CLA WG . 9.62 -15.90 14.49
C4B CLA WG . 10.13 -15.77 15.89
CMB CLA WG . 8.73 -17.89 13.13
CAB CLA WG . 9.54 -14.79 13.58
CBB CLA WG . 10.58 -14.26 12.95
NC CLA WG . 11.07 -15.48 18.77
C1C CLA WG . 11.03 -14.48 17.82
C2C CLA WG . 11.49 -13.22 18.41
C3C CLA WG . 11.80 -13.50 19.74
C4C CLA WG . 11.54 -14.92 19.96
CMC CLA WG . 11.57 -11.95 17.71
CAC CLA WG . 12.31 -12.56 20.75
CBC CLA WG . 13.81 -12.66 20.94
ND CLA WG . 10.89 -17.77 20.38
C1D CLA WG . 11.39 -16.92 21.40
C2D CLA WG . 11.47 -17.68 22.67
C3D CLA WG . 10.95 -18.94 22.39
C4D CLA WG . 10.61 -18.93 20.95
CMD CLA WG . 11.96 -17.15 23.94
CAD CLA WG . 10.65 -20.25 22.91
OBD CLA WG . 10.79 -20.70 24.04
CBD CLA WG . 10.06 -21.09 21.73
CGD CLA WG . 10.83 -22.35 21.50
O1D CLA WG . 11.65 -22.59 20.61
O2D CLA WG . 10.55 -23.33 22.40
CED CLA WG . 10.87 -24.67 22.04
C1 CLA WG . 5.36 -25.79 20.44
C2 CLA WG . 5.28 -26.16 21.87
C3 CLA WG . 4.19 -25.96 22.63
C4 CLA WG . 2.95 -25.37 22.07
C5 CLA WG . 4.18 -26.35 24.07
C6 CLA WG . 3.20 -27.47 24.37
C7 CLA WG . 3.76 -28.80 23.95
C8 CLA WG . 3.57 -29.85 25.04
C9 CLA WG . 4.47 -31.04 24.80
C10 CLA WG . 2.11 -30.30 25.12
C11 CLA WG . 1.77 -31.38 24.12
C12 CLA WG . 0.37 -31.23 23.58
C13 CLA WG . -0.63 -32.08 24.36
C14 CLA WG . -0.17 -33.52 24.44
C15 CLA WG . -2.03 -32.00 23.75
C16 CLA WG . -3.02 -32.84 24.51
C17 CLA WG . -3.26 -32.30 25.91
C18 CLA WG . -3.54 -33.42 26.90
C19 CLA WG . -3.34 -32.95 28.33
C20 CLA WG . -4.96 -33.94 26.72
MG CLA XG . 5.77 13.40 -22.75
CHA CLA XG . 4.12 10.46 -23.60
CHB CLA XG . 5.88 14.29 -26.02
CHC CLA XG . 7.28 16.35 -21.83
CHD CLA XG . 5.64 12.43 -19.35
NA CLA XG . 5.11 12.49 -24.51
C1A CLA XG . 4.43 11.28 -24.67
C2A CLA XG . 4.13 10.98 -26.13
C3A CLA XG . 4.80 12.18 -26.86
C4A CLA XG . 5.31 13.07 -25.73
CMA CLA XG . 5.94 11.70 -27.73
CAA CLA XG . 2.64 10.96 -26.41
CBA CLA XG . 2.02 12.33 -26.25
CGA CLA XG . 1.09 12.34 -25.09
O1A CLA XG . -0.10 12.01 -25.04
O2A CLA XG . 1.69 12.77 -23.93
NB CLA XG . 6.46 15.01 -23.74
C1B CLA XG . 6.39 15.20 -25.08
C2B CLA XG . 6.95 16.54 -25.43
C3B CLA XG . 7.35 17.12 -24.25
C4B CLA XG . 7.05 16.16 -23.15
CMB CLA XG . 7.02 17.05 -26.79
CAB CLA XG . 7.95 18.41 -24.03
CBB CLA XG . 7.44 19.38 -23.24
NC CLA XG . 6.36 14.22 -20.92
C1C CLA XG . 6.96 15.44 -20.78
C2C CLA XG . 7.23 15.71 -19.37
C3C CLA XG . 6.77 14.60 -18.67
C4C CLA XG . 6.22 13.67 -19.65
CMC CLA XG . 7.86 16.92 -18.85
CAC CLA XG . 6.80 14.40 -17.21
CBC CLA XG . 5.57 14.97 -16.54
ND CLA XG . 5.10 11.83 -21.67
C1D CLA XG . 5.10 11.55 -20.28
C2D CLA XG . 4.47 10.23 -20.05
C3D CLA XG . 4.06 9.78 -21.29
C4D CLA XG . 4.47 10.81 -22.26
CMD CLA XG . 4.31 9.60 -18.75
CAD CLA XG . 3.42 8.71 -22.02
OBD CLA XG . 2.93 7.65 -21.61
CBD CLA XG . 3.42 9.12 -23.53
CGD CLA XG . 4.12 8.09 -24.38
O1D CLA XG . 5.26 7.64 -24.24
O2D CLA XG . 3.37 7.63 -25.42
CED CLA XG . 3.79 6.45 -26.09
C1 CLA XG . 0.83 13.36 -22.94
C2 CLA XG . 1.68 13.74 -21.79
C3 CLA XG . 2.15 14.97 -21.60
C4 CLA XG . 3.00 15.30 -20.42
C5 CLA XG . 1.81 16.09 -22.54
C6 CLA XG . 2.95 16.45 -23.48
C7 CLA XG . 3.79 17.59 -22.94
C8 CLA XG . 3.29 18.97 -23.37
C9 CLA XG . 3.49 19.14 -24.85
C10 CLA XG . 4.02 20.06 -22.58
C11 CLA XG . 4.35 21.28 -23.41
C12 CLA XG . 3.42 22.44 -23.10
C13 CLA XG . 3.65 22.97 -21.69
C14 CLA XG . 2.40 22.75 -20.84
C15 CLA XG . 4.05 24.44 -21.72
C16 CLA XG . 3.49 25.22 -20.55
C17 CLA XG . 4.56 25.57 -19.53
C18 CLA XG . 4.83 27.07 -19.50
C19 CLA XG . 4.15 27.71 -18.31
C20 CLA XG . 6.31 27.34 -19.48
MG CLA YG . -5.23 1.81 13.33
CHA CLA YG . -8.23 1.31 11.68
CHB CLA YG . -6.51 0.31 16.09
CHC CLA YG . -2.14 2.01 14.78
CHD CLA YG . -3.96 3.41 10.43
NA CLA YG . -7.10 1.04 13.80
C1A CLA YG . -8.22 0.91 12.98
C2A CLA YG . -9.40 0.30 13.75
C3A CLA YG . -8.89 0.32 15.22
C4A CLA YG . -7.40 0.56 15.06
CMA CLA YG . -9.55 1.42 16.01
CAA CLA YG . -9.70 -1.10 13.25
CBA CLA YG . -10.97 -1.64 13.88
CGA CLA YG . -10.59 -2.49 15.06
O1A CLA YG . -9.46 -2.72 15.51
O2A CLA YG . -11.66 -3.04 15.69
NB CLA YG . -4.50 1.39 15.16
C1B CLA YG . -5.12 0.52 15.99
C2B CLA YG . -4.13 -0.23 16.81
C3B CLA YG . -2.88 0.25 16.45
C4B CLA YG . -3.11 1.29 15.41
CMB CLA YG . -4.52 -1.24 17.80
CAB CLA YG . -1.57 -0.10 16.92
CBB CLA YG . -1.24 -0.60 18.11
NC CLA YG . -3.41 2.66 12.74
C1C CLA YG . -2.28 2.68 13.52
C2C CLA YG . -1.22 3.40 12.84
C3C CLA YG . -1.71 3.73 11.58
C4C CLA YG . -3.10 3.28 11.54
CMC CLA YG . 0.13 3.64 13.37
CAC CLA YG . -1.03 4.49 10.51
CBC CLA YG . -1.37 5.95 10.53
ND CLA YG . -5.88 2.29 11.48
C1D CLA YG . -5.27 2.94 10.38
C2D CLA YG . -6.20 2.97 9.24
C3D CLA YG . -7.34 2.30 9.66
C4D CLA YG . -7.10 1.94 11.07
CMD CLA YG . -5.89 3.54 7.93
CAD CLA YG . -8.67 1.83 9.32
OBD CLA YG . -9.25 1.83 8.25
CBD CLA YG . -9.30 1.23 10.62
CGD CLA YG . -10.58 1.90 11.00
O1D CLA YG . -10.79 2.61 11.98
O2D CLA YG . -11.58 1.69 10.12
CED CLA YG . -12.65 2.64 10.09
C1 CLA YG . -11.56 -4.45 15.97
C2 CLA YG . -12.92 -4.88 16.39
C3 CLA YG . -13.38 -6.12 16.21
C4 CLA YG . -14.73 -6.50 16.64
C5 CLA YG . -12.56 -7.19 15.57
C6 CLA YG . -12.78 -8.53 16.21
C7 CLA YG . -13.10 -9.60 15.19
C8 CLA YG . -13.72 -10.84 15.82
C9 CLA YG . -13.11 -11.13 17.18
C10 CLA YG . -13.59 -12.05 14.90
C11 CLA YG . -12.30 -12.81 15.12
C12 CLA YG . -11.30 -12.59 14.00
C13 CLA YG . -9.87 -12.69 14.51
C14 CLA YG . -9.05 -11.50 14.01
C15 CLA YG . -9.20 -14.00 14.11
C16 CLA YG . -9.58 -14.42 12.72
C17 CLA YG . -9.07 -15.81 12.39
C18 CLA YG . -9.85 -16.89 13.14
C19 CLA YG . -11.28 -16.94 12.65
C20 CLA YG . -9.18 -18.23 12.95
MG CLA ZG . -12.84 7.78 5.29
CHA CLA ZG . -11.05 9.56 7.67
CHB CLA ZG . -9.95 6.55 4.02
CHC CLA ZG . -14.69 5.70 3.29
CHD CLA ZG . -15.83 9.08 6.65
NA CLA ZG . -10.83 8.11 5.72
C1A CLA ZG . -10.28 8.87 6.76
C2A CLA ZG . -8.76 8.84 6.69
C3A CLA ZG . -8.49 8.18 5.31
C4A CLA ZG . -9.84 7.55 4.97
CMA CLA ZG . -8.09 9.22 4.29
CAA CLA ZG . -8.14 8.02 7.80
CBA CLA ZG . -6.65 8.28 7.87
CGA CLA ZG . -6.01 7.30 8.81
O1A CLA ZG . -4.85 6.87 8.80
O2A CLA ZG . -6.84 6.89 9.80
NB CLA ZG . -12.40 6.43 3.87
C1B CLA ZG . -11.16 5.93 3.62
C2B CLA ZG . -11.25 4.66 2.85
C3B CLA ZG . -12.59 4.42 2.66
C4B CLA ZG . -13.34 5.56 3.27
CMB CLA ZG . -10.10 3.86 2.44
CAB CLA ZG . -13.26 3.35 1.96
CBB CLA ZG . -12.96 2.93 0.73
NC CLA ZG . -14.89 7.53 4.96
C1C CLA ZG . -15.43 6.65 4.05
C2C CLA ZG . -16.88 6.75 4.07
C3C CLA ZG . -17.21 7.67 5.05
C4C CLA ZG . -15.95 8.17 5.60
CMC CLA ZG . -17.78 5.97 3.24
CAC CLA ZG . -18.54 8.13 5.44
CBC CLA ZG . -18.96 9.36 4.68
ND CLA ZG . -13.37 9.13 6.69
C1D CLA ZG . -14.64 9.53 7.18
C2D CLA ZG . -14.46 10.44 8.33
C3D CLA ZG . -13.10 10.45 8.59
C4D CLA ZG . -12.47 9.62 7.55
CMD CLA ZG . -15.55 11.08 9.05
CAD CLA ZG . -12.04 11.01 9.41
OBD CLA ZG . -12.09 11.82 10.31
CBD CLA ZG . -10.71 10.36 8.90
CGD CLA ZG . -9.66 11.42 8.72
O1D CLA ZG . -9.86 12.59 8.42
O2D CLA ZG . -8.38 11.01 8.95
CED CLA ZG . -7.88 11.15 10.28
C1 CLA ZG . -6.23 6.27 10.95
C2 CLA ZG . -7.34 5.86 11.84
C3 CLA ZG . -7.73 6.58 12.90
C4 CLA ZG . -7.08 7.87 13.27
C5 CLA ZG . -8.85 6.11 13.76
C6 CLA ZG . -9.96 5.51 12.92
C7 CLA ZG . -11.30 5.64 13.60
C8 CLA ZG . -11.49 4.61 14.70
C9 CLA ZG . -12.70 3.75 14.44
C10 CLA ZG . -11.62 5.31 16.06
C11 CLA ZG . -10.53 4.86 17.00
C12 CLA ZG . -10.54 5.64 18.30
C13 CLA ZG . -10.03 4.77 19.44
C14 CLA ZG . -9.94 5.57 20.72
C15 CLA ZG . -8.67 4.17 19.11
C16 CLA ZG . -8.60 2.72 19.52
C17 CLA ZG . -7.21 2.38 20.03
C18 CLA ZG . -6.86 0.91 19.89
C19 CLA ZG . -5.72 0.54 20.83
C20 CLA ZG . -8.05 0.01 20.16
MG CLA AH . -1.45 3.96 -9.18
CHA CLA AH . -0.19 3.36 -12.37
CHB CLA AH . -2.85 6.84 -10.31
CHC CLA AH . -2.80 4.49 -6.05
CHD CLA AH . 0.42 1.26 -7.96
NA CLA AH . -1.54 4.88 -11.05
C1A CLA AH . -0.97 4.47 -12.27
C2A CLA AH . -1.27 5.49 -13.37
C3A CLA AH . -1.92 6.66 -12.59
C4A CLA AH . -2.18 6.08 -11.22
CMA CLA AH . -0.98 7.82 -12.49
CAA CLA AH . -2.21 4.95 -14.42
CBA CLA AH . -2.26 5.89 -15.60
CGA CLA AH . -3.22 7.00 -15.32
O1A CLA AH . -4.44 6.93 -15.15
O2A CLA AH . -2.63 8.24 -15.25
NB CLA AH . -2.66 5.35 -8.37
C1B CLA AH . -3.11 6.46 -8.99
C2B CLA AH . -3.92 7.29 -8.07
C3B CLA AH . -3.92 6.63 -6.86
C4B CLA AH . -3.13 5.37 -7.03
CMB CLA AH . -4.51 8.57 -8.46
CAB CLA AH . -4.52 7.03 -5.61
CBB CLA AH . -5.77 7.49 -5.51
NC CLA AH . -1.24 3.02 -7.33
C1C CLA AH . -1.89 3.40 -6.19
C2C CLA AH . -1.51 2.53 -5.11
C3C CLA AH . -0.56 1.63 -5.62
C4C CLA AH . -0.40 1.95 -7.03
CMC CLA AH . -1.99 2.63 -3.73
CAC CLA AH . 0.16 0.61 -4.84
CBC CLA AH . 0.03 -0.81 -5.34
ND CLA AH . -0.16 2.60 -9.92
C1D CLA AH . 0.54 1.54 -9.30
C2D CLA AH . 1.33 0.84 -10.34
C3D CLA AH . 1.05 1.46 -11.55
C4D CLA AH . 0.14 2.57 -11.22
CMD CLA AH . 2.18 -0.33 -10.08
CAD CLA AH . 1.32 1.52 -12.98
OBD CLA AH . 2.05 0.81 -13.66
CBD CLA AH . 0.53 2.73 -13.56
CGD CLA AH . 1.40 3.71 -14.31
O1D CLA AH . 2.60 3.93 -14.17
O2D CLA AH . 0.76 4.45 -15.26
CED CLA AH . 0.57 3.85 -16.54
C1 CLA AH . -3.54 9.36 -15.32
C2 CLA AH . -3.55 10.03 -13.99
C3 CLA AH . -4.61 10.01 -13.17
C4 CLA AH . -5.87 9.32 -13.51
C5 CLA AH . -4.56 10.70 -11.84
C6 CLA AH . -5.52 11.88 -11.78
C7 CLA AH . -5.23 12.86 -12.90
C8 CLA AH . -6.37 13.85 -13.15
C9 CLA AH . -7.71 13.19 -12.94
C10 CLA AH . -6.27 14.43 -14.55
C11 CLA AH . -5.14 15.41 -14.67
C12 CLA AH . -5.22 16.50 -13.61
C13 CLA AH . -4.44 17.75 -14.01
C14 CLA AH . -3.16 17.41 -14.73
C15 CLA AH . -4.15 18.62 -12.79
C16 CLA AH . -3.34 19.85 -13.16
C17 CLA AH . -3.44 20.93 -12.11
C18 CLA AH . -2.31 20.83 -11.10
C19 CLA AH . -0.98 21.10 -11.75
C20 CLA AH . -2.54 21.81 -9.96
MG CLA BH . 14.78 28.71 0.61
CHA CLA BH . 17.82 28.95 -1.06
CHB CLA BH . 15.84 31.04 2.85
CHC CLA BH . 11.68 28.63 2.07
CHD CLA BH . 13.76 26.26 -1.72
NA CLA BH . 16.56 29.78 0.85
C1A CLA BH . 17.70 29.76 0.04
C2A CLA BH . 18.77 30.70 0.57
C3A CLA BH . 18.18 31.22 1.91
C4A CLA BH . 16.75 30.66 1.88
CMA CLA BH . 18.96 30.72 3.09
CAA CLA BH . 18.95 31.86 -0.40
CBA CLA BH . 17.64 32.55 -0.72
CGA CLA BH . 17.41 32.62 -2.20
O1A CLA BH . 18.21 32.41 -3.12
O2A CLA BH . 16.12 32.98 -2.53
NB CLA BH . 13.92 29.66 2.16
C1B CLA BH . 14.51 30.59 2.95
C2B CLA BH . 13.55 31.07 3.98
C3B CLA BH . 12.37 30.39 3.76
C4B CLA BH . 12.59 29.48 2.60
CMB CLA BH . 13.90 32.07 4.98
CAB CLA BH . 11.11 30.45 4.46
CBB CLA BH . 10.94 30.58 5.78
NC CLA BH . 13.04 27.61 0.25
C1C CLA BH . 11.89 27.74 0.97
C2C CLA BH . 10.87 26.84 0.44
C3C CLA BH . 11.46 26.16 -0.62
C4C CLA BH . 12.82 26.65 -0.75
CMC CLA BH . 9.51 26.71 0.96
CAC CLA BH . 10.83 25.13 -1.48
CBC CLA BH . 10.65 23.82 -0.77
ND CLA BH . 15.57 27.72 -0.96
C1D CLA BH . 15.04 26.75 -1.85
C2D CLA BH . 16.05 26.41 -2.87
C3D CLA BH . 17.13 27.23 -2.63
C4D CLA BH . 16.78 28.03 -1.43
CMD CLA BH . 15.87 25.41 -3.93
CAD CLA BH . 18.48 27.60 -3.02
OBD CLA BH . 19.18 27.15 -3.92
CBD CLA BH . 18.93 28.75 -2.07
CGD CLA BH . 20.27 28.48 -1.44
O1D CLA BH . 21.39 28.66 -1.95
O2D CLA BH . 20.21 27.97 -0.18
CED CLA BH . 21.44 27.83 0.53
C1 CLA BH . 15.95 33.64 -3.80
C2 CLA BH . 14.67 34.38 -3.74
C3 CLA BH . 14.29 35.25 -4.68
C4 CLA BH . 15.12 35.54 -5.88
C5 CLA BH . 12.99 35.99 -4.60
C6 CLA BH . 12.09 35.49 -3.48
C7 CLA BH . 11.59 36.62 -2.61
C8 CLA BH . 10.94 37.74 -3.41
C9 CLA BH . 10.80 38.98 -2.55
C10 CLA BH . 9.58 37.30 -3.96
C11 CLA BH . 8.60 38.44 -4.13
C12 CLA BH . 7.53 38.13 -5.16
C13 CLA BH . 6.35 39.08 -5.02
C14 CLA BH . 5.34 38.54 -4.03
C15 CLA BH . 5.68 39.34 -6.37
C16 CLA BH . 4.37 40.07 -6.21
C17 CLA BH . 3.29 39.49 -7.09
C18 CLA BH . 1.89 40.02 -6.76
C19 CLA BH . 1.75 40.39 -5.30
C20 CLA BH . 1.51 41.17 -7.66
MG CLA CH . 16.50 27.54 12.31
CHA CLA CH . 15.19 28.33 15.42
CHB CLA CH . 13.92 29.19 10.81
CHC CLA CH . 17.87 26.80 9.25
CHD CLA CH . 19.09 25.75 13.91
NA CLA CH . 14.85 28.59 13.02
C1A CLA CH . 14.48 28.81 14.36
C2A CLA CH . 13.21 29.64 14.43
C3A CLA CH . 12.73 29.70 12.98
C4A CLA CH . 13.92 29.15 12.19
CMA CLA CH . 11.51 28.85 12.77
CAA CLA CH . 13.60 31.02 14.90
CBA CLA CH . 12.62 31.60 15.89
CGA CLA CH . 11.43 32.15 15.17
O1A CLA CH . 11.32 32.43 13.97
O2A CLA CH . 10.36 32.34 15.99
NB CLA CH . 15.99 27.92 10.40
C1B CLA CH . 14.93 28.67 9.99
C2B CLA CH . 14.97 28.84 8.51
C3B CLA CH . 16.09 28.16 8.06
C4B CLA CH . 16.74 27.56 9.26
CMB CLA CH . 13.94 29.59 7.79
CAB CLA CH . 16.61 27.97 6.72
CBB CLA CH . 16.46 28.79 5.68
NC CLA CH . 18.18 26.45 11.70
C1C CLA CH . 18.54 26.27 10.40
C2C CLA CH . 19.75 25.45 10.34
C3C CLA CH . 20.10 25.16 11.66
C4C CLA CH . 19.11 25.79 12.51
CMC CLA CH . 20.43 25.04 9.11
CAC CLA CH . 21.24 24.34 12.13
CBC CLA CH . 20.81 22.96 12.55
ND CLA CH . 17.08 27.11 14.19
C1D CLA CH . 18.16 26.35 14.72
C2D CLA CH . 18.07 26.36 16.20
C3D CLA CH . 16.96 27.11 16.53
C4D CLA CH . 16.37 27.54 15.24
CMD CLA CH . 19.03 25.69 17.08
CAD CLA CH . 16.12 27.63 17.59
OBD CLA CH . 16.25 27.52 18.80
CBD CLA CH . 14.96 28.41 16.92
CGD CLA CH . 13.61 27.84 17.27
O1D CLA CH . 12.51 28.39 17.20
O2D CLA CH . 13.67 26.56 17.74
CED CLA CH . 12.63 25.67 17.35
C1 CLA CH . 9.38 31.28 16.05
C2 CLA CH . 9.71 30.44 17.22
C3 CLA CH . 9.39 30.78 18.49
C4 CLA CH . 8.68 32.04 18.81
C5 CLA CH . 9.74 29.90 19.63
C6 CLA CH . 10.65 30.56 20.64
C7 CLA CH . 12.06 30.71 20.10
C8 CLA CH . 13.08 31.00 21.19
C9 CLA CH . 12.51 31.89 22.26
C10 CLA CH . 14.33 31.65 20.59
C11 CLA CH . 15.30 30.62 20.07
C12 CLA CH . 16.29 31.24 19.10
C13 CLA CH . 17.67 30.61 19.26
C14 CLA CH . 18.53 31.41 20.21
C15 CLA CH . 18.38 30.45 17.93
C16 CLA CH . 19.62 29.59 18.09
C17 CLA CH . 20.38 29.46 16.79
C18 CLA CH . 21.57 30.41 16.74
C19 CLA CH . 22.05 30.61 15.31
C20 CLA CH . 22.71 29.89 17.58
MG CLA DH . 7.38 28.11 10.01
CHA CLA DH . 9.32 27.19 7.30
CHB CLA DH . 9.27 26.14 12.03
CHC CLA DH . 5.60 29.28 12.72
CHD CLA DH . 5.49 30.22 7.88
NA CLA DH . 9.00 26.84 9.68
C1A CLA DH . 9.67 26.60 8.48
C2A CLA DH . 10.81 25.60 8.69
C3A CLA DH . 10.61 25.14 10.15
C4A CLA DH . 9.56 26.10 10.69
CMA CLA DH . 10.14 23.70 10.22
CAA CLA DH . 12.15 26.28 8.54
CBA CLA DH . 13.30 25.35 8.82
CGA CLA DH . 13.58 24.51 7.61
O1A CLA DH . 14.15 24.84 6.57
O2A CLA DH . 13.11 23.23 7.73
NB CLA DH . 7.42 27.76 12.00
C1B CLA DH . 8.31 26.96 12.64
C2B CLA DH . 8.11 27.07 14.11
C3B CLA DH . 7.07 27.96 14.31
C4B CLA DH . 6.61 28.39 12.96
CMB CLA DH . 8.92 26.32 15.07
CAB CLA DH . 6.44 28.45 15.52
CBB CLA DH . 6.96 28.49 16.74
NC CLA DH . 5.78 29.45 10.23
C1C CLA DH . 5.20 29.76 11.43
C2C CLA DH . 4.12 30.71 11.22
C3C CLA DH . 4.10 31.01 9.86
C4C CLA DH . 5.17 30.21 9.25
CMC CLA DH . 3.27 31.24 12.29
CAC CLA DH . 3.19 31.92 9.16
CBC CLA DH . 1.98 31.18 8.63
ND CLA DH . 7.29 28.55 8.04
C1D CLA DH . 6.48 29.46 7.30
C2D CLA DH . 6.90 29.41 5.88
C3D CLA DH . 7.98 28.55 5.82
C4D CLA DH . 8.19 28.06 7.20
CMD CLA DH . 6.26 30.17 4.81
CAD CLA DH . 8.96 27.92 4.97
OBD CLA DH . 9.10 27.99 3.76
CBD CLA DH . 9.89 27.07 5.90
CGD CLA DH . 10.02 25.65 5.43
O1D CLA DH . 9.36 24.68 5.81
O2D CLA DH . 10.98 25.47 4.49
CED CLA DH . 10.85 24.36 3.61
C1 CLA DH . 12.50 22.70 6.52
C2 CLA DH . 11.30 21.94 6.96
C3 CLA DH . 11.37 20.66 7.32
C4 CLA DH . 12.65 19.92 7.33
C5 CLA DH . 10.16 19.90 7.75
C6 CLA DH . 8.87 20.52 7.23
C7 CLA DH . 7.99 21.00 8.37
C8 CLA DH . 6.52 20.80 8.07
C9 CLA DH . 6.18 21.39 6.72
C10 CLA DH . 5.64 21.45 9.14
C11 CLA DH . 6.22 21.32 10.53
C12 CLA DH . 5.40 22.07 11.56
C13 CLA DH . 5.88 23.50 11.75
C14 CLA DH . 5.99 23.85 13.22
C15 CLA DH . 4.96 24.49 11.04
C16 CLA DH . 5.63 25.07 9.81
C17 CLA DH . 4.75 26.12 9.16
C18 CLA DH . 4.28 25.71 7.78
C19 CLA DH . 5.39 25.04 6.99
C20 CLA DH . 3.77 26.92 7.02
MG CLA EH . -3.72 39.59 0.60
CHA CLA EH . -6.09 39.38 -1.93
CHB CLA EH . -3.84 36.21 0.99
CHC CLA EH . -1.37 39.86 3.06
CHD CLA EH . -3.74 43.11 0.24
NA CLA EH . -4.79 38.06 -0.34
C1A CLA EH . -5.74 38.18 -1.38
C2A CLA EH . -6.27 36.82 -1.79
C3A CLA EH . -5.65 35.86 -0.74
C4A CLA EH . -4.67 36.74 0.02
CMA CLA EH . -6.72 35.31 0.16
CAA CLA EH . -5.81 36.46 -3.19
CBA CLA EH . -4.30 36.57 -3.36
CGA CLA EH . -3.91 37.90 -3.94
O1A CLA EH . -4.41 38.51 -4.87
O2A CLA EH . -2.85 38.48 -3.28
NB CLA EH . -2.83 38.29 1.83
C1B CLA EH . -2.92 36.93 1.76
C2B CLA EH . -1.90 36.30 2.65
C3B CLA EH . -1.20 37.34 3.23
C4B CLA EH . -1.77 38.60 2.73
CMB CLA EH . -1.75 34.85 2.78
CAB CLA EH . -0.10 37.31 4.17
CBB CLA EH . 1.00 36.56 4.06
NC CLA EH . -2.74 41.20 1.49
C1C CLA EH . -1.83 41.08 2.49
C2C CLA EH . -1.35 42.40 2.90
C3C CLA EH . -2.01 43.33 2.09
C4C CLA EH . -2.89 42.56 1.21
CMC CLA EH . -0.36 42.65 3.95
CAC CLA EH . -1.87 44.79 2.13
CBC CLA EH . -1.05 45.31 0.97
ND CLA EH . -4.59 40.98 -0.60
C1D CLA EH . -4.54 42.39 -0.62
C2D CLA EH . -5.46 42.90 -1.66
C3D CLA EH . -6.07 41.78 -2.20
C4D CLA EH . -5.52 40.62 -1.50
CMD CLA EH . -5.65 44.31 -2.00
CAD CLA EH . -7.01 41.28 -3.19
OBD CLA EH . -7.64 41.90 -4.04
CBD CLA EH . -7.12 39.74 -2.98
CGD CLA EH . -8.49 39.35 -2.48
O1D CLA EH . -9.01 39.68 -1.41
O2D CLA EH . -9.20 38.57 -3.33
CED CLA EH . -10.48 38.11 -2.89
C1 CLA EH . -2.55 39.86 -3.60
C2 CLA EH . -1.79 40.40 -2.45
C3 CLA EH . -1.21 41.62 -2.45
C4 CLA EH . -1.30 42.50 -3.63
C5 CLA EH . -0.47 42.13 -1.28
C6 CLA EH . 0.83 41.39 -1.01
C7 CLA EH . 0.62 40.32 0.04
C8 CLA EH . 1.73 40.29 1.09
C9 CLA EH . 2.19 41.69 1.44
C10 CLA EH . 2.92 39.45 0.60
C11 CLA EH . 3.16 38.27 1.52
C12 CLA EH . 4.21 37.35 0.94
C13 CLA EH . 4.35 36.08 1.78
C14 CLA EH . 4.81 36.42 3.18
C15 CLA EH . 5.31 35.07 1.14
C16 CLA EH . 5.39 35.26 -0.37
C17 CLA EH . 5.76 33.97 -1.07
C18 CLA EH . 6.23 34.24 -2.50
C19 CLA EH . 7.72 34.44 -2.55
C20 CLA EH . 5.82 33.10 -3.41
MG CLA FH . -8.27 31.05 3.44
CHA CLA FH . -7.93 32.18 6.71
CHB CLA FH . -5.63 32.97 2.50
CHC CLA FH . -8.40 29.60 0.34
CHD CLA FH . -10.92 28.98 4.50
NA CLA FH . -7.05 32.42 4.44
C1A CLA FH . -7.06 32.73 5.80
C2A CLA FH . -5.96 33.74 6.11
C3A CLA FH . -5.46 34.18 4.72
C4A CLA FH . -6.08 33.12 3.80
CMA CLA FH . -5.93 35.58 4.36
CAA CLA FH . -4.87 33.00 6.87
CBA CLA FH . -4.11 31.98 6.02
CGA CLA FH . -4.70 30.60 6.07
O1A CLA FH . -4.59 29.76 6.95
O2A CLA FH . -5.43 30.23 4.98
NB CLA FH . -7.23 31.28 1.73
C1B CLA FH . -6.12 32.04 1.57
C2B CLA FH . -5.51 31.78 0.24
C3B CLA FH . -6.29 30.82 -0.37
C4B CLA FH . -7.41 30.50 0.56
CMB CLA FH . -4.30 32.45 -0.22
CAB CLA FH . -6.13 30.22 -1.67
CBB CLA FH . -6.03 28.91 -1.91
NC CLA FH . -9.51 29.62 2.55
C1C CLA FH . -9.41 29.20 1.26
C2C CLA FH . -10.43 28.20 0.98
C3C CLA FH . -11.12 27.99 2.18
C4C CLA FH . -10.54 28.89 3.15
CMC CLA FH . -10.61 27.52 -0.30
CAC CLA FH . -12.24 27.07 2.40
CBC CLA FH . -11.77 25.73 2.92
ND CLA FH . -9.35 30.75 5.12
C1D CLA FH . -10.36 29.81 5.44
C2D CLA FH . -10.69 29.91 6.87
C3D CLA FH . -9.80 30.82 7.41
C4D CLA FH . -8.96 31.28 6.28
CMD CLA FH . -11.73 29.12 7.53
CAD CLA FH . -9.37 31.54 8.60
OBD CLA FH . -9.86 31.55 9.72
CBD CLA FH . -8.08 32.34 8.20
CGD CLA FH . -8.14 33.76 8.70
O1D CLA FH . -8.01 34.15 9.87
O2D CLA FH . -8.36 34.71 7.75
CED CLA FH . -8.44 36.06 8.17
C1 CLA FH . -6.19 29.00 5.16
C2 CLA FH . -6.35 28.38 3.82
C3 CLA FH . -7.09 27.26 3.62
C4 CLA FH . -7.80 26.58 4.73
C5 CLA FH . -7.24 26.66 2.27
C6 CLA FH . -6.15 25.67 1.95
C7 CLA FH . -5.57 25.95 0.58
C8 CLA FH . -4.10 26.35 0.64
C9 CLA FH . -3.33 25.39 1.51
C10 CLA FH . -3.94 27.77 1.17
C11 CLA FH . -2.48 28.17 1.26
C12 CLA FH . -2.08 28.59 2.66
C13 CLA FH . -2.06 30.10 2.80
C14 CLA FH . -1.43 30.77 1.59
C15 CLA FH . -1.34 30.53 4.07
C16 CLA FH . 0.16 30.48 3.92
C17 CLA FH . 0.87 31.30 4.98
C18 CLA FH . 2.04 32.06 4.39
C19 CLA FH . 2.93 32.66 5.46
C20 CLA FH . 1.55 33.16 3.48
MG CLA GH . -11.47 27.61 -5.68
CHA CLA GH . -10.37 30.37 -3.89
CHB CLA GH . -9.17 28.25 -8.09
CHC CLA GH . -12.44 24.73 -7.30
CHD CLA GH . -13.89 26.99 -3.18
NA CLA GH . -10.05 29.11 -5.95
C1A CLA GH . -9.73 30.16 -5.08
C2A CLA GH . -8.62 31.04 -5.67
C3A CLA GH . -8.42 30.45 -7.09
C4A CLA GH . -9.25 29.18 -7.06
CMA CLA GH . -8.90 31.40 -8.15
CAA CLA GH . -7.34 30.96 -4.86
CBA CLA GH . -6.68 32.32 -4.76
CGA CLA GH . -5.25 32.24 -5.20
O1A CLA GH . -4.44 33.15 -5.32
O2A CLA GH . -4.84 30.96 -5.46
NB CLA GH . -10.94 26.69 -7.40
C1B CLA GH . -9.91 27.06 -8.19
C2B CLA GH . -9.66 26.02 -9.21
C3B CLA GH . -10.58 25.01 -8.99
C4B CLA GH . -11.41 25.44 -7.84
CMB CLA GH . -8.60 26.12 -10.21
CAB CLA GH . -10.81 23.76 -9.68
CBB CLA GH . -10.60 23.51 -10.98
NC CLA GH . -12.93 26.15 -5.32
C1C CLA GH . -13.16 25.07 -6.12
C2C CLA GH . -14.25 24.27 -5.58
C3C CLA GH . -14.66 24.90 -4.41
C4C CLA GH . -13.82 26.09 -4.25
CMC CLA GH . -14.76 23.04 -6.18
CAC CLA GH . -15.74 24.47 -3.51
CBC CLA GH . -17.01 25.24 -3.74
ND CLA GH . -12.08 28.45 -3.95
C1D CLA GH . -13.08 28.10 -3.02
C2D CLA GH . -13.07 29.07 -1.90
C3D CLA GH . -12.03 29.95 -2.17
C4D CLA GH . -11.45 29.53 -3.46
CMD CLA GH . -13.96 29.02 -0.74
CAD CLA GH . -11.30 31.12 -1.73
OBD CLA GH . -11.44 31.80 -0.71
CBD CLA GH . -10.21 31.42 -2.81
CGD CLA GH . -10.30 32.82 -3.35
O1D CLA GH . -11.14 33.27 -4.13
O2D CLA GH . -9.31 33.64 -2.89
CED CLA GH . -9.08 34.84 -3.61
C1 CLA GH . -3.47 30.79 -5.86
C2 CLA GH . -2.88 29.80 -4.92
C3 CLA GH . -2.40 30.15 -3.71
C4 CLA GH . -2.44 31.57 -3.25
C5 CLA GH . -1.81 29.17 -2.78
C6 CLA GH . -1.54 27.82 -3.41
C7 CLA GH . -0.86 26.91 -2.42
C8 CLA GH . 0.28 26.11 -3.05
C9 CLA GH . -0.09 24.64 -3.08
C10 CLA GH . 1.58 26.32 -2.30
C11 CLA GH . 2.52 27.23 -3.05
C12 CLA GH . 3.01 26.61 -4.34
C13 CLA GH . 4.36 25.93 -4.17
C14 CLA GH . 5.38 26.90 -3.61
C15 CLA GH . 4.85 25.34 -5.49
C16 CLA GH . 5.27 26.42 -6.46
C17 CLA GH . 5.11 25.98 -7.90
C18 CLA GH . 5.73 26.95 -8.90
C19 CLA GH . 5.68 28.39 -8.40
C20 CLA GH . 5.03 26.83 -10.22
MG CLA HH . 21.34 44.09 15.82
CHA CLA HH . 24.58 45.31 16.06
CHB CLA HH . 22.26 41.32 17.58
CHC CLA HH . 18.08 43.01 15.71
CHD CLA HH . 20.47 46.92 13.90
NA CLA HH . 23.14 43.44 16.65
C1A CLA HH . 24.37 44.11 16.68
C2A CLA HH . 25.43 43.29 17.41
C3A CLA HH . 24.72 41.95 17.67
C4A CLA HH . 23.27 42.25 17.30
CMA CLA HH . 25.31 40.90 16.76
CAA CLA HH . 25.80 43.97 18.72
CBA CLA HH . 24.57 44.39 19.49
CGA CLA HH . 24.92 45.07 20.79
O1A CLA HH . 26.03 45.32 21.24
O2A CLA HH . 23.82 45.41 21.51
NB CLA HH . 20.36 42.47 16.51
C1B CLA HH . 20.91 41.47 17.25
C2B CLA HH . 19.84 40.50 17.64
C3B CLA HH . 18.66 40.97 17.11
C4B CLA HH . 18.97 42.23 16.39
CMB CLA HH . 20.12 39.30 18.42
CAB CLA HH . 17.34 40.41 17.19
NC CLA HH . 19.60 44.84 14.95
C1C CLA HH . 18.37 44.24 15.03
C2C CLA HH . 17.38 45.03 14.31
C3C CLA HH . 18.05 46.14 13.80
C4C CLA HH . 19.45 46.01 14.20
CMC CLA HH . 15.96 44.70 14.20
CAC CLA HH . 17.48 47.24 13.00
CBC CLA HH . 17.72 47.06 11.52
ND CLA HH . 22.25 45.74 15.09
C1D CLA HH . 21.78 46.82 14.32
C2D CLA HH . 22.90 47.75 14.06
C3D CLA HH . 24.01 47.22 14.71
C4D CLA HH . 23.54 45.97 15.34
CMD CLA HH . 22.78 48.98 13.28
CAD CLA HH . 25.42 47.37 15.01
OBD CLA HH . 26.21 48.24 14.67
CBD CLA HH . 25.82 46.15 15.91
CGD CLA HH . 26.93 45.33 15.31
O1D CLA HH . 26.83 44.23 14.76
O2D CLA HH . 28.17 45.89 15.39
CED CLA HH . 29.21 45.26 14.64
C1 CLA HH . 23.90 46.59 22.33
C2 CLA HH . 22.50 46.91 22.72
C3 CLA HH . 22.05 48.17 22.83
C4 CLA HH . 22.91 49.35 22.57
C5 CLA HH . 20.64 48.45 23.23
C6 CLA HH . 19.88 49.25 22.19
C7 CLA HH . 18.46 49.52 22.64
C8 CLA HH . 17.69 50.35 21.63
C9 CLA HH . 17.26 51.66 22.22
C10 CLA HH . 16.48 49.58 21.11
MG CLA IH . 21.83 44.22 26.46
CHA CLA IH . 24.54 42.92 24.72
CHB CLA IH . 23.73 44.35 29.29
CHC CLA IH . 19.16 45.60 28.12
CHD CLA IH . 19.90 44.01 23.51
NA CLA IH . 23.82 43.71 26.91
C1A CLA IH . 24.78 43.20 26.04
C2A CLA IH . 26.10 42.97 26.77
C3A CLA IH . 25.77 43.31 28.25
C4A CLA IH . 24.34 43.84 28.17
CMA CLA IH . 25.85 42.07 29.10
CAA CLA IH . 27.19 43.90 26.25
CBA CLA IH . 27.12 45.29 26.87
CGA CLA IH . 26.07 46.12 26.20
O1A CLA IH . 25.87 46.29 24.99
O2A CLA IH . 25.24 46.75 27.09
NB CLA IH . 21.52 44.89 28.33
C1B CLA IH . 22.41 44.84 29.36
C2B CLA IH . 21.78 45.37 30.60
C3B CLA IH . 20.49 45.72 30.28
C4B CLA IH . 20.31 45.41 28.83
CMB CLA IH . 22.50 45.44 31.88
CAB CLA IH . 19.43 46.26 31.09
CBB CLA IH . 19.55 47.25 31.98
NC CLA IH . 19.88 44.70 25.91
C1C CLA IH . 18.95 45.26 26.75
C2C CLA IH . 17.70 45.48 26.03
C3C CLA IH . 17.90 45.03 24.73
C4C CLA IH . 19.28 44.54 24.67
CMC CLA IH . 16.50 46.05 26.62
CAC CLA IH . 16.93 45.02 23.63
CBC CLA IH . 17.18 46.13 22.64
ND CLA IH . 22.07 43.57 24.56
C1D CLA IH . 21.20 43.56 23.45
C2D CLA IH . 21.92 42.98 22.28
C3D CLA IH . 23.20 42.72 22.72
C4D CLA IH . 23.24 43.12 24.14
CMD CLA IH . 21.32 42.78 20.96
CAD CLA IH . 24.50 42.18 22.37
OBD CLA IH . 24.89 41.68 21.33
CBD CLA IH . 25.41 42.35 23.64
CGD CLA IH . 26.05 41.06 24.05
O1D CLA IH . 25.82 40.40 25.06
O2D CLA IH . 27.00 40.60 23.18
CED CLA IH . 27.82 39.50 23.60
C1 CLA IH . 24.04 47.35 26.54
C2 CLA IH . 23.64 48.42 27.49
C3 CLA IH . 22.39 48.90 27.58
C4 CLA IH . 21.29 48.40 26.72
C5 CLA IH . 22.05 49.98 28.55
C6 CLA IH . 20.60 49.92 29.01
C7 CLA IH . 20.17 51.24 29.63
C8 CLA IH . 20.26 51.21 31.15
MG CLA JH . 18.21 37.53 20.71
CHA CLA JH . 17.10 35.39 18.22
CHB CLA JH . 15.03 38.67 21.14
CHC CLA JH . 19.36 39.62 23.16
CHD CLA JH . 21.50 36.29 20.23
NA CLA JH . 16.38 37.07 19.82
C1A CLA JH . 16.12 36.14 18.81
C2A CLA JH . 14.64 36.13 18.45
C3A CLA JH . 14.02 37.21 19.36
C4A CLA JH . 15.21 37.69 20.18
CMA CLA JH . 13.39 38.32 18.57
CAA CLA JH . 14.01 34.78 18.76
CBA CLA JH . 12.86 34.47 17.83
CGA CLA JH . 11.61 35.15 18.29
O1A CLA JH . 10.98 36.06 17.74
O2A CLA JH . 11.14 34.67 19.48
NB CLA JH . 17.35 38.85 21.94
C1B CLA JH . 16.05 39.21 21.95
C2B CLA JH . 15.81 40.31 22.93
C3B CLA JH . 17.03 40.59 23.51
C4B CLA JH . 18.03 39.67 22.88
CMB CLA JH . 14.49 40.90 23.14
CAB CLA JH . 17.40 41.56 24.51
CBB CLA JH . 16.65 41.93 25.56
NC CLA JH . 20.10 37.88 21.54
C1C CLA JH . 20.34 38.79 22.55
C2C CLA JH . 21.76 38.79 22.88
C3C CLA JH . 22.37 37.84 22.06
C4C CLA JH . 21.32 37.27 21.22
CMC CLA JH . 22.38 39.63 23.89
CAC CLA JH . 23.80 37.49 22.02
CBC CLA JH . 24.30 36.67 23.18
ND CLA JH . 19.16 36.20 19.51
C1D CLA JH . 20.51 35.78 19.42
C2D CLA JH . 20.63 34.76 18.36
C3D CLA JH . 19.36 34.59 17.84
C4D CLA JH . 18.48 35.50 18.61
CMD CLA JH . 21.88 34.11 17.96
CAD CLA JH . 18.53 33.90 16.87
OBD CLA JH . 18.86 33.11 15.99
CBD CLA JH . 17.06 34.36 17.12
CGD CLA JH . 16.42 34.95 15.89
O1D CLA JH . 15.34 34.63 15.38
O2D CLA JH . 17.16 35.94 15.31
CED CLA JH . 16.50 36.82 14.41
C1 CLA JH . 9.93 35.26 19.99
C2 CLA JH . 9.61 34.59 21.26
C3 CLA JH . 8.78 35.14 22.18
C4 CLA JH . 8.13 36.45 21.95
C5 CLA JH . 8.48 34.46 23.46
C6 CLA JH . 8.24 32.97 23.32
C7 CLA JH . 7.22 32.52 24.35
C8 CLA JH . 7.44 31.08 24.80
C9 CLA JH . 7.39 30.13 23.61
C10 CLA JH . 6.39 30.67 25.83
C11 CLA JH . 6.99 30.00 27.04
C12 CLA JH . 6.08 30.10 28.24
C13 CLA JH . 6.19 28.91 29.17
C14 CLA JH . 7.61 28.76 29.66
C15 CLA JH . 5.74 27.61 28.49
C16 CLA JH . 6.00 26.40 29.37
C17 CLA JH . 4.94 26.25 30.45
C18 CLA JH . 5.56 26.18 31.84
C19 CLA JH . 6.83 25.33 31.85
C20 CLA JH . 4.56 25.62 32.84
MG CLA KH . -0.09 48.07 22.79
CHA CLA KH . -2.59 49.30 20.70
CHB CLA KH . -0.01 45.19 20.99
CHC CLA KH . 2.45 46.94 24.81
CHD CLA KH . -0.21 51.08 24.63
NA CLA KH . -1.15 47.38 21.12
C1A CLA KH . -2.13 48.05 20.37
C2A CLA KH . -2.65 47.16 19.23
C3A CLA KH . -1.86 45.84 19.43
C4A CLA KH . -0.92 46.14 20.60
CMA CLA KH . -2.74 44.68 19.81
CAA CLA KH . -2.43 47.69 17.81
CBA CLA KH . -1.47 48.85 17.67
CGA CLA KH . -0.06 48.40 17.52
O1A CLA KH . 0.54 47.53 18.16
O2A CLA KH . 0.62 49.06 16.54
NB CLA KH . 1.04 46.41 22.85
C1B CLA KH . 0.89 45.32 22.06
C2B CLA KH . 1.82 44.24 22.48
C3B CLA KH . 2.52 44.72 23.57
C4B CLA KH . 2.03 46.11 23.82
CMB CLA KH . 1.86 42.94 21.80
CAB CLA KH . 3.53 44.11 24.39
CBB CLA KH . 3.71 42.79 24.59
NC CLA KH . 0.91 48.86 24.44
C1C CLA KH . 1.92 48.23 25.11
C2C CLA KH . 2.41 49.08 26.19
C3C CLA KH . 1.66 50.25 26.15
C4C CLA KH . 0.72 50.12 25.04
CMC CLA KH . 3.48 48.74 27.12
CAC CLA KH . 1.78 51.43 27.03
CBC CLA KH . 0.94 51.31 28.27
ND CLA KH . -1.19 49.77 22.80
C1D CLA KH . -1.11 50.94 23.59
C2D CLA KH . -2.11 51.92 23.10
C3D CLA KH . -2.71 51.33 22.00
C4D CLA KH . -2.09 50.01 21.84
CMD CLA KH . -2.36 53.22 23.70
CAD CLA KH . -3.72 51.48 20.96
OBD CLA KH . -4.53 52.36 20.77
CBD CLA KH . -3.60 50.22 20.05
CGD CLA KH . -4.91 49.54 19.76
O1D CLA KH . -5.33 49.13 18.67
O2D CLA KH . -5.72 49.40 20.85
CED CLA KH . -7.02 49.99 20.77
C1 CLA KH . 0.57 50.50 16.55
C2 CLA KH . 1.78 50.98 17.28
C3 CLA KH . 2.16 52.27 17.27
C4 CLA KH . 1.42 53.31 16.53
C5 CLA KH . 3.37 52.72 18.01
C6 CLA KH . 4.06 51.61 18.78
C7 CLA KH . 5.54 51.90 18.93
C8 CLA KH . 6.00 51.88 20.38
C9 CLA KH . 6.05 53.29 20.93
C10 CLA KH . 7.36 51.20 20.51
MG CLA LH . 2.07 51.94 33.16
CHA CLA LH . 0.96 55.12 33.96
CHB CLA LH . 3.85 53.23 30.55
CHC CLA LH . 3.34 48.81 32.55
CHD CLA LH . 0.16 50.65 35.84
NA CLA LH . 2.32 53.86 32.39
C1A CLA LH . 1.79 55.07 32.88
C2A CLA LH . 2.23 56.25 32.02
C3A CLA LH . 3.00 55.58 30.86
C4A CLA LH . 3.10 54.12 31.29
CMA CLA LH . 2.26 55.75 29.55
CAA CLA LH . 3.16 57.16 32.81
CBA CLA LH . 4.10 56.38 33.70
CGA CLA LH . 4.91 57.31 34.55
O1A CLA LH . 4.69 58.50 34.82
O2A CLA LH . 6.04 56.73 35.06
NB CLA LH . 3.36 51.17 31.82
C1B CLA LH . 4.00 51.86 30.84
C2B CLA LH . 4.87 50.94 30.05
C3B CLA LH . 4.73 49.69 30.61
C4B CLA LH . 3.77 49.82 31.74
CMB CLA LH . 5.68 51.40 28.92
CAB CLA LH . 5.34 48.43 30.26
CBB CLA LH . 6.60 48.25 29.84
NC CLA LH . 1.77 50.06 34.02
C1C CLA LH . 2.40 48.92 33.61
C2C CLA LH . 1.98 47.81 34.46
C3C CLA LH . 1.07 48.31 35.39
C4C CLA LH . 0.95 49.74 35.10
CMC CLA LH . 2.47 46.44 34.31
CAC CLA LH . 0.38 47.58 36.45
CBC CLA LH . 0.99 47.83 37.81
ND CLA LH . 0.77 52.64 34.54
C1D CLA LH . 0.08 52.00 35.60
C2D CLA LH . -0.71 53.02 36.34
C3D CLA LH . -0.40 54.24 35.76
C4D CLA LH . 0.53 53.94 34.66
CMD CLA LH . -1.59 52.73 37.47
CAD CLA LH . -0.64 55.67 35.76
OBD CLA LH . -1.39 56.33 36.45
CBD CLA LH . 0.28 56.29 34.66
CGD CLA LH . -0.50 57.16 33.70
O1D CLA LH . -0.83 58.34 33.86
O2D CLA LH . -0.85 56.53 32.54
CED CLA LH . -1.89 57.13 31.78
MG CLA MH . 1.06 40.13 43.26
CHA CLA MH . -1.69 39.73 45.33
CHB CLA MH . 0.24 43.41 42.84
CHC CLA MH . 3.88 40.51 41.36
CHD CLA MH . 1.77 36.67 43.64
NA CLA MH . -0.47 41.34 43.98
C1A CLA MH . -1.52 40.99 44.84
C2A CLA MH . -2.42 42.19 45.13
C3A CLA MH . -1.88 43.28 44.17
C4A CLA MH . -0.60 42.67 43.63
CMA CLA MH . -2.87 43.59 43.08
CAA CLA MH . -2.21 42.63 46.57
CBA CLA MH . -0.80 42.30 47.06
CGA CLA MH . -0.36 43.14 48.22
O1A CLA MH . -1.01 43.50 49.20
O2A CLA MH . 0.96 43.49 48.13
NB CLA MH . 1.86 41.65 42.22
C1B CLA MH . 1.44 42.94 42.27
C2B CLA MH . 2.42 43.83 41.59
C3B CLA MH . 3.46 43.01 41.17
C4B CLA MH . 3.12 41.62 41.57
CMB CLA MH . 2.24 45.27 41.48
CAB CLA MH . 4.69 43.33 40.48
CBB CLA MH . 5.44 44.41 40.69
NC CLA MH . 2.56 38.81 42.63
C1C CLA MH . 3.63 39.19 41.86
C2C CLA MH . 4.49 38.03 41.61
C3C CLA MH . 3.88 36.94 42.24
C4C CLA MH . 2.66 37.45 42.87
CMC CLA MH . 5.74 38.06 40.86
CAC CLA MH . 4.36 35.55 42.27
CBC CLA MH . 4.97 35.19 43.60
ND CLA MH . 0.34 38.55 44.31
C1D CLA MH . 0.68 37.18 44.32
C2D CLA MH . -0.27 36.45 45.18
C3D CLA MH . -1.18 37.39 45.64
C4D CLA MH . -0.78 38.67 45.02
CMD CLA MH . -0.21 35.02 45.49
CAD CLA MH . -2.36 37.65 46.45
OBD CLA MH . -2.96 36.90 47.21
CBD CLA MH . -2.78 39.12 46.18
CGD CLA MH . -4.09 39.22 45.45
O1D CLA MH . -4.32 39.85 44.41
O2D CLA MH . -5.12 38.53 46.02
CED CLA MH . -6.43 38.81 45.53
C1 CLA MH . 1.73 43.42 49.35
C2 CLA MH . 3.16 43.21 48.96
C3 CLA MH . 4.04 44.23 48.91
C4 CLA MH . 3.65 45.63 49.25
C5 CLA MH . 5.47 44.02 48.55
C6 CLA MH . 5.89 42.56 48.48
C7 CLA MH . 7.19 42.45 47.70
C8 CLA MH . 7.89 41.11 47.93
C9 CLA MH . 8.39 41.01 49.36
C10 CLA MH . 9.05 40.94 46.96
MG CLA NH . -1.09 31.85 36.04
CHA CLA NH . -3.04 30.06 33.80
CHB CLA NH . -3.74 33.91 36.65
CHC CLA NH . 0.83 33.54 38.33
CHD CLA NH . 1.63 29.70 35.34
NA CLA NH . -3.06 31.95 35.32
C1A CLA NH . -3.68 31.10 34.40
C2A CLA NH . -5.13 31.53 34.17
C3A CLA NH . -5.26 32.84 34.96
C4A CLA NH . -3.93 32.91 35.73
CMA CLA NH . -5.45 34.03 34.06
CAA CLA NH . -6.08 30.49 34.76
CBA CLA NH . -7.10 31.17 35.68
CGA CLA NH . -7.61 30.23 36.72
O1A CLA NH . -8.62 29.53 36.70
O2A CLA NH . -6.81 30.17 37.83
NB CLA NH . -1.41 33.40 37.27
C1B CLA NH . -2.55 34.11 37.38
C2B CLA NH . -2.38 35.21 38.35
C3B CLA NH . -1.10 35.11 38.84
C4B CLA NH . -0.45 33.97 38.15
CMB CLA NH . -3.46 36.15 38.63
CAB CLA NH . -0.41 35.92 39.81
CBB CLA NH . 0.07 35.48 40.97
NC CLA NH . 0.88 31.65 36.69
C1C CLA NH . 1.46 32.46 37.64
C2C CLA NH . 2.84 32.04 37.86
C3C CLA NH . 3.07 30.95 37.03
C4C CLA NH . 1.82 30.71 36.29
CMC CLA NH . 3.77 32.68 38.80
CAC CLA NH . 4.31 30.19 36.89
CBC CLA NH . 4.28 28.92 37.72
ND CLA NH . -0.70 30.27 34.84
C1D CLA NH . 0.46 29.48 34.66
C2D CLA NH . 0.16 28.44 33.65
C3D CLA NH . -1.16 28.63 33.27
C4D CLA NH . -1.65 29.77 34.06
CMD CLA NH . 1.12 27.44 33.17
CAD CLA NH . -2.25 28.17 32.44
OBD CLA NH . -2.25 27.29 31.60
CBD CLA NH . -3.49 29.06 32.75
CGD CLA NH . -3.97 29.78 31.53
O1D CLA NH . -3.38 30.66 30.90
O2D CLA NH . -5.19 29.37 31.08
CED CLA NH . -5.54 29.68 29.73
C1 CLA NH . -7.44 29.81 39.08
C2 CLA NH . -6.35 29.60 40.05
C3 CLA NH . -5.59 28.49 40.08
C4 CLA NH . -5.81 27.37 39.12
C5 CLA NH . -4.49 28.32 41.07
C6 CLA NH . -3.12 28.40 40.43
C7 CLA NH . -2.92 29.75 39.76
C8 CLA NH . -1.65 29.79 38.91
C9 CLA NH . -1.66 28.71 37.87
C10 CLA NH . -0.41 29.67 39.79
C11 CLA NH . -0.28 30.85 40.74
C12 CLA NH . 1.06 30.82 41.45
C13 CLA NH . 0.96 31.38 42.86
C14 CLA NH . 2.23 31.11 43.63
MG CLA OH . 0.82 34.86 27.64
CHA CLA OH . -2.04 35.95 26.02
CHB CLA OH . -1.03 32.62 29.40
CHC CLA OH . 3.69 33.78 29.19
CHD CLA OH . 2.69 37.27 25.86
NA CLA OH . -1.21 34.39 27.69
C1A CLA OH . -2.25 34.96 26.93
C2A CLA OH . -3.59 34.33 27.29
C3A CLA OH . -3.25 33.42 28.50
C4A CLA OH . -1.73 33.45 28.53
CMA CLA OH . -3.87 33.92 29.77
CAA CLA OH . -4.10 33.50 26.12
CBA CLA OH . -4.09 32.01 26.42
CGA CLA OH . -2.79 31.39 26.01
O1A CLA OH . -1.70 31.94 25.83
O2A CLA OH . -2.89 30.05 25.83
NB CLA OH . 1.23 33.53 29.11
C1B CLA OH . 0.37 32.59 29.53
C2B CLA OH . 1.10 31.49 30.22
C3B CLA OH . 2.43 31.81 30.16
C4B CLA OH . 2.53 33.12 29.46
CMB CLA OH . 0.44 30.31 30.78
CAB CLA OH . 3.59 31.10 30.65
CBB CLA OH . 3.76 30.72 31.92
NC CLA OH . 2.83 35.43 27.55
C1C CLA OH . 3.82 34.87 28.28
C2C CLA OH . 5.10 35.52 27.98
C3C CLA OH . 4.82 36.50 27.03
C4C CLA OH . 3.39 36.44 26.76
CMC CLA OH . 6.39 35.17 28.58
CAC CLA OH . 5.77 37.42 26.41
CBC CLA OH . 6.13 37.01 25.00
ND CLA OH . 0.50 36.21 26.17
C1D CLA OH . 1.35 37.18 25.57
C2D CLA OH . 0.55 37.98 24.61
C3D CLA OH . -0.75 37.53 24.72
C4D CLA OH . -0.73 36.46 25.73
CMD CLA OH . 1.10 39.03 23.74
CAD CLA OH . -2.11 37.65 24.24
OBD CLA OH . -2.56 38.30 23.31
CBD CLA OH . -3.00 36.73 25.15
CGD CLA OH . -3.92 37.56 26.01
O1D CLA OH . -3.60 38.37 26.87
O2D CLA OH . -5.24 37.36 25.76
CED CLA OH . -6.17 38.26 26.37
C1 CLA OH . -2.53 29.22 26.96
C2 CLA OH . -1.12 28.82 26.74
C3 CLA OH . -0.49 27.92 27.52
C4 CLA OH . -1.17 27.26 28.65
C5 CLA OH . 0.92 27.53 27.26
C6 CLA OH . 1.91 28.46 27.95
C7 CLA OH . 2.91 28.99 26.95
C8 CLA OH . 2.31 29.96 25.95
C9 CLA OH . 2.71 29.55 24.55
C10 CLA OH . 2.74 31.39 26.26
C11 CLA OH . 2.86 32.27 25.03
C12 CLA OH . 1.54 32.92 24.66
C13 CLA OH . 1.72 34.08 23.70
C14 CLA OH . 0.60 34.11 22.67
C15 CLA OH . 3.07 34.08 23.00
MG CLA PH . 16.09 28.04 33.72
CHA CLA PH . 18.78 26.00 34.47
CHB CLA PH . 16.39 27.21 30.43
CHC CLA PH . 13.27 29.88 33.05
CHD CLA PH . 15.81 28.86 37.15
NA CLA PH . 17.42 26.83 32.64
C1A CLA PH . 18.46 26.04 33.14
C2A CLA PH . 19.16 25.29 32.02
C3A CLA PH . 18.52 25.89 30.74
C4A CLA PH . 17.34 26.70 31.28
CMA CLA PH . 19.50 26.75 29.99
CAA CLA PH . 18.82 23.81 32.11
CBA CLA PH . 17.34 23.59 32.43
CGA CLA PH . 16.97 22.15 32.36
O1A CLA PH . 17.66 21.16 32.60
O2A CLA PH . 15.66 21.95 32.01
NB CLA PH . 15.07 28.50 32.05
C1B CLA PH . 15.29 27.98 30.82
C2B CLA PH . 14.19 28.36 29.90
C3B CLA PH . 13.29 29.11 30.63
C4B CLA PH . 13.85 29.22 32.00
CMB CLA PH . 14.14 27.96 28.50
CAB CLA PH . 12.06 29.72 30.22
CBB CLA PH . 10.86 29.30 30.60
NC CLA PH . 14.81 29.19 34.89
C1C CLA PH . 13.73 29.88 34.41
C2C CLA PH . 13.05 30.58 35.49
C3C CLA PH . 13.74 30.27 36.66
C4C CLA PH . 14.85 29.40 36.27
CMC CLA PH . 11.85 31.40 35.33
CAC CLA PH . 13.45 30.74 38.02
CBC CLA PH . 12.72 29.69 38.83
ND CLA PH . 17.06 27.61 35.43
C1D CLA PH . 16.83 28.02 36.78
C2D CLA PH . 17.86 27.38 37.64
C3D CLA PH . 18.64 26.60 36.81
C4D CLA PH . 18.08 26.78 35.45
CMD CLA PH . 17.97 27.59 39.08
CAD CLA PH . 19.78 25.70 36.71
OBD CLA PH . 20.54 25.31 37.58
CBD CLA PH . 19.88 25.27 35.21
CGD CLA PH . 21.23 25.59 34.63
O1D CLA PH . 21.57 26.61 34.02
O2D CLA PH . 22.17 24.62 34.83
CED CLA PH . 23.15 24.43 33.82
C1 CLA PH . 15.09 20.66 32.33
C2 CLA PH . 13.62 20.81 32.32
C3 CLA PH . 12.80 20.00 33.00
C4 CLA PH . 13.31 18.88 33.84
C5 CLA PH . 11.32 20.18 32.97
C6 CLA PH . 10.80 20.80 34.25
C7 CLA PH . 9.31 21.07 34.15
C8 CLA PH . 8.79 21.92 35.31
C9 CLA PH . 9.40 21.47 36.62
C10 CLA PH . 7.27 21.86 35.38
MG CLA QH . 19.52 44.13 34.90
CHA CLA QH . 22.64 42.68 34.48
CHB CLA QH . 20.54 45.45 37.87
CHC CLA QH . 16.39 45.50 35.31
CHD CLA QH . 18.48 42.63 31.88
NA CLA QH . 21.33 44.09 35.96
C1A CLA QH . 22.51 43.42 35.62
C2A CLA QH . 23.59 43.66 36.67
C3A CLA QH . 22.86 44.47 37.77
C4A CLA QH . 21.47 44.71 37.17
CMA CLA QH . 22.79 43.72 39.08
CAA CLA QH . 24.72 44.47 36.07
CBA CLA QH . 24.65 45.93 36.46
CGA CLA QH . 24.45 46.81 35.26
O1A CLA QH . 24.81 46.62 34.10
O2A CLA QH . 23.78 47.97 35.57
NB CLA QH . 18.62 45.20 36.35
C1B CLA QH . 19.23 45.73 37.43
C2B CLA QH . 18.30 46.66 38.15
C3B CLA QH . 17.14 46.68 37.43
C4B CLA QH . 17.32 45.75 36.26
CMB CLA QH . 18.69 47.39 39.35
CAB CLA QH . 15.91 47.42 37.62
CBB CLA QH . 15.32 47.65 38.80
NC CLA QH . 17.77 44.10 33.77
C1C CLA QH . 16.61 44.73 34.13
C2C CLA QH . 15.59 44.48 33.11
C3C CLA QH . 16.17 43.66 32.15
C4C CLA QH . 17.54 43.42 32.57
CMC CLA QH . 14.22 45.01 33.15
CAC CLA QH . 15.57 43.14 30.92
CBC CLA QH . 15.91 43.99 29.71
ND CLA QH . 20.35 43.06 33.39
C1D CLA QH . 19.78 42.44 32.25
C2D CLA QH . 20.82 41.64 31.57
C3D CLA QH . 21.94 41.72 32.36
C4D CLA QH . 21.58 42.57 33.52
CMD CLA QH . 20.63 40.92 30.31
CAD CLA QH . 23.33 41.35 32.53
OBD CLA QH . 24.08 40.78 31.74
CBD CLA QH . 23.76 41.81 33.95
CGD CLA QH . 23.88 40.57 34.81
O1D CLA QH . 23.26 39.52 34.68
O2D CLA QH . 24.79 40.65 35.81
CED CLA QH . 24.77 39.58 36.75
C1 CLA QH . 22.52 48.18 34.91
C2 CLA QH . 21.89 49.37 35.53
C3 CLA QH . 20.56 49.49 35.68
C4 CLA QH . 19.95 50.69 36.31
C5 CLA QH . 19.63 48.43 35.23
MG CLA RH . 22.30 31.35 42.48
CHA CLA RH . 25.39 32.79 43.17
CHB CLA RH . 23.22 28.56 44.20
CHC CLA RH . 19.28 29.92 41.68
CHD CLA RH . 21.40 34.25 40.67
NA CLA RH . 24.03 30.80 43.54
C1A CLA RH . 25.20 31.55 43.71
C2A CLA RH . 26.21 30.77 44.57
C3A CLA RH . 25.47 29.45 44.91
C4A CLA RH . 24.14 29.59 44.18
CMA CLA RH . 26.24 28.24 44.48
CAA CLA RH . 26.57 31.51 45.83
CBA CLA RH . 25.35 31.92 46.63
CGA CLA RH . 25.72 33.01 47.59
O1A CLA RH . 26.20 34.11 47.36
O2A CLA RH . 25.48 32.67 48.90
NB CLA RH . 21.41 29.59 42.89
C1B CLA RH . 21.97 28.55 43.57
C2B CLA RH . 21.05 27.38 43.55
C3B CLA RH . 19.94 27.75 42.84
C4B CLA RH . 20.15 29.16 42.41
CMB CLA RH . 21.39 26.11 44.21
CAB CLA RH . 18.72 27.04 42.50
CBB CLA RH . 18.57 25.71 42.42
NC CLA RH . 20.63 31.98 41.40
C1C CLA RH . 19.50 31.24 41.20
C2C CLA RH . 18.54 31.99 40.41
C3C CLA RH . 19.15 33.22 40.11
C4C CLA RH . 20.46 33.21 40.74
CMC CLA RH . 17.22 31.51 40.02
CAC CLA RH . 18.56 34.33 39.34
CBC CLA RH . 18.14 35.46 40.24
ND CLA RH . 23.12 33.13 42.01
C1D CLA RH . 22.65 34.23 41.26
C2D CLA RH . 23.70 35.27 41.21
C3D CLA RH . 24.78 34.77 41.91
C4D CLA RH . 24.36 33.43 42.40
CMD CLA RH . 23.57 36.56 40.51
CAD CLA RH . 26.13 35.01 42.37
OBD CLA RH . 26.86 35.97 42.17
CBD CLA RH . 26.56 33.76 43.20
CGD CLA RH . 27.82 33.14 42.64
O1D CLA RH . 28.98 33.43 42.91
O2D CLA RH . 27.59 32.14 41.74
CED CLA RH . 28.72 31.43 41.24
C1 CLA RH . 24.11 32.52 49.30
C2 CLA RH . 23.50 33.87 49.30
C3 CLA RH . 22.64 34.26 50.25
C4 CLA RH . 22.24 33.37 51.37
C5 CLA RH . 22.04 35.63 50.23
C6 CLA RH . 20.52 35.59 50.10
MG CLA SH . 22.53 21.97 42.76
CHA CLA SH . 25.32 24.02 42.80
CHB CLA SH . 24.06 19.85 44.94
CHC CLA SH . 19.71 20.02 42.74
CHD CLA SH . 20.98 24.21 40.50
NA CLA SH . 24.39 21.96 43.71
C1A CLA SH . 25.41 22.91 43.60
C2A CLA SH . 26.60 22.53 44.47
C3A CLA SH . 26.23 21.13 44.99
C4A CLA SH . 24.78 20.95 44.54
CMA CLA SH . 27.15 20.07 44.44
CAA CLA SH . 26.67 23.51 45.63
CBA CLA SH . 25.30 23.86 46.15
CGA CLA SH . 25.31 24.88 47.25
O1A CLA SH . 25.86 24.82 48.35
O2A CLA SH . 24.59 26.01 46.95
NB CLA SH . 22.02 20.21 43.61
C1B CLA SH . 22.73 19.57 44.57
C2B CLA SH . 21.90 18.50 45.19
C3B CLA SH . 20.67 18.55 44.58
C4B CLA SH . 20.73 19.64 43.56
CMB CLA SH . 22.38 17.65 46.27
CAB CLA SH . 19.47 17.77 44.79
CBB CLA SH . 19.43 16.45 44.96
NC CLA SH . 20.69 22.09 41.78
C1C CLA SH . 19.68 21.18 41.91
C2C CLA SH . 18.55 21.57 41.07
C3C CLA SH . 18.90 22.77 40.46
C4C CLA SH . 20.25 23.09 40.91
CMC CLA SH . 17.30 20.82 40.95
CAC CLA SH . 18.08 23.58 39.53
CBC CLA SH . 18.10 23.06 38.11
ND CLA SH . 22.95 23.75 41.89
C1D CLA SH . 22.25 24.53 40.95
C2D CLA SH . 23.09 25.69 40.56
C3D CLA SH . 24.28 25.54 41.25
C4D CLA SH . 24.15 24.31 42.04
CMD CLA SH . 22.69 26.74 39.64
CAD CLA SH . 25.59 26.10 41.52
OBD CLA SH . 26.10 27.13 41.12
CBD CLA SH . 26.32 25.11 42.48
CGD CLA SH . 27.52 24.52 41.78
O1D CLA SH . 27.75 23.34 41.55
O2D CLA SH . 28.43 25.45 41.37
CED CLA SH . 29.28 25.11 40.28
C1 CLA SH . 24.22 26.86 48.06
C2 CLA SH . 23.34 27.92 47.49
C3 CLA SH . 22.80 28.91 48.21
C4 CLA SH . 23.03 29.06 49.67
C5 CLA SH . 21.93 29.93 47.57
C6 CLA SH . 20.44 29.64 47.74
C7 CLA SH . 19.95 28.74 46.63
C8 CLA SH . 18.44 28.56 46.66
C9 CLA SH . 18.07 27.09 46.66
C10 CLA SH . 17.77 29.26 45.49
C11 CLA SH . 16.29 29.45 45.71
C12 CLA SH . 15.58 29.99 44.48
C13 CLA SH . 15.11 28.87 43.57
C14 CLA SH . 14.37 29.43 42.38
C15 CLA SH . 14.22 27.88 44.31
MG CLA TH . 20.28 15.90 33.40
CHA CLA TH . 20.54 19.29 34.08
CHB CLA TH . 19.54 15.31 36.67
CHC CLA TH . 19.81 12.59 32.63
CHD CLA TH . 21.13 16.56 30.03
NA CLA TH . 20.10 17.12 35.08
C1A CLA TH . 20.22 18.52 35.15
C2A CLA TH . 20.02 19.01 36.58
C3A CLA TH . 19.90 17.71 37.39
C4A CLA TH . 19.83 16.62 36.32
CMA CLA TH . 21.11 17.55 38.26
CAA CLA TH . 18.79 19.89 36.74
CBA CLA TH . 17.59 19.45 35.91
CGA CLA TH . 16.36 20.07 36.50
O1A CLA TH . 15.97 20.04 37.67
O2A CLA TH . 15.60 20.73 35.58
NB CLA TH . 19.76 14.27 34.44
C1B CLA TH . 19.48 14.23 35.78
C2B CLA TH . 19.12 12.84 36.17
C3B CLA TH . 19.19 12.06 35.03
C4B CLA TH . 19.60 12.97 33.92
CMB CLA TH . 18.76 12.46 37.54
CAB CLA TH . 18.96 10.66 34.83
CBB CLA TH . 17.88 9.99 35.22
NC CLA TH . 20.48 14.78 31.65
C1C CLA TH . 20.25 13.43 31.56
C2C CLA TH . 20.46 12.98 30.20
C3C CLA TH . 20.84 14.10 29.45
C4C CLA TH . 20.84 15.23 30.38
CMC CLA TH . 20.32 11.60 29.75
CAC CLA TH . 21.18 14.14 28.02
CBC CLA TH . 20.12 14.82 27.18
ND CLA TH . 20.81 17.49 32.27
C1D CLA TH . 21.11 17.63 30.89
C2D CLA TH . 21.38 19.06 30.61
C3D CLA TH . 21.18 19.74 31.78
C4D CLA TH . 20.81 18.72 32.79
CMD CLA TH . 21.77 19.57 29.29
CAD CLA TH . 21.21 21.03 32.45
OBD CLA TH . 21.53 22.12 32.02
CBD CLA TH . 20.76 20.78 33.93
CGD CLA TH . 21.76 21.30 34.94
O1D CLA TH . 22.98 21.17 34.92
O2D CLA TH . 21.18 21.95 35.99
CED CLA TH . 21.86 21.91 37.24
C1 CLA TH . 15.67 22.18 35.60
C2 CLA TH . 14.75 22.67 36.65
C3 CLA TH . 14.46 23.97 36.80
C4 CLA TH . 15.05 25.01 35.92
C5 CLA TH . 13.53 24.44 37.86
C6 CLA TH . 14.08 25.62 38.65
C7 CLA TH . 14.61 25.17 39.99
C8 CLA TH . 13.49 24.92 41.00
MG CLA UH . 18.82 25.58 26.53
CHA CLA UH . 17.39 28.24 24.82
CHB CLA UH . 15.81 23.99 26.58
CHC CLA UH . 20.23 23.08 28.40
CHD CLA UH . 21.95 27.22 26.37
NA CLA UH . 16.93 26.05 25.78
C1A CLA UH . 16.53 27.21 25.10
C2A CLA UH . 15.05 27.13 24.72
C3A CLA UH . 14.63 25.70 25.16
C4A CLA UH . 15.86 25.19 25.91
CMA CLA UH . 13.41 25.69 26.03
CAA CLA UH . 14.83 27.28 23.22
CBA CLA UH . 13.37 27.39 22.83
CGA CLA UH . 12.65 28.35 23.73
O1A CLA UH . 13.10 29.37 24.28
O2A CLA UH . 11.35 28.02 23.92
NB CLA UH . 18.16 23.85 27.31
C1B CLA UH . 16.87 23.41 27.29
C2B CLA UH . 16.73 22.20 28.13
C3B CLA UH . 17.98 21.93 28.66
C4B CLA UH . 18.90 22.98 28.14
CMB CLA UH . 15.46 21.50 28.30
CAB CLA UH . 18.43 20.87 29.52
CBB CLA UH . 18.07 19.58 29.45
NC CLA UH . 20.75 25.21 27.23
C1C CLA UH . 21.11 24.12 27.98
C2C CLA UH . 22.52 24.17 28.30
C3C CLA UH . 23.02 25.34 27.73
C4C CLA UH . 21.89 25.99 27.05
CMC CLA UH . 23.25 23.17 29.08
CAC CLA UH . 24.41 25.83 27.77
CBC CLA UH . 25.27 25.18 26.71
ND CLA UH . 19.57 27.29 25.76
C1D CLA UH . 20.87 27.85 25.77
C2D CLA UH . 20.85 29.16 25.07
C3D CLA UH . 19.53 29.38 24.73
C4D CLA UH . 18.77 28.18 25.17
CMD CLA UH . 22.01 30.02 24.88
CAD CLA UH . 18.58 30.27 24.09
OBD CLA UH . 18.75 31.38 23.60
CBD CLA UH . 17.19 29.57 24.13
CGD CLA UH . 16.16 30.43 24.83
O1D CLA UH . 15.50 31.35 24.36
O2D CLA UH . 15.99 30.11 26.16
CED CLA UH . 15.28 31.05 26.96
C1 CLA UH . 10.81 28.21 25.25
C2 CLA UH . 9.67 27.29 25.37
C3 CLA UH . 9.36 26.65 26.50
C4 CLA UH . 8.22 25.71 26.58
C5 CLA UH . 10.16 26.83 27.75
C6 CLA UH . 10.42 25.50 28.44
C7 CLA UH . 10.84 25.70 29.88
C8 CLA UH . 12.05 24.88 30.29
C9 CLA UH . 12.40 23.83 29.25
C10 CLA UH . 11.83 24.21 31.64
C11 CLA UH . 12.66 24.85 32.72
C12 CLA UH . 11.96 24.85 34.07
C13 CLA UH . 10.90 25.93 34.19
C14 CLA UH . 11.31 27.17 33.44
C15 CLA UH . 10.60 26.27 35.65
C16 CLA UH . 9.65 27.45 35.75
C17 CLA UH . 8.26 27.09 35.27
C18 CLA UH . 7.52 28.29 34.71
C19 CLA UH . 7.98 28.62 33.31
C20 CLA UH . 7.68 29.50 35.59
MG CLA VH . 4.48 13.86 24.74
CHA CLA VH . 1.77 15.39 26.23
CHB CLA VH . 6.08 13.80 27.75
CHC CLA VH . 7.05 12.11 23.28
CHD CLA VH . 2.80 13.99 21.64
NA CLA VH . 3.99 14.52 26.66
C1A CLA VH . 2.80 15.12 27.07
C2A CLA VH . 2.84 15.41 28.56
C3A CLA VH . 4.30 15.13 28.95
C4A CLA VH . 4.85 14.41 27.72
CMA CLA VH . 5.04 16.42 29.22
CAA CLA VH . 1.92 14.40 29.20
CBA CLA VH . 2.25 14.11 30.66
CGA CLA VH . 1.38 12.98 31.12
O1A CLA VH . 0.41 12.49 30.56
O2A CLA VH . 1.78 12.47 32.33
NB CLA VH . 6.26 13.14 25.38
C1B CLA VH . 6.68 13.13 26.68
C2B CLA VH . 7.93 12.33 26.79
C3B CLA VH . 8.21 11.84 25.53
C4B CLA VH . 7.15 12.36 24.62
CMB CLA VH . 8.61 12.14 28.07
CAB CLA VH . 9.28 11.00 25.05
CBB CLA VH . 10.46 10.80 25.62
NC CLA VH . 4.86 13.20 22.80
C1C CLA VH . 5.98 12.50 22.42
C2C CLA VH . 5.92 12.19 21.00
C3C CLA VH . 4.71 12.72 20.53
C4C CLA VH . 4.06 13.34 21.68
CMC CLA VH . 6.94 11.47 20.26
CAC CLA VH . 4.18 12.66 19.16
CBC CLA VH . 3.10 11.61 19.03
ND CLA VH . 2.71 14.51 24.03
C1D CLA VH . 2.15 14.53 22.73
C2D CLA VH . 0.83 15.19 22.78
C3D CLA VH . 0.62 15.52 24.11
C4D CLA VH . 1.83 15.09 24.83
CMD CLA VH . -0.05 15.39 21.64
CAD CLA VH . -0.27 16.14 25.08
OBD CLA VH . -1.40 16.62 24.91
CBD CLA VH . 0.45 16.10 26.45
CGD CLA VH . 0.68 17.48 27.00
O1D CLA VH . 1.77 18.04 27.21
O2D CLA VH . -0.47 18.16 27.27
CED CLA VH . -0.33 19.45 27.87
C1 CLA VH . 0.93 11.47 32.90
C2 CLA VH . 1.73 10.80 33.95
C3 CLA VH . 1.56 11.03 35.26
C4 CLA VH . 0.53 11.98 35.76
C5 CLA VH . 2.40 10.34 36.28
C6 CLA VH . 1.87 8.97 36.64
C7 CLA VH . 2.83 8.25 37.57
C8 CLA VH . 2.36 6.85 37.90
C9 CLA VH . 2.36 6.63 39.40
C10 CLA VH . 3.22 5.81 37.19
C11 CLA VH . 4.40 5.33 38.02
C12 CLA VH . 4.85 3.95 37.58
C13 CLA VH . 6.11 3.52 38.31
C14 CLA VH . 5.87 3.48 39.81
C15 CLA VH . 7.29 4.41 37.99
C16 CLA VH . 8.57 3.85 38.58
C17 CLA VH . 9.79 4.65 38.15
C18 CLA VH . 11.07 3.87 38.36
C19 CLA VH . 12.27 4.79 38.44
MG CLA WH . -2.73 21.19 33.15
CHA CLA WH . -0.25 19.06 31.98
CHB CLA WH . -0.38 22.99 34.84
CHC CLA WH . -5.21 23.31 34.22
CHD CLA WH . -5.13 19.29 31.39
NA CLA WH . -0.65 21.02 33.37
C1A CLA WH . 0.20 20.06 32.81
C2A CLA WH . 1.65 20.29 33.25
C3A CLA WH . 1.54 21.45 34.26
C4A CLA WH . 0.07 21.87 34.16
CMA CLA WH . 1.92 21.03 35.66
CAA CLA WH . 2.54 20.64 32.08
CBA CLA WH . 3.81 21.32 32.50
CGA CLA WH . 4.98 20.67 31.82
O1A CLA WH . 5.35 19.50 31.91
O2A CLA WH . 5.67 21.52 31.01
NB CLA WH . -2.80 22.76 34.42
C1B CLA WH . -1.70 23.46 34.82
C2B CLA WH . -2.09 24.84 35.22
C3B CLA WH . -3.45 24.94 35.05
C4B CLA WH . -3.92 23.61 34.54
CMB CLA WH . -1.10 25.82 35.68
CAB CLA WH . -4.37 26.02 35.26
CBB CLA WH . -4.22 27.06 36.09
NC CLA WH . -4.79 21.26 32.87
C1C CLA WH . -5.62 22.19 33.43
C2C CLA WH . -7.01 21.92 33.07
C3C CLA WH . -6.98 20.81 32.23
C4C CLA WH . -5.58 20.40 32.12
CMC CLA WH . -8.15 22.72 33.50
CAC CLA WH . -8.13 20.12 31.61
CBC CLA WH . -8.52 18.86 32.33
ND CLA WH . -2.75 19.64 31.87
C1D CLA WH . -3.81 18.92 31.25
C2D CLA WH . -3.25 17.78 30.49
C3D CLA WH . -1.90 17.81 30.72
C4D CLA WH . -1.64 18.96 31.61
CMD CLA WH . -4.04 16.85 29.68
CAD CLA WH . -0.62 17.20 30.43
OBD CLA WH . -0.38 16.28 29.65
CBD CLA WH . 0.45 17.91 31.31
CGD CLA WH . 1.02 16.98 32.34
O1D CLA WH . 0.43 16.10 32.97
O2D CLA WH . 2.36 17.15 32.58
CED CLA WH . 2.96 16.31 33.56
C1 CLA WH . 7.07 21.69 31.31
C2 CLA WH . 7.81 20.70 30.51
C3 CLA WH . 8.45 21.01 29.37
C4 CLA WH . 8.46 22.39 28.82
C5 CLA WH . 9.18 19.97 28.58
C6 CLA WH . 10.68 20.08 28.70
C7 CLA WH . 11.35 18.91 28.03
C8 CLA WH . 12.87 18.96 28.15
C9 CLA WH . 13.53 18.20 27.03
C10 CLA WH . 13.33 18.39 29.50
C11 CLA WH . 13.01 16.92 29.61
C12 CLA WH . 13.52 16.33 30.92
C13 CLA WH . 12.82 15.02 31.26
C14 CLA WH . 13.13 14.61 32.68
C15 CLA WH . 13.20 13.91 30.27
C16 CLA WH . 12.70 12.55 30.72
C17 CLA WH . 11.21 12.40 30.51
C18 CLA WH . 10.72 11.01 30.86
C19 CLA WH . 10.78 10.76 32.35
C20 CLA WH . 11.51 9.95 30.12
MG CLA XH . -3.83 24.72 10.65
CHA CLA XH . -4.31 28.13 10.23
CHB CLA XH . -7.03 24.42 11.79
CHC CLA XH . -3.34 21.33 10.94
CHD CLA XH . -0.52 25.08 9.46
NA CLA XH . -5.39 26.08 10.97
C1A CLA XH . -5.39 27.47 10.75
C2A CLA XH . -6.73 28.08 11.13
C3A CLA XH . -7.48 26.90 11.80
C4A CLA XH . -6.59 25.70 11.50
CMA CLA XH . -7.64 27.13 13.28
CAA CLA XH . -7.47 28.59 9.91
CBA CLA XH . -7.38 27.63 8.74
CGA CLA XH . -8.55 26.72 8.72
O1A CLA XH . -9.50 26.66 9.52
O2A CLA XH . -8.54 25.84 7.68
NB CLA XH . -4.95 23.18 11.32
C1B CLA XH . -6.29 23.24 11.58
C2B CLA XH . -6.86 21.86 11.66
C3B CLA XH . -5.82 20.99 11.41
C4B CLA XH . -4.59 21.81 11.21
CMB CLA XH . -8.26 21.62 11.93
CAB CLA XH . -5.78 19.55 11.37
CBB CLA XH . -6.73 18.74 10.88
NC CLA XH . -2.21 23.45 10.32
C1C CLA XH . -2.22 22.10 10.54
C2C CLA XH . -0.91 21.55 10.24
C3C CLA XH . -0.11 22.59 9.78
C4C CLA XH . -0.93 23.79 9.84
CMC CLA XH . -0.55 20.13 10.38
CAC CLA XH . 1.30 22.52 9.36
CBC CLA XH . 1.49 22.69 7.88
ND CLA XH . -2.65 26.20 9.97
C1D CLA XH . -1.31 26.21 9.51
C2D CLA XH . -0.95 27.59 9.11
C3D CLA XH . -2.06 28.36 9.35
C4D CLA XH . -3.09 27.45 9.90
CMD CLA XH . 0.36 27.98 8.57
CAD CLA XH . -2.64 29.70 9.29
OBD CLA XH . -2.15 30.74 8.89
CBD CLA XH . -4.08 29.59 9.87
CGD CLA XH . -4.26 30.54 11.02
O1D CLA XH . -3.73 30.48 12.13
O2D CLA XH . -5.08 31.59 10.77
CED CLA XH . -4.82 32.81 11.47
C1 CLA XH . -8.77 24.45 7.99
C2 CLA XH . -7.43 23.85 8.22
C3 CLA XH . -6.79 23.12 7.29
C4 CLA XH . -7.38 22.86 5.95
C5 CLA XH . -5.46 22.53 7.56
C6 CLA XH . -4.35 23.15 6.73
C7 CLA XH . -4.37 24.66 6.83
C8 CLA XH . -3.09 25.31 6.28
C9 CLA XH . -3.36 26.75 5.91
C10 CLA XH . -2.56 24.54 5.07
C11 CLA XH . -1.06 24.47 5.06
C12 CLA XH . -0.45 25.51 4.12
C13 CLA XH . 0.83 24.99 3.50
C14 CLA XH . 1.95 24.94 4.52
C15 CLA XH . 1.24 25.81 2.28
C16 CLA XH . 1.87 27.13 2.68
C17 CLA XH . 3.17 27.39 1.95
C18 CLA XH . 2.98 28.18 0.66
C19 CLA XH . 4.21 29.02 0.36
C20 CLA XH . 1.77 29.09 0.73
MG CLA YH . -0.50 29.38 17.54
CHA CLA YH . -3.01 31.43 18.78
CHB CLA YH . -1.72 29.81 14.40
CHC CLA YH . 2.16 27.57 16.34
CHD CLA YH . 0.72 28.97 20.84
NA CLA YH . -2.13 30.42 16.75
C1A CLA YH . -3.05 31.24 17.43
C2A CLA YH . -4.08 31.81 16.46
C3A CLA YH . -3.80 31.05 15.15
C4A CLA YH . -2.45 30.38 15.42
CMA CLA YH . -4.89 30.03 14.90
CAA CLA YH . -3.92 33.31 16.31
CBA CLA YH . -2.87 33.69 15.27
CGA CLA YH . -1.63 34.21 15.94
O1A CLA YH . -0.95 33.67 16.82
O2A CLA YH . -1.25 35.43 15.47
NB CLA YH . 0.07 28.75 15.72
C1B CLA YH . -0.48 29.16 14.55
C2B CLA YH . 0.40 28.78 13.41
C3B CLA YH . 1.49 28.14 13.95
C4B CLA YH . 1.30 28.11 15.42
CMB CLA YH . 0.07 29.08 12.02
CAB CLA YH . 2.64 27.58 13.28
CBB CLA YH . 3.05 26.32 13.39
NC CLA YH . 1.11 28.41 18.44
C1C CLA YH . 2.06 27.70 17.76
C2C CLA YH . 3.03 27.14 18.69
C3C CLA YH . 2.65 27.56 19.97
C4C CLA YH . 1.43 28.35 19.80
CMC CLA YH . 4.18 26.31 18.31
CAC CLA YH . 3.32 27.25 21.24
CBC CLA YH . 4.38 28.26 21.57
ND CLA YH . -0.99 29.99 19.40
C1D CLA YH . -0.42 29.74 20.67
C2D CLA YH . -1.21 30.45 21.71
C3D CLA YH . -2.21 31.12 21.04
C4D CLA YH . -2.03 30.80 19.61
CMD CLA YH . -0.92 30.42 23.14
CAD CLA YH . -3.38 31.98 21.15
OBD CLA YH . -3.89 32.47 22.15
CBD CLA YH . -3.92 32.21 19.71
CGD CLA YH . -5.34 31.76 19.55
O1D CLA YH . -5.78 30.62 19.67
O2D CLA YH . -6.22 32.77 19.23
CED CLA YH . -7.56 32.40 18.94
C1 CLA YH . 0.17 35.71 15.46
C2 CLA YH . 0.46 36.48 16.69
C3 CLA YH . 1.59 37.19 16.87
C4 CLA YH . 2.64 37.27 15.84
C5 CLA YH . 1.81 37.93 18.14
C6 CLA YH . 3.28 38.00 18.54
C7 CLA YH . 3.47 38.96 19.70
C8 CLA YH . 4.56 38.47 20.66
C9 CLA YH . 4.14 37.17 21.31
C10 CLA YH . 4.84 39.51 21.72
C11 CLA YH . 5.71 40.64 21.18
C12 CLA YH . 6.21 41.52 22.31
C13 CLA YH . 6.61 42.91 21.84
C14 CLA YH . 7.20 42.88 20.44
C15 CLA YH . 7.62 43.51 22.81
C16 CLA YH . 7.34 44.98 23.06
C17 CLA YH . 8.15 45.49 24.23
C18 CLA YH . 8.04 47.00 24.38
C19 CLA YH . 8.59 47.72 23.16
C20 CLA YH . 8.75 47.46 25.63
MG CLA ZH . 14.11 19.64 10.26
CHA CLA ZH . 16.41 18.14 8.15
CHB CLA ZH . 15.91 22.53 10.17
CHC CLA ZH . 11.68 21.16 12.17
CHD CLA ZH . 12.23 16.66 10.26
NA CLA ZH . 15.89 20.21 9.32
C1A CLA ZH . 16.69 19.44 8.46
C2A CLA ZH . 17.88 20.25 7.97
C3A CLA ZH . 17.75 21.60 8.72
C4A CLA ZH . 16.42 21.46 9.46
CMA CLA ZH . 18.91 21.81 9.65
CAA CLA ZH . 17.73 20.49 6.47
CBA CLA ZH . 16.32 20.92 6.13
CGA CLA ZH . 16.07 20.75 4.66
O1A CLA ZH . 16.81 20.29 3.80
O2A CLA ZH . 14.83 21.18 4.27
NB CLA ZH . 13.80 21.50 10.96
C1B CLA ZH . 14.72 22.50 10.90
C2B CLA ZH . 14.29 23.61 11.79
C3B CLA ZH . 13.09 23.25 12.37
C4B CLA ZH . 12.78 21.89 11.85
CMB CLA ZH . 15.08 24.81 11.94
CAB CLA ZH . 12.24 23.93 13.31
CBB CLA ZH . 12.19 25.25 13.56
NC CLA ZH . 12.30 19.01 11.08
C1C CLA ZH . 11.46 19.80 11.82
C2C CLA ZH . 10.27 19.07 12.18
C3C CLA ZH . 10.42 17.78 11.65
C4C CLA ZH . 11.70 17.76 10.96
CMC CLA ZH . 9.16 19.62 12.97
CAC CLA ZH . 9.45 16.68 11.75
CBC CLA ZH . 8.46 16.71 10.61
ND CLA ZH . 14.31 17.77 9.57
C1D CLA ZH . 13.44 16.64 9.61
C2D CLA ZH . 14.08 15.54 8.84
C3D CLA ZH . 15.21 16.05 8.27
C4D CLA ZH . 15.29 17.46 8.71
CMD CLA ZH . 13.55 14.19 8.71
CAD CLA ZH . 16.37 15.77 7.44
OBD CLA ZH . 16.75 14.72 6.95
CBD CLA ZH . 17.12 17.13 7.26
CGD CLA ZH . 18.59 16.96 7.51
O1D CLA ZH . 19.42 16.42 6.78
O2D CLA ZH . 19.01 17.48 8.71
CED CLA ZH . 20.43 17.52 8.92
C1 CLA ZH . 14.31 20.62 3.04
C2 CLA ZH . 12.95 21.16 2.83
C3 CLA ZH . 12.01 20.50 2.14
C4 CLA ZH . 12.27 19.18 1.53
C5 CLA ZH . 10.65 21.07 1.96
C6 CLA ZH . 9.55 20.11 2.41
C7 CLA ZH . 8.20 20.79 2.42
C8 CLA ZH . 7.10 19.88 2.94
C9 CLA ZH . 6.97 18.66 2.07
C10 CLA ZH . 5.78 20.63 3.02
C11 CLA ZH . 5.41 21.25 1.70
C12 CLA ZH . 4.03 20.82 1.24
C13 CLA ZH . 2.98 21.89 1.51
C14 CLA ZH . 2.28 21.63 2.83
C15 CLA ZH . 1.99 21.96 0.34
C16 CLA ZH . 0.54 21.95 0.78
C17 CLA ZH . -0.30 21.09 -0.16
C18 CLA ZH . -1.63 21.74 -0.51
C19 CLA ZH . -2.47 21.94 0.73
C20 CLA ZH . -2.39 20.90 -1.52
MG CLA AI . 18.10 4.38 32.52
CHA CLA AI . 21.21 4.23 34.04
CHB CLA AI . 17.66 1.07 33.13
CHC CLA AI . 15.01 4.60 31.07
CHD CLA AI . 18.63 7.83 31.92
NA CLA AI . 19.27 2.91 33.44
C1A CLA AI . 20.52 3.05 34.03
C2A CLA AI . 21.02 1.72 34.61
C3A CLA AI . 19.90 0.73 34.22
C4A CLA AI . 18.84 1.61 33.56
CMA CLA AI . 20.42 -0.33 33.26
CAA CLA AI . 21.13 1.80 36.12
NB CLA AI . 16.61 3.08 32.18
C1B CLA AI . 16.62 1.77 32.50
C2B CLA AI . 15.34 1.14 32.07
C3B CLA AI . 14.59 2.13 31.48
C4B CLA AI . 15.39 3.39 31.54
CMB CLA AI . 15.06 -0.28 32.27
CAB CLA AI . 13.28 2.06 30.89
CBB CLA AI . 12.19 1.60 31.51
NC CLA AI . 17.02 5.94 31.64
C1C CLA AI . 15.77 5.80 31.11
C2C CLA AI . 15.31 7.08 30.59
C3C CLA AI . 16.33 8.01 30.84
C4C CLA AI . 17.40 7.28 31.51
CMC CLA AI . 14.02 7.30 29.94
CAC CLA AI . 16.33 9.44 30.50
CBC CLA AI . 16.06 10.31 31.71
ND CLA AI . 19.55 5.75 32.83
C1D CLA AI . 19.65 7.14 32.54
C2D CLA AI . 20.96 7.63 32.98
C3D CLA AI . 21.62 6.55 33.53
C4D CLA AI . 20.69 5.42 33.43
CMD CLA AI . 21.42 9.00 32.80
CAD CLA AI . 22.84 6.06 34.15
OBD CLA AI . 23.90 6.64 34.34
CBD CLA AI . 22.59 4.58 34.54
CGD CLA AI . 23.59 3.63 33.94
O1D CLA AI . 24.40 2.91 34.54
O2D CLA AI . 23.55 3.57 32.58
CED CLA AI . 24.37 2.61 31.92
MG CLA BI . 12.91 -4.33 33.94
CHA CLA BI . 16.36 -4.23 34.34
CHB CLA BI . 13.17 -7.42 32.51
CHC CLA BI . 9.49 -4.42 33.61
CHD CLA BI . 12.69 -1.10 35.35
NA CLA BI . 14.52 -5.59 33.51
C1A CLA BI . 15.88 -5.36 33.76
C2A CLA BI . 16.73 -6.56 33.29
C3A CLA BI . 15.70 -7.49 32.61
C4A CLA BI . 14.36 -6.81 32.89
CMA CLA BI . 15.95 -7.64 31.13
CAA CLA BI . 17.37 -7.24 34.49
CBA CLA BI . 16.35 -8.02 35.29
CGA CLA BI . 16.56 -7.82 36.76
O1A CLA BI . 17.56 -7.41 37.34
O2A CLA BI . 15.46 -8.15 37.50
NB CLA BI . 11.59 -5.64 33.15
C1B CLA BI . 11.89 -6.89 32.71
C2B CLA BI . 10.64 -7.66 32.44
C3B CLA BI . 9.59 -6.82 32.75
C4B CLA BI . 10.18 -5.52 33.20
CMB CLA BI . 10.66 -9.03 31.96
CAB CLA BI . 8.16 -7.02 32.69
CBB CLA BI . 7.53 -8.17 32.90
NC CLA BI . 11.37 -3.00 34.39
C1C CLA BI . 10.05 -3.24 34.18
C2C CLA BI . 9.26 -2.08 34.60
C3C CLA BI . 10.16 -1.14 35.09
C4C CLA BI . 11.49 -1.73 34.96
CMC CLA BI . 7.79 -2.00 34.50
CAC CLA BI . 9.83 0.20 35.63
CBC CLA BI . 10.09 0.31 37.12
ND CLA BI . 14.16 -2.97 34.76
C1D CLA BI . 13.94 -1.67 35.26
C2D CLA BI . 15.25 -1.08 35.66
C3D CLA BI . 16.20 -2.02 35.35
C4D CLA BI . 15.47 -3.17 34.76
CMD CLA BI . 15.42 0.24 36.26
CAD CLA BI . 17.61 -2.37 35.36
OBD CLA BI . 18.56 -1.75 35.81
CBD CLA BI . 17.75 -3.75 34.65
CGD CLA BI . 18.59 -3.66 33.39
O1D CLA BI . 18.19 -3.57 32.23
O2D CLA BI . 19.94 -3.67 33.62
CED CLA BI . 20.79 -3.93 32.50
C1 CLA BI . 15.72 -8.98 38.66
C2 CLA BI . 14.46 -9.72 38.95
C3 CLA BI . 13.54 -9.29 39.82
C4 CLA BI . 13.70 -8.02 40.58
MG CLA CI . -2.05 -10.10 30.02
CHA CLA CI . 1.21 -9.85 28.86
CHB CLA CI . -2.95 -11.75 27.18
CHC CLA CI . -5.25 -10.40 31.27
CHD CLA CI . -1.07 -8.40 32.96
NA CLA CI . -1.02 -10.69 28.30
C1A CLA CI . 0.33 -10.48 28.00
C2A CLA CI . 0.69 -11.07 26.64
C3A CLA CI . -0.67 -11.59 26.10
C4A CLA CI . -1.62 -11.34 27.27
CMA CLA CI . -1.09 -10.87 24.85
CAA CLA CI . 1.70 -12.20 26.78
CBA CLA CI . 1.02 -13.52 27.08
CGA CLA CI . 1.77 -14.31 28.09
O1A CLA CI . 1.60 -14.35 29.31
O2A CLA CI . 2.76 -15.09 27.54
NB CLA CI . -3.79 -10.86 29.32
C1B CLA CI . -3.93 -11.57 28.18
C2B CLA CI . -5.30 -12.16 28.10
C3B CLA CI . -5.94 -11.77 29.26
C4B CLA CI . -4.99 -10.96 30.05
CMB CLA CI . -5.73 -12.97 26.97
CAB CLA CI . -7.28 -12.05 29.74
CBB CLA CI . -8.32 -12.48 29.02
NC CLA CI . -2.98 -9.49 31.79
C1C CLA CI . -4.30 -9.70 32.09
C2C CLA CI . -4.61 -9.13 33.39
C3C CLA CI . -3.43 -8.58 33.88
C4C CLA CI . -2.41 -8.80 32.86
CMC CLA CI . -5.93 -9.17 34.04
CAC CLA CI . -3.22 -7.87 35.17
CBC CLA CI . -2.22 -8.57 36.06
ND CLA CI . -0.36 -9.33 30.80
C1D CLA CI . -0.09 -8.64 32.02
C2D CLA CI . 1.34 -8.25 32.06
C3D CLA CI . 1.87 -8.69 30.86
C4D CLA CI . 0.79 -9.35 30.12
CMD CLA CI . 1.98 -7.54 33.16
CAD CLA CI . 3.08 -8.78 30.06
OBD CLA CI . 4.22 -8.40 30.30
CBD CLA CI . 2.67 -9.49 28.73
CGD CLA CI . 2.89 -8.61 27.53
O1D CLA CI . 2.15 -8.47 26.55
O2D CLA CI . 4.04 -7.91 27.56
CED CLA CI . 4.16 -6.84 26.62
C1 CLA CI . 3.46 -16.00 28.40
C2 CLA CI . 4.51 -15.21 29.10
C3 CLA CI . 5.67 -14.85 28.51
C4 CLA CI . 5.99 -15.22 27.11
C5 CLA CI . 6.70 -14.06 29.25
C6 CLA CI . 6.36 -13.83 30.71
C7 CLA CI . 5.60 -12.54 30.91
C8 CLA CI . 4.77 -12.57 32.18
C9 CLA CI . 3.63 -11.58 32.11
C10 CLA CI . 5.64 -12.29 33.40
C11 CLA CI . 4.84 -12.37 34.68
C12 CLA CI . 5.72 -12.55 35.89
C13 CLA CI . 6.52 -11.28 36.18
C14 CLA CI . 7.65 -11.56 37.15
C15 CLA CI . 5.63 -10.18 36.73
C16 CLA CI . 5.83 -8.88 35.99
C17 CLA CI . 6.24 -7.76 36.92
C18 CLA CI . 5.54 -6.45 36.60
C19 CLA CI . 4.08 -6.51 36.98
C20 CLA CI . 5.68 -6.11 35.13
MG CLA DI . -3.63 19.18 40.82
CHA CLA DI . -4.59 22.38 41.77
CHB CLA DI . -3.49 20.19 37.58
CHC CLA DI . -2.43 16.08 39.98
CHD CLA DI . -3.88 18.16 44.21
NA CLA DI . -4.02 20.99 39.86
C1A CLA DI . -4.38 22.21 40.43
C2A CLA DI . -4.57 23.28 39.36
C3A CLA DI . -4.46 22.48 38.04
C4A CLA DI . -3.94 21.12 38.50
CMA CLA DI . -5.82 22.34 37.40
CAA CLA DI . -3.47 24.32 39.48
CBA CLA DI . -2.36 24.08 38.48
CGA CLA DI . -1.03 23.97 39.14
O1A CLA DI . -0.11 23.20 38.87
O2A CLA DI . -0.87 24.88 40.15
NB CLA DI . -3.11 18.29 39.10
C1B CLA DI . -3.01 18.91 37.89
C2B CLA DI . -2.34 18.00 36.91
C3B CLA DI . -2.04 16.84 37.58
C4B CLA DI . -2.53 17.01 38.98
CMB CLA DI . -2.09 18.38 35.52
CAB CLA DI . -1.39 15.64 37.13
CBB CLA DI . -1.68 14.98 36.00
NC CLA DI . -3.27 17.42 41.91
C1C CLA DI . -2.78 16.27 41.35
C2C CLA DI . -2.65 15.25 42.38
C3C CLA DI . -3.04 15.83 43.57
C4C CLA DI . -3.44 17.21 43.27
CMC CLA DI . -2.17 13.89 42.14
CAC CLA DI . -3.07 15.19 44.90
CBC CLA DI . -1.81 15.45 45.69
ND CLA DI . -4.13 20.00 42.61
C1D CLA DI . -4.20 19.47 43.92
C2D CLA DI . -4.64 20.54 44.85
C3D CLA DI . -4.76 21.69 44.08
C4D CLA DI . -4.45 21.29 42.69
CMD CLA DI . -4.84 20.40 46.29
CAD CLA DI . -5.10 23.10 44.06
OBD CLA DI . -5.42 23.84 44.99
CBD CLA DI . -5.00 23.58 42.58
CGD CLA DI . -6.30 24.18 42.09
O1D CLA DI . -7.05 23.73 41.23
O2D CLA DI . -6.62 25.35 42.71
CED CLA DI . -7.58 26.18 42.09
C1 CLA DI . 0.26 25.78 40.04
C2 CLA DI . 1.44 25.08 40.61
C3 CLA DI . 2.33 25.67 41.41
C4 CLA DI . 2.23 27.09 41.80
C5 CLA DI . 3.49 24.89 41.94
C6 CLA DI . 3.07 23.96 43.06
C7 CLA DI . 3.95 22.72 43.07
C8 CLA DI . 3.85 21.96 44.39
C9 CLA DI . 4.56 20.62 44.30
C10 CLA DI . 2.40 21.74 44.78
C11 CLA DI . 2.27 21.54 46.27
C12 CLA DI . 2.90 22.68 47.04
C13 CLA DI . 2.57 22.64 48.53
C14 CLA DI . 1.69 21.46 48.89
C15 CLA DI . 1.91 23.93 48.99
C16 CLA DI . 1.62 23.90 50.48
C17 CLA DI . 2.44 24.92 51.23
C18 CLA DI . 1.82 26.30 51.09
C19 CLA DI . 1.54 26.92 52.46
C20 CLA DI . 2.73 27.21 50.28
MG CLA EI . -1.51 23.21 47.50
CHA CLA EI . -1.34 26.55 48.40
CHB CLA EI . -1.06 24.07 44.24
CHC CLA EI . -1.47 19.88 46.69
CHD CLA EI . -2.09 22.37 50.90
NA CLA EI . -1.25 25.03 46.50
C1A CLA EI . -1.21 26.31 47.06
C2A CLA EI . -1.02 27.37 45.97
C3A CLA EI . -1.11 26.56 44.66
C4A CLA EI . -1.13 25.10 45.15
CMA CLA EI . -2.35 26.90 43.87
CAA CLA EI . 0.36 28.00 46.10
CBA CLA EI . 1.40 26.96 46.47
CGA CLA EI . 2.76 27.39 46.00
O1A CLA EI . 3.05 28.25 45.17
O2A CLA EI . 3.77 26.68 46.59
NB CLA EI . -1.36 22.17 45.79
C1B CLA EI . -1.08 22.70 44.57
C2B CLA EI . -0.79 21.62 43.59
C3B CLA EI . -0.90 20.43 44.27
C4B CLA EI . -1.26 20.75 45.68
CMB CLA EI . -0.46 21.88 42.20
CAB CLA EI . -0.70 19.09 43.79
CBB CLA EI . 0.19 18.22 44.27
NC CLA EI . -1.76 21.45 48.60
C1C CLA EI . -1.72 20.19 48.06
C2C CLA EI . -1.95 19.20 49.10
C3C CLA EI . -2.11 19.90 50.30
C4C CLA EI . -1.99 21.32 49.98
CMC CLA EI . -1.98 17.75 48.87
CAC CLA EI . -2.38 19.34 51.63
CBC CLA EI . -1.19 18.64 52.24
ND CLA EI . -1.66 24.17 49.27
C1D CLA EI . -1.93 23.71 50.59
C2D CLA EI . -1.97 24.88 51.50
C3D CLA EI . -1.72 25.99 50.72
C4D CLA EI . -1.56 25.50 49.34
CMD CLA EI . -2.21 24.82 52.95
CAD CLA EI . -1.58 27.44 50.68
OBD CLA EI . -1.59 28.24 51.60
CBD CLA EI . -1.39 27.84 49.19
CGD CLA EI . -2.49 28.75 48.73
O1D CLA EI . -2.65 29.94 48.99
O2D CLA EI . -3.43 28.15 47.93
CED CLA EI . -4.45 27.36 48.55
C1 CLA EI . 5.08 26.84 46.03
C2 CLA EI . 5.73 25.51 46.02
C3 CLA EI . 6.59 25.13 45.06
C4 CLA EI . 6.97 26.03 43.95
C5 CLA EI . 7.20 23.77 45.08
C6 CLA EI . 8.65 23.76 44.61
C7 CLA EI . 9.23 22.37 44.67
C8 CLA EI . 10.49 22.24 43.83
MG CLA FI . -6.24 14.13 29.16
CHA CLA FI . -6.70 14.13 32.61
CHB CLA FI . -3.02 13.11 29.60
CHC CLA FI . -5.83 14.14 25.76
CHD CLA FI . -9.57 15.26 28.77
NA CLA FI . -5.08 13.69 30.85
C1A CLA FI . -5.45 13.73 32.20
C2A CLA FI . -4.28 13.35 33.11
C3A CLA FI . -3.14 13.03 32.11
C4A CLA FI . -3.77 13.29 30.75
CMA CLA FI . -1.95 13.93 32.34
CAA CLA FI . -4.56 12.15 33.99
CBA CLA FI . -3.40 11.96 34.94
CGA CLA FI . -3.73 10.99 36.05
O1A CLA FI . -4.65 10.18 36.13
O2A CLA FI . -2.83 11.07 37.07
NB CLA FI . -4.73 13.65 27.92
C1B CLA FI . -3.47 13.32 28.29
C2B CLA FI . -2.59 13.23 27.10
C3B CLA FI . -3.37 13.52 26.00
C4B CLA FI . -4.75 13.80 26.51
CMB CLA FI . -1.17 12.91 27.21
CAB CLA FI . -3.08 13.61 24.59
CBB CLA FI . -1.90 13.36 24.00
NC CLA FI . -7.49 14.59 27.56
C1C CLA FI . -7.12 14.51 26.25
C2C CLA FI . -8.24 14.89 25.39
C3C CLA FI . -9.30 15.24 26.22
C4C CLA FI . -8.81 15.05 27.59
CMC CLA FI . -8.18 14.91 23.93
CAC CLA FI . -10.63 15.72 25.79
CBC CLA FI . -11.81 14.91 26.27
ND CLA FI . -7.80 14.63 30.34
C1D CLA FI . -9.11 15.06 30.05
C2D CLA FI . -9.85 15.27 31.32
C3D CLA FI . -8.96 14.93 32.33
C4D CLA FI . -7.70 14.53 31.67
CMD CLA FI . -11.23 15.75 31.42
CAD CLA FI . -8.75 14.83 33.76
OBD CLA FI . -9.51 15.11 34.68
CBD CLA FI . -7.30 14.28 33.97
CGD CLA FI . -6.47 15.21 34.83
O1D CLA FI . -5.69 14.90 35.74
O2D CLA FI . -6.64 16.52 34.53
CED CLA FI . -5.49 17.37 34.60
C1 CLA FI . -2.41 9.84 37.69
C2 CLA FI . -3.13 9.75 38.98
C3 CLA FI . -2.49 9.62 40.16
C4 CLA FI . -3.22 9.53 41.44
C5 CLA FI . -1.00 9.56 40.21
C6 CLA FI . -0.43 10.46 41.29
C7 CLA FI . 0.85 9.89 41.85
C8 CLA FI . 2.08 10.55 41.24
C9 CLA FI . 3.35 9.83 41.67
C10 CLA FI . 2.15 12.03 41.62
C11 CLA FI . 3.10 12.80 40.73
C12 CLA FI . 2.67 12.75 39.28
C13 CLA FI . 1.27 13.35 39.09
MG CLA GI . -3.28 3.32 33.65
CHA CLA GI . -4.98 6.29 34.19
CHB CLA GI . -1.11 4.94 31.60
CHC CLA GI . -1.56 0.37 33.23
CHD CLA GI . -5.61 1.68 35.73
NA CLA GI . -3.11 5.30 33.01
C1A CLA GI . -3.91 6.39 33.34
C2A CLA GI . -3.43 7.66 32.66
C3A CLA GI . -2.31 7.15 31.71
C4A CLA GI . -2.14 5.69 32.12
CMA CLA GI . -2.72 7.28 30.27
CAA CLA GI . -2.89 8.64 33.68
CBA CLA GI . -1.66 8.16 34.43
CGA CLA GI . -1.97 7.17 35.52
O1A CLA GI . -2.95 7.12 36.25
O2A CLA GI . -1.00 6.23 35.67
NB CLA GI . -1.65 2.76 32.61
C1B CLA GI . -0.86 3.58 31.87
C2B CLA GI . 0.32 2.84 31.36
C3B CLA GI . 0.20 1.54 31.82
C4B CLA GI . -1.06 1.48 32.61
CMB CLA GI . 1.35 3.45 30.52
CAB CLA GI . 1.04 0.39 31.62
CBB CLA GI . 2.38 0.39 31.64
NC CLA GI . -3.56 1.37 34.34
C1C CLA GI . -2.75 0.32 34.03
C2C CLA GI . -3.25 -0.90 34.67
C3C CLA GI . -4.39 -0.54 35.38
C4C CLA GI . -4.59 0.89 35.17
CMC CLA GI . -2.64 -2.22 34.54
CAC CLA GI . -5.26 -1.44 36.17
CBC CLA GI . -5.40 -1.08 37.62
ND CLA GI . -4.94 3.79 34.70
C1D CLA GI . -5.79 3.03 35.55
C2D CLA GI . -6.83 3.91 36.13
C3D CLA GI . -6.56 5.19 35.65
C4D CLA GI . -5.38 5.05 34.77
CMD CLA GI . -7.88 3.47 37.04
CAD CLA GI . -6.95 6.58 35.64
OBD CLA GI . -7.88 7.14 36.22
CBD CLA GI . -5.94 7.33 34.72
CGD CLA GI . -6.59 8.14 33.62
O1D CLA GI . -6.19 9.19 33.13
O2D CLA GI . -7.76 7.62 33.15
CED CLA GI . -8.48 8.40 32.19
C1 CLA GI . -1.39 5.00 36.32
C2 CLA GI . -0.17 4.17 36.40
C3 CLA GI . -0.15 2.92 36.85
C4 CLA GI . -1.39 2.24 37.32
C5 CLA GI . 1.11 2.13 36.89
C6 CLA GI . 1.08 0.94 35.97
C7 CLA GI . 2.47 0.39 35.74
C8 CLA GI . 2.55 -1.09 36.05
C9 CLA GI . 3.84 -1.68 35.50
C10 CLA GI . 1.36 -1.84 35.47
C11 CLA GI . 1.37 -3.30 35.87
C12 CLA GI . 0.32 -3.62 36.91
C13 CLA GI . 0.36 -5.09 37.31
C14 CLA GI . 0.46 -5.98 36.08
C15 CLA GI . -0.85 -5.48 38.13
C16 CLA GI . -0.44 -5.98 39.50
C17 CLA GI . -1.54 -6.79 40.15
C18 CLA GI . -1.45 -6.77 41.67
C19 CLA GI . -0.02 -6.95 42.14
C20 CLA GI . -2.33 -7.84 42.27
MG CLA HI . 6.33 5.90 30.25
CHA CLA HI . 3.68 8.12 30.41
CHB CLA HI . 7.82 7.86 27.92
CHC CLA HI . 8.91 3.64 30.12
CHD CLA HI . 4.66 3.85 32.62
NA CLA HI . 5.81 7.70 29.34
C1A CLA HI . 4.67 8.48 29.53
C2A CLA HI . 4.68 9.73 28.65
C3A CLA HI . 5.95 9.54 27.79
C4A CLA HI . 6.61 8.29 28.38
CMA CLA HI . 5.62 9.37 26.33
CAA CLA HI . 4.77 11.00 29.48
CBA CLA HI . 5.62 10.82 30.72
CGA CLA HI . 5.99 12.16 31.29
O1A CLA HI . 6.94 12.88 30.98
O2A CLA HI . 5.11 12.60 32.24
NB CLA HI . 7.99 5.71 29.13
C1B CLA HI . 8.51 6.72 28.37
C2B CLA HI . 9.94 6.44 28.07
C3B CLA HI . 10.25 5.25 28.68
C4B CLA HI . 9.02 4.78 29.37
CMB CLA HI . 10.78 7.33 27.26
CAB CLA HI . 11.50 4.54 28.72
CBB CLA HI . 11.68 3.28 28.29
NC CLA HI . 6.71 4.07 31.20
C1C CLA HI . 7.82 3.31 30.98
C2C CLA HI . 7.75 2.09 31.79
C3C CLA HI . 6.56 2.15 32.51
C4C CLA HI . 5.90 3.41 32.12
CMC CLA HI . 8.77 1.04 31.80
CAC CLA HI . 6.04 1.15 33.45
CBC CLA HI . 6.15 1.58 34.89
ND CLA HI . 4.67 5.99 31.40
C1D CLA HI . 4.08 5.05 32.30
C2D CLA HI . 2.78 5.59 32.77
C3D CLA HI . 2.59 6.78 32.09
C4D CLA HI . 3.77 6.95 31.23
CMD CLA HI . 1.92 4.94 33.77
CAD CLA HI . 1.73 7.92 31.88
OBD CLA HI . 0.69 8.24 32.46
CBD CLA HI . 2.34 8.76 30.72
CGD CLA HI . 1.45 8.75 29.51
O1D CLA HI . 1.64 8.14 28.45
O2D CLA HI . 0.33 9.51 29.63
CED CLA HI . -0.54 9.58 28.51
C1 CLA HI . 5.56 13.70 33.05
C2 CLA HI . 6.40 13.14 34.13
C3 CLA HI . 6.07 13.22 35.43
C4 CLA HI . 4.82 13.88 35.87
C5 CLA HI . 6.93 12.64 36.49
C6 CLA HI . 8.12 11.86 35.93
C7 CLA HI . 8.80 11.07 37.03
C8 CLA HI . 9.75 10.02 36.45
C9 CLA HI . 9.97 8.91 37.47
C10 CLA HI . 11.07 10.65 36.05
C11 CLA HI . 12.06 9.62 35.57
C12 CLA HI . 13.36 10.27 35.15
C13 CLA HI . 13.94 11.13 36.26
C14 CLA HI . 14.49 12.43 35.71
C15 CLA HI . 15.00 10.37 37.04
C16 CLA HI . 14.72 10.37 38.53
C17 CLA HI . 15.57 9.34 39.25
C18 CLA HI . 15.52 9.51 40.76
C19 CLA HI . 16.49 8.56 41.43
C20 CLA HI . 15.86 10.94 41.13
MG CLA II . 10.91 16.12 -17.79
CHA CLA II . 11.57 18.90 -19.77
CHB CLA II . 11.45 17.99 -15.00
CHC CLA II . 10.19 13.36 -15.88
CHD CLA II . 10.37 14.23 -20.73
NA CLA II . 11.42 18.12 -17.46
C1A CLA II . 11.64 19.12 -18.43
C2A CLA II . 11.96 20.46 -17.76
C3A CLA II . 11.94 20.13 -16.25
C4A CLA II . 11.57 18.65 -16.21
CMA CLA II . 13.28 20.40 -15.59
CAA CLA II . 10.87 21.46 -18.06
CBA CLA II . 9.52 21.00 -17.53
CGA CLA II . 8.56 20.78 -18.66
O1A CLA II . 8.78 20.85 -19.88
O2A CLA II . 7.31 20.44 -18.24
NB CLA II . 10.80 15.76 -15.82
C1B CLA II . 11.11 16.63 -14.84
C2B CLA II . 11.09 15.95 -13.51
C3B CLA II . 10.74 14.65 -13.75
C4B CLA II . 10.54 14.51 -15.22
CMB CLA II . 11.38 16.64 -12.26
CAB CLA II . 10.55 13.56 -12.82
CBB CLA II . 11.38 12.52 -12.70
NC CLA II . 10.36 14.15 -18.24
C1C CLA II . 10.09 13.19 -17.29
C2C CLA II . 9.71 11.95 -17.94
C3C CLA II . 9.79 12.19 -19.32
C4C CLA II . 10.19 13.57 -19.50
CMC CLA II . 9.35 10.71 -17.25
CAC CLA II . 9.49 11.23 -20.40
CBC CLA II . 10.73 10.67 -21.07
ND CLA II . 10.96 16.41 -19.79
C1D CLA II . 10.74 15.54 -20.89
C2D CLA II . 10.93 16.30 -22.15
C3D CLA II . 11.25 17.58 -21.78
C4D CLA II . 11.26 17.60 -20.30
CMD CLA II . 10.79 15.74 -23.49
CAD CLA II . 11.58 18.93 -22.23
OBD CLA II . 11.66 19.37 -23.38
CBD CLA II . 11.81 19.79 -20.96
CGD CLA II . 13.21 20.34 -20.93
O1D CLA II . 14.15 19.94 -20.23
O2D CLA II . 13.43 21.39 -21.76
CED CLA II . 14.79 21.80 -21.96
C1 CLA II . 6.22 21.19 -18.82
C2 CLA II . 5.00 20.82 -18.05
C3 CLA II . 4.33 19.67 -18.25
C4 CLA II . 4.75 18.68 -19.26
C5 CLA II . 3.11 19.34 -17.46
C6 CLA II . 2.05 18.63 -18.28
C7 CLA II . 1.20 19.62 -19.03
C8 CLA II . -0.17 19.06 -19.44
C9 CLA II . -0.46 17.73 -18.76
C10 CLA II . -0.29 18.92 -20.95
C11 CLA II . -0.24 20.27 -21.63
C12 CLA II . -0.87 20.23 -23.00
C13 CLA II . -0.71 21.55 -23.75
C14 CLA II . -0.79 22.74 -22.81
C15 CLA II . -1.74 21.69 -24.85
C16 CLA II . -1.10 22.12 -26.14
C17 CLA II . -0.62 20.92 -26.95
C18 CLA II . -0.97 21.07 -28.43
C19 CLA II . -2.40 21.50 -28.61
C20 CLA II . -0.05 22.07 -29.08
MG CLA JI . 1.20 14.82 -6.33
CHA CLA JI . 3.65 16.56 -4.58
CHB CLA JI . -1.22 16.52 -4.67
CHC CLA JI . -1.15 13.02 -8.06
CHD CLA JI . 3.76 13.10 -8.08
NA CLA JI . 1.24 16.30 -4.86
C1A CLA JI . 2.36 16.90 -4.26
C2A CLA JI . 1.93 17.94 -3.22
C3A CLA JI . 0.38 17.92 -3.29
C4A CLA JI . 0.09 16.84 -4.34
CMA CLA JI . -0.26 17.62 -1.97
CAA CLA JI . 2.50 19.32 -3.49
CBA CLA JI . 1.64 20.14 -4.44
CGA CLA JI . 2.03 21.58 -4.30
O1A CLA JI . 2.09 22.26 -3.28
O2A CLA JI . 2.36 22.16 -5.49
NB CLA JI . -0.80 14.76 -6.35
C1B CLA JI . -1.63 15.56 -5.61
C2B CLA JI . -3.05 15.26 -5.95
C3B CLA JI . -3.04 14.27 -6.91
C4B CLA JI . -1.60 13.94 -7.17
CMB CLA JI . -4.19 15.93 -5.35
CAB CLA JI . -4.15 13.64 -7.58
CBB CLA JI . -4.29 12.32 -7.81
NC CLA JI . 1.30 13.34 -7.79
C1C CLA JI . 0.20 12.74 -8.36
C2C CLA JI . 0.61 11.74 -9.33
C3C CLA JI . 2.01 11.77 -9.37
C4C CLA JI . 2.43 12.77 -8.39
CMC CLA JI . -0.33 10.93 -10.11
CAC CLA JI . 2.91 10.96 -10.20
CBC CLA JI . 2.84 9.50 -9.89
ND CLA JI . 3.23 14.78 -6.37
C1D CLA JI . 4.15 14.04 -7.15
C2D CLA JI . 5.53 14.41 -6.76
C3D CLA JI . 5.40 15.36 -5.76
C4D CLA JI . 3.95 15.57 -5.58
CMD CLA JI . 6.75 13.84 -7.32
CAD CLA JI . 6.09 16.24 -4.84
OBD CLA JI . 7.29 16.37 -4.63
CBD CLA JI . 5.00 17.06 -4.08
CGD CLA JI . 5.13 16.98 -2.58
O1D CLA JI . 4.68 17.76 -1.73
O2D CLA JI . 5.83 15.89 -2.14
CED CLA JI . 6.96 16.14 -1.31
C1 CLA JI . 1.41 23.11 -6.00
C2 CLA JI . 1.59 23.15 -7.48
C3 CLA JI . 0.64 23.61 -8.31
C4 CLA JI . -0.66 24.13 -7.80
C5 CLA JI . 0.86 23.63 -9.78
C6 CLA JI . 2.32 23.85 -10.13
C7 CLA JI . 2.48 24.18 -11.59
C8 CLA JI . 2.95 22.99 -12.41
C9 CLA JI . 4.08 22.26 -11.71
C10 CLA JI . 3.40 23.44 -13.79
C11 CLA JI . 2.21 23.71 -14.69
C12 CLA JI . 1.30 22.52 -14.79
C13 CLA JI . 0.20 22.74 -15.82
C14 CLA JI . -0.65 21.49 -15.96
C15 CLA JI . 0.78 23.14 -17.16
C16 CLA JI . -0.32 23.52 -18.15
C17 CLA JI . -0.60 25.00 -18.13
C18 CLA JI . -1.96 25.34 -18.73
C19 CLA JI . -2.04 26.80 -19.12
C20 CLA JI . -2.28 24.46 -19.90
MG CLA KI . 22.16 13.89 45.88
CHA CLA KI . 21.66 14.19 42.48
CHB CLA KI . 19.16 12.32 46.18
CHC CLA KI . 22.72 13.60 49.25
CHD CLA KI . 25.23 15.62 45.52
NA CLA KI . 20.68 13.34 44.52
C1A CLA KI . 20.66 13.53 43.14
C2A CLA KI . 19.38 12.95 42.52
C3A CLA KI . 18.62 12.36 43.72
C4A CLA KI . 19.54 12.68 44.90
CMA CLA KI . 17.27 13.00 43.88
CAA CLA KI . 19.72 11.85 41.53
CBA CLA KI . 20.39 10.68 42.21
CGA CLA KI . 20.97 9.75 41.18
O1A CLA KI . 22.14 9.40 41.03
O2A CLA KI . 20.03 9.24 40.34
NB CLA KI . 21.19 13.00 47.40
C1B CLA KI . 19.91 12.56 47.34
C2B CLA KI . 19.35 12.41 48.71
C3B CLA KI . 20.36 12.77 49.58
C4B CLA KI . 21.54 13.15 48.77
CMB CLA KI . 17.99 11.96 48.99
CAB CLA KI . 20.35 12.83 51.02
CBB CLA KI . 19.54 13.63 51.71
NC CLA KI . 23.72 14.48 47.15
C1C CLA KI . 23.76 14.23 48.49
C2C CLA KI . 25.00 14.73 49.06
C3C CLA KI . 25.69 15.34 48.01
C4C CLA KI . 24.88 15.18 46.81
CMC CLA KI . 25.38 14.63 50.47
CAC CLA KI . 27.00 16.01 48.08
CBC CLA KI . 26.87 17.51 48.20
ND CLA KI . 23.21 14.80 44.41
C1D CLA KI . 24.48 15.45 44.39
C2D CLA KI . 24.77 15.89 43.01
C3D CLA KI . 23.71 15.45 42.23
C4D CLA KI . 22.79 14.75 43.15
CMD CLA KI . 25.96 16.64 42.61
CAD CLA KI . 23.12 15.40 40.91
OBD CLA KI . 23.51 15.91 39.86
CBD CLA KI . 21.82 14.54 41.02
CGD CLA KI . 20.58 15.25 40.55
O1D CLA KI . 19.76 14.87 39.71
O2D CLA KI . 20.36 16.44 41.19
CED CLA KI . 19.01 16.88 41.31
C1 CLA KI . 20.33 7.97 39.73
C2 CLA KI . 19.53 7.90 38.49
C3 CLA KI . 19.50 6.81 37.70
C4 CLA KI . 20.28 5.59 38.02
C5 CLA KI . 18.67 6.78 36.47
C6 CLA KI . 17.39 5.99 36.64
C7 CLA KI . 16.40 6.38 35.55
C8 CLA KI . 15.12 5.56 35.61
C9 CLA KI . 15.41 4.09 35.36
C10 CLA KI . 14.14 6.09 34.57
C11 CLA KI . 12.90 5.22 34.46
C12 CLA KI . 12.07 5.60 33.26
C13 CLA KI . 10.61 5.79 33.63
C14 CLA KI . 9.91 4.45 33.74
C15 CLA KI . 9.90 6.71 32.64
C16 CLA KI . 8.41 6.74 32.91
C17 CLA KI . 7.95 8.12 33.38
C18 CLA KI . 6.81 8.06 34.38
C19 CLA KI . 6.31 6.66 34.64
C20 CLA KI . 5.66 8.93 33.91
C1 PQN LI . 6.46 5.82 -7.54
O1 PQN LI . 5.48 5.38 -6.90
C2 PQN LI . 6.25 6.57 -8.80
C2M PQN LI . 4.85 6.81 -9.28
C3 PQN LI . 7.40 7.11 -9.56
C4 PQN LI . 8.78 6.87 -9.07
O4 PQN LI . 9.75 7.31 -9.72
C5 PQN LI . 8.99 6.10 -7.82
C6 PQN LI . 10.27 5.88 -7.35
C7 PQN LI . 10.44 5.16 -6.17
C8 PQN LI . 9.36 4.66 -5.46
C9 PQN LI . 8.05 4.87 -5.89
C10 PQN LI . 7.84 5.58 -7.06
C11 PQN LI . 7.18 7.87 -10.84
C12 PQN LI . 6.87 9.33 -10.61
C13 PQN LI . 7.69 10.27 -11.12
C14 PQN LI . 8.89 9.88 -11.91
C15 PQN LI . 7.37 11.73 -10.91
C16 PQN LI . 6.85 12.24 -12.24
C17 PQN LI . 6.97 13.75 -12.33
C18 PQN LI . 5.99 14.43 -11.38
C19 PQN LI . 4.55 14.18 -11.80
C20 PQN LI . 6.30 15.92 -11.36
C21 PQN LI . 6.25 16.50 -12.76
C22 PQN LI . 6.59 17.99 -12.71
C23 PQN LI . 6.65 18.63 -14.09
C24 PQN LI . 7.47 17.79 -15.06
C25 PQN LI . 7.22 20.03 -13.96
C26 PQN LI . 8.70 20.00 -13.60
C27 PQN LI . 8.96 20.44 -12.17
C28 PQN LI . 10.42 20.28 -11.81
C29 PQN LI . 11.29 21.28 -12.57
C30 PQN LI . 10.64 20.42 -10.30
C1 BCR MI . 24.24 38.12 44.84
C2 BCR MI . 24.87 37.05 45.73
C3 BCR MI . 23.92 35.97 46.22
C4 BCR MI . 23.02 35.51 45.08
C5 BCR MI . 22.18 36.71 44.76
C6 BCR MI . 22.80 37.86 44.46
C7 BCR MI . 22.09 38.95 43.75
C8 BCR MI . 21.60 38.80 42.52
C9 BCR MI . 20.91 39.95 41.93
C10 BCR MI . 19.78 39.78 41.22
C11 BCR MI . 19.10 40.93 40.66
C33 BCR MI . 20.68 36.60 44.82
C31 BCR MI . 25.04 38.24 43.54
C32 BCR MI . 24.29 39.46 45.56
C34 BCR MI . 21.47 41.34 42.12
C12 BCR MI . 17.83 40.83 40.31
C13 BCR MI . 17.12 41.98 39.76
C14 BCR MI . 15.82 41.87 39.46
C15 BCR MI . 15.10 43.02 38.93
C16 BCR MI . 13.77 42.97 38.85
C17 BCR MI . 13.08 44.13 38.31
C18 BCR MI . 11.75 44.12 38.14
C19 BCR MI . 11.12 45.33 37.60
C20 BCR MI . 9.80 45.44 37.47
C21 BCR MI . 9.33 46.71 36.94
C22 BCR MI . 8.04 47.05 36.93
C23 BCR MI . 7.69 48.38 36.37
C24 BCR MI . 6.44 48.68 36.01
C25 BCR MI . 6.16 50.02 35.46
C26 BCR MI . 6.61 50.36 34.25
C27 BCR MI . 6.62 51.81 33.82
C28 BCR MI . 5.29 52.40 34.21
C29 BCR MI . 5.14 52.35 35.72
C30 BCR MI . 5.34 50.96 36.32
C35 BCR MI . 17.84 43.28 39.53
C36 BCR MI . 10.94 42.91 38.49
C37 BCR MI . 6.99 46.15 37.49
C38 BCR MI . 7.09 49.34 33.26
C39 BCR MI . 3.99 50.30 36.56
C40 BCR MI . 6.05 51.11 37.66
C1 BCR NI . 15.91 51.18 26.85
C2 BCR NI . 16.49 52.60 26.95
C3 BCR NI . 15.52 53.66 26.49
C4 BCR NI . 15.16 53.39 25.04
C5 BCR NI . 14.47 52.06 24.99
C6 BCR NI . 14.77 51.08 25.85
C7 BCR NI . 13.95 49.84 25.84
C8 BCR NI . 14.27 48.78 25.09
C9 BCR NI . 13.39 47.60 25.11
C10 BCR NI . 13.49 46.70 24.14
C11 BCR NI . 12.61 45.52 24.11
C33 BCR NI . 13.40 51.85 23.96
C31 BCR NI . 15.40 50.75 28.21
C32 BCR NI . 17.04 50.25 26.41
C34 BCR NI . 12.40 47.41 26.22
C12 BCR NI . 12.68 44.70 23.07
C13 BCR NI . 11.79 43.53 23.00
C14 BCR NI . 11.60 42.96 21.80
C15 BCR NI . 10.70 41.83 21.64
C16 BCR NI . 10.52 41.28 20.44
C17 BCR NI . 9.59 40.17 20.30
C18 BCR NI . 9.36 39.55 19.14
C19 BCR NI . 8.36 38.47 19.14
C20 BCR NI . 8.05 37.74 18.08
C21 BCR NI . 7.00 36.75 18.33
C22 BCR NI . 6.69 35.75 17.50
C23 BCR NI . 5.59 34.85 17.91
C24 BCR NI . 5.43 33.65 17.37
C25 BCR NI . 4.31 32.77 17.81
C26 BCR NI . 4.12 32.48 19.10
C27 BCR NI . 2.74 32.22 19.65
C28 BCR NI . 1.71 32.34 18.55
C29 BCR NI . 2.18 31.56 17.33
C30 BCR NI . 3.42 32.20 16.73
C35 BCR NI . 11.11 43.01 24.21
C36 BCR NI . 10.10 39.94 17.89
C37 BCR NI . 7.42 35.56 16.20
C38 BCR NI . 5.27 32.38 20.06
C39 BCR NI . 3.00 33.34 15.82
C40 BCR NI . 4.22 31.18 15.94
C1 BCR OI . 9.78 55.31 29.80
C2 BCR OI . 10.92 55.44 30.81
C3 BCR OI . 10.40 55.07 32.19
C4 BCR OI . 9.42 56.14 32.65
C5 BCR OI . 8.41 56.43 31.56
C6 BCR OI . 8.55 56.04 30.29
C7 BCR OI . 7.44 56.38 29.37
C8 BCR OI . 6.79 55.51 28.59
C9 BCR OI . 5.70 56.03 27.75
C10 BCR OI . 5.21 55.32 26.73
C11 BCR OI . 5.72 54.02 26.32
C33 BCR OI . 7.18 57.20 31.94
C31 BCR OI . 9.49 53.83 29.59
C32 BCR OI . 10.22 55.93 28.48
C34 BCR OI . 5.11 57.36 28.07
C12 BCR OI . 5.01 53.33 25.43
C13 BCR OI . 5.43 52.01 24.93
C14 BCR OI . 4.66 51.38 24.03
C15 BCR OI . 5.03 50.08 23.47
C16 BCR OI . 4.26 49.53 22.54
C17 BCR OI . 4.64 48.26 21.94
C18 BCR OI . 3.90 47.68 20.99
C19 BCR OI . 4.36 46.41 20.40
C20 BCR OI . 3.63 45.73 19.53
C21 BCR OI . 4.22 44.49 18.99
C22 BCR OI . 3.49 43.54 18.39
C23 BCR OI . 2.04 43.66 18.23
C24 BCR OI . 1.43 42.79 17.40
C25 BCR OI . -0.03 42.78 17.14
C26 BCR OI . -0.62 43.76 16.46
C27 BCR OI . -2.12 43.85 16.33
C28 BCR OI . -2.72 42.46 16.36
C29 BCR OI . -2.29 41.78 17.64
C30 BCR OI . -0.78 41.57 17.65
C35 BCR OI . 6.72 51.39 25.37
C36 BCR OI . 2.63 48.33 20.51
C37 BCR OI . 4.19 42.31 17.88
C38 BCR OI . 0.17 44.83 15.78
C39 BCR OI . -0.44 40.38 16.75
C40 BCR OI . -0.34 41.27 19.08
C1 BCR PI . 18.24 15.61 22.34
C2 BCR PI . 19.69 15.17 22.45
C3 BCR PI . 20.01 13.92 21.66
C4 BCR PI . 19.09 12.80 22.11
C5 BCR PI . 17.67 13.23 21.83
C6 BCR PI . 17.27 14.47 22.12
C7 BCR PI . 15.84 14.77 22.24
C8 BCR PI . 15.14 14.30 23.27
C9 BCR PI . 13.72 14.64 23.42
C10 BCR PI . 13.19 14.51 24.64
C11 BCR PI . 11.81 14.85 24.93
C33 BCR PI . 16.75 12.24 21.17
C31 BCR PI . 18.08 16.59 21.18
C32 BCR PI . 17.86 16.32 23.64
C34 BCR PI . 12.90 15.11 22.26
C12 BCR PI . 11.61 15.06 26.23
C13 BCR PI . 10.32 15.43 26.81
C14 BCR PI . 10.24 15.43 28.14
C15 BCR PI . 9.03 15.82 28.83
C16 BCR PI . 9.17 16.05 30.13
C17 BCR PI . 8.03 16.47 30.92
C18 BCR PI . 8.17 16.60 32.24
C19 BCR PI . 7.01 17.06 33.01
C20 BCR PI . 7.10 17.29 34.31
C21 BCR PI . 5.89 17.74 34.97
C22 BCR PI . 5.84 17.90 36.29
C23 BCR PI . 4.57 18.37 36.87
C24 BCR PI . 4.41 18.36 38.18
C25 BCR PI . 3.15 18.86 38.79
C26 BCR PI . 2.04 18.11 38.76
C27 BCR PI . 0.76 18.63 39.36
C28 BCR PI . 0.70 20.11 39.05
C29 BCR PI . 1.85 20.83 39.74
C30 BCR PI . 3.22 20.19 39.49
C35 BCR PI . 9.14 15.84 25.97
C36 BCR PI . 9.48 16.31 32.92
C37 BCR PI . 7.02 17.60 37.15
C38 BCR PI . 2.02 16.75 38.15
C39 BCR PI . 3.91 19.95 40.83
C40 BCR PI . 4.05 21.18 38.69
C1 BCR QI . -8.71 25.20 -3.60
C2 BCR QI . -10.13 25.34 -3.07
C3 BCR QI . -10.70 23.98 -2.72
C4 BCR QI . -9.93 23.35 -1.58
C5 BCR QI . -8.44 23.50 -1.78
C6 BCR QI . -7.91 24.20 -2.79
C7 BCR QI . -6.48 24.01 -3.13
C8 BCR QI . -6.14 22.96 -3.88
C9 BCR QI . -4.76 22.67 -4.27
C10 BCR QI . -4.59 21.61 -5.06
C11 BCR QI . -3.32 21.11 -5.58
C33 BCR QI . -7.53 22.84 -0.78
C31 BCR QI . -7.99 26.55 -3.53
C32 BCR QI . -8.77 24.74 -5.05
C34 BCR QI . -3.60 23.50 -3.82
C12 BCR QI . -3.45 20.14 -6.47
C13 BCR QI . -2.33 19.45 -7.13
C14 BCR QI . -2.62 18.43 -7.94
C15 BCR QI . -1.60 17.66 -8.60
C16 BCR QI . -1.92 16.84 -9.60
C17 BCR QI . -0.86 16.05 -10.20
C18 BCR QI . -1.13 15.09 -11.08
C19 BCR QI . -0.02 14.28 -11.60
C20 BCR QI . -0.14 13.43 -12.61
C21 BCR QI . 1.08 12.69 -12.92
C22 BCR QI . 1.14 11.70 -13.81
C23 BCR QI . 2.44 11.03 -13.99
C24 BCR QI . 2.63 10.08 -14.89
C25 BCR QI . 3.94 9.39 -15.03
C26 BCR QI . 5.07 10.06 -15.34
C27 BCR QI . 6.43 9.41 -15.22
C28 BCR QI . 6.35 8.11 -14.46
C29 BCR QI . 5.25 7.25 -15.07
C30 BCR QI . 3.91 7.90 -14.80
C35 BCR QI . -0.91 19.86 -6.88
C36 BCR QI . -2.55 14.81 -11.50
C37 BCR QI . -0.08 11.27 -14.59
C38 BCR QI . 5.05 11.47 -15.83
C39 BCR QI . 3.51 7.65 -13.35
C40 BCR QI . 2.86 7.30 -15.72
O1 LHG RI . 25.70 10.46 51.16
C1 LHG RI . 24.70 9.64 50.64
C2 LHG RI . 24.95 9.43 49.16
O2 LHG RI . 25.98 10.28 48.76
C3 LHG RI . 23.68 9.77 48.37
O3 LHG RI . 24.04 10.55 47.27
P LHG RI . 23.48 10.13 45.79
O4 LHG RI . 23.36 11.35 44.92
O5 LHG RI . 24.44 9.16 45.15
O6 LHG RI . 21.98 9.40 45.94
C4 LHG RI . 21.80 8.13 45.32
C5 LHG RI . 20.29 7.87 45.18
C6 LHG RI . 20.01 6.40 45.46
O7 LHG RI . 19.58 8.66 46.10
C7 LHG RI . 18.28 8.97 45.67
O9 LHG RI . 18.05 9.07 44.51
C8 LHG RI . 17.15 9.19 46.70
C9 LHG RI . 15.84 9.64 46.04
C10 LHG RI . 14.62 8.83 46.55
O8 LHG RI . 19.54 5.79 44.30
C23 LHG RI . 19.02 4.52 44.52
O10 LHG RI . 19.71 3.56 44.38
C24 LHG RI . 17.53 4.36 44.93
C11 LHG RI . 14.71 7.32 46.17
C12 LHG RI . 13.86 6.98 44.91
C25 LHG RI . 16.95 3.03 44.46
C26 LHG RI . 15.65 2.74 44.73
C27 LHG RI . 15.03 1.38 44.26
C28 LHG RI . 13.91 0.89 45.19
C29 LHG RI . 13.41 -0.54 44.86
C30 LHG RI . 14.55 -1.60 44.95
C1A DGD SI . 14.06 14.45 -1.97
C2A DGD SI . 12.66 14.94 -1.76
C3A DGD SI . 12.31 15.95 -2.83
C4A DGD SI . 11.54 17.10 -2.21
C5A DGD SI . 10.92 17.98 -3.27
C6A DGD SI . 9.51 18.38 -2.87
C7A DGD SI . 9.39 19.89 -2.77
C8A DGD SI . 7.94 20.33 -2.88
C9A DGD SI . 7.60 21.35 -1.80
CAA DGD SI . 6.88 22.56 -2.39
O1A DGD SI . 14.75 14.95 -2.83
C1B DGD SI . 15.07 14.83 2.21
C2B DGD SI . 15.12 14.98 3.70
C3B DGD SI . 14.94 16.45 4.06
C4B DGD SI . 13.49 16.86 4.14
C5B DGD SI . 13.00 16.93 5.58
C6B DGD SI . 11.81 16.02 5.81
C7B DGD SI . 10.49 16.77 5.82
C8B DGD SI . 9.33 15.83 5.60
C9B DGD SI . 8.02 16.40 6.13
CAB DGD SI . 6.80 15.61 5.64
CBB DGD SI . 5.51 16.21 6.18
CCB DGD SI . 4.68 16.84 5.07
CDB DGD SI . 4.18 18.22 5.46
CEB DGD SI . 2.80 18.14 6.08
CFB DGD SI . 1.91 19.30 5.61
CGB DGD SI . 0.54 19.22 6.26
CHB DGD SI . -0.44 20.16 5.59
O1B DGD SI . 14.34 15.55 1.56
O1G DGD SI . 14.59 13.37 -1.17
C1G DGD SI . 15.97 13.33 -0.86
C2G DGD SI . 16.21 14.38 0.20
O2G DGD SI . 15.87 13.85 1.49
C3G DGD SI . 17.68 14.71 0.18
O3G DGD SI . 18.34 13.71 0.94
C1D DGD SI . 19.68 14.08 1.18
C2D DGD SI . 20.28 13.16 2.26
O2D DGD SI . 19.63 13.51 3.43
C3D DGD SI . 21.76 13.57 2.42
O3D DGD SI . 22.39 12.67 3.24
C4D DGD SI . 22.53 13.51 1.09
O4D DGD SI . 22.49 12.23 0.57
C5D DGD SI . 21.75 14.38 0.10
O5D DGD SI . 23.74 14.72 -0.94
C6D DGD SI . 22.41 14.42 -1.28
O6D DGD SI . 20.41 13.91 -0.03
C1E DGD SI . 24.50 15.50 -1.79
C2E DGD SI . 26.03 15.34 -1.40
O2E DGD SI . 26.27 13.99 -1.28
C3E DGD SI . 26.36 16.03 -0.10
O3E DGD SI . 27.74 15.91 -0.03
C4E DGD SI . 25.97 17.49 -0.23
O4E DGD SI . 26.59 18.02 -1.34
C5E DGD SI . 24.46 17.54 -0.46
O6E DGD SI . 24.06 16.83 -1.63
C6E DGD SI . 23.98 18.95 -0.75
O5E DGD SI . 23.71 19.47 0.50
C1 BCR TI . -5.65 -2.06 30.72
C2 BCR TI . -4.38 -1.56 30.04
C3 BCR TI . -3.18 -1.89 30.89
C4 BCR TI . -3.02 -3.39 31.01
C5 BCR TI . -4.31 -4.06 31.41
C6 BCR TI . -5.50 -3.47 31.24
C7 BCR TI . -6.76 -4.17 31.56
C8 BCR TI . -7.19 -4.36 32.82
C9 BCR TI . -8.45 -5.06 33.05
C10 BCR TI . -8.47 -6.33 33.48
C11 BCR TI . -9.73 -7.02 33.71
C33 BCR TI . -4.20 -5.44 32.00
C31 BCR TI . -6.80 -2.02 29.72
C32 BCR TI . -5.95 -1.17 31.91
C34 BCR TI . -9.74 -4.35 32.82
C12 BCR TI . -9.72 -8.23 34.27
C13 BCR TI . -10.98 -8.96 34.51
C14 BCR TI . -10.90 -10.26 34.82
C15 BCR TI . -12.07 -11.11 35.05
C16 BCR TI . -11.84 -12.36 35.45
C17 BCR TI . -12.92 -13.31 35.69
C18 BCR TI . -12.63 -14.52 36.19
C19 BCR TI . -13.68 -15.53 36.40
C20 BCR TI . -13.33 -16.77 36.66
C21 BCR TI . -14.33 -17.82 36.85
C22 BCR TI . -13.97 -19.06 37.20
C23 BCR TI . -14.99 -20.11 37.35
C24 BCR TI . -14.75 -21.21 38.07
C25 BCR TI . -15.78 -22.27 38.20
C26 BCR TI . -15.87 -23.18 37.22
C27 BCR TI . -17.11 -24.02 37.00
C28 BCR TI . -18.21 -23.65 37.98
C29 BCR TI . -17.64 -23.48 39.38
C30 BCR TI . -16.65 -22.32 39.44
C35 BCR TI . -12.30 -8.26 34.41
C36 BCR TI . -11.20 -14.86 36.51
C37 BCR TI . -12.52 -19.39 37.42
C38 BCR TI . -14.70 -23.42 36.32
C39 BCR TI . -15.74 -22.48 40.64
C40 BCR TI . -17.43 -21.01 39.59
C1 BCR UI . -7.72 -14.57 33.36
C2 BCR UI . -9.03 -13.82 33.59
C3 BCR UI . -10.22 -14.42 32.86
C4 BCR UI . -9.90 -14.53 31.38
C5 BCR UI . -8.74 -15.50 31.27
C6 BCR UI . -7.67 -15.34 32.05
C7 BCR UI . -6.38 -15.94 31.64
C8 BCR UI . -5.75 -15.45 30.57
C9 BCR UI . -4.47 -15.96 30.07
C10 BCR UI . -4.11 -15.61 28.83
C11 BCR UI . -2.87 -15.99 28.18
C33 BCR UI . -8.85 -16.63 30.30
C31 BCR UI . -7.49 -15.56 34.49
C32 BCR UI . -6.61 -13.54 33.33
C34 BCR UI . -3.60 -16.85 30.91
C12 BCR UI . -2.70 -15.52 26.96
C13 BCR UI . -1.50 -15.76 26.15
C14 BCR UI . -1.36 -15.02 25.04
C15 BCR UI . -0.22 -15.09 24.13
C16 BCR UI . -0.19 -14.17 23.19
C17 BCR UI . 0.92 -14.07 22.22
C18 BCR UI . 0.85 -13.15 21.26
C19 BCR UI . 1.99 -13.00 20.32
C20 BCR UI . 2.13 -11.85 19.68
C21 BCR UI . 3.25 -11.62 18.77
C22 BCR UI . 3.45 -10.40 18.25
C23 BCR UI . 4.59 -10.15 17.36
C24 BCR UI . 5.49 -9.28 17.82
C25 BCR UI . 6.73 -8.84 17.12
C26 BCR UI . 7.77 -9.67 16.90
C27 BCR UI . 9.15 -9.15 16.57
C28 BCR UI . 9.03 -7.88 15.77
C29 BCR UI . 8.20 -6.87 16.55
C30 BCR UI . 6.78 -7.38 16.73
C35 BCR UI . -0.46 -16.78 26.55
C36 BCR UI . -0.33 -12.24 21.15
C37 BCR UI . 2.52 -9.27 18.58
C38 BCR UI . 7.63 -11.17 16.98
C39 BCR UI . 5.99 -7.20 15.45
C40 BCR UI . 6.13 -6.58 17.86
MG CLA VI . -1.46 -21.79 28.75
CHA CLA VI . 0.04 -23.82 31.11
CHB CLA VI . -4.18 -21.46 30.76
CHC CLA VI . -2.89 -19.74 26.39
CHD CLA VI . 1.38 -22.17 26.68
NA CLA VI . -1.97 -22.53 30.64
C1A CLA VI . -1.20 -23.37 31.47
C2A CLA VI . -1.95 -23.68 32.75
C3A CLA VI . -3.32 -22.96 32.58
C4A CLA VI . -3.16 -22.25 31.23
CMA CLA VI . -4.46 -23.94 32.58
CAA CLA VI . -1.22 -23.11 33.97
CBA CLA VI . -1.86 -23.58 35.26
CGA CLA VI . -1.83 -25.08 35.31
O1A CLA VI . -1.01 -25.85 34.81
O2A CLA VI . -2.87 -25.61 36.02
NB CLA VI . -3.23 -20.84 28.57
C1B CLA VI . -4.17 -20.75 29.55
C2B CLA VI . -5.23 -19.77 29.15
C3B CLA VI . -4.87 -19.28 27.91
C4B CLA VI . -3.59 -19.95 27.54
CMB CLA VI . -6.36 -19.45 30.01
CAB CLA VI . -5.49 -18.30 27.05
CBB CLA VI . -6.80 -18.08 26.94
NC CLA VI . -0.86 -21.09 26.87
C1C CLA VI . -1.60 -20.27 26.07
C2C CLA VI . -0.90 -20.00 24.82
C3C CLA VI . 0.33 -20.67 24.91
C4C CLA VI . 0.34 -21.37 26.20
CMC CLA VI . -1.40 -19.16 23.74
CAC CLA VI . 1.40 -20.70 23.90
CBC CLA VI . 1.35 -21.95 23.04
ND CLA VI . 0.35 -22.70 28.83
C1D CLA VI . 1.41 -22.80 27.89
C2D CLA VI . 2.47 -23.66 28.47
C3D CLA VI . 2.01 -24.06 29.71
C4D CLA VI . 0.67 -23.46 29.88
CMD CLA VI . 3.73 -23.97 27.81
CAD CLA VI . 2.29 -24.82 30.91
OBD CLA VI . 3.32 -25.43 31.23
CBD CLA VI . 1.02 -24.75 31.81
CGD CLA VI . 0.42 -26.12 32.02
O1D CLA VI . -0.77 -26.43 31.96
O2D CLA VI . 1.34 -27.07 32.32
CED CLA VI . 0.88 -28.23 33.02
C1 CLA VI . -2.93 -25.30 37.42
C2 CLA VI . -2.59 -26.53 38.17
C3 CLA VI . -2.53 -26.57 39.51
C4 CLA VI . -2.79 -25.37 40.35
C5 CLA VI . -2.18 -27.83 40.22
C6 CLA VI . -0.83 -27.76 40.90
C7 CLA VI . -0.71 -28.79 42.01
C8 CLA VI . -0.86 -28.16 43.38
C9 CLA VI . 0.50 -27.77 43.93
C10 CLA VI . -1.57 -29.09 44.35
C11 CLA VI . -2.96 -29.41 43.89
C12 CLA VI . -3.87 -29.81 45.04
C13 CLA VI . -5.23 -30.35 44.60
C14 CLA VI . -5.28 -30.64 43.11
C15 CLA VI . -6.37 -29.42 44.99
C16 CLA VI . -6.55 -29.38 46.49
C17 CLA VI . -7.99 -29.59 46.89
C18 CLA VI . -8.25 -29.18 48.34
C19 CLA VI . -9.24 -28.04 48.41
C20 CLA VI . -8.72 -30.36 49.15
MG CLA WI . -4.29 2.56 45.65
CHA CLA WI . -4.88 -0.05 47.87
CHB CLA WI . -1.40 1.06 44.65
CHC CLA WI . -3.76 5.16 43.48
CHD CLA WI . -7.34 4.03 46.67
NA CLA WI . -3.33 0.78 46.19
C1A CLA WI . -3.73 -0.17 47.12
C2A CLA WI . -2.73 -1.33 47.19
C3A CLA WI . -1.63 -0.92 46.20
C4A CLA WI . -2.14 0.40 45.61
CMA CLA WI . -0.29 -0.75 46.88
CAA CLA WI . -3.39 -2.61 46.71
CBA CLA WI . -3.22 -3.75 47.71
CGA CLA WI . -1.77 -4.00 47.94
O1A CLA WI . -0.85 -4.00 47.12
O2A CLA WI . -1.49 -4.27 49.25
NB CLA WI . -2.88 3.00 44.29
C1B CLA WI . -1.75 2.28 44.05
C2B CLA WI . -0.89 3.00 43.08
C3B CLA WI . -1.54 4.16 42.74
C4B CLA WI . -2.82 4.18 43.51
CMB CLA WI . 0.41 2.49 42.63
CAB CLA WI . -1.13 5.22 41.84
CBB CLA WI . -1.82 5.64 40.78
NC CLA WI . -5.36 4.28 45.17
C1C CLA WI . -4.95 5.21 44.25
C2C CLA WI . -5.94 6.30 44.18
C3C CLA WI . -6.96 5.97 45.07
C4C CLA WI . -6.60 4.70 45.69
CMC CLA WI . -5.82 7.47 43.31
CAC CLA WI . -8.18 6.74 45.34
CBC CLA WI . -8.17 7.40 46.71
ND CLA WI . -5.76 2.17 46.98
C1D CLA WI . -6.97 2.85 47.29
C2D CLA WI . -7.70 2.11 48.34
C3D CLA WI . -6.92 1.01 48.63
C4D CLA WI . -5.75 1.08 47.73
CMD CLA WI . -8.96 2.53 48.94
CAD CLA WI . -6.78 -0.20 49.44
OBD CLA WI . -7.48 -0.61 50.35
CBD CLA WI . -5.49 -0.92 48.94
CGD CLA WI . -4.51 -1.17 50.07
O1D CLA WI . -4.38 -2.19 50.74
O2D CLA WI . -3.71 -0.10 50.33
CED CLA WI . -2.55 -0.33 51.13
C1 CLA WI . -0.10 -4.28 49.62
C2 CLA WI . 0.27 -2.87 49.93
C3 CLA WI . 1.30 -2.55 50.73
C4 CLA WI . 2.14 -3.59 51.37
C5 CLA WI . 1.64 -1.13 51.02
C6 CLA WI . 3.04 -0.75 50.58
C7 CLA WI . 3.20 -0.92 49.08
C1 BCR XI . 10.46 -14.33 33.15
C2 BCR XI . 9.63 -15.59 32.98
C3 BCR XI . 8.48 -15.61 33.97
C4 BCR XI . 9.05 -15.75 35.37
C5 BCR XI . 10.09 -14.68 35.60
C6 BCR XI . 10.61 -13.95 34.61
C7 BCR XI . 11.36 -12.71 34.93
C8 BCR XI . 10.74 -11.61 35.35
C9 BCR XI . 11.51 -10.39 35.64
C10 BCR XI . 10.88 -9.26 35.99
C11 BCR XI . 11.65 -8.05 36.29
C33 BCR XI . 10.57 -14.49 37.01
C31 BCR XI . 9.78 -13.18 32.41
C32 BCR XI . 11.84 -14.54 32.57
C34 BCR XI . 13.01 -10.43 35.58
C12 BCR XI . 11.02 -6.99 36.78
C13 BCR XI . 11.79 -5.77 37.09
C14 BCR XI . 11.17 -4.67 37.52
C15 BCR XI . 9.72 -4.70 37.72
C16 BCR XI . 9.06 -3.60 38.08
C17 BCR XI . 7.63 -3.70 38.28
C18 BCR XI . 6.90 -2.66 38.71
C19 BCR XI . 5.46 -2.85 38.92
C20 BCR XI . 4.67 -1.86 39.31
C21 BCR XI . 3.25 -2.18 39.51
C22 BCR XI . 2.40 -1.30 40.03
C23 BCR XI . 0.99 -1.70 40.21
C24 BCR XI . 0.18 -0.96 40.96
C25 BCR XI . -1.23 -1.33 41.18
C26 BCR XI . -1.53 -2.21 42.15
C27 BCR XI . -2.93 -2.72 42.39
C28 BCR XI . -3.76 -2.56 41.14
C29 BCR XI . -3.71 -1.10 40.70
C30 BCR XI . -2.30 -0.67 40.34
C35 BCR XI . 13.28 -5.76 36.90
C36 BCR XI . 7.54 -1.34 39.02
C37 BCR XI . 2.86 0.07 40.43
C38 BCR XI . -0.45 -2.71 43.07
C39 BCR XI . -2.18 0.84 40.55
C40 BCR XI . -2.04 -0.96 38.86
C1 BCR YI . 14.21 21.42 47.08
C2 BCR YI . 14.12 22.79 47.76
C3 BCR YI . 14.95 23.92 47.15
C4 BCR YI . 15.05 23.77 45.64
C5 BCR YI . 15.74 22.46 45.42
C6 BCR YI . 15.19 21.36 45.92
C7 BCR YI . 15.50 20.03 45.33
C8 BCR YI . 15.08 19.75 44.11
C9 BCR YI . 15.35 18.46 43.45
C10 BCR YI . 15.14 18.39 42.14
C11 BCR YI . 15.37 17.19 41.34
C33 BCR YI . 17.04 22.42 44.67
C31 BCR YI . 12.83 21.03 46.55
C32 BCR YI . 14.65 20.38 48.10
C34 BCR YI . 15.86 17.29 44.23
C12 BCR YI . 15.49 17.41 40.03
C13 BCR YI . 15.72 16.35 39.05
C14 BCR YI . 15.82 16.70 37.76
C15 BCR YI . 16.04 15.73 36.71
C16 BCR YI . 16.23 16.17 35.47
C17 BCR YI . 16.44 15.20 34.40
C18 BCR YI . 16.66 15.59 33.14
C19 BCR YI . 16.83 14.54 32.12
C20 BCR YI . 16.85 14.80 30.82
C21 BCR YI . 17.02 13.65 29.95
C22 BCR YI . 16.75 13.68 28.64
C23 BCR YI . 16.95 12.44 27.88
C24 BCR YI . 16.51 12.33 26.62
C25 BCR YI . 16.69 11.09 25.85
C26 BCR YI . 17.88 10.74 25.34
C27 BCR YI . 18.09 9.46 24.56
C28 BCR YI . 17.00 8.45 24.88
C29 BCR YI . 15.66 9.11 24.67
C30 BCR YI . 15.44 10.24 25.66
C35 BCR YI . 15.82 14.91 39.46
C36 BCR YI . 16.70 17.05 32.77
C37 BCR YI . 16.27 14.93 27.98
C38 BCR YI . 19.08 11.63 25.52
C39 BCR YI . 15.02 9.67 27.00
C40 BCR YI . 14.35 11.16 25.13
C1 BCR ZI . 11.58 50.90 36.86
C2 BCR ZI . 11.06 52.14 36.13
C3 BCR ZI . 9.61 52.41 36.52
C4 BCR ZI . 9.49 52.74 38.00
C5 BCR ZI . 10.38 51.84 38.83
C6 BCR ZI . 11.09 50.84 38.27
C7 BCR ZI . 11.41 49.65 39.09
C8 BCR ZI . 10.46 48.81 39.47
C9 BCR ZI . 10.80 47.61 40.28
C10 BCR ZI . 9.80 46.81 40.67
C11 BCR ZI . 10.02 45.60 41.45
C33 BCR ZI . 10.49 52.11 40.29
C31 BCR ZI . 13.11 50.92 36.88
C32 BCR ZI . 11.11 49.66 36.12
C34 BCR ZI . 12.22 47.31 40.65
C12 BCR ZI . 8.96 44.83 41.63
C13 BCR ZI . 9.01 43.57 42.39
C14 BCR ZI . 7.83 42.99 42.67
C15 BCR ZI . 7.72 41.74 43.40
C16 BCR ZI . 6.50 41.37 43.80
C17 BCR ZI . 6.33 40.13 44.53
C18 BCR ZI . 5.14 39.84 45.10
C19 BCR ZI . 5.01 38.57 45.82
C20 BCR ZI . 3.87 38.20 46.39
C21 BCR ZI . 3.89 36.91 47.05
C22 BCR ZI . 2.89 36.44 47.77
C23 BCR ZI . 3.08 35.10 48.37
C24 BCR ZI . 2.10 34.46 48.98
C25 BCR ZI . 2.36 33.13 49.56
C26 BCR ZI . 2.98 33.04 50.75
C27 BCR ZI . 3.43 31.72 51.33
C28 BCR ZI . 3.53 30.69 50.22
C29 BCR ZI . 2.22 30.61 49.47
C30 BCR ZI . 1.89 31.92 48.78
C35 BCR ZI . 10.30 42.96 42.82
C36 BCR ZI . 3.98 40.79 45.01
C37 BCR ZI . 1.62 37.20 47.97
C38 BCR ZI . 3.23 34.27 51.58
C39 BCR ZI . 0.38 32.05 48.60
C40 BCR ZI . 2.54 31.90 47.40
MG CLA AJ . 18.95 17.18 54.11
CHA CLA AJ . 21.72 17.01 56.18
CHB CLA AJ . 20.98 16.91 51.38
CHC CLA AJ . 16.17 17.30 52.10
CHD CLA AJ . 16.90 17.58 56.96
NA CLA AJ . 21.02 16.97 53.85
C1A CLA AJ . 22.01 16.92 54.85
C2A CLA AJ . 23.40 16.77 54.22
C3A CLA AJ . 23.12 16.89 52.70
C4A CLA AJ . 21.60 16.91 52.62
CMA CLA AJ . 23.74 18.11 52.09
CAA CLA AJ . 24.11 15.44 54.45
CBA CLA AJ . 23.48 14.42 55.37
CGA CLA AJ . 22.27 13.80 54.76
O1A CLA AJ . 21.96 13.72 53.57
O2A CLA AJ . 21.44 13.25 55.70
NB CLA AJ . 18.64 17.23 52.11
C1B CLA AJ . 19.58 16.96 51.18
C2B CLA AJ . 18.95 16.70 49.86
C3B CLA AJ . 17.59 16.81 50.05
C4B CLA AJ . 17.38 17.14 51.49
CMB CLA AJ . 19.71 16.37 48.66
CAB CLA AJ . 16.49 16.63 49.14
CBB CLA AJ . 16.47 16.99 47.85
NC CLA AJ . 16.90 17.39 54.47
C1C CLA AJ . 15.95 17.41 53.50
C2C CLA AJ . 14.63 17.57 54.11
C3C CLA AJ . 14.83 17.67 55.49
C4C CLA AJ . 16.26 17.55 55.70
CMC CLA AJ . 13.36 17.63 53.37
CAC CLA AJ . 13.80 17.84 56.53
CBC CLA AJ . 13.56 19.28 56.87
ND CLA AJ . 19.16 17.12 56.12
C1D CLA AJ . 18.24 17.37 57.18
C2D CLA AJ . 18.97 17.39 58.46
C3D CLA AJ . 20.31 17.23 58.14
C4D CLA AJ . 20.38 17.11 56.67
CMD CLA AJ . 18.35 17.56 59.77
CAD CLA AJ . 21.67 17.12 58.65
OBD CLA AJ . 22.07 17.07 59.81
CBD CLA AJ . 22.61 17.09 57.40
CGD CLA AJ . 23.49 18.31 57.35
O1D CLA AJ . 23.14 19.49 57.28
O2D CLA AJ . 24.82 18.04 57.37
CED CLA AJ . 25.71 19.07 57.84
C1 CLA AJ . 20.11 13.78 55.81
C2 CLA AJ . 19.23 12.99 54.90
C3 CLA AJ . 17.93 13.26 54.79
C4 CLA AJ . 17.30 14.35 55.57
C5 CLA AJ . 17.03 12.50 53.87
C6 CLA AJ . 16.14 13.43 53.04
C7 CLA AJ . 15.38 12.64 52.00
C8 CLA AJ . 14.60 13.54 51.05
C9 CLA AJ . 13.42 14.17 51.76
C10 CLA AJ . 14.10 12.74 49.85
C11 CLA AJ . 13.93 13.60 48.61
C12 CLA AJ . 14.20 12.82 47.35
C13 CLA AJ . 13.13 13.05 46.30
C14 CLA AJ . 13.23 12.03 45.19
C15 CLA AJ . 13.23 14.46 45.71
C16 CLA AJ . 12.17 14.69 44.66
C17 CLA AJ . 12.64 15.62 43.57
C18 CLA AJ . 11.49 16.24 42.79
C19 CLA AJ . 10.50 15.18 42.35
C20 CLA AJ . 10.79 17.29 43.62
C8 A1L1F BJ . 25.30 22.40 64.60
C5 A1L1F BJ . 25.69 20.54 61.23
C4 A1L1F BJ . 24.34 21.34 65.08
C6 A1L1F BJ . 25.29 20.73 62.68
C10 A1L1F BJ . 22.23 20.10 64.57
C11 A1L1F BJ . 23.20 21.16 64.10
C2 A1L1F BJ . 22.37 20.08 60.85
C3 A1L1F BJ . 25.85 22.05 63.22
C1 A1L1F BJ . 23.80 20.76 62.79
C12 A1L1F BJ . 25.80 19.56 63.52
C14 A1L1F BJ . 8.68 25.73 49.14
C17 A1L1F BJ . 9.28 27.44 46.89
C18 A1L1F BJ . 6.15 26.35 50.32
C19 A1L1F BJ . 7.82 27.77 51.47
C20 A1L1F BJ . 8.76 28.18 48.13
C21 A1L1F BJ . 7.80 29.35 47.92
C22 A1L1F BJ . 7.34 29.82 49.28
C23 A1L1F BJ . 6.35 28.77 49.77
C24 A1L1F BJ . 7.11 27.51 50.15
C25 A1L1F BJ . 8.15 27.13 49.10
C26 A1L1F BJ . 10.21 23.03 48.96
C27 A1L1F BJ . 14.21 20.91 51.97
C28 A1L1F BJ . 18.04 23.32 57.18
C29 A1L1F BJ . 9.91 25.57 49.58
C30 A1L1F BJ . 10.60 24.27 49.72
C31 A1L1F BJ . 11.62 24.26 50.58
C32 A1L1F BJ . 12.44 23.11 50.90
C33 A1L1F BJ . 13.21 23.30 51.95
C34 A1L1F BJ . 14.13 22.30 52.50
C35 A1L1F BJ . 14.89 22.69 53.53
C36 A1L1F BJ . 15.83 21.79 54.18
C37 A1L1F BJ . 16.30 22.16 55.35
C38 A1L1F BJ . 17.24 21.30 56.06
C39 A1L1F BJ . 18.07 21.85 56.93
C40 A1L1F BJ . 19.01 21.01 57.65
C41 A1L1F BJ . 19.50 21.40 58.82
C42 A1L1F BJ . 20.43 20.53 59.51
C43 A1L1F BJ . 21.71 22.49 60.24
C44 A1L1F BJ . 21.46 21.02 60.18
C45 A1L1F BJ . 8.03 22.38 49.98
C47 A1L1F BJ . 6.54 22.21 49.87
C48 A1L1F BJ . 6.06 21.22 50.92
C49 A1L1F BJ . 6.41 19.80 50.50
C50 A1L1F BJ . 5.18 18.89 50.55
C51 A1L1F BJ . 4.47 18.86 49.20
C52 A1L1F BJ . 3.28 17.90 49.22
C53 A1L1F BJ . 2.65 17.81 47.85
C54 A1L1F BJ . 27.33 23.52 65.21
C56 A1L1F BJ . 26.85 24.94 65.08
C57 A1L1F BJ . 23.08 20.43 61.82
O13 A1L1F BJ . 8.79 22.90 48.86
O15 A1L1F BJ . 9.30 27.94 49.42
O16 A1L1F BJ . 6.69 31.08 49.16
O46 A1L1F BJ . 8.61 22.08 51.01
O55 A1L1F BJ . 28.50 23.22 65.06
O7 A1L1F BJ . 26.38 22.47 65.53
O9 A1L1F BJ . 22.52 22.40 63.96
MG CLA CJ . 3.18 22.03 59.02
CHA CLA CJ . 1.82 22.06 55.84
CHB CLA CJ . 6.29 21.68 57.68
CHC CLA CJ . 4.49 22.08 62.19
CHD CLA CJ . -0.06 22.48 60.36
NA CLA CJ . 3.91 21.89 57.07
C1A CLA CJ . 3.17 21.93 55.88
C2A CLA CJ . 4.10 21.80 54.67
C3A CLA CJ . 5.50 21.59 55.29
C4A CLA CJ . 5.24 21.73 56.78
CMA CLA CJ . 6.07 20.23 54.94
CAA CLA CJ . 4.09 23.06 53.84
CBA CLA CJ . 4.33 24.29 54.69
CGA CLA CJ . 5.69 24.86 54.38
O1A CLA CJ . 6.02 25.56 53.44
O2A CLA CJ . 6.63 24.51 55.31
NB CLA CJ . 5.04 21.88 59.79
C1B CLA CJ . 6.19 21.78 59.07
C2B CLA CJ . 7.36 21.76 60.00
C3B CLA CJ . 6.85 21.88 61.27
C4B CLA CJ . 5.37 21.96 61.15
CMB CLA CJ . 8.73 21.65 59.52
CAB CLA CJ . 7.54 21.93 62.54
CBB CLA CJ . 8.53 21.12 62.91
NC CLA CJ . 2.35 22.22 60.93
C1C CLA CJ . 3.08 22.21 62.08
C2C CLA CJ . 2.19 22.37 63.22
C3C CLA CJ . 0.90 22.51 62.72
C4C CLA CJ . 1.01 22.42 61.27
CMC CLA CJ . 2.65 22.38 64.62
CAC CLA CJ . -0.34 22.70 63.50
CBC CLA CJ . -1.31 21.55 63.42
ND CLA CJ . 1.29 22.21 58.33
C1D CLA CJ . 0.04 22.38 58.99
C2D CLA CJ . -1.04 22.42 57.97
C3D CLA CJ . -0.41 22.27 56.75
C4D CLA CJ . 1.03 22.17 57.03
CMD CLA CJ . -2.46 22.56 58.27
CAD CLA CJ . -0.58 22.19 55.31
OBD CLA CJ . -1.61 22.20 54.64
CBD CLA CJ . 0.84 22.07 54.68
CGD CLA CJ . 1.00 20.79 53.92
O1D CLA CJ . 0.87 19.64 54.37
O2D CLA CJ . 1.36 20.94 52.62
CED CLA CJ . 2.27 19.97 52.08
C1 CLA CJ . 7.98 24.90 55.02
C2 CLA CJ . 8.56 23.85 54.15
C3 CLA CJ . 9.48 22.98 54.58
C4 CLA CJ . 9.97 22.98 55.98
C5 CLA CJ . 10.04 21.93 53.68
C6 CLA CJ . 10.22 20.60 54.37
C7 CLA CJ . 10.05 19.46 53.40
C8 CLA CJ . 9.10 18.39 53.94
C9 CLA CJ . 9.53 17.95 55.32
C10 CLA CJ . 9.02 17.20 53.00
C1 BCR DJ . 0.40 34.61 -0.88
C2 BCR DJ . 0.28 35.97 -0.25
C3 BCR DJ . -0.31 36.94 -1.27
C4 BCR DJ . 0.70 37.16 -2.39
C5 BCR DJ . 1.37 35.87 -2.79
C6 BCR DJ . 1.06 34.70 -2.24
C7 BCR DJ . 1.34 33.40 -2.91
C8 BCR DJ . 0.82 33.08 -4.09
C9 BCR DJ . 1.12 31.78 -4.72
C10 BCR DJ . 0.54 31.49 -5.89
C11 BCR DJ . 0.76 30.21 -6.57
C33 BCR DJ . 2.46 35.96 -3.83
C31 BCR DJ . -0.99 34.00 -1.06
C32 BCR DJ . 1.26 33.69 -0.02
C34 BCR DJ . 2.03 30.81 -4.04
C12 BCR DJ . 0.08 30.03 -7.70
C13 BCR DJ . 0.17 28.79 -8.50
C14 BCR DJ . -0.59 28.69 -9.60
C15 BCR DJ . -0.60 27.51 -10.44
C16 BCR DJ . -1.33 27.53 -11.56
C17 BCR DJ . -1.39 26.35 -12.42
C18 BCR DJ . -2.17 26.35 -13.50
C19 BCR DJ . -2.24 25.13 -14.33
C20 BCR DJ . -3.30 24.95 -15.12
C21 BCR DJ . -3.45 23.75 -15.95
C22 BCR DJ . -4.58 23.60 -16.65
C23 BCR DJ . -4.83 22.42 -17.48
C24 BCR DJ . -5.56 21.45 -16.93
C25 BCR DJ . -5.98 20.16 -17.55
C26 BCR DJ . -5.14 19.32 -18.17
C27 BCR DJ . -5.66 18.03 -18.76
C28 BCR DJ . -6.72 17.49 -17.82
C29 BCR DJ . -7.87 18.47 -17.83
C30 BCR DJ . -7.45 19.86 -17.37
C35 BCR DJ . 1.07 27.66 -8.08
C36 BCR DJ . -2.97 27.55 -13.88
C37 BCR DJ . -5.62 24.67 -16.60
C38 BCR DJ . -3.66 19.57 -18.33
C39 BCR DJ . -7.78 20.00 -15.90
C40 BCR DJ . -8.24 20.90 -18.16
C1 XAT EJ . -0.57 -28.44 11.01
C2 XAT EJ . 0.70 -28.93 10.31
C3 XAT EJ . 0.59 -30.40 10.01
C4 XAT EJ . -0.38 -30.50 8.84
C5 XAT EJ . -1.77 -30.04 9.27
C6 XAT EJ . -1.88 -29.03 10.43
C7 XAT EJ . -3.07 -28.10 10.25
C8 XAT EJ . -3.88 -28.09 11.29
C9 XAT EJ . -5.15 -27.34 11.40
C10 XAT EJ . -5.55 -26.97 12.62
C11 XAT EJ . -6.83 -26.29 12.79
C12 XAT EJ . -7.39 -26.53 13.97
C13 XAT EJ . -8.71 -26.05 14.39
C14 XAT EJ . -9.06 -26.26 15.66
C15 XAT EJ . -10.38 -25.92 16.15
C16 XAT EJ . -0.62 -26.92 10.96
C17 XAT EJ . -0.50 -28.84 12.47
C18 XAT EJ . -2.89 -29.83 8.24
C19 XAT EJ . -5.97 -27.06 10.19
C20 XAT EJ . -9.65 -25.42 13.42
O3 XAT EJ . 1.86 -30.94 9.65
O4 XAT EJ . -2.17 -30.42 10.59
C21 XAT EJ . -20.56 -25.61 23.47
C22 XAT EJ . -21.99 -25.71 24.00
C23 XAT EJ . -22.83 -26.62 23.14
C24 XAT EJ . -22.30 -28.01 23.40
C25 XAT EJ . -20.90 -28.15 22.82
C26 XAT EJ . -20.03 -26.88 22.78
C27 XAT EJ . -18.54 -27.17 22.91
C28 XAT EJ . -17.78 -26.58 22.00
C29 XAT EJ . -16.33 -26.74 21.93
C30 XAT EJ . -15.74 -26.29 20.82
C31 XAT EJ . -14.31 -26.42 20.55
C32 XAT EJ . -13.83 -25.84 19.47
C33 XAT EJ . -12.41 -26.03 19.13
C34 XAT EJ . -12.02 -25.80 17.88
C35 XAT EJ . -10.67 -26.07 17.45
C36 XAT EJ . -19.62 -25.24 24.61
C37 XAT EJ . -20.49 -24.46 22.48
C38 XAT EJ . -20.03 -29.40 23.05
C39 XAT EJ . -15.55 -27.40 23.03
C40 XAT EJ . -11.44 -26.53 20.16
O23 XAT EJ . -24.20 -26.54 23.55
O24 XAT EJ . -20.68 -27.41 21.61
MG CLA FJ . -12.99 -11.27 27.03
CHA CLA FJ . -15.68 -12.86 28.51
CHB CLA FJ . -11.65 -10.70 30.11
CHC CLA FJ . -10.26 -9.86 25.50
CHD CLA FJ . -14.42 -11.91 23.86
NA CLA FJ . -13.60 -11.71 28.98
C1A CLA FJ . -14.74 -12.41 29.39
C2A CLA FJ . -14.80 -12.52 30.91
C3A CLA FJ . -13.54 -11.76 31.38
C4A CLA FJ . -12.86 -11.36 30.08
CMA CLA FJ . -13.93 -10.56 32.19
CAA CLA FJ . -14.78 -13.98 31.35
CBA CLA FJ . -13.41 -14.59 31.31
CGA CLA FJ . -13.48 -16.08 31.51
O1A CLA FJ . -13.90 -16.93 30.73
O2A CLA FJ . -13.04 -16.47 32.74
NB CLA FJ . -11.25 -10.49 27.68
C1B CLA FJ . -10.93 -10.26 28.98
C2B CLA FJ . -9.69 -9.43 29.06
C3B CLA FJ . -9.29 -9.19 27.76
C4B CLA FJ . -10.27 -9.86 26.87
CMB CLA FJ . -9.09 -9.00 30.32
CAB CLA FJ . -8.16 -8.44 27.28
CBB CLA FJ . -7.16 -8.95 26.55
NC CLA FJ . -12.45 -10.94 25.04
C1C CLA FJ . -11.28 -10.35 24.64
C2C CLA FJ . -11.21 -10.32 23.18
C3C CLA FJ . -12.40 -10.89 22.72
C4C CLA FJ . -13.16 -11.28 23.89
CMC CLA FJ . -10.09 -9.78 22.40
CAC CLA FJ . -12.81 -11.10 21.32
CBC CLA FJ . -12.54 -12.51 20.85
ND CLA FJ . -14.70 -12.06 26.29
C1D CLA FJ . -15.15 -12.29 24.96
C2D CLA FJ . -16.47 -12.96 25.01
C3D CLA FJ . -16.72 -13.20 26.35
C4D CLA FJ . -15.58 -12.65 27.09
CMD CLA FJ . -17.28 -13.29 23.85
CAD CLA FJ . -17.67 -13.73 27.32
OBD CLA FJ . -18.79 -14.19 27.15
CBD CLA FJ . -16.98 -13.61 28.72
CGD CLA FJ . -17.84 -12.94 29.75
O1D CLA FJ . -18.62 -13.47 30.54
O2D CLA FJ . -17.69 -11.59 29.81
CED CLA FJ . -18.07 -10.93 31.02
C1 CLA FJ . -13.21 -17.87 33.07
C2 CLA FJ . -12.02 -18.60 32.56
C3 CLA FJ . -10.81 -18.56 33.16
C4 CLA FJ . -10.58 -17.77 34.40
C5 CLA FJ . -9.66 -19.31 32.60
C6 CLA FJ . -8.59 -19.66 33.61
C7 CLA FJ . -8.92 -20.93 34.38
C8 CLA FJ . -7.68 -21.76 34.67
C9 CLA FJ . -7.82 -23.14 34.06
C10 CLA FJ . -7.42 -21.86 36.17
C11 CLA FJ . -6.45 -22.98 36.50
C12 CLA FJ . -5.43 -22.56 37.55
C13 CLA FJ . -6.01 -22.64 38.96
MG CLA GJ . -15.70 -31.50 26.07
CHA CLA GJ . -18.42 -32.86 27.76
CHB CLA GJ . -14.06 -31.11 29.02
CHC CLA GJ . -13.02 -30.23 24.34
CHD CLA GJ . -17.47 -31.87 23.03
NA CLA GJ . -16.18 -31.92 28.06
C1A CLA GJ . -17.37 -32.50 28.56
C2A CLA GJ . -17.30 -32.62 30.09
C3A CLA GJ . -15.95 -31.96 30.45
C4A CLA GJ . -15.33 -31.64 29.10
CMA CLA GJ . -16.13 -30.73 31.30
CAA CLA GJ . -17.31 -34.08 30.52
CBA CLA GJ . -16.37 -34.93 29.68
NB CLA GJ . -13.90 -30.77 26.60
C1B CLA GJ . -13.37 -30.76 27.84
C2B CLA GJ . -11.96 -30.32 27.80
C3B CLA GJ . -11.65 -30.07 26.48
C4B CLA GJ . -12.89 -30.35 25.70
CMB CLA GJ . -11.12 -30.20 29.00
CAB CLA GJ . -10.42 -29.62 25.89
CBB CLA GJ . -9.77 -30.23 24.89
NC CLA GJ . -15.33 -31.11 24.06
C1C CLA GJ . -14.16 -30.58 23.57
C2C CLA GJ . -14.24 -30.44 22.12
C3C CLA GJ . -15.50 -30.91 21.74
C4C CLA GJ . -16.18 -31.33 22.97
CMC CLA GJ . -13.17 -29.90 21.28
CAC CLA GJ . -16.05 -30.98 20.38
CBC CLA GJ . -16.57 -29.65 19.89
ND CLA GJ . -17.50 -32.19 25.46
C1D CLA GJ . -18.10 -32.28 24.18
C2D CLA GJ . -19.45 -32.88 24.32
C3D CLA GJ . -19.62 -33.14 25.67
C4D CLA GJ . -18.38 -32.68 26.34
CMD CLA GJ . -20.37 -33.13 23.21
CAD CLA GJ . -20.50 -33.66 26.69
OBD CLA GJ . -21.62 -34.15 26.57
CBD CLA GJ . -19.77 -33.49 28.07
CGD CLA GJ . -20.58 -32.70 29.07
O1D CLA GJ . -20.21 -32.28 30.17
O2D CLA GJ . -21.86 -32.45 28.70
CED CLA GJ . -22.90 -32.85 29.61
C1 BCR HJ . -11.69 -26.16 4.00
C2 BCR HJ . -11.10 -27.32 3.20
C3 BCR HJ . -11.69 -28.64 3.67
C4 BCR HJ . -11.27 -28.87 5.11
C5 BCR HJ . -11.66 -27.69 5.97
C6 BCR HJ . -11.70 -26.44 5.48
C7 BCR HJ . -11.77 -25.27 6.38
C8 BCR HJ . -12.90 -24.88 6.96
C9 BCR HJ . -12.90 -23.70 7.85
C10 BCR HJ . -12.58 -23.85 9.14
C11 BCR HJ . -12.57 -22.70 10.04
C33 BCR HJ . -11.98 -27.99 7.41
C31 BCR HJ . -13.12 -25.89 3.55
C32 BCR HJ . -10.85 -24.90 3.77
C34 BCR HJ . -13.27 -22.35 7.33
C12 BCR HJ . -12.34 -22.92 11.33
C13 BCR HJ . -12.31 -21.81 12.30
C14 BCR HJ . -12.17 -22.10 13.59
C15 BCR HJ . -12.12 -21.05 14.60
C16 BCR HJ . -12.16 -21.38 15.88
C17 BCR HJ . -12.10 -20.32 16.86
C18 BCR HJ . -12.05 -20.59 18.18
C19 BCR HJ . -11.95 -19.46 19.11
C20 BCR HJ . -11.70 -19.65 20.41
C21 BCR HJ . -11.60 -18.46 21.24
C22 BCR HJ . -11.34 -18.53 22.55
C23 BCR HJ . -11.24 -17.28 23.31
C24 BCR HJ . -11.01 -17.28 24.62
C25 BCR HJ . -10.90 -16.00 25.34
C26 BCR HJ . -9.98 -15.10 24.97
C27 BCR HJ . -10.27 -13.64 25.13
C28 BCR HJ . -10.58 -13.50 26.61
C29 BCR HJ . -11.85 -14.27 26.94
C30 BCR HJ . -11.83 -15.73 26.51
C35 BCR HJ . -12.44 -20.39 11.84
C36 BCR HJ . -12.08 -22.00 18.67
C37 BCR HJ . -11.14 -19.86 23.22
C38 BCR HJ . -8.64 -15.53 24.43
C39 BCR HJ . -13.23 -16.15 26.09
C40 BCR HJ . -11.40 -16.55 27.71
C1 LMG IJ . 8.99 -38.80 20.69
O1 LMG IJ . 8.40 -39.37 21.84
C2 LMG IJ . 9.94 -37.71 21.15
O2 LMG IJ . 9.24 -36.65 21.80
C3 LMG IJ . 10.69 -37.14 19.96
O3 LMG IJ . 11.64 -36.16 20.38
C4 LMG IJ . 11.39 -38.27 19.21
O4 LMG IJ . 12.38 -38.85 20.06
C5 LMG IJ . 10.38 -39.33 18.83
O5 LMG IJ . 12.35 -40.19 17.70
C6 LMG IJ . 11.03 -40.51 18.12
O6 LMG IJ . 9.73 -39.80 19.99
C7 LMG IJ . 7.19 -40.06 21.55
C8 LMG IJ . 6.05 -39.09 21.83
C9 LMG IJ . 6.35 -38.40 23.14
O7 LMG IJ . 6.01 -38.15 20.78
C10 LMG IJ . 4.69 -37.54 20.64
O9 LMG IJ . 4.57 -36.55 19.96
C11 LMG IJ . 3.51 -38.17 21.34
C12 LMG IJ . 2.29 -37.29 21.09
C13 LMG IJ . 2.33 -36.07 22.00
C14 LMG IJ . 1.55 -34.93 21.37
C15 LMG IJ . 0.93 -35.34 20.05
C16 LMG IJ . -0.48 -34.77 19.95
C17 LMG IJ . -0.99 -34.83 18.52
C18 LMG IJ . -2.52 -34.79 18.49
O8 LMG IJ . 5.89 -39.23 24.20
C28 LMG IJ . 4.96 -38.67 25.17
O10 LMG IJ . 5.39 -38.00 26.09
C29 LMG IJ . 3.48 -38.90 25.00
C30 LMG IJ . 2.73 -37.72 25.59
C31 LMG IJ . 2.09 -38.08 26.91
C1 BCR JJ . 2.47 13.64 -30.72
C2 BCR JJ . 3.48 14.20 -31.71
C3 BCR JJ . 2.94 15.45 -32.38
C4 BCR JJ . 1.76 15.06 -33.24
C5 BCR JJ . 0.74 14.28 -32.43
C6 BCR JJ . 1.05 13.68 -31.28
C7 BCR JJ . -0.01 12.96 -30.53
C8 BCR JJ . -0.80 13.59 -29.66
C9 BCR JJ . -1.83 12.79 -28.97
C10 BCR JJ . -2.50 13.29 -27.92
C11 BCR JJ . -2.24 14.65 -27.43
C33 BCR JJ . -0.65 14.19 -32.98
C31 BCR JJ . 2.51 14.46 -29.44
C32 BCR JJ . 2.80 12.19 -30.41
C34 BCR JJ . -2.14 11.40 -29.44
C12 BCR JJ . -3.07 15.14 -26.51
C13 BCR JJ . -2.88 16.49 -25.95
C14 BCR JJ . -3.92 17.07 -25.32
C15 BCR JJ . -3.81 18.40 -24.76
C16 BCR JJ . -4.71 18.82 -23.88
C17 BCR JJ . -4.59 20.17 -23.35
C18 BCR JJ . -5.53 20.71 -22.56
C19 BCR JJ . -5.33 22.08 -22.07
C20 BCR JJ . -6.26 22.75 -21.40
C21 BCR JJ . -5.90 24.11 -21.01
C22 BCR JJ . -6.71 24.94 -20.37
C23 BCR JJ . -6.20 26.29 -20.06
C24 BCR JJ . -7.03 27.29 -19.77
C25 BCR JJ . -6.50 28.65 -19.48
C26 BCR JJ . -6.06 29.40 -20.49
C27 BCR JJ . -5.30 30.68 -20.26
C28 BCR JJ . -4.68 30.66 -18.87
C29 BCR JJ . -5.78 30.46 -17.85
C30 BCR JJ . -6.53 29.15 -18.05
C35 BCR JJ . -1.58 17.20 -26.07
C36 BCR JJ . -6.76 19.92 -22.18
C37 BCR JJ . -8.10 24.53 -19.99
C38 BCR JJ . -6.34 29.02 -21.92
C39 BCR JJ . -7.99 29.35 -17.69
C40 BCR JJ . -5.93 28.11 -17.12
MG CLA KJ . -2.10 21.78 -43.92
CHA CLA KJ . -0.78 23.78 -46.45
CHB CLA KJ . -3.83 24.46 -42.72
CHC CLA KJ . -3.50 19.73 -41.55
CHD CLA KJ . -0.25 19.04 -45.20
NA CLA KJ . -2.25 23.79 -44.50
C1A CLA KJ . -1.64 24.43 -45.59
C2A CLA KJ . -2.02 25.90 -45.65
C3A CLA KJ . -2.85 26.11 -44.37
C4A CLA KJ . -3.02 24.70 -43.81
CMA CLA KJ . -2.13 27.01 -43.39
CAA CLA KJ . -2.86 26.19 -46.88
CBA CLA KJ . -4.02 25.23 -47.02
NB CLA KJ . -3.40 22.05 -42.40
C1B CLA KJ . -4.03 23.21 -42.11
C2B CLA KJ . -5.00 22.99 -41.00
C3B CLA KJ . -4.92 21.65 -40.66
C4B CLA KJ . -3.89 21.04 -41.55
CMB CLA KJ . -5.84 24.04 -40.45
CAB CLA KJ . -5.62 20.88 -39.67
CBB CLA KJ . -5.93 21.28 -38.43
NC CLA KJ . -1.90 19.76 -43.46
C1C CLA KJ . -2.57 19.13 -42.44
C2C CLA KJ . -2.19 17.72 -42.40
C3C CLA KJ . -1.26 17.53 -43.43
C4C CLA KJ . -1.09 18.81 -44.09
CMC CLA KJ . -2.70 16.75 -41.44
CAC CLA KJ . -0.61 16.26 -43.79
CBC CLA KJ . -1.22 15.62 -45.02
ND CLA KJ . -0.82 21.42 -45.45
C1D CLA KJ . -0.12 20.26 -45.85
C2D CLA KJ . 0.73 20.58 -47.02
C3D CLA KJ . 0.49 21.91 -47.31
C4D CLA KJ . -0.46 22.40 -46.29
CMD CLA KJ . 1.59 19.62 -47.72
CAD CLA KJ . 0.81 23.04 -48.17
OBD CLA KJ . 1.55 23.08 -49.15
CBD CLA KJ . 0.02 24.27 -47.63
CGD CLA KJ . 0.94 25.38 -47.24
O1D CLA KJ . 2.09 25.28 -46.78
O2D CLA KJ . 0.43 26.63 -47.40
CED CLA KJ . 1.08 27.72 -46.74
MG CLA LJ . 0.67 18.36 -33.46
CHA CLA LJ . 1.50 18.56 -36.82
CHB CLA LJ . -2.56 17.69 -34.30
CHC CLA LJ . -0.06 18.04 -30.12
CHD CLA LJ . 4.05 19.04 -32.65
NA CLA LJ . -0.34 18.17 -35.27
C1A CLA LJ . 0.19 18.27 -36.57
C2A CLA LJ . -0.89 18.03 -37.62
C3A CLA LJ . -2.18 17.90 -36.78
C4A CLA LJ . -1.68 17.92 -35.34
CMA CLA LJ . -3.15 19.02 -37.06
CAA CLA LJ . -0.60 16.69 -38.28
CBA CLA LJ . -0.64 15.56 -37.26
CGA CLA LJ . 0.08 14.34 -37.70
O1A CLA LJ . 0.06 13.80 -38.80
O2A CLA LJ . 0.83 13.76 -36.70
NB CLA LJ . -0.99 17.94 -32.41
C1B CLA LJ . -2.22 17.71 -32.94
C2B CLA LJ . -3.20 17.49 -31.84
C3B CLA LJ . -2.51 17.58 -30.65
C4B CLA LJ . -1.09 17.87 -31.00
CMB CLA LJ . -4.61 17.22 -32.09
CAB CLA LJ . -2.97 17.45 -29.29
CBB CLA LJ . -4.08 17.99 -28.79
NC CLA LJ . 1.80 18.53 -31.71
C1C CLA LJ . 1.29 18.34 -30.45
C2C CLA LJ . 2.35 18.50 -29.47
C3C CLA LJ . 3.52 18.78 -30.18
C4C CLA LJ . 3.16 18.79 -31.59
CMC CLA LJ . 2.17 18.36 -28.02
CAC CLA LJ . 4.88 19.00 -29.64
CBC CLA LJ . 5.79 17.84 -29.96
ND CLA LJ . 2.40 18.77 -34.44
C1D CLA LJ . 3.71 19.03 -33.99
C2D CLA LJ . 4.60 19.27 -35.15
C3D CLA LJ . 3.79 19.12 -36.26
C4D CLA LJ . 2.45 18.79 -35.77
CMD CLA LJ . 6.02 19.61 -35.07
CAD CLA LJ . 3.72 19.14 -37.72
OBD CLA LJ . 4.60 19.42 -38.53
CBD CLA LJ . 2.26 18.77 -38.11
CGD CLA LJ . 1.62 19.87 -38.92
O1D CLA LJ . 1.68 21.08 -38.72
O2D CLA LJ . 0.89 19.42 -39.98
CED CLA LJ . 0.14 20.39 -40.72
C1 CLA LJ . 1.29 12.42 -36.94
C2 CLA LJ . 1.27 11.71 -35.63
C3 CLA LJ . 2.30 10.99 -35.17
C4 CLA LJ . 3.57 10.84 -35.93
C5 CLA LJ . 2.23 10.30 -33.85
C6 CLA LJ . 2.38 8.80 -33.96
C7 CLA LJ . 1.08 8.16 -34.42
C8 CLA LJ . 1.19 6.66 -34.67
C9 CLA LJ . 2.60 6.24 -35.03
C10 CLA LJ . 0.23 6.25 -35.79
C11 CLA LJ . -0.10 4.77 -35.73
C12 CLA LJ . -1.59 4.54 -35.84
C13 CLA LJ . -1.94 3.63 -37.00
C14 CLA LJ . -1.38 2.24 -36.78
C15 CLA LJ . -1.43 4.19 -38.33
MG CLA MJ . -12.15 20.58 -34.44
CHA CLA MJ . -13.49 22.44 -37.04
CHB CLA MJ . -14.82 21.41 -32.48
CHC CLA MJ . -10.85 18.65 -31.92
CHD CLA MJ . -9.40 19.75 -36.50
NA CLA MJ . -13.86 21.75 -34.73
C1A CLA MJ . -14.23 22.44 -35.90
C2A CLA MJ . -15.57 23.15 -35.69
C3A CLA MJ . -15.89 22.92 -34.20
C4A CLA MJ . -14.80 21.95 -33.76
CMA CLA MJ . -15.86 24.21 -33.41
CAA CLA MJ . -16.63 22.46 -36.54
CBA CLA MJ . -17.93 23.23 -36.56
CGA CLA MJ . -17.79 24.44 -37.43
O1A CLA MJ . -18.37 25.52 -37.37
O2A CLA MJ . -16.86 24.26 -38.43
NB CLA MJ . -12.69 20.17 -32.54
C1B CLA MJ . -13.86 20.53 -31.96
C2B CLA MJ . -14.02 19.84 -30.64
C3B CLA MJ . -12.90 19.05 -30.48
C4B CLA MJ . -12.04 19.26 -31.68
CMB CLA MJ . -15.18 20.01 -29.78
CAB CLA MJ . -12.52 18.18 -29.40
CBB CLA MJ . -12.61 18.46 -28.10
NC CLA MJ . -10.43 19.44 -34.25
C1C CLA MJ . -10.08 18.74 -33.13
C2C CLA MJ . -8.81 18.05 -33.33
C3C CLA MJ . -8.41 18.34 -34.63
C4C CLA MJ . -9.43 19.22 -35.21
CMC CLA MJ . -8.16 17.21 -32.33
CAC CLA MJ . -7.18 17.87 -35.30
CBC CLA MJ . -7.45 16.77 -36.30
ND CLA MJ . -11.55 20.93 -36.34
C1D CLA MJ . -10.38 20.55 -37.05
C2D CLA MJ . -10.43 21.15 -38.40
C3D CLA MJ . -11.60 21.88 -38.45
C4D CLA MJ . -12.25 21.72 -37.14
CMD CLA MJ . -9.40 20.97 -39.44
CAD CLA MJ . -12.45 22.74 -39.25
OBD CLA MJ . -12.31 23.13 -40.41
CBD CLA MJ . -13.66 23.16 -38.37
CGD CLA MJ . -13.70 24.65 -38.18
O1D CLA MJ . -13.45 25.29 -37.15
O2D CLA MJ . -14.06 25.33 -39.29
CED CLA MJ . -14.04 26.76 -39.24
C1 CLA MJ . -17.38 23.99 -39.76
C1 BCR NJ . 12.72 25.27 -7.86
C2 BCR NJ . 13.27 26.26 -6.85
C3 BCR NJ . 12.63 26.13 -5.47
C4 BCR NJ . 11.13 26.35 -5.60
C5 BCR NJ . 10.58 25.30 -6.53
C6 BCR NJ . 11.24 24.97 -7.65
C7 BCR NJ . 10.48 24.26 -8.71
C8 BCR NJ . 9.75 24.98 -9.56
C9 BCR NJ . 8.96 24.38 -10.65
C10 BCR NJ . 9.23 24.76 -11.90
C11 BCR NJ . 8.48 24.26 -13.04
C33 BCR NJ . 9.29 24.64 -6.18
C31 BCR NJ . 13.50 23.97 -7.79
C32 BCR NJ . 12.94 25.83 -9.25
C34 BCR NJ . 7.87 23.41 -10.35
C12 BCR NJ . 8.89 24.63 -14.25
C13 BCR NJ . 8.20 24.20 -15.48
C14 BCR NJ . 8.71 24.54 -16.66
C15 BCR NJ . 8.03 24.15 -17.90
C16 BCR NJ . 8.60 24.41 -19.07
C17 BCR NJ . 7.89 24.01 -20.27
C18 BCR NJ . 8.51 23.92 -21.46
C19 BCR NJ . 7.71 23.53 -22.63
C20 BCR NJ . 8.26 23.32 -23.82
C21 BCR NJ . 7.38 22.93 -24.92
C22 BCR NJ . 7.85 22.75 -26.16
C23 BCR NJ . 6.91 22.36 -27.23
C24 BCR NJ . 6.85 23.12 -28.32
C25 BCR NJ . 5.93 22.82 -29.45
C26 BCR NJ . 6.44 22.28 -30.56
C27 BCR NJ . 5.72 22.38 -31.88
C28 BCR NJ . 4.22 22.34 -31.65
C29 BCR NJ . 3.83 23.41 -30.66
C30 BCR NJ . 4.47 23.20 -29.30
C35 BCR NJ . 6.92 23.42 -15.39
C36 BCR NJ . 9.97 24.23 -21.59
C37 BCR NJ . 9.31 22.94 -26.45
C38 BCR NJ . 7.74 21.55 -30.51
C39 BCR NJ . 3.73 22.11 -28.53
C40 BCR NJ . 4.42 24.50 -28.52
C1 BCR OJ . 13.21 35.24 1.99
C2 BCR OJ . 14.23 34.13 1.93
C3 BCR OJ . 14.07 33.30 0.69
C4 BCR OJ . 12.68 32.71 0.58
C5 BCR OJ . 11.62 33.61 1.08
C6 BCR OJ . 11.83 34.76 1.71
C7 BCR OJ . 10.74 35.61 2.17
C8 BCR OJ . 10.21 36.53 1.36
C9 BCR OJ . 9.18 37.47 1.77
C10 BCR OJ . 8.50 38.09 0.80
C11 BCR OJ . 7.65 39.24 1.00
C33 BCR OJ . 10.26 33.13 0.79
C31 BCR OJ . 13.29 35.87 3.37
C32 BCR OJ . 13.61 36.26 0.96
C34 BCR OJ . 9.18 37.95 3.16
C12 BCR OJ . 6.99 39.70 -0.06
C13 BCR OJ . 6.10 40.84 -0.07
C14 BCR OJ . 5.44 41.12 -1.19
C15 BCR OJ . 4.73 42.35 -1.43
C16 BCR OJ . 4.62 42.81 -2.68
C17 BCR OJ . 3.49 43.65 -2.99
C18 BCR OJ . 3.14 44.06 -4.22
C19 BCR OJ . 2.00 44.96 -4.34
C20 BCR OJ . 1.78 45.67 -5.43
C21 BCR OJ . 0.73 46.66 -5.41
C22 BCR OJ . 0.21 47.27 -6.48
C23 BCR OJ . -0.96 48.11 -6.30
C24 BCR OJ . -1.19 49.19 -7.05
C25 BCR OJ . -2.11 50.26 -6.70
C26 BCR OJ . -1.78 51.21 -5.84
C27 BCR OJ . -2.64 52.35 -5.41
C28 BCR OJ . -3.88 52.49 -6.25
C29 BCR OJ . -4.43 51.12 -6.58
C30 BCR OJ . -3.45 50.27 -7.37
C35 BCR OJ . 6.12 41.79 1.06
C36 BCR OJ . 3.94 43.76 -5.41
C37 BCR OJ . 0.68 46.95 -7.84
C38 BCR OJ . -0.47 51.25 -5.16
C39 BCR OJ . -4.00 48.88 -7.60
C40 BCR OJ . -3.37 50.93 -8.74
FE1 SF4 PJ . 28.31 -2.98 -8.10
FE2 SF4 PJ . 31.16 -3.96 -7.89
FE3 SF4 PJ . 29.63 -3.26 -5.41
FE4 SF4 PJ . 30.50 -1.08 -7.31
S1 SF4 PJ . 31.48 -2.63 -6.25
S2 SF4 PJ . 28.64 -1.68 -6.45
S3 SF4 PJ . 30.17 -2.39 -8.96
S4 SF4 PJ . 29.28 -4.56 -7.06
FE1 SF4 QJ . 35.91 -9.18 1.50
FE2 SF4 QJ . 36.44 -8.83 -1.43
FE3 SF4 QJ . 35.55 -11.50 -0.39
FE4 SF4 QJ . 38.34 -10.44 0.28
S1 SF4 QJ . 37.23 -10.81 -1.51
S2 SF4 QJ . 36.68 -11.17 1.40
S3 SF4 QJ . 37.55 -8.47 0.35
S4 SF4 QJ . 34.77 -9.52 -0.29
#